data_8EMC
#
_entry.id   8EMC
#
_entity_poly.entity_id   1
_entity_poly.type   'polypeptide(L)'
_entity_poly.pdbx_seq_one_letter_code
;MESANDKELDQLLNEHFAGRVVRKDLTKLIKEGANVPVYVLEYLLGMYCASDDPEIIEQGLRNVKTVLAENYVRPDEAEK
VKSLVRERGSYKVIDRVTVKLNERKDKYEASFSNLGIKDAEISAGIVKEYEKLLVGGIWVIATLSYYFEEGQTSSPFGVS
LLKPIQMPNMNMDELFSGRAALSTDQWRESLIRSIGMEPASLKEDVQWHLLARMVPFVENNYNVCELGPRGTGKSHIYKE
CSPNSILVSGGQTTVANLFYNMSSRRIGLVGLWDVVAFDEVAGISFKDKDGVQIMKDYMASGSFARGREQMEASASMVFV
GNINQSVESLVKTSHLLAPFPEAMIDSAFFDRFHAYIPGWEIPKMRPEFFTNRYGLIVDYLAEFFREMRKRSFADSIEKY
FKLGNNLNQRDVIAVRKTVSGLMKLLYPHGQFNKEDVRQCLEYALQVRRRVKEQLKKIGGMEFYDVHFSYIDNDTLEEHF
VSVKEQGGGGLIPEGPAKPGFLYTIGLSNKGMPGLYRLELQVTKGSGKLATSGLWNSSSAKEQVKIAFDYFKANASRISG
GSKVMEHDFHLHVVELQNTGPLSHLALPSLVAFASGLLGRSVQSQMVVLGDMSLGGSVTPVESIAECLQVAFDAGAKKVA
LPMSSAADIPTIPVELFTKFQTSFYADPVDAVFKGLGVD
;
_entity_poly.pdbx_strand_id   A,B,C,D,E,F,G,H,I,J,K,L,M,N
#
# COMPACT_ATOMS: atom_id res chain seq x y z
N ASN A 5 -65.68 61.82 -8.48
CA ASN A 5 -64.59 61.75 -9.44
C ASN A 5 -65.05 60.90 -10.63
N ASP A 6 -64.49 59.68 -10.71
CA ASP A 6 -64.86 58.62 -11.65
C ASP A 6 -65.55 59.11 -12.92
N LYS A 7 -66.88 59.24 -12.86
CA LYS A 7 -67.69 59.61 -14.01
C LYS A 7 -67.22 60.93 -14.63
N GLU A 8 -66.92 61.92 -13.80
CA GLU A 8 -66.45 63.21 -14.29
C GLU A 8 -65.10 63.04 -14.98
N LEU A 9 -64.25 62.19 -14.40
CA LEU A 9 -62.96 61.90 -15.00
C LEU A 9 -63.12 61.28 -16.38
N ASP A 10 -64.08 60.37 -16.51
CA ASP A 10 -64.37 59.75 -17.80
C ASP A 10 -64.90 60.77 -18.79
N GLN A 11 -65.75 61.69 -18.33
CA GLN A 11 -66.25 62.74 -19.20
C GLN A 11 -65.11 63.59 -19.75
N LEU A 12 -64.20 63.97 -18.86
CA LEU A 12 -63.05 64.77 -19.25
C LEU A 12 -62.15 64.02 -20.23
N LEU A 13 -61.85 62.76 -19.94
CA LEU A 13 -60.99 61.97 -20.82
C LEU A 13 -61.68 61.69 -22.14
N ASN A 14 -63.00 61.75 -22.17
CA ASN A 14 -63.72 61.53 -23.42
C ASN A 14 -63.75 62.81 -24.24
N GLU A 15 -63.79 63.97 -23.58
CA GLU A 15 -63.78 65.23 -24.32
C GLU A 15 -62.36 65.62 -24.71
N HIS A 16 -61.49 65.85 -23.72
CA HIS A 16 -60.09 66.06 -24.00
C HIS A 16 -59.47 64.73 -24.36
N PHE A 17 -58.36 64.73 -25.11
CA PHE A 17 -57.78 63.49 -25.62
C PHE A 17 -58.81 62.69 -26.41
N ALA A 18 -59.52 63.34 -27.33
CA ALA A 18 -60.57 62.66 -28.07
C ALA A 18 -59.97 61.58 -28.98
N GLY A 19 -60.67 60.46 -29.05
CA GLY A 19 -60.27 59.37 -29.91
C GLY A 19 -58.90 58.79 -29.61
N ARG A 20 -58.45 58.93 -28.37
CA ARG A 20 -57.19 58.35 -27.94
C ARG A 20 -57.37 57.69 -26.59
N VAL A 21 -58.63 57.42 -26.23
CA VAL A 21 -58.97 56.82 -24.94
C VAL A 21 -59.88 55.63 -25.19
N VAL A 22 -59.65 54.54 -24.46
CA VAL A 22 -60.41 53.32 -24.65
C VAL A 22 -60.70 52.67 -23.30
N ARG A 23 -61.89 52.09 -23.15
CA ARG A 23 -62.20 51.32 -21.95
C ARG A 23 -61.28 50.12 -21.88
N LYS A 24 -60.45 50.02 -20.85
CA LYS A 24 -59.43 48.99 -20.85
C LYS A 24 -59.99 47.65 -20.40
N ASP A 25 -61.12 47.25 -20.98
CA ASP A 25 -61.72 45.96 -20.69
C ASP A 25 -62.01 45.22 -21.99
N LEU A 26 -62.48 45.96 -22.99
CA LEU A 26 -62.83 45.36 -24.27
C LEU A 26 -61.59 44.80 -24.96
N THR A 27 -60.45 45.46 -24.75
CA THR A 27 -59.20 45.06 -25.36
C THR A 27 -58.87 43.62 -25.00
N LYS A 28 -59.12 43.23 -23.75
CA LYS A 28 -58.87 41.86 -23.33
C LYS A 28 -59.82 40.91 -24.05
N LEU A 29 -61.06 41.34 -24.26
CA LEU A 29 -62.02 40.51 -25.00
C LEU A 29 -61.54 40.23 -26.41
N ILE A 30 -60.99 41.23 -27.08
CA ILE A 30 -60.60 41.02 -28.48
C ILE A 30 -59.25 40.31 -28.58
N LYS A 31 -58.26 40.73 -27.78
CA LYS A 31 -56.87 40.35 -27.99
C LYS A 31 -56.67 38.85 -28.12
N GLU A 32 -56.90 38.11 -27.05
CA GLU A 32 -56.87 36.66 -27.02
C GLU A 32 -55.79 36.10 -27.94
N GLY A 33 -56.20 35.61 -29.10
CA GLY A 33 -55.27 35.31 -30.17
C GLY A 33 -55.70 36.01 -31.44
N ALA A 34 -54.96 37.03 -31.85
CA ALA A 34 -55.29 37.82 -33.02
C ALA A 34 -54.02 38.11 -33.80
N ASN A 35 -54.18 38.70 -34.97
CA ASN A 35 -53.08 38.84 -35.93
C ASN A 35 -52.37 40.19 -35.75
N VAL A 36 -53.15 41.25 -35.61
CA VAL A 36 -52.60 42.59 -35.37
C VAL A 36 -52.24 42.72 -33.89
N PRO A 37 -51.32 43.58 -33.52
CA PRO A 37 -50.92 43.71 -32.10
C PRO A 37 -52.01 44.41 -31.30
N VAL A 38 -51.73 44.62 -30.02
CA VAL A 38 -52.72 45.11 -29.07
C VAL A 38 -53.18 46.52 -29.41
N TYR A 39 -52.24 47.41 -29.69
CA TYR A 39 -52.57 48.81 -29.89
C TYR A 39 -53.37 49.07 -31.17
N VAL A 40 -53.27 48.17 -32.15
CA VAL A 40 -54.20 48.25 -33.27
C VAL A 40 -55.63 48.05 -32.79
N LEU A 41 -55.84 47.04 -31.94
CA LEU A 41 -57.16 46.80 -31.37
C LEU A 41 -57.63 48.00 -30.56
N GLU A 42 -56.73 48.55 -29.74
CA GLU A 42 -57.13 49.69 -28.92
C GLU A 42 -57.50 50.90 -29.77
N TYR A 43 -56.74 51.20 -30.82
CA TYR A 43 -57.11 52.32 -31.68
C TYR A 43 -58.43 52.07 -32.38
N LEU A 44 -58.67 50.86 -32.88
CA LEU A 44 -59.95 50.58 -33.52
C LEU A 44 -61.10 50.76 -32.53
N LEU A 45 -60.95 50.24 -31.32
CA LEU A 45 -62.01 50.34 -30.33
C LEU A 45 -62.25 51.79 -29.93
N GLY A 46 -61.19 52.58 -29.81
CA GLY A 46 -61.35 54.00 -29.56
C GLY A 46 -62.08 54.70 -30.69
N MET A 47 -61.83 54.28 -31.92
CA MET A 47 -62.53 54.87 -33.06
C MET A 47 -64.01 54.52 -33.08
N TYR A 48 -64.37 53.26 -32.82
CA TYR A 48 -65.73 52.78 -33.04
C TYR A 48 -66.66 52.88 -31.85
N CYS A 49 -66.14 52.95 -30.62
CA CYS A 49 -66.96 52.74 -29.43
C CYS A 49 -67.01 53.97 -28.52
N ALA A 50 -67.24 55.15 -29.08
CA ALA A 50 -67.36 56.37 -28.28
C ALA A 50 -68.77 56.51 -27.69
N SER A 51 -69.13 55.53 -26.86
CA SER A 51 -70.45 55.49 -26.26
C SER A 51 -70.44 54.57 -25.05
N ASP A 52 -71.57 54.52 -24.34
CA ASP A 52 -71.72 53.68 -23.17
C ASP A 52 -72.89 52.70 -23.25
N ASP A 53 -73.59 52.65 -24.38
CA ASP A 53 -74.72 51.73 -24.54
C ASP A 53 -74.22 50.32 -24.84
N PRO A 54 -74.64 49.30 -24.07
CA PRO A 54 -74.15 47.94 -24.35
C PRO A 54 -74.41 47.45 -25.76
N GLU A 55 -75.53 47.84 -26.36
CA GLU A 55 -75.77 47.53 -27.77
C GLU A 55 -74.69 48.16 -28.65
N ILE A 56 -74.35 49.42 -28.38
CA ILE A 56 -73.31 50.09 -29.15
C ILE A 56 -71.95 49.44 -28.92
N ILE A 57 -71.68 49.01 -27.68
CA ILE A 57 -70.42 48.33 -27.40
C ILE A 57 -70.31 47.04 -28.21
N GLU A 58 -71.38 46.23 -28.19
CA GLU A 58 -71.32 44.95 -28.90
C GLU A 58 -71.24 45.18 -30.41
N GLN A 59 -71.96 46.18 -30.91
CA GLN A 59 -71.87 46.49 -32.33
C GLN A 59 -70.47 46.95 -32.71
N GLY A 60 -69.82 47.72 -31.84
CA GLY A 60 -68.45 48.14 -32.12
C GLY A 60 -67.49 46.97 -32.14
N LEU A 61 -67.63 46.05 -31.20
CA LEU A 61 -66.81 44.85 -31.22
C LEU A 61 -67.02 44.08 -32.52
N ARG A 62 -68.28 43.92 -32.94
CA ARG A 62 -68.56 43.17 -34.15
C ARG A 62 -67.97 43.85 -35.38
N ASN A 63 -68.07 45.18 -35.43
CA ASN A 63 -67.53 45.91 -36.58
C ASN A 63 -66.02 45.79 -36.63
N VAL A 64 -65.35 45.88 -35.48
CA VAL A 64 -63.90 45.73 -35.47
C VAL A 64 -63.50 44.34 -35.94
N LYS A 65 -64.21 43.31 -35.47
CA LYS A 65 -63.90 41.95 -35.89
C LYS A 65 -64.10 41.78 -37.39
N THR A 66 -65.19 42.35 -37.92
CA THR A 66 -65.45 42.25 -39.35
C THR A 66 -64.37 42.94 -40.17
N VAL A 67 -63.93 44.12 -39.73
CA VAL A 67 -62.89 44.83 -40.45
C VAL A 67 -61.59 44.05 -40.42
N LEU A 68 -61.28 43.44 -39.28
CA LEU A 68 -60.02 42.71 -39.16
C LEU A 68 -60.03 41.44 -39.99
N ALA A 69 -60.98 40.54 -39.72
CA ALA A 69 -60.99 39.22 -40.37
C ALA A 69 -61.74 39.30 -41.70
N GLU A 70 -61.37 40.28 -42.50
CA GLU A 70 -61.87 40.36 -43.87
C GLU A 70 -60.76 40.81 -44.79
N ASN A 71 -59.74 41.45 -44.24
CA ASN A 71 -58.71 42.11 -45.03
C ASN A 71 -57.31 41.69 -44.62
N TYR A 72 -57.17 40.67 -43.77
CA TYR A 72 -55.84 40.17 -43.46
C TYR A 72 -55.25 39.47 -44.68
N VAL A 73 -53.94 39.21 -44.62
CA VAL A 73 -53.25 38.70 -45.81
C VAL A 73 -52.56 37.36 -45.59
N ARG A 74 -51.90 37.16 -44.44
CA ARG A 74 -51.22 35.89 -44.22
C ARG A 74 -50.12 35.67 -45.25
N PRO A 75 -48.92 36.23 -45.04
CA PRO A 75 -47.93 36.41 -46.13
C PRO A 75 -47.82 35.30 -47.16
N ASP A 76 -48.14 34.07 -46.79
CA ASP A 76 -48.11 32.95 -47.74
C ASP A 76 -49.09 33.20 -48.87
N GLU A 77 -50.00 34.14 -48.69
CA GLU A 77 -51.03 34.48 -49.66
C GLU A 77 -50.67 35.72 -50.47
N ALA A 78 -49.48 36.29 -50.24
CA ALA A 78 -49.14 37.59 -50.81
C ALA A 78 -49.29 37.60 -52.32
N GLU A 79 -48.66 36.65 -53.02
CA GLU A 79 -48.74 36.66 -54.47
C GLU A 79 -50.19 36.70 -54.93
N LYS A 80 -51.06 35.96 -54.25
CA LYS A 80 -52.47 35.94 -54.64
C LYS A 80 -53.04 37.35 -54.73
N VAL A 81 -52.86 38.15 -53.67
CA VAL A 81 -53.48 39.47 -53.67
C VAL A 81 -52.90 40.33 -54.78
N LYS A 82 -51.62 40.15 -55.11
CA LYS A 82 -51.06 40.91 -56.21
C LYS A 82 -51.89 40.73 -57.47
N SER A 83 -52.21 39.49 -57.81
CA SER A 83 -53.00 39.26 -59.01
C SER A 83 -54.37 39.91 -58.89
N LEU A 84 -54.95 39.88 -57.69
CA LEU A 84 -56.26 40.49 -57.52
C LEU A 84 -56.20 41.99 -57.77
N VAL A 85 -55.06 42.61 -57.46
CA VAL A 85 -54.90 44.03 -57.79
C VAL A 85 -54.82 44.20 -59.29
N ARG A 86 -54.16 43.28 -59.97
CA ARG A 86 -53.95 43.42 -61.41
C ARG A 86 -55.24 43.19 -62.18
N GLU A 87 -56.05 42.22 -61.74
CA GLU A 87 -57.27 41.88 -62.46
C GLU A 87 -58.38 42.90 -62.21
N ARG A 88 -58.50 43.41 -60.99
CA ARG A 88 -59.60 44.28 -60.63
C ARG A 88 -59.23 45.76 -60.69
N GLY A 89 -57.98 46.11 -60.46
CA GLY A 89 -57.56 47.50 -60.51
C GLY A 89 -57.46 48.15 -59.15
N SER A 90 -58.13 47.58 -58.14
CA SER A 90 -58.07 48.13 -56.80
C SER A 90 -58.51 47.07 -55.80
N TYR A 91 -57.79 47.00 -54.68
CA TYR A 91 -58.10 45.97 -53.69
C TYR A 91 -57.59 46.40 -52.32
N LYS A 92 -58.37 46.11 -51.28
CA LYS A 92 -58.09 46.58 -49.93
C LYS A 92 -57.30 45.55 -49.15
N VAL A 93 -56.30 46.00 -48.40
CA VAL A 93 -55.38 45.16 -47.67
C VAL A 93 -55.05 45.79 -46.32
N ILE A 94 -55.02 44.96 -45.28
CA ILE A 94 -54.52 45.38 -43.97
C ILE A 94 -53.07 44.95 -43.88
N ASP A 95 -52.18 45.92 -43.71
CA ASP A 95 -50.76 45.58 -43.63
C ASP A 95 -49.98 46.74 -43.05
N ARG A 96 -48.72 46.46 -42.69
CA ARG A 96 -47.86 47.45 -42.06
C ARG A 96 -47.03 48.17 -43.11
N VAL A 97 -47.29 49.46 -43.30
CA VAL A 97 -46.67 50.25 -44.34
C VAL A 97 -45.58 51.11 -43.71
N THR A 98 -44.41 51.14 -44.36
CA THR A 98 -43.33 52.04 -44.01
C THR A 98 -42.94 52.89 -45.21
N VAL A 99 -42.93 54.20 -45.02
CA VAL A 99 -42.73 55.14 -46.12
C VAL A 99 -41.34 55.74 -46.04
N LYS A 100 -40.71 55.88 -47.20
CA LYS A 100 -39.34 56.39 -47.31
C LYS A 100 -39.30 57.37 -48.47
N LEU A 101 -38.33 58.27 -48.45
CA LEU A 101 -38.15 59.20 -49.56
C LEU A 101 -37.03 58.73 -50.47
N ASN A 102 -37.33 58.50 -51.74
CA ASN A 102 -36.32 58.21 -52.75
C ASN A 102 -35.87 59.54 -53.31
N GLU A 103 -34.64 59.93 -52.94
CA GLU A 103 -34.08 61.20 -53.37
C GLU A 103 -33.71 61.20 -54.84
N ARG A 104 -33.21 60.07 -55.33
CA ARG A 104 -32.78 59.98 -56.72
C ARG A 104 -33.93 60.22 -57.69
N LYS A 105 -35.11 59.68 -57.40
CA LYS A 105 -36.30 59.92 -58.19
C LYS A 105 -37.17 61.02 -57.59
N ASP A 106 -36.91 61.43 -56.35
CA ASP A 106 -37.73 62.42 -55.66
C ASP A 106 -39.18 61.97 -55.57
N LYS A 107 -39.42 60.89 -54.84
CA LYS A 107 -40.79 60.43 -54.65
C LYS A 107 -40.86 59.54 -53.43
N TYR A 108 -42.07 59.37 -52.92
CA TYR A 108 -42.28 58.59 -51.71
C TYR A 108 -42.59 57.14 -52.06
N GLU A 109 -41.82 56.23 -51.47
CA GLU A 109 -41.95 54.81 -51.71
C GLU A 109 -42.44 54.14 -50.42
N ALA A 110 -43.54 53.42 -50.51
CA ALA A 110 -44.09 52.69 -49.38
C ALA A 110 -43.77 51.21 -49.53
N SER A 111 -43.40 50.58 -48.41
CA SER A 111 -43.07 49.16 -48.34
C SER A 111 -44.06 48.47 -47.43
N PHE A 112 -44.63 47.37 -47.91
CA PHE A 112 -45.58 46.57 -47.15
C PHE A 112 -44.84 45.41 -46.52
N SER A 113 -45.08 45.15 -45.23
CA SER A 113 -44.31 44.14 -44.52
C SER A 113 -44.60 42.74 -45.05
N ASN A 114 -45.88 42.39 -45.16
CA ASN A 114 -46.23 41.01 -45.52
C ASN A 114 -46.32 40.82 -47.03
N LEU A 115 -46.78 41.84 -47.74
CA LEU A 115 -46.89 41.77 -49.19
C LEU A 115 -45.56 41.47 -49.87
N GLY A 116 -44.45 41.92 -49.30
CA GLY A 116 -43.21 41.86 -50.03
C GLY A 116 -43.04 42.98 -51.03
N ILE A 117 -44.06 43.80 -51.23
CA ILE A 117 -43.91 45.00 -52.05
C ILE A 117 -42.98 45.96 -51.33
N LYS A 118 -41.96 46.44 -52.04
CA LYS A 118 -40.95 47.28 -51.42
C LYS A 118 -40.92 48.70 -51.95
N ASP A 119 -41.50 48.97 -53.11
CA ASP A 119 -41.35 50.28 -53.71
C ASP A 119 -42.66 50.86 -54.25
N ALA A 120 -43.79 50.62 -53.59
CA ALA A 120 -45.05 51.10 -54.13
C ALA A 120 -45.11 52.62 -54.02
N GLU A 121 -45.26 53.30 -55.15
CA GLU A 121 -45.27 54.75 -55.11
C GLU A 121 -46.50 55.24 -54.36
N ILE A 122 -46.31 56.26 -53.52
CA ILE A 122 -47.41 56.80 -52.73
C ILE A 122 -47.40 58.31 -52.87
N SER A 123 -48.59 58.89 -52.98
CA SER A 123 -48.72 60.33 -53.22
C SER A 123 -48.21 61.12 -52.03
N ALA A 124 -47.81 62.36 -52.31
CA ALA A 124 -47.20 63.19 -51.26
C ALA A 124 -48.20 63.56 -50.18
N GLY A 125 -49.46 63.81 -50.54
CA GLY A 125 -50.44 64.24 -49.56
C GLY A 125 -50.68 63.18 -48.49
N ILE A 126 -50.71 61.92 -48.90
CA ILE A 126 -50.93 60.84 -47.94
C ILE A 126 -49.82 60.81 -46.91
N VAL A 127 -48.57 60.93 -47.34
CA VAL A 127 -47.46 60.92 -46.40
C VAL A 127 -47.49 62.16 -45.52
N LYS A 128 -47.81 63.31 -46.11
CA LYS A 128 -47.86 64.54 -45.34
C LYS A 128 -48.94 64.49 -44.26
N GLU A 129 -50.00 63.74 -44.51
CA GLU A 129 -51.12 63.75 -43.57
C GLU A 129 -50.82 62.92 -42.32
N TYR A 130 -50.12 61.78 -42.47
CA TYR A 130 -49.80 60.89 -41.35
C TYR A 130 -48.28 60.75 -41.29
N GLU A 131 -47.65 61.45 -40.34
CA GLU A 131 -46.19 61.48 -40.31
C GLU A 131 -45.60 60.21 -39.71
N LYS A 132 -46.36 59.49 -38.88
CA LYS A 132 -45.81 58.31 -38.23
C LYS A 132 -45.42 57.22 -39.23
N LEU A 133 -45.94 57.30 -40.46
CA LEU A 133 -45.49 56.40 -41.51
C LEU A 133 -43.99 56.44 -41.67
N LEU A 134 -43.40 57.63 -41.54
CA LEU A 134 -41.98 57.82 -41.82
C LEU A 134 -41.07 57.35 -40.70
N VAL A 135 -41.58 57.25 -39.48
CA VAL A 135 -40.77 56.93 -38.32
C VAL A 135 -40.47 55.43 -38.23
N GLY A 136 -41.50 54.60 -38.09
CA GLY A 136 -41.28 53.17 -38.00
C GLY A 136 -42.30 52.35 -38.74
N GLY A 137 -43.19 53.00 -39.47
CA GLY A 137 -44.23 52.29 -40.20
C GLY A 137 -45.39 51.90 -39.30
N ILE A 138 -46.61 51.96 -39.83
CA ILE A 138 -47.79 51.69 -39.04
C ILE A 138 -48.69 50.71 -39.78
N TRP A 139 -49.50 49.99 -39.01
CA TRP A 139 -50.54 49.16 -39.61
C TRP A 139 -51.61 50.06 -40.22
N VAL A 140 -52.07 49.70 -41.42
CA VAL A 140 -53.01 50.54 -42.16
C VAL A 140 -53.91 49.65 -43.00
N ILE A 141 -54.99 50.25 -43.48
CA ILE A 141 -55.83 49.68 -44.52
C ILE A 141 -55.55 50.46 -45.80
N ALA A 142 -54.99 49.78 -46.80
CA ALA A 142 -54.56 50.43 -48.03
C ALA A 142 -55.33 49.85 -49.21
N THR A 143 -55.78 50.73 -50.10
CA THR A 143 -56.44 50.31 -51.33
C THR A 143 -55.42 50.34 -52.45
N LEU A 144 -54.74 49.22 -52.67
CA LEU A 144 -53.71 49.12 -53.69
C LEU A 144 -54.34 49.19 -55.08
N SER A 145 -53.61 49.81 -56.00
CA SER A 145 -53.99 49.91 -57.40
C SER A 145 -52.78 49.60 -58.28
N TYR A 146 -53.06 49.14 -59.49
CA TYR A 146 -52.05 48.65 -60.42
C TYR A 146 -52.07 49.48 -61.69
N TYR A 147 -50.90 49.88 -62.16
CA TYR A 147 -50.78 50.62 -63.40
C TYR A 147 -49.40 50.34 -63.97
N PHE A 148 -49.35 49.86 -65.21
CA PHE A 148 -48.13 49.34 -65.82
C PHE A 148 -47.91 50.02 -67.16
N GLU A 149 -46.68 50.46 -67.41
CA GLU A 149 -46.28 50.99 -68.71
C GLU A 149 -45.03 50.27 -69.18
N GLU A 150 -44.98 50.00 -70.49
CA GLU A 150 -43.88 49.24 -71.05
C GLU A 150 -42.57 49.98 -70.83
N GLY A 151 -41.56 49.25 -70.35
CA GLY A 151 -40.25 49.81 -70.11
C GLY A 151 -40.14 50.64 -68.85
N GLN A 152 -41.19 50.72 -68.06
CA GLN A 152 -41.20 51.54 -66.85
C GLN A 152 -40.14 51.05 -65.87
N THR A 153 -39.47 52.00 -65.21
CA THR A 153 -38.47 51.68 -64.21
C THR A 153 -39.00 51.71 -62.79
N SER A 154 -40.13 52.39 -62.56
CA SER A 154 -40.71 52.43 -61.24
C SER A 154 -41.64 51.24 -61.03
N SER A 155 -41.87 50.89 -59.77
CA SER A 155 -42.75 49.78 -59.46
C SER A 155 -44.17 50.11 -59.90
N PRO A 156 -44.88 49.15 -60.52
CA PRO A 156 -46.21 49.46 -61.07
C PRO A 156 -47.28 49.65 -60.01
N PHE A 157 -47.16 49.02 -58.85
CA PHE A 157 -48.18 49.09 -57.83
C PHE A 157 -48.20 50.48 -57.18
N GLY A 158 -49.39 50.95 -56.83
CA GLY A 158 -49.53 52.23 -56.17
C GLY A 158 -50.55 52.15 -55.06
N VAL A 159 -50.53 53.17 -54.21
CA VAL A 159 -51.46 53.28 -53.08
C VAL A 159 -52.35 54.49 -53.34
N SER A 160 -53.66 54.26 -53.42
CA SER A 160 -54.60 55.34 -53.70
C SER A 160 -55.31 55.84 -52.45
N LEU A 161 -55.66 54.95 -51.54
CA LEU A 161 -56.27 55.33 -50.28
C LEU A 161 -55.54 54.62 -49.15
N LEU A 162 -55.33 55.35 -48.04
CA LEU A 162 -54.58 54.81 -46.92
C LEU A 162 -55.26 55.31 -45.63
N LYS A 163 -55.94 54.41 -44.95
CA LYS A 163 -56.53 54.76 -43.67
C LYS A 163 -55.72 54.15 -42.55
N PRO A 164 -55.09 54.95 -41.69
CA PRO A 164 -54.26 54.40 -40.63
C PRO A 164 -55.13 53.71 -39.58
N ILE A 165 -54.52 52.75 -38.89
CA ILE A 165 -55.27 51.96 -37.93
C ILE A 165 -54.56 51.98 -36.59
N GLN A 166 -53.28 52.36 -36.59
CA GLN A 166 -52.61 52.71 -35.33
C GLN A 166 -52.80 54.18 -35.01
N MET A 167 -52.03 54.70 -34.06
CA MET A 167 -52.12 56.14 -34.02
C MET A 167 -51.37 56.77 -35.18
N PRO A 168 -52.01 57.60 -35.96
CA PRO A 168 -51.31 58.22 -37.09
C PRO A 168 -50.27 59.24 -36.67
N ASN A 169 -50.48 59.93 -35.55
CA ASN A 169 -49.54 60.90 -35.00
C ASN A 169 -50.11 61.51 -33.73
N MET A 170 -49.28 62.23 -32.95
CA MET A 170 -49.82 63.08 -31.90
C MET A 170 -49.03 64.38 -31.82
N ASN A 171 -49.72 65.42 -31.37
CA ASN A 171 -49.14 66.77 -31.25
C ASN A 171 -49.23 67.14 -29.77
N MET A 172 -48.09 67.53 -29.19
CA MET A 172 -48.03 67.77 -27.75
C MET A 172 -48.77 69.02 -27.28
N ASP A 173 -49.10 69.94 -28.18
CA ASP A 173 -49.84 71.12 -27.74
C ASP A 173 -51.18 70.73 -27.15
N GLU A 174 -51.89 69.82 -27.83
CA GLU A 174 -53.14 69.29 -27.29
C GLU A 174 -52.90 68.56 -25.99
N LEU A 175 -51.80 67.83 -25.88
CA LEU A 175 -51.52 67.08 -24.65
C LEU A 175 -51.32 68.02 -23.47
N PHE A 176 -50.56 69.10 -23.66
CA PHE A 176 -50.35 70.06 -22.58
C PHE A 176 -51.65 70.75 -22.22
N SER A 177 -52.46 71.11 -23.23
CA SER A 177 -53.74 71.74 -22.95
C SER A 177 -54.62 70.81 -22.12
N GLY A 178 -54.73 69.56 -22.54
CA GLY A 178 -55.55 68.59 -21.84
C GLY A 178 -55.07 68.37 -20.42
N ARG A 179 -53.76 68.19 -20.24
CA ARG A 179 -53.23 67.99 -18.91
C ARG A 179 -53.50 69.21 -18.03
N ALA A 180 -53.48 70.40 -18.64
CA ALA A 180 -53.86 71.59 -17.90
C ALA A 180 -55.32 71.54 -17.49
N ALA A 181 -56.17 70.91 -18.31
CA ALA A 181 -57.59 70.84 -17.98
C ALA A 181 -57.91 69.88 -16.85
N LEU A 182 -56.97 69.05 -16.42
CA LEU A 182 -57.20 68.09 -15.36
C LEU A 182 -56.40 68.45 -14.11
N SER A 183 -56.89 67.97 -12.97
CA SER A 183 -56.17 68.12 -11.71
C SER A 183 -55.09 67.06 -11.60
N THR A 184 -54.14 67.30 -10.70
CA THR A 184 -52.98 66.42 -10.58
C THR A 184 -53.39 65.01 -10.21
N ASP A 185 -54.27 64.85 -9.23
CA ASP A 185 -54.71 63.53 -8.82
C ASP A 185 -55.46 62.82 -9.94
N GLN A 186 -56.28 63.57 -10.69
CA GLN A 186 -56.97 62.98 -11.83
C GLN A 186 -55.99 62.48 -12.88
N TRP A 187 -54.94 63.26 -13.16
CA TRP A 187 -53.95 62.83 -14.14
C TRP A 187 -53.18 61.62 -13.65
N ARG A 188 -52.87 61.58 -12.35
CA ARG A 188 -52.20 60.40 -11.81
C ARG A 188 -53.06 59.16 -11.95
N GLU A 189 -54.36 59.30 -11.68
CA GLU A 189 -55.27 58.17 -11.85
C GLU A 189 -55.37 57.75 -13.31
N SER A 190 -55.35 58.72 -14.23
CA SER A 190 -55.36 58.39 -15.65
C SER A 190 -54.11 57.61 -16.04
N LEU A 191 -52.95 58.01 -15.52
CA LEU A 191 -51.73 57.25 -15.78
C LEU A 191 -51.81 55.85 -15.21
N ILE A 192 -52.36 55.71 -14.01
CA ILE A 192 -52.50 54.37 -13.43
C ILE A 192 -53.43 53.52 -14.27
N ARG A 193 -54.53 54.10 -14.76
CA ARG A 193 -55.46 53.34 -15.57
C ARG A 193 -54.84 52.92 -16.89
N SER A 194 -54.05 53.81 -17.50
CA SER A 194 -53.59 53.57 -18.86
C SER A 194 -52.74 52.31 -18.97
N ILE A 195 -52.18 51.83 -17.86
CA ILE A 195 -51.42 50.59 -17.92
C ILE A 195 -52.31 49.43 -17.50
N GLY A 196 -53.58 49.72 -17.25
CA GLY A 196 -54.53 48.67 -16.96
C GLY A 196 -54.74 48.38 -15.49
N MET A 197 -54.50 49.34 -14.61
CA MET A 197 -54.73 49.18 -13.18
C MET A 197 -55.90 50.04 -12.73
N GLU A 198 -56.45 49.69 -11.57
CA GLU A 198 -57.56 50.42 -10.98
C GLU A 198 -57.05 51.34 -9.89
N PRO A 199 -57.12 52.65 -10.07
CA PRO A 199 -56.57 53.57 -9.07
C PRO A 199 -57.27 53.48 -7.73
N ALA A 200 -58.60 53.37 -7.77
CA ALA A 200 -59.42 53.42 -6.58
C ALA A 200 -59.07 52.31 -5.60
N SER A 201 -58.91 51.09 -6.12
CA SER A 201 -58.68 49.94 -5.26
C SER A 201 -57.33 50.00 -4.57
N LEU A 202 -56.32 50.55 -5.26
CA LEU A 202 -55.00 50.67 -4.66
C LEU A 202 -54.94 51.86 -3.71
N LYS A 203 -53.99 51.81 -2.77
CA LYS A 203 -53.83 52.89 -1.81
C LYS A 203 -53.07 54.05 -2.43
N GLU A 204 -52.89 55.13 -1.69
CA GLU A 204 -52.22 56.31 -2.22
C GLU A 204 -50.74 56.05 -2.43
N ASP A 205 -50.07 55.50 -1.43
CA ASP A 205 -48.64 55.27 -1.52
C ASP A 205 -48.29 54.28 -2.62
N VAL A 206 -49.04 53.19 -2.73
CA VAL A 206 -48.75 52.13 -3.69
C VAL A 206 -48.80 52.70 -5.10
N GLN A 207 -49.77 53.58 -5.35
CA GLN A 207 -49.83 54.24 -6.66
C GLN A 207 -48.48 54.83 -7.04
N TRP A 208 -47.82 55.51 -6.10
CA TRP A 208 -46.55 56.13 -6.39
C TRP A 208 -45.53 55.09 -6.84
N HIS A 209 -45.49 53.93 -6.19
CA HIS A 209 -44.59 52.88 -6.64
C HIS A 209 -44.84 52.54 -8.10
N LEU A 210 -46.11 52.46 -8.51
CA LEU A 210 -46.41 52.19 -9.91
C LEU A 210 -45.82 53.29 -10.79
N LEU A 211 -45.96 54.55 -10.38
CA LEU A 211 -45.37 55.64 -11.15
C LEU A 211 -43.87 55.49 -11.25
N ALA A 212 -43.24 54.96 -10.19
CA ALA A 212 -41.80 54.72 -10.27
C ALA A 212 -41.47 53.78 -11.41
N ARG A 213 -42.31 52.79 -11.66
CA ARG A 213 -42.05 51.85 -12.75
C ARG A 213 -42.08 52.54 -14.10
N MET A 214 -42.72 53.71 -14.20
CA MET A 214 -42.73 54.43 -15.46
C MET A 214 -41.55 55.37 -15.60
N VAL A 215 -40.76 55.56 -14.55
CA VAL A 215 -39.65 56.52 -14.58
C VAL A 215 -38.63 56.15 -15.65
N PRO A 216 -38.20 54.89 -15.80
CA PRO A 216 -37.19 54.60 -16.82
C PRO A 216 -37.60 54.98 -18.22
N PHE A 217 -38.91 55.10 -18.49
CA PHE A 217 -39.35 55.44 -19.83
C PHE A 217 -39.14 56.92 -20.15
N VAL A 218 -39.01 57.78 -19.15
CA VAL A 218 -38.95 59.22 -19.41
C VAL A 218 -37.60 59.85 -19.10
N GLU A 219 -36.70 59.15 -18.43
CA GLU A 219 -35.41 59.70 -18.04
C GLU A 219 -34.29 58.88 -18.68
N ASN A 220 -33.37 59.57 -19.35
CA ASN A 220 -32.26 58.90 -20.01
C ASN A 220 -31.32 58.27 -19.00
N ASN A 221 -30.89 57.05 -19.30
CA ASN A 221 -29.87 56.34 -18.53
C ASN A 221 -30.28 56.21 -17.06
N TYR A 222 -31.56 55.94 -16.84
CA TYR A 222 -32.09 55.82 -15.48
C TYR A 222 -32.04 54.35 -15.08
N ASN A 223 -30.92 53.95 -14.48
CA ASN A 223 -30.80 52.61 -13.93
C ASN A 223 -31.72 52.49 -12.72
N VAL A 224 -32.39 51.33 -12.58
CA VAL A 224 -33.26 51.10 -11.44
C VAL A 224 -33.40 49.60 -11.23
N CYS A 225 -33.56 49.19 -9.97
CA CYS A 225 -33.81 47.79 -9.67
C CYS A 225 -35.02 47.65 -8.77
N GLU A 226 -35.85 46.65 -9.07
CA GLU A 226 -37.06 46.36 -8.33
C GLU A 226 -37.06 44.89 -7.96
N LEU A 227 -37.09 44.60 -6.67
CA LEU A 227 -37.06 43.23 -6.17
C LEU A 227 -38.30 43.00 -5.31
N GLY A 228 -38.96 41.87 -5.52
CA GLY A 228 -40.18 41.60 -4.78
C GLY A 228 -40.73 40.20 -4.96
N PRO A 229 -41.89 39.95 -4.37
CA PRO A 229 -42.50 38.61 -4.46
C PRO A 229 -42.99 38.31 -5.86
N ARG A 230 -43.15 37.03 -6.14
CA ARG A 230 -43.68 36.60 -7.43
C ARG A 230 -45.14 37.01 -7.56
N GLY A 231 -45.58 37.16 -8.81
CA GLY A 231 -46.96 37.50 -9.06
C GLY A 231 -47.31 38.93 -8.74
N THR A 232 -46.31 39.80 -8.59
CA THR A 232 -46.53 41.19 -8.23
C THR A 232 -46.72 42.06 -9.47
N GLY A 233 -46.72 41.45 -10.65
CA GLY A 233 -46.86 42.20 -11.89
C GLY A 233 -45.71 43.13 -12.19
N LYS A 234 -44.48 42.71 -11.90
CA LYS A 234 -43.33 43.57 -12.16
C LYS A 234 -43.01 43.64 -13.63
N SER A 235 -43.05 42.50 -14.32
CA SER A 235 -42.60 42.42 -15.71
C SER A 235 -43.70 42.71 -16.71
N HIS A 236 -44.92 43.01 -16.27
CA HIS A 236 -46.01 43.26 -17.20
C HIS A 236 -45.73 44.48 -18.07
N ILE A 237 -45.34 45.59 -17.44
CA ILE A 237 -45.29 46.87 -18.15
C ILE A 237 -44.16 46.88 -19.17
N TYR A 238 -43.04 46.23 -18.83
CA TYR A 238 -41.89 46.24 -19.73
C TYR A 238 -41.99 45.21 -20.84
N LYS A 239 -43.04 44.39 -20.84
CA LYS A 239 -43.21 43.34 -21.84
C LYS A 239 -44.42 43.55 -22.75
N GLU A 240 -45.55 44.00 -22.20
CA GLU A 240 -46.75 44.15 -22.99
C GLU A 240 -47.16 45.58 -23.25
N CYS A 241 -47.14 46.45 -22.24
CA CYS A 241 -47.69 47.79 -22.34
C CYS A 241 -46.68 48.82 -22.82
N SER A 242 -45.69 48.43 -23.63
CA SER A 242 -44.76 49.41 -24.16
C SER A 242 -44.15 48.86 -25.43
N PRO A 243 -44.36 49.50 -26.59
CA PRO A 243 -43.75 49.01 -27.83
C PRO A 243 -42.28 49.34 -27.98
N ASN A 244 -41.72 50.18 -27.10
CA ASN A 244 -40.34 50.61 -27.24
C ASN A 244 -39.47 50.19 -26.06
N SER A 245 -39.78 49.06 -25.43
CA SER A 245 -38.95 48.50 -24.39
C SER A 245 -38.72 47.02 -24.65
N ILE A 246 -37.58 46.53 -24.22
CA ILE A 246 -37.16 45.15 -24.46
C ILE A 246 -36.97 44.47 -23.12
N LEU A 247 -37.35 43.20 -23.05
CA LEU A 247 -37.19 42.42 -21.83
C LEU A 247 -36.29 41.24 -22.15
N VAL A 248 -35.08 41.26 -21.63
CA VAL A 248 -34.14 40.16 -21.77
C VAL A 248 -34.54 39.11 -20.74
N SER A 249 -34.76 37.88 -21.20
CA SER A 249 -35.18 36.79 -20.33
C SER A 249 -34.02 35.87 -20.02
N GLY A 250 -34.12 35.17 -18.90
CA GLY A 250 -33.17 34.14 -18.54
C GLY A 250 -31.78 34.62 -18.16
N GLY A 251 -31.41 35.83 -18.52
CA GLY A 251 -30.10 36.33 -18.21
C GLY A 251 -29.04 35.89 -19.22
N GLN A 252 -29.40 34.99 -20.13
CA GLN A 252 -28.46 34.49 -21.12
C GLN A 252 -28.38 35.49 -22.27
N THR A 253 -27.60 36.54 -22.04
CA THR A 253 -27.30 37.55 -23.04
C THR A 253 -25.81 37.85 -23.01
N THR A 254 -25.28 38.34 -24.13
CA THR A 254 -23.86 38.56 -24.28
C THR A 254 -23.56 40.03 -24.55
N VAL A 255 -22.30 40.39 -24.30
CA VAL A 255 -21.85 41.75 -24.60
C VAL A 255 -21.91 42.02 -26.09
N ALA A 256 -21.83 40.97 -26.92
CA ALA A 256 -21.98 41.16 -28.35
C ALA A 256 -23.38 41.64 -28.71
N ASN A 257 -24.39 41.07 -28.07
CA ASN A 257 -25.77 41.48 -28.33
C ASN A 257 -26.13 42.74 -27.57
N LEU A 258 -25.74 42.82 -26.30
CA LEU A 258 -26.19 43.91 -25.44
C LEU A 258 -25.57 45.24 -25.82
N PHE A 259 -24.24 45.28 -25.99
CA PHE A 259 -23.53 46.55 -26.13
C PHE A 259 -23.03 46.75 -27.55
N TYR A 260 -22.19 45.85 -28.07
CA TYR A 260 -21.60 46.08 -29.39
C TYR A 260 -21.11 44.75 -29.94
N ASN A 261 -21.44 44.47 -31.19
CA ASN A 261 -20.93 43.30 -31.89
C ASN A 261 -19.74 43.74 -32.74
N MET A 262 -18.53 43.43 -32.28
CA MET A 262 -17.34 43.95 -32.94
C MET A 262 -17.15 43.34 -34.33
N SER A 263 -17.53 42.08 -34.52
CA SER A 263 -17.38 41.45 -35.82
C SER A 263 -18.23 42.14 -36.88
N SER A 264 -19.48 42.45 -36.57
CA SER A 264 -20.38 43.10 -37.51
C SER A 264 -20.35 44.62 -37.43
N ARG A 265 -19.66 45.18 -36.43
CA ARG A 265 -19.57 46.63 -36.25
C ARG A 265 -20.97 47.23 -36.15
N ARG A 266 -21.83 46.59 -35.36
CA ARG A 266 -23.23 46.99 -35.22
C ARG A 266 -23.59 47.15 -33.75
N ILE A 267 -24.25 48.27 -33.43
CA ILE A 267 -24.52 48.61 -32.05
C ILE A 267 -25.50 47.60 -31.44
N GLY A 268 -25.40 47.42 -30.13
CA GLY A 268 -26.20 46.43 -29.43
C GLY A 268 -27.62 46.91 -29.17
N LEU A 269 -28.26 46.22 -28.22
CA LEU A 269 -29.64 46.55 -27.88
C LEU A 269 -29.74 47.93 -27.27
N VAL A 270 -28.70 48.37 -26.55
CA VAL A 270 -28.76 49.66 -25.88
C VAL A 270 -28.87 50.80 -26.87
N GLY A 271 -28.46 50.59 -28.11
CA GLY A 271 -28.59 51.62 -29.12
C GLY A 271 -29.88 51.60 -29.90
N LEU A 272 -30.81 50.72 -29.55
CA LEU A 272 -32.05 50.58 -30.30
C LEU A 272 -33.30 50.82 -29.48
N TRP A 273 -33.27 50.55 -28.17
CA TRP A 273 -34.44 50.66 -27.32
C TRP A 273 -34.26 51.77 -26.31
N ASP A 274 -35.31 52.01 -25.52
CA ASP A 274 -35.25 53.01 -24.47
C ASP A 274 -35.19 52.37 -23.09
N VAL A 275 -35.83 51.22 -22.90
CA VAL A 275 -35.76 50.49 -21.65
C VAL A 275 -35.31 49.07 -21.96
N VAL A 276 -34.32 48.60 -21.21
CA VAL A 276 -33.86 47.23 -21.30
C VAL A 276 -34.02 46.63 -19.91
N ALA A 277 -34.91 45.64 -19.79
CA ALA A 277 -35.26 45.08 -18.51
C ALA A 277 -34.71 43.66 -18.39
N PHE A 278 -33.81 43.47 -17.43
CA PHE A 278 -33.26 42.16 -17.14
C PHE A 278 -34.18 41.47 -16.14
N ASP A 279 -34.93 40.48 -16.62
CA ASP A 279 -35.78 39.68 -15.75
C ASP A 279 -34.97 38.55 -15.15
N GLU A 280 -35.34 38.14 -13.94
CA GLU A 280 -34.64 37.10 -13.20
C GLU A 280 -33.14 37.44 -13.10
N VAL A 281 -32.89 38.51 -12.34
CA VAL A 281 -31.53 38.99 -12.13
C VAL A 281 -30.64 37.90 -11.57
N ALA A 282 -31.23 36.88 -10.93
CA ALA A 282 -30.44 35.76 -10.44
C ALA A 282 -29.83 34.96 -11.59
N GLY A 283 -30.33 35.14 -12.82
CA GLY A 283 -29.85 34.38 -13.95
C GLY A 283 -28.86 35.07 -14.85
N ILE A 284 -28.59 36.37 -14.62
CA ILE A 284 -27.67 37.09 -15.48
C ILE A 284 -26.26 36.58 -15.27
N SER A 285 -25.54 36.35 -16.37
CA SER A 285 -24.14 35.94 -16.33
C SER A 285 -23.52 36.24 -17.69
N PHE A 286 -22.27 36.71 -17.67
CA PHE A 286 -21.58 37.11 -18.89
C PHE A 286 -20.44 36.15 -19.18
N LYS A 287 -20.40 35.64 -20.42
CA LYS A 287 -19.31 34.75 -20.83
C LYS A 287 -17.98 35.47 -20.82
N ASP A 288 -17.94 36.71 -21.30
CA ASP A 288 -16.72 37.50 -21.32
C ASP A 288 -16.52 38.14 -19.95
N LYS A 289 -15.26 38.31 -19.55
CA LYS A 289 -14.97 38.90 -18.27
C LYS A 289 -15.12 40.42 -18.29
N ASP A 290 -15.20 41.01 -19.48
CA ASP A 290 -15.38 42.45 -19.59
C ASP A 290 -16.82 42.87 -19.41
N GLY A 291 -17.75 41.93 -19.29
CA GLY A 291 -19.16 42.30 -19.19
C GLY A 291 -19.47 43.16 -17.98
N VAL A 292 -18.95 42.76 -16.81
CA VAL A 292 -19.21 43.53 -15.61
C VAL A 292 -18.58 44.91 -15.70
N GLN A 293 -17.35 44.98 -16.20
CA GLN A 293 -16.69 46.27 -16.35
C GLN A 293 -17.43 47.15 -17.36
N ILE A 294 -17.88 46.56 -18.47
CA ILE A 294 -18.60 47.35 -19.47
C ILE A 294 -19.91 47.88 -18.89
N MET A 295 -20.63 47.04 -18.15
CA MET A 295 -21.86 47.53 -17.53
C MET A 295 -21.58 48.63 -16.53
N LYS A 296 -20.56 48.47 -15.70
CA LYS A 296 -20.23 49.52 -14.74
C LYS A 296 -19.95 50.82 -15.46
N ASP A 297 -19.13 50.77 -16.51
CA ASP A 297 -18.81 51.99 -17.25
C ASP A 297 -20.06 52.61 -17.85
N TYR A 298 -20.91 51.80 -18.48
CA TYR A 298 -22.09 52.34 -19.16
C TYR A 298 -23.05 52.97 -18.17
N MET A 299 -23.44 52.23 -17.13
CA MET A 299 -24.38 52.79 -16.17
C MET A 299 -23.80 53.97 -15.43
N ALA A 300 -22.48 54.03 -15.25
CA ALA A 300 -21.92 55.18 -14.56
C ALA A 300 -21.91 56.42 -15.44
N SER A 301 -21.54 56.27 -16.71
CA SER A 301 -21.33 57.43 -17.56
C SER A 301 -22.26 57.54 -18.75
N GLY A 302 -22.91 56.46 -19.16
CA GLY A 302 -23.73 56.51 -20.35
C GLY A 302 -22.97 56.30 -21.64
N SER A 303 -21.68 56.02 -21.58
CA SER A 303 -20.88 55.74 -22.75
C SER A 303 -19.86 54.66 -22.42
N PHE A 304 -19.64 53.77 -23.38
CA PHE A 304 -18.74 52.64 -23.16
C PHE A 304 -17.78 52.50 -24.32
N ALA A 305 -16.56 52.09 -24.02
CA ALA A 305 -15.51 51.97 -25.03
C ALA A 305 -15.27 50.50 -25.37
N ARG A 306 -15.35 50.19 -26.65
CA ARG A 306 -15.11 48.84 -27.14
C ARG A 306 -14.19 48.93 -28.34
N GLY A 307 -13.21 48.04 -28.41
CA GLY A 307 -12.24 48.10 -29.49
C GLY A 307 -11.38 49.35 -29.37
N ARG A 308 -11.56 50.28 -30.30
CA ARG A 308 -10.87 51.56 -30.24
C ARG A 308 -11.82 52.74 -30.08
N GLU A 309 -13.13 52.50 -30.13
CA GLU A 309 -14.10 53.58 -30.20
C GLU A 309 -14.96 53.59 -28.94
N GLN A 310 -15.34 54.80 -28.51
CA GLN A 310 -16.34 55.00 -27.49
C GLN A 310 -17.70 55.21 -28.15
N MET A 311 -18.73 54.58 -27.60
CA MET A 311 -20.08 54.69 -28.12
C MET A 311 -20.99 55.24 -27.03
N GLU A 312 -21.93 56.07 -27.44
CA GLU A 312 -22.96 56.63 -26.58
C GLU A 312 -24.25 55.87 -26.79
N ALA A 313 -25.04 55.72 -25.72
CA ALA A 313 -26.34 55.10 -25.81
C ALA A 313 -27.17 55.54 -24.61
N SER A 314 -28.44 55.86 -24.85
CA SER A 314 -29.30 56.40 -23.82
C SER A 314 -30.29 55.39 -23.26
N ALA A 315 -30.08 54.09 -23.49
CA ALA A 315 -31.01 53.09 -22.99
C ALA A 315 -30.99 53.06 -21.46
N SER A 316 -32.18 52.96 -20.88
CA SER A 316 -32.30 52.90 -19.43
C SER A 316 -32.47 51.45 -18.99
N MET A 317 -31.74 51.04 -17.95
CA MET A 317 -31.71 49.65 -17.53
C MET A 317 -32.57 49.44 -16.29
N VAL A 318 -33.39 48.38 -16.33
CA VAL A 318 -34.21 47.96 -15.21
C VAL A 318 -33.79 46.55 -14.84
N PHE A 319 -33.74 46.27 -13.54
CA PHE A 319 -33.39 44.94 -13.04
C PHE A 319 -34.56 44.42 -12.21
N VAL A 320 -35.30 43.45 -12.75
CA VAL A 320 -36.48 42.91 -12.09
C VAL A 320 -36.12 41.60 -11.44
N GLY A 321 -36.40 41.47 -10.14
CA GLY A 321 -35.99 40.29 -9.40
C GLY A 321 -37.04 39.79 -8.44
N ASN A 322 -37.03 38.48 -8.23
CA ASN A 322 -37.95 37.82 -7.31
C ASN A 322 -37.21 37.36 -6.08
N ILE A 323 -37.75 37.67 -4.91
CA ILE A 323 -37.18 37.26 -3.63
C ILE A 323 -38.07 36.18 -3.04
N ASN A 324 -37.45 35.26 -2.30
CA ASN A 324 -38.17 34.15 -1.68
C ASN A 324 -38.37 34.31 -0.18
N GLN A 325 -37.60 35.17 0.48
CA GLN A 325 -37.64 35.31 1.92
C GLN A 325 -38.49 36.50 2.31
N SER A 326 -38.76 36.59 3.61
CA SER A 326 -39.48 37.73 4.16
C SER A 326 -38.57 38.95 4.21
N VAL A 327 -39.19 40.13 4.20
CA VAL A 327 -38.42 41.37 4.23
C VAL A 327 -37.60 41.48 5.51
N GLU A 328 -38.24 41.19 6.64
CA GLU A 328 -37.58 41.38 7.93
C GLU A 328 -36.37 40.46 8.09
N SER A 329 -36.53 39.19 7.71
CA SER A 329 -35.43 38.24 7.83
C SER A 329 -34.29 38.61 6.90
N LEU A 330 -34.61 39.02 5.67
CA LEU A 330 -33.57 39.43 4.74
C LEU A 330 -32.80 40.65 5.26
N VAL A 331 -33.52 41.62 5.84
CA VAL A 331 -32.85 42.78 6.42
C VAL A 331 -31.97 42.37 7.60
N LYS A 332 -32.48 41.50 8.47
CA LYS A 332 -31.76 41.17 9.70
C LYS A 332 -30.52 40.33 9.44
N THR A 333 -30.64 39.28 8.61
CA THR A 333 -29.54 38.34 8.42
C THR A 333 -28.60 38.71 7.29
N SER A 334 -29.05 39.52 6.33
CA SER A 334 -28.22 39.88 5.19
C SER A 334 -28.64 41.24 4.65
N HIS A 335 -28.28 41.52 3.40
CA HIS A 335 -28.78 42.69 2.70
C HIS A 335 -29.93 42.26 1.78
N LEU A 336 -30.81 43.21 1.47
CA LEU A 336 -31.96 42.94 0.60
C LEU A 336 -31.56 42.50 -0.79
N LEU A 337 -30.33 42.78 -1.21
CA LEU A 337 -29.88 42.51 -2.57
C LEU A 337 -29.19 41.16 -2.72
N ALA A 338 -29.60 40.17 -1.92
CA ALA A 338 -29.04 38.82 -1.99
C ALA A 338 -29.22 38.16 -3.36
N PRO A 339 -30.40 38.19 -3.99
CA PRO A 339 -30.59 37.44 -5.24
C PRO A 339 -29.73 37.93 -6.40
N PHE A 340 -29.17 39.13 -6.33
CA PHE A 340 -28.22 39.55 -7.34
C PHE A 340 -27.01 38.61 -7.33
N PRO A 341 -26.45 38.30 -8.49
CA PRO A 341 -25.40 37.28 -8.56
C PRO A 341 -24.18 37.69 -7.74
N GLU A 342 -23.52 36.67 -7.16
CA GLU A 342 -22.35 36.93 -6.33
C GLU A 342 -21.25 37.62 -7.12
N ALA A 343 -21.05 37.21 -8.37
CA ALA A 343 -20.09 37.89 -9.24
C ALA A 343 -20.52 39.32 -9.55
N MET A 344 -21.79 39.67 -9.33
CA MET A 344 -22.27 41.02 -9.54
C MET A 344 -22.37 41.82 -8.25
N ILE A 345 -22.01 41.23 -7.10
CA ILE A 345 -22.04 41.93 -5.82
C ILE A 345 -20.82 42.82 -5.71
N ASP A 346 -20.98 44.10 -6.04
CA ASP A 346 -19.89 45.06 -5.98
C ASP A 346 -20.46 46.42 -5.61
N SER A 347 -19.83 47.08 -4.63
CA SER A 347 -20.27 48.41 -4.24
C SER A 347 -20.11 49.40 -5.39
N ALA A 348 -18.98 49.35 -6.09
CA ALA A 348 -18.76 50.25 -7.22
C ALA A 348 -19.77 49.97 -8.33
N PHE A 349 -20.32 48.76 -8.38
CA PHE A 349 -21.38 48.46 -9.34
C PHE A 349 -22.74 48.94 -8.83
N PHE A 350 -23.08 48.57 -7.61
CA PHE A 350 -24.42 48.88 -7.10
C PHE A 350 -24.62 50.37 -6.95
N ASP A 351 -23.54 51.12 -6.78
CA ASP A 351 -23.64 52.56 -6.61
C ASP A 351 -24.23 53.26 -7.83
N ARG A 352 -24.24 52.60 -8.99
CA ARG A 352 -24.81 53.20 -10.19
C ARG A 352 -26.32 53.24 -10.19
N PHE A 353 -26.98 52.39 -9.41
CA PHE A 353 -28.44 52.33 -9.42
C PHE A 353 -29.01 53.62 -8.85
N HIS A 354 -29.98 54.19 -9.55
CA HIS A 354 -30.57 55.43 -9.07
C HIS A 354 -31.80 55.17 -8.21
N ALA A 355 -32.22 53.91 -8.07
CA ALA A 355 -33.44 53.63 -7.33
C ALA A 355 -33.57 52.13 -7.06
N TYR A 356 -34.07 51.82 -5.87
CA TYR A 356 -34.47 50.47 -5.47
C TYR A 356 -35.96 50.52 -5.13
N ILE A 357 -36.79 50.13 -6.09
CA ILE A 357 -38.24 50.15 -5.88
C ILE A 357 -38.62 49.03 -4.92
N PRO A 358 -39.34 49.32 -3.85
CA PRO A 358 -39.68 48.27 -2.89
C PRO A 358 -40.81 47.38 -3.38
N GLY A 359 -40.47 46.28 -4.06
CA GLY A 359 -41.47 45.44 -4.67
C GLY A 359 -42.49 44.85 -3.70
N TRP A 360 -42.12 44.64 -2.43
CA TRP A 360 -43.03 43.98 -1.52
C TRP A 360 -44.23 44.85 -1.17
N GLU A 361 -44.04 46.18 -1.17
CA GLU A 361 -45.14 47.06 -0.78
C GLU A 361 -46.29 47.03 -1.78
N ILE A 362 -46.09 46.46 -2.96
CA ILE A 362 -47.14 46.35 -3.96
C ILE A 362 -47.92 45.07 -3.74
N PRO A 363 -49.25 45.13 -3.62
CA PRO A 363 -50.03 43.90 -3.38
C PRO A 363 -50.05 43.01 -4.60
N LYS A 364 -50.26 41.72 -4.36
CA LYS A 364 -50.31 40.75 -5.45
C LYS A 364 -51.52 41.00 -6.34
N MET A 365 -51.40 40.63 -7.61
CA MET A 365 -52.41 40.96 -8.60
C MET A 365 -53.69 40.17 -8.35
N ARG A 366 -54.83 40.85 -8.46
CA ARG A 366 -56.15 40.25 -8.35
C ARG A 366 -57.07 40.91 -9.36
N PRO A 367 -58.14 40.23 -9.76
CA PRO A 367 -59.06 40.83 -10.74
C PRO A 367 -59.72 42.12 -10.24
N GLU A 368 -59.78 42.31 -8.92
CA GLU A 368 -60.27 43.59 -8.40
C GLU A 368 -59.38 44.74 -8.83
N PHE A 369 -58.07 44.51 -8.92
CA PHE A 369 -57.14 45.59 -9.26
C PHE A 369 -57.15 45.95 -10.73
N PHE A 370 -57.73 45.13 -11.59
CA PHE A 370 -57.75 45.39 -13.02
C PHE A 370 -58.93 46.29 -13.34
N THR A 371 -58.66 47.39 -14.03
CA THR A 371 -59.68 48.40 -14.26
C THR A 371 -60.66 47.97 -15.34
N ASN A 372 -61.75 48.72 -15.45
CA ASN A 372 -62.68 48.62 -16.55
C ASN A 372 -63.13 49.99 -17.03
N ARG A 373 -62.42 51.04 -16.65
CA ARG A 373 -62.80 52.41 -16.95
C ARG A 373 -62.04 52.89 -18.18
N TYR A 374 -62.12 54.19 -18.47
CA TYR A 374 -61.44 54.79 -19.60
C TYR A 374 -59.99 55.11 -19.25
N GLY A 375 -59.09 54.90 -20.21
CA GLY A 375 -57.70 55.24 -20.05
C GLY A 375 -57.08 55.60 -21.39
N LEU A 376 -55.86 56.11 -21.34
CA LEU A 376 -55.16 56.45 -22.57
C LEU A 376 -54.72 55.18 -23.28
N ILE A 377 -54.60 55.27 -24.61
CA ILE A 377 -54.07 54.16 -25.39
C ILE A 377 -52.67 53.85 -24.92
N VAL A 378 -52.28 52.57 -25.02
CA VAL A 378 -50.90 52.21 -24.70
C VAL A 378 -49.93 52.92 -25.63
N ASP A 379 -50.30 53.07 -26.90
CA ASP A 379 -49.43 53.75 -27.85
C ASP A 379 -49.26 55.21 -27.50
N TYR A 380 -50.35 55.88 -27.11
CA TYR A 380 -50.29 57.29 -26.75
C TYR A 380 -49.41 57.49 -25.53
N LEU A 381 -49.61 56.68 -24.49
CA LEU A 381 -48.77 56.77 -23.31
C LEU A 381 -47.31 56.54 -23.65
N ALA A 382 -47.02 55.51 -24.45
CA ALA A 382 -45.64 55.18 -24.75
C ALA A 382 -44.96 56.30 -25.53
N GLU A 383 -45.63 56.86 -26.53
CA GLU A 383 -44.93 57.87 -27.31
C GLU A 383 -44.88 59.19 -26.56
N PHE A 384 -45.82 59.40 -25.63
CA PHE A 384 -45.71 60.52 -24.70
C PHE A 384 -44.46 60.39 -23.85
N PHE A 385 -44.18 59.18 -23.35
CA PHE A 385 -42.93 58.95 -22.63
C PHE A 385 -41.73 59.26 -23.51
N ARG A 386 -41.77 58.78 -24.75
CA ARG A 386 -40.67 59.00 -25.66
C ARG A 386 -40.42 60.48 -25.89
N GLU A 387 -41.48 61.27 -26.04
CA GLU A 387 -41.32 62.70 -26.27
C GLU A 387 -40.86 63.43 -25.01
N MET A 388 -41.28 62.96 -23.84
CA MET A 388 -40.79 63.60 -22.61
C MET A 388 -39.35 63.26 -22.31
N ARG A 389 -38.80 62.21 -22.93
CA ARG A 389 -37.38 61.95 -22.73
C ARG A 389 -36.49 63.12 -23.18
N LYS A 390 -37.00 64.00 -24.03
CA LYS A 390 -36.18 65.07 -24.60
C LYS A 390 -36.14 66.32 -23.73
N ARG A 391 -36.76 66.31 -22.57
CA ARG A 391 -36.84 67.48 -21.70
C ARG A 391 -36.22 67.17 -20.35
N SER A 392 -36.25 68.16 -19.46
CA SER A 392 -35.62 68.02 -18.15
C SER A 392 -36.28 68.93 -17.13
N PHE A 393 -36.28 68.49 -15.87
CA PHE A 393 -36.83 69.28 -14.78
C PHE A 393 -36.01 69.14 -13.48
N ALA A 394 -34.72 68.87 -13.59
CA ALA A 394 -33.91 68.72 -12.40
C ALA A 394 -33.64 70.03 -11.68
N ASP A 395 -33.70 71.15 -12.39
CA ASP A 395 -33.49 72.44 -11.76
C ASP A 395 -34.65 72.87 -10.88
N SER A 396 -35.76 72.13 -10.91
CA SER A 396 -36.89 72.46 -10.04
C SER A 396 -36.55 72.28 -8.56
N ILE A 397 -35.63 71.36 -8.25
CA ILE A 397 -35.25 71.15 -6.86
C ILE A 397 -34.62 72.41 -6.29
N GLU A 398 -33.75 73.06 -7.05
CA GLU A 398 -33.02 74.20 -6.50
C GLU A 398 -33.82 75.49 -6.58
N LYS A 399 -35.01 75.44 -7.17
CA LYS A 399 -35.87 76.62 -7.12
C LYS A 399 -36.46 76.81 -5.73
N TYR A 400 -36.64 75.72 -4.98
CA TYR A 400 -37.26 75.78 -3.67
C TYR A 400 -36.46 75.12 -2.56
N PHE A 401 -35.60 74.15 -2.87
CA PHE A 401 -34.96 73.34 -1.86
C PHE A 401 -33.47 73.24 -2.10
N LYS A 402 -32.75 72.76 -1.11
CA LYS A 402 -31.33 72.44 -1.23
C LYS A 402 -31.10 71.06 -0.65
N LEU A 403 -30.20 70.30 -1.26
CA LEU A 403 -29.95 68.95 -0.79
C LEU A 403 -29.00 68.97 0.42
N GLY A 404 -29.11 67.95 1.25
CA GLY A 404 -28.35 67.90 2.49
C GLY A 404 -26.89 67.58 2.26
N ASN A 405 -26.14 67.56 3.36
CA ASN A 405 -24.70 67.37 3.30
C ASN A 405 -24.28 65.91 3.24
N ASN A 406 -25.19 64.98 3.45
CA ASN A 406 -24.86 63.57 3.45
C ASN A 406 -24.87 62.96 2.06
N LEU A 407 -25.18 63.73 1.03
CA LEU A 407 -25.27 63.22 -0.33
C LEU A 407 -23.98 63.52 -1.07
N ASN A 408 -23.30 62.48 -1.55
CA ASN A 408 -22.18 62.69 -2.45
C ASN A 408 -22.70 63.03 -3.85
N GLN A 409 -21.77 63.20 -4.78
CA GLN A 409 -22.17 63.62 -6.13
C GLN A 409 -23.06 62.58 -6.80
N ARG A 410 -22.77 61.30 -6.62
CA ARG A 410 -23.60 60.26 -7.23
C ARG A 410 -25.02 60.30 -6.66
N ASP A 411 -25.14 60.52 -5.36
CA ASP A 411 -26.47 60.59 -4.77
C ASP A 411 -27.23 61.81 -5.28
N VAL A 412 -26.54 62.93 -5.48
CA VAL A 412 -27.18 64.11 -6.06
C VAL A 412 -27.68 63.79 -7.46
N ILE A 413 -26.87 63.11 -8.25
CA ILE A 413 -27.27 62.74 -9.60
C ILE A 413 -28.52 61.86 -9.55
N ALA A 414 -28.50 60.84 -8.70
CA ALA A 414 -29.63 59.91 -8.64
C ALA A 414 -30.90 60.61 -8.21
N VAL A 415 -30.81 61.46 -7.19
CA VAL A 415 -32.00 62.16 -6.69
C VAL A 415 -32.54 63.09 -7.76
N ARG A 416 -31.65 63.81 -8.46
CA ARG A 416 -32.12 64.71 -9.51
C ARG A 416 -32.80 63.95 -10.63
N LYS A 417 -32.24 62.82 -11.04
CA LYS A 417 -32.87 62.05 -12.10
C LYS A 417 -34.24 61.54 -11.68
N THR A 418 -34.35 61.03 -10.46
CA THR A 418 -35.65 60.52 -10.01
C THR A 418 -36.69 61.64 -9.93
N VAL A 419 -36.31 62.79 -9.38
CA VAL A 419 -37.24 63.89 -9.28
C VAL A 419 -37.68 64.34 -10.67
N SER A 420 -36.74 64.44 -11.60
CA SER A 420 -37.09 64.89 -12.94
C SER A 420 -38.05 63.91 -13.61
N GLY A 421 -37.78 62.62 -13.46
CA GLY A 421 -38.68 61.62 -14.03
C GLY A 421 -40.09 61.73 -13.47
N LEU A 422 -40.19 61.81 -12.14
CA LEU A 422 -41.51 61.88 -11.53
C LEU A 422 -42.23 63.17 -11.92
N MET A 423 -41.48 64.27 -12.02
CA MET A 423 -42.10 65.55 -12.33
C MET A 423 -42.55 65.60 -13.78
N LYS A 424 -41.82 64.93 -14.67
CA LYS A 424 -42.30 64.78 -16.03
C LYS A 424 -43.56 63.94 -16.09
N LEU A 425 -43.61 62.84 -15.34
CA LEU A 425 -44.80 62.00 -15.35
C LEU A 425 -46.02 62.75 -14.86
N LEU A 426 -45.87 63.52 -13.79
CA LEU A 426 -47.01 64.16 -13.16
C LEU A 426 -47.32 65.54 -13.71
N TYR A 427 -46.30 66.34 -14.05
CA TYR A 427 -46.52 67.71 -14.51
C TYR A 427 -45.79 67.96 -15.82
N PRO A 428 -46.26 67.36 -16.92
CA PRO A 428 -45.61 67.61 -18.21
C PRO A 428 -45.67 69.05 -18.65
N HIS A 429 -46.72 69.78 -18.29
CA HIS A 429 -46.87 71.15 -18.75
C HIS A 429 -45.99 72.14 -18.00
N GLY A 430 -45.32 71.71 -16.94
CA GLY A 430 -44.31 72.53 -16.30
C GLY A 430 -44.81 73.53 -15.28
N GLN A 431 -46.08 73.48 -14.91
CA GLN A 431 -46.61 74.37 -13.88
C GLN A 431 -46.77 73.58 -12.59
N PHE A 432 -46.06 74.00 -11.55
CA PHE A 432 -46.06 73.26 -10.29
C PHE A 432 -45.63 74.19 -9.17
N ASN A 433 -45.97 73.80 -7.95
CA ASN A 433 -45.70 74.61 -6.75
C ASN A 433 -44.73 73.87 -5.84
N LYS A 434 -44.47 74.46 -4.68
CA LYS A 434 -43.45 73.94 -3.77
C LYS A 434 -43.80 72.56 -3.24
N GLU A 435 -45.06 72.35 -2.87
CA GLU A 435 -45.46 71.08 -2.25
C GLU A 435 -45.24 69.91 -3.21
N ASP A 436 -45.48 70.13 -4.50
CA ASP A 436 -45.32 69.06 -5.48
C ASP A 436 -43.87 68.60 -5.53
N VAL A 437 -42.94 69.55 -5.62
CA VAL A 437 -41.53 69.21 -5.61
C VAL A 437 -41.15 68.58 -4.29
N ARG A 438 -41.79 69.00 -3.19
CA ARG A 438 -41.50 68.39 -1.91
C ARG A 438 -41.86 66.90 -1.91
N GLN A 439 -43.03 66.56 -2.44
CA GLN A 439 -43.42 65.16 -2.50
C GLN A 439 -42.48 64.35 -3.38
N CYS A 440 -42.17 64.87 -4.56
CA CYS A 440 -41.29 64.14 -5.47
C CYS A 440 -39.91 63.95 -4.86
N LEU A 441 -39.39 64.99 -4.22
CA LEU A 441 -38.08 64.93 -3.59
C LEU A 441 -38.08 63.94 -2.43
N GLU A 442 -39.17 63.91 -1.66
CA GLU A 442 -39.29 62.92 -0.59
C GLU A 442 -39.18 61.52 -1.14
N TYR A 443 -39.94 61.22 -2.20
CA TYR A 443 -39.90 59.87 -2.75
C TYR A 443 -38.52 59.54 -3.29
N ALA A 444 -37.90 60.48 -4.00
CA ALA A 444 -36.59 60.22 -4.57
C ALA A 444 -35.56 59.96 -3.48
N LEU A 445 -35.57 60.77 -2.43
CA LEU A 445 -34.62 60.58 -1.34
C LEU A 445 -34.82 59.25 -0.67
N GLN A 446 -36.07 58.85 -0.44
CA GLN A 446 -36.33 57.56 0.18
C GLN A 446 -35.80 56.41 -0.68
N VAL A 447 -36.10 56.45 -1.98
CA VAL A 447 -35.73 55.32 -2.83
C VAL A 447 -34.23 55.24 -3.02
N ARG A 448 -33.53 56.39 -3.06
CA ARG A 448 -32.07 56.33 -3.14
C ARG A 448 -31.47 55.89 -1.80
N ARG A 449 -32.08 56.32 -0.69
CA ARG A 449 -31.56 55.96 0.62
C ARG A 449 -31.62 54.45 0.83
N ARG A 450 -32.61 53.79 0.24
CA ARG A 450 -32.65 52.33 0.39
C ARG A 450 -31.39 51.69 -0.19
N VAL A 451 -30.97 52.13 -1.37
CA VAL A 451 -29.72 51.65 -1.96
C VAL A 451 -28.55 52.03 -1.06
N LYS A 452 -28.62 53.23 -0.47
CA LYS A 452 -27.51 53.65 0.39
C LYS A 452 -27.37 52.75 1.61
N GLU A 453 -28.49 52.33 2.21
CA GLU A 453 -28.43 51.39 3.33
C GLU A 453 -27.86 50.05 2.89
N GLN A 454 -28.28 49.56 1.72
CA GLN A 454 -27.68 48.33 1.22
C GLN A 454 -26.17 48.48 1.03
N LEU A 455 -25.74 49.63 0.52
CA LEU A 455 -24.31 49.87 0.33
C LEU A 455 -23.57 49.92 1.66
N LYS A 456 -24.18 50.54 2.69
CA LYS A 456 -23.58 50.46 4.01
C LYS A 456 -23.37 49.02 4.44
N LYS A 457 -24.43 48.21 4.38
CA LYS A 457 -24.32 46.82 4.81
C LYS A 457 -23.25 46.07 4.04
N ILE A 458 -23.08 46.35 2.75
CA ILE A 458 -22.15 45.58 1.94
C ILE A 458 -20.72 46.11 2.06
N GLY A 459 -20.53 47.40 2.32
CA GLY A 459 -19.22 47.99 2.18
C GLY A 459 -18.59 48.60 3.43
N GLY A 460 -19.32 48.68 4.53
CA GLY A 460 -18.71 49.16 5.75
C GLY A 460 -18.66 50.67 5.82
N MET A 461 -17.47 51.20 6.12
CA MET A 461 -17.34 52.61 6.48
C MET A 461 -17.50 53.53 5.27
N GLU A 462 -17.24 53.02 4.06
CA GLU A 462 -17.19 53.89 2.88
C GLU A 462 -18.52 54.59 2.60
N PHE A 463 -19.62 54.10 3.17
CA PHE A 463 -20.94 54.68 2.92
C PHE A 463 -21.69 54.94 4.21
N TYR A 464 -21.05 55.60 5.17
CA TYR A 464 -21.71 55.84 6.45
C TYR A 464 -22.75 56.95 6.35
N ASP A 465 -22.52 57.95 5.50
CA ASP A 465 -23.42 59.11 5.41
C ASP A 465 -24.71 58.66 4.72
N VAL A 466 -25.59 58.07 5.53
CA VAL A 466 -26.87 57.57 5.03
C VAL A 466 -28.04 58.43 5.45
N HIS A 467 -27.81 59.47 6.27
CA HIS A 467 -28.90 60.30 6.78
C HIS A 467 -29.20 61.40 5.77
N PHE A 468 -30.04 61.05 4.81
CA PHE A 468 -30.41 61.98 3.76
C PHE A 468 -31.25 63.11 4.35
N SER A 469 -31.17 64.30 3.76
CA SER A 469 -31.88 65.45 4.26
C SER A 469 -32.05 66.48 3.16
N TYR A 470 -33.02 67.37 3.35
CA TYR A 470 -33.19 68.50 2.46
C TYR A 470 -33.63 69.73 3.23
N ILE A 471 -33.12 70.88 2.83
CA ILE A 471 -33.25 72.12 3.58
C ILE A 471 -34.05 73.11 2.75
N ASP A 472 -35.06 73.72 3.38
CA ASP A 472 -35.84 74.74 2.70
C ASP A 472 -34.98 75.96 2.43
N ASN A 473 -35.31 76.68 1.36
CA ASN A 473 -34.58 77.91 1.04
C ASN A 473 -34.99 79.06 1.95
N ASP A 474 -36.26 79.13 2.35
CA ASP A 474 -36.76 80.28 3.09
C ASP A 474 -36.75 80.07 4.59
N THR A 475 -37.36 78.99 5.07
CA THR A 475 -37.40 78.71 6.50
C THR A 475 -36.07 78.25 7.04
N LEU A 476 -35.20 77.70 6.20
CA LEU A 476 -33.94 77.08 6.59
C LEU A 476 -34.13 75.90 7.54
N GLU A 477 -35.36 75.44 7.72
CA GLU A 477 -35.59 74.21 8.46
C GLU A 477 -35.09 73.03 7.64
N GLU A 478 -34.60 72.01 8.32
CA GLU A 478 -34.08 70.81 7.65
C GLU A 478 -35.04 69.67 7.89
N HIS A 479 -35.35 68.93 6.82
CA HIS A 479 -36.21 67.75 6.90
C HIS A 479 -35.36 66.53 6.66
N PHE A 480 -35.58 65.49 7.45
CA PHE A 480 -34.90 64.21 7.31
C PHE A 480 -35.83 63.19 6.69
N VAL A 481 -35.28 62.31 5.87
CA VAL A 481 -36.06 61.29 5.17
C VAL A 481 -35.49 59.93 5.55
N SER A 482 -36.36 58.99 5.89
CA SER A 482 -35.97 57.67 6.35
C SER A 482 -36.64 56.59 5.51
N VAL A 483 -36.03 55.41 5.51
CA VAL A 483 -36.57 54.23 4.84
C VAL A 483 -37.66 53.67 5.73
N LYS A 484 -38.79 53.30 5.14
CA LYS A 484 -39.95 52.82 5.90
C LYS A 484 -39.62 51.56 6.70
N GLU A 485 -38.88 50.64 6.08
CA GLU A 485 -38.58 49.36 6.72
C GLU A 485 -37.81 49.55 8.02
N GLN A 486 -36.74 50.33 7.99
CA GLN A 486 -35.93 50.53 9.19
C GLN A 486 -36.25 51.85 9.85
N ILE A 492 -36.31 46.77 19.69
CA ILE A 492 -35.10 46.16 20.24
C ILE A 492 -35.08 44.67 19.98
N PRO A 493 -34.31 44.23 18.99
CA PRO A 493 -34.24 42.80 18.70
C PRO A 493 -33.58 42.03 19.83
N GLU A 494 -33.96 40.76 19.93
CA GLU A 494 -33.43 39.89 20.97
C GLU A 494 -32.00 39.49 20.66
N GLY A 495 -31.24 39.18 21.71
CA GLY A 495 -29.89 38.71 21.57
C GLY A 495 -28.87 39.82 21.77
N PRO A 496 -27.64 39.44 22.14
CA PRO A 496 -26.59 40.44 22.34
C PRO A 496 -26.14 41.03 21.01
N ALA A 497 -26.03 42.35 20.96
CA ALA A 497 -25.63 43.03 19.75
C ALA A 497 -24.11 42.98 19.58
N LYS A 498 -23.66 43.50 18.43
CA LYS A 498 -22.24 43.56 18.15
C LYS A 498 -21.59 44.59 19.07
N PRO A 499 -20.28 44.51 19.27
CA PRO A 499 -19.60 45.47 20.15
C PRO A 499 -19.80 46.91 19.67
N GLY A 500 -20.01 47.80 20.63
CA GLY A 500 -20.20 49.21 20.34
C GLY A 500 -21.60 49.62 19.95
N PHE A 501 -22.53 48.67 19.85
CA PHE A 501 -23.88 48.94 19.36
C PHE A 501 -24.84 48.90 20.54
N LEU A 502 -25.65 49.94 20.69
CA LEU A 502 -26.54 49.99 21.84
C LEU A 502 -27.80 50.79 21.50
N TYR A 503 -28.73 50.78 22.46
CA TYR A 503 -30.02 51.46 22.35
C TYR A 503 -30.19 52.38 23.53
N THR A 504 -30.78 53.56 23.29
CA THR A 504 -31.12 54.49 24.35
C THR A 504 -32.50 55.07 24.09
N ILE A 505 -33.04 55.78 25.07
CA ILE A 505 -34.30 56.49 24.92
C ILE A 505 -34.11 57.91 25.44
N GLY A 506 -34.53 58.89 24.65
CA GLY A 506 -34.30 60.27 25.01
C GLY A 506 -35.44 61.17 24.60
N LEU A 507 -35.55 62.29 25.30
CA LEU A 507 -36.59 63.27 25.02
C LEU A 507 -36.19 64.11 23.81
N SER A 508 -37.02 64.05 22.76
CA SER A 508 -36.76 64.85 21.58
C SER A 508 -36.84 66.33 21.92
N ASN A 509 -36.42 67.17 20.96
CA ASN A 509 -36.48 68.61 21.15
C ASN A 509 -37.90 69.11 21.38
N LYS A 510 -38.90 68.33 20.97
CA LYS A 510 -40.30 68.61 21.26
C LYS A 510 -40.75 68.02 22.58
N GLY A 511 -39.86 67.32 23.29
CA GLY A 511 -40.18 66.74 24.58
C GLY A 511 -40.87 65.40 24.55
N MET A 512 -41.07 64.79 23.37
CA MET A 512 -41.74 63.50 23.31
C MET A 512 -40.71 62.40 23.14
N PRO A 513 -40.62 61.48 24.10
CA PRO A 513 -39.49 60.53 24.14
C PRO A 513 -39.47 59.58 22.95
N GLY A 514 -38.28 59.16 22.58
CA GLY A 514 -38.10 58.26 21.45
C GLY A 514 -36.90 57.37 21.65
N LEU A 515 -36.92 56.24 20.93
CA LEU A 515 -35.86 55.25 20.97
C LEU A 515 -34.82 55.53 19.89
N TYR A 516 -33.55 55.53 20.28
CA TYR A 516 -32.47 55.86 19.36
C TYR A 516 -31.41 54.78 19.44
N ARG A 517 -30.65 54.61 18.36
CA ARG A 517 -29.63 53.57 18.25
C ARG A 517 -28.27 54.20 18.06
N LEU A 518 -27.28 53.69 18.80
CA LEU A 518 -25.91 54.16 18.67
C LEU A 518 -25.05 53.05 18.08
N GLU A 519 -24.37 53.37 16.98
CA GLU A 519 -23.55 52.41 16.23
C GLU A 519 -22.13 52.94 16.23
N LEU A 520 -21.22 52.25 16.91
CA LEU A 520 -19.85 52.74 17.04
C LEU A 520 -18.86 51.72 16.48
N GLN A 521 -17.86 52.20 15.77
CA GLN A 521 -16.82 51.35 15.19
C GLN A 521 -15.45 51.92 15.54
N VAL A 522 -14.46 51.05 15.66
CA VAL A 522 -13.12 51.41 16.11
C VAL A 522 -12.12 50.95 15.07
N THR A 523 -11.15 51.82 14.77
CA THR A 523 -10.03 51.49 13.90
C THR A 523 -8.74 51.92 14.59
N LYS A 524 -7.61 51.51 14.03
CA LYS A 524 -6.33 52.02 14.51
C LYS A 524 -6.13 53.45 14.01
N GLY A 525 -5.75 54.34 14.92
CA GLY A 525 -5.58 55.73 14.55
C GLY A 525 -4.92 56.59 15.59
N SER A 526 -5.28 57.88 15.62
CA SER A 526 -4.65 58.86 16.51
C SER A 526 -5.65 59.52 17.44
N GLY A 527 -6.67 58.80 17.88
CA GLY A 527 -7.67 59.36 18.76
C GLY A 527 -8.69 60.25 18.08
N LYS A 528 -8.75 60.24 16.76
CA LYS A 528 -9.70 61.07 16.02
C LYS A 528 -11.12 60.57 16.23
N LEU A 529 -12.05 61.50 16.37
CA LEU A 529 -13.47 61.20 16.57
C LEU A 529 -14.24 61.56 15.31
N ALA A 530 -14.95 60.58 14.76
CA ALA A 530 -15.82 60.80 13.60
C ALA A 530 -17.27 60.69 14.05
N THR A 531 -18.08 61.65 13.63
CA THR A 531 -19.48 61.70 14.03
C THR A 531 -20.36 61.67 12.79
N SER A 532 -21.44 60.90 12.87
CA SER A 532 -22.37 60.79 11.77
C SER A 532 -23.78 60.65 12.31
N GLY A 533 -24.72 61.27 11.61
CA GLY A 533 -26.11 61.21 12.03
C GLY A 533 -26.40 61.94 13.32
N LEU A 534 -25.49 62.80 13.77
CA LEU A 534 -25.70 63.58 14.98
C LEU A 534 -26.63 64.77 14.73
N TRP A 535 -27.22 64.86 13.54
CA TRP A 535 -28.29 65.80 13.26
C TRP A 535 -27.79 67.24 13.34
N ASN A 536 -26.50 67.41 13.04
CA ASN A 536 -25.74 68.67 13.04
C ASN A 536 -26.16 69.60 14.17
N SER A 537 -26.44 69.03 15.34
CA SER A 537 -26.86 69.80 16.50
C SER A 537 -25.63 70.16 17.32
N SER A 538 -25.48 71.46 17.64
CA SER A 538 -24.38 71.91 18.46
C SER A 538 -24.43 71.28 19.84
N SER A 539 -25.63 71.17 20.42
CA SER A 539 -25.78 70.55 21.73
C SER A 539 -25.38 69.08 21.71
N ALA A 540 -25.85 68.34 20.70
CA ALA A 540 -25.51 66.92 20.61
C ALA A 540 -24.02 66.73 20.38
N LYS A 541 -23.43 67.53 19.50
CA LYS A 541 -21.99 67.41 19.25
C LYS A 541 -21.21 67.74 20.50
N GLU A 542 -21.64 68.77 21.25
CA GLU A 542 -20.97 69.11 22.50
C GLU A 542 -21.07 67.98 23.52
N GLN A 543 -22.24 67.34 23.61
CA GLN A 543 -22.39 66.23 24.54
C GLN A 543 -21.47 65.08 24.14
N VAL A 544 -21.38 64.78 22.85
CA VAL A 544 -20.49 63.71 22.39
C VAL A 544 -19.03 64.06 22.70
N LYS A 545 -18.65 65.32 22.48
CA LYS A 545 -17.30 65.75 22.80
C LYS A 545 -17.00 65.62 24.28
N ILE A 546 -17.96 65.99 25.13
CA ILE A 546 -17.77 65.91 26.57
C ILE A 546 -17.59 64.45 26.99
N ALA A 547 -18.42 63.57 26.44
CA ALA A 547 -18.30 62.15 26.74
C ALA A 547 -16.96 61.59 26.28
N PHE A 548 -16.51 61.99 25.09
CA PHE A 548 -15.22 61.52 24.58
C PHE A 548 -14.08 62.02 25.45
N ASP A 549 -14.16 63.26 25.91
CA ASP A 549 -13.13 63.80 26.81
C ASP A 549 -13.10 63.05 28.13
N TYR A 550 -14.28 62.75 28.69
CA TYR A 550 -14.32 61.99 29.93
C TYR A 550 -13.80 60.57 29.72
N PHE A 551 -14.08 59.99 28.56
CA PHE A 551 -13.55 58.68 28.21
C PHE A 551 -12.04 58.70 28.13
N LYS A 552 -11.47 59.74 27.53
CA LYS A 552 -10.02 59.90 27.50
C LYS A 552 -9.46 60.05 28.91
N ALA A 553 -10.12 60.84 29.75
CA ALA A 553 -9.61 61.09 31.09
C ALA A 553 -9.65 59.84 31.96
N ASN A 554 -10.73 59.08 31.89
CA ASN A 554 -10.93 57.92 32.76
C ASN A 554 -10.70 56.60 32.03
N ALA A 555 -9.79 56.58 31.05
CA ALA A 555 -9.57 55.36 30.27
C ALA A 555 -9.01 54.23 31.14
N SER A 556 -8.12 54.57 32.08
CA SER A 556 -7.52 53.55 32.93
C SER A 556 -8.56 52.88 33.83
N ARG A 557 -9.52 53.65 34.35
CA ARG A 557 -10.51 53.10 35.27
C ARG A 557 -11.56 52.25 34.56
N ILE A 558 -11.62 52.31 33.24
CA ILE A 558 -12.65 51.65 32.47
C ILE A 558 -12.11 50.49 31.65
N SER A 559 -10.95 50.68 31.01
CA SER A 559 -10.39 49.71 30.08
C SER A 559 -9.29 48.86 30.69
N GLY A 560 -8.52 49.40 31.63
CA GLY A 560 -7.46 48.63 32.26
C GLY A 560 -6.25 48.37 31.37
N GLY A 561 -5.98 49.26 30.42
CA GLY A 561 -4.80 49.13 29.61
C GLY A 561 -4.97 49.52 28.15
N SER A 562 -6.21 49.56 27.67
CA SER A 562 -6.48 49.92 26.29
C SER A 562 -6.21 51.40 26.09
N LYS A 563 -5.45 51.73 25.05
CA LYS A 563 -4.97 53.10 24.84
C LYS A 563 -5.89 53.82 23.86
N VAL A 564 -6.49 54.92 24.30
CA VAL A 564 -7.42 55.67 23.46
C VAL A 564 -6.69 56.36 22.33
N MET A 565 -5.49 56.88 22.61
CA MET A 565 -4.76 57.65 21.61
C MET A 565 -4.32 56.82 20.41
N GLU A 566 -4.29 55.49 20.53
CA GLU A 566 -3.90 54.62 19.42
C GLU A 566 -5.07 54.21 18.55
N HIS A 567 -6.30 54.56 18.92
CA HIS A 567 -7.49 54.10 18.22
C HIS A 567 -8.39 55.29 17.88
N ASP A 568 -8.99 55.24 16.70
CA ASP A 568 -9.97 56.23 16.27
C ASP A 568 -11.37 55.64 16.31
N PHE A 569 -12.32 56.43 16.76
CA PHE A 569 -13.70 55.97 16.97
C PHE A 569 -14.63 56.73 16.03
N HIS A 570 -15.59 56.01 15.46
CA HIS A 570 -16.63 56.60 14.61
C HIS A 570 -17.98 56.22 15.21
N LEU A 571 -18.77 57.23 15.58
CA LEU A 571 -20.08 57.02 16.16
C LEU A 571 -21.15 57.51 15.19
N HIS A 572 -22.24 56.76 15.11
CA HIS A 572 -23.30 57.00 14.14
C HIS A 572 -24.64 56.88 14.87
N VAL A 573 -25.45 57.93 14.76
CA VAL A 573 -26.72 58.00 15.48
C VAL A 573 -27.84 57.65 14.51
N VAL A 574 -28.71 56.73 14.92
CA VAL A 574 -29.82 56.25 14.10
C VAL A 574 -31.12 56.54 14.82
N GLU A 575 -32.04 57.19 14.12
CA GLU A 575 -33.37 57.47 14.65
C GLU A 575 -34.37 56.48 14.07
N LEU A 576 -35.11 55.79 14.93
CA LEU A 576 -35.97 54.70 14.50
C LEU A 576 -37.46 54.99 14.68
N GLN A 577 -37.82 56.08 15.37
CA GLN A 577 -39.22 56.42 15.57
C GLN A 577 -39.59 57.80 15.04
N ASN A 578 -38.70 58.50 14.35
CA ASN A 578 -38.96 59.83 13.78
C ASN A 578 -39.37 60.82 14.85
N THR A 579 -38.87 60.62 16.06
CA THR A 579 -39.30 61.45 17.19
C THR A 579 -38.67 62.83 17.18
N GLY A 580 -37.47 62.97 16.64
CA GLY A 580 -36.84 64.26 16.56
C GLY A 580 -35.45 64.27 17.17
N PRO A 581 -34.76 65.40 17.05
CA PRO A 581 -33.40 65.49 17.58
C PRO A 581 -33.36 65.41 19.10
N LEU A 582 -32.27 64.87 19.62
CA LEU A 582 -32.08 64.67 21.05
C LEU A 582 -30.89 65.48 21.53
N SER A 583 -30.98 65.98 22.77
CA SER A 583 -29.89 66.73 23.38
C SER A 583 -29.03 65.85 24.29
N HIS A 584 -29.66 65.10 25.18
CA HIS A 584 -28.92 64.31 26.16
C HIS A 584 -28.37 63.05 25.51
N LEU A 585 -27.07 63.03 25.25
CA LEU A 585 -26.45 61.86 24.65
C LEU A 585 -25.07 61.54 25.22
N ALA A 586 -24.60 62.24 26.24
CA ALA A 586 -23.23 62.05 26.72
C ALA A 586 -23.05 60.67 27.33
N LEU A 587 -23.93 60.27 28.24
CA LEU A 587 -23.80 58.97 28.89
C LEU A 587 -23.91 57.81 27.91
N PRO A 588 -24.93 57.72 27.05
CA PRO A 588 -24.95 56.60 26.09
C PRO A 588 -23.76 56.59 25.16
N SER A 589 -23.29 57.77 24.75
CA SER A 589 -22.10 57.81 23.90
C SER A 589 -20.87 57.30 24.64
N LEU A 590 -20.73 57.66 25.92
CA LEU A 590 -19.61 57.15 26.71
C LEU A 590 -19.68 55.64 26.83
N VAL A 591 -20.87 55.11 27.05
CA VAL A 591 -21.05 53.66 27.09
C VAL A 591 -20.67 53.05 25.75
N ALA A 592 -21.01 53.73 24.65
CA ALA A 592 -20.67 53.24 23.32
C ALA A 592 -19.16 53.18 23.12
N PHE A 593 -18.45 54.24 23.51
CA PHE A 593 -16.99 54.23 23.39
C PHE A 593 -16.39 53.11 24.24
N ALA A 594 -16.88 52.95 25.46
CA ALA A 594 -16.34 51.93 26.35
C ALA A 594 -16.57 50.54 25.76
N SER A 595 -17.75 50.29 25.20
CA SER A 595 -18.03 48.99 24.62
C SER A 595 -17.20 48.75 23.36
N GLY A 596 -17.07 49.76 22.50
CA GLY A 596 -16.32 49.59 21.28
C GLY A 596 -14.84 49.38 21.50
N LEU A 597 -14.25 50.17 22.41
CA LEU A 597 -12.82 50.04 22.67
C LEU A 597 -12.49 48.69 23.28
N LEU A 598 -13.30 48.22 24.23
CA LEU A 598 -13.04 46.95 24.88
C LEU A 598 -13.55 45.75 24.10
N GLY A 599 -14.42 45.95 23.11
CA GLY A 599 -14.96 44.82 22.38
C GLY A 599 -15.86 43.93 23.20
N ARG A 600 -16.52 44.47 24.21
CA ARG A 600 -17.42 43.72 25.07
C ARG A 600 -18.85 44.10 24.73
N SER A 601 -19.65 43.09 24.37
CA SER A 601 -21.02 43.36 23.95
C SER A 601 -21.90 43.74 25.13
N VAL A 602 -22.74 44.76 24.94
CA VAL A 602 -23.67 45.18 25.96
C VAL A 602 -24.74 44.11 26.14
N GLN A 603 -25.28 44.02 27.36
CA GLN A 603 -26.34 43.05 27.64
C GLN A 603 -27.54 43.29 26.74
N SER A 604 -28.16 42.20 26.28
CA SER A 604 -29.24 42.29 25.33
C SER A 604 -30.45 43.00 25.93
N GLN A 605 -31.11 43.81 25.11
CA GLN A 605 -32.37 44.46 25.45
C GLN A 605 -32.26 45.31 26.71
N MET A 606 -31.14 46.03 26.84
CA MET A 606 -30.95 46.97 27.94
C MET A 606 -31.07 48.39 27.42
N VAL A 607 -31.74 49.24 28.21
CA VAL A 607 -31.90 50.65 27.89
C VAL A 607 -31.17 51.46 28.95
N VAL A 608 -30.24 52.30 28.50
CA VAL A 608 -29.45 53.16 29.38
C VAL A 608 -30.07 54.55 29.36
N LEU A 609 -30.53 55.01 30.52
CA LEU A 609 -31.14 56.33 30.65
C LEU A 609 -30.30 57.21 31.56
N GLY A 610 -30.52 58.51 31.44
CA GLY A 610 -29.76 59.50 32.18
C GLY A 610 -28.65 60.10 31.34
N ASP A 611 -28.12 61.22 31.84
CA ASP A 611 -27.04 61.94 31.17
C ASP A 611 -25.96 62.23 32.18
N MET A 612 -24.80 62.66 31.68
CA MET A 612 -23.63 62.88 32.51
C MET A 612 -22.99 64.22 32.18
N SER A 613 -22.29 64.78 33.16
CA SER A 613 -21.55 66.02 33.00
C SER A 613 -20.05 65.72 32.93
N LEU A 614 -19.29 66.72 32.48
CA LEU A 614 -17.85 66.55 32.30
C LEU A 614 -17.16 66.14 33.59
N GLY A 615 -17.64 66.63 34.73
CA GLY A 615 -17.06 66.27 36.00
C GLY A 615 -17.49 64.92 36.54
N GLY A 616 -18.37 64.22 35.82
CA GLY A 616 -18.85 62.92 36.26
C GLY A 616 -20.15 62.96 37.03
N SER A 617 -20.85 64.09 37.06
CA SER A 617 -22.12 64.17 37.75
C SER A 617 -23.23 63.60 36.88
N VAL A 618 -23.99 62.68 37.46
CA VAL A 618 -25.07 61.99 36.75
C VAL A 618 -26.36 62.76 36.95
N THR A 619 -27.12 62.93 35.88
CA THR A 619 -28.36 63.69 35.96
C THR A 619 -29.57 62.76 35.99
N PRO A 620 -30.63 63.13 36.71
CA PRO A 620 -31.82 62.28 36.75
C PRO A 620 -32.53 62.23 35.41
N VAL A 621 -33.26 61.14 35.17
CA VAL A 621 -33.95 60.94 33.91
C VAL A 621 -35.25 61.72 33.92
N GLU A 622 -35.43 62.59 32.93
CA GLU A 622 -36.69 63.31 32.79
C GLU A 622 -37.74 62.41 32.15
N SER A 623 -38.96 62.47 32.68
CA SER A 623 -40.08 61.68 32.19
C SER A 623 -39.73 60.19 32.17
N ILE A 624 -39.33 59.68 33.34
CA ILE A 624 -38.86 58.31 33.43
C ILE A 624 -39.96 57.33 33.05
N ALA A 625 -41.19 57.59 33.49
CA ALA A 625 -42.30 56.67 33.19
C ALA A 625 -42.55 56.60 31.69
N GLU A 626 -42.57 57.75 31.01
CA GLU A 626 -42.81 57.74 29.56
C GLU A 626 -41.73 56.96 28.84
N CYS A 627 -40.47 57.17 29.21
CA CYS A 627 -39.38 56.38 28.64
C CYS A 627 -39.58 54.90 28.95
N LEU A 628 -40.19 54.58 30.09
CA LEU A 628 -40.37 53.18 30.45
C LEU A 628 -41.43 52.50 29.58
N GLN A 629 -42.57 53.15 29.34
CA GLN A 629 -43.52 52.52 28.41
C GLN A 629 -42.98 52.53 26.98
N VAL A 630 -42.14 53.52 26.65
CA VAL A 630 -41.47 53.47 25.34
C VAL A 630 -40.59 52.23 25.25
N ALA A 631 -39.83 51.94 26.31
CA ALA A 631 -38.97 50.76 26.35
C ALA A 631 -39.81 49.48 26.26
N PHE A 632 -40.93 49.44 26.99
CA PHE A 632 -41.79 48.27 26.95
C PHE A 632 -42.35 48.05 25.54
N ASP A 633 -42.73 49.14 24.88
CA ASP A 633 -43.21 49.03 23.50
C ASP A 633 -42.07 48.66 22.55
N ALA A 634 -40.83 49.03 22.92
CA ALA A 634 -39.67 48.73 22.08
C ALA A 634 -39.16 47.31 22.26
N GLY A 635 -39.71 46.55 23.22
CA GLY A 635 -39.22 45.22 23.49
C GLY A 635 -38.07 45.15 24.48
N ALA A 636 -37.88 46.19 25.29
CA ALA A 636 -36.77 46.22 26.23
C ALA A 636 -36.99 45.23 27.37
N LYS A 637 -35.88 44.70 27.90
CA LYS A 637 -35.93 43.78 29.03
C LYS A 637 -35.06 44.21 30.20
N LYS A 638 -34.07 45.08 29.98
CA LYS A 638 -33.19 45.56 31.03
C LYS A 638 -33.19 47.08 31.02
N VAL A 639 -33.00 47.68 32.19
CA VAL A 639 -32.94 49.13 32.33
C VAL A 639 -31.78 49.49 33.25
N ALA A 640 -31.04 50.52 32.88
CA ALA A 640 -29.96 51.07 33.69
C ALA A 640 -30.40 52.44 34.21
N LEU A 641 -30.32 52.63 35.53
CA LEU A 641 -30.88 53.83 36.12
C LEU A 641 -29.89 54.49 37.08
N PRO A 642 -29.86 55.82 37.13
CA PRO A 642 -29.04 56.50 38.13
C PRO A 642 -29.70 56.50 39.50
N MET A 643 -28.91 56.79 40.53
CA MET A 643 -29.45 56.75 41.89
C MET A 643 -30.50 57.84 42.11
N SER A 644 -30.28 59.03 41.54
CA SER A 644 -31.20 60.14 41.75
C SER A 644 -32.58 59.87 41.16
N SER A 645 -32.66 59.02 40.14
CA SER A 645 -33.95 58.63 39.58
C SER A 645 -34.69 57.64 40.45
N ALA A 646 -34.05 57.10 41.49
CA ALA A 646 -34.73 56.20 42.42
C ALA A 646 -35.86 56.91 43.15
N ALA A 647 -35.71 58.21 43.40
CA ALA A 647 -36.80 58.97 44.00
C ALA A 647 -38.01 59.02 43.08
N ASP A 648 -37.82 58.78 41.78
CA ASP A 648 -38.92 58.68 40.84
C ASP A 648 -39.50 57.27 40.73
N ILE A 649 -38.94 56.31 41.48
CA ILE A 649 -39.51 54.96 41.48
C ILE A 649 -40.96 54.95 41.93
N PRO A 650 -41.36 55.65 43.01
CA PRO A 650 -42.79 55.62 43.40
C PRO A 650 -43.73 56.14 42.32
N THR A 651 -43.28 57.04 41.46
CA THR A 651 -44.13 57.56 40.39
C THR A 651 -44.37 56.54 39.28
N ILE A 652 -43.64 55.43 39.26
CA ILE A 652 -43.76 54.43 38.20
C ILE A 652 -44.89 53.46 38.53
N PRO A 653 -45.71 53.08 37.55
CA PRO A 653 -46.68 52.00 37.77
C PRO A 653 -45.97 50.70 38.11
N VAL A 654 -46.58 49.92 39.00
CA VAL A 654 -45.95 48.69 39.48
C VAL A 654 -45.83 47.67 38.36
N GLU A 655 -46.89 47.49 37.57
CA GLU A 655 -46.90 46.46 36.53
C GLU A 655 -45.83 46.72 35.48
N LEU A 656 -45.64 47.97 35.08
CA LEU A 656 -44.60 48.29 34.10
C LEU A 656 -43.21 48.07 34.68
N PHE A 657 -43.00 48.46 35.94
CA PHE A 657 -41.67 48.35 36.54
C PHE A 657 -41.32 46.89 36.80
N THR A 658 -42.32 46.04 36.97
CA THR A 658 -42.04 44.61 37.19
C THR A 658 -41.52 43.91 35.94
N LYS A 659 -41.63 44.52 34.76
CA LYS A 659 -41.22 43.88 33.53
C LYS A 659 -39.74 44.05 33.22
N PHE A 660 -39.04 44.93 33.92
CA PHE A 660 -37.65 45.26 33.59
C PHE A 660 -36.72 44.85 34.71
N GLN A 661 -35.59 44.25 34.33
CA GLN A 661 -34.53 43.90 35.28
C GLN A 661 -33.68 45.14 35.52
N THR A 662 -33.90 45.79 36.67
CA THR A 662 -33.24 47.05 36.97
C THR A 662 -31.76 46.82 37.28
N SER A 663 -30.94 47.79 36.87
CA SER A 663 -29.49 47.70 37.07
C SER A 663 -28.91 49.03 37.55
N PHE A 664 -29.46 49.57 38.65
CA PHE A 664 -29.07 50.87 39.16
C PHE A 664 -27.55 51.04 39.20
N TYR A 665 -27.04 51.94 38.37
CA TYR A 665 -25.60 52.18 38.27
C TYR A 665 -25.19 53.33 39.19
N ALA A 666 -23.98 53.83 38.97
CA ALA A 666 -23.40 54.91 39.76
C ALA A 666 -22.55 55.77 38.84
N ASP A 667 -21.60 56.51 39.41
CA ASP A 667 -20.67 57.37 38.69
C ASP A 667 -20.26 56.72 37.37
N PRO A 668 -20.19 57.51 36.28
CA PRO A 668 -20.13 56.93 34.92
C PRO A 668 -19.26 55.70 34.75
N VAL A 669 -18.18 55.58 35.53
CA VAL A 669 -17.37 54.37 35.48
C VAL A 669 -18.21 53.16 35.90
N ASP A 670 -18.98 53.29 36.98
CA ASP A 670 -19.84 52.20 37.40
C ASP A 670 -20.98 51.99 36.41
N ALA A 671 -21.41 53.06 35.74
CA ALA A 671 -22.41 52.91 34.68
C ALA A 671 -21.86 52.04 33.56
N VAL A 672 -20.61 52.25 33.16
CA VAL A 672 -19.96 51.40 32.18
C VAL A 672 -19.86 49.96 32.68
N PHE A 673 -19.47 49.80 33.95
CA PHE A 673 -19.31 48.45 34.49
C PHE A 673 -20.64 47.71 34.50
N LYS A 674 -21.72 48.40 34.84
CA LYS A 674 -23.06 47.80 34.75
C LYS A 674 -23.42 47.47 33.31
N GLY A 675 -23.13 48.38 32.39
CA GLY A 675 -23.51 48.15 31.00
C GLY A 675 -22.81 46.96 30.37
N LEU A 676 -21.51 46.80 30.65
CA LEU A 676 -20.72 45.74 30.05
C LEU A 676 -21.05 44.37 30.62
N GLY A 677 -21.65 44.29 31.80
CA GLY A 677 -21.95 43.01 32.43
C GLY A 677 -20.72 42.31 32.98
N SER B 3 -79.85 4.46 -40.25
CA SER B 3 -79.38 4.64 -41.62
C SER B 3 -80.23 5.68 -42.36
N ALA B 4 -81.50 5.78 -41.99
CA ALA B 4 -82.40 6.74 -42.62
C ALA B 4 -81.90 8.17 -42.40
N ASN B 5 -81.60 8.52 -41.15
CA ASN B 5 -81.02 9.82 -40.87
C ASN B 5 -79.64 9.95 -41.51
N ASP B 6 -78.88 8.85 -41.53
CA ASP B 6 -77.59 8.86 -42.20
C ASP B 6 -77.75 9.07 -43.70
N LYS B 7 -78.78 8.47 -44.29
CA LYS B 7 -79.05 8.71 -45.70
C LYS B 7 -79.43 10.17 -45.93
N GLU B 8 -80.21 10.76 -45.03
CA GLU B 8 -80.53 12.18 -45.17
C GLU B 8 -79.27 13.03 -45.07
N LEU B 9 -78.38 12.66 -44.16
CA LEU B 9 -77.10 13.33 -44.01
C LEU B 9 -76.32 13.27 -45.31
N ASP B 10 -76.29 12.11 -45.94
CA ASP B 10 -75.58 11.92 -47.20
C ASP B 10 -76.21 12.75 -48.32
N GLN B 11 -77.54 12.80 -48.38
CA GLN B 11 -78.20 13.63 -49.37
C GLN B 11 -77.83 15.09 -49.18
N LEU B 12 -77.88 15.57 -47.93
CA LEU B 12 -77.55 16.97 -47.65
C LEU B 12 -76.09 17.27 -48.02
N LEU B 13 -75.17 16.38 -47.63
CA LEU B 13 -73.77 16.58 -47.95
C LEU B 13 -73.54 16.55 -49.45
N ASN B 14 -74.28 15.71 -50.15
CA ASN B 14 -74.11 15.57 -51.59
C ASN B 14 -74.92 16.63 -52.34
N GLU B 15 -75.56 17.53 -51.60
CA GLU B 15 -76.36 18.59 -52.21
C GLU B 15 -75.77 19.96 -51.92
N HIS B 16 -75.50 20.23 -50.64
CA HIS B 16 -74.98 21.54 -50.23
C HIS B 16 -73.47 21.62 -50.29
N PHE B 17 -72.79 20.51 -50.58
CA PHE B 17 -71.34 20.52 -50.67
C PHE B 17 -70.87 19.73 -51.88
N ALA B 18 -71.48 19.98 -53.03
CA ALA B 18 -71.21 19.20 -54.23
C ALA B 18 -69.75 19.32 -54.62
N GLY B 19 -69.19 18.20 -55.09
CA GLY B 19 -67.81 18.17 -55.55
C GLY B 19 -66.80 18.46 -54.46
N ARG B 20 -67.20 18.24 -53.20
CA ARG B 20 -66.30 18.48 -52.09
C ARG B 20 -66.43 17.34 -51.09
N VAL B 21 -67.21 16.33 -51.44
CA VAL B 21 -67.54 15.23 -50.54
C VAL B 21 -67.23 13.91 -51.22
N VAL B 22 -66.55 13.02 -50.49
CA VAL B 22 -66.17 11.71 -51.03
C VAL B 22 -66.38 10.65 -49.97
N ARG B 23 -66.74 9.44 -50.39
CA ARG B 23 -66.73 8.30 -49.48
C ARG B 23 -65.31 8.01 -49.03
N LYS B 24 -65.15 7.66 -47.76
CA LYS B 24 -63.82 7.52 -47.17
C LYS B 24 -63.32 6.08 -47.19
N ASP B 25 -63.76 5.28 -48.16
CA ASP B 25 -63.21 3.96 -48.38
C ASP B 25 -62.40 3.87 -49.66
N LEU B 26 -62.89 4.44 -50.76
CA LEU B 26 -62.23 4.36 -52.04
C LEU B 26 -60.84 4.97 -52.02
N THR B 27 -60.69 6.08 -51.29
CA THR B 27 -59.38 6.71 -51.19
C THR B 27 -58.35 5.74 -50.63
N LYS B 28 -58.76 4.90 -49.68
CA LYS B 28 -57.86 3.86 -49.20
C LYS B 28 -57.57 2.84 -50.29
N LEU B 29 -58.57 2.52 -51.10
CA LEU B 29 -58.37 1.55 -52.18
C LEU B 29 -57.40 2.07 -53.24
N ILE B 30 -57.21 3.38 -53.33
CA ILE B 30 -56.38 3.93 -54.40
C ILE B 30 -55.03 4.40 -53.88
N LYS B 31 -54.96 4.77 -52.60
CA LYS B 31 -53.75 5.36 -52.05
C LYS B 31 -52.56 4.41 -52.15
N GLU B 32 -52.61 3.31 -51.38
CA GLU B 32 -51.51 2.36 -51.23
C GLU B 32 -50.14 2.96 -51.50
N GLY B 33 -49.66 2.83 -52.74
CA GLY B 33 -48.36 3.32 -53.09
C GLY B 33 -48.31 4.09 -54.39
N ALA B 34 -49.38 4.81 -54.70
CA ALA B 34 -49.45 5.59 -55.92
C ALA B 34 -48.84 6.96 -55.70
N ASN B 35 -48.71 7.69 -56.80
CA ASN B 35 -48.18 9.04 -56.81
C ASN B 35 -49.25 10.01 -56.32
N VAL B 36 -49.05 11.30 -56.62
CA VAL B 36 -50.10 12.32 -56.54
C VAL B 36 -50.85 12.26 -55.21
N PRO B 37 -50.32 12.91 -54.16
CA PRO B 37 -50.70 12.57 -52.78
C PRO B 37 -52.20 12.54 -52.53
N VAL B 38 -52.53 11.99 -51.36
CA VAL B 38 -53.87 11.50 -50.99
C VAL B 38 -54.98 12.43 -51.43
N TYR B 39 -54.88 13.70 -51.03
CA TYR B 39 -55.95 14.66 -51.31
C TYR B 39 -56.13 14.96 -52.80
N VAL B 40 -55.10 14.70 -53.61
CA VAL B 40 -55.31 14.74 -55.06
C VAL B 40 -56.28 13.64 -55.46
N LEU B 41 -56.05 12.44 -54.95
CA LEU B 41 -56.95 11.31 -55.21
C LEU B 41 -58.35 11.60 -54.70
N GLU B 42 -58.44 12.19 -53.51
CA GLU B 42 -59.74 12.51 -52.94
C GLU B 42 -60.51 13.48 -53.81
N TYR B 43 -59.89 14.56 -54.26
CA TYR B 43 -60.60 15.48 -55.15
C TYR B 43 -60.96 14.80 -56.46
N LEU B 44 -60.06 14.00 -57.01
CA LEU B 44 -60.31 13.40 -58.31
C LEU B 44 -61.48 12.43 -58.25
N LEU B 45 -61.62 11.70 -57.15
CA LEU B 45 -62.77 10.82 -56.98
C LEU B 45 -64.06 11.61 -56.82
N GLY B 46 -63.97 12.86 -56.38
CA GLY B 46 -65.15 13.66 -56.12
C GLY B 46 -65.99 13.93 -57.34
N MET B 47 -65.41 13.77 -58.53
CA MET B 47 -66.14 14.03 -59.76
C MET B 47 -66.80 12.78 -60.31
N TYR B 48 -66.06 11.67 -60.33
CA TYR B 48 -66.61 10.41 -60.84
C TYR B 48 -67.32 9.66 -59.72
N CYS B 49 -68.22 10.32 -59.02
CA CYS B 49 -68.86 9.68 -57.86
C CYS B 49 -70.33 10.08 -57.79
N ALA B 50 -70.83 10.74 -58.84
CA ALA B 50 -72.20 11.21 -58.82
C ALA B 50 -73.17 10.06 -58.98
N SER B 51 -73.13 9.10 -58.04
CA SER B 51 -73.98 7.92 -58.06
C SER B 51 -73.77 7.11 -56.78
N ASP B 52 -74.58 6.06 -56.61
CA ASP B 52 -74.44 5.15 -55.48
C ASP B 52 -74.96 3.77 -55.86
N ASP B 53 -74.07 2.86 -56.22
CA ASP B 53 -74.44 1.54 -56.72
C ASP B 53 -73.18 0.69 -56.85
N PRO B 54 -73.31 -0.64 -56.88
CA PRO B 54 -72.16 -1.47 -57.27
C PRO B 54 -71.63 -1.12 -58.65
N GLU B 55 -72.51 -0.61 -59.52
CA GLU B 55 -72.07 -0.10 -60.81
C GLU B 55 -71.53 1.31 -60.62
N ILE B 56 -71.21 2.00 -61.71
CA ILE B 56 -70.39 3.20 -61.64
C ILE B 56 -69.21 2.89 -60.74
N ILE B 57 -69.16 3.56 -59.57
CA ILE B 57 -68.11 3.45 -58.55
C ILE B 57 -66.84 2.77 -59.05
N GLU B 58 -66.91 1.48 -59.40
CA GLU B 58 -65.79 0.74 -59.95
C GLU B 58 -65.36 1.34 -61.27
N GLN B 59 -66.33 1.70 -62.12
CA GLN B 59 -66.02 2.31 -63.41
C GLN B 59 -65.31 3.64 -63.23
N GLY B 60 -65.82 4.48 -62.34
CA GLY B 60 -65.18 5.75 -62.08
C GLY B 60 -63.79 5.58 -61.50
N LEU B 61 -63.66 4.58 -60.63
CA LEU B 61 -62.38 4.28 -60.01
C LEU B 61 -61.35 3.89 -61.07
N ARG B 62 -61.76 3.04 -62.01
CA ARG B 62 -60.87 2.68 -63.10
C ARG B 62 -60.58 3.84 -64.03
N ASN B 63 -61.55 4.73 -64.27
CA ASN B 63 -61.26 5.92 -65.06
C ASN B 63 -60.20 6.79 -64.40
N VAL B 64 -60.29 6.96 -63.08
CA VAL B 64 -59.24 7.68 -62.36
C VAL B 64 -57.90 6.98 -62.51
N LYS B 65 -57.90 5.67 -62.33
CA LYS B 65 -56.64 4.91 -62.36
C LYS B 65 -56.01 4.92 -63.74
N THR B 66 -56.76 5.30 -64.77
CA THR B 66 -56.21 5.38 -66.11
C THR B 66 -55.73 6.80 -66.41
N VAL B 67 -56.57 7.79 -66.12
CA VAL B 67 -56.24 9.17 -66.40
C VAL B 67 -55.03 9.58 -65.56
N LEU B 68 -54.79 8.86 -64.47
CA LEU B 68 -53.70 9.24 -63.59
C LEU B 68 -52.48 8.36 -63.82
N ALA B 69 -52.54 7.47 -64.80
CA ALA B 69 -51.45 6.54 -65.02
C ALA B 69 -50.96 6.57 -66.46
N GLU B 70 -51.70 7.22 -67.35
CA GLU B 70 -51.21 7.43 -68.69
C GLU B 70 -50.90 8.90 -68.97
N ASN B 71 -50.80 9.72 -67.94
CA ASN B 71 -50.49 11.14 -68.12
C ASN B 71 -49.51 11.61 -67.06
N TYR B 72 -48.81 10.69 -66.41
CA TYR B 72 -47.89 11.03 -65.34
C TYR B 72 -46.47 10.98 -65.89
N VAL B 73 -45.76 12.10 -65.79
CA VAL B 73 -44.38 12.16 -66.24
C VAL B 73 -43.43 12.02 -65.05
N ARG B 74 -42.51 11.09 -65.15
CA ARG B 74 -41.48 10.92 -64.15
C ARG B 74 -40.45 12.04 -64.32
N PRO B 75 -39.80 12.50 -63.26
CA PRO B 75 -38.88 13.66 -63.40
C PRO B 75 -37.77 13.45 -64.42
N ASP B 76 -37.17 12.26 -64.46
CA ASP B 76 -36.10 12.02 -65.42
C ASP B 76 -36.62 12.04 -66.85
N GLU B 77 -37.90 11.74 -67.01
CA GLU B 77 -38.53 11.71 -68.32
C GLU B 77 -38.88 13.12 -68.76
N ALA B 78 -38.61 14.09 -67.88
CA ALA B 78 -39.01 15.48 -68.13
C ALA B 78 -38.50 15.97 -69.48
N GLU B 79 -37.19 15.85 -69.70
CA GLU B 79 -36.65 16.29 -70.99
C GLU B 79 -37.42 15.69 -72.15
N LYS B 80 -37.75 14.40 -72.05
CA LYS B 80 -38.47 13.74 -73.12
C LYS B 80 -39.72 14.49 -73.51
N VAL B 81 -40.55 14.88 -72.53
CA VAL B 81 -41.84 15.45 -72.88
C VAL B 81 -41.63 16.75 -73.64
N LYS B 82 -40.54 17.48 -73.34
CA LYS B 82 -40.31 18.73 -74.03
C LYS B 82 -40.24 18.49 -75.53
N SER B 83 -39.49 17.47 -75.96
CA SER B 83 -39.41 17.21 -77.39
C SER B 83 -40.78 16.84 -77.94
N LEU B 84 -41.57 16.09 -77.18
CA LEU B 84 -42.89 15.72 -77.67
C LEU B 84 -43.76 16.95 -77.85
N VAL B 85 -43.55 17.98 -77.03
CA VAL B 85 -44.28 19.23 -77.22
C VAL B 85 -43.84 19.90 -78.52
N ARG B 86 -42.55 19.79 -78.83
CA ARG B 86 -41.99 20.49 -79.97
C ARG B 86 -42.37 19.80 -81.28
N GLU B 87 -42.49 18.47 -81.26
CA GLU B 87 -42.78 17.75 -82.49
C GLU B 87 -44.27 17.72 -82.79
N ARG B 88 -45.11 17.60 -81.76
CA ARG B 88 -46.55 17.47 -81.97
C ARG B 88 -47.28 18.80 -81.86
N GLY B 89 -46.76 19.75 -81.09
CA GLY B 89 -47.39 21.04 -80.95
C GLY B 89 -48.25 21.16 -79.70
N SER B 90 -48.66 20.02 -79.13
CA SER B 90 -49.46 20.03 -77.92
C SER B 90 -49.36 18.67 -77.25
N TYR B 91 -49.22 18.68 -75.92
CA TYR B 91 -49.07 17.41 -75.21
C TYR B 91 -49.57 17.57 -73.78
N LYS B 92 -50.10 16.48 -73.24
CA LYS B 92 -50.83 16.51 -71.99
C LYS B 92 -49.99 15.94 -70.84
N VAL B 93 -49.92 16.68 -69.74
CA VAL B 93 -49.03 16.34 -68.62
C VAL B 93 -49.73 16.57 -67.30
N ILE B 94 -49.54 15.64 -66.36
CA ILE B 94 -49.97 15.82 -64.97
C ILE B 94 -48.79 16.35 -64.19
N ASP B 95 -48.93 17.53 -63.60
CA ASP B 95 -47.82 18.12 -62.86
C ASP B 95 -48.32 19.21 -61.93
N ARG B 96 -47.46 19.61 -61.01
CA ARG B 96 -47.80 20.62 -60.02
C ARG B 96 -47.38 22.00 -60.53
N VAL B 97 -48.35 22.87 -60.79
CA VAL B 97 -48.12 24.16 -61.41
C VAL B 97 -48.21 25.25 -60.36
N THR B 98 -47.24 26.15 -60.36
CA THR B 98 -47.26 27.34 -59.53
C THR B 98 -47.16 28.59 -60.41
N VAL B 99 -48.12 29.50 -60.24
CA VAL B 99 -48.22 30.66 -61.11
C VAL B 99 -47.78 31.90 -60.35
N LYS B 100 -47.01 32.75 -61.03
CA LYS B 100 -46.48 33.97 -60.46
C LYS B 100 -46.67 35.10 -61.46
N LEU B 101 -46.76 36.32 -60.95
CA LEU B 101 -46.89 37.49 -61.81
C LEU B 101 -45.53 38.11 -62.05
N ASN B 102 -45.05 38.07 -63.30
CA ASN B 102 -43.85 38.79 -63.69
C ASN B 102 -44.28 40.23 -63.92
N GLU B 103 -43.88 41.10 -62.99
CA GLU B 103 -44.25 42.51 -63.05
C GLU B 103 -43.51 43.25 -64.14
N ARG B 104 -42.24 42.91 -64.35
CA ARG B 104 -41.43 43.62 -65.33
C ARG B 104 -41.99 43.47 -66.74
N LYS B 105 -42.45 42.28 -67.09
CA LYS B 105 -43.09 42.04 -68.37
C LYS B 105 -44.61 42.12 -68.29
N ASP B 106 -45.17 42.16 -67.09
CA ASP B 106 -46.62 42.17 -66.89
C ASP B 106 -47.28 40.95 -67.53
N LYS B 107 -46.94 39.77 -67.02
CA LYS B 107 -47.58 38.57 -67.53
C LYS B 107 -47.45 37.45 -66.51
N TYR B 108 -48.29 36.44 -66.65
CA TYR B 108 -48.32 35.33 -65.71
C TYR B 108 -47.41 34.21 -66.20
N GLU B 109 -46.48 33.80 -65.33
CA GLU B 109 -45.53 32.74 -65.62
C GLU B 109 -45.86 31.56 -64.72
N ALA B 110 -46.09 30.40 -65.32
CA ALA B 110 -46.34 29.18 -64.59
C ALA B 110 -45.08 28.32 -64.62
N SER B 111 -44.77 27.71 -63.48
CA SER B 111 -43.60 26.85 -63.34
C SER B 111 -44.07 25.47 -62.93
N PHE B 112 -43.55 24.44 -63.58
CA PHE B 112 -43.92 23.05 -63.34
C PHE B 112 -42.88 22.43 -62.41
N SER B 113 -43.34 21.77 -61.36
CA SER B 113 -42.42 21.22 -60.36
C SER B 113 -41.54 20.13 -60.97
N ASN B 114 -42.13 19.24 -61.77
CA ASN B 114 -41.39 18.07 -62.22
C ASN B 114 -40.66 18.34 -63.53
N LEU B 115 -41.32 18.97 -64.50
CA LEU B 115 -40.72 19.15 -65.82
C LEU B 115 -39.51 20.08 -65.79
N GLY B 116 -39.36 20.90 -64.76
CA GLY B 116 -38.28 21.84 -64.75
C GLY B 116 -38.54 23.11 -65.52
N ILE B 117 -39.69 23.21 -66.19
CA ILE B 117 -40.07 24.46 -66.83
C ILE B 117 -40.35 25.49 -65.74
N LYS B 118 -39.78 26.67 -65.88
CA LYS B 118 -39.89 27.69 -64.85
C LYS B 118 -40.62 28.95 -65.29
N ASP B 119 -40.76 29.20 -66.59
CA ASP B 119 -41.32 30.46 -67.03
C ASP B 119 -42.34 30.30 -68.15
N ALA B 120 -43.15 29.23 -68.13
CA ALA B 120 -44.09 29.03 -69.23
C ALA B 120 -45.22 30.04 -69.13
N GLU B 121 -45.37 30.87 -70.16
CA GLU B 121 -46.40 31.91 -70.12
C GLU B 121 -47.78 31.25 -70.09
N ILE B 122 -48.67 31.80 -69.27
CA ILE B 122 -50.01 31.28 -69.13
C ILE B 122 -51.00 32.43 -69.27
N SER B 123 -52.12 32.17 -69.94
CA SER B 123 -53.08 33.24 -70.22
C SER B 123 -53.73 33.73 -68.93
N ALA B 124 -54.20 34.98 -68.97
CA ALA B 124 -54.77 35.59 -67.78
C ALA B 124 -56.06 34.92 -67.35
N GLY B 125 -56.87 34.44 -68.30
CA GLY B 125 -58.14 33.84 -67.92
C GLY B 125 -57.98 32.58 -67.08
N ILE B 126 -57.00 31.75 -67.44
CA ILE B 126 -56.80 30.49 -66.72
C ILE B 126 -56.43 30.77 -65.27
N VAL B 127 -55.49 31.68 -65.04
CA VAL B 127 -55.08 31.97 -63.67
C VAL B 127 -56.18 32.71 -62.92
N LYS B 128 -56.95 33.53 -63.63
CA LYS B 128 -58.06 34.22 -62.99
C LYS B 128 -59.13 33.23 -62.52
N GLU B 129 -59.28 32.12 -63.23
CA GLU B 129 -60.36 31.19 -62.91
C GLU B 129 -60.05 30.38 -61.65
N TYR B 130 -58.80 29.93 -61.49
CA TYR B 130 -58.38 29.12 -60.33
C TYR B 130 -57.34 29.90 -59.55
N GLU B 131 -57.72 30.41 -58.37
CA GLU B 131 -56.83 31.28 -57.63
C GLU B 131 -55.80 30.49 -56.81
N LYS B 132 -56.09 29.24 -56.48
CA LYS B 132 -55.14 28.47 -55.66
C LYS B 132 -53.83 28.26 -56.39
N LEU B 133 -53.82 28.43 -57.71
CA LEU B 133 -52.56 28.40 -58.44
C LEU B 133 -51.55 29.37 -57.86
N LEU B 134 -52.01 30.54 -57.41
CA LEU B 134 -51.11 31.59 -56.97
C LEU B 134 -50.63 31.42 -55.53
N VAL B 135 -51.30 30.58 -54.75
CA VAL B 135 -50.97 30.43 -53.34
C VAL B 135 -49.85 29.42 -53.11
N GLY B 136 -50.01 28.17 -53.55
CA GLY B 136 -48.97 27.18 -53.37
C GLY B 136 -48.80 26.26 -54.55
N GLY B 137 -49.56 26.51 -55.62
CA GLY B 137 -49.49 25.66 -56.79
C GLY B 137 -50.30 24.39 -56.60
N ILE B 138 -50.95 23.92 -57.65
CA ILE B 138 -51.84 22.77 -57.54
C ILE B 138 -51.50 21.73 -58.58
N TRP B 139 -51.91 20.50 -58.33
CA TRP B 139 -51.71 19.42 -59.27
C TRP B 139 -52.75 19.51 -60.38
N VAL B 140 -52.29 19.70 -61.62
CA VAL B 140 -53.20 19.92 -62.73
C VAL B 140 -52.80 19.05 -63.91
N ILE B 141 -53.76 18.87 -64.80
CA ILE B 141 -53.51 18.35 -66.14
C ILE B 141 -53.40 19.54 -67.07
N ALA B 142 -52.23 19.70 -67.69
CA ALA B 142 -51.92 20.84 -68.54
C ALA B 142 -51.65 20.38 -69.96
N THR B 143 -52.18 21.12 -70.93
CA THR B 143 -51.92 20.85 -72.34
C THR B 143 -50.87 21.83 -72.83
N LEU B 144 -49.61 21.46 -72.71
CA LEU B 144 -48.50 22.33 -73.07
C LEU B 144 -48.41 22.47 -74.58
N SER B 145 -48.01 23.67 -75.02
CA SER B 145 -47.80 24.00 -76.42
C SER B 145 -46.48 24.73 -76.58
N TYR B 146 -45.93 24.68 -77.79
CA TYR B 146 -44.60 25.21 -78.10
C TYR B 146 -44.71 26.24 -79.20
N TYR B 147 -44.00 27.35 -79.05
CA TYR B 147 -44.01 28.43 -80.04
C TYR B 147 -42.69 29.17 -79.95
N PHE B 148 -41.92 29.19 -81.04
CA PHE B 148 -40.57 29.73 -81.05
C PHE B 148 -40.44 30.83 -82.09
N GLU B 149 -40.01 32.01 -81.66
CA GLU B 149 -39.66 33.11 -82.54
C GLU B 149 -38.22 33.55 -82.24
N GLU B 150 -37.46 33.79 -83.30
CA GLU B 150 -36.03 34.05 -83.16
C GLU B 150 -35.78 35.28 -82.31
N GLY B 151 -34.85 35.17 -81.36
CA GLY B 151 -34.41 36.28 -80.55
C GLY B 151 -35.31 36.64 -79.39
N GLN B 152 -36.43 35.95 -79.23
CA GLN B 152 -37.36 36.26 -78.16
C GLN B 152 -36.75 35.95 -76.80
N THR B 153 -37.17 36.72 -75.79
CA THR B 153 -36.69 36.51 -74.43
C THR B 153 -37.66 35.73 -73.56
N SER B 154 -38.93 35.65 -73.96
CA SER B 154 -39.90 34.88 -73.21
C SER B 154 -39.73 33.39 -73.50
N SER B 155 -40.05 32.57 -72.51
CA SER B 155 -39.93 31.13 -72.69
C SER B 155 -40.91 30.67 -73.76
N PRO B 156 -40.50 29.74 -74.65
CA PRO B 156 -41.37 29.35 -75.76
C PRO B 156 -42.56 28.51 -75.36
N PHE B 157 -42.47 27.72 -74.29
CA PHE B 157 -43.55 26.82 -73.91
C PHE B 157 -44.69 27.62 -73.32
N GLY B 158 -45.92 27.21 -73.65
CA GLY B 158 -47.10 27.84 -73.12
C GLY B 158 -48.13 26.82 -72.71
N VAL B 159 -49.08 27.26 -71.90
CA VAL B 159 -50.16 26.43 -71.39
C VAL B 159 -51.44 26.87 -72.09
N SER B 160 -52.06 25.95 -72.83
CA SER B 160 -53.27 26.27 -73.57
C SER B 160 -54.53 25.87 -72.82
N LEU B 161 -54.53 24.72 -72.18
CA LEU B 161 -55.66 24.28 -71.35
C LEU B 161 -55.11 23.75 -70.04
N LEU B 162 -55.87 23.96 -68.97
CA LEU B 162 -55.47 23.51 -67.65
C LEU B 162 -56.69 23.06 -66.88
N LYS B 163 -56.63 21.85 -66.35
CA LYS B 163 -57.73 21.27 -65.58
C LYS B 163 -57.23 20.89 -64.19
N PRO B 164 -57.75 21.47 -63.12
CA PRO B 164 -57.24 21.15 -61.79
C PRO B 164 -57.53 19.72 -61.38
N ILE B 165 -56.70 19.16 -60.52
CA ILE B 165 -56.89 17.81 -60.03
C ILE B 165 -56.98 17.84 -58.50
N GLN B 166 -56.74 19.00 -57.92
CA GLN B 166 -57.08 19.22 -56.52
C GLN B 166 -57.83 20.53 -56.42
N MET B 167 -58.32 20.84 -55.22
CA MET B 167 -59.23 21.96 -54.99
C MET B 167 -58.80 23.25 -55.65
N PRO B 168 -59.54 23.73 -56.62
CA PRO B 168 -59.23 25.01 -57.25
C PRO B 168 -59.42 26.21 -56.34
N ASN B 169 -60.58 26.32 -55.71
CA ASN B 169 -60.95 27.51 -54.97
C ASN B 169 -61.56 27.11 -53.62
N MET B 170 -61.82 28.10 -52.77
CA MET B 170 -62.73 27.87 -51.65
C MET B 170 -63.46 29.15 -51.30
N ASN B 171 -64.76 29.20 -51.60
CA ASN B 171 -65.58 30.37 -51.33
C ASN B 171 -66.35 30.12 -50.05
N MET B 172 -66.01 30.87 -49.00
CA MET B 172 -66.55 30.61 -47.67
C MET B 172 -68.04 30.92 -47.59
N ASP B 173 -68.55 31.74 -48.51
CA ASP B 173 -69.96 32.07 -48.49
C ASP B 173 -70.82 30.84 -48.68
N GLU B 174 -70.43 29.94 -49.58
CA GLU B 174 -71.14 28.69 -49.74
C GLU B 174 -71.00 27.81 -48.50
N LEU B 175 -69.83 27.85 -47.84
CA LEU B 175 -69.66 27.07 -46.63
C LEU B 175 -70.61 27.52 -45.53
N PHE B 176 -70.78 28.82 -45.38
CA PHE B 176 -71.71 29.32 -44.37
C PHE B 176 -73.13 28.90 -44.68
N SER B 177 -73.54 28.97 -45.94
CA SER B 177 -74.88 28.54 -46.31
C SER B 177 -75.07 27.06 -46.03
N GLY B 178 -74.09 26.24 -46.43
CA GLY B 178 -74.21 24.81 -46.18
C GLY B 178 -74.30 24.48 -44.72
N ARG B 179 -73.43 25.09 -43.91
CA ARG B 179 -73.49 24.85 -42.47
C ARG B 179 -74.81 25.30 -41.89
N ALA B 180 -75.38 26.39 -42.43
CA ALA B 180 -76.69 26.82 -42.00
C ALA B 180 -77.76 25.79 -42.34
N ALA B 181 -77.55 25.04 -43.43
CA ALA B 181 -78.53 24.04 -43.83
C ALA B 181 -78.51 22.78 -42.97
N LEU B 182 -77.51 22.60 -42.12
CA LEU B 182 -77.39 21.42 -41.29
C LEU B 182 -77.57 21.75 -39.81
N SER B 183 -78.02 20.75 -39.06
CA SER B 183 -78.09 20.87 -37.62
C SER B 183 -76.72 20.68 -37.00
N THR B 184 -76.60 21.09 -35.73
CA THR B 184 -75.30 21.10 -35.07
C THR B 184 -74.72 19.69 -34.97
N ASP B 185 -75.54 18.71 -34.57
CA ASP B 185 -75.06 17.35 -34.44
C ASP B 185 -74.66 16.78 -35.79
N GLN B 186 -75.40 17.12 -36.85
CA GLN B 186 -75.02 16.67 -38.18
C GLN B 186 -73.68 17.24 -38.59
N TRP B 187 -73.44 18.52 -38.31
CA TRP B 187 -72.14 19.11 -38.63
C TRP B 187 -71.03 18.47 -37.83
N ARG B 188 -71.28 18.16 -36.55
CA ARG B 188 -70.26 17.49 -35.75
C ARG B 188 -69.94 16.12 -36.32
N GLU B 189 -70.97 15.40 -36.76
CA GLU B 189 -70.74 14.09 -37.37
C GLU B 189 -69.95 14.23 -38.67
N SER B 190 -70.25 15.26 -39.46
CA SER B 190 -69.47 15.48 -40.68
C SER B 190 -68.01 15.78 -40.35
N LEU B 191 -67.76 16.58 -39.31
CA LEU B 191 -66.40 16.83 -38.89
C LEU B 191 -65.70 15.54 -38.47
N ILE B 192 -66.39 14.69 -37.73
CA ILE B 192 -65.78 13.44 -37.28
C ILE B 192 -65.49 12.54 -38.48
N ARG B 193 -66.42 12.48 -39.43
CA ARG B 193 -66.23 11.63 -40.61
C ARG B 193 -65.07 12.11 -41.45
N SER B 194 -64.93 13.43 -41.61
CA SER B 194 -63.99 13.96 -42.58
C SER B 194 -62.55 13.60 -42.22
N ILE B 195 -62.27 13.28 -40.97
CA ILE B 195 -60.91 12.87 -40.61
C ILE B 195 -60.80 11.37 -40.74
N GLY B 196 -61.87 10.71 -41.19
CA GLY B 196 -61.85 9.28 -41.41
C GLY B 196 -62.36 8.44 -40.27
N MET B 197 -63.14 9.00 -39.36
CA MET B 197 -63.63 8.26 -38.21
C MET B 197 -65.13 8.07 -38.33
N GLU B 198 -65.65 7.07 -37.62
CA GLU B 198 -67.08 6.77 -37.66
C GLU B 198 -67.77 7.33 -36.43
N PRO B 199 -68.64 8.33 -36.60
CA PRO B 199 -69.31 8.91 -35.43
C PRO B 199 -70.21 7.93 -34.69
N ALA B 200 -70.85 7.02 -35.40
CA ALA B 200 -71.85 6.15 -34.78
C ALA B 200 -71.27 5.25 -33.71
N SER B 201 -70.02 4.80 -33.87
CA SER B 201 -69.43 3.86 -32.94
C SER B 201 -68.68 4.55 -31.80
N LEU B 202 -68.76 5.87 -31.70
CA LEU B 202 -68.07 6.61 -30.65
C LEU B 202 -69.09 7.34 -29.79
N LYS B 203 -68.87 7.32 -28.48
CA LYS B 203 -69.72 8.07 -27.57
C LYS B 203 -69.48 9.57 -27.75
N GLU B 204 -70.42 10.37 -27.25
CA GLU B 204 -70.38 11.80 -27.51
C GLU B 204 -69.14 12.44 -26.90
N ASP B 205 -68.74 12.00 -25.71
CA ASP B 205 -67.54 12.54 -25.08
C ASP B 205 -66.29 12.26 -25.92
N VAL B 206 -66.23 11.08 -26.53
CA VAL B 206 -65.11 10.77 -27.41
C VAL B 206 -65.16 11.67 -28.64
N GLN B 207 -66.35 11.97 -29.15
CA GLN B 207 -66.45 12.91 -30.26
C GLN B 207 -65.91 14.28 -29.86
N TRP B 208 -66.20 14.71 -28.65
CA TRP B 208 -65.69 16.01 -28.20
C TRP B 208 -64.18 15.99 -28.05
N HIS B 209 -63.62 14.87 -27.61
CA HIS B 209 -62.17 14.76 -27.57
C HIS B 209 -61.58 14.84 -28.97
N LEU B 210 -62.24 14.21 -29.95
CA LEU B 210 -61.76 14.31 -31.32
C LEU B 210 -61.81 15.75 -31.83
N LEU B 211 -62.87 16.50 -31.48
CA LEU B 211 -62.92 17.91 -31.85
C LEU B 211 -61.81 18.69 -31.18
N ALA B 212 -61.53 18.39 -29.91
CA ALA B 212 -60.42 19.04 -29.22
C ALA B 212 -59.11 18.76 -29.92
N ARG B 213 -58.98 17.60 -30.57
CA ARG B 213 -57.79 17.33 -31.35
C ARG B 213 -57.65 18.28 -32.53
N MET B 214 -58.77 18.68 -33.15
CA MET B 214 -58.69 19.58 -34.28
C MET B 214 -58.64 21.05 -33.87
N VAL B 215 -58.90 21.35 -32.60
CA VAL B 215 -58.84 22.75 -32.14
C VAL B 215 -57.54 23.44 -32.53
N PRO B 216 -56.36 22.85 -32.36
CA PRO B 216 -55.12 23.61 -32.63
C PRO B 216 -55.02 24.13 -34.04
N PHE B 217 -55.81 23.62 -34.98
CA PHE B 217 -55.73 24.11 -36.35
C PHE B 217 -56.41 25.45 -36.53
N VAL B 218 -57.41 25.77 -35.70
CA VAL B 218 -58.22 26.96 -35.94
C VAL B 218 -57.93 28.10 -34.96
N GLU B 219 -57.05 27.92 -33.99
CA GLU B 219 -56.74 28.95 -33.01
C GLU B 219 -55.26 29.24 -33.02
N ASN B 220 -54.90 30.51 -33.14
CA ASN B 220 -53.50 30.91 -33.17
C ASN B 220 -52.84 30.68 -31.82
N ASN B 221 -51.62 30.14 -31.87
CA ASN B 221 -50.79 29.97 -30.68
C ASN B 221 -51.50 29.15 -29.61
N TYR B 222 -52.21 28.13 -30.03
CA TYR B 222 -52.97 27.27 -29.13
C TYR B 222 -52.11 26.06 -28.79
N ASN B 223 -51.29 26.18 -27.74
CA ASN B 223 -50.53 25.05 -27.25
C ASN B 223 -51.46 24.04 -26.61
N VAL B 224 -51.15 22.75 -26.78
CA VAL B 224 -51.95 21.69 -26.20
C VAL B 224 -51.09 20.45 -26.03
N CYS B 225 -51.40 19.64 -25.03
CA CYS B 225 -50.70 18.36 -24.86
C CYS B 225 -51.71 17.24 -24.71
N GLU B 226 -51.44 16.14 -25.38
CA GLU B 226 -52.29 14.95 -25.37
C GLU B 226 -51.42 13.74 -25.09
N LEU B 227 -51.64 13.10 -23.95
CA LEU B 227 -50.88 11.94 -23.54
C LEU B 227 -51.83 10.77 -23.31
N GLY B 228 -51.47 9.61 -23.83
CA GLY B 228 -52.34 8.46 -23.73
C GLY B 228 -51.72 7.16 -24.16
N PRO B 229 -52.53 6.11 -24.22
CA PRO B 229 -52.03 4.78 -24.61
C PRO B 229 -51.59 4.76 -26.06
N ARG B 230 -50.64 3.87 -26.33
CA ARG B 230 -50.19 3.67 -27.71
C ARG B 230 -51.32 3.09 -28.56
N GLY B 231 -51.36 3.52 -29.82
CA GLY B 231 -52.36 2.99 -30.73
C GLY B 231 -53.70 3.67 -30.65
N THR B 232 -53.78 4.86 -30.06
CA THR B 232 -55.01 5.60 -29.91
C THR B 232 -55.34 6.45 -31.14
N GLY B 233 -54.42 6.50 -32.11
CA GLY B 233 -54.61 7.36 -33.25
C GLY B 233 -54.34 8.81 -32.98
N LYS B 234 -53.41 9.11 -32.07
CA LYS B 234 -53.12 10.49 -31.72
C LYS B 234 -52.44 11.23 -32.86
N SER B 235 -51.43 10.59 -33.47
CA SER B 235 -50.58 11.27 -34.44
C SER B 235 -51.07 11.15 -35.87
N HIS B 236 -52.21 10.50 -36.09
CA HIS B 236 -52.72 10.35 -37.46
C HIS B 236 -53.03 11.70 -38.10
N ILE B 237 -53.74 12.56 -37.37
CA ILE B 237 -54.32 13.74 -37.98
C ILE B 237 -53.26 14.80 -38.25
N TYR B 238 -52.20 14.82 -37.44
CA TYR B 238 -51.14 15.79 -37.64
C TYR B 238 -50.09 15.35 -38.65
N LYS B 239 -50.24 14.16 -39.22
CA LYS B 239 -49.29 13.65 -40.21
C LYS B 239 -49.93 13.42 -41.56
N GLU B 240 -51.14 12.85 -41.61
CA GLU B 240 -51.75 12.46 -42.88
C GLU B 240 -52.86 13.37 -43.35
N CYS B 241 -53.83 13.70 -42.50
CA CYS B 241 -55.05 14.38 -42.92
C CYS B 241 -54.96 15.89 -42.83
N SER B 242 -53.77 16.47 -42.96
CA SER B 242 -53.67 17.93 -42.93
C SER B 242 -52.42 18.35 -43.69
N PRO B 243 -52.57 19.10 -44.79
CA PRO B 243 -51.40 19.54 -45.55
C PRO B 243 -50.65 20.72 -44.94
N ASN B 244 -51.21 21.36 -43.91
CA ASN B 244 -50.64 22.58 -43.36
C ASN B 244 -50.06 22.37 -41.96
N SER B 245 -49.80 21.12 -41.57
CA SER B 245 -49.23 20.81 -40.27
C SER B 245 -48.04 19.90 -40.44
N ILE B 246 -47.08 20.01 -39.52
CA ILE B 246 -45.86 19.22 -39.58
C ILE B 246 -45.65 18.52 -38.24
N LEU B 247 -45.17 17.30 -38.30
CA LEU B 247 -44.91 16.50 -37.10
C LEU B 247 -43.42 16.25 -37.01
N VAL B 248 -42.78 16.90 -36.03
CA VAL B 248 -41.37 16.69 -35.76
C VAL B 248 -41.25 15.42 -34.93
N SER B 249 -40.63 14.40 -35.51
CA SER B 249 -40.50 13.11 -34.84
C SER B 249 -39.13 12.98 -34.19
N GLY B 250 -39.06 12.11 -33.18
CA GLY B 250 -37.81 11.75 -32.57
C GLY B 250 -37.29 12.73 -31.54
N GLY B 251 -37.85 13.92 -31.46
CA GLY B 251 -37.40 14.90 -30.50
C GLY B 251 -36.09 15.58 -30.89
N GLN B 252 -35.40 15.02 -31.88
CA GLN B 252 -34.11 15.56 -32.30
C GLN B 252 -34.35 16.74 -33.25
N THR B 253 -34.64 17.89 -32.67
CA THR B 253 -34.78 19.15 -33.38
C THR B 253 -34.05 20.24 -32.61
N THR B 254 -33.63 21.27 -33.33
CA THR B 254 -32.83 22.33 -32.75
C THR B 254 -33.55 23.66 -32.81
N VAL B 255 -33.06 24.62 -32.03
CA VAL B 255 -33.60 25.98 -32.07
C VAL B 255 -33.30 26.62 -33.41
N ALA B 256 -32.31 26.10 -34.14
CA ALA B 256 -32.04 26.60 -35.48
C ALA B 256 -33.17 26.29 -36.44
N ASN B 257 -33.77 25.10 -36.29
CA ASN B 257 -34.85 24.70 -37.20
C ASN B 257 -36.20 25.21 -36.72
N LEU B 258 -36.48 25.09 -35.42
CA LEU B 258 -37.80 25.48 -34.93
C LEU B 258 -38.04 26.97 -35.01
N PHE B 259 -37.11 27.79 -34.51
CA PHE B 259 -37.40 29.20 -34.27
C PHE B 259 -36.66 30.10 -35.25
N TYR B 260 -35.33 30.05 -35.31
CA TYR B 260 -34.59 31.00 -36.14
C TYR B 260 -33.20 30.44 -36.38
N ASN B 261 -32.73 30.56 -37.62
CA ASN B 261 -31.37 30.18 -37.97
C ASN B 261 -30.54 31.46 -38.10
N MET B 262 -29.67 31.71 -37.11
CA MET B 262 -28.93 32.96 -37.10
C MET B 262 -27.90 33.02 -38.24
N SER B 263 -27.36 31.87 -38.64
CA SER B 263 -26.39 31.87 -39.73
C SER B 263 -27.03 32.27 -41.05
N SER B 264 -28.20 31.71 -41.37
CA SER B 264 -28.86 31.98 -42.63
C SER B 264 -29.88 33.10 -42.56
N ARG B 265 -30.13 33.65 -41.37
CA ARG B 265 -31.12 34.71 -41.18
C ARG B 265 -32.49 34.30 -41.71
N ARG B 266 -32.89 33.07 -41.41
CA ARG B 266 -34.14 32.51 -41.90
C ARG B 266 -35.01 32.05 -40.74
N ILE B 267 -36.31 32.33 -40.84
CA ILE B 267 -37.26 31.95 -39.82
C ILE B 267 -37.38 30.43 -39.76
N GLY B 268 -37.74 29.90 -38.59
CA GLY B 268 -37.81 28.48 -38.39
C GLY B 268 -39.11 27.88 -38.88
N LEU B 269 -39.39 26.68 -38.36
CA LEU B 269 -40.63 26.00 -38.74
C LEU B 269 -41.85 26.75 -38.26
N VAL B 270 -41.74 27.44 -37.12
CA VAL B 270 -42.89 28.15 -36.57
C VAL B 270 -43.37 29.25 -37.50
N GLY B 271 -42.51 29.74 -38.38
CA GLY B 271 -42.91 30.76 -39.31
C GLY B 271 -43.46 30.27 -40.62
N LEU B 272 -43.62 28.95 -40.78
CA LEU B 272 -44.07 28.38 -42.03
C LEU B 272 -45.34 27.56 -41.92
N TRP B 273 -45.53 26.82 -40.83
CA TRP B 273 -46.66 25.93 -40.68
C TRP B 273 -47.65 26.48 -39.68
N ASP B 274 -48.84 25.86 -39.66
CA ASP B 274 -49.87 26.27 -38.72
C ASP B 274 -49.86 25.43 -37.47
N VAL B 275 -49.43 24.17 -37.56
CA VAL B 275 -49.36 23.28 -36.42
C VAL B 275 -48.00 22.58 -36.44
N VAL B 276 -47.32 22.58 -35.30
CA VAL B 276 -46.08 21.84 -35.12
C VAL B 276 -46.33 20.85 -34.00
N ALA B 277 -46.20 19.56 -34.30
CA ALA B 277 -46.52 18.51 -33.34
C ALA B 277 -45.26 17.76 -32.95
N PHE B 278 -44.96 17.75 -31.66
CA PHE B 278 -43.83 17.03 -31.11
C PHE B 278 -44.30 15.66 -30.65
N ASP B 279 -43.88 14.61 -31.34
CA ASP B 279 -44.27 13.26 -30.97
C ASP B 279 -43.28 12.70 -29.97
N GLU B 280 -43.76 11.76 -29.15
CA GLU B 280 -42.99 11.13 -28.06
C GLU B 280 -42.20 12.18 -27.29
N VAL B 281 -42.97 13.05 -26.62
CA VAL B 281 -42.42 14.18 -25.89
C VAL B 281 -41.29 13.76 -24.95
N ALA B 282 -41.20 12.47 -24.62
CA ALA B 282 -40.08 11.99 -23.83
C ALA B 282 -38.76 12.11 -24.59
N GLY B 283 -38.82 12.34 -25.90
CA GLY B 283 -37.62 12.39 -26.72
C GLY B 283 -37.09 13.77 -27.02
N ILE B 284 -37.81 14.84 -26.67
CA ILE B 284 -37.36 16.18 -27.00
C ILE B 284 -36.17 16.55 -26.12
N SER B 285 -35.15 17.14 -26.73
CA SER B 285 -33.99 17.66 -26.02
C SER B 285 -33.32 18.71 -26.87
N PHE B 286 -32.83 19.78 -26.24
CA PHE B 286 -32.23 20.89 -26.94
C PHE B 286 -30.74 20.93 -26.66
N LYS B 287 -29.93 20.98 -27.73
CA LYS B 287 -28.49 21.10 -27.55
C LYS B 287 -28.11 22.41 -26.89
N ASP B 288 -28.78 23.50 -27.25
CA ASP B 288 -28.54 24.80 -26.63
C ASP B 288 -29.39 24.94 -25.38
N LYS B 289 -28.87 25.67 -24.39
CA LYS B 289 -29.63 25.87 -23.16
C LYS B 289 -30.75 26.88 -23.34
N ASP B 290 -30.71 27.67 -24.41
CA ASP B 290 -31.76 28.64 -24.66
C ASP B 290 -33.05 28.01 -25.16
N GLY B 291 -33.03 26.72 -25.49
CA GLY B 291 -34.23 26.11 -26.07
C GLY B 291 -35.42 26.18 -25.14
N VAL B 292 -35.23 25.83 -23.88
CA VAL B 292 -36.35 25.84 -22.93
C VAL B 292 -36.83 27.26 -22.72
N GLN B 293 -35.91 28.21 -22.55
CA GLN B 293 -36.31 29.60 -22.34
C GLN B 293 -37.04 30.15 -23.55
N ILE B 294 -36.54 29.86 -24.75
CA ILE B 294 -37.17 30.38 -25.96
C ILE B 294 -38.55 29.77 -26.13
N MET B 295 -38.70 28.46 -25.87
CA MET B 295 -40.02 27.86 -25.97
C MET B 295 -40.98 28.45 -24.96
N LYS B 296 -40.52 28.67 -23.73
CA LYS B 296 -41.39 29.31 -22.74
C LYS B 296 -41.84 30.68 -23.21
N ASP B 297 -40.90 31.49 -23.71
CA ASP B 297 -41.25 32.81 -24.19
C ASP B 297 -42.25 32.75 -25.33
N TYR B 298 -42.02 31.87 -26.31
CA TYR B 298 -42.88 31.80 -27.47
C TYR B 298 -44.28 31.34 -27.09
N MET B 299 -44.37 30.24 -26.33
CA MET B 299 -45.69 29.77 -25.95
C MET B 299 -46.42 30.78 -25.07
N ALA B 300 -45.71 31.52 -24.23
CA ALA B 300 -46.40 32.49 -23.38
C ALA B 300 -46.91 33.68 -24.17
N SER B 301 -46.08 34.24 -25.04
CA SER B 301 -46.41 35.51 -25.68
C SER B 301 -46.61 35.44 -27.18
N GLY B 302 -46.15 34.39 -27.85
CA GLY B 302 -46.29 34.33 -29.28
C GLY B 302 -45.21 35.04 -30.06
N SER B 303 -44.21 35.61 -29.38
CA SER B 303 -43.10 36.27 -30.03
C SER B 303 -41.84 36.03 -29.23
N PHE B 304 -40.72 35.84 -29.94
CA PHE B 304 -39.48 35.50 -29.28
C PHE B 304 -38.35 36.34 -29.86
N ALA B 305 -37.33 36.57 -29.04
CA ALA B 305 -36.21 37.42 -29.42
C ALA B 305 -34.95 36.61 -29.58
N ARG B 306 -34.33 36.71 -30.75
CA ARG B 306 -33.08 36.02 -31.05
C ARG B 306 -32.11 37.04 -31.62
N GLY B 307 -30.87 37.00 -31.17
CA GLY B 307 -29.90 37.98 -31.62
C GLY B 307 -30.23 39.35 -31.10
N ARG B 308 -30.65 40.26 -31.98
CA ARG B 308 -31.09 41.58 -31.57
C ARG B 308 -32.55 41.84 -31.89
N GLU B 309 -33.23 40.92 -32.55
CA GLU B 309 -34.56 41.16 -33.08
C GLU B 309 -35.59 40.25 -32.43
N GLN B 310 -36.79 40.79 -32.22
CA GLN B 310 -37.96 40.01 -31.87
C GLN B 310 -38.73 39.67 -33.14
N MET B 311 -39.18 38.42 -33.23
CA MET B 311 -40.00 37.96 -34.33
C MET B 311 -41.25 37.29 -33.80
N GLU B 312 -42.35 37.46 -34.55
CA GLU B 312 -43.63 36.85 -34.23
C GLU B 312 -43.86 35.62 -35.09
N ALA B 313 -44.66 34.70 -34.57
CA ALA B 313 -45.06 33.52 -35.33
C ALA B 313 -46.33 32.96 -34.72
N SER B 314 -47.25 32.54 -35.57
CA SER B 314 -48.54 32.07 -35.11
C SER B 314 -48.69 30.56 -35.11
N ALA B 315 -47.59 29.81 -35.13
CA ALA B 315 -47.66 28.36 -35.13
C ALA B 315 -48.27 27.86 -33.83
N SER B 316 -49.11 26.84 -33.93
CA SER B 316 -49.70 26.22 -32.76
C SER B 316 -48.92 24.95 -32.40
N MET B 317 -48.58 24.80 -31.13
CA MET B 317 -47.74 23.70 -30.70
C MET B 317 -48.58 22.61 -30.06
N VAL B 318 -48.36 21.37 -30.49
CA VAL B 318 -49.04 20.21 -29.93
C VAL B 318 -47.97 19.25 -29.42
N PHE B 319 -48.23 18.64 -28.27
CA PHE B 319 -47.29 17.70 -27.66
C PHE B 319 -48.00 16.35 -27.50
N VAL B 320 -47.64 15.39 -28.33
CA VAL B 320 -48.27 14.07 -28.33
C VAL B 320 -47.36 13.09 -27.60
N GLY B 321 -47.93 12.35 -26.66
CA GLY B 321 -47.12 11.46 -25.83
C GLY B 321 -47.80 10.15 -25.50
N ASN B 322 -46.97 9.13 -25.32
CA ASN B 322 -47.44 7.79 -24.97
C ASN B 322 -47.09 7.49 -23.52
N ILE B 323 -48.08 7.01 -22.77
CA ILE B 323 -47.88 6.64 -21.37
C ILE B 323 -47.93 5.13 -21.28
N ASN B 324 -47.20 4.57 -20.32
CA ASN B 324 -47.11 3.13 -20.13
C ASN B 324 -47.87 2.64 -18.91
N GLN B 325 -48.15 3.50 -17.94
CA GLN B 325 -48.78 3.11 -16.69
C GLN B 325 -50.28 3.33 -16.77
N SER B 326 -50.99 2.76 -15.79
CA SER B 326 -52.41 3.02 -15.65
C SER B 326 -52.64 4.43 -15.14
N VAL B 327 -53.80 4.99 -15.50
CA VAL B 327 -54.08 6.38 -15.15
C VAL B 327 -54.18 6.54 -13.63
N GLU B 328 -54.83 5.60 -12.96
CA GLU B 328 -55.06 5.71 -11.52
C GLU B 328 -53.74 5.66 -10.76
N SER B 329 -52.85 4.74 -11.14
CA SER B 329 -51.56 4.63 -10.46
C SER B 329 -50.71 5.88 -10.71
N LEU B 330 -50.74 6.40 -11.95
CA LEU B 330 -49.99 7.61 -12.25
C LEU B 330 -50.50 8.79 -11.43
N VAL B 331 -51.82 8.91 -11.29
CA VAL B 331 -52.38 9.98 -10.47
C VAL B 331 -52.00 9.81 -9.01
N LYS B 332 -52.09 8.59 -8.49
CA LYS B 332 -51.86 8.36 -7.06
C LYS B 332 -50.40 8.55 -6.67
N THR B 333 -49.47 8.01 -7.47
CA THR B 333 -48.07 8.01 -7.09
C THR B 333 -47.29 9.20 -7.66
N SER B 334 -47.79 9.84 -8.71
CA SER B 334 -47.09 10.96 -9.33
C SER B 334 -48.07 11.93 -9.96
N HIS B 335 -47.57 12.76 -10.88
CA HIS B 335 -48.42 13.61 -11.70
C HIS B 335 -48.56 12.98 -13.07
N LEU B 336 -49.66 13.32 -13.76
CA LEU B 336 -49.90 12.77 -15.09
C LEU B 336 -48.86 13.20 -16.12
N LEU B 337 -48.09 14.25 -15.85
CA LEU B 337 -47.09 14.73 -16.78
C LEU B 337 -45.75 14.03 -16.62
N ALA B 338 -45.74 12.81 -16.11
CA ALA B 338 -44.51 12.05 -15.85
C ALA B 338 -43.62 11.86 -17.09
N PRO B 339 -44.15 11.42 -18.23
CA PRO B 339 -43.27 11.13 -19.37
C PRO B 339 -42.60 12.36 -19.96
N PHE B 340 -43.04 13.56 -19.62
CA PHE B 340 -42.34 14.76 -20.06
C PHE B 340 -40.92 14.78 -19.50
N PRO B 341 -39.97 15.29 -20.27
CA PRO B 341 -38.56 15.24 -19.82
C PRO B 341 -38.36 16.02 -18.54
N GLU B 342 -37.40 15.55 -17.74
CA GLU B 342 -37.14 16.19 -16.44
C GLU B 342 -36.70 17.64 -16.62
N ALA B 343 -35.89 17.92 -17.65
CA ALA B 343 -35.51 19.29 -17.96
C ALA B 343 -36.71 20.14 -18.37
N MET B 344 -37.78 19.51 -18.84
CA MET B 344 -39.00 20.22 -19.21
C MET B 344 -40.03 20.26 -18.09
N ILE B 345 -39.75 19.65 -16.94
CA ILE B 345 -40.67 19.71 -15.81
C ILE B 345 -40.49 21.04 -15.10
N ASP B 346 -41.35 22.00 -15.42
CA ASP B 346 -41.31 23.32 -14.83
C ASP B 346 -42.73 23.87 -14.78
N SER B 347 -43.12 24.39 -13.61
CA SER B 347 -44.45 24.97 -13.48
C SER B 347 -44.64 26.14 -14.43
N ALA B 348 -43.62 27.00 -14.54
CA ALA B 348 -43.70 28.12 -15.46
C ALA B 348 -43.76 27.66 -16.90
N PHE B 349 -43.38 26.41 -17.18
CA PHE B 349 -43.47 25.89 -18.54
C PHE B 349 -44.85 25.31 -18.82
N PHE B 350 -45.30 24.37 -17.99
CA PHE B 350 -46.60 23.75 -18.22
C PHE B 350 -47.73 24.75 -18.04
N ASP B 351 -47.47 25.87 -17.36
CA ASP B 351 -48.49 26.87 -17.21
C ASP B 351 -48.91 27.47 -18.55
N ARG B 352 -48.09 27.35 -19.59
CA ARG B 352 -48.43 27.87 -20.90
C ARG B 352 -49.43 26.99 -21.63
N PHE B 353 -49.52 25.70 -21.30
CA PHE B 353 -50.39 24.79 -22.01
C PHE B 353 -51.85 25.21 -21.83
N HIS B 354 -52.59 25.25 -22.93
CA HIS B 354 -53.99 25.66 -22.84
C HIS B 354 -54.92 24.48 -22.66
N ALA B 355 -54.42 23.25 -22.76
CA ALA B 355 -55.29 22.09 -22.69
C ALA B 355 -54.48 20.81 -22.51
N TYR B 356 -55.04 19.90 -21.72
CA TYR B 356 -54.54 18.55 -21.53
C TYR B 356 -55.61 17.58 -22.01
N ILE B 357 -55.50 17.13 -23.26
CA ILE B 357 -56.50 16.20 -23.81
C ILE B 357 -56.31 14.83 -23.18
N PRO B 358 -57.36 14.22 -22.66
CA PRO B 358 -57.22 12.90 -22.03
C PRO B 358 -57.09 11.77 -23.03
N GLY B 359 -55.86 11.43 -23.42
CA GLY B 359 -55.65 10.40 -24.40
C GLY B 359 -56.27 9.05 -24.05
N TRP B 360 -56.45 8.76 -22.76
CA TRP B 360 -56.94 7.43 -22.39
C TRP B 360 -58.44 7.28 -22.65
N GLU B 361 -59.20 8.37 -22.53
CA GLU B 361 -60.64 8.26 -22.70
C GLU B 361 -61.04 7.90 -24.13
N ILE B 362 -60.12 8.02 -25.08
CA ILE B 362 -60.38 7.65 -26.47
C ILE B 362 -60.14 6.15 -26.63
N PRO B 363 -61.09 5.40 -27.18
CA PRO B 363 -60.90 3.96 -27.31
C PRO B 363 -59.83 3.64 -28.34
N LYS B 364 -59.21 2.47 -28.17
CA LYS B 364 -58.15 2.06 -29.06
C LYS B 364 -58.68 1.86 -30.47
N MET B 365 -57.80 2.09 -31.44
CA MET B 365 -58.21 2.10 -32.85
C MET B 365 -58.66 0.71 -33.28
N ARG B 366 -59.73 0.66 -34.06
CA ARG B 366 -60.26 -0.60 -34.57
C ARG B 366 -60.97 -0.36 -35.89
N PRO B 367 -60.95 -1.34 -36.79
CA PRO B 367 -61.59 -1.14 -38.11
C PRO B 367 -63.07 -0.87 -38.05
N GLU B 368 -63.75 -1.22 -36.95
CA GLU B 368 -65.14 -0.81 -36.80
C GLU B 368 -65.25 0.71 -36.76
N PHE B 369 -64.22 1.38 -36.24
CA PHE B 369 -64.27 2.83 -36.08
C PHE B 369 -64.01 3.60 -37.35
N PHE B 370 -63.57 2.94 -38.43
CA PHE B 370 -63.31 3.60 -39.69
C PHE B 370 -64.62 3.71 -40.47
N THR B 371 -64.91 4.92 -40.93
CA THR B 371 -66.18 5.17 -41.62
C THR B 371 -66.19 4.54 -43.00
N ASN B 372 -67.39 4.45 -43.56
CA ASN B 372 -67.59 4.10 -44.96
C ASN B 372 -68.52 5.07 -45.66
N ARG B 373 -69.00 6.09 -44.95
CA ARG B 373 -70.01 6.99 -45.49
C ARG B 373 -69.35 8.19 -46.17
N TYR B 374 -70.15 9.20 -46.50
CA TYR B 374 -69.64 10.41 -47.13
C TYR B 374 -69.04 11.34 -46.09
N GLY B 375 -68.03 12.10 -46.50
CA GLY B 375 -67.36 13.03 -45.61
C GLY B 375 -66.99 14.29 -46.37
N LEU B 376 -65.99 15.00 -45.87
CA LEU B 376 -65.47 16.18 -46.52
C LEU B 376 -64.02 15.91 -46.94
N ILE B 377 -63.60 16.53 -48.03
CA ILE B 377 -62.24 16.38 -48.51
C ILE B 377 -61.27 16.84 -47.43
N VAL B 378 -60.11 16.21 -47.36
CA VAL B 378 -59.05 16.65 -46.45
C VAL B 378 -58.69 18.09 -46.78
N ASP B 379 -58.57 18.40 -48.07
CA ASP B 379 -58.16 19.73 -48.49
C ASP B 379 -59.21 20.78 -48.11
N TYR B 380 -60.49 20.44 -48.29
CA TYR B 380 -61.56 21.37 -47.91
C TYR B 380 -61.54 21.63 -46.42
N LEU B 381 -61.38 20.59 -45.61
CA LEU B 381 -61.33 20.77 -44.17
C LEU B 381 -60.14 21.63 -43.77
N ALA B 382 -58.98 21.39 -44.37
CA ALA B 382 -57.79 22.14 -44.00
C ALA B 382 -57.93 23.61 -44.37
N GLU B 383 -58.45 23.91 -45.56
CA GLU B 383 -58.58 25.31 -45.92
C GLU B 383 -59.70 25.99 -45.13
N PHE B 384 -60.72 25.22 -44.74
CA PHE B 384 -61.71 25.72 -43.80
C PHE B 384 -61.06 26.13 -42.49
N PHE B 385 -60.16 25.28 -41.98
CA PHE B 385 -59.44 25.63 -40.75
C PHE B 385 -58.61 26.89 -40.93
N ARG B 386 -57.89 27.00 -42.05
CA ARG B 386 -57.05 28.17 -42.26
C ARG B 386 -57.88 29.44 -42.35
N GLU B 387 -59.05 29.37 -43.00
CA GLU B 387 -59.90 30.56 -43.07
C GLU B 387 -60.49 30.90 -41.71
N MET B 388 -60.82 29.90 -40.90
CA MET B 388 -61.38 30.19 -39.59
C MET B 388 -60.32 30.68 -38.61
N ARG B 389 -59.04 30.47 -38.89
CA ARG B 389 -58.01 31.04 -38.02
C ARG B 389 -58.10 32.55 -37.93
N LYS B 390 -58.62 33.21 -38.95
CA LYS B 390 -58.63 34.67 -39.00
C LYS B 390 -59.70 35.30 -38.12
N ARG B 391 -60.72 34.56 -37.73
CA ARG B 391 -61.85 35.10 -36.99
C ARG B 391 -61.69 34.81 -35.50
N SER B 392 -62.70 35.21 -34.73
CA SER B 392 -62.69 34.99 -33.28
C SER B 392 -64.11 34.95 -32.75
N PHE B 393 -64.32 34.13 -31.72
CA PHE B 393 -65.63 33.99 -31.10
C PHE B 393 -65.55 33.85 -29.59
N ALA B 394 -64.42 34.21 -28.98
CA ALA B 394 -64.26 33.97 -27.56
C ALA B 394 -64.83 35.10 -26.70
N ASP B 395 -65.38 36.14 -27.30
CA ASP B 395 -66.16 37.08 -26.52
C ASP B 395 -67.57 36.59 -26.26
N SER B 396 -67.94 35.45 -26.83
CA SER B 396 -69.28 34.90 -26.62
C SER B 396 -69.46 34.42 -25.20
N ILE B 397 -68.36 34.15 -24.49
CA ILE B 397 -68.46 33.73 -23.09
C ILE B 397 -69.12 34.82 -22.26
N GLU B 398 -68.70 36.06 -22.45
CA GLU B 398 -69.24 37.14 -21.62
C GLU B 398 -70.62 37.59 -22.08
N LYS B 399 -71.06 37.18 -23.27
CA LYS B 399 -72.40 37.55 -23.69
C LYS B 399 -73.45 36.85 -22.84
N TYR B 400 -73.11 35.70 -22.26
CA TYR B 400 -74.03 34.94 -21.43
C TYR B 400 -73.51 34.61 -20.05
N PHE B 401 -72.21 34.37 -19.90
CA PHE B 401 -71.67 33.87 -18.65
C PHE B 401 -70.56 34.78 -18.16
N LYS B 402 -70.08 34.49 -16.95
CA LYS B 402 -68.92 35.14 -16.38
C LYS B 402 -68.03 34.07 -15.75
N LEU B 403 -66.72 34.25 -15.86
CA LEU B 403 -65.81 33.26 -15.31
C LEU B 403 -65.66 33.44 -13.80
N GLY B 404 -65.30 32.36 -13.11
CA GLY B 404 -65.23 32.38 -11.67
C GLY B 404 -63.99 33.10 -11.15
N ASN B 405 -63.88 33.12 -9.82
CA ASN B 405 -62.80 33.85 -9.18
C ASN B 405 -61.52 33.04 -9.04
N ASN B 406 -61.56 31.74 -9.32
CA ASN B 406 -60.37 30.91 -9.18
C ASN B 406 -59.51 30.90 -10.43
N LEU B 407 -59.90 31.63 -11.47
CA LEU B 407 -59.13 31.69 -12.71
C LEU B 407 -58.23 32.92 -12.68
N ASN B 408 -56.92 32.69 -12.75
CA ASN B 408 -56.01 33.80 -12.96
C ASN B 408 -56.04 34.23 -14.43
N GLN B 409 -55.20 35.21 -14.76
CA GLN B 409 -55.24 35.73 -16.13
C GLN B 409 -54.85 34.68 -17.16
N ARG B 410 -53.86 33.83 -16.84
CA ARG B 410 -53.47 32.79 -17.77
C ARG B 410 -54.60 31.80 -17.99
N ASP B 411 -55.32 31.44 -16.93
CA ASP B 411 -56.43 30.51 -17.07
C ASP B 411 -57.56 31.11 -17.89
N VAL B 412 -57.82 32.42 -17.70
CA VAL B 412 -58.83 33.08 -18.52
C VAL B 412 -58.43 33.05 -19.98
N ILE B 413 -57.15 33.31 -20.26
CA ILE B 413 -56.68 33.27 -21.64
C ILE B 413 -56.88 31.88 -22.22
N ALA B 414 -56.48 30.84 -21.48
CA ALA B 414 -56.57 29.49 -22.01
C ALA B 414 -58.03 29.08 -22.25
N VAL B 415 -58.91 29.41 -21.31
CA VAL B 415 -60.32 29.04 -21.46
C VAL B 415 -60.93 29.76 -22.64
N ARG B 416 -60.63 31.05 -22.80
CA ARG B 416 -61.17 31.78 -23.93
C ARG B 416 -60.67 31.20 -25.25
N LYS B 417 -59.38 30.85 -25.32
CA LYS B 417 -58.87 30.28 -26.56
C LYS B 417 -59.56 28.96 -26.89
N THR B 418 -59.71 28.08 -25.89
CA THR B 418 -60.35 26.80 -26.15
C THR B 418 -61.80 26.97 -26.57
N VAL B 419 -62.53 27.87 -25.91
CA VAL B 419 -63.92 28.11 -26.30
C VAL B 419 -63.99 28.64 -27.72
N SER B 420 -63.09 29.57 -28.06
CA SER B 420 -63.11 30.13 -29.41
C SER B 420 -62.86 29.04 -30.45
N GLY B 421 -61.89 28.17 -30.19
CA GLY B 421 -61.61 27.10 -31.13
C GLY B 421 -62.80 26.18 -31.32
N LEU B 422 -63.40 25.73 -30.21
CA LEU B 422 -64.52 24.81 -30.33
C LEU B 422 -65.71 25.46 -31.02
N MET B 423 -65.96 26.74 -30.71
CA MET B 423 -67.11 27.41 -31.31
C MET B 423 -66.89 27.68 -32.79
N LYS B 424 -65.64 27.92 -33.19
CA LYS B 424 -65.34 27.99 -34.62
C LYS B 424 -65.58 26.65 -35.29
N LEU B 425 -65.13 25.56 -34.66
CA LEU B 425 -65.31 24.24 -35.27
C LEU B 425 -66.79 23.90 -35.45
N LEU B 426 -67.61 24.20 -34.44
CA LEU B 426 -69.00 23.79 -34.49
C LEU B 426 -69.94 24.83 -35.09
N TYR B 427 -69.67 26.12 -34.89
CA TYR B 427 -70.57 27.18 -35.38
C TYR B 427 -69.80 28.22 -36.17
N PRO B 428 -69.29 27.87 -37.35
CA PRO B 428 -68.61 28.87 -38.17
C PRO B 428 -69.50 30.02 -38.60
N HIS B 429 -70.79 29.78 -38.78
CA HIS B 429 -71.69 30.82 -39.26
C HIS B 429 -72.07 31.81 -38.17
N GLY B 430 -71.68 31.58 -36.93
CA GLY B 430 -71.83 32.58 -35.89
C GLY B 430 -73.18 32.66 -35.21
N GLN B 431 -74.10 31.74 -35.50
CA GLN B 431 -75.41 31.73 -34.84
C GLN B 431 -75.40 30.64 -33.78
N PHE B 432 -75.60 31.03 -32.53
CA PHE B 432 -75.55 30.07 -31.43
C PHE B 432 -76.34 30.62 -30.26
N ASN B 433 -76.75 29.71 -29.38
CA ASN B 433 -77.57 30.03 -28.22
C ASN B 433 -76.78 29.76 -26.95
N LYS B 434 -77.43 29.97 -25.80
CA LYS B 434 -76.74 29.91 -24.52
C LYS B 434 -76.22 28.52 -24.21
N GLU B 435 -77.02 27.48 -24.50
CA GLU B 435 -76.62 26.13 -24.16
C GLU B 435 -75.35 25.70 -24.89
N ASP B 436 -75.20 26.15 -26.14
CA ASP B 436 -74.02 25.80 -26.91
C ASP B 436 -72.76 26.35 -26.25
N VAL B 437 -72.79 27.62 -25.87
CA VAL B 437 -71.67 28.23 -25.18
C VAL B 437 -71.45 27.53 -23.84
N ARG B 438 -72.53 27.09 -23.19
CA ARG B 438 -72.37 26.39 -21.92
C ARG B 438 -71.59 25.10 -22.10
N GLN B 439 -71.93 24.32 -23.14
CA GLN B 439 -71.21 23.08 -23.39
C GLN B 439 -69.74 23.34 -23.68
N CYS B 440 -69.48 24.29 -24.58
CA CYS B 440 -68.09 24.58 -24.93
C CYS B 440 -67.30 25.07 -23.72
N LEU B 441 -67.91 25.93 -22.91
CA LEU B 441 -67.25 26.47 -21.73
C LEU B 441 -66.97 25.38 -20.71
N GLU B 442 -67.92 24.44 -20.55
CA GLU B 442 -67.69 23.34 -19.62
C GLU B 442 -66.51 22.49 -20.07
N TYR B 443 -66.44 22.17 -21.36
CA TYR B 443 -65.31 21.38 -21.84
C TYR B 443 -64.00 22.13 -21.64
N ALA B 444 -63.98 23.43 -21.97
CA ALA B 444 -62.75 24.18 -21.84
C ALA B 444 -62.30 24.24 -20.38
N LEU B 445 -63.24 24.48 -19.47
CA LEU B 445 -62.88 24.56 -18.06
C LEU B 445 -62.34 23.24 -17.56
N GLN B 446 -62.95 22.13 -17.96
CA GLN B 446 -62.46 20.82 -17.54
C GLN B 446 -61.03 20.59 -18.04
N VAL B 447 -60.80 20.86 -19.32
CA VAL B 447 -59.51 20.52 -19.90
C VAL B 447 -58.41 21.44 -19.35
N ARG B 448 -58.74 22.68 -19.02
CA ARG B 448 -57.74 23.54 -18.39
C ARG B 448 -57.51 23.14 -16.93
N ARG B 449 -58.57 22.72 -16.24
CA ARG B 449 -58.43 22.34 -14.85
C ARG B 449 -57.53 21.13 -14.70
N ARG B 450 -57.50 20.26 -15.71
CA ARG B 450 -56.56 19.14 -15.64
C ARG B 450 -55.12 19.64 -15.51
N VAL B 451 -54.74 20.60 -16.36
CA VAL B 451 -53.40 21.17 -16.29
C VAL B 451 -53.20 21.88 -14.96
N LYS B 452 -54.22 22.63 -14.52
CA LYS B 452 -54.10 23.35 -13.25
C LYS B 452 -53.84 22.38 -12.10
N GLU B 453 -54.49 21.22 -12.11
CA GLU B 453 -54.31 20.25 -11.03
C GLU B 453 -52.93 19.62 -11.10
N GLN B 454 -52.43 19.36 -12.31
CA GLN B 454 -51.04 18.90 -12.43
C GLN B 454 -50.07 19.93 -11.86
N LEU B 455 -50.32 21.22 -12.16
CA LEU B 455 -49.47 22.27 -11.60
C LEU B 455 -49.58 22.32 -10.09
N LYS B 456 -50.77 22.11 -9.54
CA LYS B 456 -50.91 22.04 -8.09
C LYS B 456 -50.00 20.97 -7.53
N LYS B 457 -50.09 19.75 -8.08
CA LYS B 457 -49.23 18.67 -7.60
C LYS B 457 -47.75 19.02 -7.70
N ILE B 458 -47.33 19.64 -8.79
CA ILE B 458 -45.89 19.87 -9.00
C ILE B 458 -45.38 21.07 -8.22
N GLY B 459 -46.24 22.04 -7.91
CA GLY B 459 -45.76 23.30 -7.38
C GLY B 459 -46.24 23.69 -6.00
N GLY B 460 -47.12 22.91 -5.40
CA GLY B 460 -47.50 23.21 -4.02
C GLY B 460 -48.53 24.31 -3.93
N MET B 461 -48.22 25.35 -3.14
CA MET B 461 -49.23 26.35 -2.79
C MET B 461 -49.51 27.31 -3.93
N GLU B 462 -48.57 27.45 -4.87
CA GLU B 462 -48.70 28.50 -5.89
C GLU B 462 -49.92 28.32 -6.78
N PHE B 463 -50.51 27.13 -6.82
CA PHE B 463 -51.64 26.85 -7.69
C PHE B 463 -52.77 26.15 -6.93
N TYR B 464 -53.14 26.68 -5.77
CA TYR B 464 -54.17 26.03 -4.96
C TYR B 464 -55.56 26.26 -5.51
N ASP B 465 -55.81 27.39 -6.15
CA ASP B 465 -57.14 27.73 -6.67
C ASP B 465 -57.42 26.87 -7.90
N VAL B 466 -57.85 25.63 -7.64
CA VAL B 466 -58.15 24.69 -8.70
C VAL B 466 -59.64 24.50 -8.91
N HIS B 467 -60.49 25.13 -8.09
CA HIS B 467 -61.94 24.95 -8.19
C HIS B 467 -62.50 25.96 -9.18
N PHE B 468 -62.52 25.57 -10.45
CA PHE B 468 -63.02 26.44 -11.49
C PHE B 468 -64.52 26.56 -11.39
N SER B 469 -65.08 27.65 -11.89
CA SER B 469 -66.52 27.88 -11.82
C SER B 469 -66.92 28.89 -12.87
N TYR B 470 -68.22 28.91 -13.17
CA TYR B 470 -68.76 29.93 -14.06
C TYR B 470 -70.16 30.31 -13.60
N ILE B 471 -70.48 31.60 -13.71
CA ILE B 471 -71.68 32.18 -13.13
C ILE B 471 -72.55 32.72 -14.24
N ASP B 472 -73.83 32.35 -14.20
CA ASP B 472 -74.78 32.88 -15.18
C ASP B 472 -75.00 34.36 -14.95
N ASN B 473 -75.21 35.10 -16.04
CA ASN B 473 -75.48 36.52 -15.92
C ASN B 473 -76.87 36.82 -15.40
N ASP B 474 -77.84 35.96 -15.68
CA ASP B 474 -79.23 36.25 -15.35
C ASP B 474 -79.63 35.71 -13.98
N THR B 475 -79.50 34.41 -13.77
CA THR B 475 -79.88 33.79 -12.51
C THR B 475 -78.87 34.04 -11.40
N LEU B 476 -77.63 34.37 -11.75
CA LEU B 476 -76.51 34.48 -10.82
C LEU B 476 -76.20 33.18 -10.12
N GLU B 477 -76.80 32.07 -10.54
CA GLU B 477 -76.43 30.78 -10.01
C GLU B 477 -75.06 30.38 -10.54
N GLU B 478 -74.26 29.73 -9.71
CA GLU B 478 -72.89 29.37 -10.05
C GLU B 478 -72.79 27.88 -10.30
N HIS B 479 -72.06 27.49 -11.35
CA HIS B 479 -71.76 26.10 -11.65
C HIS B 479 -70.29 25.85 -11.35
N PHE B 480 -70.01 24.71 -10.73
CA PHE B 480 -68.65 24.24 -10.50
C PHE B 480 -68.33 23.14 -11.50
N VAL B 481 -67.09 23.11 -11.98
CA VAL B 481 -66.65 22.15 -12.97
C VAL B 481 -65.49 21.36 -12.39
N SER B 482 -65.56 20.03 -12.50
CA SER B 482 -64.53 19.14 -11.99
C SER B 482 -64.07 18.20 -13.09
N VAL B 483 -62.82 17.74 -12.98
CA VAL B 483 -62.27 16.78 -13.93
C VAL B 483 -62.86 15.41 -13.62
N LYS B 484 -63.27 14.70 -14.67
CA LYS B 484 -63.94 13.42 -14.53
C LYS B 484 -63.05 12.40 -13.83
N GLU B 485 -61.74 12.48 -14.10
CA GLU B 485 -60.82 11.44 -13.63
C GLU B 485 -60.79 11.35 -12.10
N GLN B 486 -60.80 12.49 -11.43
CA GLN B 486 -60.67 12.53 -9.98
C GLN B 486 -61.78 11.75 -9.29
N GLY B 487 -61.40 10.91 -8.33
CA GLY B 487 -62.35 10.06 -7.63
C GLY B 487 -61.98 8.60 -7.68
N ILE B 492 -62.24 6.54 -0.50
CA ILE B 492 -61.28 6.58 0.60
C ILE B 492 -60.17 5.57 0.37
N PRO B 493 -59.01 6.05 -0.06
CA PRO B 493 -57.88 5.14 -0.31
C PRO B 493 -57.36 4.53 0.98
N GLU B 494 -56.76 3.36 0.84
CA GLU B 494 -56.20 2.65 1.97
C GLU B 494 -54.89 3.29 2.43
N GLY B 495 -54.58 3.15 3.71
CA GLY B 495 -53.35 3.64 4.26
C GLY B 495 -53.49 4.98 4.93
N PRO B 496 -52.57 5.31 5.84
CA PRO B 496 -52.63 6.60 6.53
C PRO B 496 -52.27 7.74 5.59
N ALA B 497 -53.10 8.78 5.60
CA ALA B 497 -52.87 9.93 4.73
C ALA B 497 -51.80 10.84 5.32
N LYS B 498 -51.43 11.86 4.54
CA LYS B 498 -50.47 12.84 4.99
C LYS B 498 -51.10 13.69 6.10
N PRO B 499 -50.28 14.34 6.92
CA PRO B 499 -50.83 15.16 8.01
C PRO B 499 -51.76 16.25 7.48
N GLY B 500 -52.85 16.47 8.21
CA GLY B 500 -53.82 17.49 7.86
C GLY B 500 -54.84 17.08 6.82
N PHE B 501 -54.76 15.87 6.28
CA PHE B 501 -55.64 15.43 5.21
C PHE B 501 -56.65 14.44 5.77
N LEU B 502 -57.93 14.70 5.52
CA LEU B 502 -58.97 13.85 6.13
C LEU B 502 -60.19 13.82 5.21
N TYR B 503 -61.12 12.93 5.57
CA TYR B 503 -62.36 12.72 4.83
C TYR B 503 -63.54 12.90 5.78
N THR B 504 -64.59 13.57 5.30
CA THR B 504 -65.82 13.72 6.05
C THR B 504 -67.00 13.43 5.14
N ILE B 505 -68.16 13.23 5.74
CA ILE B 505 -69.41 13.01 5.01
C ILE B 505 -70.47 13.93 5.59
N GLY B 506 -71.17 14.65 4.71
CA GLY B 506 -72.13 15.64 5.19
C GLY B 506 -73.29 15.80 4.23
N LEU B 507 -74.37 16.34 4.77
CA LEU B 507 -75.58 16.56 3.99
C LEU B 507 -75.42 17.78 3.10
N SER B 508 -75.55 17.57 1.79
CA SER B 508 -75.50 18.67 0.85
C SER B 508 -76.66 19.63 1.10
N ASN B 509 -76.61 20.80 0.45
CA ASN B 509 -77.68 21.77 0.58
C ASN B 509 -79.03 21.21 0.13
N LYS B 510 -79.02 20.17 -0.70
CA LYS B 510 -80.23 19.46 -1.09
C LYS B 510 -80.60 18.35 -0.11
N GLY B 511 -79.76 18.10 0.90
CA GLY B 511 -80.04 17.07 1.89
C GLY B 511 -79.59 15.68 1.54
N MET B 512 -78.85 15.51 0.45
CA MET B 512 -78.39 14.17 0.06
C MET B 512 -76.91 14.03 0.39
N PRO B 513 -76.55 13.14 1.32
CA PRO B 513 -75.20 13.18 1.90
C PRO B 513 -74.12 12.81 0.88
N GLY B 514 -72.94 13.38 1.08
CA GLY B 514 -71.82 13.15 0.18
C GLY B 514 -70.50 13.21 0.91
N LEU B 515 -69.47 12.69 0.24
CA LEU B 515 -68.13 12.58 0.80
C LEU B 515 -67.24 13.72 0.31
N TYR B 516 -66.64 14.44 1.25
CA TYR B 516 -65.79 15.59 0.97
C TYR B 516 -64.43 15.37 1.62
N ARG B 517 -63.41 16.04 1.11
CA ARG B 517 -62.04 15.87 1.57
C ARG B 517 -61.48 17.21 2.03
N LEU B 518 -60.81 17.21 3.18
CA LEU B 518 -60.17 18.41 3.70
C LEU B 518 -58.66 18.24 3.60
N GLU B 519 -58.01 19.21 2.96
CA GLU B 519 -56.56 19.19 2.73
C GLU B 519 -55.98 20.45 3.38
N LEU B 520 -55.20 20.26 4.44
CA LEU B 520 -54.68 21.38 5.21
C LEU B 520 -53.17 21.39 5.20
N GLN B 521 -52.58 22.57 5.05
CA GLN B 521 -51.14 22.75 5.07
C GLN B 521 -50.77 23.86 6.04
N VAL B 522 -49.60 23.76 6.65
CA VAL B 522 -49.16 24.67 7.70
C VAL B 522 -47.83 25.29 7.29
N THR B 523 -47.72 26.60 7.44
CA THR B 523 -46.46 27.31 7.24
C THR B 523 -46.17 28.15 8.48
N LYS B 524 -44.96 28.69 8.55
CA LYS B 524 -44.65 29.66 9.59
C LYS B 524 -45.33 30.99 9.28
N GLY B 525 -46.02 31.55 10.27
CA GLY B 525 -46.73 32.79 10.04
C GLY B 525 -47.28 33.44 11.30
N SER B 526 -48.36 34.20 11.15
CA SER B 526 -48.93 35.00 12.22
C SER B 526 -50.37 34.62 12.52
N GLY B 527 -50.71 33.35 12.41
CA GLY B 527 -52.07 32.89 12.68
C GLY B 527 -53.07 33.19 11.59
N LYS B 528 -52.60 33.57 10.39
CA LYS B 528 -53.50 33.86 9.28
C LYS B 528 -54.14 32.58 8.75
N LEU B 529 -55.41 32.67 8.41
CA LEU B 529 -56.17 31.54 7.89
C LEU B 529 -56.46 31.75 6.41
N ALA B 530 -56.03 30.80 5.58
CA ALA B 530 -56.27 30.83 4.15
C ALA B 530 -57.29 29.77 3.80
N THR B 531 -58.28 30.14 3.00
CA THR B 531 -59.37 29.24 2.63
C THR B 531 -59.38 29.06 1.12
N SER B 532 -59.61 27.82 0.68
CA SER B 532 -59.71 27.54 -0.74
C SER B 532 -60.75 26.45 -0.96
N GLY B 533 -61.48 26.59 -2.06
CA GLY B 533 -62.53 25.65 -2.37
C GLY B 533 -63.67 25.63 -1.40
N LEU B 534 -63.90 26.75 -0.71
CA LEU B 534 -64.96 26.83 0.29
C LEU B 534 -66.31 27.20 -0.32
N TRP B 535 -66.36 27.35 -1.64
CA TRP B 535 -67.63 27.51 -2.37
C TRP B 535 -68.31 28.83 -2.01
N ASN B 536 -67.52 29.79 -1.55
CA ASN B 536 -67.97 31.13 -1.14
C ASN B 536 -69.26 31.09 -0.35
N SER B 537 -69.41 30.07 0.49
CA SER B 537 -70.64 29.87 1.26
C SER B 537 -70.48 30.55 2.62
N SER B 538 -71.42 31.42 2.96
CA SER B 538 -71.39 32.12 4.24
C SER B 538 -71.47 31.13 5.40
N SER B 539 -72.35 30.13 5.27
CA SER B 539 -72.46 29.10 6.31
C SER B 539 -71.16 28.31 6.45
N ALA B 540 -70.59 27.88 5.33
CA ALA B 540 -69.33 27.14 5.39
C ALA B 540 -68.21 28.00 5.96
N LYS B 541 -68.14 29.27 5.54
CA LYS B 541 -67.09 30.14 6.02
C LYS B 541 -67.23 30.39 7.52
N GLU B 542 -68.47 30.59 7.99
CA GLU B 542 -68.66 30.83 9.41
C GLU B 542 -68.36 29.58 10.23
N GLN B 543 -68.70 28.39 9.71
CA GLN B 543 -68.33 27.17 10.42
C GLN B 543 -66.81 27.05 10.51
N VAL B 544 -66.11 27.36 9.42
CA VAL B 544 -64.65 27.27 9.43
C VAL B 544 -64.06 28.25 10.43
N LYS B 545 -64.56 29.48 10.46
CA LYS B 545 -63.99 30.46 11.37
C LYS B 545 -64.29 30.12 12.82
N ILE B 546 -65.47 29.55 13.09
CA ILE B 546 -65.78 29.11 14.44
C ILE B 546 -64.85 27.98 14.86
N ALA B 547 -64.60 27.04 13.94
CA ALA B 547 -63.66 25.97 14.25
C ALA B 547 -62.26 26.50 14.51
N PHE B 548 -61.83 27.49 13.71
CA PHE B 548 -60.51 28.07 13.92
C PHE B 548 -60.42 28.81 15.25
N ASP B 549 -61.49 29.51 15.63
CA ASP B 549 -61.52 30.19 16.92
C ASP B 549 -61.46 29.19 18.07
N TYR B 550 -62.19 28.08 17.96
CA TYR B 550 -62.13 27.07 19.01
C TYR B 550 -60.76 26.42 19.06
N PHE B 551 -60.12 26.25 17.89
CA PHE B 551 -58.76 25.74 17.86
C PHE B 551 -57.78 26.68 18.57
N LYS B 552 -57.95 27.98 18.34
CA LYS B 552 -57.11 28.96 19.03
C LYS B 552 -57.35 28.93 20.53
N ALA B 553 -58.62 28.84 20.93
CA ALA B 553 -58.95 28.88 22.37
C ALA B 553 -58.42 27.67 23.11
N ASN B 554 -58.55 26.48 22.54
CA ASN B 554 -58.18 25.24 23.21
C ASN B 554 -56.87 24.64 22.68
N ALA B 555 -55.92 25.49 22.28
CA ALA B 555 -54.66 25.00 21.75
C ALA B 555 -53.88 24.22 22.79
N SER B 556 -53.90 24.69 24.05
CA SER B 556 -53.14 24.02 25.10
C SER B 556 -53.68 22.62 25.38
N ARG B 557 -54.99 22.44 25.36
CA ARG B 557 -55.59 21.15 25.68
C ARG B 557 -55.42 20.13 24.56
N ILE B 558 -55.07 20.57 23.36
CA ILE B 558 -55.01 19.70 22.20
C ILE B 558 -53.57 19.45 21.75
N SER B 559 -52.75 20.49 21.72
CA SER B 559 -51.40 20.41 21.18
C SER B 559 -50.33 20.22 22.25
N GLY B 560 -50.53 20.76 23.45
CA GLY B 560 -49.55 20.60 24.51
C GLY B 560 -48.29 21.42 24.34
N GLY B 561 -48.39 22.56 23.65
CA GLY B 561 -47.24 23.44 23.54
C GLY B 561 -47.10 24.11 22.19
N SER B 562 -47.73 23.54 21.16
CA SER B 562 -47.64 24.11 19.82
C SER B 562 -48.42 25.42 19.76
N LYS B 563 -47.78 26.47 19.25
CA LYS B 563 -48.35 27.81 19.31
C LYS B 563 -49.05 28.13 17.99
N VAL B 564 -50.35 28.45 18.08
CA VAL B 564 -51.14 28.74 16.89
C VAL B 564 -50.70 30.05 16.24
N MET B 565 -50.36 31.04 17.07
CA MET B 565 -50.01 32.36 16.55
C MET B 565 -48.72 32.36 15.74
N GLU B 566 -47.90 31.32 15.88
CA GLU B 566 -46.64 31.21 15.14
C GLU B 566 -46.78 30.42 13.84
N HIS B 567 -48.00 30.02 13.47
CA HIS B 567 -48.23 29.22 12.28
C HIS B 567 -49.46 29.73 11.53
N ASP B 568 -49.37 29.71 10.20
CA ASP B 568 -50.48 30.03 9.33
C ASP B 568 -51.00 28.76 8.66
N PHE B 569 -52.32 28.61 8.64
CA PHE B 569 -52.96 27.40 8.16
C PHE B 569 -53.73 27.71 6.89
N HIS B 570 -53.59 26.84 5.89
CA HIS B 570 -54.32 26.94 4.63
C HIS B 570 -55.15 25.66 4.47
N LEU B 571 -56.46 25.83 4.43
CA LEU B 571 -57.39 24.71 4.30
C LEU B 571 -58.06 24.74 2.93
N HIS B 572 -58.20 23.57 2.32
CA HIS B 572 -58.70 23.45 0.96
C HIS B 572 -59.75 22.35 0.96
N VAL B 573 -60.93 22.66 0.43
CA VAL B 573 -62.06 21.74 0.43
C VAL B 573 -62.19 21.13 -0.96
N VAL B 574 -62.26 19.80 -1.02
CA VAL B 574 -62.34 19.06 -2.27
C VAL B 574 -63.64 18.27 -2.29
N GLU B 575 -64.41 18.45 -3.36
CA GLU B 575 -65.64 17.70 -3.55
C GLU B 575 -65.40 16.55 -4.52
N LEU B 576 -65.77 15.33 -4.11
CA LEU B 576 -65.43 14.14 -4.87
C LEU B 576 -66.65 13.42 -5.44
N GLN B 577 -67.86 13.83 -5.09
CA GLN B 577 -69.06 13.19 -5.62
C GLN B 577 -70.05 14.16 -6.25
N ASN B 578 -69.68 15.44 -6.40
CA ASN B 578 -70.54 16.44 -7.03
C ASN B 578 -71.89 16.55 -6.33
N THR B 579 -71.91 16.37 -5.01
CA THR B 579 -73.16 16.36 -4.28
C THR B 579 -73.72 17.77 -4.08
N GLY B 580 -72.85 18.76 -3.83
CA GLY B 580 -73.29 20.12 -3.62
C GLY B 580 -72.71 20.72 -2.36
N PRO B 581 -73.01 22.00 -2.12
CA PRO B 581 -72.46 22.67 -0.94
C PRO B 581 -72.91 22.03 0.36
N LEU B 582 -71.99 21.98 1.32
CA LEU B 582 -72.27 21.45 2.65
C LEU B 582 -72.21 22.56 3.69
N SER B 583 -73.18 22.55 4.61
CA SER B 583 -73.26 23.58 5.64
C SER B 583 -72.34 23.27 6.82
N HIS B 584 -72.58 22.16 7.51
CA HIS B 584 -71.88 21.87 8.75
C HIS B 584 -70.53 21.21 8.50
N LEU B 585 -69.46 21.92 8.83
CA LEU B 585 -68.09 21.43 8.61
C LEU B 585 -67.16 21.84 9.74
N ALA B 586 -67.71 22.35 10.84
CA ALA B 586 -66.86 22.93 11.90
C ALA B 586 -65.97 21.88 12.54
N LEU B 587 -66.55 20.78 12.99
CA LEU B 587 -65.78 19.72 13.66
C LEU B 587 -64.71 19.10 12.78
N PRO B 588 -64.97 18.68 11.54
CA PRO B 588 -63.88 18.17 10.70
C PRO B 588 -62.80 19.20 10.44
N SER B 589 -63.17 20.48 10.34
CA SER B 589 -62.17 21.52 10.13
C SER B 589 -61.30 21.70 11.37
N LEU B 590 -61.89 21.61 12.56
CA LEU B 590 -61.11 21.64 13.78
C LEU B 590 -60.15 20.47 13.83
N VAL B 591 -60.63 19.28 13.44
CA VAL B 591 -59.75 18.11 13.36
C VAL B 591 -58.64 18.37 12.35
N ALA B 592 -58.95 19.08 11.27
CA ALA B 592 -57.94 19.38 10.26
C ALA B 592 -56.84 20.26 10.83
N PHE B 593 -57.20 21.33 11.54
CA PHE B 593 -56.17 22.14 12.18
C PHE B 593 -55.35 21.32 13.17
N ALA B 594 -56.04 20.50 13.97
CA ALA B 594 -55.34 19.74 15.00
C ALA B 594 -54.34 18.78 14.38
N SER B 595 -54.73 18.13 13.27
CA SER B 595 -53.83 17.21 12.59
C SER B 595 -52.67 17.95 11.92
N GLY B 596 -52.97 19.07 11.26
CA GLY B 596 -51.93 19.79 10.54
C GLY B 596 -50.90 20.40 11.45
N LEU B 597 -51.35 21.05 12.53
CA LEU B 597 -50.40 21.71 13.43
C LEU B 597 -49.51 20.71 14.14
N LEU B 598 -50.08 19.59 14.58
CA LEU B 598 -49.31 18.60 15.32
C LEU B 598 -48.49 17.68 14.42
N GLY B 599 -48.77 17.65 13.13
CA GLY B 599 -48.04 16.75 12.25
C GLY B 599 -48.31 15.29 12.51
N ARG B 600 -49.47 14.95 13.06
CA ARG B 600 -49.84 13.57 13.35
C ARG B 600 -50.87 13.10 12.33
N SER B 601 -50.53 12.07 11.59
CA SER B 601 -51.42 11.58 10.54
C SER B 601 -52.67 10.96 11.15
N VAL B 602 -53.82 11.26 10.54
CA VAL B 602 -55.06 10.65 10.99
C VAL B 602 -55.04 9.17 10.66
N GLN B 603 -55.68 8.39 11.52
CA GLN B 603 -55.76 6.94 11.30
C GLN B 603 -56.46 6.65 9.97
N SER B 604 -56.00 5.59 9.31
CA SER B 604 -56.40 5.32 7.93
C SER B 604 -57.89 5.07 7.83
N GLN B 605 -58.47 5.52 6.71
CA GLN B 605 -59.88 5.24 6.38
C GLN B 605 -60.82 5.76 7.46
N MET B 606 -60.59 6.99 7.91
CA MET B 606 -61.33 7.55 9.02
C MET B 606 -62.44 8.46 8.52
N VAL B 607 -63.62 8.31 9.12
CA VAL B 607 -64.76 9.17 8.83
C VAL B 607 -65.18 9.85 10.12
N VAL B 608 -65.23 11.18 10.09
CA VAL B 608 -65.68 11.98 11.22
C VAL B 608 -67.05 12.55 10.88
N LEU B 609 -68.05 12.27 11.71
CA LEU B 609 -69.40 12.79 11.51
C LEU B 609 -69.83 13.63 12.70
N GLY B 610 -70.77 14.53 12.45
CA GLY B 610 -71.26 15.46 13.45
C GLY B 610 -70.62 16.83 13.31
N ASP B 611 -71.21 17.78 14.02
CA ASP B 611 -70.73 19.15 14.01
C ASP B 611 -70.56 19.63 15.44
N MET B 612 -70.06 20.85 15.58
CA MET B 612 -69.72 21.42 16.88
C MET B 612 -70.12 22.89 16.92
N SER B 613 -70.35 23.39 18.13
CA SER B 613 -70.66 24.79 18.35
C SER B 613 -69.47 25.52 18.98
N LEU B 614 -69.55 26.85 18.98
CA LEU B 614 -68.44 27.65 19.50
C LEU B 614 -68.15 27.33 20.96
N GLY B 615 -69.17 27.01 21.74
CA GLY B 615 -68.95 26.65 23.12
C GLY B 615 -68.50 25.22 23.34
N GLY B 616 -68.37 24.44 22.28
CA GLY B 616 -67.96 23.06 22.39
C GLY B 616 -69.08 22.05 22.47
N SER B 617 -70.32 22.46 22.18
CA SER B 617 -71.44 21.53 22.20
C SER B 617 -71.46 20.73 20.91
N VAL B 618 -71.52 19.41 21.05
CA VAL B 618 -71.50 18.48 19.91
C VAL B 618 -72.93 18.26 19.45
N THR B 619 -73.11 18.25 18.13
CA THR B 619 -74.45 18.07 17.57
C THR B 619 -74.61 16.66 17.00
N PRO B 620 -75.81 16.09 17.09
CA PRO B 620 -76.03 14.74 16.54
C PRO B 620 -75.94 14.75 15.02
N VAL B 621 -75.60 13.59 14.46
CA VAL B 621 -75.43 13.47 13.02
C VAL B 621 -76.80 13.28 12.38
N GLU B 622 -77.13 14.16 11.42
CA GLU B 622 -78.36 14.01 10.66
C GLU B 622 -78.20 12.95 9.58
N SER B 623 -79.21 12.10 9.44
CA SER B 623 -79.19 10.99 8.48
C SER B 623 -77.95 10.12 8.66
N ILE B 624 -77.79 9.62 9.89
CA ILE B 624 -76.61 8.83 10.23
C ILE B 624 -76.54 7.58 9.36
N ALA B 625 -77.67 6.92 9.13
CA ALA B 625 -77.66 5.68 8.37
C ALA B 625 -77.20 5.91 6.94
N GLU B 626 -77.79 6.91 6.26
CA GLU B 626 -77.42 7.17 4.87
C GLU B 626 -75.95 7.54 4.75
N CYS B 627 -75.45 8.36 5.67
CA CYS B 627 -74.02 8.63 5.70
C CYS B 627 -73.22 7.35 5.90
N LEU B 628 -73.79 6.38 6.62
CA LEU B 628 -73.08 5.12 6.81
C LEU B 628 -73.02 4.29 5.52
N GLN B 629 -74.11 4.23 4.76
CA GLN B 629 -74.01 3.54 3.47
C GLN B 629 -73.06 4.28 2.54
N VAL B 630 -73.05 5.62 2.61
CA VAL B 630 -72.10 6.40 1.82
C VAL B 630 -70.67 6.03 2.19
N ALA B 631 -70.40 5.93 3.49
CA ALA B 631 -69.06 5.55 3.95
C ALA B 631 -68.70 4.15 3.50
N PHE B 632 -69.65 3.22 3.57
CA PHE B 632 -69.39 1.86 3.12
C PHE B 632 -69.07 1.83 1.63
N ASP B 633 -69.80 2.61 0.84
CA ASP B 633 -69.52 2.70 -0.58
C ASP B 633 -68.19 3.40 -0.85
N ALA B 634 -67.79 4.29 0.06
CA ALA B 634 -66.55 5.04 -0.09
C ALA B 634 -65.33 4.23 0.32
N GLY B 635 -65.51 3.05 0.88
CA GLY B 635 -64.39 2.26 1.36
C GLY B 635 -63.99 2.54 2.79
N ALA B 636 -64.89 3.13 3.58
CA ALA B 636 -64.56 3.49 4.95
C ALA B 636 -64.47 2.25 5.84
N LYS B 637 -63.62 2.33 6.87
CA LYS B 637 -63.50 1.25 7.84
C LYS B 637 -63.66 1.71 9.28
N LYS B 638 -63.49 2.99 9.57
CA LYS B 638 -63.62 3.53 10.92
C LYS B 638 -64.59 4.69 10.92
N VAL B 639 -65.29 4.88 12.04
CA VAL B 639 -66.32 5.90 12.15
C VAL B 639 -66.18 6.62 13.48
N ALA B 640 -66.35 7.94 13.46
CA ALA B 640 -66.35 8.76 14.66
C ALA B 640 -67.79 9.19 14.93
N LEU B 641 -68.29 8.91 16.14
CA LEU B 641 -69.66 9.23 16.45
C LEU B 641 -69.76 10.03 17.75
N PRO B 642 -70.65 11.03 17.81
CA PRO B 642 -70.89 11.71 19.08
C PRO B 642 -71.79 10.88 19.99
N MET B 643 -71.76 11.19 21.28
CA MET B 643 -72.55 10.41 22.22
C MET B 643 -74.04 10.56 21.96
N SER B 644 -74.51 11.76 21.60
CA SER B 644 -75.93 11.97 21.36
C SER B 644 -76.43 11.18 20.16
N SER B 645 -75.54 10.83 19.23
CA SER B 645 -75.90 9.98 18.11
C SER B 645 -76.03 8.51 18.48
N ALA B 646 -75.66 8.14 19.71
CA ALA B 646 -75.81 6.75 20.13
C ALA B 646 -77.27 6.34 20.18
N ALA B 647 -78.18 7.29 20.45
CA ALA B 647 -79.60 6.99 20.40
C ALA B 647 -80.04 6.59 18.99
N ASP B 648 -79.27 6.98 17.98
CA ASP B 648 -79.53 6.58 16.60
C ASP B 648 -78.92 5.23 16.24
N ILE B 649 -78.19 4.60 17.16
CA ILE B 649 -77.63 3.27 16.91
C ILE B 649 -78.72 2.26 16.58
N PRO B 650 -79.84 2.17 17.32
CA PRO B 650 -80.86 1.17 16.97
C PRO B 650 -81.44 1.34 15.57
N THR B 651 -81.44 2.55 15.02
CA THR B 651 -81.96 2.76 13.68
C THR B 651 -81.03 2.25 12.59
N ILE B 652 -79.78 1.95 12.93
CA ILE B 652 -78.79 1.50 11.95
C ILE B 652 -78.96 0.00 11.69
N PRO B 653 -78.89 -0.44 10.42
CA PRO B 653 -78.85 -1.88 10.14
C PRO B 653 -77.64 -2.53 10.79
N VAL B 654 -77.83 -3.77 11.25
CA VAL B 654 -76.77 -4.47 11.98
C VAL B 654 -75.60 -4.77 11.06
N GLU B 655 -75.87 -5.26 9.85
CA GLU B 655 -74.79 -5.68 8.96
C GLU B 655 -73.91 -4.51 8.56
N LEU B 656 -74.50 -3.35 8.30
CA LEU B 656 -73.70 -2.17 7.94
C LEU B 656 -72.87 -1.69 9.12
N PHE B 657 -73.45 -1.70 10.32
CA PHE B 657 -72.73 -1.21 11.49
C PHE B 657 -71.60 -2.15 11.89
N THR B 658 -71.74 -3.44 11.55
CA THR B 658 -70.68 -4.40 11.88
C THR B 658 -69.43 -4.20 11.04
N LYS B 659 -69.50 -3.43 9.95
CA LYS B 659 -68.36 -3.26 9.06
C LYS B 659 -67.39 -2.17 9.52
N PHE B 660 -67.78 -1.33 10.49
CA PHE B 660 -66.99 -0.17 10.87
C PHE B 660 -66.51 -0.30 12.31
N GLN B 661 -65.25 0.08 12.54
CA GLN B 661 -64.69 0.14 13.89
C GLN B 661 -65.15 1.43 14.55
N THR B 662 -66.09 1.32 15.48
CA THR B 662 -66.71 2.47 16.10
C THR B 662 -65.75 3.15 17.08
N SER B 663 -65.74 4.48 17.06
CA SER B 663 -64.80 5.28 17.84
C SER B 663 -65.51 6.45 18.51
N PHE B 664 -66.60 6.17 19.24
CA PHE B 664 -67.39 7.20 19.90
C PHE B 664 -66.52 8.22 20.64
N TYR B 665 -66.54 9.46 20.17
CA TYR B 665 -65.74 10.53 20.75
C TYR B 665 -66.57 11.29 21.78
N ALA B 666 -66.07 12.46 22.17
CA ALA B 666 -66.69 13.30 23.18
C ALA B 666 -66.45 14.76 22.81
N ASP B 667 -66.52 15.65 23.81
CA ASP B 667 -66.28 17.07 23.60
C ASP B 667 -65.11 17.28 22.64
N PRO B 668 -65.19 18.28 21.74
CA PRO B 668 -64.26 18.38 20.61
C PRO B 668 -62.80 18.07 20.89
N VAL B 669 -62.33 18.38 22.10
CA VAL B 669 -60.95 18.01 22.47
C VAL B 669 -60.79 16.49 22.45
N ASP B 670 -61.74 15.77 23.04
CA ASP B 670 -61.68 14.31 23.01
C ASP B 670 -61.95 13.79 21.60
N ALA B 671 -62.72 14.53 20.81
CA ALA B 671 -62.90 14.16 19.41
C ALA B 671 -61.57 14.20 18.67
N VAL B 672 -60.77 15.24 18.90
CA VAL B 672 -59.43 15.32 18.34
C VAL B 672 -58.57 14.17 18.83
N PHE B 673 -58.63 13.89 20.14
CA PHE B 673 -57.80 12.83 20.70
C PHE B 673 -58.14 11.47 20.09
N LYS B 674 -59.43 11.21 19.87
CA LYS B 674 -59.83 9.99 19.18
C LYS B 674 -59.36 10.00 17.72
N GLY B 675 -59.49 11.14 17.05
CA GLY B 675 -59.12 11.21 15.64
C GLY B 675 -57.65 10.95 15.40
N LEU B 676 -56.79 11.50 16.26
CA LEU B 676 -55.35 11.32 16.11
C LEU B 676 -54.89 9.90 16.35
N GLY B 677 -55.74 9.04 16.92
CA GLY B 677 -55.35 7.67 17.21
C GLY B 677 -54.47 7.55 18.44
N ALA C 4 -40.50 -29.52 -77.39
CA ALA C 4 -41.93 -29.50 -77.70
C ALA C 4 -42.59 -28.25 -77.13
N ASN C 5 -43.11 -28.38 -75.92
CA ASN C 5 -43.78 -27.25 -75.27
C ASN C 5 -42.83 -26.08 -75.09
N ASP C 6 -41.60 -26.35 -74.65
CA ASP C 6 -40.61 -25.29 -74.55
C ASP C 6 -40.29 -24.71 -75.92
N LYS C 7 -40.23 -25.56 -76.94
CA LYS C 7 -40.02 -25.07 -78.29
C LYS C 7 -41.18 -24.20 -78.75
N GLU C 8 -42.41 -24.59 -78.40
CA GLU C 8 -43.56 -23.74 -78.73
C GLU C 8 -43.46 -22.40 -78.02
N LEU C 9 -42.99 -22.42 -76.77
CA LEU C 9 -42.79 -21.18 -76.04
C LEU C 9 -41.76 -20.29 -76.74
N ASP C 10 -40.69 -20.90 -77.24
CA ASP C 10 -39.67 -20.14 -77.96
C ASP C 10 -40.24 -19.56 -79.26
N GLN C 11 -41.04 -20.34 -79.98
CA GLN C 11 -41.66 -19.81 -81.19
C GLN C 11 -42.58 -18.63 -80.86
N LEU C 12 -43.36 -18.75 -79.79
CA LEU C 12 -44.24 -17.66 -79.39
C LEU C 12 -43.44 -16.41 -79.01
N LEU C 13 -42.37 -16.60 -78.24
CA LEU C 13 -41.55 -15.44 -77.86
C LEU C 13 -40.93 -14.78 -79.08
N ASN C 14 -40.40 -15.57 -80.02
CA ASN C 14 -39.79 -14.99 -81.20
C ASN C 14 -40.81 -14.31 -82.10
N GLU C 15 -42.03 -14.85 -82.15
CA GLU C 15 -43.05 -14.27 -83.01
C GLU C 15 -43.59 -12.96 -82.43
N HIS C 16 -43.88 -12.95 -81.14
CA HIS C 16 -44.58 -11.82 -80.54
C HIS C 16 -43.66 -10.79 -79.91
N PHE C 17 -42.44 -11.16 -79.57
CA PHE C 17 -41.48 -10.22 -78.98
C PHE C 17 -40.23 -10.15 -79.83
N ALA C 18 -40.40 -10.05 -81.14
CA ALA C 18 -39.28 -10.04 -82.07
C ALA C 18 -38.36 -8.86 -81.80
N GLY C 19 -37.05 -9.11 -81.79
CA GLY C 19 -36.10 -8.04 -81.55
C GLY C 19 -35.88 -7.70 -80.11
N ARG C 20 -36.55 -8.37 -79.18
CA ARG C 20 -36.33 -8.16 -77.76
C ARG C 20 -36.10 -9.45 -77.00
N VAL C 21 -35.78 -10.54 -77.68
CA VAL C 21 -35.56 -11.84 -77.05
C VAL C 21 -34.22 -12.38 -77.51
N VAL C 22 -33.43 -12.91 -76.57
CA VAL C 22 -32.13 -13.48 -76.84
C VAL C 22 -32.01 -14.80 -76.10
N ARG C 23 -31.10 -15.65 -76.56
CA ARG C 23 -30.70 -16.79 -75.76
C ARG C 23 -29.81 -16.34 -74.62
N LYS C 24 -30.11 -16.80 -73.41
CA LYS C 24 -29.41 -16.27 -72.25
C LYS C 24 -28.13 -17.03 -71.99
N ASP C 25 -27.63 -17.70 -73.02
CA ASP C 25 -26.36 -18.41 -72.95
C ASP C 25 -25.23 -17.73 -73.70
N LEU C 26 -25.50 -17.20 -74.90
CA LEU C 26 -24.44 -16.60 -75.70
C LEU C 26 -23.86 -15.37 -75.03
N THR C 27 -24.66 -14.62 -74.28
CA THR C 27 -24.18 -13.37 -73.72
C THR C 27 -23.09 -13.60 -72.70
N LYS C 28 -23.04 -14.78 -72.08
CA LYS C 28 -21.93 -15.12 -71.22
C LYS C 28 -20.63 -15.18 -72.02
N LEU C 29 -20.72 -15.72 -73.23
CA LEU C 29 -19.54 -15.89 -74.08
C LEU C 29 -18.89 -14.56 -74.42
N ILE C 30 -19.67 -13.61 -74.92
CA ILE C 30 -19.14 -12.34 -75.37
C ILE C 30 -18.78 -11.46 -74.18
N LYS C 31 -19.68 -11.36 -73.21
CA LYS C 31 -19.42 -10.51 -72.06
C LYS C 31 -18.34 -11.14 -71.18
N GLU C 32 -17.09 -10.77 -71.41
CA GLU C 32 -16.10 -11.13 -70.41
C GLU C 32 -15.20 -9.95 -70.08
N GLY C 33 -14.89 -9.14 -71.08
CA GLY C 33 -14.05 -7.99 -70.88
C GLY C 33 -14.41 -6.83 -71.78
N ALA C 34 -15.52 -6.96 -72.50
CA ALA C 34 -15.92 -5.91 -73.43
C ALA C 34 -16.27 -4.65 -72.65
N ASN C 35 -15.94 -3.50 -73.24
CA ASN C 35 -16.06 -2.23 -72.56
C ASN C 35 -17.46 -1.64 -72.62
N VAL C 36 -18.29 -2.10 -73.55
CA VAL C 36 -19.70 -1.76 -73.56
C VAL C 36 -20.38 -2.60 -72.48
N PRO C 37 -21.49 -2.15 -71.90
CA PRO C 37 -22.15 -2.96 -70.88
C PRO C 37 -22.92 -4.12 -71.48
N VAL C 38 -23.63 -4.83 -70.62
CA VAL C 38 -24.33 -6.06 -70.99
C VAL C 38 -25.39 -5.77 -72.03
N TYR C 39 -26.06 -4.63 -71.88
CA TYR C 39 -27.27 -4.30 -72.63
C TYR C 39 -26.97 -4.28 -74.12
N VAL C 40 -25.82 -3.72 -74.46
CA VAL C 40 -25.36 -3.58 -75.85
C VAL C 40 -25.22 -4.96 -76.46
N LEU C 41 -24.58 -5.87 -75.73
CA LEU C 41 -24.37 -7.23 -76.20
C LEU C 41 -25.70 -7.93 -76.42
N GLU C 42 -26.60 -7.78 -75.44
CA GLU C 42 -27.93 -8.36 -75.53
C GLU C 42 -28.63 -7.91 -76.80
N TYR C 43 -28.67 -6.59 -77.02
CA TYR C 43 -29.41 -6.05 -78.15
C TYR C 43 -28.79 -6.46 -79.47
N LEU C 44 -27.46 -6.44 -79.55
CA LEU C 44 -26.80 -6.84 -80.79
C LEU C 44 -27.09 -8.29 -81.12
N LEU C 45 -27.04 -9.16 -80.12
CA LEU C 45 -27.32 -10.57 -80.35
C LEU C 45 -28.77 -10.79 -80.78
N GLY C 46 -29.69 -10.08 -80.14
CA GLY C 46 -31.08 -10.15 -80.52
C GLY C 46 -31.30 -9.71 -81.95
N MET C 47 -30.58 -8.66 -82.35
CA MET C 47 -30.65 -8.19 -83.73
C MET C 47 -30.17 -9.26 -84.70
N TYR C 48 -28.99 -9.82 -84.43
CA TYR C 48 -28.32 -10.65 -85.43
C TYR C 48 -28.88 -12.07 -85.51
N CYS C 49 -29.03 -12.75 -84.38
CA CYS C 49 -29.32 -14.18 -84.39
C CYS C 49 -30.60 -14.51 -85.17
N ALA C 50 -31.76 -14.09 -84.63
CA ALA C 50 -33.06 -14.28 -85.26
C ALA C 50 -33.27 -15.70 -85.80
N SER C 51 -32.64 -16.68 -85.18
CA SER C 51 -32.68 -18.05 -85.69
C SER C 51 -32.16 -19.05 -84.66
N ASP C 52 -31.94 -20.30 -85.08
CA ASP C 52 -31.32 -21.31 -84.23
C ASP C 52 -30.61 -22.37 -85.06
N ASP C 53 -29.30 -22.19 -85.28
CA ASP C 53 -28.51 -23.09 -86.10
C ASP C 53 -27.04 -22.99 -85.70
N PRO C 54 -26.35 -24.12 -85.52
CA PRO C 54 -24.99 -24.07 -84.96
C PRO C 54 -23.99 -23.29 -85.82
N GLU C 55 -24.33 -23.09 -87.09
CA GLU C 55 -23.46 -22.33 -87.99
C GLU C 55 -23.82 -20.85 -87.98
N ILE C 56 -25.11 -20.54 -87.90
CA ILE C 56 -25.58 -19.17 -87.89
C ILE C 56 -25.16 -18.46 -86.60
N ILE C 57 -25.24 -19.18 -85.47
CA ILE C 57 -24.92 -18.61 -84.16
C ILE C 57 -23.49 -18.08 -84.15
N GLU C 58 -22.55 -18.92 -84.60
CA GLU C 58 -21.15 -18.58 -84.55
C GLU C 58 -20.86 -17.37 -85.44
N GLN C 59 -21.41 -17.36 -86.65
CA GLN C 59 -21.18 -16.25 -87.55
C GLN C 59 -21.76 -14.95 -87.00
N GLY C 60 -22.96 -15.02 -86.43
CA GLY C 60 -23.55 -13.85 -85.83
C GLY C 60 -22.72 -13.30 -84.69
N LEU C 61 -22.22 -14.19 -83.85
CA LEU C 61 -21.41 -13.78 -82.71
C LEU C 61 -20.12 -13.13 -83.21
N ARG C 62 -19.53 -13.70 -84.26
CA ARG C 62 -18.30 -13.13 -84.82
C ARG C 62 -18.56 -11.75 -85.41
N ASN C 63 -19.71 -11.56 -86.06
CA ASN C 63 -20.06 -10.25 -86.58
C ASN C 63 -20.21 -9.24 -85.44
N VAL C 64 -20.83 -9.67 -84.35
CA VAL C 64 -21.00 -8.81 -83.18
C VAL C 64 -19.62 -8.39 -82.67
N LYS C 65 -18.70 -9.35 -82.57
CA LYS C 65 -17.35 -9.02 -82.11
C LYS C 65 -16.67 -8.05 -83.06
N THR C 66 -16.85 -8.26 -84.36
CA THR C 66 -16.21 -7.40 -85.36
C THR C 66 -16.71 -5.96 -85.25
N VAL C 67 -18.01 -5.77 -85.03
CA VAL C 67 -18.59 -4.44 -84.94
C VAL C 67 -17.94 -3.68 -83.79
N LEU C 68 -17.53 -4.39 -82.74
CA LEU C 68 -16.92 -3.77 -81.57
C LEU C 68 -15.39 -3.90 -81.63
N ALA C 69 -14.84 -3.78 -82.84
CA ALA C 69 -13.40 -3.87 -82.97
C ALA C 69 -12.79 -2.64 -83.64
N GLU C 70 -13.17 -2.38 -84.89
CA GLU C 70 -12.50 -1.31 -85.63
C GLU C 70 -13.06 0.04 -85.21
N ASN C 71 -14.38 0.16 -85.15
CA ASN C 71 -14.98 1.26 -84.42
C ASN C 71 -15.50 0.77 -83.08
N TYR C 72 -14.92 1.31 -82.02
CA TYR C 72 -15.15 0.77 -80.68
C TYR C 72 -14.92 1.90 -79.69
N VAL C 73 -14.93 1.55 -78.41
CA VAL C 73 -14.76 2.50 -77.33
C VAL C 73 -13.56 3.39 -77.61
N ARG C 74 -13.72 4.69 -77.39
CA ARG C 74 -12.73 5.69 -77.76
C ARG C 74 -12.32 6.46 -76.51
N PRO C 75 -11.50 5.85 -75.65
CA PRO C 75 -10.94 6.60 -74.53
C PRO C 75 -9.76 7.42 -75.01
N ASP C 76 -9.78 8.71 -74.67
CA ASP C 76 -8.71 9.71 -74.81
C ASP C 76 -8.23 9.79 -76.26
N GLU C 77 -8.87 9.04 -77.15
CA GLU C 77 -8.62 9.14 -78.58
C GLU C 77 -9.58 10.16 -79.17
N ALA C 78 -10.21 10.95 -78.30
CA ALA C 78 -11.21 11.91 -78.76
C ALA C 78 -10.62 12.86 -79.80
N GLU C 79 -9.37 13.27 -79.61
CA GLU C 79 -8.78 14.22 -80.53
C GLU C 79 -8.41 13.55 -81.85
N LYS C 80 -7.94 12.31 -81.79
CA LYS C 80 -7.61 11.59 -83.02
C LYS C 80 -8.84 11.42 -83.90
N VAL C 81 -9.96 11.04 -83.31
CA VAL C 81 -11.19 10.87 -84.08
C VAL C 81 -11.76 12.21 -84.51
N LYS C 82 -11.61 13.25 -83.69
CA LYS C 82 -12.07 14.56 -84.13
C LYS C 82 -11.32 15.01 -85.37
N SER C 83 -10.00 14.81 -85.39
CA SER C 83 -9.24 15.20 -86.58
C SER C 83 -9.56 14.29 -87.75
N LEU C 84 -9.82 13.01 -87.50
CA LEU C 84 -10.21 12.12 -88.59
C LEU C 84 -11.52 12.57 -89.21
N VAL C 85 -12.48 13.00 -88.39
CA VAL C 85 -13.72 13.55 -88.92
C VAL C 85 -13.44 14.80 -89.72
N ARG C 86 -12.56 15.66 -89.21
CA ARG C 86 -12.27 16.92 -89.89
C ARG C 86 -11.64 16.67 -91.24
N GLU C 87 -10.84 15.61 -91.36
CA GLU C 87 -10.10 15.37 -92.60
C GLU C 87 -10.91 14.55 -93.61
N ARG C 88 -11.44 13.40 -93.19
CA ARG C 88 -12.15 12.53 -94.10
C ARG C 88 -13.57 12.98 -94.40
N GLY C 89 -14.12 13.88 -93.60
CA GLY C 89 -15.48 14.35 -93.82
C GLY C 89 -16.53 13.58 -93.06
N SER C 90 -16.29 12.29 -92.82
CA SER C 90 -17.25 11.47 -92.10
C SER C 90 -16.53 10.28 -91.49
N TYR C 91 -16.91 9.93 -90.26
CA TYR C 91 -16.23 8.85 -89.56
C TYR C 91 -17.18 8.21 -88.56
N LYS C 92 -17.07 6.90 -88.40
CA LYS C 92 -18.03 6.12 -87.64
C LYS C 92 -17.49 5.75 -86.27
N VAL C 93 -18.26 6.04 -85.23
CA VAL C 93 -17.84 5.85 -83.84
C VAL C 93 -18.93 5.10 -83.09
N ILE C 94 -18.54 4.43 -82.01
CA ILE C 94 -19.48 3.82 -81.07
C ILE C 94 -19.36 4.58 -79.76
N ASP C 95 -20.46 5.18 -79.32
CA ASP C 95 -20.40 5.96 -78.09
C ASP C 95 -21.81 6.20 -77.57
N ARG C 96 -21.88 6.64 -76.32
CA ARG C 96 -23.16 6.87 -75.63
C ARG C 96 -23.63 8.29 -75.86
N VAL C 97 -24.73 8.45 -76.60
CA VAL C 97 -25.23 9.76 -77.00
C VAL C 97 -26.42 10.13 -76.13
N THR C 98 -26.43 11.38 -75.65
CA THR C 98 -27.55 11.96 -74.94
C THR C 98 -28.03 13.22 -75.68
N VAL C 99 -29.32 13.25 -76.00
CA VAL C 99 -29.85 14.32 -76.84
C VAL C 99 -30.69 15.25 -75.98
N LYS C 100 -30.52 16.55 -76.21
CA LYS C 100 -31.18 17.59 -75.46
C LYS C 100 -31.74 18.64 -76.42
N LEU C 101 -32.77 19.34 -75.99
CA LEU C 101 -33.34 20.41 -76.79
C LEU C 101 -32.83 21.75 -76.32
N ASN C 102 -32.14 22.48 -77.19
CA ASN C 102 -31.72 23.85 -76.93
C ASN C 102 -32.88 24.75 -77.36
N GLU C 103 -33.57 25.30 -76.37
CA GLU C 103 -34.72 26.16 -76.62
C GLU C 103 -34.29 27.50 -77.19
N ARG C 104 -33.16 28.03 -76.72
CA ARG C 104 -32.72 29.35 -77.16
C ARG C 104 -32.45 29.39 -78.65
N LYS C 105 -31.82 28.35 -79.20
CA LYS C 105 -31.61 28.22 -80.63
C LYS C 105 -32.66 27.37 -81.31
N ASP C 106 -33.49 26.66 -80.54
CA ASP C 106 -34.49 25.74 -81.08
C ASP C 106 -33.84 24.68 -81.96
N LYS C 107 -33.01 23.84 -81.35
CA LYS C 107 -32.42 22.75 -82.11
C LYS C 107 -31.96 21.67 -81.16
N TYR C 108 -31.73 20.48 -81.71
CA TYR C 108 -31.34 19.33 -80.92
C TYR C 108 -29.82 19.18 -80.87
N GLU C 109 -29.29 19.07 -79.67
CA GLU C 109 -27.85 18.93 -79.43
C GLU C 109 -27.60 17.56 -78.83
N ALA C 110 -26.71 16.80 -79.46
CA ALA C 110 -26.29 15.50 -78.96
C ALA C 110 -24.94 15.63 -78.28
N SER C 111 -24.78 14.94 -77.16
CA SER C 111 -23.56 14.95 -76.38
C SER C 111 -23.02 13.53 -76.32
N PHE C 112 -21.74 13.37 -76.63
CA PHE C 112 -21.07 12.08 -76.62
C PHE C 112 -20.31 11.94 -75.32
N SER C 113 -20.43 10.77 -74.67
CA SER C 113 -19.80 10.59 -73.37
C SER C 113 -18.29 10.54 -73.49
N ASN C 114 -17.78 9.73 -74.43
CA ASN C 114 -16.33 9.52 -74.50
C ASN C 114 -15.66 10.59 -75.36
N LEU C 115 -16.31 10.98 -76.45
CA LEU C 115 -15.74 11.99 -77.35
C LEU C 115 -15.48 13.32 -76.67
N GLY C 116 -16.24 13.66 -75.64
CA GLY C 116 -16.12 14.99 -75.09
C GLY C 116 -16.86 16.04 -75.88
N ILE C 117 -17.42 15.68 -77.04
CA ILE C 117 -18.28 16.60 -77.77
C ILE C 117 -19.56 16.80 -76.96
N LYS C 118 -19.96 18.06 -76.79
CA LYS C 118 -21.11 18.37 -75.96
C LYS C 118 -22.28 18.98 -76.71
N ASP C 119 -22.07 19.50 -77.92
CA ASP C 119 -23.15 20.21 -78.59
C ASP C 119 -23.28 19.85 -80.06
N ALA C 120 -23.06 18.60 -80.45
CA ALA C 120 -23.12 18.26 -81.85
C ALA C 120 -24.55 18.33 -82.35
N GLU C 121 -24.81 19.19 -83.33
CA GLU C 121 -26.18 19.36 -83.81
C GLU C 121 -26.67 18.07 -84.45
N ILE C 122 -27.91 17.69 -84.16
CA ILE C 122 -28.49 16.46 -84.68
C ILE C 122 -29.85 16.78 -85.28
N SER C 123 -30.15 16.15 -86.41
CA SER C 123 -31.38 16.45 -87.13
C SER C 123 -32.60 16.00 -86.33
N ALA C 124 -33.75 16.63 -86.64
CA ALA C 124 -34.96 16.35 -85.89
C ALA C 124 -35.49 14.95 -86.14
N GLY C 125 -35.33 14.43 -87.35
CA GLY C 125 -35.86 13.10 -87.66
C GLY C 125 -35.20 12.01 -86.84
N ILE C 126 -33.87 12.10 -86.68
CA ILE C 126 -33.15 11.07 -85.95
C ILE C 126 -33.62 11.00 -84.50
N VAL C 127 -33.71 12.15 -83.83
CA VAL C 127 -34.14 12.15 -82.44
C VAL C 127 -35.61 11.79 -82.32
N LYS C 128 -36.42 12.21 -83.28
CA LYS C 128 -37.84 11.85 -83.27
C LYS C 128 -38.03 10.35 -83.40
N GLU C 129 -37.12 9.67 -84.11
CA GLU C 129 -37.31 8.25 -84.35
C GLU C 129 -36.98 7.40 -83.12
N TYR C 130 -35.95 7.79 -82.36
CA TYR C 130 -35.49 7.02 -81.20
C TYR C 130 -35.61 7.89 -79.94
N GLU C 131 -36.69 7.71 -79.20
CA GLU C 131 -36.99 8.64 -78.10
C GLU C 131 -36.12 8.40 -76.88
N LYS C 132 -35.57 7.19 -76.72
CA LYS C 132 -34.77 6.91 -75.53
C LYS C 132 -33.52 7.78 -75.47
N LEU C 133 -33.11 8.36 -76.60
CA LEU C 133 -32.01 9.32 -76.58
C LEU C 133 -32.28 10.44 -75.58
N LEU C 134 -33.54 10.85 -75.46
CA LEU C 134 -33.89 12.00 -74.63
C LEU C 134 -33.97 11.68 -73.15
N VAL C 135 -34.09 10.40 -72.79
CA VAL C 135 -34.26 10.01 -71.40
C VAL C 135 -32.94 9.88 -70.65
N GLY C 136 -32.05 8.99 -71.08
CA GLY C 136 -30.79 8.84 -70.39
C GLY C 136 -29.62 8.64 -71.33
N GLY C 137 -29.86 8.71 -72.64
CA GLY C 137 -28.80 8.47 -73.60
C GLY C 137 -28.56 7.01 -73.82
N ILE C 138 -28.25 6.62 -75.06
CA ILE C 138 -28.06 5.22 -75.38
C ILE C 138 -26.76 5.04 -76.16
N TRP C 139 -26.24 3.82 -76.14
CA TRP C 139 -25.05 3.48 -76.89
C TRP C 139 -25.42 3.35 -78.36
N VAL C 140 -24.79 4.14 -79.21
CA VAL C 140 -25.15 4.16 -80.62
C VAL C 140 -23.89 4.11 -81.48
N ILE C 141 -24.09 3.72 -82.74
CA ILE C 141 -23.07 3.85 -83.77
C ILE C 141 -23.43 5.09 -84.59
N ALA C 142 -22.58 6.11 -84.52
CA ALA C 142 -22.87 7.40 -85.12
C ALA C 142 -21.83 7.74 -86.18
N THR C 143 -22.29 8.25 -87.32
CA THR C 143 -21.40 8.70 -88.38
C THR C 143 -21.26 10.21 -88.28
N LEU C 144 -20.22 10.66 -87.57
CA LEU C 144 -19.98 12.08 -87.39
C LEU C 144 -19.49 12.72 -88.68
N SER C 145 -19.91 13.96 -88.89
CA SER C 145 -19.48 14.79 -90.01
C SER C 145 -19.12 16.18 -89.53
N TYR C 146 -18.29 16.87 -90.29
CA TYR C 146 -17.71 18.14 -89.89
C TYR C 146 -18.03 19.20 -90.93
N TYR C 147 -18.55 20.34 -90.48
CA TYR C 147 -18.79 21.48 -91.34
C TYR C 147 -18.48 22.75 -90.57
N PHE C 148 -17.66 23.62 -91.16
CA PHE C 148 -17.17 24.81 -90.48
C PHE C 148 -17.48 26.04 -91.31
N GLU C 149 -18.16 27.01 -90.71
CA GLU C 149 -18.37 28.31 -91.33
C GLU C 149 -17.86 29.39 -90.40
N GLU C 150 -17.10 30.34 -90.96
CA GLU C 150 -16.40 31.33 -90.15
C GLU C 150 -17.37 32.12 -89.27
N GLY C 151 -17.02 32.26 -88.00
CA GLY C 151 -17.77 33.09 -87.08
C GLY C 151 -19.02 32.45 -86.52
N GLN C 152 -19.35 31.22 -86.90
CA GLN C 152 -20.56 30.58 -86.42
C GLN C 152 -20.44 30.29 -84.93
N THR C 153 -21.59 30.28 -84.25
CA THR C 153 -21.64 29.98 -82.83
C THR C 153 -22.03 28.53 -82.54
N SER C 154 -22.62 27.84 -83.50
CA SER C 154 -22.99 26.45 -83.31
C SER C 154 -21.76 25.57 -83.44
N SER C 155 -21.79 24.43 -82.75
CA SER C 155 -20.67 23.49 -82.83
C SER C 155 -20.58 22.94 -84.25
N PRO C 156 -19.38 22.83 -84.81
CA PRO C 156 -19.26 22.40 -86.21
C PRO C 156 -19.59 20.94 -86.45
N PHE C 157 -19.36 20.06 -85.48
CA PHE C 157 -19.57 18.63 -85.67
C PHE C 157 -21.05 18.33 -85.73
N GLY C 158 -21.43 17.40 -86.63
CA GLY C 158 -22.80 16.99 -86.76
C GLY C 158 -22.91 15.49 -86.88
N VAL C 159 -24.12 14.99 -86.66
CA VAL C 159 -24.42 13.58 -86.74
C VAL C 159 -25.32 13.37 -87.95
N SER C 160 -24.85 12.59 -88.92
CA SER C 160 -25.61 12.35 -90.14
C SER C 160 -26.40 11.05 -90.11
N LEU C 161 -25.81 10.00 -89.55
CA LEU C 161 -26.51 8.72 -89.38
C LEU C 161 -26.27 8.21 -87.97
N LEU C 162 -27.29 7.56 -87.42
CA LEU C 162 -27.19 7.04 -86.07
C LEU C 162 -27.96 5.73 -85.99
N LYS C 163 -27.31 4.69 -85.50
CA LYS C 163 -27.92 3.37 -85.38
C LYS C 163 -27.90 2.95 -83.91
N PRO C 164 -29.05 2.77 -83.28
CA PRO C 164 -29.07 2.41 -81.85
C PRO C 164 -28.55 1.01 -81.62
N ILE C 165 -28.03 0.80 -80.42
CA ILE C 165 -27.47 -0.48 -80.01
C ILE C 165 -28.06 -0.87 -78.66
N GLN C 166 -29.00 -0.07 -78.14
CA GLN C 166 -29.46 -0.30 -76.78
C GLN C 166 -30.98 -0.18 -76.63
N MET C 167 -31.75 -0.83 -77.51
CA MET C 167 -33.20 -0.84 -77.37
C MET C 167 -33.77 0.56 -77.37
N PRO C 168 -33.87 1.19 -78.53
CA PRO C 168 -34.20 2.62 -78.59
C PRO C 168 -35.60 2.98 -78.11
N ASN C 169 -36.52 2.03 -78.06
CA ASN C 169 -37.91 2.33 -77.78
C ASN C 169 -38.53 1.20 -76.97
N MET C 170 -39.60 1.51 -76.27
CA MET C 170 -40.49 0.49 -75.72
C MET C 170 -41.90 1.02 -75.74
N ASN C 171 -42.77 0.36 -76.50
CA ASN C 171 -44.17 0.73 -76.63
C ASN C 171 -44.98 -0.39 -75.99
N MET C 172 -45.80 -0.04 -75.01
CA MET C 172 -46.49 -1.07 -74.22
C MET C 172 -47.67 -1.68 -74.96
N ASP C 173 -48.08 -1.07 -76.07
CA ASP C 173 -49.23 -1.58 -76.81
C ASP C 173 -48.96 -2.99 -77.33
N GLU C 174 -47.77 -3.23 -77.87
CA GLU C 174 -47.43 -4.57 -78.32
C GLU C 174 -47.09 -5.47 -77.14
N LEU C 175 -46.61 -4.89 -76.03
CA LEU C 175 -46.34 -5.70 -74.85
C LEU C 175 -47.61 -6.33 -74.31
N PHE C 176 -48.68 -5.55 -74.22
CA PHE C 176 -49.95 -6.10 -73.76
C PHE C 176 -50.46 -7.17 -74.71
N SER C 177 -50.33 -6.95 -76.02
CA SER C 177 -50.78 -7.94 -76.99
C SER C 177 -49.99 -9.23 -76.84
N GLY C 178 -48.67 -9.13 -76.73
CA GLY C 178 -47.86 -10.32 -76.57
C GLY C 178 -48.19 -11.08 -75.30
N ARG C 179 -48.35 -10.36 -74.19
CA ARG C 179 -48.73 -11.02 -72.94
C ARG C 179 -50.09 -11.68 -73.08
N ALA C 180 -50.99 -11.07 -73.85
CA ALA C 180 -52.27 -11.71 -74.10
C ALA C 180 -52.11 -13.00 -74.89
N ALA C 181 -51.14 -13.04 -75.81
CA ALA C 181 -50.94 -14.24 -76.62
C ALA C 181 -50.35 -15.41 -75.85
N LEU C 182 -49.90 -15.19 -74.62
CA LEU C 182 -49.29 -16.25 -73.81
C LEU C 182 -50.15 -16.57 -72.61
N SER C 183 -50.10 -17.82 -72.18
CA SER C 183 -50.77 -18.23 -70.95
C SER C 183 -49.98 -17.77 -69.74
N THR C 184 -50.64 -17.78 -68.58
CA THR C 184 -50.03 -17.23 -67.38
C THR C 184 -48.75 -17.97 -67.00
N ASP C 185 -48.78 -19.31 -67.05
CA ASP C 185 -47.60 -20.08 -66.69
C ASP C 185 -46.47 -19.85 -67.67
N GLN C 186 -46.79 -19.73 -68.97
CA GLN C 186 -45.76 -19.45 -69.95
C GLN C 186 -45.11 -18.09 -69.70
N TRP C 187 -45.90 -17.09 -69.37
CA TRP C 187 -45.33 -15.78 -69.06
C TRP C 187 -44.51 -15.81 -67.79
N ARG C 188 -44.94 -16.60 -66.80
CA ARG C 188 -44.14 -16.73 -65.58
C ARG C 188 -42.79 -17.35 -65.89
N GLU C 189 -42.79 -18.38 -66.74
CA GLU C 189 -41.51 -18.97 -67.15
C GLU C 189 -40.66 -17.98 -67.94
N SER C 190 -41.31 -17.14 -68.75
CA SER C 190 -40.56 -16.11 -69.47
C SER C 190 -39.89 -15.14 -68.50
N LEU C 191 -40.62 -14.72 -67.46
CA LEU C 191 -40.03 -13.85 -66.45
C LEU C 191 -38.89 -14.54 -65.72
N ILE C 192 -39.05 -15.82 -65.41
CA ILE C 192 -37.97 -16.55 -64.74
C ILE C 192 -36.75 -16.62 -65.63
N ARG C 193 -36.94 -16.90 -66.92
CA ARG C 193 -35.82 -17.02 -67.83
C ARG C 193 -35.11 -15.69 -68.01
N SER C 194 -35.88 -14.60 -68.10
CA SER C 194 -35.28 -13.32 -68.50
C SER C 194 -34.26 -12.82 -67.49
N ILE C 195 -34.27 -13.36 -66.27
CA ILE C 195 -33.26 -12.96 -65.30
C ILE C 195 -32.13 -13.97 -65.32
N GLY C 196 -32.24 -14.97 -66.19
CA GLY C 196 -31.16 -15.93 -66.36
C GLY C 196 -31.32 -17.24 -65.62
N MET C 197 -32.52 -17.56 -65.14
CA MET C 197 -32.76 -18.80 -64.42
C MET C 197 -33.51 -19.78 -65.30
N GLU C 198 -33.41 -21.06 -64.94
CA GLU C 198 -34.08 -22.12 -65.68
C GLU C 198 -35.34 -22.55 -64.93
N PRO C 199 -36.53 -22.27 -65.49
CA PRO C 199 -37.76 -22.65 -64.77
C PRO C 199 -37.91 -24.14 -64.56
N ALA C 200 -37.47 -24.95 -65.52
CA ALA C 200 -37.73 -26.38 -65.48
C ALA C 200 -37.10 -27.06 -64.28
N SER C 201 -35.97 -26.57 -63.80
CA SER C 201 -35.26 -27.20 -62.70
C SER C 201 -35.66 -26.65 -61.34
N LEU C 202 -36.66 -25.79 -61.27
CA LEU C 202 -37.11 -25.19 -60.03
C LEU C 202 -38.57 -25.55 -59.77
N LYS C 203 -38.89 -25.86 -58.52
CA LYS C 203 -40.27 -26.11 -58.14
C LYS C 203 -41.07 -24.81 -58.21
N GLU C 204 -42.40 -24.94 -58.21
CA GLU C 204 -43.25 -23.77 -58.41
C GLU C 204 -43.09 -22.76 -57.28
N ASP C 205 -42.99 -23.24 -56.04
CA ASP C 205 -42.83 -22.32 -54.91
C ASP C 205 -41.55 -21.53 -55.01
N VAL C 206 -40.47 -22.16 -55.50
CA VAL C 206 -39.21 -21.45 -55.68
C VAL C 206 -39.36 -20.40 -56.78
N GLN C 207 -40.11 -20.73 -57.84
CA GLN C 207 -40.40 -19.75 -58.88
C GLN C 207 -41.12 -18.55 -58.29
N TRP C 208 -42.07 -18.81 -57.39
CA TRP C 208 -42.80 -17.72 -56.77
C TRP C 208 -41.89 -16.86 -55.90
N HIS C 209 -40.94 -17.50 -55.22
CA HIS C 209 -39.96 -16.72 -54.45
C HIS C 209 -39.13 -15.84 -55.38
N LEU C 210 -38.77 -16.37 -56.55
CA LEU C 210 -38.03 -15.59 -57.53
C LEU C 210 -38.83 -14.37 -57.98
N LEU C 211 -40.12 -14.56 -58.19
CA LEU C 211 -40.99 -13.43 -58.57
C LEU C 211 -41.09 -12.42 -57.43
N ALA C 212 -41.17 -12.91 -56.20
CA ALA C 212 -41.23 -12.03 -55.04
C ALA C 212 -39.97 -11.19 -54.96
N ARG C 213 -38.86 -11.75 -55.43
CA ARG C 213 -37.64 -10.96 -55.53
C ARG C 213 -37.79 -9.81 -56.53
N MET C 214 -38.50 -10.04 -57.63
CA MET C 214 -38.68 -9.01 -58.64
C MET C 214 -39.71 -7.97 -58.23
N VAL C 215 -40.57 -8.28 -57.26
CA VAL C 215 -41.64 -7.36 -56.86
C VAL C 215 -41.15 -5.93 -56.56
N PRO C 216 -40.08 -5.72 -55.78
CA PRO C 216 -39.74 -4.33 -55.41
C PRO C 216 -39.49 -3.41 -56.60
N PHE C 217 -39.32 -3.95 -57.80
CA PHE C 217 -39.12 -3.08 -58.95
C PHE C 217 -40.40 -2.43 -59.43
N VAL C 218 -41.55 -3.06 -59.23
CA VAL C 218 -42.79 -2.57 -59.81
C VAL C 218 -43.70 -1.84 -58.83
N GLU C 219 -43.41 -1.89 -57.53
CA GLU C 219 -44.26 -1.27 -56.52
C GLU C 219 -43.48 -0.18 -55.80
N ASN C 220 -44.04 1.02 -55.73
CA ASN C 220 -43.40 2.13 -55.06
C ASN C 220 -43.30 1.88 -53.56
N ASN C 221 -42.16 2.26 -52.99
CA ASN C 221 -41.96 2.24 -51.54
C ASN C 221 -42.19 0.85 -50.96
N TYR C 222 -41.73 -0.17 -51.67
CA TYR C 222 -41.93 -1.56 -51.26
C TYR C 222 -40.70 -2.02 -50.49
N ASN C 223 -40.71 -1.80 -49.18
CA ASN C 223 -39.67 -2.33 -48.32
C ASN C 223 -39.78 -3.85 -48.27
N VAL C 224 -38.64 -4.55 -48.28
CA VAL C 224 -38.65 -6.00 -48.18
C VAL C 224 -37.31 -6.47 -47.64
N CYS C 225 -37.32 -7.57 -46.90
CA CYS C 225 -36.10 -8.16 -46.40
C CYS C 225 -36.03 -9.64 -46.76
N GLU C 226 -34.88 -10.07 -47.24
CA GLU C 226 -34.65 -11.46 -47.63
C GLU C 226 -33.35 -11.92 -46.97
N LEU C 227 -33.44 -12.93 -46.13
CA LEU C 227 -32.31 -13.46 -45.39
C LEU C 227 -32.19 -14.95 -45.67
N GLY C 228 -30.98 -15.42 -45.92
CA GLY C 228 -30.78 -16.81 -46.24
C GLY C 228 -29.33 -17.24 -46.33
N PRO C 229 -29.11 -18.47 -46.79
CA PRO C 229 -27.74 -19.00 -46.90
C PRO C 229 -26.95 -18.28 -47.98
N ARG C 230 -25.63 -18.34 -47.84
CA ARG C 230 -24.74 -17.78 -48.84
C ARG C 230 -24.85 -18.54 -50.15
N GLY C 231 -24.53 -17.87 -51.24
CA GLY C 231 -24.51 -18.51 -52.54
C GLY C 231 -25.88 -18.80 -53.11
N THR C 232 -26.93 -18.19 -52.57
CA THR C 232 -28.29 -18.41 -53.03
C THR C 232 -28.63 -17.54 -54.25
N GLY C 233 -27.76 -16.60 -54.60
CA GLY C 233 -28.05 -15.69 -55.68
C GLY C 233 -28.98 -14.57 -55.31
N LYS C 234 -28.95 -14.12 -54.06
CA LYS C 234 -29.83 -13.04 -53.62
C LYS C 234 -29.47 -11.73 -54.29
N SER C 235 -28.18 -11.40 -54.35
CA SER C 235 -27.75 -10.08 -54.78
C SER C 235 -27.48 -9.99 -56.28
N HIS C 236 -27.66 -11.07 -57.03
CA HIS C 236 -27.40 -11.03 -58.46
C HIS C 236 -28.29 -10.02 -59.17
N ILE C 237 -29.59 -10.06 -58.88
CA ILE C 237 -30.56 -9.32 -59.68
C ILE C 237 -30.42 -7.82 -59.44
N TYR C 238 -30.01 -7.43 -58.23
CA TYR C 238 -29.90 -6.01 -57.90
C TYR C 238 -28.56 -5.41 -58.29
N LYS C 239 -27.64 -6.19 -58.85
CA LYS C 239 -26.37 -5.65 -59.32
C LYS C 239 -26.18 -5.80 -60.82
N GLU C 240 -26.55 -6.95 -61.39
CA GLU C 240 -26.28 -7.21 -62.80
C GLU C 240 -27.48 -7.07 -63.71
N CYS C 241 -28.64 -7.61 -63.34
CA CYS C 241 -29.77 -7.69 -64.24
C CYS C 241 -30.75 -6.54 -64.09
N SER C 242 -30.28 -5.34 -63.72
CA SER C 242 -31.16 -4.19 -63.68
C SER C 242 -30.33 -2.92 -63.77
N PRO C 243 -30.57 -2.07 -64.76
CA PRO C 243 -29.84 -0.80 -64.85
C PRO C 243 -30.38 0.29 -63.94
N ASN C 244 -31.52 0.08 -63.28
CA ASN C 244 -32.18 1.13 -62.52
C ASN C 244 -32.18 0.86 -61.02
N SER C 245 -31.34 -0.06 -60.55
CA SER C 245 -31.24 -0.38 -59.14
C SER C 245 -29.79 -0.28 -58.69
N ILE C 246 -29.59 0.07 -57.43
CA ILE C 246 -28.25 0.20 -56.87
C ILE C 246 -28.16 -0.64 -55.61
N LEU C 247 -27.01 -1.28 -55.42
CA LEU C 247 -26.75 -2.08 -54.23
C LEU C 247 -25.65 -1.39 -53.44
N VAL C 248 -26.02 -0.86 -52.27
CA VAL C 248 -25.07 -0.27 -51.34
C VAL C 248 -24.40 -1.42 -50.61
N SER C 249 -23.08 -1.52 -50.74
CA SER C 249 -22.34 -2.61 -50.12
C SER C 249 -21.69 -2.15 -48.83
N GLY C 250 -21.41 -3.10 -47.95
CA GLY C 250 -20.64 -2.86 -46.75
C GLY C 250 -21.39 -2.18 -45.63
N GLY C 251 -22.57 -1.64 -45.89
CA GLY C 251 -23.33 -0.96 -44.86
C GLY C 251 -22.81 0.43 -44.53
N GLN C 252 -21.60 0.74 -44.97
CA GLN C 252 -20.97 2.04 -44.67
C GLN C 252 -21.53 3.07 -45.64
N THR C 253 -22.72 3.58 -45.33
CA THR C 253 -23.33 4.69 -46.05
C THR C 253 -23.91 5.66 -45.05
N THR C 254 -24.05 6.92 -45.46
CA THR C 254 -24.47 7.98 -44.57
C THR C 254 -25.81 8.55 -45.00
N VAL C 255 -26.44 9.26 -44.06
CA VAL C 255 -27.70 9.93 -44.36
C VAL C 255 -27.49 11.04 -45.38
N ALA C 256 -26.26 11.52 -45.52
CA ALA C 256 -25.97 12.52 -46.55
C ALA C 256 -26.12 11.92 -47.94
N ASN C 257 -25.74 10.66 -48.12
CA ASN C 257 -25.84 10.03 -49.44
C ASN C 257 -27.22 9.45 -49.68
N LEU C 258 -27.78 8.76 -48.69
CA LEU C 258 -29.06 8.09 -48.88
C LEU C 258 -30.20 9.08 -49.08
N PHE C 259 -30.34 10.06 -48.19
CA PHE C 259 -31.57 10.84 -48.12
C PHE C 259 -31.35 12.27 -48.62
N TYR C 260 -30.45 13.03 -48.02
CA TYR C 260 -30.32 14.44 -48.38
C TYR C 260 -28.95 14.93 -47.93
N ASN C 261 -28.26 15.67 -48.80
CA ASN C 261 -27.01 16.31 -48.45
C ASN C 261 -27.30 17.78 -48.17
N MET C 262 -27.31 18.16 -46.89
CA MET C 262 -27.72 19.50 -46.52
C MET C 262 -26.73 20.55 -47.03
N SER C 263 -25.44 20.23 -47.04
CA SER C 263 -24.44 21.20 -47.49
C SER C 263 -24.62 21.52 -48.97
N SER C 264 -24.78 20.51 -49.81
CA SER C 264 -24.92 20.72 -51.25
C SER C 264 -26.37 20.90 -51.69
N ARG C 265 -27.33 20.71 -50.79
CA ARG C 265 -28.75 20.85 -51.11
C ARG C 265 -29.11 19.95 -52.30
N ARG C 266 -28.63 18.70 -52.25
CA ARG C 266 -28.85 17.75 -53.32
C ARG C 266 -29.48 16.48 -52.76
N ILE C 267 -30.52 16.00 -53.46
CA ILE C 267 -31.27 14.84 -52.98
C ILE C 267 -30.37 13.60 -52.98
N GLY C 268 -30.68 12.67 -52.10
CA GLY C 268 -29.87 11.48 -51.91
C GLY C 268 -30.12 10.43 -52.97
N LEU C 269 -29.68 9.20 -52.65
CA LEU C 269 -29.86 8.09 -53.57
C LEU C 269 -31.33 7.75 -53.75
N VAL C 270 -32.14 7.96 -52.72
CA VAL C 270 -33.56 7.60 -52.79
C VAL C 270 -34.27 8.36 -53.89
N GLY C 271 -33.77 9.54 -54.25
CA GLY C 271 -34.40 10.32 -55.29
C GLY C 271 -33.91 10.07 -56.69
N LEU C 272 -33.03 9.08 -56.87
CA LEU C 272 -32.46 8.82 -58.18
C LEU C 272 -32.75 7.43 -58.72
N TRP C 273 -32.83 6.42 -57.86
CA TRP C 273 -33.01 5.05 -58.29
C TRP C 273 -34.39 4.53 -57.90
N ASP C 274 -34.72 3.36 -58.43
CA ASP C 274 -36.00 2.74 -58.10
C ASP C 274 -35.85 1.67 -57.03
N VAL C 275 -34.69 1.04 -56.93
CA VAL C 275 -34.43 0.05 -55.89
C VAL C 275 -33.08 0.35 -55.25
N VAL C 276 -33.06 0.40 -53.93
CA VAL C 276 -31.83 0.55 -53.16
C VAL C 276 -31.73 -0.69 -52.28
N ALA C 277 -30.66 -1.47 -52.47
CA ALA C 277 -30.52 -2.74 -51.79
C ALA C 277 -29.34 -2.69 -50.83
N PHE C 278 -29.59 -2.93 -49.56
CA PHE C 278 -28.56 -2.99 -48.54
C PHE C 278 -28.09 -4.45 -48.42
N ASP C 279 -26.85 -4.69 -48.80
CA ASP C 279 -26.27 -6.01 -48.66
C ASP C 279 -25.44 -6.08 -47.38
N GLU C 280 -25.33 -7.28 -46.82
CA GLU C 280 -24.69 -7.49 -45.54
C GLU C 280 -25.34 -6.57 -44.49
N VAL C 281 -26.61 -6.85 -44.23
CA VAL C 281 -27.40 -6.06 -43.31
C VAL C 281 -26.75 -5.99 -41.93
N ALA C 282 -25.88 -6.95 -41.61
CA ALA C 282 -25.14 -6.89 -40.36
C ALA C 282 -24.15 -5.73 -40.35
N GLY C 283 -23.88 -5.13 -41.52
CA GLY C 283 -22.89 -4.08 -41.61
C GLY C 283 -23.43 -2.66 -41.62
N ILE C 284 -24.74 -2.48 -41.71
CA ILE C 284 -25.29 -1.13 -41.77
C ILE C 284 -25.12 -0.45 -40.42
N SER C 285 -24.67 0.80 -40.45
CA SER C 285 -24.53 1.62 -39.25
C SER C 285 -24.49 3.08 -39.68
N PHE C 286 -25.13 3.94 -38.90
CA PHE C 286 -25.23 5.36 -39.22
C PHE C 286 -24.40 6.18 -38.24
N LYS C 287 -23.55 7.04 -38.78
CA LYS C 287 -22.76 7.93 -37.92
C LYS C 287 -23.65 8.89 -37.14
N ASP C 288 -24.68 9.42 -37.80
CA ASP C 288 -25.64 10.30 -37.14
C ASP C 288 -26.70 9.47 -36.45
N LYS C 289 -27.24 9.99 -35.34
CA LYS C 289 -28.27 9.26 -34.61
C LYS C 289 -29.63 9.38 -35.29
N ASP C 290 -29.77 10.31 -36.24
CA ASP C 290 -31.03 10.47 -36.95
C ASP C 290 -31.24 9.43 -38.04
N GLY C 291 -30.22 8.63 -38.37
CA GLY C 291 -30.35 7.70 -39.47
C GLY C 291 -31.47 6.70 -39.27
N VAL C 292 -31.52 6.07 -38.10
CA VAL C 292 -32.56 5.09 -37.84
C VAL C 292 -33.93 5.75 -37.85
N GLN C 293 -34.05 6.91 -37.21
CA GLN C 293 -35.34 7.57 -37.12
C GLN C 293 -35.80 8.06 -38.48
N ILE C 294 -34.87 8.62 -39.28
CA ILE C 294 -35.21 9.05 -40.62
C ILE C 294 -35.61 7.88 -41.49
N MET C 295 -34.91 6.76 -41.37
CA MET C 295 -35.30 5.58 -42.15
C MET C 295 -36.69 5.10 -41.75
N LYS C 296 -36.99 5.11 -40.44
CA LYS C 296 -38.32 4.73 -40.00
C LYS C 296 -39.38 5.63 -40.64
N ASP C 297 -39.13 6.94 -40.62
CA ASP C 297 -40.08 7.86 -41.25
C ASP C 297 -40.25 7.57 -42.73
N TYR C 298 -39.14 7.39 -43.44
CA TYR C 298 -39.21 7.19 -44.88
C TYR C 298 -39.97 5.92 -45.22
N MET C 299 -39.61 4.81 -44.60
CA MET C 299 -40.30 3.56 -44.89
C MET C 299 -41.76 3.60 -44.49
N ALA C 300 -42.09 4.27 -43.37
CA ALA C 300 -43.49 4.31 -42.96
C ALA C 300 -44.34 5.15 -43.90
N SER C 301 -43.86 6.33 -44.28
CA SER C 301 -44.69 7.28 -45.00
C SER C 301 -44.23 7.58 -46.42
N GLY C 302 -42.98 7.32 -46.76
CA GLY C 302 -42.50 7.68 -48.08
C GLY C 302 -42.01 9.10 -48.21
N SER C 303 -41.98 9.87 -47.12
CA SER C 303 -41.46 11.22 -47.14
C SER C 303 -40.75 11.50 -45.82
N PHE C 304 -39.63 12.20 -45.91
CA PHE C 304 -38.82 12.48 -44.74
C PHE C 304 -38.50 13.97 -44.68
N ALA C 305 -38.37 14.48 -43.46
CA ALA C 305 -38.11 15.91 -43.25
C ALA C 305 -36.67 16.11 -42.79
N ARG C 306 -35.95 16.97 -43.50
CA ARG C 306 -34.58 17.30 -43.14
C ARG C 306 -34.47 18.82 -43.10
N GLY C 307 -33.89 19.34 -42.02
CA GLY C 307 -33.79 20.77 -41.87
C GLY C 307 -35.14 21.42 -41.74
N ARG C 308 -35.55 22.17 -42.77
CA ARG C 308 -36.83 22.84 -42.79
C ARG C 308 -37.77 22.33 -43.87
N GLU C 309 -37.33 21.38 -44.70
CA GLU C 309 -38.09 20.92 -45.84
C GLU C 309 -38.40 19.44 -45.74
N GLN C 310 -39.57 19.06 -46.22
CA GLN C 310 -39.94 17.66 -46.39
C GLN C 310 -39.72 17.27 -47.84
N MET C 311 -39.14 16.09 -48.05
CA MET C 311 -38.86 15.57 -49.38
C MET C 311 -39.53 14.21 -49.53
N GLU C 312 -40.09 13.97 -50.71
CA GLU C 312 -40.68 12.68 -51.04
C GLU C 312 -39.79 11.96 -52.03
N ALA C 313 -39.81 10.63 -51.96
CA ALA C 313 -39.05 9.80 -52.88
C ALA C 313 -39.70 8.42 -52.93
N SER C 314 -39.73 7.84 -54.13
CA SER C 314 -40.39 6.57 -54.34
C SER C 314 -39.43 5.39 -54.39
N ALA C 315 -38.24 5.51 -53.82
CA ALA C 315 -37.28 4.42 -53.86
C ALA C 315 -37.79 3.23 -53.04
N SER C 316 -37.58 2.04 -53.55
CA SER C 316 -37.96 0.82 -52.85
C SER C 316 -36.73 0.21 -52.19
N MET C 317 -36.85 -0.14 -50.91
CA MET C 317 -35.70 -0.59 -50.14
C MET C 317 -35.73 -2.11 -49.98
N VAL C 318 -34.60 -2.76 -50.26
CA VAL C 318 -34.44 -4.19 -50.09
C VAL C 318 -33.29 -4.41 -49.10
N PHE C 319 -33.43 -5.43 -48.26
CA PHE C 319 -32.40 -5.78 -47.28
C PHE C 319 -32.03 -7.23 -47.48
N VAL C 320 -30.87 -7.48 -48.11
CA VAL C 320 -30.43 -8.84 -48.38
C VAL C 320 -29.38 -9.22 -47.35
N GLY C 321 -29.57 -10.39 -46.73
CA GLY C 321 -28.70 -10.78 -45.63
C GLY C 321 -28.40 -12.27 -45.62
N ASN C 322 -27.24 -12.59 -45.05
CA ASN C 322 -26.76 -13.97 -44.96
C ASN C 322 -26.88 -14.45 -43.52
N ILE C 323 -27.46 -15.63 -43.34
CA ILE C 323 -27.59 -16.25 -42.02
C ILE C 323 -26.61 -17.42 -41.96
N ASN C 324 -26.18 -17.77 -40.76
CA ASN C 324 -25.22 -18.84 -40.56
C ASN C 324 -25.82 -20.06 -39.87
N GLN C 325 -26.94 -19.92 -39.18
CA GLN C 325 -27.53 -21.00 -38.42
C GLN C 325 -28.62 -21.70 -39.23
N SER C 326 -29.07 -22.84 -38.70
CA SER C 326 -30.19 -23.54 -39.31
C SER C 326 -31.50 -22.80 -39.01
N VAL C 327 -32.49 -23.04 -39.86
CA VAL C 327 -33.79 -22.39 -39.70
C VAL C 327 -34.43 -22.79 -38.38
N GLU C 328 -34.42 -24.10 -38.08
CA GLU C 328 -35.12 -24.60 -36.90
C GLU C 328 -34.50 -24.06 -35.62
N SER C 329 -33.16 -24.06 -35.54
CA SER C 329 -32.50 -23.56 -34.34
C SER C 329 -32.75 -22.07 -34.16
N LEU C 330 -32.68 -21.30 -35.25
CA LEU C 330 -32.95 -19.87 -35.15
C LEU C 330 -34.37 -19.60 -34.69
N VAL C 331 -35.34 -20.36 -35.20
CA VAL C 331 -36.72 -20.21 -34.76
C VAL C 331 -36.87 -20.57 -33.29
N LYS C 332 -36.24 -21.66 -32.85
CA LYS C 332 -36.45 -22.16 -31.49
C LYS C 332 -35.78 -21.27 -30.45
N THR C 333 -34.54 -20.87 -30.69
CA THR C 333 -33.77 -20.15 -29.67
C THR C 333 -33.88 -18.63 -29.78
N SER C 334 -34.27 -18.11 -30.94
CA SER C 334 -34.36 -16.66 -31.14
C SER C 334 -35.40 -16.33 -32.19
N HIS C 335 -35.32 -15.13 -32.75
CA HIS C 335 -36.12 -14.76 -33.91
C HIS C 335 -35.25 -14.83 -35.16
N LEU C 336 -35.91 -15.05 -36.30
CA LEU C 336 -35.20 -15.17 -37.57
C LEU C 336 -34.44 -13.91 -37.96
N LEU C 337 -34.80 -12.76 -37.42
CA LEU C 337 -34.16 -11.49 -37.76
C LEU C 337 -33.00 -11.15 -36.85
N ALA C 338 -32.30 -12.15 -36.33
CA ALA C 338 -31.12 -11.96 -35.50
C ALA C 338 -30.01 -11.16 -36.19
N PRO C 339 -29.66 -11.45 -37.45
CA PRO C 339 -28.50 -10.76 -38.05
C PRO C 339 -28.71 -9.28 -38.31
N PHE C 340 -29.93 -8.76 -38.23
CA PHE C 340 -30.10 -7.31 -38.26
C PHE C 340 -29.39 -6.70 -37.05
N PRO C 341 -28.80 -5.52 -37.22
CA PRO C 341 -28.00 -4.93 -36.14
C PRO C 341 -28.85 -4.69 -34.90
N GLU C 342 -28.20 -4.81 -33.73
CA GLU C 342 -28.91 -4.65 -32.47
C GLU C 342 -29.51 -3.24 -32.36
N ALA C 343 -28.81 -2.23 -32.89
CA ALA C 343 -29.37 -0.89 -32.96
C ALA C 343 -30.57 -0.80 -33.88
N MET C 344 -30.75 -1.78 -34.78
CA MET C 344 -31.89 -1.80 -35.68
C MET C 344 -32.97 -2.77 -35.23
N ILE C 345 -32.82 -3.42 -34.08
CA ILE C 345 -33.83 -4.33 -33.56
C ILE C 345 -34.91 -3.50 -32.87
N ASP C 346 -35.95 -3.15 -33.62
CA ASP C 346 -37.02 -2.31 -33.12
C ASP C 346 -38.33 -2.74 -33.77
N SER C 347 -39.36 -2.93 -32.94
CA SER C 347 -40.66 -3.30 -33.47
C SER C 347 -41.21 -2.23 -34.39
N ALA C 348 -41.09 -0.96 -33.98
CA ALA C 348 -41.58 0.14 -34.82
C ALA C 348 -40.85 0.19 -36.14
N PHE C 349 -39.54 -0.09 -36.14
CA PHE C 349 -38.80 -0.15 -37.40
C PHE C 349 -39.17 -1.40 -38.20
N PHE C 350 -39.18 -2.56 -37.55
CA PHE C 350 -39.38 -3.82 -38.27
C PHE C 350 -40.76 -3.86 -38.90
N ASP C 351 -41.75 -3.19 -38.30
CA ASP C 351 -43.11 -3.22 -38.80
C ASP C 351 -43.26 -2.59 -40.17
N ARG C 352 -42.31 -1.79 -40.61
CA ARG C 352 -42.39 -1.16 -41.92
C ARG C 352 -42.16 -2.13 -43.06
N PHE C 353 -41.53 -3.26 -42.80
CA PHE C 353 -41.23 -4.22 -43.85
C PHE C 353 -42.55 -4.79 -44.38
N HIS C 354 -42.70 -4.79 -45.70
CA HIS C 354 -43.92 -5.34 -46.28
C HIS C 354 -43.77 -6.81 -46.61
N ALA C 355 -42.58 -7.38 -46.41
CA ALA C 355 -42.37 -8.77 -46.80
C ALA C 355 -41.04 -9.29 -46.24
N TYR C 356 -41.08 -10.55 -45.79
CA TYR C 356 -39.89 -11.32 -45.43
C TYR C 356 -39.80 -12.49 -46.40
N ILE C 357 -38.95 -12.36 -47.40
CA ILE C 357 -38.76 -13.44 -48.37
C ILE C 357 -37.96 -14.55 -47.71
N PRO C 358 -38.46 -15.79 -47.72
CA PRO C 358 -37.73 -16.88 -47.05
C PRO C 358 -36.56 -17.38 -47.86
N GLY C 359 -35.38 -16.80 -47.66
CA GLY C 359 -34.22 -17.11 -48.48
C GLY C 359 -33.80 -18.57 -48.47
N TRP C 360 -34.10 -19.31 -47.41
CA TRP C 360 -33.62 -20.69 -47.32
C TRP C 360 -34.35 -21.60 -48.29
N GLU C 361 -35.62 -21.29 -48.60
CA GLU C 361 -36.38 -22.16 -49.49
C GLU C 361 -35.85 -22.18 -50.90
N ILE C 362 -34.97 -21.24 -51.25
CA ILE C 362 -34.35 -21.21 -52.57
C ILE C 362 -33.09 -22.07 -52.55
N PRO C 363 -32.95 -23.03 -53.45
CA PRO C 363 -31.77 -23.90 -53.43
C PRO C 363 -30.52 -23.16 -53.88
N LYS C 364 -29.37 -23.67 -53.45
CA LYS C 364 -28.09 -23.06 -53.83
C LYS C 364 -27.90 -23.16 -55.33
N MET C 365 -27.27 -22.14 -55.90
CA MET C 365 -27.19 -22.01 -57.35
C MET C 365 -26.20 -23.01 -57.94
N ARG C 366 -26.60 -23.63 -59.05
CA ARG C 366 -25.80 -24.61 -59.75
C ARG C 366 -25.93 -24.38 -61.24
N PRO C 367 -24.96 -24.84 -62.05
CA PRO C 367 -25.04 -24.63 -63.49
C PRO C 367 -26.26 -25.26 -64.14
N GLU C 368 -26.87 -26.25 -63.48
CA GLU C 368 -28.14 -26.78 -63.98
C GLU C 368 -29.23 -25.73 -63.98
N PHE C 369 -29.17 -24.78 -63.05
CA PHE C 369 -30.21 -23.78 -62.92
C PHE C 369 -30.08 -22.61 -63.90
N PHE C 370 -28.96 -22.48 -64.59
CA PHE C 370 -28.79 -21.45 -65.59
C PHE C 370 -29.38 -21.93 -66.91
N THR C 371 -30.24 -21.12 -67.50
CA THR C 371 -30.93 -21.51 -68.72
C THR C 371 -30.02 -21.40 -69.93
N ASN C 372 -30.49 -21.97 -71.04
CA ASN C 372 -29.91 -21.74 -72.35
C ASN C 372 -30.98 -21.46 -73.39
N ARG C 373 -32.20 -21.14 -72.97
CA ARG C 373 -33.32 -20.93 -73.85
C ARG C 373 -33.49 -19.44 -74.14
N TYR C 374 -34.61 -19.08 -74.75
CA TYR C 374 -34.89 -17.71 -75.12
C TYR C 374 -35.57 -16.98 -73.97
N GLY C 375 -35.18 -15.71 -73.76
CA GLY C 375 -35.80 -14.88 -72.76
C GLY C 375 -35.79 -13.43 -73.19
N LEU C 376 -36.49 -12.59 -72.42
CA LEU C 376 -36.51 -11.16 -72.73
C LEU C 376 -35.18 -10.52 -72.38
N ILE C 377 -34.87 -9.43 -73.07
CA ILE C 377 -33.67 -8.66 -72.77
C ILE C 377 -33.77 -8.13 -71.35
N VAL C 378 -32.62 -7.94 -70.69
CA VAL C 378 -32.61 -7.32 -69.38
C VAL C 378 -33.14 -5.89 -69.45
N ASP C 379 -32.74 -5.14 -70.48
CA ASP C 379 -33.17 -3.75 -70.59
C ASP C 379 -34.67 -3.65 -70.83
N TYR C 380 -35.21 -4.53 -71.67
CA TYR C 380 -36.64 -4.56 -71.90
C TYR C 380 -37.40 -4.90 -70.62
N LEU C 381 -36.89 -5.86 -69.86
CA LEU C 381 -37.53 -6.20 -68.59
C LEU C 381 -37.51 -5.02 -67.63
N ALA C 382 -36.39 -4.31 -67.55
CA ALA C 382 -36.30 -3.18 -66.63
C ALA C 382 -37.26 -2.06 -67.02
N GLU C 383 -37.36 -1.78 -68.32
CA GLU C 383 -38.30 -0.73 -68.73
C GLU C 383 -39.74 -1.18 -68.53
N PHE C 384 -40.00 -2.49 -68.68
CA PHE C 384 -41.31 -3.01 -68.33
C PHE C 384 -41.63 -2.73 -66.87
N PHE C 385 -40.67 -2.96 -65.99
CA PHE C 385 -40.89 -2.68 -64.57
C PHE C 385 -41.14 -1.19 -64.34
N ARG C 386 -40.34 -0.33 -64.96
CA ARG C 386 -40.50 1.10 -64.73
C ARG C 386 -41.86 1.59 -65.22
N GLU C 387 -42.34 1.07 -66.34
CA GLU C 387 -43.66 1.47 -66.81
C GLU C 387 -44.76 0.90 -65.93
N MET C 388 -44.56 -0.30 -65.38
CA MET C 388 -45.57 -0.88 -64.52
C MET C 388 -45.65 -0.18 -63.17
N ARG C 389 -44.60 0.52 -62.75
CA ARG C 389 -44.68 1.26 -61.50
C ARG C 389 -45.79 2.30 -61.51
N LYS C 390 -46.18 2.80 -62.69
CA LYS C 390 -47.15 3.88 -62.76
C LYS C 390 -48.59 3.42 -62.69
N ARG C 391 -48.85 2.11 -62.62
CA ARG C 391 -50.19 1.58 -62.54
C ARG C 391 -50.44 1.03 -61.14
N SER C 392 -51.64 0.47 -60.94
CA SER C 392 -52.00 -0.10 -59.65
C SER C 392 -53.05 -1.18 -59.81
N PHE C 393 -53.00 -2.18 -58.93
CA PHE C 393 -53.97 -3.27 -58.93
C PHE C 393 -54.33 -3.71 -57.52
N ALA C 394 -54.16 -2.83 -56.53
CA ALA C 394 -54.44 -3.22 -55.15
C ALA C 394 -55.93 -3.37 -54.87
N ASP C 395 -56.79 -2.74 -55.67
CA ASP C 395 -58.23 -2.85 -55.47
C ASP C 395 -58.80 -4.13 -56.05
N SER C 396 -57.97 -4.96 -56.68
CA SER C 396 -58.45 -6.23 -57.20
C SER C 396 -58.79 -7.21 -56.08
N ILE C 397 -58.21 -7.03 -54.90
CA ILE C 397 -58.51 -7.90 -53.77
C ILE C 397 -59.98 -7.78 -53.38
N GLU C 398 -60.50 -6.56 -53.35
CA GLU C 398 -61.86 -6.37 -52.85
C GLU C 398 -62.89 -6.63 -53.93
N LYS C 399 -62.47 -6.92 -55.16
CA LYS C 399 -63.43 -7.36 -56.16
C LYS C 399 -63.98 -8.74 -55.83
N TYR C 400 -63.20 -9.57 -55.15
CA TYR C 400 -63.59 -10.93 -54.84
C TYR C 400 -63.48 -11.31 -53.37
N PHE C 401 -62.55 -10.73 -52.64
CA PHE C 401 -62.25 -11.18 -51.29
C PHE C 401 -62.33 -10.03 -50.30
N LYS C 402 -62.25 -10.37 -49.03
CA LYS C 402 -62.17 -9.40 -47.94
C LYS C 402 -61.10 -9.86 -46.97
N LEU C 403 -60.32 -8.92 -46.44
CA LEU C 403 -59.27 -9.28 -45.50
C LEU C 403 -59.85 -9.58 -44.12
N GLY C 404 -59.16 -10.41 -43.36
CA GLY C 404 -59.65 -10.82 -42.07
C GLY C 404 -59.54 -9.74 -41.02
N ASN C 405 -59.99 -10.08 -39.81
CA ASN C 405 -60.04 -9.11 -38.72
C ASN C 405 -58.75 -8.99 -37.95
N ASN C 406 -57.78 -9.88 -38.19
CA ASN C 406 -56.53 -9.85 -37.44
C ASN C 406 -55.50 -8.91 -38.05
N LEU C 407 -55.82 -8.23 -39.15
CA LEU C 407 -54.88 -7.36 -39.84
C LEU C 407 -55.13 -5.92 -39.43
N ASN C 408 -54.11 -5.28 -38.86
CA ASN C 408 -54.20 -3.85 -38.61
C ASN C 408 -53.99 -3.09 -39.91
N GLN C 409 -54.01 -1.76 -39.82
CA GLN C 409 -53.91 -0.95 -41.03
C GLN C 409 -52.58 -1.16 -41.75
N ARG C 410 -51.49 -1.28 -41.01
CA ARG C 410 -50.19 -1.52 -41.64
C ARG C 410 -50.18 -2.85 -42.37
N ASP C 411 -50.77 -3.89 -41.77
CA ASP C 411 -50.81 -5.19 -42.43
C ASP C 411 -51.66 -5.14 -43.69
N VAL C 412 -52.77 -4.40 -43.66
CA VAL C 412 -53.58 -4.24 -44.87
C VAL C 412 -52.77 -3.55 -45.96
N ILE C 413 -52.03 -2.51 -45.58
CA ILE C 413 -51.19 -1.81 -46.55
C ILE C 413 -50.17 -2.76 -47.16
N ALA C 414 -49.48 -3.53 -46.33
CA ALA C 414 -48.44 -4.42 -46.82
C ALA C 414 -49.02 -5.48 -47.74
N VAL C 415 -50.16 -6.07 -47.35
CA VAL C 415 -50.76 -7.12 -48.17
C VAL C 415 -51.21 -6.55 -49.50
N ARG C 416 -51.81 -5.36 -49.49
CA ARG C 416 -52.25 -4.76 -50.75
C ARG C 416 -51.06 -4.47 -51.65
N LYS C 417 -49.98 -3.95 -51.09
CA LYS C 417 -48.82 -3.65 -51.93
C LYS C 417 -48.24 -4.92 -52.54
N THR C 418 -48.12 -5.99 -51.74
CA THR C 418 -47.56 -7.23 -52.28
C THR C 418 -48.45 -7.81 -53.36
N VAL C 419 -49.76 -7.81 -53.16
CA VAL C 419 -50.67 -8.33 -54.18
C VAL C 419 -50.59 -7.48 -55.43
N SER C 420 -50.52 -6.16 -55.29
CA SER C 420 -50.44 -5.30 -56.46
C SER C 420 -49.17 -5.59 -57.26
N GLY C 421 -48.05 -5.75 -56.55
CA GLY C 421 -46.81 -6.06 -57.24
C GLY C 421 -46.87 -7.38 -57.99
N LEU C 422 -47.36 -8.42 -57.32
CA LEU C 422 -47.41 -9.73 -57.96
C LEU C 422 -48.37 -9.72 -59.15
N MET C 423 -49.49 -9.03 -59.02
CA MET C 423 -50.47 -8.99 -60.11
C MET C 423 -49.95 -8.19 -61.28
N LYS C 424 -49.15 -7.15 -61.02
CA LYS C 424 -48.48 -6.46 -62.11
C LYS C 424 -47.48 -7.38 -62.80
N LEU C 425 -46.70 -8.13 -62.04
CA LEU C 425 -45.71 -9.02 -62.66
C LEU C 425 -46.38 -10.07 -63.53
N LEU C 426 -47.44 -10.70 -63.04
CA LEU C 426 -48.03 -11.82 -63.77
C LEU C 426 -49.09 -11.40 -64.77
N TYR C 427 -49.87 -10.36 -64.48
CA TYR C 427 -50.98 -9.94 -65.35
C TYR C 427 -50.89 -8.45 -65.67
N PRO C 428 -49.90 -8.04 -66.45
CA PRO C 428 -49.82 -6.62 -66.83
C PRO C 428 -51.01 -6.15 -67.63
N HIS C 429 -51.63 -7.03 -68.42
CA HIS C 429 -52.74 -6.59 -69.26
C HIS C 429 -54.04 -6.45 -68.49
N GLY C 430 -54.07 -6.81 -67.21
CA GLY C 430 -55.22 -6.51 -66.39
C GLY C 430 -56.39 -7.45 -66.49
N GLN C 431 -56.21 -8.63 -67.10
CA GLN C 431 -57.29 -9.60 -67.23
C GLN C 431 -56.98 -10.78 -66.31
N PHE C 432 -57.86 -11.03 -65.34
CA PHE C 432 -57.60 -12.09 -64.38
C PHE C 432 -58.92 -12.51 -63.73
N ASN C 433 -58.91 -13.68 -63.11
CA ASN C 433 -60.08 -14.26 -62.49
C ASN C 433 -59.85 -14.46 -61.00
N LYS C 434 -60.83 -15.08 -60.34
CA LYS C 434 -60.82 -15.16 -58.88
C LYS C 434 -59.64 -16.00 -58.37
N GLU C 435 -59.35 -17.12 -59.03
CA GLU C 435 -58.31 -18.02 -58.56
C GLU C 435 -56.94 -17.34 -58.55
N ASP C 436 -56.68 -16.52 -59.58
CA ASP C 436 -55.39 -15.84 -59.67
C ASP C 436 -55.18 -14.91 -58.48
N VAL C 437 -56.18 -14.08 -58.20
CA VAL C 437 -56.11 -13.18 -57.06
C VAL C 437 -55.99 -13.97 -55.77
N ARG C 438 -56.66 -15.13 -55.70
CA ARG C 438 -56.58 -15.94 -54.49
C ARG C 438 -55.16 -16.44 -54.26
N GLN C 439 -54.49 -16.89 -55.34
CA GLN C 439 -53.10 -17.34 -55.20
C GLN C 439 -52.21 -16.20 -54.75
N CYS C 440 -52.31 -15.04 -55.40
CA CYS C 440 -51.45 -13.93 -55.04
C CYS C 440 -51.70 -13.49 -53.59
N LEU C 441 -52.97 -13.47 -53.19
CA LEU C 441 -53.33 -13.10 -51.82
C LEU C 441 -52.79 -14.10 -50.81
N GLU C 442 -52.84 -15.39 -51.16
CA GLU C 442 -52.24 -16.41 -50.31
C GLU C 442 -50.77 -16.12 -50.07
N TYR C 443 -50.03 -15.87 -51.16
CA TYR C 443 -48.59 -15.64 -51.00
C TYR C 443 -48.32 -14.38 -50.18
N ALA C 444 -49.07 -13.30 -50.46
CA ALA C 444 -48.85 -12.05 -49.75
C ALA C 444 -49.13 -12.22 -48.26
N LEU C 445 -50.23 -12.90 -47.92
CA LEU C 445 -50.56 -13.11 -46.53
C LEU C 445 -49.49 -13.92 -45.83
N GLN C 446 -48.99 -14.96 -46.49
CA GLN C 446 -47.95 -15.77 -45.87
C GLN C 446 -46.69 -14.94 -45.60
N VAL C 447 -46.25 -14.17 -46.61
CA VAL C 447 -45.00 -13.45 -46.47
C VAL C 447 -45.11 -12.34 -45.43
N ARG C 448 -46.27 -11.69 -45.32
CA ARG C 448 -46.44 -10.70 -44.27
C ARG C 448 -46.56 -11.37 -42.89
N ARG C 449 -47.21 -12.53 -42.84
CA ARG C 449 -47.39 -13.21 -41.57
C ARG C 449 -46.05 -13.62 -40.99
N ARG C 450 -45.06 -13.92 -41.83
CA ARG C 450 -43.75 -14.26 -41.28
C ARG C 450 -43.18 -13.08 -40.48
N VAL C 451 -43.28 -11.87 -41.03
CA VAL C 451 -42.86 -10.67 -40.29
C VAL C 451 -43.69 -10.53 -39.03
N LYS C 452 -44.97 -10.84 -39.11
CA LYS C 452 -45.83 -10.70 -37.93
C LYS C 452 -45.39 -11.65 -36.83
N GLU C 453 -45.00 -12.88 -37.17
CA GLU C 453 -44.48 -13.80 -36.16
C GLU C 453 -43.20 -13.28 -35.54
N GLN C 454 -42.30 -12.74 -36.37
CA GLN C 454 -41.08 -12.15 -35.80
C GLN C 454 -41.42 -11.02 -34.84
N LEU C 455 -42.38 -10.18 -35.22
CA LEU C 455 -42.79 -9.07 -34.36
C LEU C 455 -43.39 -9.58 -33.07
N LYS C 456 -44.20 -10.65 -33.14
CA LYS C 456 -44.73 -11.23 -31.91
C LYS C 456 -43.61 -11.66 -30.99
N LYS C 457 -42.65 -12.42 -31.52
CA LYS C 457 -41.53 -12.87 -30.68
C LYS C 457 -40.77 -11.71 -30.07
N ILE C 458 -40.59 -10.61 -30.81
CA ILE C 458 -39.75 -9.52 -30.32
C ILE C 458 -40.52 -8.58 -29.39
N GLY C 459 -41.84 -8.48 -29.55
CA GLY C 459 -42.59 -7.45 -28.85
C GLY C 459 -43.62 -7.92 -27.85
N GLY C 460 -43.85 -9.22 -27.73
CA GLY C 460 -44.76 -9.70 -26.70
C GLY C 460 -46.21 -9.53 -27.11
N MET C 461 -46.99 -8.87 -26.24
CA MET C 461 -48.43 -8.83 -26.41
C MET C 461 -48.85 -7.89 -27.55
N GLU C 462 -48.02 -6.91 -27.89
CA GLU C 462 -48.43 -5.86 -28.80
C GLU C 462 -48.83 -6.39 -30.17
N PHE C 463 -48.35 -7.56 -30.57
CA PHE C 463 -48.62 -8.13 -31.88
C PHE C 463 -49.16 -9.55 -31.79
N TYR C 464 -50.18 -9.76 -30.95
CA TYR C 464 -50.69 -11.11 -30.76
C TYR C 464 -51.56 -11.57 -31.92
N ASP C 465 -52.25 -10.65 -32.59
CA ASP C 465 -53.17 -11.01 -33.68
C ASP C 465 -52.36 -11.41 -34.90
N VAL C 466 -51.93 -12.67 -34.91
CA VAL C 466 -51.12 -13.20 -36.00
C VAL C 466 -51.88 -14.17 -36.89
N HIS C 467 -53.16 -14.42 -36.62
CA HIS C 467 -53.93 -15.37 -37.41
C HIS C 467 -54.56 -14.67 -38.61
N PHE C 468 -53.77 -14.57 -39.67
CA PHE C 468 -54.22 -13.93 -40.89
C PHE C 468 -55.30 -14.78 -41.54
N SER C 469 -56.24 -14.13 -42.23
CA SER C 469 -57.33 -14.84 -42.86
C SER C 469 -57.92 -13.98 -43.97
N TYR C 470 -58.66 -14.63 -44.86
CA TYR C 470 -59.41 -13.89 -45.87
C TYR C 470 -60.74 -14.59 -46.14
N ILE C 471 -61.77 -13.78 -46.36
CA ILE C 471 -63.15 -14.24 -46.42
C ILE C 471 -63.67 -14.01 -47.83
N ASP C 472 -64.30 -15.04 -48.39
CA ASP C 472 -64.90 -14.91 -49.71
C ASP C 472 -66.09 -13.96 -49.62
N ASN C 473 -66.35 -13.24 -50.73
CA ASN C 473 -67.52 -12.39 -50.78
C ASN C 473 -68.81 -13.19 -50.97
N ASP C 474 -68.75 -14.31 -51.67
CA ASP C 474 -69.94 -15.06 -52.03
C ASP C 474 -70.22 -16.20 -51.06
N THR C 475 -69.27 -17.11 -50.89
CA THR C 475 -69.44 -18.26 -50.02
C THR C 475 -69.40 -17.89 -48.54
N LEU C 476 -68.71 -16.81 -48.19
CA LEU C 476 -68.42 -16.42 -46.82
C LEU C 476 -67.59 -17.46 -46.07
N GLU C 477 -67.07 -18.47 -46.77
CA GLU C 477 -66.11 -19.38 -46.16
C GLU C 477 -64.81 -18.65 -45.94
N GLU C 478 -64.29 -18.73 -44.71
CA GLU C 478 -63.06 -18.03 -44.34
C GLU C 478 -61.89 -18.98 -44.46
N HIS C 479 -60.80 -18.50 -45.04
CA HIS C 479 -59.59 -19.29 -45.24
C HIS C 479 -58.49 -18.71 -44.35
N PHE C 480 -57.78 -19.59 -43.66
CA PHE C 480 -56.66 -19.22 -42.81
C PHE C 480 -55.36 -19.51 -43.54
N VAL C 481 -54.34 -18.67 -43.30
CA VAL C 481 -53.05 -18.78 -43.96
C VAL C 481 -51.98 -18.90 -42.89
N SER C 482 -51.11 -19.89 -43.05
CA SER C 482 -50.02 -20.13 -42.11
C SER C 482 -48.68 -20.04 -42.83
N VAL C 483 -47.61 -20.20 -42.07
CA VAL C 483 -46.25 -20.16 -42.59
C VAL C 483 -45.70 -21.59 -42.48
N LYS C 484 -45.01 -22.03 -43.53
CA LYS C 484 -44.49 -23.39 -43.60
C LYS C 484 -43.53 -23.70 -42.45
N GLU C 485 -42.80 -22.69 -41.99
CA GLU C 485 -41.79 -22.89 -40.94
C GLU C 485 -42.42 -23.45 -39.68
N GLN C 486 -43.54 -22.90 -39.26
CA GLN C 486 -44.18 -23.32 -38.02
C GLN C 486 -45.57 -23.90 -38.28
N PRO C 493 -42.36 -30.97 -28.90
CA PRO C 493 -40.94 -30.78 -28.66
C PRO C 493 -40.51 -31.26 -27.28
N GLU C 494 -39.20 -31.43 -27.08
CA GLU C 494 -38.70 -31.93 -25.81
C GLU C 494 -38.48 -30.81 -24.82
N GLY C 495 -38.60 -31.13 -23.53
CA GLY C 495 -38.33 -30.19 -22.47
C GLY C 495 -39.59 -29.56 -21.91
N PRO C 496 -39.51 -29.06 -20.67
CA PRO C 496 -40.66 -28.39 -20.06
C PRO C 496 -40.89 -27.03 -20.70
N ALA C 497 -42.14 -26.78 -21.09
CA ALA C 497 -42.49 -25.52 -21.72
C ALA C 497 -42.63 -24.41 -20.68
N LYS C 498 -42.78 -23.19 -21.18
CA LYS C 498 -42.97 -22.04 -20.31
C LYS C 498 -44.35 -22.15 -19.64
N PRO C 499 -44.56 -21.46 -18.52
CA PRO C 499 -45.85 -21.54 -17.84
C PRO C 499 -47.00 -21.11 -18.76
N GLY C 500 -48.11 -21.84 -18.66
CA GLY C 500 -49.29 -21.54 -19.44
C GLY C 500 -49.29 -22.10 -20.85
N PHE C 501 -48.22 -22.76 -21.27
CA PHE C 501 -48.10 -23.24 -22.64
C PHE C 501 -48.27 -24.76 -22.65
N LEU C 502 -49.16 -25.24 -23.51
CA LEU C 502 -49.47 -26.67 -23.49
C LEU C 502 -49.88 -27.12 -24.88
N TYR C 503 -49.99 -28.44 -25.04
CA TYR C 503 -50.36 -29.08 -26.29
C TYR C 503 -51.56 -29.98 -26.05
N THR C 504 -52.51 -29.96 -26.98
CA THR C 504 -53.65 -30.87 -26.94
C THR C 504 -53.87 -31.45 -28.33
N ILE C 505 -54.72 -32.47 -28.40
CA ILE C 505 -55.14 -33.06 -29.66
C ILE C 505 -56.65 -33.18 -29.67
N GLY C 506 -57.28 -32.77 -30.77
CA GLY C 506 -58.72 -32.78 -30.81
C GLY C 506 -59.24 -33.02 -32.22
N LEU C 507 -60.48 -33.49 -32.27
CA LEU C 507 -61.14 -33.77 -33.54
C LEU C 507 -61.56 -32.46 -34.20
N SER C 508 -61.02 -32.20 -35.39
CA SER C 508 -61.40 -31.01 -36.13
C SER C 508 -62.88 -31.09 -36.51
N ASN C 509 -63.39 -29.96 -37.02
CA ASN C 509 -64.78 -29.92 -37.44
C ASN C 509 -65.09 -30.91 -38.55
N LYS C 510 -64.08 -31.39 -39.26
CA LYS C 510 -64.22 -32.48 -40.22
C LYS C 510 -64.08 -33.85 -39.59
N GLY C 511 -63.76 -33.92 -38.29
CA GLY C 511 -63.63 -35.19 -37.59
C GLY C 511 -62.28 -35.83 -37.65
N MET C 512 -61.27 -35.18 -38.23
CA MET C 512 -59.95 -35.81 -38.28
C MET C 512 -59.02 -35.14 -37.28
N PRO C 513 -58.48 -35.89 -36.32
CA PRO C 513 -57.81 -35.26 -35.16
C PRO C 513 -56.55 -34.51 -35.56
N GLY C 514 -56.24 -33.48 -34.78
CA GLY C 514 -55.05 -32.68 -35.02
C GLY C 514 -54.47 -32.15 -33.72
N LEU C 515 -53.21 -31.75 -33.81
CA LEU C 515 -52.45 -31.26 -32.65
C LEU C 515 -52.45 -29.75 -32.61
N TYR C 516 -52.96 -29.19 -31.51
CA TYR C 516 -53.13 -27.76 -31.33
C TYR C 516 -52.37 -27.31 -30.10
N ARG C 517 -52.01 -26.04 -30.05
CA ARG C 517 -51.16 -25.49 -29.01
C ARG C 517 -51.88 -24.33 -28.32
N LEU C 518 -51.85 -24.33 -26.98
CA LEU C 518 -52.44 -23.27 -26.19
C LEU C 518 -51.34 -22.45 -25.56
N GLU C 519 -51.35 -21.13 -25.81
CA GLU C 519 -50.35 -20.20 -25.31
C GLU C 519 -51.07 -19.17 -24.45
N LEU C 520 -50.82 -19.19 -23.14
CA LEU C 520 -51.53 -18.31 -22.22
C LEU C 520 -50.55 -17.43 -21.47
N GLN C 521 -50.91 -16.17 -21.32
CA GLN C 521 -50.11 -15.18 -20.60
C GLN C 521 -50.99 -14.45 -19.58
N VAL C 522 -50.38 -14.02 -18.48
CA VAL C 522 -51.11 -13.43 -17.36
C VAL C 522 -50.53 -12.05 -17.08
N THR C 523 -51.41 -11.07 -16.88
CA THR C 523 -51.01 -9.74 -16.44
C THR C 523 -51.85 -9.35 -15.23
N LYS C 524 -51.48 -8.26 -14.58
CA LYS C 524 -52.31 -7.73 -13.52
C LYS C 524 -53.53 -7.04 -14.11
N GLY C 525 -54.72 -7.37 -13.61
CA GLY C 525 -55.93 -6.81 -14.16
C GLY C 525 -57.17 -7.05 -13.32
N SER C 526 -58.32 -7.11 -13.99
CA SER C 526 -59.61 -7.22 -13.32
C SER C 526 -60.38 -8.47 -13.74
N GLY C 527 -59.69 -9.56 -14.03
CA GLY C 527 -60.35 -10.78 -14.46
C GLY C 527 -60.77 -10.81 -15.91
N LYS C 528 -60.29 -9.87 -16.72
CA LYS C 528 -60.65 -9.83 -18.13
C LYS C 528 -59.99 -10.96 -18.90
N LEU C 529 -60.71 -11.51 -19.87
CA LEU C 529 -60.25 -12.62 -20.68
C LEU C 529 -60.07 -12.15 -22.12
N ALA C 530 -58.89 -12.38 -22.68
CA ALA C 530 -58.59 -12.06 -24.07
C ALA C 530 -58.42 -13.35 -24.84
N THR C 531 -59.10 -13.44 -25.98
CA THR C 531 -59.11 -14.66 -26.80
C THR C 531 -58.55 -14.36 -28.17
N SER C 532 -57.62 -15.19 -28.62
CA SER C 532 -57.06 -14.99 -29.96
C SER C 532 -56.85 -16.34 -30.63
N GLY C 533 -57.12 -16.37 -31.94
CA GLY C 533 -56.87 -17.56 -32.73
C GLY C 533 -57.85 -18.69 -32.53
N LEU C 534 -59.09 -18.38 -32.10
CA LEU C 534 -60.09 -19.40 -31.87
C LEU C 534 -60.91 -19.73 -33.12
N TRP C 535 -60.43 -19.35 -34.29
CA TRP C 535 -61.06 -19.67 -35.57
C TRP C 535 -62.49 -19.11 -35.66
N ASN C 536 -62.72 -17.98 -34.99
CA ASN C 536 -64.00 -17.27 -34.97
C ASN C 536 -65.19 -18.22 -34.84
N SER C 537 -65.02 -19.29 -34.07
CA SER C 537 -66.06 -20.31 -33.89
C SER C 537 -66.73 -20.08 -32.54
N SER C 538 -68.06 -19.96 -32.56
CA SER C 538 -68.82 -19.74 -31.33
C SER C 538 -68.65 -20.88 -30.35
N SER C 539 -68.44 -22.10 -30.86
CA SER C 539 -68.20 -23.25 -29.99
C SER C 539 -66.92 -23.07 -29.18
N ALA C 540 -65.86 -22.56 -29.83
CA ALA C 540 -64.62 -22.30 -29.11
C ALA C 540 -64.83 -21.27 -28.01
N LYS C 541 -65.56 -20.18 -28.32
CA LYS C 541 -65.82 -19.16 -27.32
C LYS C 541 -66.62 -19.71 -26.15
N GLU C 542 -67.65 -20.52 -26.44
CA GLU C 542 -68.46 -21.03 -25.35
C GLU C 542 -67.66 -22.01 -24.48
N GLN C 543 -66.83 -22.85 -25.09
CA GLN C 543 -66.02 -23.76 -24.30
C GLN C 543 -65.02 -22.99 -23.44
N VAL C 544 -64.40 -21.95 -24.01
CA VAL C 544 -63.41 -21.18 -23.25
C VAL C 544 -64.09 -20.44 -22.10
N LYS C 545 -65.26 -19.86 -22.33
CA LYS C 545 -65.92 -19.13 -21.24
C LYS C 545 -66.42 -20.10 -20.17
N ILE C 546 -66.84 -21.30 -20.57
CA ILE C 546 -67.23 -22.31 -19.58
C ILE C 546 -66.03 -22.69 -18.72
N ALA C 547 -64.88 -22.90 -19.36
CA ALA C 547 -63.67 -23.24 -18.61
C ALA C 547 -63.26 -22.09 -17.69
N PHE C 548 -63.37 -20.86 -18.16
CA PHE C 548 -63.02 -19.70 -17.34
C PHE C 548 -63.96 -19.57 -16.14
N ASP C 549 -65.25 -19.83 -16.34
CA ASP C 549 -66.20 -19.79 -15.23
C ASP C 549 -65.89 -20.88 -14.22
N TYR C 550 -65.55 -22.08 -14.68
CA TYR C 550 -65.19 -23.15 -13.76
C TYR C 550 -63.90 -22.81 -13.01
N PHE C 551 -62.95 -22.18 -13.70
CA PHE C 551 -61.72 -21.74 -13.05
C PHE C 551 -62.00 -20.71 -11.97
N LYS C 552 -62.91 -19.77 -12.25
CA LYS C 552 -63.30 -18.79 -11.23
C LYS C 552 -63.97 -19.48 -10.04
N ALA C 553 -64.85 -20.45 -10.32
CA ALA C 553 -65.58 -21.10 -9.25
C ALA C 553 -64.66 -21.92 -8.34
N ASN C 554 -63.71 -22.65 -8.92
CA ASN C 554 -62.86 -23.56 -8.17
C ASN C 554 -61.44 -23.03 -8.00
N ALA C 555 -61.27 -21.70 -7.90
CA ALA C 555 -59.93 -21.14 -7.78
C ALA C 555 -59.27 -21.57 -6.47
N SER C 556 -60.03 -21.64 -5.39
CA SER C 556 -59.46 -22.02 -4.09
C SER C 556 -58.96 -23.46 -4.10
N ARG C 557 -59.68 -24.36 -4.77
CA ARG C 557 -59.30 -25.78 -4.78
C ARG C 557 -58.09 -26.05 -5.66
N ILE C 558 -57.74 -25.12 -6.53
CA ILE C 558 -56.69 -25.33 -7.51
C ILE C 558 -55.43 -24.52 -7.19
N SER C 559 -55.60 -23.25 -6.83
CA SER C 559 -54.47 -22.34 -6.62
C SER C 559 -54.07 -22.19 -5.16
N GLY C 560 -55.00 -22.31 -4.22
CA GLY C 560 -54.66 -22.21 -2.82
C GLY C 560 -54.35 -20.80 -2.35
N GLY C 561 -54.92 -19.79 -3.00
CA GLY C 561 -54.74 -18.43 -2.56
C GLY C 561 -54.61 -17.41 -3.67
N SER C 562 -54.25 -17.85 -4.87
CA SER C 562 -54.09 -16.95 -5.99
C SER C 562 -55.46 -16.43 -6.43
N LYS C 563 -55.59 -15.10 -6.55
CA LYS C 563 -56.88 -14.48 -6.79
C LYS C 563 -57.06 -14.22 -8.28
N VAL C 564 -58.14 -14.78 -8.84
CA VAL C 564 -58.40 -14.64 -10.27
C VAL C 564 -58.79 -13.21 -10.61
N MET C 565 -59.58 -12.58 -9.75
CA MET C 565 -60.10 -11.25 -10.04
C MET C 565 -59.02 -10.18 -10.12
N GLU C 566 -57.82 -10.46 -9.62
CA GLU C 566 -56.72 -9.51 -9.64
C GLU C 566 -55.82 -9.67 -10.86
N HIS C 567 -56.10 -10.64 -11.74
CA HIS C 567 -55.26 -10.90 -12.89
C HIS C 567 -56.12 -11.07 -14.14
N ASP C 568 -55.58 -10.64 -15.27
CA ASP C 568 -56.21 -10.82 -16.58
C ASP C 568 -55.42 -11.83 -17.40
N PHE C 569 -56.14 -12.70 -18.10
CA PHE C 569 -55.55 -13.80 -18.84
C PHE C 569 -55.78 -13.60 -20.33
N HIS C 570 -54.74 -13.85 -21.13
CA HIS C 570 -54.82 -13.81 -22.59
C HIS C 570 -54.43 -15.19 -23.11
N LEU C 571 -55.35 -15.83 -23.83
CA LEU C 571 -55.12 -17.16 -24.38
C LEU C 571 -55.14 -17.10 -25.90
N HIS C 572 -54.18 -17.77 -26.52
CA HIS C 572 -53.99 -17.76 -27.95
C HIS C 572 -53.89 -19.20 -28.43
N VAL C 573 -54.71 -19.55 -29.43
CA VAL C 573 -54.81 -20.92 -29.92
C VAL C 573 -54.06 -21.00 -31.24
N VAL C 574 -53.12 -21.94 -31.34
CA VAL C 574 -52.27 -22.08 -32.51
C VAL C 574 -52.55 -23.44 -33.14
N GLU C 575 -52.85 -23.43 -34.43
CA GLU C 575 -53.06 -24.67 -35.18
C GLU C 575 -51.78 -25.02 -35.94
N LEU C 576 -51.27 -26.23 -35.72
CA LEU C 576 -49.98 -26.64 -36.24
C LEU C 576 -50.05 -27.67 -37.35
N GLN C 577 -51.21 -28.28 -37.58
CA GLN C 577 -51.36 -29.27 -38.63
C GLN C 577 -52.41 -28.92 -39.67
N ASN C 578 -52.99 -27.71 -39.61
CA ASN C 578 -53.98 -27.25 -40.58
C ASN C 578 -55.19 -28.18 -40.66
N THR C 579 -55.53 -28.81 -39.53
CA THR C 579 -56.63 -29.76 -39.53
C THR C 579 -58.00 -29.10 -39.54
N GLY C 580 -58.12 -27.88 -39.01
CA GLY C 580 -59.38 -27.19 -38.97
C GLY C 580 -59.76 -26.80 -37.55
N PRO C 581 -60.83 -26.03 -37.41
CA PRO C 581 -61.26 -25.61 -36.07
C PRO C 581 -61.70 -26.79 -35.21
N LEU C 582 -61.46 -26.66 -33.91
CA LEU C 582 -61.84 -27.69 -32.93
C LEU C 582 -62.95 -27.17 -32.04
N SER C 583 -63.92 -28.04 -31.73
CA SER C 583 -65.06 -27.66 -30.92
C SER C 583 -64.73 -27.71 -29.43
N HIS C 584 -64.40 -28.89 -28.93
CA HIS C 584 -64.21 -29.09 -27.49
C HIS C 584 -62.82 -28.67 -27.05
N LEU C 585 -62.74 -27.68 -26.17
CA LEU C 585 -61.47 -27.14 -25.70
C LEU C 585 -61.52 -26.75 -24.23
N ALA C 586 -62.61 -27.10 -23.54
CA ALA C 586 -62.84 -26.58 -22.20
C ALA C 586 -61.78 -27.08 -21.21
N LEU C 587 -61.56 -28.39 -21.18
CA LEU C 587 -60.59 -28.96 -20.24
C LEU C 587 -59.17 -28.46 -20.49
N PRO C 588 -58.66 -28.49 -21.73
CA PRO C 588 -57.33 -27.90 -21.95
C PRO C 588 -57.28 -26.43 -21.63
N SER C 589 -58.37 -25.69 -21.87
CA SER C 589 -58.39 -24.28 -21.50
C SER C 589 -58.23 -24.12 -20.00
N LEU C 590 -58.99 -24.90 -19.21
CA LEU C 590 -58.89 -24.83 -17.76
C LEU C 590 -57.49 -25.16 -17.29
N VAL C 591 -56.88 -26.19 -17.90
CA VAL C 591 -55.49 -26.49 -17.59
C VAL C 591 -54.60 -25.30 -17.92
N ALA C 592 -54.91 -24.59 -19.00
CA ALA C 592 -54.11 -23.43 -19.40
C ALA C 592 -54.18 -22.32 -18.34
N PHE C 593 -55.40 -21.97 -17.89
CA PHE C 593 -55.49 -20.94 -16.86
C PHE C 593 -54.82 -21.40 -15.57
N ALA C 594 -55.00 -22.67 -15.20
CA ALA C 594 -54.41 -23.18 -13.97
C ALA C 594 -52.89 -23.09 -14.02
N SER C 595 -52.30 -23.42 -15.17
CA SER C 595 -50.85 -23.33 -15.31
C SER C 595 -50.39 -21.88 -15.32
N GLY C 596 -51.12 -21.01 -16.02
CA GLY C 596 -50.69 -19.63 -16.14
C GLY C 596 -50.76 -18.86 -14.83
N LEU C 597 -51.86 -19.02 -14.09
CA LEU C 597 -52.03 -18.28 -12.86
C LEU C 597 -51.00 -18.69 -11.81
N LEU C 598 -50.74 -19.99 -11.68
CA LEU C 598 -49.83 -20.48 -10.66
C LEU C 598 -48.36 -20.38 -11.06
N GLY C 599 -48.06 -20.20 -12.35
CA GLY C 599 -46.68 -20.14 -12.76
C GLY C 599 -45.94 -21.45 -12.63
N ARG C 600 -46.64 -22.57 -12.68
CA ARG C 600 -46.03 -23.89 -12.59
C ARG C 600 -45.94 -24.50 -13.98
N SER C 601 -44.73 -24.90 -14.36
CA SER C 601 -44.48 -25.37 -15.72
C SER C 601 -45.21 -26.67 -16.01
N VAL C 602 -45.73 -26.79 -17.24
CA VAL C 602 -46.40 -28.01 -17.66
C VAL C 602 -45.38 -29.14 -17.78
N GLN C 603 -45.84 -30.36 -17.48
CA GLN C 603 -45.00 -31.53 -17.67
C GLN C 603 -44.68 -31.69 -19.16
N SER C 604 -43.43 -32.06 -19.44
CA SER C 604 -42.95 -32.11 -20.82
C SER C 604 -43.61 -33.25 -21.59
N GLN C 605 -44.03 -32.95 -22.82
CA GLN C 605 -44.44 -33.96 -23.80
C GLN C 605 -45.62 -34.80 -23.32
N MET C 606 -46.65 -34.15 -22.77
CA MET C 606 -47.91 -34.83 -22.52
C MET C 606 -49.04 -34.18 -23.30
N VAL C 607 -50.03 -34.99 -23.67
CA VAL C 607 -51.22 -34.52 -24.38
C VAL C 607 -52.42 -34.75 -23.48
N VAL C 608 -53.16 -33.67 -23.21
CA VAL C 608 -54.35 -33.72 -22.38
C VAL C 608 -55.55 -33.91 -23.29
N LEU C 609 -56.26 -35.03 -23.11
CA LEU C 609 -57.42 -35.36 -23.92
C LEU C 609 -58.67 -35.40 -23.06
N GLY C 610 -59.81 -35.25 -23.72
CA GLY C 610 -61.10 -35.19 -23.06
C GLY C 610 -61.55 -33.75 -22.85
N ASP C 611 -62.85 -33.62 -22.56
CA ASP C 611 -63.46 -32.32 -22.33
C ASP C 611 -64.17 -32.35 -20.98
N MET C 612 -64.79 -31.22 -20.64
CA MET C 612 -65.47 -31.08 -19.36
C MET C 612 -66.76 -30.28 -19.55
N SER C 613 -67.67 -30.44 -18.60
CA SER C 613 -68.89 -29.66 -18.56
C SER C 613 -68.77 -28.55 -17.52
N LEU C 614 -69.77 -27.65 -17.51
CA LEU C 614 -69.77 -26.56 -16.55
C LEU C 614 -69.80 -27.07 -15.12
N GLY C 615 -70.53 -28.17 -14.87
CA GLY C 615 -70.59 -28.74 -13.54
C GLY C 615 -69.41 -29.60 -13.16
N GLY C 616 -68.45 -29.76 -14.05
CA GLY C 616 -67.29 -30.59 -13.77
C GLY C 616 -67.37 -32.01 -14.24
N SER C 617 -68.37 -32.35 -15.07
CA SER C 617 -68.47 -33.70 -15.60
C SER C 617 -67.49 -33.90 -16.74
N VAL C 618 -66.67 -34.95 -16.62
CA VAL C 618 -65.63 -35.23 -17.59
C VAL C 618 -66.20 -36.10 -18.70
N THR C 619 -65.82 -35.80 -19.94
CA THR C 619 -66.34 -36.53 -21.08
C THR C 619 -65.28 -37.47 -21.65
N PRO C 620 -65.70 -38.63 -22.16
CA PRO C 620 -64.72 -39.55 -22.76
C PRO C 620 -64.14 -38.98 -24.05
N VAL C 621 -62.93 -39.44 -24.39
CA VAL C 621 -62.24 -38.94 -25.57
C VAL C 621 -62.77 -39.68 -26.80
N GLU C 622 -63.23 -38.91 -27.79
CA GLU C 622 -63.65 -39.50 -29.05
C GLU C 622 -62.44 -39.86 -29.90
N SER C 623 -62.46 -41.06 -30.47
CA SER C 623 -61.37 -41.56 -31.30
C SER C 623 -60.04 -41.51 -30.56
N ILE C 624 -59.99 -42.20 -29.43
CA ILE C 624 -58.81 -42.15 -28.58
C ILE C 624 -57.58 -42.70 -29.30
N ALA C 625 -57.75 -43.80 -30.05
CA ALA C 625 -56.61 -44.42 -30.72
C ALA C 625 -56.02 -43.49 -31.77
N GLU C 626 -56.87 -42.84 -32.57
CA GLU C 626 -56.38 -41.95 -33.60
C GLU C 626 -55.59 -40.80 -32.99
N CYS C 627 -56.11 -40.21 -31.91
CA CYS C 627 -55.37 -39.19 -31.19
C CYS C 627 -54.07 -39.75 -30.64
N LEU C 628 -54.04 -41.06 -30.34
CA LEU C 628 -52.83 -41.65 -29.77
C LEU C 628 -51.72 -41.77 -30.81
N GLN C 629 -52.01 -42.25 -32.02
CA GLN C 629 -50.94 -42.23 -33.02
C GLN C 629 -50.63 -40.80 -33.46
N VAL C 630 -51.59 -39.89 -33.37
CA VAL C 630 -51.29 -38.49 -33.64
C VAL C 630 -50.26 -37.98 -32.63
N ALA C 631 -50.46 -38.30 -31.36
CA ALA C 631 -49.51 -37.92 -30.32
C ALA C 631 -48.16 -38.58 -30.54
N PHE C 632 -48.16 -39.85 -30.94
CA PHE C 632 -46.91 -40.55 -31.20
C PHE C 632 -46.15 -39.88 -32.35
N ASP C 633 -46.86 -39.48 -33.40
CA ASP C 633 -46.23 -38.76 -34.51
C ASP C 633 -45.78 -37.37 -34.08
N ALA C 634 -46.46 -36.80 -33.08
CA ALA C 634 -46.12 -35.47 -32.60
C ALA C 634 -44.94 -35.47 -31.64
N GLY C 635 -44.47 -36.63 -31.21
CA GLY C 635 -43.40 -36.71 -30.24
C GLY C 635 -43.84 -36.72 -28.80
N ALA C 636 -45.10 -37.02 -28.53
CA ALA C 636 -45.60 -37.03 -27.16
C ALA C 636 -45.02 -38.19 -26.36
N LYS C 637 -44.84 -37.98 -25.06
CA LYS C 637 -44.29 -39.00 -24.17
C LYS C 637 -45.20 -39.35 -23.02
N LYS C 638 -46.16 -38.50 -22.67
CA LYS C 638 -47.10 -38.77 -21.59
C LYS C 638 -48.51 -38.56 -22.13
N VAL C 639 -49.49 -39.18 -21.47
CA VAL C 639 -50.90 -39.00 -21.82
C VAL C 639 -51.70 -38.86 -20.54
N ALA C 640 -52.62 -37.91 -20.52
CA ALA C 640 -53.56 -37.72 -19.43
C ALA C 640 -54.94 -38.15 -19.90
N LEU C 641 -55.57 -39.04 -19.16
CA LEU C 641 -56.81 -39.65 -19.63
C LEU C 641 -57.88 -39.67 -18.55
N PRO C 642 -59.15 -39.52 -18.93
CA PRO C 642 -60.22 -39.62 -17.93
C PRO C 642 -60.56 -41.08 -17.63
N MET C 643 -61.30 -41.29 -16.55
CA MET C 643 -61.65 -42.66 -16.17
C MET C 643 -62.57 -43.31 -17.18
N SER C 644 -63.52 -42.54 -17.74
CA SER C 644 -64.49 -43.10 -18.67
C SER C 644 -63.84 -43.62 -19.94
N SER C 645 -62.70 -43.05 -20.34
CA SER C 645 -61.96 -43.53 -21.49
C SER C 645 -61.19 -44.81 -21.20
N ALA C 646 -61.13 -45.24 -19.94
CA ALA C 646 -60.45 -46.48 -19.61
C ALA C 646 -61.13 -47.68 -20.27
N ALA C 647 -62.45 -47.61 -20.46
CA ALA C 647 -63.14 -48.67 -21.18
C ALA C 647 -62.67 -48.76 -22.62
N ASP C 648 -62.09 -47.69 -23.15
CA ASP C 648 -61.50 -47.68 -24.48
C ASP C 648 -60.07 -48.18 -24.50
N ILE C 649 -59.49 -48.50 -23.34
CA ILE C 649 -58.13 -49.05 -23.30
C ILE C 649 -58.02 -50.34 -24.11
N PRO C 650 -58.95 -51.31 -24.00
CA PRO C 650 -58.81 -52.53 -24.82
C PRO C 650 -58.82 -52.27 -26.32
N THR C 651 -59.46 -51.19 -26.77
CA THR C 651 -59.48 -50.88 -28.20
C THR C 651 -58.15 -50.35 -28.71
N ILE C 652 -57.22 -50.00 -27.82
CA ILE C 652 -55.94 -49.42 -28.20
C ILE C 652 -54.94 -50.52 -28.51
N PRO C 653 -54.15 -50.40 -29.58
CA PRO C 653 -53.02 -51.33 -29.78
C PRO C 653 -52.03 -51.23 -28.64
N VAL C 654 -51.47 -52.39 -28.27
CA VAL C 654 -50.58 -52.44 -27.10
C VAL C 654 -49.27 -51.73 -27.38
N GLU C 655 -48.72 -51.93 -28.58
CA GLU C 655 -47.41 -51.36 -28.90
C GLU C 655 -47.44 -49.84 -28.86
N LEU C 656 -48.57 -49.23 -29.22
CA LEU C 656 -48.69 -47.79 -29.14
C LEU C 656 -48.88 -47.31 -27.70
N PHE C 657 -49.69 -48.03 -26.93
CA PHE C 657 -49.99 -47.62 -25.56
C PHE C 657 -48.76 -47.77 -24.68
N THR C 658 -47.86 -48.69 -25.02
CA THR C 658 -46.64 -48.87 -24.24
C THR C 658 -45.66 -47.71 -24.39
N LYS C 659 -45.84 -46.84 -25.39
CA LYS C 659 -44.92 -45.74 -25.61
C LYS C 659 -45.24 -44.50 -24.80
N PHE C 660 -46.42 -44.44 -24.17
CA PHE C 660 -46.88 -43.23 -23.50
C PHE C 660 -46.92 -43.43 -22.00
N GLN C 661 -46.45 -42.41 -21.26
CA GLN C 661 -46.49 -42.42 -19.81
C GLN C 661 -47.87 -42.00 -19.35
N THR C 662 -48.73 -42.99 -19.06
CA THR C 662 -50.14 -42.75 -18.79
C THR C 662 -50.33 -42.19 -17.38
N SER C 663 -51.16 -41.14 -17.28
CA SER C 663 -51.36 -40.41 -16.04
C SER C 663 -52.84 -40.14 -15.78
N PHE C 664 -53.67 -41.18 -15.78
CA PHE C 664 -55.12 -41.07 -15.66
C PHE C 664 -55.55 -40.05 -14.60
N TYR C 665 -56.25 -39.01 -15.04
CA TYR C 665 -56.69 -37.95 -14.13
C TYR C 665 -58.11 -38.25 -13.65
N ALA C 666 -58.74 -37.24 -13.05
CA ALA C 666 -60.07 -37.34 -12.48
C ALA C 666 -60.80 -36.02 -12.66
N ASP C 667 -61.80 -35.76 -11.82
CA ASP C 667 -62.56 -34.53 -11.85
C ASP C 667 -61.62 -33.34 -12.10
N PRO C 668 -62.06 -32.33 -12.88
CA PRO C 668 -61.15 -31.30 -13.39
C PRO C 668 -60.10 -30.78 -12.41
N VAL C 669 -60.43 -30.71 -11.12
CA VAL C 669 -59.44 -30.30 -10.14
C VAL C 669 -58.29 -31.30 -10.09
N ASP C 670 -58.61 -32.60 -10.08
CA ASP C 670 -57.55 -33.60 -10.09
C ASP C 670 -56.87 -33.66 -11.44
N ALA C 671 -57.57 -33.29 -12.51
CA ALA C 671 -56.93 -33.16 -13.81
C ALA C 671 -55.85 -32.09 -13.78
N VAL C 672 -56.16 -30.95 -13.15
CA VAL C 672 -55.16 -29.90 -12.97
C VAL C 672 -54.00 -30.40 -12.12
N PHE C 673 -54.31 -31.10 -11.03
CA PHE C 673 -53.25 -31.58 -10.15
C PHE C 673 -52.34 -32.57 -10.85
N LYS C 674 -52.89 -33.42 -11.71
CA LYS C 674 -52.07 -34.28 -12.56
C LYS C 674 -51.24 -33.45 -13.54
N GLY C 675 -51.85 -32.42 -14.13
CA GLY C 675 -51.15 -31.63 -15.13
C GLY C 675 -49.95 -30.90 -14.57
N LEU C 676 -50.09 -30.32 -13.38
CA LEU C 676 -49.02 -29.54 -12.78
C LEU C 676 -47.84 -30.38 -12.33
N GLY C 677 -48.01 -31.69 -12.23
CA GLY C 677 -46.94 -32.57 -11.77
C GLY C 677 -46.71 -32.50 -10.28
N ALA D 4 21.14 -21.75 -85.52
CA ALA D 4 20.63 -21.54 -86.87
C ALA D 4 19.25 -20.91 -86.83
N ASN D 5 18.46 -21.28 -85.82
CA ASN D 5 17.10 -20.75 -85.69
C ASN D 5 17.13 -19.25 -85.41
N ASP D 6 18.07 -18.79 -84.58
CA ASP D 6 18.11 -17.38 -84.20
C ASP D 6 18.32 -16.47 -85.41
N LYS D 7 19.26 -16.82 -86.28
CA LYS D 7 19.55 -15.97 -87.42
C LYS D 7 18.36 -15.92 -88.39
N GLU D 8 17.73 -17.06 -88.63
CA GLU D 8 16.53 -17.08 -89.47
C GLU D 8 15.42 -16.24 -88.85
N LEU D 9 15.24 -16.34 -87.53
CA LEU D 9 14.22 -15.55 -86.86
C LEU D 9 14.50 -14.06 -87.01
N ASP D 10 15.75 -13.65 -86.86
CA ASP D 10 16.07 -12.24 -86.98
C ASP D 10 15.92 -11.76 -88.42
N GLN D 11 16.26 -12.60 -89.38
CA GLN D 11 16.06 -12.22 -90.78
C GLN D 11 14.58 -12.03 -91.08
N LEU D 12 13.73 -12.93 -90.56
CA LEU D 12 12.29 -12.76 -90.74
C LEU D 12 11.79 -11.49 -90.05
N LEU D 13 12.28 -11.22 -88.84
CA LEU D 13 11.85 -10.02 -88.12
C LEU D 13 12.22 -8.76 -88.88
N ASN D 14 13.45 -8.70 -89.41
CA ASN D 14 13.86 -7.54 -90.18
C ASN D 14 13.10 -7.44 -91.49
N GLU D 15 12.72 -8.58 -92.07
CA GLU D 15 11.97 -8.56 -93.33
C GLU D 15 10.57 -8.03 -93.13
N HIS D 16 9.85 -8.55 -92.13
CA HIS D 16 8.42 -8.28 -92.02
C HIS D 16 8.07 -7.18 -91.03
N PHE D 17 9.01 -6.74 -90.20
CA PHE D 17 8.78 -5.67 -89.25
C PHE D 17 9.82 -4.58 -89.41
N ALA D 18 10.07 -4.18 -90.64
CA ALA D 18 11.12 -3.20 -90.91
C ALA D 18 10.82 -1.89 -90.20
N GLY D 19 11.84 -1.34 -89.54
CA GLY D 19 11.67 -0.14 -88.76
C GLY D 19 11.01 -0.33 -87.42
N ARG D 20 10.62 -1.56 -87.09
CA ARG D 20 9.98 -1.84 -85.81
C ARG D 20 10.72 -2.90 -85.02
N VAL D 21 11.98 -3.17 -85.33
CA VAL D 21 12.77 -4.16 -84.62
C VAL D 21 14.16 -3.60 -84.36
N VAL D 22 14.67 -3.83 -83.15
CA VAL D 22 15.97 -3.30 -82.75
C VAL D 22 16.72 -4.38 -81.98
N ARG D 23 18.04 -4.24 -81.92
CA ARG D 23 18.85 -5.10 -81.07
C ARG D 23 18.71 -4.65 -79.62
N LYS D 24 18.52 -5.59 -78.72
CA LYS D 24 18.26 -5.23 -77.33
C LYS D 24 19.53 -4.96 -76.54
N ASP D 25 20.70 -5.20 -77.14
CA ASP D 25 21.94 -4.87 -76.44
C ASP D 25 22.28 -3.39 -76.57
N LEU D 26 22.24 -2.86 -77.80
CA LEU D 26 22.68 -1.48 -78.04
C LEU D 26 21.91 -0.48 -77.18
N THR D 27 20.63 -0.75 -76.93
CA THR D 27 19.82 0.18 -76.17
C THR D 27 20.39 0.42 -74.78
N LYS D 28 21.09 -0.56 -74.22
CA LYS D 28 21.64 -0.42 -72.88
C LYS D 28 22.95 0.33 -72.87
N LEU D 29 23.48 0.70 -74.03
CA LEU D 29 24.71 1.48 -74.09
C LEU D 29 24.44 2.96 -74.22
N ILE D 30 23.19 3.38 -74.37
CA ILE D 30 22.86 4.77 -74.62
C ILE D 30 21.93 5.29 -73.53
N LYS D 31 21.16 4.37 -72.94
CA LYS D 31 20.13 4.77 -71.98
C LYS D 31 20.76 5.54 -70.83
N GLU D 32 21.58 4.85 -70.03
CA GLU D 32 22.39 5.44 -68.97
C GLU D 32 21.72 6.61 -68.28
N GLY D 33 22.21 7.81 -68.54
CA GLY D 33 21.50 9.01 -68.20
C GLY D 33 21.36 9.88 -69.42
N ALA D 34 20.15 9.99 -69.96
CA ALA D 34 19.88 10.80 -71.12
C ALA D 34 18.55 11.51 -70.93
N ASN D 35 18.49 12.75 -71.43
CA ASN D 35 17.31 13.57 -71.23
C ASN D 35 16.10 12.93 -71.90
N VAL D 36 16.33 12.31 -73.05
CA VAL D 36 15.33 11.63 -73.86
C VAL D 36 14.98 10.27 -73.26
N PRO D 37 13.73 9.82 -73.30
CA PRO D 37 13.39 8.54 -72.69
C PRO D 37 13.90 7.35 -73.47
N VAL D 38 13.55 6.15 -72.97
CA VAL D 38 14.08 4.89 -73.47
C VAL D 38 13.59 4.59 -74.89
N TYR D 39 12.28 4.48 -75.05
CA TYR D 39 11.70 4.07 -76.32
C TYR D 39 12.03 5.02 -77.47
N VAL D 40 12.38 6.27 -77.17
CA VAL D 40 12.85 7.17 -78.22
C VAL D 40 14.23 6.71 -78.70
N LEU D 41 15.10 6.33 -77.77
CA LEU D 41 16.39 5.76 -78.13
C LEU D 41 16.20 4.50 -78.95
N GLU D 42 15.25 3.65 -78.54
CA GLU D 42 14.97 2.45 -79.31
C GLU D 42 14.52 2.76 -80.72
N TYR D 43 13.63 3.74 -80.89
CA TYR D 43 13.17 4.07 -82.24
C TYR D 43 14.30 4.63 -83.08
N LEU D 44 15.17 5.46 -82.48
CA LEU D 44 16.31 5.98 -83.24
C LEU D 44 17.22 4.85 -83.70
N LEU D 45 17.54 3.92 -82.80
CA LEU D 45 18.48 2.85 -83.15
C LEU D 45 17.90 1.95 -84.24
N GLY D 46 16.57 1.94 -84.37
CA GLY D 46 15.95 1.15 -85.41
C GLY D 46 15.99 1.79 -86.78
N MET D 47 16.56 2.99 -86.90
CA MET D 47 16.58 3.70 -88.17
C MET D 47 17.97 3.78 -88.80
N TYR D 48 19.01 4.06 -88.02
CA TYR D 48 20.37 4.19 -88.53
C TYR D 48 21.10 2.85 -88.52
N CYS D 49 20.40 1.78 -88.14
CA CYS D 49 21.07 0.51 -87.92
C CYS D 49 20.30 -0.68 -88.47
N ALA D 50 20.78 -1.24 -89.55
CA ALA D 50 20.25 -2.49 -90.09
C ALA D 50 21.33 -3.54 -90.32
N SER D 51 22.52 -3.12 -90.75
CA SER D 51 23.63 -4.04 -91.03
C SER D 51 24.26 -4.56 -89.75
N ASP D 52 24.90 -5.73 -89.84
CA ASP D 52 25.52 -6.34 -88.66
C ASP D 52 27.01 -6.06 -88.57
N ASP D 53 27.56 -5.24 -89.46
CA ASP D 53 28.97 -4.90 -89.43
C ASP D 53 29.27 -4.03 -88.20
N PRO D 54 30.24 -4.41 -87.36
CA PRO D 54 30.53 -3.59 -86.16
C PRO D 54 30.89 -2.14 -86.47
N GLU D 55 31.54 -1.88 -87.60
CA GLU D 55 31.81 -0.51 -88.01
C GLU D 55 30.51 0.25 -88.22
N ILE D 56 29.55 -0.38 -88.90
CA ILE D 56 28.25 0.27 -89.13
C ILE D 56 27.50 0.42 -87.81
N ILE D 57 27.63 -0.56 -86.91
CA ILE D 57 27.00 -0.45 -85.60
C ILE D 57 27.49 0.78 -84.87
N GLU D 58 28.82 0.94 -84.79
CA GLU D 58 29.38 2.04 -84.02
C GLU D 58 29.10 3.38 -84.70
N GLN D 59 29.14 3.41 -86.04
CA GLN D 59 28.83 4.64 -86.74
C GLN D 59 27.38 5.07 -86.54
N GLY D 60 26.45 4.12 -86.58
CA GLY D 60 25.06 4.46 -86.31
C GLY D 60 24.84 4.93 -84.89
N LEU D 61 25.51 4.28 -83.94
CA LEU D 61 25.38 4.71 -82.56
C LEU D 61 25.92 6.13 -82.37
N ARG D 62 27.05 6.44 -83.02
CA ARG D 62 27.61 7.78 -82.93
C ARG D 62 26.71 8.81 -83.60
N ASN D 63 26.08 8.43 -84.71
CA ASN D 63 25.15 9.35 -85.36
C ASN D 63 23.97 9.66 -84.48
N VAL D 64 23.44 8.64 -83.79
CA VAL D 64 22.37 8.87 -82.82
C VAL D 64 22.84 9.83 -81.73
N LYS D 65 24.03 9.57 -81.18
CA LYS D 65 24.54 10.43 -80.12
C LYS D 65 24.70 11.87 -80.61
N THR D 66 25.14 12.05 -81.85
CA THR D 66 25.35 13.40 -82.36
C THR D 66 24.03 14.12 -82.58
N VAL D 67 23.06 13.46 -83.20
CA VAL D 67 21.80 14.13 -83.50
C VAL D 67 21.02 14.40 -82.21
N LEU D 68 21.29 13.60 -81.17
CA LEU D 68 20.57 13.79 -79.93
C LEU D 68 21.27 14.81 -79.03
N ALA D 69 22.60 14.77 -79.00
CA ALA D 69 23.42 15.59 -78.12
C ALA D 69 23.20 17.07 -78.38
N GLU D 70 23.17 17.45 -79.65
CA GLU D 70 22.68 18.77 -80.00
C GLU D 70 21.17 18.77 -79.85
N ASN D 71 20.63 19.88 -79.34
CA ASN D 71 19.20 20.17 -79.36
C ASN D 71 18.40 19.38 -78.33
N TYR D 72 18.89 19.23 -77.10
CA TYR D 72 18.02 18.76 -76.02
C TYR D 72 17.29 19.90 -75.34
N VAL D 73 17.08 21.02 -76.04
CA VAL D 73 17.03 22.34 -75.41
C VAL D 73 16.32 22.31 -74.08
N ARG D 74 17.02 22.78 -73.06
CA ARG D 74 16.61 22.60 -71.68
C ARG D 74 15.47 23.57 -71.36
N PRO D 75 14.64 23.26 -70.36
CA PRO D 75 13.52 24.16 -70.04
C PRO D 75 13.93 25.60 -69.82
N ASP D 76 15.08 25.83 -69.19
CA ASP D 76 15.53 27.20 -68.94
C ASP D 76 15.91 27.92 -70.23
N GLU D 77 16.40 27.18 -71.22
CA GLU D 77 16.77 27.77 -72.50
C GLU D 77 15.59 28.48 -73.13
N ALA D 78 14.47 27.76 -73.27
CA ALA D 78 13.18 28.27 -73.76
C ALA D 78 13.29 29.57 -74.55
N GLU D 79 13.27 30.70 -73.83
CA GLU D 79 13.30 32.02 -74.44
C GLU D 79 14.45 32.16 -75.42
N LYS D 80 15.63 31.68 -75.04
CA LYS D 80 16.77 31.74 -75.94
C LYS D 80 16.43 31.16 -77.29
N VAL D 81 15.86 29.95 -77.30
CA VAL D 81 15.45 29.34 -78.57
C VAL D 81 14.50 30.26 -79.31
N LYS D 82 13.49 30.79 -78.62
CA LYS D 82 12.55 31.68 -79.28
C LYS D 82 13.26 32.80 -80.00
N SER D 83 14.24 33.44 -79.33
CA SER D 83 14.92 34.56 -79.97
C SER D 83 15.62 34.09 -81.24
N LEU D 84 16.24 32.92 -81.20
CA LEU D 84 16.91 32.41 -82.38
C LEU D 84 15.93 32.25 -83.53
N VAL D 85 14.71 31.78 -83.24
CA VAL D 85 13.71 31.63 -84.29
C VAL D 85 13.42 32.98 -84.92
N ARG D 86 13.41 34.05 -84.12
CA ARG D 86 13.27 35.38 -84.66
C ARG D 86 14.41 35.77 -85.59
N GLU D 87 15.64 35.39 -85.28
CA GLU D 87 16.80 35.94 -85.96
C GLU D 87 17.38 34.99 -86.99
N ARG D 88 17.63 33.75 -86.61
CA ARG D 88 18.18 32.74 -87.51
C ARG D 88 17.12 32.17 -88.45
N GLY D 89 15.92 32.72 -88.46
CA GLY D 89 14.87 32.26 -89.36
C GLY D 89 14.23 30.95 -88.93
N SER D 90 15.03 29.91 -88.76
CA SER D 90 14.53 28.60 -88.38
C SER D 90 15.55 27.94 -87.46
N TYR D 91 15.08 26.97 -86.68
CA TYR D 91 15.94 26.37 -85.65
C TYR D 91 15.36 25.02 -85.25
N LYS D 92 16.19 23.97 -85.34
CA LYS D 92 15.76 22.61 -85.01
C LYS D 92 15.78 22.41 -83.50
N VAL D 93 14.75 21.77 -82.97
CA VAL D 93 14.72 21.36 -81.56
C VAL D 93 14.09 19.98 -81.43
N ILE D 94 14.65 19.17 -80.53
CA ILE D 94 14.00 17.95 -80.07
C ILE D 94 13.10 18.32 -78.91
N ASP D 95 11.81 18.05 -79.05
CA ASP D 95 10.84 18.31 -77.99
C ASP D 95 9.59 17.48 -78.21
N ARG D 96 8.78 17.40 -77.18
CA ARG D 96 7.57 16.56 -77.19
C ARG D 96 6.38 17.40 -77.64
N VAL D 97 5.92 17.14 -78.86
CA VAL D 97 4.86 17.92 -79.48
C VAL D 97 3.53 17.21 -79.30
N THR D 98 2.52 17.96 -78.87
CA THR D 98 1.14 17.48 -78.79
C THR D 98 0.25 18.37 -79.64
N VAL D 99 -0.54 17.74 -80.50
CA VAL D 99 -1.34 18.48 -81.47
C VAL D 99 -2.80 18.40 -81.11
N LYS D 100 -3.48 19.55 -81.19
CA LYS D 100 -4.89 19.66 -80.89
C LYS D 100 -5.58 20.38 -82.03
N LEU D 101 -6.90 20.21 -82.12
CA LEU D 101 -7.68 20.91 -83.14
C LEU D 101 -8.38 22.11 -82.52
N ASN D 102 -8.09 23.30 -83.03
CA ASN D 102 -8.80 24.51 -82.61
C ASN D 102 -10.02 24.61 -83.52
N GLU D 103 -11.14 24.10 -83.02
CA GLU D 103 -12.36 24.06 -83.81
C GLU D 103 -13.01 25.43 -83.90
N ARG D 104 -12.69 26.32 -82.94
CA ARG D 104 -13.19 27.69 -83.03
C ARG D 104 -12.65 28.39 -84.26
N LYS D 105 -11.36 28.20 -84.56
CA LYS D 105 -10.75 28.79 -85.74
C LYS D 105 -10.48 27.79 -86.85
N ASP D 106 -10.78 26.51 -86.63
CA ASP D 106 -10.49 25.46 -87.60
C ASP D 106 -9.01 25.47 -87.95
N LYS D 107 -8.16 25.20 -86.97
CA LYS D 107 -6.73 25.24 -87.26
C LYS D 107 -5.95 24.42 -86.24
N TYR D 108 -5.06 23.55 -86.71
CA TYR D 108 -4.31 22.70 -85.80
C TYR D 108 -3.29 23.50 -85.00
N GLU D 109 -3.20 23.21 -83.72
CA GLU D 109 -2.26 23.86 -82.83
C GLU D 109 -1.30 22.83 -82.23
N ALA D 110 -0.04 23.22 -82.09
CA ALA D 110 0.98 22.36 -81.52
C ALA D 110 1.45 22.93 -80.19
N SER D 111 1.78 22.03 -79.27
CA SER D 111 2.22 22.43 -77.94
C SER D 111 3.51 21.70 -77.62
N PHE D 112 4.54 22.46 -77.25
CA PHE D 112 5.84 21.91 -76.90
C PHE D 112 5.96 21.92 -75.38
N SER D 113 6.31 20.76 -74.81
CA SER D 113 6.39 20.66 -73.35
C SER D 113 7.50 21.55 -72.80
N ASN D 114 8.68 21.50 -73.40
CA ASN D 114 9.82 22.21 -72.84
C ASN D 114 9.85 23.67 -73.30
N LEU D 115 9.60 23.91 -74.58
CA LEU D 115 9.69 25.26 -75.12
C LEU D 115 8.67 26.20 -74.48
N GLY D 116 7.59 25.67 -73.90
CA GLY D 116 6.57 26.55 -73.37
C GLY D 116 5.62 27.10 -74.40
N ILE D 117 5.89 26.87 -75.68
CA ILE D 117 4.96 27.28 -76.73
C ILE D 117 3.71 26.43 -76.64
N LYS D 118 2.54 27.07 -76.69
CA LYS D 118 1.28 26.36 -76.51
C LYS D 118 0.37 26.40 -77.72
N ASP D 119 0.57 27.33 -78.66
CA ASP D 119 -0.38 27.47 -79.75
C ASP D 119 0.29 27.58 -81.12
N ALA D 120 1.46 26.99 -81.30
CA ALA D 120 2.14 27.08 -82.58
C ALA D 120 1.34 26.37 -83.65
N GLU D 121 1.03 27.08 -84.73
CA GLU D 121 0.23 26.50 -85.80
C GLU D 121 1.05 25.48 -86.57
N ILE D 122 0.39 24.44 -87.04
CA ILE D 122 1.04 23.36 -87.77
C ILE D 122 0.16 23.00 -88.96
N SER D 123 0.79 22.73 -90.10
CA SER D 123 0.04 22.47 -91.32
C SER D 123 -0.75 21.17 -91.21
N ALA D 124 -1.83 21.09 -91.98
CA ALA D 124 -2.71 19.92 -91.90
C ALA D 124 -2.02 18.65 -92.36
N GLY D 125 -1.15 18.75 -93.36
CA GLY D 125 -0.49 17.57 -93.88
C GLY D 125 0.39 16.88 -92.85
N ILE D 126 1.10 17.67 -92.06
CA ILE D 126 1.98 17.09 -91.04
C ILE D 126 1.17 16.32 -90.01
N VAL D 127 0.06 16.90 -89.54
CA VAL D 127 -0.78 16.20 -88.57
C VAL D 127 -1.39 14.96 -89.18
N LYS D 128 -1.85 15.07 -90.43
CA LYS D 128 -2.46 13.93 -91.10
C LYS D 128 -1.47 12.78 -91.27
N GLU D 129 -0.19 13.10 -91.43
CA GLU D 129 0.79 12.05 -91.72
C GLU D 129 1.14 11.23 -90.47
N TYR D 130 1.19 11.88 -89.30
CA TYR D 130 1.59 11.22 -88.05
C TYR D 130 0.46 11.37 -87.03
N GLU D 131 -0.32 10.31 -86.85
CA GLU D 131 -1.54 10.43 -86.06
C GLU D 131 -1.26 10.43 -84.56
N LYS D 132 -0.12 9.88 -84.13
CA LYS D 132 0.13 9.78 -82.69
C LYS D 132 0.30 11.16 -82.06
N LEU D 133 0.57 12.19 -82.87
CA LEU D 133 0.61 13.55 -82.33
C LEU D 133 -0.69 13.88 -81.63
N LEU D 134 -1.79 13.29 -82.08
CA LEU D 134 -3.12 13.62 -81.61
C LEU D 134 -3.51 12.84 -80.37
N VAL D 135 -2.77 11.81 -80.00
CA VAL D 135 -3.12 10.99 -78.86
C VAL D 135 -2.44 11.45 -77.57
N GLY D 136 -1.11 11.46 -77.50
CA GLY D 136 -0.44 11.91 -76.31
C GLY D 136 0.83 12.69 -76.58
N GLY D 137 1.06 13.03 -77.84
CA GLY D 137 2.25 13.77 -78.20
C GLY D 137 3.47 12.89 -78.30
N ILE D 138 4.40 13.23 -79.19
CA ILE D 138 5.59 12.43 -79.38
C ILE D 138 6.83 13.32 -79.42
N TRP D 139 7.97 12.72 -79.09
CA TRP D 139 9.24 13.40 -79.20
C TRP D 139 9.62 13.53 -80.67
N VAL D 140 9.77 14.76 -81.15
CA VAL D 140 10.06 15.00 -82.55
C VAL D 140 11.17 16.04 -82.66
N ILE D 141 11.83 16.04 -83.82
CA ILE D 141 12.71 17.13 -84.22
C ILE D 141 11.87 18.08 -85.06
N ALA D 142 11.68 19.29 -84.57
CA ALA D 142 10.83 20.28 -85.21
C ALA D 142 11.66 21.47 -85.65
N THR D 143 11.35 21.98 -86.84
CA THR D 143 12.01 23.17 -87.37
C THR D 143 11.05 24.34 -87.27
N LEU D 144 11.19 25.13 -86.21
CA LEU D 144 10.26 26.22 -85.94
C LEU D 144 10.50 27.38 -86.91
N SER D 145 9.44 28.15 -87.15
CA SER D 145 9.51 29.35 -87.96
C SER D 145 8.73 30.47 -87.29
N TYR D 146 9.10 31.70 -87.59
CA TYR D 146 8.52 32.88 -86.94
C TYR D 146 7.97 33.80 -88.02
N TYR D 147 6.78 34.34 -87.79
CA TYR D 147 6.10 35.17 -88.78
C TYR D 147 5.09 36.05 -88.05
N PHE D 148 5.30 37.35 -88.09
CA PHE D 148 4.55 38.29 -87.25
C PHE D 148 3.88 39.37 -88.10
N GLU D 149 2.59 39.59 -87.87
CA GLU D 149 1.87 40.75 -88.37
C GLU D 149 0.95 41.25 -87.28
N GLU D 150 0.87 42.58 -87.12
CA GLU D 150 0.15 43.18 -86.01
C GLU D 150 -1.32 42.76 -85.96
N GLY D 151 -1.81 42.47 -84.76
CA GLY D 151 -3.23 42.22 -84.57
C GLY D 151 -3.60 40.77 -84.51
N GLN D 152 -2.82 39.91 -85.16
CA GLN D 152 -3.13 38.49 -85.25
C GLN D 152 -3.24 37.86 -83.87
N THR D 153 -4.29 37.05 -83.65
CA THR D 153 -4.44 36.34 -82.40
C THR D 153 -3.63 35.06 -82.35
N SER D 154 -3.39 34.44 -83.49
CA SER D 154 -2.58 33.23 -83.54
C SER D 154 -1.13 33.56 -83.20
N SER D 155 -0.49 32.69 -82.45
CA SER D 155 0.88 32.92 -82.06
C SER D 155 1.78 32.91 -83.29
N PRO D 156 2.78 33.78 -83.37
CA PRO D 156 3.57 33.89 -84.60
C PRO D 156 4.32 32.62 -84.98
N PHE D 157 4.72 31.83 -83.99
CA PHE D 157 5.56 30.67 -84.23
C PHE D 157 4.80 29.61 -85.00
N GLY D 158 5.50 28.89 -85.86
CA GLY D 158 4.90 27.83 -86.63
C GLY D 158 5.91 26.71 -86.86
N VAL D 159 5.38 25.54 -87.19
CA VAL D 159 6.20 24.36 -87.44
C VAL D 159 6.19 24.12 -88.95
N SER D 160 7.38 24.18 -89.56
CA SER D 160 7.50 23.98 -91.00
C SER D 160 7.90 22.56 -91.36
N LEU D 161 8.77 21.94 -90.56
CA LEU D 161 9.18 20.56 -90.77
C LEU D 161 9.14 19.83 -89.44
N LEU D 162 8.71 18.57 -89.47
CA LEU D 162 8.64 17.78 -88.25
C LEU D 162 9.02 16.34 -88.57
N LYS D 163 9.98 15.82 -87.81
CA LYS D 163 10.44 14.44 -87.99
C LYS D 163 10.22 13.66 -86.70
N PRO D 164 9.36 12.65 -86.69
CA PRO D 164 9.08 11.92 -85.45
C PRO D 164 10.26 11.08 -85.02
N ILE D 165 10.35 10.86 -83.71
CA ILE D 165 11.45 10.10 -83.12
C ILE D 165 10.86 9.04 -82.18
N GLN D 166 9.55 8.82 -82.26
CA GLN D 166 8.88 8.00 -81.26
C GLN D 166 7.84 7.08 -81.89
N MET D 167 8.19 6.41 -82.99
CA MET D 167 7.28 5.45 -83.62
C MET D 167 5.93 6.10 -83.93
N PRO D 168 5.83 6.87 -85.01
CA PRO D 168 4.60 7.63 -85.27
C PRO D 168 3.31 6.84 -85.15
N ASN D 169 3.09 5.85 -86.00
CA ASN D 169 1.78 5.19 -86.02
C ASN D 169 1.89 3.69 -86.12
N MET D 170 0.84 3.00 -85.70
CA MET D 170 0.72 1.56 -85.87
C MET D 170 -0.37 1.20 -86.88
N ASN D 171 -0.15 0.11 -87.60
CA ASN D 171 -0.93 -0.27 -88.78
C ASN D 171 -1.30 -1.75 -88.67
N MET D 172 -2.00 -2.12 -87.59
CA MET D 172 -2.29 -3.50 -87.22
C MET D 172 -2.55 -4.43 -88.40
N ASP D 173 -3.16 -3.93 -89.46
CA ASP D 173 -3.32 -4.72 -90.69
C ASP D 173 -1.99 -5.32 -91.11
N GLU D 174 -0.91 -4.53 -90.98
CA GLU D 174 0.42 -5.05 -91.29
C GLU D 174 0.89 -6.04 -90.24
N LEU D 175 0.53 -5.80 -88.98
CA LEU D 175 0.93 -6.67 -87.89
C LEU D 175 0.37 -8.07 -88.06
N PHE D 176 -0.87 -8.18 -88.49
CA PHE D 176 -1.49 -9.47 -88.70
C PHE D 176 -0.76 -10.24 -89.79
N SER D 177 -0.40 -9.55 -90.88
CA SER D 177 0.35 -10.19 -91.96
C SER D 177 1.69 -10.69 -91.45
N GLY D 178 2.40 -9.82 -90.72
CA GLY D 178 3.69 -10.22 -90.19
C GLY D 178 3.59 -11.43 -89.28
N ARG D 179 2.61 -11.42 -88.38
CA ARG D 179 2.43 -12.56 -87.48
C ARG D 179 2.09 -13.82 -88.27
N ALA D 180 1.29 -13.68 -89.32
CA ALA D 180 0.96 -14.82 -90.16
C ALA D 180 2.20 -15.37 -90.84
N ALA D 181 3.20 -14.53 -91.09
CA ALA D 181 4.42 -14.99 -91.72
C ALA D 181 5.32 -15.80 -90.80
N LEU D 182 5.08 -15.78 -89.49
CA LEU D 182 5.91 -16.49 -88.53
C LEU D 182 5.18 -17.65 -87.91
N SER D 183 5.95 -18.62 -87.41
CA SER D 183 5.37 -19.74 -86.67
C SER D 183 5.07 -19.32 -85.24
N THR D 184 4.24 -20.13 -84.57
CA THR D 184 3.81 -19.79 -83.22
C THR D 184 4.99 -19.71 -82.26
N ASP D 185 5.89 -20.69 -82.31
CA ASP D 185 7.04 -20.68 -81.42
C ASP D 185 7.96 -19.50 -81.71
N GLN D 186 8.13 -19.16 -83.00
CA GLN D 186 8.93 -17.98 -83.34
C GLN D 186 8.30 -16.71 -82.78
N TRP D 187 6.98 -16.58 -82.88
CA TRP D 187 6.31 -15.42 -82.31
C TRP D 187 6.46 -15.38 -80.79
N ARG D 188 6.37 -16.53 -80.14
CA ARG D 188 6.55 -16.55 -78.69
C ARG D 188 7.95 -16.10 -78.31
N GLU D 189 8.96 -16.55 -79.06
CA GLU D 189 10.32 -16.10 -78.80
C GLU D 189 10.47 -14.61 -79.06
N SER D 190 9.79 -14.09 -80.08
CA SER D 190 9.83 -12.64 -80.32
C SER D 190 9.22 -11.88 -79.16
N LEU D 191 8.10 -12.35 -78.63
CA LEU D 191 7.50 -11.71 -77.46
C LEU D 191 8.45 -11.75 -76.27
N ILE D 192 9.11 -12.89 -76.05
CA ILE D 192 10.03 -12.98 -74.93
C ILE D 192 11.21 -12.03 -75.11
N ARG D 193 11.73 -11.95 -76.34
CA ARG D 193 12.87 -11.08 -76.60
C ARG D 193 12.50 -9.61 -76.42
N SER D 194 11.31 -9.23 -76.87
CA SER D 194 10.96 -7.81 -76.91
C SER D 194 10.93 -7.19 -75.52
N ILE D 195 10.80 -7.99 -74.47
CA ILE D 195 10.84 -7.44 -73.12
C ILE D 195 12.27 -7.51 -72.61
N GLY D 196 13.18 -8.00 -73.45
CA GLY D 196 14.58 -8.02 -73.12
C GLY D 196 15.11 -9.30 -72.52
N MET D 197 14.42 -10.42 -72.70
CA MET D 197 14.86 -11.69 -72.13
C MET D 197 15.33 -12.61 -73.24
N GLU D 198 16.11 -13.62 -72.87
CA GLU D 198 16.66 -14.55 -73.84
C GLU D 198 15.85 -15.85 -73.84
N PRO D 199 15.13 -16.15 -74.91
CA PRO D 199 14.35 -17.41 -74.92
C PRO D 199 15.21 -18.65 -74.82
N ALA D 200 16.40 -18.63 -75.42
CA ALA D 200 17.21 -19.84 -75.51
C ALA D 200 17.63 -20.37 -74.15
N SER D 201 17.78 -19.51 -73.16
CA SER D 201 18.25 -19.94 -71.86
C SER D 201 17.12 -20.18 -70.86
N LEU D 202 15.87 -20.20 -71.31
CA LEU D 202 14.73 -20.42 -70.43
C LEU D 202 13.94 -21.62 -70.93
N LYS D 203 13.48 -22.45 -70.00
CA LYS D 203 12.63 -23.58 -70.34
C LYS D 203 11.26 -23.09 -70.79
N GLU D 204 10.51 -23.97 -71.46
CA GLU D 204 9.24 -23.57 -72.05
C GLU D 204 8.24 -23.13 -70.98
N ASP D 205 8.22 -23.83 -69.84
CA ASP D 205 7.30 -23.46 -68.77
C ASP D 205 7.61 -22.06 -68.23
N VAL D 206 8.90 -21.73 -68.12
CA VAL D 206 9.26 -20.38 -67.70
C VAL D 206 8.85 -19.36 -68.76
N GLN D 207 8.95 -19.73 -70.04
CA GLN D 207 8.46 -18.84 -71.09
C GLN D 207 6.98 -18.57 -70.92
N TRP D 208 6.21 -19.60 -70.58
CA TRP D 208 4.78 -19.40 -70.38
C TRP D 208 4.50 -18.56 -69.15
N HIS D 209 5.31 -18.70 -68.10
CA HIS D 209 5.17 -17.80 -66.96
C HIS D 209 5.42 -16.36 -67.37
N LEU D 210 6.43 -16.13 -68.21
CA LEU D 210 6.69 -14.78 -68.67
C LEU D 210 5.52 -14.22 -69.47
N LEU D 211 4.90 -15.05 -70.31
CA LEU D 211 3.72 -14.61 -71.04
C LEU D 211 2.56 -14.31 -70.10
N ALA D 212 2.39 -15.13 -69.06
CA ALA D 212 1.36 -14.87 -68.08
C ALA D 212 1.59 -13.55 -67.38
N ARG D 213 2.86 -13.14 -67.22
CA ARG D 213 3.14 -11.82 -66.70
C ARG D 213 2.64 -10.72 -67.63
N MET D 214 2.71 -10.95 -68.93
CA MET D 214 2.27 -9.96 -69.91
C MET D 214 0.77 -9.92 -70.08
N VAL D 215 0.06 -10.98 -69.68
CA VAL D 215 -1.39 -11.06 -69.85
C VAL D 215 -2.14 -9.82 -69.36
N PRO D 216 -1.86 -9.28 -68.16
CA PRO D 216 -2.70 -8.17 -67.68
C PRO D 216 -2.75 -6.98 -68.60
N PHE D 217 -1.83 -6.86 -69.55
CA PHE D 217 -1.86 -5.74 -70.47
C PHE D 217 -2.95 -5.86 -71.52
N VAL D 218 -3.37 -7.07 -71.86
CA VAL D 218 -4.27 -7.25 -73.00
C VAL D 218 -5.70 -7.61 -72.61
N GLU D 219 -5.97 -7.89 -71.33
CA GLU D 219 -7.30 -8.25 -70.88
C GLU D 219 -7.79 -7.23 -69.87
N ASN D 220 -8.99 -6.70 -70.10
CA ASN D 220 -9.56 -5.71 -69.19
C ASN D 220 -9.88 -6.34 -67.84
N ASN D 221 -9.58 -5.60 -66.77
CA ASN D 221 -9.93 -5.99 -65.41
C ASN D 221 -9.37 -7.37 -65.06
N TYR D 222 -8.13 -7.63 -65.47
CA TYR D 222 -7.49 -8.91 -65.23
C TYR D 222 -6.63 -8.79 -63.98
N ASN D 223 -7.22 -9.05 -62.82
CA ASN D 223 -6.48 -9.07 -61.57
C ASN D 223 -5.59 -10.30 -61.52
N VAL D 224 -4.39 -10.14 -60.98
CA VAL D 224 -3.45 -11.25 -60.84
C VAL D 224 -2.44 -10.89 -59.75
N CYS D 225 -2.02 -11.88 -58.98
CA CYS D 225 -1.00 -11.71 -57.96
C CYS D 225 0.13 -12.68 -58.19
N GLU D 226 1.35 -12.20 -58.00
CA GLU D 226 2.57 -12.97 -58.23
C GLU D 226 3.50 -12.79 -57.05
N LEU D 227 3.90 -13.90 -56.43
CA LEU D 227 4.80 -13.88 -55.29
C LEU D 227 5.95 -14.84 -55.55
N GLY D 228 7.14 -14.46 -55.08
CA GLY D 228 8.31 -15.29 -55.30
C GLY D 228 9.56 -14.70 -54.68
N PRO D 229 10.71 -15.29 -55.01
CA PRO D 229 11.98 -14.82 -54.44
C PRO D 229 12.34 -13.43 -54.94
N ARG D 230 13.10 -12.72 -54.11
CA ARG D 230 13.61 -11.42 -54.49
C ARG D 230 14.59 -11.55 -55.65
N GLY D 231 14.56 -10.57 -56.55
CA GLY D 231 15.51 -10.55 -57.65
C GLY D 231 15.10 -11.40 -58.83
N THR D 232 13.83 -11.76 -58.94
CA THR D 232 13.34 -12.58 -60.04
C THR D 232 12.99 -11.75 -61.27
N GLY D 233 13.05 -10.43 -61.16
CA GLY D 233 12.65 -9.57 -62.27
C GLY D 233 11.16 -9.40 -62.40
N LYS D 234 10.43 -9.48 -61.30
CA LYS D 234 8.97 -9.40 -61.35
C LYS D 234 8.50 -8.00 -61.70
N SER D 235 9.10 -6.99 -61.08
CA SER D 235 8.63 -5.62 -61.24
C SER D 235 9.29 -4.87 -62.37
N HIS D 236 10.16 -5.52 -63.14
CA HIS D 236 10.82 -4.84 -64.25
C HIS D 236 9.83 -4.39 -65.30
N ILE D 237 8.92 -5.28 -65.70
CA ILE D 237 8.09 -5.03 -66.88
C ILE D 237 7.06 -3.94 -66.59
N TYR D 238 6.59 -3.85 -65.35
CA TYR D 238 5.57 -2.86 -65.02
C TYR D 238 6.16 -1.50 -64.69
N LYS D 239 7.48 -1.35 -64.72
CA LYS D 239 8.12 -0.08 -64.43
C LYS D 239 8.89 0.48 -65.63
N GLU D 240 9.64 -0.35 -66.34
CA GLU D 240 10.49 0.13 -67.42
C GLU D 240 9.96 -0.19 -68.82
N CYS D 241 9.51 -1.41 -69.06
CA CYS D 241 9.18 -1.86 -70.41
C CYS D 241 7.70 -1.69 -70.76
N SER D 242 7.04 -0.66 -70.23
CA SER D 242 5.69 -0.37 -70.66
C SER D 242 5.38 1.08 -70.35
N PRO D 243 5.04 1.90 -71.35
CA PRO D 243 4.74 3.32 -71.09
C PRO D 243 3.36 3.56 -70.52
N ASN D 244 2.48 2.56 -70.49
CA ASN D 244 1.10 2.74 -70.05
C ASN D 244 0.76 1.93 -68.81
N SER D 245 1.73 1.69 -67.94
CA SER D 245 1.48 1.06 -66.66
C SER D 245 2.24 1.81 -65.57
N ILE D 246 1.73 1.74 -64.35
CA ILE D 246 2.30 2.46 -63.23
C ILE D 246 2.50 1.47 -62.08
N LEU D 247 3.49 1.74 -61.25
CA LEU D 247 3.83 0.91 -60.11
C LEU D 247 3.59 1.71 -58.83
N VAL D 248 2.39 1.56 -58.27
CA VAL D 248 2.00 2.22 -57.04
C VAL D 248 2.89 1.73 -55.90
N SER D 249 3.28 2.62 -55.01
CA SER D 249 4.11 2.28 -53.87
C SER D 249 3.21 1.85 -52.70
N GLY D 250 3.84 1.59 -51.54
CA GLY D 250 3.07 1.29 -50.35
C GLY D 250 2.20 2.45 -49.93
N GLY D 251 2.77 3.66 -49.91
CA GLY D 251 2.00 4.86 -49.70
C GLY D 251 1.41 5.35 -51.01
N GLN D 252 0.78 6.52 -50.96
CA GLN D 252 0.15 7.13 -52.12
C GLN D 252 -0.93 6.21 -52.70
N THR D 253 -1.41 5.29 -51.87
CA THR D 253 -2.39 4.30 -52.30
C THR D 253 -3.80 4.68 -51.86
N THR D 254 -3.98 5.83 -51.24
CA THR D 254 -5.28 6.25 -50.71
C THR D 254 -6.36 6.21 -51.77
N VAL D 255 -7.59 5.89 -51.35
CA VAL D 255 -8.72 5.77 -52.27
C VAL D 255 -8.99 7.10 -52.95
N ALA D 256 -8.52 8.19 -52.35
CA ALA D 256 -8.72 9.50 -52.95
C ALA D 256 -7.99 9.61 -54.28
N ASN D 257 -6.75 9.16 -54.35
CA ASN D 257 -5.97 9.28 -55.58
C ASN D 257 -5.99 8.02 -56.43
N LEU D 258 -6.40 6.89 -55.86
CA LEU D 258 -6.39 5.62 -56.57
C LEU D 258 -7.71 5.32 -57.25
N PHE D 259 -8.83 5.69 -56.63
CA PHE D 259 -10.13 5.42 -57.24
C PHE D 259 -10.82 6.69 -57.68
N TYR D 260 -11.04 7.62 -56.75
CA TYR D 260 -11.77 8.84 -57.06
C TYR D 260 -11.52 9.86 -55.98
N ASN D 261 -11.14 11.08 -56.38
CA ASN D 261 -10.97 12.19 -55.45
C ASN D 261 -12.28 12.97 -55.40
N MET D 262 -13.01 12.80 -54.30
CA MET D 262 -14.34 13.38 -54.19
C MET D 262 -14.29 14.92 -54.22
N SER D 263 -13.30 15.49 -53.55
CA SER D 263 -13.17 16.95 -53.47
C SER D 263 -12.94 17.56 -54.85
N SER D 264 -11.94 17.06 -55.58
CA SER D 264 -11.61 17.65 -56.87
C SER D 264 -12.49 17.12 -58.00
N ARG D 265 -13.23 16.04 -57.75
CA ARG D 265 -14.12 15.45 -58.75
C ARG D 265 -13.35 15.11 -60.03
N ARG D 266 -12.33 14.26 -59.88
CA ARG D 266 -11.63 13.67 -61.01
C ARG D 266 -11.15 12.28 -60.60
N ILE D 267 -11.26 11.34 -61.54
CA ILE D 267 -11.08 9.92 -61.25
C ILE D 267 -9.63 9.63 -60.89
N GLY D 268 -9.39 8.51 -60.21
CA GLY D 268 -8.08 8.16 -59.72
C GLY D 268 -7.20 7.54 -60.79
N LEU D 269 -6.23 6.75 -60.33
CA LEU D 269 -5.30 6.11 -61.26
C LEU D 269 -6.00 5.11 -62.17
N VAL D 270 -7.01 4.41 -61.65
CA VAL D 270 -7.65 3.36 -62.42
C VAL D 270 -8.30 3.91 -63.69
N GLY D 271 -8.66 5.19 -63.70
CA GLY D 271 -9.24 5.77 -64.89
C GLY D 271 -8.26 6.30 -65.90
N LEU D 272 -6.97 6.15 -65.65
CA LEU D 272 -5.95 6.70 -66.54
C LEU D 272 -5.04 5.65 -67.15
N TRP D 273 -4.63 4.65 -66.39
CA TRP D 273 -3.65 3.67 -66.84
C TRP D 273 -4.34 2.36 -67.19
N ASP D 274 -3.57 1.45 -67.80
CA ASP D 274 -4.11 0.14 -68.15
C ASP D 274 -3.68 -0.95 -67.17
N VAL D 275 -2.55 -0.76 -66.48
CA VAL D 275 -2.09 -1.68 -65.46
C VAL D 275 -1.68 -0.87 -64.24
N VAL D 276 -2.15 -1.28 -63.06
CA VAL D 276 -1.81 -0.61 -61.81
C VAL D 276 -1.22 -1.67 -60.89
N ALA D 277 0.09 -1.78 -60.88
CA ALA D 277 0.78 -2.90 -60.23
C ALA D 277 1.25 -2.47 -58.85
N PHE D 278 0.51 -2.88 -57.82
CA PHE D 278 0.97 -2.66 -56.45
C PHE D 278 2.22 -3.50 -56.18
N ASP D 279 3.17 -2.91 -55.48
CA ASP D 279 4.44 -3.57 -55.20
C ASP D 279 4.56 -3.81 -53.71
N GLU D 280 5.31 -4.87 -53.35
CA GLU D 280 5.54 -5.31 -51.98
C GLU D 280 4.21 -5.31 -51.23
N VAL D 281 3.32 -6.20 -51.64
CA VAL D 281 1.94 -6.23 -51.14
C VAL D 281 1.88 -6.31 -49.63
N ALA D 282 2.99 -6.68 -48.98
CA ALA D 282 3.02 -6.68 -47.52
C ALA D 282 2.88 -5.28 -46.94
N GLY D 283 3.06 -4.25 -47.78
CA GLY D 283 3.00 -2.88 -47.30
C GLY D 283 1.72 -2.14 -47.59
N ILE D 284 0.80 -2.74 -48.36
CA ILE D 284 -0.43 -2.04 -48.70
C ILE D 284 -1.32 -1.90 -47.46
N SER D 285 -1.82 -0.69 -47.23
CA SER D 285 -2.70 -0.42 -46.11
C SER D 285 -3.48 0.87 -46.35
N PHE D 286 -4.80 0.77 -46.44
CA PHE D 286 -5.61 1.93 -46.75
C PHE D 286 -5.99 2.69 -45.48
N LYS D 287 -6.23 3.99 -45.64
CA LYS D 287 -6.58 4.85 -44.53
C LYS D 287 -8.07 4.73 -44.20
N ASP D 288 -8.93 5.03 -45.17
CA ASP D 288 -10.37 4.91 -44.99
C ASP D 288 -10.79 3.45 -44.94
N LYS D 289 -11.81 3.14 -44.14
CA LYS D 289 -12.24 1.75 -43.95
C LYS D 289 -12.93 1.20 -45.18
N ASP D 290 -13.53 2.06 -45.99
CA ASP D 290 -14.19 1.61 -47.22
C ASP D 290 -13.20 1.17 -48.28
N GLY D 291 -11.90 1.39 -48.06
CA GLY D 291 -10.93 1.11 -49.11
C GLY D 291 -10.94 -0.35 -49.53
N VAL D 292 -10.87 -1.26 -48.55
CA VAL D 292 -10.87 -2.68 -48.89
C VAL D 292 -12.18 -3.07 -49.53
N GLN D 293 -13.29 -2.53 -49.03
CA GLN D 293 -14.59 -2.86 -49.59
C GLN D 293 -14.71 -2.36 -51.02
N ILE D 294 -14.17 -1.17 -51.29
CA ILE D 294 -14.17 -0.62 -52.65
C ILE D 294 -13.29 -1.45 -53.57
N MET D 295 -12.13 -1.89 -53.07
CA MET D 295 -11.29 -2.78 -53.87
C MET D 295 -12.03 -4.06 -54.23
N LYS D 296 -12.75 -4.64 -53.26
CA LYS D 296 -13.51 -5.84 -53.56
C LYS D 296 -14.55 -5.57 -54.63
N ASP D 297 -15.27 -4.45 -54.52
CA ASP D 297 -16.24 -4.11 -55.56
C ASP D 297 -15.58 -3.98 -56.92
N TYR D 298 -14.48 -3.24 -57.00
CA TYR D 298 -13.87 -2.96 -58.30
C TYR D 298 -13.34 -4.24 -58.93
N MET D 299 -12.63 -5.06 -58.16
CA MET D 299 -12.16 -6.32 -58.72
C MET D 299 -13.31 -7.22 -59.14
N ALA D 300 -14.37 -7.30 -58.34
CA ALA D 300 -15.45 -8.21 -58.67
C ALA D 300 -16.19 -7.78 -59.93
N SER D 301 -16.56 -6.51 -60.04
CA SER D 301 -17.44 -6.07 -61.09
C SER D 301 -16.83 -5.10 -62.09
N GLY D 302 -15.74 -4.42 -61.74
CA GLY D 302 -15.19 -3.44 -62.64
C GLY D 302 -15.81 -2.06 -62.55
N SER D 303 -16.73 -1.85 -61.63
CA SER D 303 -17.34 -0.54 -61.41
C SER D 303 -17.60 -0.36 -59.92
N PHE D 304 -17.35 0.84 -59.43
CA PHE D 304 -17.45 1.11 -58.00
C PHE D 304 -18.24 2.39 -57.78
N ALA D 305 -18.91 2.47 -56.63
CA ALA D 305 -19.76 3.60 -56.30
C ALA D 305 -19.11 4.44 -55.21
N ARG D 306 -19.06 5.75 -55.45
CA ARG D 306 -18.53 6.69 -54.47
C ARG D 306 -19.50 7.86 -54.37
N GLY D 307 -19.89 8.20 -53.15
CA GLY D 307 -20.87 9.26 -52.96
C GLY D 307 -22.22 8.88 -53.50
N ARG D 308 -22.62 9.52 -54.60
CA ARG D 308 -23.90 9.22 -55.25
C ARG D 308 -23.75 8.68 -56.66
N GLU D 309 -22.53 8.43 -57.12
CA GLU D 309 -22.29 8.05 -58.51
C GLU D 309 -21.57 6.71 -58.58
N GLN D 310 -21.95 5.91 -59.57
CA GLN D 310 -21.21 4.71 -59.94
C GLN D 310 -20.30 5.04 -61.12
N MET D 311 -19.06 4.59 -61.04
CA MET D 311 -18.04 4.90 -62.03
C MET D 311 -17.37 3.62 -62.49
N GLU D 312 -17.07 3.56 -63.78
CA GLU D 312 -16.47 2.40 -64.41
C GLU D 312 -15.01 2.69 -64.75
N ALA D 313 -14.19 1.65 -64.74
CA ALA D 313 -12.80 1.76 -65.13
C ALA D 313 -12.29 0.39 -65.52
N SER D 314 -11.39 0.36 -66.50
CA SER D 314 -10.87 -0.90 -67.01
C SER D 314 -9.43 -1.18 -66.61
N ALA D 315 -8.95 -0.57 -65.54
CA ALA D 315 -7.58 -0.82 -65.10
C ALA D 315 -7.42 -2.27 -64.64
N SER D 316 -6.25 -2.83 -64.91
CA SER D 316 -5.95 -4.22 -64.60
C SER D 316 -4.97 -4.26 -63.43
N MET D 317 -5.50 -4.43 -62.22
CA MET D 317 -4.64 -4.47 -61.05
C MET D 317 -3.73 -5.69 -61.03
N VAL D 318 -2.49 -5.50 -60.61
CA VAL D 318 -1.51 -6.57 -60.45
C VAL D 318 -0.88 -6.45 -59.08
N PHE D 319 -0.71 -7.57 -58.39
CA PHE D 319 -0.11 -7.57 -57.07
C PHE D 319 1.24 -8.29 -57.15
N VAL D 320 2.29 -7.63 -56.67
CA VAL D 320 3.65 -8.18 -56.71
C VAL D 320 4.22 -8.15 -55.30
N GLY D 321 4.55 -9.32 -54.77
CA GLY D 321 5.08 -9.43 -53.42
C GLY D 321 6.47 -10.01 -53.38
N ASN D 322 6.94 -10.37 -52.18
CA ASN D 322 8.29 -10.91 -52.04
C ASN D 322 8.36 -12.00 -50.99
N ILE D 323 8.44 -13.26 -51.44
CA ILE D 323 8.62 -14.36 -50.51
C ILE D 323 10.05 -14.36 -50.01
N ASN D 324 10.22 -14.44 -48.69
CA ASN D 324 11.53 -14.46 -48.06
C ASN D 324 11.95 -15.83 -47.58
N GLN D 325 11.13 -16.86 -47.79
CA GLN D 325 11.41 -18.19 -47.27
C GLN D 325 11.21 -19.22 -48.37
N SER D 326 11.34 -20.49 -48.01
CA SER D 326 11.17 -21.58 -48.98
C SER D 326 9.69 -21.82 -49.26
N VAL D 327 9.40 -22.20 -50.51
CA VAL D 327 8.02 -22.37 -50.94
C VAL D 327 7.38 -23.56 -50.23
N GLU D 328 8.14 -24.64 -50.08
CA GLU D 328 7.60 -25.87 -49.49
C GLU D 328 7.17 -25.64 -48.04
N SER D 329 7.98 -24.91 -47.27
CA SER D 329 7.63 -24.62 -45.89
C SER D 329 6.38 -23.75 -45.81
N LEU D 330 6.26 -22.77 -46.71
CA LEU D 330 5.05 -21.95 -46.75
C LEU D 330 3.83 -22.82 -47.05
N VAL D 331 3.95 -23.74 -48.01
CA VAL D 331 2.82 -24.60 -48.34
C VAL D 331 2.44 -25.47 -47.17
N LYS D 332 3.43 -26.03 -46.47
CA LYS D 332 3.15 -26.95 -45.38
C LYS D 332 2.65 -26.25 -44.12
N THR D 333 3.04 -24.99 -43.90
CA THR D 333 2.64 -24.29 -42.67
C THR D 333 1.22 -23.76 -42.79
N SER D 334 0.94 -23.01 -43.86
CA SER D 334 -0.36 -22.37 -44.04
C SER D 334 -0.54 -22.08 -45.52
N HIS D 335 -1.49 -21.19 -45.82
CA HIS D 335 -1.68 -20.72 -47.19
C HIS D 335 -0.45 -19.97 -47.69
N LEU D 336 -0.17 -20.12 -48.99
CA LEU D 336 0.98 -19.48 -49.62
C LEU D 336 0.87 -17.96 -49.57
N LEU D 337 -0.33 -17.46 -49.38
CA LEU D 337 -0.69 -16.05 -49.43
C LEU D 337 -0.36 -15.29 -48.17
N ALA D 338 0.54 -15.82 -47.34
CA ALA D 338 0.95 -15.17 -46.10
C ALA D 338 1.42 -13.73 -46.26
N PRO D 339 2.26 -13.35 -47.25
CA PRO D 339 2.76 -11.97 -47.30
C PRO D 339 1.66 -10.93 -47.46
N PHE D 340 0.51 -11.33 -47.97
CA PHE D 340 -0.61 -10.42 -48.07
C PHE D 340 -1.04 -9.96 -46.66
N PRO D 341 -1.44 -8.70 -46.51
CA PRO D 341 -1.73 -8.17 -45.18
C PRO D 341 -2.87 -8.93 -44.51
N GLU D 342 -2.78 -9.04 -43.19
CA GLU D 342 -3.81 -9.74 -42.42
C GLU D 342 -5.16 -9.05 -42.58
N ALA D 343 -5.18 -7.72 -42.52
CA ALA D 343 -6.41 -6.97 -42.78
C ALA D 343 -6.90 -7.14 -44.21
N MET D 344 -6.02 -7.52 -45.14
CA MET D 344 -6.40 -7.75 -46.52
C MET D 344 -6.71 -9.21 -46.82
N ILE D 345 -6.57 -10.10 -45.84
CA ILE D 345 -6.84 -11.52 -46.04
C ILE D 345 -8.32 -11.78 -45.87
N ASP D 346 -8.99 -12.14 -46.97
CA ASP D 346 -10.41 -12.44 -46.98
C ASP D 346 -10.70 -13.34 -48.16
N SER D 347 -11.48 -14.39 -47.93
CA SER D 347 -11.84 -15.29 -49.01
C SER D 347 -12.64 -14.57 -50.08
N ALA D 348 -13.58 -13.73 -49.66
CA ALA D 348 -14.37 -12.97 -50.62
C ALA D 348 -13.53 -11.96 -51.39
N PHE D 349 -12.37 -11.59 -50.84
CA PHE D 349 -11.46 -10.72 -51.57
C PHE D 349 -10.59 -11.50 -52.53
N PHE D 350 -9.92 -12.55 -52.04
CA PHE D 350 -9.00 -13.29 -52.89
C PHE D 350 -9.73 -14.05 -53.98
N ASP D 351 -11.04 -14.25 -53.83
CA ASP D 351 -11.78 -14.94 -54.87
C ASP D 351 -11.83 -14.17 -56.18
N ARG D 352 -11.49 -12.89 -56.15
CA ARG D 352 -11.51 -12.08 -57.37
C ARG D 352 -10.30 -12.30 -58.26
N PHE D 353 -9.17 -12.76 -57.71
CA PHE D 353 -7.96 -12.91 -58.51
C PHE D 353 -8.18 -13.96 -59.58
N HIS D 354 -7.80 -13.62 -60.81
CA HIS D 354 -8.02 -14.56 -61.91
C HIS D 354 -6.80 -15.45 -62.14
N ALA D 355 -5.73 -15.26 -61.37
CA ALA D 355 -4.53 -16.03 -61.58
C ALA D 355 -3.62 -15.94 -60.37
N TYR D 356 -2.64 -16.83 -60.32
CA TYR D 356 -1.55 -16.81 -59.34
C TYR D 356 -0.28 -17.27 -60.04
N ILE D 357 0.52 -16.32 -60.49
CA ILE D 357 1.75 -16.66 -61.20
C ILE D 357 2.76 -17.21 -60.21
N PRO D 358 3.32 -18.39 -60.45
CA PRO D 358 4.29 -18.96 -59.51
C PRO D 358 5.65 -18.31 -59.64
N GLY D 359 5.89 -17.23 -58.89
CA GLY D 359 7.13 -16.50 -59.02
C GLY D 359 8.38 -17.32 -58.77
N TRP D 360 8.29 -18.41 -58.00
CA TRP D 360 9.49 -19.18 -57.70
C TRP D 360 9.95 -20.02 -58.89
N GLU D 361 9.02 -20.47 -59.72
CA GLU D 361 9.40 -21.30 -60.86
C GLU D 361 10.26 -20.55 -61.86
N ILE D 362 10.28 -19.23 -61.80
CA ILE D 362 11.12 -18.42 -62.68
C ILE D 362 12.52 -18.37 -62.09
N PRO D 363 13.56 -18.70 -62.85
CA PRO D 363 14.91 -18.71 -62.28
C PRO D 363 15.39 -17.31 -61.94
N LYS D 364 16.30 -17.22 -60.97
CA LYS D 364 16.85 -15.94 -60.57
C LYS D 364 17.60 -15.30 -61.72
N MET D 365 17.53 -13.98 -61.79
CA MET D 365 17.92 -13.27 -63.01
C MET D 365 19.43 -13.17 -63.10
N ARG D 366 19.97 -13.44 -64.30
CA ARG D 366 21.40 -13.44 -64.54
C ARG D 366 21.69 -12.82 -65.90
N PRO D 367 22.91 -12.32 -66.10
CA PRO D 367 23.24 -11.73 -67.42
C PRO D 367 23.18 -12.71 -68.57
N GLU D 368 23.25 -14.01 -68.29
CA GLU D 368 23.05 -15.00 -69.35
C GLU D 368 21.65 -14.89 -69.95
N PHE D 369 20.66 -14.56 -69.12
CA PHE D 369 19.28 -14.51 -69.59
C PHE D 369 18.94 -13.23 -70.33
N PHE D 370 19.83 -12.25 -70.35
CA PHE D 370 19.60 -10.99 -71.05
C PHE D 370 19.99 -11.17 -72.50
N THR D 371 19.04 -10.96 -73.41
CA THR D 371 19.29 -11.18 -74.82
C THR D 371 20.18 -10.10 -75.40
N ASN D 372 20.65 -10.34 -76.62
CA ASN D 372 21.33 -9.34 -77.42
C ASN D 372 20.95 -9.44 -78.89
N ARG D 373 19.85 -10.11 -79.21
CA ARG D 373 19.43 -10.31 -80.59
C ARG D 373 18.39 -9.25 -80.93
N TYR D 374 17.67 -9.44 -82.03
CA TYR D 374 16.67 -8.48 -82.48
C TYR D 374 15.34 -8.71 -81.77
N GLY D 375 14.63 -7.60 -81.47
CA GLY D 375 13.32 -7.67 -80.88
C GLY D 375 12.52 -6.41 -81.19
N LEU D 376 11.22 -6.48 -80.93
CA LEU D 376 10.35 -5.34 -81.18
C LEU D 376 10.60 -4.24 -80.17
N ILE D 377 10.41 -2.98 -80.60
CA ILE D 377 10.51 -1.86 -79.67
C ILE D 377 9.47 -2.02 -78.57
N VAL D 378 9.78 -1.52 -77.38
CA VAL D 378 8.83 -1.53 -76.28
C VAL D 378 7.58 -0.75 -76.65
N ASP D 379 7.73 0.35 -77.38
CA ASP D 379 6.57 1.16 -77.75
C ASP D 379 5.63 0.39 -78.66
N TYR D 380 6.19 -0.33 -79.65
CA TYR D 380 5.38 -1.13 -80.55
C TYR D 380 4.66 -2.24 -79.80
N LEU D 381 5.37 -2.91 -78.88
CA LEU D 381 4.72 -3.95 -78.09
C LEU D 381 3.59 -3.38 -77.25
N ALA D 382 3.81 -2.23 -76.62
CA ALA D 382 2.79 -1.64 -75.77
C ALA D 382 1.55 -1.22 -76.55
N GLU D 383 1.75 -0.61 -77.72
CA GLU D 383 0.58 -0.25 -78.53
C GLU D 383 -0.11 -1.48 -79.09
N PHE D 384 0.64 -2.55 -79.37
CA PHE D 384 0.00 -3.81 -79.74
C PHE D 384 -0.89 -4.31 -78.62
N PHE D 385 -0.41 -4.26 -77.38
CA PHE D 385 -1.23 -4.67 -76.25
C PHE D 385 -2.48 -3.80 -76.13
N ARG D 386 -2.30 -2.48 -76.23
CA ARG D 386 -3.43 -1.57 -76.03
C ARG D 386 -4.46 -1.73 -77.13
N GLU D 387 -4.03 -2.08 -78.33
CA GLU D 387 -4.97 -2.33 -79.41
C GLU D 387 -5.71 -3.65 -79.21
N MET D 388 -5.01 -4.67 -78.71
CA MET D 388 -5.68 -5.94 -78.51
C MET D 388 -6.52 -5.99 -77.25
N ARG D 389 -6.46 -4.98 -76.39
CA ARG D 389 -7.44 -4.91 -75.32
C ARG D 389 -8.88 -4.83 -75.86
N LYS D 390 -9.07 -4.35 -77.08
CA LYS D 390 -10.41 -4.11 -77.61
C LYS D 390 -11.07 -5.35 -78.19
N ARG D 391 -10.35 -6.46 -78.36
CA ARG D 391 -10.89 -7.67 -78.95
C ARG D 391 -11.09 -8.73 -77.88
N SER D 392 -11.56 -9.90 -78.30
CA SER D 392 -11.82 -10.98 -77.35
C SER D 392 -11.73 -12.33 -78.04
N PHE D 393 -11.32 -13.34 -77.28
CA PHE D 393 -11.27 -14.71 -77.76
C PHE D 393 -11.72 -15.70 -76.69
N ALA D 394 -12.59 -15.26 -75.77
CA ALA D 394 -13.02 -16.12 -74.68
C ALA D 394 -13.89 -17.28 -75.14
N ASP D 395 -14.60 -17.13 -76.26
CA ASP D 395 -15.47 -18.19 -76.74
C ASP D 395 -14.72 -19.28 -77.49
N SER D 396 -13.42 -19.12 -77.68
CA SER D 396 -12.63 -20.15 -78.36
C SER D 396 -12.60 -21.44 -77.54
N ILE D 397 -12.77 -21.34 -76.22
CA ILE D 397 -12.79 -22.53 -75.39
C ILE D 397 -13.94 -23.44 -75.76
N GLU D 398 -15.12 -22.87 -75.95
CA GLU D 398 -16.31 -23.70 -76.15
C GLU D 398 -16.35 -24.30 -77.55
N LYS D 399 -15.65 -23.70 -78.51
CA LYS D 399 -15.70 -24.24 -79.86
C LYS D 399 -15.05 -25.62 -79.94
N TYR D 400 -14.19 -25.95 -78.98
CA TYR D 400 -13.59 -27.28 -78.90
C TYR D 400 -13.83 -28.00 -77.59
N PHE D 401 -13.95 -27.29 -76.47
CA PHE D 401 -13.95 -27.93 -75.17
C PHE D 401 -15.16 -27.47 -74.37
N LYS D 402 -15.32 -28.09 -73.20
CA LYS D 402 -16.31 -27.69 -72.22
C LYS D 402 -15.65 -27.71 -70.84
N LEU D 403 -16.01 -26.75 -69.99
CA LEU D 403 -15.42 -26.71 -68.66
C LEU D 403 -16.07 -27.71 -67.74
N GLY D 404 -15.33 -28.17 -66.73
CA GLY D 404 -15.81 -29.20 -65.84
C GLY D 404 -16.86 -28.68 -64.88
N ASN D 405 -17.39 -29.61 -64.08
CA ASN D 405 -18.49 -29.29 -63.17
C ASN D 405 -18.02 -28.69 -61.85
N ASN D 406 -16.73 -28.75 -61.55
CA ASN D 406 -16.21 -28.24 -60.28
C ASN D 406 -15.98 -26.74 -60.30
N LEU D 407 -16.20 -26.08 -61.42
CA LEU D 407 -15.94 -24.65 -61.56
C LEU D 407 -17.22 -23.88 -61.31
N ASN D 408 -17.21 -23.01 -60.30
CA ASN D 408 -18.31 -22.07 -60.12
C ASN D 408 -18.22 -20.97 -61.17
N GLN D 409 -19.15 -20.01 -61.09
CA GLN D 409 -19.22 -18.98 -62.11
C GLN D 409 -17.96 -18.10 -62.11
N ARG D 410 -17.42 -17.78 -60.94
CA ARG D 410 -16.21 -16.96 -60.88
C ARG D 410 -15.03 -17.70 -61.49
N ASP D 411 -14.95 -19.00 -61.30
CA ASP D 411 -13.86 -19.76 -61.87
C ASP D 411 -13.96 -19.80 -63.39
N VAL D 412 -15.18 -19.90 -63.92
CA VAL D 412 -15.37 -19.82 -65.37
C VAL D 412 -14.92 -18.45 -65.88
N ILE D 413 -15.29 -17.39 -65.15
CA ILE D 413 -14.85 -16.05 -65.51
C ILE D 413 -13.33 -15.99 -65.57
N ALA D 414 -12.65 -16.47 -64.53
CA ALA D 414 -11.20 -16.38 -64.47
C ALA D 414 -10.54 -17.17 -65.60
N VAL D 415 -11.02 -18.39 -65.83
CA VAL D 415 -10.42 -19.22 -66.86
C VAL D 415 -10.63 -18.59 -68.23
N ARG D 416 -11.83 -18.06 -68.49
CA ARG D 416 -12.07 -17.43 -69.78
C ARG D 416 -11.18 -16.22 -69.98
N LYS D 417 -11.03 -15.39 -68.95
CA LYS D 417 -10.15 -14.23 -69.08
C LYS D 417 -8.72 -14.65 -69.38
N THR D 418 -8.19 -15.63 -68.63
CA THR D 418 -6.81 -16.03 -68.84
C THR D 418 -6.61 -16.62 -70.23
N VAL D 419 -7.54 -17.46 -70.68
CA VAL D 419 -7.43 -18.05 -72.02
C VAL D 419 -7.48 -16.96 -73.08
N SER D 420 -8.39 -16.00 -72.92
CA SER D 420 -8.49 -14.94 -73.92
C SER D 420 -7.21 -14.13 -73.98
N GLY D 421 -6.64 -13.81 -72.82
CA GLY D 421 -5.39 -13.07 -72.81
C GLY D 421 -4.26 -13.83 -73.48
N LEU D 422 -4.11 -15.11 -73.15
CA LEU D 422 -3.03 -15.90 -73.72
C LEU D 422 -3.21 -16.06 -75.23
N MET D 423 -4.45 -16.24 -75.67
CA MET D 423 -4.70 -16.43 -77.09
C MET D 423 -4.49 -15.15 -77.87
N LYS D 424 -4.76 -14.00 -77.24
CA LYS D 424 -4.39 -12.74 -77.87
C LYS D 424 -2.89 -12.60 -77.98
N LEU D 425 -2.15 -12.93 -76.92
CA LEU D 425 -0.71 -12.79 -76.97
C LEU D 425 -0.09 -13.70 -78.02
N LEU D 426 -0.54 -14.95 -78.11
CA LEU D 426 0.12 -15.91 -78.99
C LEU D 426 -0.49 -15.97 -80.38
N TYR D 427 -1.79 -15.74 -80.52
CA TYR D 427 -2.45 -15.83 -81.82
C TYR D 427 -3.25 -14.56 -82.11
N PRO D 428 -2.56 -13.43 -82.32
CA PRO D 428 -3.28 -12.20 -82.64
C PRO D 428 -4.10 -12.27 -83.90
N HIS D 429 -3.64 -13.01 -84.91
CA HIS D 429 -4.35 -13.04 -86.18
C HIS D 429 -5.61 -13.90 -86.14
N GLY D 430 -5.84 -14.65 -85.07
CA GLY D 430 -7.11 -15.34 -84.90
C GLY D 430 -7.23 -16.70 -85.56
N GLN D 431 -6.15 -17.25 -86.09
CA GLN D 431 -6.18 -18.59 -86.67
C GLN D 431 -5.48 -19.55 -85.73
N PHE D 432 -6.19 -20.57 -85.28
CA PHE D 432 -5.62 -21.51 -84.31
C PHE D 432 -6.38 -22.82 -84.38
N ASN D 433 -5.75 -23.87 -83.87
CA ASN D 433 -6.31 -25.22 -83.88
C ASN D 433 -6.59 -25.68 -82.46
N LYS D 434 -7.04 -26.92 -82.33
CA LYS D 434 -7.52 -27.42 -81.05
C LYS D 434 -6.41 -27.50 -80.01
N GLU D 435 -5.22 -27.96 -80.43
CA GLU D 435 -4.13 -28.16 -79.48
C GLU D 435 -3.71 -26.84 -78.83
N ASP D 436 -3.74 -25.75 -79.59
CA ASP D 436 -3.36 -24.45 -79.06
C ASP D 436 -4.29 -24.05 -77.92
N VAL D 437 -5.59 -24.15 -78.15
CA VAL D 437 -6.57 -23.85 -77.11
C VAL D 437 -6.39 -24.80 -75.94
N ARG D 438 -6.03 -26.05 -76.20
CA ARG D 438 -5.80 -27.00 -75.12
C ARG D 438 -4.66 -26.54 -74.21
N GLN D 439 -3.56 -26.10 -74.81
CA GLN D 439 -2.43 -25.62 -74.01
C GLN D 439 -2.82 -24.41 -73.19
N CYS D 440 -3.45 -23.43 -73.82
CA CYS D 440 -3.82 -22.23 -73.10
C CYS D 440 -4.81 -22.53 -71.97
N LEU D 441 -5.77 -23.42 -72.24
CA LEU D 441 -6.76 -23.80 -71.25
C LEU D 441 -6.12 -24.53 -70.07
N GLU D 442 -5.15 -25.40 -70.36
CA GLU D 442 -4.45 -26.09 -69.28
C GLU D 442 -3.73 -25.11 -68.39
N TYR D 443 -3.04 -24.13 -68.99
CA TYR D 443 -2.35 -23.14 -68.17
C TYR D 443 -3.33 -22.34 -67.34
N ALA D 444 -4.43 -21.91 -67.95
CA ALA D 444 -5.40 -21.11 -67.22
C ALA D 444 -5.98 -21.87 -66.05
N LEU D 445 -6.34 -23.14 -66.28
CA LEU D 445 -6.91 -23.95 -65.21
C LEU D 445 -5.93 -24.13 -64.08
N GLN D 446 -4.66 -24.39 -64.39
CA GLN D 446 -3.67 -24.56 -63.34
C GLN D 446 -3.51 -23.28 -62.53
N VAL D 447 -3.41 -22.14 -63.22
CA VAL D 447 -3.11 -20.89 -62.52
C VAL D 447 -4.30 -20.44 -61.69
N ARG D 448 -5.54 -20.72 -62.12
CA ARG D 448 -6.68 -20.43 -61.27
C ARG D 448 -6.78 -21.43 -60.13
N ARG D 449 -6.40 -22.68 -60.37
CA ARG D 449 -6.51 -23.68 -59.34
C ARG D 449 -5.66 -23.29 -58.15
N ARG D 450 -4.43 -22.83 -58.39
CA ARG D 450 -3.56 -22.49 -57.27
C ARG D 450 -4.27 -21.56 -56.29
N VAL D 451 -4.98 -20.56 -56.81
CA VAL D 451 -5.83 -19.72 -55.98
C VAL D 451 -6.93 -20.55 -55.31
N LYS D 452 -7.44 -21.55 -56.03
CA LYS D 452 -8.54 -22.33 -55.46
C LYS D 452 -8.11 -23.11 -54.21
N GLU D 453 -6.96 -23.78 -54.25
CA GLU D 453 -6.46 -24.38 -53.00
C GLU D 453 -6.11 -23.33 -51.94
N GLN D 454 -5.55 -22.19 -52.33
CA GLN D 454 -5.33 -21.18 -51.29
C GLN D 454 -6.64 -20.82 -50.59
N LEU D 455 -7.70 -20.62 -51.39
CA LEU D 455 -9.00 -20.29 -50.83
C LEU D 455 -9.55 -21.44 -49.98
N LYS D 456 -9.33 -22.67 -50.43
CA LYS D 456 -9.75 -23.82 -49.61
C LYS D 456 -9.12 -23.76 -48.24
N LYS D 457 -7.79 -23.62 -48.20
CA LYS D 457 -7.08 -23.57 -46.93
C LYS D 457 -7.56 -22.42 -46.05
N ILE D 458 -7.88 -21.28 -46.66
CA ILE D 458 -8.23 -20.11 -45.84
C ILE D 458 -9.69 -20.15 -45.39
N GLY D 459 -10.59 -20.73 -46.19
CA GLY D 459 -12.01 -20.59 -45.93
C GLY D 459 -12.78 -21.84 -45.60
N GLY D 460 -12.15 -23.02 -45.61
CA GLY D 460 -12.85 -24.21 -45.18
C GLY D 460 -13.74 -24.78 -46.28
N MET D 461 -14.91 -25.27 -45.88
CA MET D 461 -15.73 -26.12 -46.75
C MET D 461 -16.21 -25.38 -47.99
N GLU D 462 -16.25 -24.05 -47.94
CA GLU D 462 -16.85 -23.28 -49.03
C GLU D 462 -16.13 -23.46 -50.36
N PHE D 463 -14.89 -23.96 -50.36
CA PHE D 463 -14.10 -24.07 -51.57
C PHE D 463 -13.42 -25.43 -51.68
N TYR D 464 -14.16 -26.51 -51.46
CA TYR D 464 -13.57 -27.84 -51.56
C TYR D 464 -13.59 -28.39 -52.98
N ASP D 465 -14.49 -27.88 -53.82
CA ASP D 465 -14.59 -28.35 -55.20
C ASP D 465 -13.42 -27.77 -55.99
N VAL D 466 -12.26 -28.40 -55.83
CA VAL D 466 -11.02 -27.90 -56.43
C VAL D 466 -10.53 -28.75 -57.58
N HIS D 467 -11.24 -29.82 -57.94
CA HIS D 467 -10.77 -30.72 -58.98
C HIS D 467 -11.22 -30.18 -60.33
N PHE D 468 -10.42 -29.28 -60.87
CA PHE D 468 -10.70 -28.66 -62.16
C PHE D 468 -10.60 -29.71 -63.25
N SER D 469 -11.35 -29.53 -64.33
CA SER D 469 -11.36 -30.48 -65.42
C SER D 469 -11.89 -29.83 -66.68
N TYR D 470 -11.59 -30.44 -67.82
CA TYR D 470 -12.18 -30.01 -69.08
C TYR D 470 -12.46 -31.21 -69.97
N ILE D 471 -13.57 -31.15 -70.67
CA ILE D 471 -14.13 -32.29 -71.40
C ILE D 471 -14.10 -31.98 -72.88
N ASP D 472 -13.60 -32.92 -73.67
CA ASP D 472 -13.63 -32.77 -75.11
C ASP D 472 -15.07 -32.80 -75.62
N ASN D 473 -15.33 -32.10 -76.72
CA ASN D 473 -16.65 -32.12 -77.31
C ASN D 473 -16.93 -33.40 -78.07
N ASP D 474 -15.91 -33.99 -78.71
CA ASP D 474 -16.11 -35.15 -79.56
C ASP D 474 -15.80 -36.46 -78.86
N THR D 475 -14.60 -36.60 -78.31
CA THR D 475 -14.21 -37.82 -77.63
C THR D 475 -14.94 -38.03 -76.31
N LEU D 476 -15.38 -36.94 -75.67
CA LEU D 476 -15.95 -36.95 -74.32
C LEU D 476 -14.95 -37.42 -73.27
N GLU D 477 -13.70 -37.63 -73.65
CA GLU D 477 -12.66 -37.92 -72.67
C GLU D 477 -12.41 -36.69 -71.82
N GLU D 478 -12.46 -36.86 -70.51
CA GLU D 478 -12.29 -35.76 -69.58
C GLU D 478 -10.85 -35.72 -69.11
N HIS D 479 -10.25 -34.53 -69.11
CA HIS D 479 -8.88 -34.33 -68.67
C HIS D 479 -8.90 -33.56 -67.36
N PHE D 480 -8.12 -34.01 -66.40
CA PHE D 480 -7.99 -33.37 -65.10
C PHE D 480 -6.70 -32.56 -65.07
N VAL D 481 -6.72 -31.42 -64.38
CA VAL D 481 -5.58 -30.52 -64.29
C VAL D 481 -5.22 -30.37 -62.83
N SER D 482 -3.93 -30.51 -62.52
CA SER D 482 -3.43 -30.42 -61.16
C SER D 482 -2.38 -29.32 -61.04
N VAL D 483 -2.22 -28.82 -59.83
CA VAL D 483 -1.19 -27.81 -59.53
C VAL D 483 0.10 -28.59 -59.26
N LYS D 484 1.18 -28.15 -59.89
CA LYS D 484 2.44 -28.88 -59.86
C LYS D 484 3.02 -28.97 -58.44
N GLU D 485 2.96 -27.89 -57.69
CA GLU D 485 3.57 -27.85 -56.37
C GLU D 485 3.00 -28.90 -55.44
N GLN D 486 1.71 -28.79 -55.11
CA GLN D 486 1.11 -29.72 -54.16
C GLN D 486 1.13 -31.15 -54.66
N GLY D 487 0.85 -31.34 -55.95
CA GLY D 487 0.86 -32.67 -56.54
C GLY D 487 2.26 -33.25 -56.63
N PRO D 496 1.68 -37.18 -36.80
CA PRO D 496 0.43 -37.80 -37.28
C PRO D 496 -0.46 -36.79 -38.01
N ALA D 497 -1.26 -37.30 -38.94
CA ALA D 497 -2.17 -36.45 -39.68
C ALA D 497 -3.39 -36.10 -38.84
N LYS D 498 -4.17 -35.14 -39.33
CA LYS D 498 -5.39 -34.74 -38.65
C LYS D 498 -6.43 -35.86 -38.73
N PRO D 499 -7.43 -35.86 -37.85
CA PRO D 499 -8.44 -36.92 -37.90
C PRO D 499 -9.13 -36.99 -39.25
N GLY D 500 -9.38 -38.23 -39.70
CA GLY D 500 -10.06 -38.45 -40.96
C GLY D 500 -9.18 -38.39 -42.18
N PHE D 501 -7.89 -38.11 -42.04
CA PHE D 501 -6.98 -37.93 -43.16
C PHE D 501 -6.09 -39.15 -43.27
N LEU D 502 -5.99 -39.72 -44.46
CA LEU D 502 -5.20 -40.95 -44.61
C LEU D 502 -4.66 -41.05 -46.03
N TYR D 503 -3.77 -42.03 -46.22
CA TYR D 503 -3.15 -42.31 -47.50
C TYR D 503 -3.44 -43.75 -47.88
N THR D 504 -3.73 -43.99 -49.16
CA THR D 504 -3.90 -45.34 -49.68
C THR D 504 -3.15 -45.47 -50.99
N ILE D 505 -2.94 -46.70 -51.43
CA ILE D 505 -2.31 -46.99 -52.71
C ILE D 505 -3.17 -48.00 -53.45
N GLY D 506 -3.43 -47.72 -54.73
CA GLY D 506 -4.31 -48.59 -55.48
C GLY D 506 -4.00 -48.60 -56.95
N LEU D 507 -4.50 -49.63 -57.63
CA LEU D 507 -4.31 -49.76 -59.07
C LEU D 507 -5.27 -48.83 -59.80
N SER D 508 -4.70 -47.93 -60.61
CA SER D 508 -5.52 -47.05 -61.43
C SER D 508 -6.28 -47.85 -62.48
N ASN D 509 -7.15 -47.15 -63.21
CA ASN D 509 -7.89 -47.80 -64.28
C ASN D 509 -6.98 -48.36 -65.36
N LYS D 510 -5.74 -47.86 -65.46
CA LYS D 510 -4.73 -48.42 -66.35
C LYS D 510 -3.93 -49.54 -65.69
N GLY D 511 -4.14 -49.80 -64.40
CA GLY D 511 -3.47 -50.88 -63.71
C GLY D 511 -2.11 -50.57 -63.15
N MET D 512 -1.63 -49.31 -63.26
CA MET D 512 -0.32 -48.98 -62.70
C MET D 512 -0.52 -48.25 -61.37
N PRO D 513 -0.05 -48.83 -60.27
CA PRO D 513 -0.49 -48.37 -58.94
C PRO D 513 -0.05 -46.95 -58.61
N GLY D 514 -0.84 -46.27 -57.80
CA GLY D 514 -0.55 -44.90 -57.41
C GLY D 514 -1.05 -44.61 -56.01
N LEU D 515 -0.54 -43.50 -55.47
CA LEU D 515 -0.83 -43.08 -54.10
C LEU D 515 -1.89 -41.98 -54.08
N TYR D 516 -2.98 -42.22 -53.35
CA TYR D 516 -4.09 -41.29 -53.25
C TYR D 516 -4.31 -40.92 -51.79
N ARG D 517 -4.94 -39.77 -51.56
CA ARG D 517 -5.15 -39.24 -50.23
C ARG D 517 -6.63 -39.05 -49.96
N LEU D 518 -7.08 -39.50 -48.79
CA LEU D 518 -8.47 -39.34 -48.37
C LEU D 518 -8.56 -38.26 -47.31
N GLU D 519 -9.44 -37.29 -47.52
CA GLU D 519 -9.62 -36.14 -46.62
C GLU D 519 -11.10 -36.09 -46.24
N LEU D 520 -11.41 -36.49 -45.00
CA LEU D 520 -12.79 -36.59 -44.57
C LEU D 520 -13.05 -35.62 -43.43
N GLN D 521 -14.16 -34.89 -43.52
CA GLN D 521 -14.57 -33.92 -42.51
C GLN D 521 -15.98 -34.23 -42.05
N VAL D 522 -16.27 -33.96 -40.77
CA VAL D 522 -17.52 -34.33 -40.13
C VAL D 522 -18.17 -33.08 -39.59
N THR D 523 -19.47 -32.93 -39.83
CA THR D 523 -20.27 -31.86 -39.24
C THR D 523 -21.50 -32.48 -38.60
N LYS D 524 -22.23 -31.67 -37.84
CA LYS D 524 -23.51 -32.12 -37.32
C LYS D 524 -24.54 -32.14 -38.45
N GLY D 525 -25.25 -33.25 -38.59
CA GLY D 525 -26.21 -33.36 -39.67
C GLY D 525 -27.15 -34.54 -39.56
N SER D 526 -27.61 -35.04 -40.71
CA SER D 526 -28.61 -36.10 -40.78
C SER D 526 -28.12 -37.33 -41.52
N GLY D 527 -26.83 -37.64 -41.41
CA GLY D 527 -26.27 -38.79 -42.10
C GLY D 527 -26.03 -38.60 -43.57
N LYS D 528 -26.06 -37.36 -44.06
CA LYS D 528 -25.83 -37.09 -45.47
C LYS D 528 -24.37 -37.27 -45.83
N LEU D 529 -24.12 -37.82 -47.02
CA LEU D 529 -22.78 -38.09 -47.52
C LEU D 529 -22.48 -37.16 -48.69
N ALA D 530 -21.36 -36.45 -48.60
CA ALA D 530 -20.90 -35.56 -49.67
C ALA D 530 -19.60 -36.11 -50.24
N THR D 531 -19.51 -36.12 -51.56
CA THR D 531 -18.35 -36.66 -52.27
C THR D 531 -17.71 -35.58 -53.11
N SER D 532 -16.39 -35.55 -53.13
CA SER D 532 -15.68 -34.57 -53.94
C SER D 532 -14.35 -35.13 -54.42
N GLY D 533 -13.98 -34.73 -55.64
CA GLY D 533 -12.75 -35.17 -56.23
C GLY D 533 -12.69 -36.64 -56.54
N LEU D 534 -13.82 -37.24 -56.92
CA LEU D 534 -13.89 -38.69 -57.10
C LEU D 534 -14.00 -39.10 -58.57
N TRP D 535 -13.59 -38.22 -59.50
CA TRP D 535 -13.42 -38.58 -60.91
C TRP D 535 -14.74 -38.97 -61.58
N ASN D 536 -15.86 -38.53 -61.03
CA ASN D 536 -17.21 -38.80 -61.55
C ASN D 536 -17.36 -40.23 -62.03
N SER D 537 -16.73 -41.19 -61.32
CA SER D 537 -16.71 -42.58 -61.72
C SER D 537 -17.79 -43.33 -60.96
N SER D 538 -18.63 -44.08 -61.69
CA SER D 538 -19.73 -44.82 -61.09
C SER D 538 -19.23 -45.91 -60.13
N SER D 539 -18.14 -46.57 -60.52
CA SER D 539 -17.56 -47.60 -59.65
C SER D 539 -17.08 -46.98 -58.34
N ALA D 540 -16.48 -45.80 -58.41
CA ALA D 540 -16.05 -45.13 -57.18
C ALA D 540 -17.24 -44.79 -56.29
N LYS D 541 -18.33 -44.29 -56.87
CA LYS D 541 -19.52 -44.00 -56.08
C LYS D 541 -20.10 -45.25 -55.44
N GLU D 542 -20.18 -46.34 -56.21
CA GLU D 542 -20.75 -47.55 -55.64
C GLU D 542 -19.89 -48.08 -54.51
N GLN D 543 -18.56 -48.02 -54.66
CA GLN D 543 -17.69 -48.48 -53.59
C GLN D 543 -17.83 -47.60 -52.36
N VAL D 544 -17.89 -46.28 -52.54
CA VAL D 544 -18.00 -45.38 -51.41
C VAL D 544 -19.33 -45.58 -50.68
N LYS D 545 -20.43 -45.71 -51.43
CA LYS D 545 -21.72 -45.92 -50.75
C LYS D 545 -21.77 -47.29 -50.08
N ILE D 546 -21.12 -48.31 -50.66
CA ILE D 546 -21.04 -49.61 -49.98
C ILE D 546 -20.31 -49.46 -48.66
N ALA D 547 -19.18 -48.75 -48.67
CA ALA D 547 -18.42 -48.55 -47.43
C ALA D 547 -19.24 -47.76 -46.41
N PHE D 548 -19.97 -46.74 -46.87
CA PHE D 548 -20.77 -45.95 -45.95
C PHE D 548 -21.91 -46.76 -45.35
N ASP D 549 -22.54 -47.62 -46.16
CA ASP D 549 -23.57 -48.51 -45.63
C ASP D 549 -23.00 -49.49 -44.61
N TYR D 550 -21.82 -50.04 -44.88
CA TYR D 550 -21.20 -50.94 -43.91
C TYR D 550 -20.84 -50.19 -42.63
N PHE D 551 -20.41 -48.93 -42.76
CA PHE D 551 -20.13 -48.10 -41.59
C PHE D 551 -21.39 -47.86 -40.77
N LYS D 552 -22.51 -47.59 -41.45
CA LYS D 552 -23.78 -47.41 -40.74
C LYS D 552 -24.20 -48.69 -40.03
N ALA D 553 -24.05 -49.82 -40.71
CA ALA D 553 -24.48 -51.09 -40.12
C ALA D 553 -23.65 -51.48 -38.90
N ASN D 554 -22.34 -51.27 -38.96
CA ASN D 554 -21.44 -51.69 -37.88
C ASN D 554 -20.97 -50.53 -37.03
N ALA D 555 -21.80 -49.50 -36.84
CA ALA D 555 -21.39 -48.33 -36.07
C ALA D 555 -21.12 -48.70 -34.61
N SER D 556 -21.95 -49.58 -34.03
CA SER D 556 -21.77 -49.95 -32.63
C SER D 556 -20.46 -50.70 -32.41
N ARG D 557 -20.07 -51.57 -33.35
CA ARG D 557 -18.87 -52.39 -33.19
C ARG D 557 -17.59 -51.58 -33.38
N ILE D 558 -17.69 -50.38 -33.94
CA ILE D 558 -16.52 -49.58 -34.28
C ILE D 558 -16.39 -48.34 -33.40
N SER D 559 -17.49 -47.65 -33.14
CA SER D 559 -17.46 -46.39 -32.42
C SER D 559 -17.84 -46.50 -30.95
N GLY D 560 -18.66 -47.48 -30.57
CA GLY D 560 -19.03 -47.67 -29.19
C GLY D 560 -19.95 -46.61 -28.63
N GLY D 561 -20.78 -46.01 -29.48
CA GLY D 561 -21.76 -45.06 -29.00
C GLY D 561 -21.98 -43.86 -29.90
N SER D 562 -21.02 -43.57 -30.77
CA SER D 562 -21.15 -42.44 -31.68
C SER D 562 -22.23 -42.72 -32.72
N LYS D 563 -23.14 -41.78 -32.91
CA LYS D 563 -24.31 -41.99 -33.74
C LYS D 563 -24.08 -41.42 -35.13
N VAL D 564 -24.18 -42.28 -36.15
CA VAL D 564 -23.93 -41.86 -37.52
C VAL D 564 -25.02 -40.91 -38.02
N MET D 565 -26.27 -41.20 -37.65
CA MET D 565 -27.39 -40.42 -38.15
C MET D 565 -27.39 -38.97 -37.68
N GLU D 566 -26.60 -38.65 -36.64
CA GLU D 566 -26.52 -37.29 -36.12
C GLU D 566 -25.41 -36.48 -36.76
N HIS D 567 -24.64 -37.05 -37.68
CA HIS D 567 -23.50 -36.38 -38.27
C HIS D 567 -23.49 -36.59 -39.79
N ASP D 568 -23.03 -35.58 -40.51
CA ASP D 568 -22.85 -35.64 -41.95
C ASP D 568 -21.37 -35.65 -42.29
N PHE D 569 -20.99 -36.45 -43.28
CA PHE D 569 -19.59 -36.67 -43.63
C PHE D 569 -19.37 -36.16 -45.05
N HIS D 570 -18.24 -35.46 -45.25
CA HIS D 570 -17.80 -35.01 -46.56
C HIS D 570 -16.42 -35.60 -46.82
N LEU D 571 -16.31 -36.41 -47.88
CA LEU D 571 -15.06 -37.04 -48.24
C LEU D 571 -14.54 -36.45 -49.55
N HIS D 572 -13.27 -36.08 -49.56
CA HIS D 572 -12.62 -35.47 -50.70
C HIS D 572 -11.38 -36.30 -51.03
N VAL D 573 -11.28 -36.72 -52.29
CA VAL D 573 -10.22 -37.64 -52.71
C VAL D 573 -9.22 -36.87 -53.56
N VAL D 574 -7.94 -36.96 -53.20
CA VAL D 574 -6.89 -36.17 -53.82
C VAL D 574 -5.89 -37.11 -54.48
N GLU D 575 -5.57 -36.84 -55.73
CA GLU D 575 -4.57 -37.61 -56.46
C GLU D 575 -3.24 -36.87 -56.45
N LEU D 576 -2.17 -37.56 -56.07
CA LEU D 576 -0.86 -36.94 -55.90
C LEU D 576 0.18 -37.39 -56.92
N GLN D 577 -0.13 -38.38 -57.76
CA GLN D 577 0.82 -38.85 -58.75
C GLN D 577 0.28 -38.86 -60.18
N ASN D 578 -0.92 -38.34 -60.42
CA ASN D 578 -1.52 -38.29 -61.75
C ASN D 578 -1.64 -39.68 -62.37
N THR D 579 -1.88 -40.69 -61.53
CA THR D 579 -1.92 -42.06 -62.01
C THR D 579 -3.25 -42.42 -62.68
N GLY D 580 -4.31 -41.67 -62.41
CA GLY D 580 -5.60 -41.94 -63.01
C GLY D 580 -6.66 -42.25 -61.98
N PRO D 581 -7.89 -42.50 -62.43
CA PRO D 581 -8.95 -42.83 -61.49
C PRO D 581 -8.75 -44.20 -60.85
N LEU D 582 -8.99 -44.28 -59.55
CA LEU D 582 -8.94 -45.55 -58.83
C LEU D 582 -10.24 -46.32 -59.05
N SER D 583 -10.17 -47.64 -58.88
CA SER D 583 -11.33 -48.48 -59.11
C SER D 583 -11.81 -49.17 -57.84
N HIS D 584 -10.90 -49.88 -57.17
CA HIS D 584 -11.30 -50.72 -56.04
C HIS D 584 -11.18 -50.02 -54.70
N LEU D 585 -11.94 -48.95 -54.51
CA LEU D 585 -12.04 -48.32 -53.20
C LEU D 585 -13.09 -49.06 -52.37
N ALA D 586 -13.28 -48.57 -51.13
CA ALA D 586 -14.29 -48.95 -50.13
C ALA D 586 -13.67 -49.02 -48.74
N LEU D 587 -12.83 -50.02 -48.51
CA LEU D 587 -12.22 -50.25 -47.20
C LEU D 587 -11.44 -49.01 -46.74
N PRO D 588 -10.60 -48.38 -47.59
CA PRO D 588 -9.99 -47.11 -47.17
C PRO D 588 -11.03 -46.06 -46.83
N SER D 589 -12.13 -46.02 -47.59
CA SER D 589 -13.19 -45.07 -47.27
C SER D 589 -13.80 -45.38 -45.91
N LEU D 590 -14.01 -46.67 -45.62
CA LEU D 590 -14.54 -47.09 -44.33
C LEU D 590 -13.64 -46.64 -43.20
N VAL D 591 -12.34 -46.82 -43.39
CA VAL D 591 -11.34 -46.38 -42.41
C VAL D 591 -11.46 -44.88 -42.25
N ALA D 592 -11.72 -44.17 -43.37
CA ALA D 592 -11.87 -42.73 -43.33
C ALA D 592 -13.05 -42.29 -42.47
N PHE D 593 -14.22 -42.90 -42.67
CA PHE D 593 -15.37 -42.52 -41.84
C PHE D 593 -15.10 -42.87 -40.38
N ALA D 594 -14.50 -44.03 -40.14
CA ALA D 594 -14.24 -44.47 -38.78
C ALA D 594 -13.30 -43.50 -38.05
N SER D 595 -12.26 -43.04 -38.76
CA SER D 595 -11.33 -42.08 -38.16
C SER D 595 -11.99 -40.72 -37.96
N GLY D 596 -12.78 -40.26 -38.94
CA GLY D 596 -13.39 -38.95 -38.84
C GLY D 596 -14.42 -38.86 -37.73
N LEU D 597 -15.30 -39.87 -37.64
CA LEU D 597 -16.35 -39.84 -36.64
C LEU D 597 -15.79 -39.90 -35.23
N LEU D 598 -14.78 -40.75 -35.01
CA LEU D 598 -14.21 -40.92 -33.68
C LEU D 598 -13.20 -39.85 -33.31
N GLY D 599 -12.69 -39.09 -34.28
CA GLY D 599 -11.69 -38.10 -33.96
C GLY D 599 -10.35 -38.68 -33.55
N ARG D 600 -10.06 -39.91 -33.95
CA ARG D 600 -8.81 -40.58 -33.62
C ARG D 600 -7.92 -40.60 -34.85
N SER D 601 -6.75 -39.97 -34.75
CA SER D 601 -5.86 -39.87 -35.90
C SER D 601 -5.22 -41.20 -36.21
N VAL D 602 -5.16 -41.53 -37.50
CA VAL D 602 -4.51 -42.76 -37.93
C VAL D 602 -3.01 -42.65 -37.68
N GLN D 603 -2.37 -43.79 -37.45
CA GLN D 603 -0.93 -43.83 -37.23
C GLN D 603 -0.20 -43.22 -38.42
N SER D 604 0.82 -42.41 -38.12
CA SER D 604 1.53 -41.68 -39.16
C SER D 604 2.25 -42.63 -40.11
N GLN D 605 2.23 -42.28 -41.40
CA GLN D 605 2.94 -43.03 -42.43
C GLN D 605 2.47 -44.48 -42.52
N MET D 606 1.17 -44.70 -42.37
CA MET D 606 0.58 -46.00 -42.59
C MET D 606 -0.17 -46.02 -43.92
N VAL D 607 0.03 -47.09 -44.69
CA VAL D 607 -0.68 -47.29 -45.95
C VAL D 607 -1.59 -48.50 -45.79
N VAL D 608 -2.89 -48.29 -46.01
CA VAL D 608 -3.89 -49.34 -45.88
C VAL D 608 -4.18 -49.88 -47.27
N LEU D 609 -3.95 -51.18 -47.47
CA LEU D 609 -4.21 -51.84 -48.73
C LEU D 609 -5.31 -52.88 -48.56
N GLY D 610 -5.83 -53.36 -49.69
CA GLY D 610 -6.94 -54.29 -49.71
C GLY D 610 -8.26 -53.58 -49.90
N ASP D 611 -9.26 -54.39 -50.23
CA ASP D 611 -10.61 -53.89 -50.47
C ASP D 611 -11.61 -54.78 -49.75
N MET D 612 -12.85 -54.30 -49.64
CA MET D 612 -13.88 -54.96 -48.86
C MET D 612 -15.18 -55.02 -49.65
N SER D 613 -16.00 -56.00 -49.31
CA SER D 613 -17.33 -56.14 -49.90
C SER D 613 -18.40 -55.77 -48.89
N LEU D 614 -19.63 -55.61 -49.40
CA LEU D 614 -20.74 -55.21 -48.54
C LEU D 614 -20.97 -56.19 -47.40
N GLY D 615 -20.72 -57.47 -47.62
CA GLY D 615 -20.89 -58.46 -46.57
C GLY D 615 -19.73 -58.54 -45.60
N GLY D 616 -18.69 -57.73 -45.79
CA GLY D 616 -17.54 -57.76 -44.92
C GLY D 616 -16.42 -58.66 -45.38
N SER D 617 -16.47 -59.17 -46.60
CA SER D 617 -15.41 -60.01 -47.12
C SER D 617 -14.26 -59.17 -47.62
N VAL D 618 -13.05 -59.49 -47.15
CA VAL D 618 -11.84 -58.76 -47.49
C VAL D 618 -11.21 -59.39 -48.73
N THR D 619 -10.74 -58.56 -49.63
CA THR D 619 -10.15 -59.06 -50.85
C THR D 619 -8.63 -58.90 -50.84
N PRO D 620 -7.90 -59.82 -51.47
CA PRO D 620 -6.43 -59.69 -51.48
C PRO D 620 -5.99 -58.50 -52.33
N VAL D 621 -4.80 -58.00 -52.02
CA VAL D 621 -4.27 -56.83 -52.72
C VAL D 621 -3.68 -57.28 -54.06
N GLU D 622 -4.15 -56.65 -55.14
CA GLU D 622 -3.57 -56.91 -56.46
C GLU D 622 -2.26 -56.15 -56.60
N SER D 623 -1.23 -56.83 -57.11
CA SER D 623 0.09 -56.26 -57.29
C SER D 623 0.62 -55.68 -55.97
N ILE D 624 0.69 -56.55 -54.96
CA ILE D 624 1.11 -56.10 -53.63
C ILE D 624 2.55 -55.60 -53.67
N ALA D 625 3.43 -56.27 -54.43
CA ALA D 625 4.83 -55.89 -54.45
C ALA D 625 5.01 -54.49 -55.04
N GLU D 626 4.40 -54.22 -56.19
CA GLU D 626 4.54 -52.91 -56.81
C GLU D 626 3.99 -51.82 -55.91
N CYS D 627 2.85 -52.08 -55.27
CA CYS D 627 2.33 -51.13 -54.29
C CYS D 627 3.33 -50.93 -53.16
N LEU D 628 4.11 -51.95 -52.84
CA LEU D 628 5.11 -51.81 -51.78
C LEU D 628 6.27 -50.93 -52.21
N GLN D 629 6.76 -51.07 -53.45
CA GLN D 629 7.78 -50.12 -53.90
C GLN D 629 7.21 -48.71 -53.98
N VAL D 630 5.93 -48.60 -54.35
CA VAL D 630 5.29 -47.28 -54.37
C VAL D 630 5.27 -46.69 -52.96
N ALA D 631 4.92 -47.51 -51.97
CA ALA D 631 4.89 -47.05 -50.58
C ALA D 631 6.28 -46.63 -50.12
N PHE D 632 7.30 -47.41 -50.47
CA PHE D 632 8.67 -47.06 -50.10
C PHE D 632 9.07 -45.74 -50.74
N ASP D 633 8.71 -45.53 -52.01
CA ASP D 633 9.01 -44.27 -52.67
C ASP D 633 8.20 -43.12 -52.08
N ALA D 634 7.02 -43.43 -51.55
CA ALA D 634 6.16 -42.41 -50.96
C ALA D 634 6.57 -42.03 -49.54
N GLY D 635 7.55 -42.71 -48.97
CA GLY D 635 7.94 -42.46 -47.59
C GLY D 635 7.13 -43.20 -46.56
N ALA D 636 6.46 -44.29 -46.94
CA ALA D 636 5.62 -45.02 -46.00
C ALA D 636 6.46 -45.77 -44.97
N LYS D 637 5.91 -45.91 -43.77
CA LYS D 637 6.57 -46.63 -42.69
C LYS D 637 5.72 -47.75 -42.09
N LYS D 638 4.40 -47.70 -42.25
CA LYS D 638 3.50 -48.72 -41.73
C LYS D 638 2.63 -49.24 -42.86
N VAL D 639 2.30 -50.52 -42.79
CA VAL D 639 1.47 -51.17 -43.81
C VAL D 639 0.40 -52.00 -43.11
N ALA D 640 -0.84 -51.88 -43.57
CA ALA D 640 -1.95 -52.69 -43.10
C ALA D 640 -2.33 -53.68 -44.19
N LEU D 641 -2.41 -54.97 -43.84
CA LEU D 641 -2.59 -55.98 -44.86
C LEU D 641 -3.68 -56.98 -44.45
N PRO D 642 -4.48 -57.45 -45.41
CA PRO D 642 -5.45 -58.50 -45.09
C PRO D 642 -4.78 -59.86 -44.98
N MET D 643 -5.48 -60.81 -44.35
CA MET D 643 -4.87 -62.12 -44.12
C MET D 643 -4.64 -62.86 -45.43
N SER D 644 -5.56 -62.73 -46.40
CA SER D 644 -5.45 -63.46 -47.65
C SER D 644 -4.23 -63.03 -48.46
N SER D 645 -3.71 -61.82 -48.22
CA SER D 645 -2.50 -61.36 -48.88
C SER D 645 -1.24 -61.99 -48.29
N ALA D 646 -1.37 -62.72 -47.18
CA ALA D 646 -0.20 -63.38 -46.59
C ALA D 646 0.40 -64.41 -47.53
N ALA D 647 -0.42 -65.05 -48.36
CA ALA D 647 0.10 -65.98 -49.35
C ALA D 647 0.98 -65.26 -50.38
N ASP D 648 0.81 -63.95 -50.51
CA ASP D 648 1.65 -63.14 -51.38
C ASP D 648 2.92 -62.65 -50.68
N ILE D 649 3.09 -62.95 -49.40
CA ILE D 649 4.31 -62.56 -48.70
C ILE D 649 5.55 -63.16 -49.35
N PRO D 650 5.60 -64.45 -49.72
CA PRO D 650 6.81 -64.98 -50.36
C PRO D 650 7.18 -64.27 -51.65
N THR D 651 6.21 -63.72 -52.39
CA THR D 651 6.52 -63.01 -53.63
C THR D 651 7.18 -61.66 -53.40
N ILE D 652 7.20 -61.17 -52.16
CA ILE D 652 7.76 -59.86 -51.85
C ILE D 652 9.26 -59.97 -51.63
N PRO D 653 10.05 -59.04 -52.16
CA PRO D 653 11.48 -59.00 -51.82
C PRO D 653 11.69 -58.79 -50.33
N VAL D 654 12.74 -59.42 -49.80
CA VAL D 654 12.99 -59.36 -48.36
C VAL D 654 13.37 -57.96 -47.93
N GLU D 655 14.26 -57.30 -48.68
CA GLU D 655 14.76 -55.99 -48.26
C GLU D 655 13.66 -54.95 -48.23
N LEU D 656 12.71 -55.01 -49.17
CA LEU D 656 11.61 -54.07 -49.17
C LEU D 656 10.64 -54.34 -48.03
N PHE D 657 10.36 -55.61 -47.76
CA PHE D 657 9.42 -55.96 -46.70
C PHE D 657 10.00 -55.66 -45.32
N THR D 658 11.32 -55.66 -45.20
CA THR D 658 11.94 -55.35 -43.91
C THR D 658 11.80 -53.88 -43.52
N LYS D 659 11.44 -53.00 -44.46
CA LYS D 659 11.36 -51.57 -44.17
C LYS D 659 10.03 -51.15 -43.58
N PHE D 660 9.02 -52.01 -43.59
CA PHE D 660 7.66 -51.64 -43.20
C PHE D 660 7.25 -52.40 -41.95
N GLN D 661 6.57 -51.70 -41.03
CA GLN D 661 6.01 -52.32 -39.83
C GLN D 661 4.64 -52.89 -40.20
N THR D 662 4.54 -54.21 -40.27
CA THR D 662 3.33 -54.86 -40.76
C THR D 662 2.32 -55.04 -39.62
N SER D 663 1.05 -54.82 -39.96
CA SER D 663 -0.03 -54.83 -38.97
C SER D 663 -1.23 -55.61 -39.50
N PHE D 664 -1.01 -56.85 -39.93
CA PHE D 664 -2.03 -57.68 -40.57
C PHE D 664 -3.37 -57.61 -39.83
N TYR D 665 -4.39 -57.06 -40.48
CA TYR D 665 -5.70 -56.90 -39.88
C TYR D 665 -6.63 -58.07 -40.21
N ALA D 666 -7.92 -57.87 -39.99
CA ALA D 666 -8.93 -58.91 -40.17
C ALA D 666 -10.21 -58.27 -40.69
N ASP D 667 -11.35 -58.93 -40.46
CA ASP D 667 -12.64 -58.41 -40.87
C ASP D 667 -12.71 -56.90 -40.63
N PRO D 668 -13.31 -56.14 -41.56
CA PRO D 668 -13.16 -54.67 -41.58
C PRO D 668 -13.19 -53.96 -40.24
N VAL D 669 -13.92 -54.50 -39.26
CA VAL D 669 -13.90 -53.92 -37.92
C VAL D 669 -12.49 -54.00 -37.34
N ASP D 670 -11.83 -55.15 -37.48
CA ASP D 670 -10.45 -55.26 -37.02
C ASP D 670 -9.51 -54.42 -37.86
N ALA D 671 -9.85 -54.22 -39.14
CA ALA D 671 -9.06 -53.32 -39.98
C ALA D 671 -9.11 -51.90 -39.42
N VAL D 672 -10.29 -51.45 -39.01
CA VAL D 672 -10.42 -50.15 -38.36
C VAL D 672 -9.62 -50.11 -37.06
N PHE D 673 -9.72 -51.17 -36.26
CA PHE D 673 -9.02 -51.19 -34.98
C PHE D 673 -7.52 -51.11 -35.17
N LYS D 674 -6.99 -51.82 -36.18
CA LYS D 674 -5.58 -51.71 -36.51
C LYS D 674 -5.23 -50.31 -37.00
N GLY D 675 -6.08 -49.73 -37.85
CA GLY D 675 -5.79 -48.42 -38.40
C GLY D 675 -5.72 -47.33 -37.35
N LEU D 676 -6.64 -47.37 -36.39
CA LEU D 676 -6.69 -46.37 -35.33
C LEU D 676 -5.55 -46.49 -34.34
N GLY D 677 -4.81 -47.60 -34.35
CA GLY D 677 -3.73 -47.80 -33.41
C GLY D 677 -4.21 -48.21 -32.03
N ASN E 5 57.38 24.42 -66.98
CA ASN E 5 56.08 23.88 -67.37
C ASN E 5 54.95 24.79 -66.90
N ASP E 6 55.00 25.17 -65.61
CA ASP E 6 53.95 26.00 -65.05
C ASP E 6 53.84 27.34 -65.76
N LYS E 7 54.98 27.96 -66.07
CA LYS E 7 54.97 29.14 -66.92
C LYS E 7 54.42 28.81 -68.30
N GLU E 8 54.82 27.67 -68.86
CA GLU E 8 54.27 27.23 -70.14
C GLU E 8 52.77 26.98 -70.04
N LEU E 9 52.34 26.37 -68.94
CA LEU E 9 50.90 26.12 -68.75
C LEU E 9 50.13 27.43 -68.69
N ASP E 10 50.65 28.41 -67.96
CA ASP E 10 49.97 29.70 -67.86
C ASP E 10 49.94 30.40 -69.21
N GLN E 11 51.04 30.32 -69.96
CA GLN E 11 51.06 30.94 -71.29
C GLN E 11 50.04 30.28 -72.21
N LEU E 12 49.95 28.94 -72.17
CA LEU E 12 48.97 28.24 -72.99
C LEU E 12 47.55 28.63 -72.60
N LEU E 13 47.27 28.70 -71.30
CA LEU E 13 45.93 29.08 -70.86
C LEU E 13 45.59 30.50 -71.30
N ASN E 14 46.55 31.43 -71.16
CA ASN E 14 46.29 32.80 -71.57
C ASN E 14 46.18 32.93 -73.09
N GLU E 15 46.77 32.00 -73.83
CA GLU E 15 46.70 32.06 -75.28
C GLU E 15 45.39 31.48 -75.80
N HIS E 16 45.09 30.23 -75.44
CA HIS E 16 43.96 29.53 -76.03
C HIS E 16 42.64 29.79 -75.31
N PHE E 17 42.66 30.40 -74.14
CA PHE E 17 41.44 30.73 -73.41
C PHE E 17 41.44 32.20 -73.03
N ALA E 18 41.72 33.07 -73.98
CA ALA E 18 41.85 34.50 -73.71
C ALA E 18 40.55 35.07 -73.18
N GLY E 19 40.66 35.88 -72.14
CA GLY E 19 39.50 36.55 -71.58
C GLY E 19 38.66 35.69 -70.66
N ARG E 20 39.07 34.45 -70.40
CA ARG E 20 38.29 33.58 -69.53
C ARG E 20 39.16 32.87 -68.51
N VAL E 21 40.27 33.48 -68.12
CA VAL E 21 41.21 32.91 -67.16
C VAL E 21 41.71 34.00 -66.24
N VAL E 22 41.76 33.70 -64.95
CA VAL E 22 42.21 34.66 -63.95
C VAL E 22 43.14 33.97 -62.98
N ARG E 23 44.04 34.73 -62.35
CA ARG E 23 44.80 34.19 -61.23
C ARG E 23 43.90 34.09 -60.02
N LYS E 24 43.81 32.90 -59.43
CA LYS E 24 42.81 32.65 -58.42
C LYS E 24 43.23 33.20 -57.06
N ASP E 25 44.20 34.10 -57.07
CA ASP E 25 44.63 34.81 -55.87
C ASP E 25 44.03 36.21 -55.77
N LEU E 26 43.95 36.94 -56.89
CA LEU E 26 43.41 38.29 -56.88
C LEU E 26 41.94 38.33 -56.50
N THR E 27 41.16 37.36 -56.96
CA THR E 27 39.73 37.40 -56.69
C THR E 27 39.43 37.39 -55.20
N LYS E 28 40.30 36.73 -54.42
CA LYS E 28 40.11 36.72 -52.98
C LYS E 28 40.40 38.09 -52.38
N LEU E 29 41.31 38.85 -53.00
CA LEU E 29 41.66 40.16 -52.47
C LEU E 29 40.47 41.10 -52.44
N ILE E 30 39.77 41.23 -53.58
CA ILE E 30 38.69 42.20 -53.64
C ILE E 30 37.54 41.74 -52.79
N LYS E 31 36.85 40.69 -53.25
CA LYS E 31 35.65 40.05 -52.73
C LYS E 31 35.19 40.60 -51.37
N GLU E 32 34.83 39.72 -50.45
CA GLU E 32 34.84 39.95 -49.01
C GLU E 32 33.92 41.05 -48.53
N GLY E 33 33.48 41.92 -49.42
CA GLY E 33 32.47 42.90 -49.08
C GLY E 33 31.67 43.31 -50.28
N ALA E 34 31.94 42.67 -51.41
CA ALA E 34 31.42 43.14 -52.69
C ALA E 34 29.92 42.93 -52.72
N ASN E 35 29.23 43.87 -53.35
CA ASN E 35 27.78 43.80 -53.49
C ASN E 35 27.45 42.89 -54.67
N VAL E 36 28.42 42.78 -55.57
CA VAL E 36 28.31 42.02 -56.81
C VAL E 36 28.87 40.62 -56.57
N PRO E 37 28.30 39.56 -57.17
CA PRO E 37 28.80 38.20 -56.89
C PRO E 37 30.26 37.97 -57.27
N VAL E 38 30.81 36.83 -56.87
CA VAL E 38 32.25 36.61 -56.98
C VAL E 38 32.68 36.48 -58.45
N TYR E 39 31.93 35.71 -59.22
CA TYR E 39 32.31 35.46 -60.61
C TYR E 39 32.20 36.69 -61.51
N VAL E 40 31.45 37.69 -61.08
CA VAL E 40 31.50 38.98 -61.77
C VAL E 40 32.86 39.64 -61.57
N LEU E 41 33.36 39.61 -60.34
CA LEU E 41 34.69 40.14 -60.06
C LEU E 41 35.74 39.37 -60.85
N GLU E 42 35.57 38.05 -60.92
CA GLU E 42 36.49 37.24 -61.72
C GLU E 42 36.48 37.65 -63.18
N TYR E 43 35.30 37.86 -63.76
CA TYR E 43 35.27 38.25 -65.17
C TYR E 43 35.94 39.61 -65.37
N LEU E 44 35.71 40.56 -64.47
CA LEU E 44 36.38 41.85 -64.61
C LEU E 44 37.89 41.71 -64.55
N LEU E 45 38.39 40.95 -63.58
CA LEU E 45 39.82 40.74 -63.49
C LEU E 45 40.35 40.00 -64.71
N GLY E 46 39.47 39.25 -65.39
CA GLY E 46 39.86 38.54 -66.58
C GLY E 46 40.06 39.42 -67.79
N MET E 47 39.50 40.63 -67.78
CA MET E 47 39.72 41.51 -68.91
C MET E 47 40.77 42.55 -68.57
N TYR E 48 40.78 43.05 -67.33
CA TYR E 48 41.73 44.11 -67.00
C TYR E 48 43.17 43.59 -66.91
N CYS E 49 43.36 42.41 -66.35
CA CYS E 49 44.70 41.84 -66.22
C CYS E 49 45.18 41.23 -67.52
N ALA E 50 46.02 41.97 -68.26
CA ALA E 50 46.58 41.48 -69.52
C ALA E 50 48.08 41.23 -69.43
N SER E 51 48.64 41.18 -68.23
CA SER E 51 50.08 40.99 -68.06
C SER E 51 50.43 40.51 -66.67
N ASP E 52 51.72 40.52 -66.34
CA ASP E 52 52.19 40.03 -65.04
C ASP E 52 53.23 41.02 -64.51
N ASP E 53 52.80 41.91 -63.61
CA ASP E 53 53.67 42.93 -63.06
C ASP E 53 53.04 43.51 -61.79
N PRO E 54 53.75 43.52 -60.66
CA PRO E 54 53.17 44.06 -59.42
C PRO E 54 52.70 45.50 -59.52
N GLU E 55 52.95 46.16 -60.66
CA GLU E 55 52.45 47.49 -60.91
C GLU E 55 51.13 47.43 -61.67
N ILE E 56 51.09 46.67 -62.75
CA ILE E 56 49.91 46.59 -63.61
C ILE E 56 48.78 45.88 -62.87
N ILE E 57 49.12 44.88 -62.06
CA ILE E 57 48.12 44.13 -61.30
C ILE E 57 47.37 45.08 -60.38
N GLU E 58 48.11 45.93 -59.66
CA GLU E 58 47.48 46.83 -58.70
C GLU E 58 46.61 47.87 -59.42
N GLN E 59 47.07 48.35 -60.57
CA GLN E 59 46.26 49.30 -61.34
C GLN E 59 44.97 48.67 -61.83
N GLY E 60 45.04 47.43 -62.32
CA GLY E 60 43.83 46.75 -62.74
C GLY E 60 42.87 46.53 -61.59
N LEU E 61 43.40 46.13 -60.44
CA LEU E 61 42.56 45.94 -59.26
C LEU E 61 41.89 47.25 -58.87
N ARG E 62 42.62 48.35 -58.93
CA ARG E 62 42.07 49.65 -58.59
C ARG E 62 40.97 50.06 -59.57
N ASN E 63 41.18 49.78 -60.85
CA ASN E 63 40.15 50.11 -61.84
C ASN E 63 38.88 49.31 -61.60
N VAL E 64 39.03 48.01 -61.31
CA VAL E 64 37.87 47.19 -61.00
C VAL E 64 37.14 47.74 -59.79
N LYS E 65 37.88 48.14 -58.75
CA LYS E 65 37.25 48.73 -57.58
C LYS E 65 36.51 50.01 -57.94
N THR E 66 37.11 50.84 -58.80
CA THR E 66 36.49 52.11 -59.15
C THR E 66 35.17 51.91 -59.89
N VAL E 67 35.12 50.91 -60.78
CA VAL E 67 33.89 50.70 -61.55
C VAL E 67 32.73 50.33 -60.64
N LEU E 68 32.97 49.48 -59.65
CA LEU E 68 31.92 48.96 -58.78
C LEU E 68 31.56 49.91 -57.65
N ALA E 69 31.99 51.17 -57.72
CA ALA E 69 31.72 52.10 -56.63
C ALA E 69 31.06 53.37 -57.16
N GLU E 70 31.35 53.72 -58.39
CA GLU E 70 30.76 54.89 -59.02
C GLU E 70 29.53 54.55 -59.84
N ASN E 71 29.17 53.28 -59.96
CA ASN E 71 28.07 52.90 -60.84
C ASN E 71 27.11 51.92 -60.20
N TYR E 72 27.30 51.60 -58.92
CA TYR E 72 26.43 50.63 -58.27
C TYR E 72 25.24 51.32 -57.59
N VAL E 73 24.08 51.18 -58.21
CA VAL E 73 22.85 51.65 -57.61
C VAL E 73 22.42 50.68 -56.52
N ARG E 74 21.83 51.20 -55.47
CA ARG E 74 21.28 50.42 -54.38
C ARG E 74 19.76 50.36 -54.51
N PRO E 75 19.13 49.25 -54.11
CA PRO E 75 17.70 49.05 -54.41
C PRO E 75 16.81 50.23 -54.06
N ASP E 76 17.03 50.89 -52.93
CA ASP E 76 16.20 52.00 -52.54
C ASP E 76 16.41 53.23 -53.43
N GLU E 77 17.58 53.32 -54.06
CA GLU E 77 17.88 54.47 -54.90
C GLU E 77 17.20 54.36 -56.26
N ALA E 78 16.42 53.29 -56.46
CA ALA E 78 15.80 53.05 -57.76
C ALA E 78 15.11 54.28 -58.30
N GLU E 79 14.09 54.77 -57.60
CA GLU E 79 13.38 55.95 -58.09
C GLU E 79 14.35 57.09 -58.37
N LYS E 80 15.33 57.29 -57.48
CA LYS E 80 16.29 58.36 -57.67
C LYS E 80 16.93 58.26 -59.05
N VAL E 81 17.47 57.09 -59.40
CA VAL E 81 18.18 56.99 -60.66
C VAL E 81 17.25 57.24 -61.82
N LYS E 82 15.98 56.85 -61.69
CA LYS E 82 15.04 57.09 -62.77
C LYS E 82 14.97 58.58 -63.09
N SER E 83 14.88 59.42 -62.06
CA SER E 83 14.81 60.85 -62.33
C SER E 83 16.08 61.33 -63.00
N LEU E 84 17.23 60.80 -62.60
CA LEU E 84 18.47 61.21 -63.24
C LEU E 84 18.48 60.86 -64.71
N VAL E 85 17.82 59.76 -65.09
CA VAL E 85 17.70 59.42 -66.49
C VAL E 85 16.81 60.42 -67.20
N ARG E 86 15.77 60.89 -66.50
CA ARG E 86 14.82 61.81 -67.11
C ARG E 86 15.45 63.18 -67.34
N GLU E 87 16.20 63.67 -66.36
CA GLU E 87 16.75 65.02 -66.44
C GLU E 87 17.95 65.10 -67.37
N ARG E 88 18.81 64.08 -67.37
CA ARG E 88 20.03 64.13 -68.15
C ARG E 88 19.90 63.46 -69.51
N GLY E 89 18.99 62.51 -69.65
CA GLY E 89 18.81 61.83 -70.93
C GLY E 89 19.56 60.53 -71.04
N SER E 90 20.60 60.36 -70.23
CA SER E 90 21.38 59.12 -70.27
C SER E 90 22.12 58.97 -68.95
N TYR E 91 22.06 57.75 -68.39
CA TYR E 91 22.73 57.50 -67.12
C TYR E 91 23.20 56.07 -67.06
N LYS E 92 24.35 55.86 -66.41
CA LYS E 92 25.03 54.57 -66.40
C LYS E 92 24.80 53.84 -65.09
N VAL E 93 24.41 52.56 -65.18
CA VAL E 93 24.00 51.79 -64.02
C VAL E 93 24.54 50.36 -64.11
N ILE E 94 25.03 49.84 -62.99
CA ILE E 94 25.43 48.45 -62.88
C ILE E 94 24.24 47.69 -62.30
N ASP E 95 23.70 46.73 -63.06
CA ASP E 95 22.54 46.00 -62.57
C ASP E 95 22.36 44.74 -63.41
N ARG E 96 21.47 43.86 -62.92
CA ARG E 96 21.26 42.55 -63.52
C ARG E 96 20.10 42.60 -64.52
N VAL E 97 20.41 42.42 -65.80
CA VAL E 97 19.44 42.55 -66.88
C VAL E 97 19.00 41.17 -67.34
N THR E 98 17.70 40.98 -67.49
CA THR E 98 17.13 39.79 -68.09
C THR E 98 16.23 40.18 -69.26
N VAL E 99 16.47 39.55 -70.42
CA VAL E 99 15.81 39.97 -71.66
C VAL E 99 14.82 38.90 -72.07
N LYS E 100 13.63 39.35 -72.48
CA LYS E 100 12.58 38.48 -72.98
C LYS E 100 12.02 39.03 -74.27
N LEU E 101 11.27 38.18 -74.98
CA LEU E 101 10.65 38.59 -76.24
C LEU E 101 9.15 38.78 -76.04
N ASN E 102 8.68 40.02 -76.18
CA ASN E 102 7.26 40.30 -76.16
C ASN E 102 6.73 40.01 -77.56
N GLU E 103 5.99 38.89 -77.66
CA GLU E 103 5.45 38.44 -78.94
C GLU E 103 4.32 39.35 -79.41
N ARG E 104 3.47 39.80 -78.48
CA ARG E 104 2.32 40.60 -78.84
C ARG E 104 2.72 41.92 -79.48
N LYS E 105 3.73 42.59 -78.93
CA LYS E 105 4.28 43.79 -79.52
C LYS E 105 5.48 43.50 -80.42
N ASP E 106 6.01 42.28 -80.35
CA ASP E 106 7.15 41.86 -81.18
C ASP E 106 8.37 42.74 -80.94
N LYS E 107 8.89 42.69 -79.72
CA LYS E 107 10.09 43.44 -79.41
C LYS E 107 10.74 42.89 -78.16
N TYR E 108 12.01 43.24 -77.95
CA TYR E 108 12.76 42.73 -76.81
C TYR E 108 12.64 43.66 -75.62
N GLU E 109 12.25 43.08 -74.49
CA GLU E 109 12.04 43.81 -73.24
C GLU E 109 13.06 43.36 -72.22
N ALA E 110 13.80 44.32 -71.67
CA ALA E 110 14.81 44.03 -70.65
C ALA E 110 14.28 44.45 -69.29
N SER E 111 14.59 43.66 -68.27
CA SER E 111 14.14 43.88 -66.91
C SER E 111 15.35 43.99 -66.00
N PHE E 112 15.36 45.01 -65.15
CA PHE E 112 16.44 45.25 -64.20
C PHE E 112 15.97 44.79 -62.82
N SER E 113 16.80 44.01 -62.14
CA SER E 113 16.38 43.47 -60.85
C SER E 113 16.26 44.56 -59.80
N ASN E 114 17.26 45.43 -59.68
CA ASN E 114 17.27 46.41 -58.61
C ASN E 114 16.37 47.59 -58.92
N LEU E 115 16.48 48.16 -60.11
CA LEU E 115 15.75 49.38 -60.44
C LEU E 115 14.24 49.17 -60.43
N GLY E 116 13.77 47.94 -60.59
CA GLY E 116 12.35 47.73 -60.70
C GLY E 116 11.79 47.99 -62.07
N ILE E 117 12.61 48.44 -63.01
CA ILE E 117 12.17 48.54 -64.39
C ILE E 117 11.93 47.14 -64.93
N LYS E 118 10.77 46.94 -65.55
CA LYS E 118 10.41 45.61 -66.03
C LYS E 118 10.31 45.51 -67.54
N ASP E 119 10.02 46.61 -68.24
CA ASP E 119 9.73 46.51 -69.66
C ASP E 119 10.57 47.47 -70.51
N ALA E 120 11.85 47.65 -70.19
CA ALA E 120 12.63 48.62 -70.94
C ALA E 120 12.97 48.07 -72.32
N GLU E 121 12.52 48.74 -73.37
CA GLU E 121 12.76 48.25 -74.72
C GLU E 121 14.26 48.24 -75.01
N ILE E 122 14.73 47.17 -75.64
CA ILE E 122 16.15 47.02 -75.95
C ILE E 122 16.28 46.62 -77.41
N SER E 123 17.28 47.18 -78.09
CA SER E 123 17.43 46.97 -79.52
C SER E 123 17.80 45.52 -79.81
N ALA E 124 17.49 45.09 -81.04
CA ALA E 124 17.71 43.70 -81.42
C ALA E 124 19.19 43.33 -81.48
N GLY E 125 20.04 44.27 -81.91
CA GLY E 125 21.45 43.95 -82.03
C GLY E 125 22.09 43.63 -80.69
N ILE E 126 21.72 44.40 -79.66
CA ILE E 126 22.31 44.19 -78.34
C ILE E 126 22.00 42.80 -77.82
N VAL E 127 20.73 42.40 -77.90
CA VAL E 127 20.35 41.08 -77.39
C VAL E 127 20.90 39.98 -78.29
N LYS E 128 21.01 40.25 -79.59
CA LYS E 128 21.57 39.27 -80.50
C LYS E 128 23.04 39.01 -80.20
N GLU E 129 23.75 40.03 -79.72
CA GLU E 129 25.19 39.88 -79.52
C GLU E 129 25.52 39.06 -78.27
N TYR E 130 24.69 39.15 -77.23
CA TYR E 130 24.93 38.46 -75.96
C TYR E 130 23.74 37.55 -75.64
N GLU E 131 23.88 36.26 -75.92
CA GLU E 131 22.74 35.36 -75.78
C GLU E 131 22.44 35.03 -74.32
N LYS E 132 23.44 35.10 -73.44
CA LYS E 132 23.21 34.74 -72.05
C LYS E 132 22.21 35.66 -71.38
N LEU E 133 21.92 36.81 -71.99
CA LEU E 133 20.86 37.67 -71.49
C LEU E 133 19.55 36.92 -71.37
N LEU E 134 19.24 36.06 -72.35
CA LEU E 134 17.92 35.45 -72.37
C LEU E 134 17.81 34.18 -71.54
N VAL E 135 18.93 33.66 -71.04
CA VAL E 135 18.92 32.45 -70.25
C VAL E 135 18.59 32.70 -68.79
N GLY E 136 19.39 33.49 -68.08
CA GLY E 136 19.10 33.79 -66.69
C GLY E 136 19.37 35.22 -66.30
N GLY E 137 19.78 36.04 -67.27
CA GLY E 137 20.11 37.42 -66.99
C GLY E 137 21.52 37.56 -66.47
N ILE E 138 22.20 38.65 -66.82
CA ILE E 138 23.59 38.83 -66.45
C ILE E 138 23.78 40.22 -65.87
N TRP E 139 24.84 40.36 -65.06
CA TRP E 139 25.19 41.65 -64.49
C TRP E 139 25.88 42.49 -65.55
N VAL E 140 25.32 43.65 -65.87
CA VAL E 140 25.83 44.47 -66.95
C VAL E 140 25.91 45.93 -66.51
N ILE E 141 26.72 46.69 -67.23
CA ILE E 141 26.74 48.14 -67.16
C ILE E 141 25.89 48.65 -68.32
N ALA E 142 24.77 49.28 -67.99
CA ALA E 142 23.78 49.72 -68.98
C ALA E 142 23.66 51.23 -68.95
N THR E 143 23.57 51.82 -70.14
CA THR E 143 23.36 53.26 -70.27
C THR E 143 21.89 53.50 -70.61
N LEU E 144 21.09 53.73 -69.58
CA LEU E 144 19.66 53.95 -69.76
C LEU E 144 19.39 55.32 -70.34
N SER E 145 18.35 55.38 -71.18
CA SER E 145 17.87 56.62 -71.78
C SER E 145 16.36 56.69 -71.66
N TYR E 146 15.83 57.92 -71.71
CA TYR E 146 14.42 58.18 -71.48
C TYR E 146 13.82 58.85 -72.70
N TYR E 147 12.68 58.36 -73.15
CA TYR E 147 11.96 58.94 -74.27
C TYR E 147 10.46 58.75 -74.05
N PHE E 148 9.72 59.85 -74.03
CA PHE E 148 8.31 59.84 -73.65
C PHE E 148 7.48 60.45 -74.78
N GLU E 149 6.43 59.74 -75.18
CA GLU E 149 5.45 60.26 -76.12
C GLU E 149 4.05 60.07 -75.56
N GLU E 150 3.22 61.10 -75.67
CA GLU E 150 1.93 61.11 -75.03
C GLU E 150 1.07 59.95 -75.51
N GLY E 151 0.48 59.23 -74.56
CA GLY E 151 -0.45 58.17 -74.87
C GLY E 151 0.18 56.85 -75.26
N GLN E 152 1.50 56.77 -75.31
CA GLN E 152 2.17 55.55 -75.72
C GLN E 152 1.94 54.45 -74.68
N THR E 153 2.00 53.20 -75.14
CA THR E 153 1.81 52.05 -74.27
C THR E 153 3.12 51.38 -73.90
N SER E 154 4.20 51.62 -74.64
CA SER E 154 5.49 51.04 -74.33
C SER E 154 6.16 51.83 -73.20
N SER E 155 7.01 51.14 -72.45
CA SER E 155 7.71 51.79 -71.36
C SER E 155 8.67 52.83 -71.92
N PRO E 156 8.75 54.03 -71.32
CA PRO E 156 9.58 55.09 -71.89
C PRO E 156 11.07 54.84 -71.81
N PHE E 157 11.54 54.05 -70.85
CA PHE E 157 12.97 53.86 -70.65
C PHE E 157 13.53 52.92 -71.70
N GLY E 158 14.74 53.23 -72.16
CA GLY E 158 15.40 52.40 -73.15
C GLY E 158 16.84 52.15 -72.76
N VAL E 159 17.46 51.20 -73.46
CA VAL E 159 18.85 50.83 -73.22
C VAL E 159 19.63 51.12 -74.50
N SER E 160 20.75 51.82 -74.37
CA SER E 160 21.56 52.19 -75.52
C SER E 160 22.87 51.41 -75.57
N LEU E 161 23.54 51.24 -74.44
CA LEU E 161 24.76 50.46 -74.35
C LEU E 161 24.64 49.47 -73.20
N LEU E 162 25.11 48.25 -73.43
CA LEU E 162 24.89 47.16 -72.47
C LEU E 162 26.15 46.35 -72.21
N LYS E 163 27.24 46.98 -71.84
CA LYS E 163 28.50 46.25 -71.71
C LYS E 163 28.38 45.19 -70.61
N PRO E 164 28.55 43.91 -70.93
CA PRO E 164 28.33 42.86 -69.93
C PRO E 164 29.53 42.72 -69.00
N ILE E 165 29.23 42.20 -67.80
CA ILE E 165 30.22 42.05 -66.75
C ILE E 165 30.33 40.62 -66.26
N GLN E 166 29.44 39.73 -66.68
CA GLN E 166 29.65 38.30 -66.52
C GLN E 166 30.12 37.75 -67.85
N MET E 167 30.14 36.43 -67.96
CA MET E 167 30.42 35.86 -69.27
C MET E 167 29.21 36.11 -70.17
N PRO E 168 29.39 36.75 -71.32
CA PRO E 168 28.23 37.01 -72.17
C PRO E 168 27.73 35.79 -72.92
N ASN E 169 28.58 34.78 -73.15
CA ASN E 169 28.19 33.58 -73.86
C ASN E 169 29.35 32.59 -73.85
N MET E 170 29.05 31.30 -74.03
CA MET E 170 30.07 30.28 -74.13
C MET E 170 29.95 29.56 -75.47
N ASN E 171 31.08 29.39 -76.16
CA ASN E 171 31.13 28.69 -77.44
C ASN E 171 31.92 27.41 -77.26
N MET E 172 31.29 26.27 -77.55
CA MET E 172 31.93 24.98 -77.28
C MET E 172 33.00 24.62 -78.28
N ASP E 173 32.85 24.98 -79.55
CA ASP E 173 33.83 24.57 -80.55
C ASP E 173 35.20 25.16 -80.23
N GLU E 174 35.23 26.41 -79.76
CA GLU E 174 36.49 26.99 -79.31
C GLU E 174 37.05 26.23 -78.12
N LEU E 175 36.18 25.78 -77.22
CA LEU E 175 36.65 24.99 -76.08
C LEU E 175 37.30 23.69 -76.53
N PHE E 176 36.67 22.98 -77.47
CA PHE E 176 37.25 21.75 -77.98
C PHE E 176 38.58 22.03 -78.67
N SER E 177 38.64 23.09 -79.47
CA SER E 177 39.87 23.43 -80.16
C SER E 177 40.99 23.71 -79.17
N GLY E 178 40.70 24.50 -78.15
CA GLY E 178 41.69 24.82 -77.15
C GLY E 178 42.13 23.62 -76.36
N ARG E 179 41.18 22.80 -75.93
CA ARG E 179 41.48 21.59 -75.18
C ARG E 179 42.36 20.66 -76.00
N ALA E 180 42.16 20.66 -77.32
CA ALA E 180 42.98 19.82 -78.18
C ALA E 180 44.45 20.20 -78.11
N ALA E 181 44.77 21.44 -77.74
CA ALA E 181 46.15 21.89 -77.70
C ALA E 181 46.82 21.62 -76.36
N LEU E 182 46.12 21.06 -75.39
CA LEU E 182 46.69 20.76 -74.09
C LEU E 182 46.79 19.26 -73.88
N SER E 183 47.85 18.84 -73.21
CA SER E 183 47.98 17.45 -72.83
C SER E 183 47.03 17.12 -71.68
N THR E 184 46.74 15.82 -71.54
CA THR E 184 45.73 15.39 -70.58
C THR E 184 46.10 15.81 -69.15
N ASP E 185 47.35 15.62 -68.77
CA ASP E 185 47.78 16.01 -67.43
C ASP E 185 47.68 17.52 -67.24
N GLN E 186 48.05 18.29 -68.27
CA GLN E 186 47.92 19.74 -68.17
C GLN E 186 46.47 20.17 -67.99
N TRP E 187 45.56 19.53 -68.73
CA TRP E 187 44.14 19.85 -68.59
C TRP E 187 43.63 19.46 -67.22
N ARG E 188 44.09 18.32 -66.68
CA ARG E 188 43.68 17.93 -65.33
C ARG E 188 44.14 18.95 -64.31
N GLU E 189 45.39 19.42 -64.44
CA GLU E 189 45.86 20.45 -63.53
C GLU E 189 45.06 21.74 -63.67
N SER E 190 44.67 22.07 -64.90
CA SER E 190 43.83 23.25 -65.11
C SER E 190 42.48 23.10 -64.43
N LEU E 191 41.88 21.92 -64.52
CA LEU E 191 40.63 21.67 -63.80
C LEU E 191 40.82 21.81 -62.30
N ILE E 192 41.91 21.27 -61.77
CA ILE E 192 42.16 21.38 -60.33
C ILE E 192 42.35 22.83 -59.93
N ARG E 193 43.05 23.61 -60.75
CA ARG E 193 43.28 25.01 -60.43
C ARG E 193 41.98 25.80 -60.44
N SER E 194 41.10 25.52 -61.40
CA SER E 194 39.94 26.39 -61.60
C SER E 194 39.01 26.38 -60.40
N ILE E 195 39.11 25.39 -59.51
CA ILE E 195 38.26 25.40 -58.33
C ILE E 195 39.05 26.01 -57.17
N GLY E 196 40.26 26.48 -57.46
CA GLY E 196 41.04 27.18 -56.46
C GLY E 196 42.03 26.33 -55.70
N MET E 197 42.40 25.16 -56.21
CA MET E 197 43.34 24.28 -55.54
C MET E 197 44.68 24.30 -56.26
N GLU E 198 45.72 23.85 -55.56
CA GLU E 198 47.06 23.84 -56.14
C GLU E 198 47.44 22.43 -56.54
N PRO E 199 47.51 22.13 -57.84
CA PRO E 199 47.83 20.76 -58.25
C PRO E 199 49.18 20.28 -57.78
N ALA E 200 50.18 21.17 -57.71
CA ALA E 200 51.53 20.76 -57.40
C ALA E 200 51.66 20.15 -56.02
N SER E 201 50.93 20.67 -55.03
CA SER E 201 51.05 20.19 -53.66
C SER E 201 50.11 19.02 -53.36
N LEU E 202 49.36 18.54 -54.35
CA LEU E 202 48.44 17.42 -54.15
C LEU E 202 48.95 16.22 -54.92
N LYS E 203 48.89 15.05 -54.29
CA LYS E 203 49.26 13.82 -54.98
C LYS E 203 48.22 13.50 -56.06
N GLU E 204 48.61 12.63 -56.99
CA GLU E 204 47.73 12.31 -58.11
C GLU E 204 46.43 11.64 -57.63
N ASP E 205 46.54 10.83 -56.59
CA ASP E 205 45.35 10.17 -56.04
C ASP E 205 44.34 11.19 -55.54
N VAL E 206 44.82 12.21 -54.83
CA VAL E 206 43.91 13.23 -54.33
C VAL E 206 43.37 14.07 -55.49
N GLN E 207 44.16 14.25 -56.55
CA GLN E 207 43.62 14.93 -57.72
C GLN E 207 42.46 14.16 -58.31
N TRP E 208 42.59 12.84 -58.39
CA TRP E 208 41.49 12.03 -58.90
C TRP E 208 40.28 12.11 -57.98
N HIS E 209 40.50 12.15 -56.67
CA HIS E 209 39.37 12.34 -55.76
C HIS E 209 38.70 13.68 -55.99
N LEU E 210 39.49 14.73 -56.23
CA LEU E 210 38.90 16.04 -56.49
C LEU E 210 38.06 16.03 -57.77
N LEU E 211 38.54 15.35 -58.82
CA LEU E 211 37.74 15.25 -60.03
C LEU E 211 36.47 14.43 -59.80
N ALA E 212 36.57 13.37 -59.00
CA ALA E 212 35.38 12.61 -58.65
C ALA E 212 34.39 13.48 -57.90
N ARG E 213 34.87 14.47 -57.15
CA ARG E 213 33.96 15.43 -56.54
C ARG E 213 33.21 16.24 -57.59
N MET E 214 33.88 16.59 -58.69
CA MET E 214 33.25 17.38 -59.73
C MET E 214 32.35 16.58 -60.64
N VAL E 215 32.48 15.25 -60.64
CA VAL E 215 31.67 14.40 -61.51
C VAL E 215 30.17 14.68 -61.43
N PRO E 216 29.55 14.81 -60.25
CA PRO E 216 28.09 14.96 -60.22
C PRO E 216 27.56 16.11 -61.05
N PHE E 217 28.41 17.05 -61.46
CA PHE E 217 27.94 18.17 -62.26
C PHE E 217 27.69 17.77 -63.71
N VAL E 218 28.40 16.79 -64.23
CA VAL E 218 28.36 16.50 -65.66
C VAL E 218 27.56 15.25 -66.02
N GLU E 219 27.07 14.50 -65.04
CA GLU E 219 26.32 13.27 -65.31
C GLU E 219 24.93 13.38 -64.70
N ASN E 220 23.90 13.11 -65.50
CA ASN E 220 22.54 13.19 -65.03
C ASN E 220 22.25 12.12 -63.98
N ASN E 221 21.54 12.51 -62.93
CA ASN E 221 21.06 11.59 -61.91
C ASN E 221 22.20 10.78 -61.29
N TYR E 222 23.32 11.43 -61.09
CA TYR E 222 24.51 10.76 -60.55
C TYR E 222 24.54 10.96 -59.04
N ASN E 223 23.96 10.01 -58.31
CA ASN E 223 24.02 10.04 -56.86
C ASN E 223 25.44 9.71 -56.41
N VAL E 224 25.88 10.33 -55.33
CA VAL E 224 27.20 10.05 -54.77
C VAL E 224 27.20 10.42 -53.30
N CYS E 225 28.00 9.72 -52.50
CA CYS E 225 28.17 10.09 -51.10
C CYS E 225 29.64 10.17 -50.73
N GLU E 226 30.01 11.25 -50.07
CA GLU E 226 31.38 11.49 -49.63
C GLU E 226 31.38 11.76 -48.14
N LEU E 227 32.13 10.97 -47.40
CA LEU E 227 32.19 11.05 -45.94
C LEU E 227 33.64 11.16 -45.51
N GLY E 228 33.93 12.08 -44.60
CA GLY E 228 35.30 12.28 -44.17
C GLY E 228 35.46 13.24 -43.02
N PRO E 229 36.71 13.53 -42.67
CA PRO E 229 36.99 14.44 -41.57
C PRO E 229 36.60 15.88 -41.90
N ARG E 230 36.43 16.67 -40.84
CA ARG E 230 36.10 18.08 -41.01
C ARG E 230 37.28 18.83 -41.61
N GLY E 231 36.98 19.98 -42.20
CA GLY E 231 38.01 20.85 -42.72
C GLY E 231 38.73 20.33 -43.94
N THR E 232 38.12 19.41 -44.67
CA THR E 232 38.73 18.79 -45.84
C THR E 232 38.49 19.60 -47.12
N GLY E 233 37.65 20.64 -47.04
CA GLY E 233 37.23 21.32 -48.25
C GLY E 233 36.15 20.58 -49.01
N LYS E 234 35.33 19.81 -48.29
CA LYS E 234 34.36 18.95 -48.94
C LYS E 234 33.16 19.74 -49.49
N SER E 235 32.70 20.75 -48.75
CA SER E 235 31.49 21.47 -49.13
C SER E 235 31.77 22.77 -49.86
N HIS E 236 33.03 23.11 -50.10
CA HIS E 236 33.35 24.36 -50.78
C HIS E 236 32.78 24.38 -52.18
N ILE E 237 32.95 23.29 -52.91
CA ILE E 237 32.63 23.26 -54.34
C ILE E 237 31.14 23.45 -54.56
N TYR E 238 30.30 22.91 -53.67
CA TYR E 238 28.86 22.95 -53.86
C TYR E 238 28.21 24.20 -53.28
N LYS E 239 28.98 25.10 -52.67
CA LYS E 239 28.42 26.34 -52.16
C LYS E 239 29.00 27.58 -52.82
N GLU E 240 30.32 27.64 -53.01
CA GLU E 240 30.94 28.86 -53.49
C GLU E 240 31.34 28.82 -54.95
N CYS E 241 31.99 27.75 -55.40
CA CYS E 241 32.51 27.68 -56.76
C CYS E 241 31.55 27.02 -57.73
N SER E 242 30.24 27.18 -57.54
CA SER E 242 29.28 26.62 -58.48
C SER E 242 28.00 27.42 -58.42
N PRO E 243 27.60 28.08 -59.51
CA PRO E 243 26.31 28.79 -59.53
C PRO E 243 25.12 27.89 -59.83
N ASN E 244 25.35 26.62 -60.17
CA ASN E 244 24.30 25.73 -60.63
C ASN E 244 23.90 24.71 -59.58
N SER E 245 24.50 24.76 -58.40
CA SER E 245 24.30 23.77 -57.36
C SER E 245 23.76 24.43 -56.11
N ILE E 246 22.95 23.69 -55.37
CA ILE E 246 22.38 24.16 -54.12
C ILE E 246 22.74 23.17 -53.02
N LEU E 247 23.11 23.68 -51.86
CA LEU E 247 23.50 22.84 -50.74
C LEU E 247 22.44 22.99 -49.67
N VAL E 248 21.57 21.99 -49.56
CA VAL E 248 20.53 21.97 -48.54
C VAL E 248 21.21 21.68 -47.21
N SER E 249 21.16 22.63 -46.29
CA SER E 249 21.86 22.52 -45.03
C SER E 249 20.91 22.11 -43.91
N GLY E 250 21.47 21.42 -42.91
CA GLY E 250 20.73 21.08 -41.72
C GLY E 250 19.84 19.87 -41.83
N GLY E 251 19.61 19.36 -43.03
CA GLY E 251 18.77 18.20 -43.20
C GLY E 251 17.29 18.49 -43.08
N GLN E 252 16.94 19.63 -42.49
CA GLN E 252 15.54 19.99 -42.27
C GLN E 252 14.98 20.57 -43.56
N THR E 253 14.61 19.69 -44.49
CA THR E 253 13.88 20.04 -45.70
C THR E 253 12.76 19.03 -45.90
N THR E 254 11.71 19.47 -46.57
CA THR E 254 10.51 18.66 -46.72
C THR E 254 10.36 18.18 -48.15
N VAL E 255 9.59 17.10 -48.31
CA VAL E 255 9.32 16.56 -49.64
C VAL E 255 8.53 17.55 -50.47
N ALA E 256 7.81 18.47 -49.82
CA ALA E 256 7.13 19.53 -50.55
C ALA E 256 8.14 20.46 -51.22
N ASN E 257 9.21 20.82 -50.50
CA ASN E 257 10.23 21.68 -51.07
C ASN E 257 11.13 20.92 -52.04
N LEU E 258 11.39 19.64 -51.74
CA LEU E 258 12.43 18.92 -52.45
C LEU E 258 11.93 18.33 -53.76
N PHE E 259 10.77 17.69 -53.75
CA PHE E 259 10.28 16.99 -54.94
C PHE E 259 9.09 17.71 -55.56
N TYR E 260 8.00 17.91 -54.82
CA TYR E 260 6.79 18.46 -55.41
C TYR E 260 5.92 19.03 -54.32
N ASN E 261 5.46 20.27 -54.52
CA ASN E 261 4.49 20.90 -53.62
C ASN E 261 3.10 20.69 -54.22
N MET E 262 2.34 19.76 -53.64
CA MET E 262 1.07 19.38 -54.25
C MET E 262 0.05 20.51 -54.17
N SER E 263 0.13 21.36 -53.16
CA SER E 263 -0.82 22.46 -53.05
C SER E 263 -0.61 23.49 -54.16
N SER E 264 0.62 23.89 -54.43
CA SER E 264 0.91 24.90 -55.43
C SER E 264 1.20 24.32 -56.80
N ARG E 265 1.27 23.00 -56.94
CA ARG E 265 1.50 22.34 -58.22
C ARG E 265 2.79 22.87 -58.85
N ARG E 266 3.85 22.92 -58.05
CA ARG E 266 5.15 23.39 -58.51
C ARG E 266 6.23 22.38 -58.15
N ILE E 267 7.11 22.10 -59.12
CA ILE E 267 8.16 21.11 -58.94
C ILE E 267 9.14 21.60 -57.88
N GLY E 268 9.75 20.64 -57.18
CA GLY E 268 10.64 20.97 -56.07
C GLY E 268 12.00 21.45 -56.54
N LEU E 269 12.97 21.30 -55.64
CA LEU E 269 14.33 21.73 -55.96
C LEU E 269 14.93 20.90 -57.08
N VAL E 270 14.57 19.62 -57.15
CA VAL E 270 15.18 18.74 -58.14
C VAL E 270 14.88 19.20 -59.56
N GLY E 271 13.78 19.91 -59.76
CA GLY E 271 13.43 20.40 -61.07
C GLY E 271 14.03 21.73 -61.45
N LEU E 272 14.89 22.29 -60.60
CA LEU E 272 15.46 23.60 -60.85
C LEU E 272 16.97 23.62 -60.91
N TRP E 273 17.64 22.77 -60.14
CA TRP E 273 19.09 22.80 -60.03
C TRP E 273 19.68 21.55 -60.67
N ASP E 274 21.02 21.52 -60.75
CA ASP E 274 21.69 20.35 -61.28
C ASP E 274 22.36 19.52 -60.20
N VAL E 275 22.74 20.13 -59.09
CA VAL E 275 23.32 19.39 -57.97
C VAL E 275 22.59 19.81 -56.71
N VAL E 276 22.11 18.83 -55.95
CA VAL E 276 21.51 19.06 -54.65
C VAL E 276 22.37 18.32 -53.64
N ALA E 277 23.00 19.07 -52.74
CA ALA E 277 23.95 18.49 -51.80
C ALA E 277 23.37 18.52 -50.39
N PHE E 278 23.18 17.35 -49.81
CA PHE E 278 22.70 17.21 -48.45
C PHE E 278 23.92 17.19 -47.54
N ASP E 279 24.09 18.24 -46.74
CA ASP E 279 25.21 18.33 -45.83
C ASP E 279 24.84 17.73 -44.48
N GLU E 280 25.85 17.22 -43.77
CA GLU E 280 25.71 16.55 -42.48
C GLU E 280 24.54 15.56 -42.51
N VAL E 281 24.73 14.54 -43.34
CA VAL E 281 23.74 13.50 -43.59
C VAL E 281 23.11 12.98 -42.31
N ALA E 282 23.80 13.13 -41.17
CA ALA E 282 23.22 12.75 -39.89
C ALA E 282 22.00 13.61 -39.54
N GLY E 283 21.84 14.74 -40.22
CA GLY E 283 20.75 15.67 -39.90
C GLY E 283 19.50 15.52 -40.75
N ILE E 284 19.52 14.70 -41.79
CA ILE E 284 18.35 14.58 -42.65
C ILE E 284 17.25 13.84 -41.92
N SER E 285 16.02 14.34 -42.04
CA SER E 285 14.84 13.70 -41.49
C SER E 285 13.62 14.25 -42.21
N PHE E 286 12.66 13.37 -42.48
CA PHE E 286 11.48 13.73 -43.27
C PHE E 286 10.23 13.66 -42.41
N LYS E 287 9.46 14.75 -42.40
CA LYS E 287 8.21 14.76 -41.63
C LYS E 287 7.21 13.76 -42.18
N ASP E 288 7.10 13.63 -43.49
CA ASP E 288 6.22 12.67 -44.12
C ASP E 288 6.94 11.33 -44.23
N LYS E 289 6.19 10.24 -44.02
CA LYS E 289 6.80 8.92 -44.07
C LYS E 289 7.02 8.46 -45.49
N ASP E 290 6.37 9.09 -46.46
CA ASP E 290 6.61 8.77 -47.86
C ASP E 290 7.95 9.29 -48.37
N GLY E 291 8.64 10.12 -47.58
CA GLY E 291 9.85 10.75 -48.07
C GLY E 291 10.92 9.76 -48.47
N VAL E 292 11.16 8.75 -47.64
CA VAL E 292 12.22 7.79 -47.93
C VAL E 292 11.89 7.00 -49.19
N GLN E 293 10.63 6.59 -49.35
CA GLN E 293 10.24 5.87 -50.55
C GLN E 293 10.42 6.72 -51.80
N ILE E 294 10.05 7.99 -51.72
CA ILE E 294 10.21 8.89 -52.87
C ILE E 294 11.69 9.06 -53.19
N MET E 295 12.54 9.18 -52.16
CA MET E 295 13.97 9.27 -52.38
C MET E 295 14.49 8.04 -53.10
N LYS E 296 14.06 6.85 -52.65
CA LYS E 296 14.51 5.62 -53.28
C LYS E 296 14.07 5.57 -54.74
N ASP E 297 12.81 5.92 -55.00
CA ASP E 297 12.31 5.90 -56.38
C ASP E 297 13.07 6.86 -57.27
N TYR E 298 13.29 8.09 -56.79
CA TYR E 298 13.98 9.08 -57.60
C TYR E 298 15.41 8.66 -57.88
N MET E 299 16.11 8.16 -56.85
CA MET E 299 17.48 7.71 -57.07
C MET E 299 17.55 6.56 -58.05
N ALA E 300 16.64 5.59 -57.93
CA ALA E 300 16.74 4.40 -58.78
C ALA E 300 16.37 4.69 -60.22
N SER E 301 15.29 5.44 -60.44
CA SER E 301 14.75 5.59 -61.78
C SER E 301 14.83 6.99 -62.35
N GLY E 302 15.03 8.01 -61.53
CA GLY E 302 15.04 9.36 -62.04
C GLY E 302 13.68 9.97 -62.23
N SER E 303 12.61 9.27 -61.86
CA SER E 303 11.26 9.80 -61.93
C SER E 303 10.48 9.31 -60.73
N PHE E 304 9.61 10.18 -60.22
CA PHE E 304 8.86 9.87 -59.01
C PHE E 304 7.40 10.24 -59.22
N ALA E 305 6.51 9.48 -58.58
CA ALA E 305 5.08 9.69 -58.72
C ALA E 305 4.54 10.34 -57.45
N ARG E 306 3.79 11.43 -57.62
CA ARG E 306 3.15 12.11 -56.51
C ARG E 306 1.70 12.34 -56.87
N GLY E 307 0.77 11.94 -55.99
CA GLY E 307 -0.63 12.07 -56.28
C GLY E 307 -1.03 11.23 -57.47
N ARG E 308 -1.32 11.89 -58.60
CA ARG E 308 -1.75 11.22 -59.81
C ARG E 308 -0.80 11.41 -60.97
N GLU E 309 0.31 12.11 -60.79
CA GLU E 309 1.22 12.42 -61.87
C GLU E 309 2.63 11.91 -61.55
N GLN E 310 3.30 11.41 -62.58
CA GLN E 310 4.72 11.10 -62.50
C GLN E 310 5.52 12.27 -63.06
N MET E 311 6.58 12.64 -62.34
CA MET E 311 7.44 13.75 -62.74
C MET E 311 8.86 13.24 -62.91
N GLU E 312 9.55 13.78 -63.91
CA GLU E 312 10.95 13.50 -64.15
C GLU E 312 11.80 14.70 -63.77
N ALA E 313 13.01 14.44 -63.32
CA ALA E 313 13.95 15.50 -62.99
C ALA E 313 15.36 14.92 -63.03
N SER E 314 16.29 15.70 -63.57
CA SER E 314 17.66 15.25 -63.76
C SER E 314 18.63 15.76 -62.71
N ALA E 315 18.15 16.14 -61.53
CA ALA E 315 19.04 16.64 -60.49
C ALA E 315 19.93 15.53 -59.98
N SER E 316 21.20 15.87 -59.74
CA SER E 316 22.15 14.91 -59.19
C SER E 316 22.27 15.12 -57.69
N MET E 317 22.23 14.04 -56.93
CA MET E 317 22.20 14.11 -55.48
C MET E 317 23.58 13.77 -54.92
N VAL E 318 24.06 14.62 -54.02
CA VAL E 318 25.32 14.42 -53.32
C VAL E 318 25.03 14.39 -51.82
N PHE E 319 25.71 13.49 -51.11
CA PHE E 319 25.54 13.36 -49.66
C PHE E 319 26.89 13.58 -49.00
N VAL E 320 27.06 14.72 -48.35
CA VAL E 320 28.33 15.13 -47.76
C VAL E 320 28.24 14.94 -46.25
N GLY E 321 29.22 14.23 -45.67
CA GLY E 321 29.14 13.90 -44.26
C GLY E 321 30.47 13.91 -43.54
N ASN E 322 30.38 14.17 -42.23
CA ASN E 322 31.53 14.16 -41.34
C ASN E 322 31.54 12.90 -40.48
N ILE E 323 32.69 12.26 -40.39
CA ILE E 323 32.92 11.16 -39.46
C ILE E 323 33.90 11.65 -38.39
N ASN E 324 33.56 11.40 -37.13
CA ASN E 324 34.42 11.77 -36.01
C ASN E 324 35.33 10.63 -35.55
N GLN E 325 35.26 9.48 -36.20
CA GLN E 325 36.00 8.29 -35.80
C GLN E 325 37.05 7.94 -36.83
N SER E 326 38.09 7.25 -36.39
CA SER E 326 39.15 6.81 -37.28
C SER E 326 38.62 5.78 -38.28
N VAL E 327 39.28 5.71 -39.43
CA VAL E 327 38.84 4.82 -40.50
C VAL E 327 38.91 3.36 -40.05
N GLU E 328 40.02 2.97 -39.45
CA GLU E 328 40.24 1.56 -39.14
C GLU E 328 39.24 1.06 -38.11
N SER E 329 38.97 1.84 -37.07
CA SER E 329 38.01 1.43 -36.05
C SER E 329 36.61 1.36 -36.63
N LEU E 330 36.24 2.33 -37.47
CA LEU E 330 34.92 2.29 -38.09
C LEU E 330 34.75 1.06 -38.97
N VAL E 331 35.79 0.71 -39.73
CA VAL E 331 35.72 -0.49 -40.56
C VAL E 331 35.61 -1.74 -39.70
N LYS E 332 36.41 -1.83 -38.64
CA LYS E 332 36.46 -3.05 -37.85
C LYS E 332 35.20 -3.27 -37.02
N THR E 333 34.70 -2.22 -36.37
CA THR E 333 33.57 -2.36 -35.45
C THR E 333 32.21 -2.19 -36.12
N SER E 334 32.15 -1.50 -37.27
CA SER E 334 30.89 -1.26 -37.94
C SER E 334 31.10 -1.12 -39.44
N HIS E 335 30.12 -0.52 -40.12
CA HIS E 335 30.26 -0.19 -41.53
C HIS E 335 30.61 1.29 -41.64
N LEU E 336 31.22 1.66 -42.78
CA LEU E 336 31.62 3.04 -43.01
C LEU E 336 30.43 4.00 -43.11
N LEU E 337 29.23 3.49 -43.33
CA LEU E 337 28.05 4.33 -43.48
C LEU E 337 27.37 4.63 -42.15
N ALA E 338 28.10 4.63 -41.06
CA ALA E 338 27.54 4.81 -39.72
C ALA E 338 26.78 6.12 -39.54
N PRO E 339 27.33 7.29 -39.92
CA PRO E 339 26.65 8.54 -39.59
C PRO E 339 25.35 8.78 -40.35
N PHE E 340 25.05 7.99 -41.38
CA PHE E 340 23.73 8.09 -41.99
C PHE E 340 22.65 7.73 -40.97
N PRO E 341 21.53 8.44 -40.99
CA PRO E 341 20.51 8.23 -39.97
C PRO E 341 19.91 6.83 -40.02
N GLU E 342 19.49 6.34 -38.86
CA GLU E 342 18.93 5.00 -38.78
C GLU E 342 17.65 4.88 -39.59
N ALA E 343 16.95 5.99 -39.80
CA ALA E 343 15.78 5.97 -40.66
C ALA E 343 16.13 5.70 -42.11
N MET E 344 17.38 5.91 -42.51
CA MET E 344 17.81 5.71 -43.89
C MET E 344 18.84 4.60 -44.06
N ILE E 345 19.11 3.81 -43.01
CA ILE E 345 20.05 2.71 -43.14
C ILE E 345 19.34 1.51 -43.76
N ASP E 346 19.38 1.42 -45.08
CA ASP E 346 18.69 0.38 -45.82
C ASP E 346 19.56 -0.08 -46.98
N SER E 347 19.62 -1.39 -47.18
CA SER E 347 20.40 -1.91 -48.29
C SER E 347 19.84 -1.44 -49.63
N ALA E 348 18.52 -1.46 -49.77
CA ALA E 348 17.90 -1.02 -51.02
C ALA E 348 18.08 0.48 -51.25
N PHE E 349 18.37 1.23 -50.18
CA PHE E 349 18.62 2.66 -50.33
C PHE E 349 20.04 2.92 -50.79
N PHE E 350 21.03 2.44 -50.03
CA PHE E 350 22.42 2.66 -50.40
C PHE E 350 22.77 1.95 -51.69
N ASP E 351 21.96 0.99 -52.13
CA ASP E 351 22.22 0.35 -53.41
C ASP E 351 22.12 1.33 -54.57
N ARG E 352 21.42 2.46 -54.39
CA ARG E 352 21.28 3.44 -55.45
C ARG E 352 22.54 4.29 -55.63
N PHE E 353 23.37 4.44 -54.60
CA PHE E 353 24.51 5.33 -54.66
C PHE E 353 25.49 4.83 -55.72
N HIS E 354 25.90 5.74 -56.60
CA HIS E 354 26.79 5.33 -57.68
C HIS E 354 28.26 5.41 -57.28
N ALA E 355 28.55 5.97 -56.10
CA ALA E 355 29.95 6.15 -55.71
C ALA E 355 30.04 6.54 -54.24
N TYR E 356 31.07 6.02 -53.57
CA TYR E 356 31.43 6.39 -52.21
C TYR E 356 32.80 7.05 -52.29
N ILE E 357 32.83 8.37 -52.35
CA ILE E 357 34.10 9.07 -52.44
C ILE E 357 34.82 8.96 -51.09
N PRO E 358 36.02 8.43 -51.04
CA PRO E 358 36.72 8.21 -49.76
C PRO E 358 37.39 9.48 -49.22
N GLY E 359 36.63 10.24 -48.44
CA GLY E 359 37.08 11.53 -47.97
C GLY E 359 38.42 11.58 -47.25
N TRP E 360 38.75 10.52 -46.51
CA TRP E 360 39.93 10.57 -45.64
C TRP E 360 41.23 10.72 -46.43
N GLU E 361 41.29 10.17 -47.65
CA GLU E 361 42.49 10.29 -48.45
C GLU E 361 42.86 11.75 -48.73
N ILE E 362 41.84 12.60 -48.93
CA ILE E 362 42.07 14.01 -49.16
C ILE E 362 42.64 14.63 -47.88
N PRO E 363 43.73 15.38 -47.94
CA PRO E 363 44.30 15.96 -46.72
C PRO E 363 43.57 17.21 -46.29
N LYS E 364 43.68 17.57 -45.01
CA LYS E 364 42.98 18.74 -44.48
C LYS E 364 43.47 20.02 -45.16
N MET E 365 42.59 21.01 -45.24
CA MET E 365 42.90 22.24 -45.94
C MET E 365 44.04 22.99 -45.23
N ARG E 366 44.90 23.60 -46.02
CA ARG E 366 46.03 24.35 -45.52
C ARG E 366 46.44 25.36 -46.59
N PRO E 367 46.72 26.61 -46.21
CA PRO E 367 46.83 27.68 -47.22
C PRO E 367 47.91 27.47 -48.26
N GLU E 368 48.86 26.55 -48.03
CA GLU E 368 49.80 26.23 -49.09
C GLU E 368 49.13 25.45 -50.21
N PHE E 369 47.93 24.92 -49.97
CA PHE E 369 47.20 24.19 -51.00
C PHE E 369 46.38 25.10 -51.91
N PHE E 370 46.22 26.36 -51.57
CA PHE E 370 45.47 27.30 -52.40
C PHE E 370 46.39 27.88 -53.46
N THR E 371 45.95 27.83 -54.71
CA THR E 371 46.79 28.22 -55.83
C THR E 371 46.95 29.73 -55.90
N ASN E 372 47.90 30.16 -56.72
CA ASN E 372 48.03 31.55 -57.12
C ASN E 372 48.30 31.69 -58.61
N ARG E 373 48.13 30.63 -59.38
CA ARG E 373 48.38 30.64 -60.81
C ARG E 373 47.09 30.89 -61.58
N TYR E 374 47.15 30.76 -62.89
CA TYR E 374 46.02 31.02 -63.76
C TYR E 374 45.10 29.81 -63.82
N GLY E 375 43.79 30.08 -63.86
CA GLY E 375 42.80 29.04 -64.00
C GLY E 375 41.57 29.57 -64.70
N LEU E 376 40.71 28.63 -65.13
CA LEU E 376 39.47 29.04 -65.77
C LEU E 376 38.54 29.73 -64.78
N ILE E 377 37.72 30.64 -65.30
CA ILE E 377 36.69 31.27 -64.47
C ILE E 377 35.78 30.20 -63.91
N VAL E 378 35.23 30.45 -62.72
CA VAL E 378 34.26 29.53 -62.16
C VAL E 378 33.01 29.47 -63.03
N ASP E 379 32.61 30.60 -63.59
CA ASP E 379 31.44 30.63 -64.46
C ASP E 379 31.67 29.81 -65.72
N TYR E 380 32.86 29.91 -66.31
CA TYR E 380 33.19 29.13 -67.49
C TYR E 380 33.21 27.65 -67.17
N LEU E 381 33.75 27.28 -66.02
CA LEU E 381 33.75 25.88 -65.61
C LEU E 381 32.32 25.38 -65.44
N ALA E 382 31.45 26.17 -64.81
CA ALA E 382 30.09 25.73 -64.57
C ALA E 382 29.32 25.56 -65.87
N GLU E 383 29.49 26.49 -66.81
CA GLU E 383 28.79 26.34 -68.08
C GLU E 383 29.37 25.20 -68.89
N PHE E 384 30.68 24.93 -68.74
CA PHE E 384 31.26 23.75 -69.37
C PHE E 384 30.62 22.48 -68.83
N PHE E 385 30.42 22.41 -67.52
CA PHE E 385 29.75 21.25 -66.94
C PHE E 385 28.32 21.11 -67.46
N ARG E 386 27.56 22.20 -67.43
CA ARG E 386 26.18 22.16 -67.88
C ARG E 386 26.08 21.78 -69.35
N GLU E 387 27.03 22.20 -70.18
CA GLU E 387 26.98 21.84 -71.58
C GLU E 387 27.41 20.40 -71.81
N MET E 388 28.31 19.89 -70.96
CA MET E 388 28.70 18.49 -71.08
C MET E 388 27.64 17.54 -70.56
N ARG E 389 26.70 18.01 -69.75
CA ARG E 389 25.62 17.12 -69.31
C ARG E 389 24.85 16.52 -70.47
N LYS E 390 24.82 17.17 -71.63
CA LYS E 390 24.02 16.71 -72.76
C LYS E 390 24.67 15.59 -73.56
N ARG E 391 25.90 15.21 -73.25
CA ARG E 391 26.60 14.21 -74.04
C ARG E 391 26.77 12.93 -73.23
N SER E 392 27.41 11.94 -73.84
CA SER E 392 27.60 10.65 -73.19
C SER E 392 28.84 9.97 -73.73
N PHE E 393 29.52 9.22 -72.85
CA PHE E 393 30.68 8.42 -73.22
C PHE E 393 30.69 7.07 -72.51
N ALA E 394 29.53 6.60 -72.07
CA ALA E 394 29.48 5.35 -71.32
C ALA E 394 29.74 4.14 -72.19
N ASP E 395 29.63 4.27 -73.51
CA ASP E 395 29.91 3.14 -74.40
C ASP E 395 31.38 3.00 -74.72
N SER E 396 32.24 3.90 -74.22
CA SER E 396 33.67 3.77 -74.46
C SER E 396 34.25 2.59 -73.72
N ILE E 397 33.58 2.12 -72.66
CA ILE E 397 34.06 0.96 -71.92
C ILE E 397 34.09 -0.27 -72.81
N GLU E 398 33.03 -0.49 -73.59
CA GLU E 398 32.94 -1.73 -74.36
C GLU E 398 33.85 -1.72 -75.57
N LYS E 399 34.24 -0.55 -76.06
CA LYS E 399 35.14 -0.51 -77.22
C LYS E 399 36.49 -1.12 -76.90
N TYR E 400 36.92 -1.06 -75.64
CA TYR E 400 38.22 -1.58 -75.24
C TYR E 400 38.18 -2.60 -74.12
N PHE E 401 37.05 -2.80 -73.46
CA PHE E 401 36.98 -3.66 -72.30
C PHE E 401 35.61 -4.31 -72.19
N LYS E 402 35.48 -5.20 -71.21
CA LYS E 402 34.23 -5.83 -70.85
C LYS E 402 34.15 -5.95 -69.34
N LEU E 403 32.96 -5.78 -68.79
CA LEU E 403 32.79 -5.85 -67.35
C LEU E 403 32.71 -7.30 -66.88
N GLY E 404 33.09 -7.54 -65.63
CA GLY E 404 33.16 -8.88 -65.11
C GLY E 404 31.79 -9.44 -64.76
N ASN E 405 31.82 -10.68 -64.25
CA ASN E 405 30.58 -11.39 -63.94
C ASN E 405 30.03 -11.06 -62.56
N ASN E 406 30.80 -10.39 -61.71
CA ASN E 406 30.35 -10.09 -60.36
C ASN E 406 29.54 -8.81 -60.28
N LEU E 407 29.34 -8.10 -61.38
CA LEU E 407 28.58 -6.86 -61.40
C LEU E 407 27.15 -7.16 -61.85
N ASN E 408 26.18 -6.87 -61.00
CA ASN E 408 24.80 -6.94 -61.41
C ASN E 408 24.44 -5.72 -62.25
N GLN E 409 23.16 -5.60 -62.61
CA GLN E 409 22.75 -4.52 -63.49
C GLN E 409 22.97 -3.16 -62.86
N ARG E 410 22.67 -3.00 -61.57
CA ARG E 410 22.88 -1.73 -60.90
C ARG E 410 24.36 -1.35 -60.87
N ASP E 411 25.23 -2.34 -60.62
CA ASP E 411 26.66 -2.06 -60.60
C ASP E 411 27.16 -1.66 -61.98
N VAL E 412 26.64 -2.30 -63.02
CA VAL E 412 27.00 -1.91 -64.38
C VAL E 412 26.58 -0.48 -64.64
N ILE E 413 25.36 -0.12 -64.22
CA ILE E 413 24.88 1.25 -64.41
C ILE E 413 25.80 2.23 -63.70
N ALA E 414 26.13 1.95 -62.43
CA ALA E 414 26.95 2.88 -61.66
C ALA E 414 28.34 3.03 -62.26
N VAL E 415 28.95 1.91 -62.67
CA VAL E 415 30.29 1.96 -63.24
C VAL E 415 30.27 2.76 -64.54
N ARG E 416 29.28 2.52 -65.39
CA ARG E 416 29.22 3.24 -66.65
C ARG E 416 29.00 4.72 -66.43
N LYS E 417 28.15 5.09 -65.46
CA LYS E 417 27.93 6.50 -65.19
C LYS E 417 29.20 7.18 -64.70
N THR E 418 29.92 6.54 -63.76
CA THR E 418 31.14 7.16 -63.26
C THR E 418 32.19 7.29 -64.36
N VAL E 419 32.33 6.27 -65.19
CA VAL E 419 33.29 6.35 -66.29
C VAL E 419 32.91 7.46 -67.26
N SER E 420 31.62 7.57 -67.57
CA SER E 420 31.19 8.61 -68.50
C SER E 420 31.48 10.00 -67.93
N GLY E 421 31.20 10.19 -66.64
CA GLY E 421 31.49 11.49 -66.05
C GLY E 421 32.97 11.82 -66.07
N LEU E 422 33.81 10.87 -65.66
CA LEU E 422 35.24 11.13 -65.66
C LEU E 422 35.78 11.37 -67.05
N MET E 423 35.26 10.64 -68.03
CA MET E 423 35.75 10.78 -69.40
C MET E 423 35.30 12.10 -70.00
N LYS E 424 34.12 12.58 -69.61
CA LYS E 424 33.72 13.93 -70.01
C LYS E 424 34.62 14.98 -69.40
N LEU E 425 34.95 14.84 -68.11
CA LEU E 425 35.80 15.82 -67.47
C LEU E 425 37.17 15.88 -68.12
N LEU E 426 37.78 14.72 -68.39
CA LEU E 426 39.15 14.73 -68.87
C LEU E 426 39.23 14.83 -70.40
N TYR E 427 38.27 14.26 -71.12
CA TYR E 427 38.39 14.26 -72.56
C TYR E 427 37.12 14.78 -73.23
N PRO E 428 36.80 16.06 -73.07
CA PRO E 428 35.60 16.59 -73.74
C PRO E 428 35.65 16.49 -75.26
N HIS E 429 36.82 16.64 -75.87
CA HIS E 429 36.90 16.63 -77.32
C HIS E 429 36.51 15.29 -77.91
N GLY E 430 36.88 14.20 -77.25
CA GLY E 430 36.40 12.88 -77.60
C GLY E 430 37.44 11.90 -78.12
N GLN E 431 38.71 12.27 -78.21
CA GLN E 431 39.75 11.36 -78.67
C GLN E 431 40.54 10.86 -77.46
N PHE E 432 40.58 9.54 -77.29
CA PHE E 432 41.25 8.92 -76.16
C PHE E 432 41.72 7.53 -76.55
N ASN E 433 42.73 7.02 -75.85
CA ASN E 433 43.27 5.71 -76.15
C ASN E 433 42.82 4.71 -75.08
N LYS E 434 43.35 3.49 -75.15
CA LYS E 434 42.92 2.42 -74.28
C LYS E 434 43.28 2.69 -72.82
N GLU E 435 44.49 3.19 -72.57
CA GLU E 435 44.97 3.37 -71.21
C GLU E 435 44.09 4.37 -70.45
N ASP E 436 43.61 5.39 -71.14
CA ASP E 436 42.76 6.39 -70.49
C ASP E 436 41.49 5.75 -69.96
N VAL E 437 40.82 4.96 -70.80
CA VAL E 437 39.62 4.26 -70.38
C VAL E 437 39.95 3.28 -69.28
N ARG E 438 41.14 2.67 -69.32
CA ARG E 438 41.53 1.75 -68.26
C ARG E 438 41.62 2.46 -66.92
N GLN E 439 42.24 3.64 -66.90
CA GLN E 439 42.35 4.39 -65.64
C GLN E 439 40.98 4.77 -65.12
N CYS E 440 40.13 5.32 -65.99
CA CYS E 440 38.80 5.74 -65.54
C CYS E 440 38.00 4.55 -65.04
N LEU E 441 38.07 3.42 -65.74
CA LEU E 441 37.33 2.24 -65.35
C LEU E 441 37.83 1.70 -64.01
N GLU E 442 39.14 1.72 -63.80
CA GLU E 442 39.68 1.27 -62.52
C GLU E 442 39.17 2.13 -61.38
N TYR E 443 39.18 3.45 -61.57
CA TYR E 443 38.67 4.32 -60.50
C TYR E 443 37.19 4.05 -60.24
N ALA E 444 36.39 3.93 -61.31
CA ALA E 444 34.97 3.72 -61.13
C ALA E 444 34.70 2.41 -60.41
N LEU E 445 35.42 1.35 -60.80
CA LEU E 445 35.23 0.06 -60.16
C LEU E 445 35.59 0.11 -58.69
N GLN E 446 36.69 0.79 -58.35
CA GLN E 446 37.07 0.91 -56.95
C GLN E 446 35.99 1.64 -56.14
N VAL E 447 35.52 2.78 -56.67
CA VAL E 447 34.60 3.60 -55.89
C VAL E 447 33.25 2.92 -55.77
N ARG E 448 32.83 2.13 -56.76
CA ARG E 448 31.60 1.37 -56.61
C ARG E 448 31.78 0.19 -55.67
N ARG E 449 32.97 -0.42 -55.69
CA ARG E 449 33.21 -1.56 -54.83
C ARG E 449 33.16 -1.16 -53.37
N ARG E 450 33.54 0.08 -53.05
CA ARG E 450 33.41 0.53 -51.67
C ARG E 450 31.95 0.44 -51.20
N VAL E 451 31.02 0.93 -52.02
CA VAL E 451 29.60 0.84 -51.69
C VAL E 451 29.17 -0.61 -51.62
N LYS E 452 29.63 -1.42 -52.56
CA LYS E 452 29.25 -2.83 -52.57
C LYS E 452 29.68 -3.53 -51.29
N GLU E 453 30.88 -3.22 -50.81
CA GLU E 453 31.37 -3.85 -49.58
C GLU E 453 30.59 -3.37 -48.37
N GLN E 454 30.26 -2.08 -48.32
CA GLN E 454 29.39 -1.61 -47.24
C GLN E 454 28.05 -2.33 -47.26
N LEU E 455 27.49 -2.53 -48.46
CA LEU E 455 26.23 -3.25 -48.57
C LEU E 455 26.38 -4.70 -48.13
N LYS E 456 27.51 -5.32 -48.45
CA LYS E 456 27.78 -6.67 -47.95
C LYS E 456 27.71 -6.71 -46.44
N LYS E 457 28.45 -5.82 -45.78
CA LYS E 457 28.40 -5.78 -44.32
C LYS E 457 26.98 -5.56 -43.80
N ILE E 458 26.22 -4.68 -44.45
CA ILE E 458 24.88 -4.34 -43.98
C ILE E 458 23.90 -5.49 -44.16
N GLY E 459 23.93 -6.15 -45.32
CA GLY E 459 22.85 -7.05 -45.70
C GLY E 459 23.18 -8.52 -45.78
N GLY E 460 24.41 -8.92 -45.49
CA GLY E 460 24.69 -10.35 -45.42
C GLY E 460 24.89 -10.95 -46.79
N MET E 461 24.12 -12.00 -47.08
CA MET E 461 24.37 -12.82 -48.27
C MET E 461 23.95 -12.12 -49.55
N GLU E 462 23.00 -11.19 -49.47
CA GLU E 462 22.38 -10.63 -50.67
C GLU E 462 23.38 -9.96 -51.59
N PHE E 463 24.50 -9.47 -51.06
CA PHE E 463 25.50 -8.75 -51.85
C PHE E 463 26.88 -9.35 -51.69
N TYR E 464 27.00 -10.68 -51.84
CA TYR E 464 28.29 -11.32 -51.62
C TYR E 464 29.25 -11.05 -52.77
N ASP E 465 28.76 -10.95 -54.00
CA ASP E 465 29.64 -10.79 -55.16
C ASP E 465 30.25 -9.40 -55.11
N VAL E 466 31.42 -9.28 -54.50
CA VAL E 466 32.09 -8.00 -54.35
C VAL E 466 33.44 -8.08 -55.05
N HIS E 467 33.69 -9.22 -55.70
CA HIS E 467 34.97 -9.44 -56.35
C HIS E 467 34.93 -8.91 -57.78
N PHE E 468 34.98 -7.58 -57.93
CA PHE E 468 34.86 -6.96 -59.23
C PHE E 468 36.07 -7.27 -60.10
N SER E 469 35.87 -7.24 -61.42
CA SER E 469 36.94 -7.44 -62.37
C SER E 469 36.52 -6.91 -63.72
N TYR E 470 37.51 -6.72 -64.61
CA TYR E 470 37.25 -6.31 -65.97
C TYR E 470 38.21 -7.01 -66.92
N ILE E 471 37.71 -7.36 -68.10
CA ILE E 471 38.39 -8.27 -69.01
C ILE E 471 38.70 -7.54 -70.31
N ASP E 472 39.94 -7.65 -70.77
CA ASP E 472 40.31 -7.10 -72.06
C ASP E 472 39.65 -7.90 -73.17
N ASN E 473 39.37 -7.24 -74.29
CA ASN E 473 38.86 -7.95 -75.45
C ASN E 473 39.95 -8.71 -76.19
N ASP E 474 41.19 -8.22 -76.16
CA ASP E 474 42.25 -8.80 -76.97
C ASP E 474 43.05 -9.85 -76.21
N THR E 475 43.68 -9.46 -75.10
CA THR E 475 44.48 -10.37 -74.31
C THR E 475 43.63 -11.35 -73.51
N LEU E 476 42.40 -10.98 -73.17
CA LEU E 476 41.52 -11.73 -72.28
C LEU E 476 42.09 -11.87 -70.88
N GLU E 477 43.14 -11.13 -70.55
CA GLU E 477 43.66 -11.11 -69.19
C GLU E 477 42.70 -10.32 -68.31
N GLU E 478 42.15 -10.99 -67.30
CA GLU E 478 41.18 -10.38 -66.41
C GLU E 478 41.92 -9.66 -65.29
N HIS E 479 41.57 -8.40 -65.07
CA HIS E 479 42.17 -7.58 -64.03
C HIS E 479 41.16 -7.45 -62.89
N PHE E 480 41.63 -7.63 -61.66
CA PHE E 480 40.79 -7.51 -60.48
C PHE E 480 41.08 -6.19 -59.78
N VAL E 481 40.03 -5.55 -59.27
CA VAL E 481 40.15 -4.29 -58.58
C VAL E 481 39.69 -4.45 -57.14
N SER E 482 40.43 -3.84 -56.22
CA SER E 482 40.12 -3.90 -54.79
C SER E 482 40.18 -2.51 -54.19
N VAL E 483 39.45 -2.31 -53.10
CA VAL E 483 39.47 -1.06 -52.38
C VAL E 483 40.76 -0.99 -51.55
N LYS E 484 41.36 0.20 -51.50
CA LYS E 484 42.67 0.36 -50.88
C LYS E 484 42.63 0.10 -49.38
N GLU E 485 41.50 0.40 -48.73
CA GLU E 485 41.40 0.27 -47.29
C GLU E 485 41.66 -1.16 -46.83
N GLN E 486 41.06 -2.13 -47.51
CA GLN E 486 41.20 -3.53 -47.11
C GLN E 486 41.99 -4.33 -48.13
N GLU E 494 43.74 -10.07 -34.76
CA GLU E 494 43.89 -10.66 -33.44
C GLU E 494 42.56 -11.09 -32.86
N GLY E 495 42.61 -12.02 -31.90
CA GLY E 495 41.42 -12.51 -31.25
C GLY E 495 40.74 -13.62 -32.04
N PRO E 496 39.76 -14.28 -31.42
CA PRO E 496 39.06 -15.38 -32.10
C PRO E 496 38.12 -14.84 -33.17
N ALA E 497 38.33 -15.28 -34.40
CA ALA E 497 37.49 -14.84 -35.50
C ALA E 497 36.13 -15.55 -35.43
N LYS E 498 35.22 -15.09 -36.29
CA LYS E 498 33.90 -15.68 -36.37
C LYS E 498 34.02 -17.10 -36.93
N PRO E 499 33.04 -17.97 -36.64
CA PRO E 499 33.13 -19.35 -37.11
C PRO E 499 33.27 -19.44 -38.62
N GLY E 500 34.12 -20.36 -39.07
CA GLY E 500 34.33 -20.59 -40.48
C GLY E 500 35.31 -19.65 -41.17
N PHE E 501 35.89 -18.70 -40.44
CA PHE E 501 36.78 -17.71 -41.02
C PHE E 501 38.21 -18.05 -40.65
N LEU E 502 39.11 -18.03 -41.64
CA LEU E 502 40.48 -18.45 -41.38
C LEU E 502 41.43 -17.71 -42.32
N TYR E 503 42.71 -17.75 -41.97
CA TYR E 503 43.77 -17.15 -42.77
C TYR E 503 44.74 -18.23 -43.22
N THR E 504 45.13 -18.19 -44.50
CA THR E 504 46.13 -19.09 -45.05
C THR E 504 47.13 -18.30 -45.87
N ILE E 505 48.24 -18.93 -46.21
CA ILE E 505 49.26 -18.34 -47.06
C ILE E 505 49.61 -19.34 -48.16
N GLY E 506 49.62 -18.85 -49.40
CA GLY E 506 49.87 -19.75 -50.52
C GLY E 506 50.64 -19.08 -51.63
N LEU E 507 51.28 -19.92 -52.44
CA LEU E 507 52.07 -19.43 -53.57
C LEU E 507 51.15 -19.02 -54.71
N SER E 508 51.20 -17.74 -55.08
CA SER E 508 50.41 -17.25 -56.19
C SER E 508 50.86 -17.94 -57.49
N ASN E 509 50.09 -17.70 -58.55
CA ASN E 509 50.43 -18.28 -59.85
C ASN E 509 51.79 -17.78 -60.36
N LYS E 510 52.28 -16.66 -59.82
CA LYS E 510 53.63 -16.19 -60.10
C LYS E 510 54.65 -16.75 -59.13
N GLY E 511 54.22 -17.52 -58.12
CA GLY E 511 55.12 -18.15 -57.18
C GLY E 511 55.54 -17.29 -56.00
N MET E 512 54.96 -16.10 -55.83
CA MET E 512 55.34 -15.26 -54.70
C MET E 512 54.23 -15.32 -53.65
N PRO E 513 54.52 -15.85 -52.45
CA PRO E 513 53.45 -16.23 -51.52
C PRO E 513 52.67 -15.03 -51.00
N GLY E 514 51.39 -15.27 -50.71
CA GLY E 514 50.52 -14.21 -50.23
C GLY E 514 49.51 -14.74 -49.23
N LEU E 515 48.92 -13.82 -48.48
CA LEU E 515 47.99 -14.14 -47.40
C LEU E 515 46.55 -13.94 -47.86
N TYR E 516 45.73 -14.98 -47.71
CA TYR E 516 44.34 -14.98 -48.11
C TYR E 516 43.46 -15.32 -46.91
N ARG E 517 42.22 -14.82 -46.93
CA ARG E 517 41.28 -15.01 -45.82
C ARG E 517 40.04 -15.75 -46.31
N LEU E 518 39.97 -17.04 -45.99
CA LEU E 518 38.82 -17.86 -46.35
C LEU E 518 37.64 -17.50 -45.44
N GLU E 519 36.50 -17.22 -46.06
CA GLU E 519 35.33 -16.68 -45.37
C GLU E 519 34.13 -17.57 -45.72
N LEU E 520 33.66 -18.37 -44.77
CA LEU E 520 32.65 -19.37 -45.06
C LEU E 520 31.41 -19.16 -44.20
N GLN E 521 30.23 -19.34 -44.80
CA GLN E 521 28.96 -19.25 -44.10
C GLN E 521 28.14 -20.51 -44.38
N VAL E 522 27.31 -20.89 -43.43
CA VAL E 522 26.50 -22.11 -43.51
C VAL E 522 25.03 -21.74 -43.34
N THR E 523 24.18 -22.31 -44.20
CA THR E 523 22.73 -22.21 -44.06
C THR E 523 22.14 -23.61 -44.09
N LYS E 524 20.84 -23.69 -43.79
CA LYS E 524 20.13 -24.95 -43.96
C LYS E 524 19.89 -25.21 -45.44
N GLY E 525 20.20 -26.41 -45.90
CA GLY E 525 20.04 -26.72 -47.31
C GLY E 525 20.21 -28.19 -47.66
N SER E 526 20.60 -28.46 -48.90
CA SER E 526 20.68 -29.81 -49.43
C SER E 526 22.09 -30.17 -49.88
N GLY E 527 23.11 -29.71 -49.18
CA GLY E 527 24.48 -29.99 -49.55
C GLY E 527 25.02 -29.16 -50.70
N LYS E 528 24.30 -28.13 -51.12
CA LYS E 528 24.74 -27.28 -52.22
C LYS E 528 25.92 -26.41 -51.78
N LEU E 529 26.89 -26.26 -52.70
CA LEU E 529 28.09 -25.48 -52.45
C LEU E 529 28.11 -24.28 -53.38
N ALA E 530 28.17 -23.09 -52.79
CA ALA E 530 28.29 -21.84 -53.54
C ALA E 530 29.68 -21.25 -53.34
N THR E 531 30.33 -20.92 -54.43
CA THR E 531 31.71 -20.45 -54.40
C THR E 531 31.88 -19.21 -55.26
N SER E 532 32.79 -18.34 -54.84
CA SER E 532 33.12 -17.14 -55.59
C SER E 532 34.46 -16.61 -55.12
N GLY E 533 35.03 -15.71 -55.91
CA GLY E 533 36.27 -15.07 -55.53
C GLY E 533 37.51 -15.90 -55.77
N LEU E 534 37.35 -17.10 -56.34
CA LEU E 534 38.48 -17.96 -56.66
C LEU E 534 39.12 -17.61 -58.00
N TRP E 535 38.91 -16.39 -58.49
CA TRP E 535 39.51 -15.91 -59.73
C TRP E 535 39.11 -16.79 -60.91
N ASN E 536 37.91 -17.39 -60.83
CA ASN E 536 37.37 -18.31 -61.82
C ASN E 536 38.43 -19.29 -62.35
N SER E 537 39.31 -19.72 -61.46
CA SER E 537 40.43 -20.59 -61.82
C SER E 537 39.98 -22.05 -61.69
N SER E 538 40.27 -22.84 -62.72
CA SER E 538 39.91 -24.25 -62.72
C SER E 538 40.59 -24.99 -61.59
N SER E 539 41.86 -24.68 -61.34
CA SER E 539 42.59 -25.31 -60.24
C SER E 539 41.94 -25.01 -58.90
N ALA E 540 41.56 -23.75 -58.67
CA ALA E 540 40.95 -23.39 -57.40
C ALA E 540 39.62 -24.10 -57.21
N LYS E 541 38.77 -24.09 -58.24
CA LYS E 541 37.46 -24.72 -58.11
C LYS E 541 37.59 -26.23 -57.93
N GLU E 542 38.54 -26.86 -58.63
CA GLU E 542 38.70 -28.30 -58.48
C GLU E 542 39.24 -28.65 -57.09
N GLN E 543 40.14 -27.83 -56.55
CA GLN E 543 40.63 -28.08 -55.20
C GLN E 543 39.50 -27.92 -54.18
N VAL E 544 38.66 -26.91 -54.37
CA VAL E 544 37.52 -26.72 -53.47
C VAL E 544 36.57 -27.91 -53.56
N LYS E 545 36.32 -28.40 -54.78
CA LYS E 545 35.46 -29.56 -54.95
C LYS E 545 36.06 -30.79 -54.27
N ILE E 546 37.37 -30.98 -54.39
CA ILE E 546 38.02 -32.12 -53.75
C ILE E 546 37.89 -32.02 -52.24
N ALA E 547 38.09 -30.82 -51.71
CA ALA E 547 37.96 -30.62 -50.27
C ALA E 547 36.54 -30.88 -49.81
N PHE E 548 35.54 -30.43 -50.58
CA PHE E 548 34.15 -30.68 -50.22
C PHE E 548 33.81 -32.16 -50.26
N ASP E 549 34.34 -32.87 -51.26
CA ASP E 549 34.12 -34.31 -51.34
C ASP E 549 34.75 -35.03 -50.15
N TYR E 550 35.96 -34.62 -49.76
CA TYR E 550 36.60 -35.23 -48.60
C TYR E 550 35.86 -34.90 -47.32
N PHE E 551 35.30 -33.69 -47.24
CA PHE E 551 34.47 -33.31 -46.10
C PHE E 551 33.21 -34.17 -46.02
N LYS E 552 32.59 -34.44 -47.16
CA LYS E 552 31.44 -35.33 -47.18
C LYS E 552 31.83 -36.75 -46.76
N ALA E 553 32.97 -37.23 -47.25
CA ALA E 553 33.39 -38.59 -46.96
C ALA E 553 33.70 -38.79 -45.48
N ASN E 554 34.38 -37.84 -44.85
CA ASN E 554 34.85 -37.97 -43.49
C ASN E 554 34.03 -37.13 -42.50
N ALA E 555 32.74 -36.95 -42.76
CA ALA E 555 31.92 -36.13 -41.88
C ALA E 555 31.82 -36.72 -40.48
N SER E 556 31.70 -38.05 -40.39
CA SER E 556 31.56 -38.69 -39.08
C SER E 556 32.82 -38.53 -38.24
N ARG E 557 34.00 -38.62 -38.86
CA ARG E 557 35.26 -38.57 -38.11
C ARG E 557 35.58 -37.15 -37.65
N ILE E 558 34.91 -36.14 -38.19
CA ILE E 558 35.24 -34.75 -37.91
C ILE E 558 34.16 -34.07 -37.08
N SER E 559 32.89 -34.30 -37.40
CA SER E 559 31.78 -33.59 -36.78
C SER E 559 31.12 -34.38 -35.66
N GLY E 560 31.10 -35.70 -35.73
CA GLY E 560 30.50 -36.50 -34.67
C GLY E 560 28.98 -36.45 -34.64
N GLY E 561 28.35 -36.20 -35.78
CA GLY E 561 26.91 -36.24 -35.85
C GLY E 561 26.29 -35.19 -36.74
N SER E 562 27.03 -34.12 -37.04
CA SER E 562 26.53 -33.06 -37.90
C SER E 562 26.43 -33.56 -39.33
N LYS E 563 25.27 -33.34 -39.96
CA LYS E 563 24.98 -33.92 -41.27
C LYS E 563 25.25 -32.90 -42.35
N VAL E 564 26.14 -33.26 -43.30
CA VAL E 564 26.51 -32.34 -44.37
C VAL E 564 25.35 -32.12 -45.32
N MET E 565 24.58 -33.18 -45.60
CA MET E 565 23.51 -33.10 -46.57
C MET E 565 22.37 -32.18 -46.12
N GLU E 566 22.31 -31.83 -44.84
CA GLU E 566 21.28 -30.94 -44.32
C GLU E 566 21.72 -29.48 -44.28
N HIS E 567 22.90 -29.16 -44.79
CA HIS E 567 23.42 -27.80 -44.75
C HIS E 567 24.07 -27.45 -46.09
N ASP E 568 23.94 -26.17 -46.46
CA ASP E 568 24.60 -25.62 -47.64
C ASP E 568 25.67 -24.63 -47.21
N PHE E 569 26.78 -24.61 -47.95
CA PHE E 569 27.94 -23.80 -47.61
C PHE E 569 28.22 -22.79 -48.71
N HIS E 570 28.58 -21.58 -48.31
CA HIS E 570 28.98 -20.51 -49.24
C HIS E 570 30.35 -20.02 -48.83
N LEU E 571 31.31 -20.06 -49.76
CA LEU E 571 32.71 -19.78 -49.44
C LEU E 571 33.21 -18.61 -50.28
N HIS E 572 34.04 -17.77 -49.66
CA HIS E 572 34.70 -16.66 -50.34
C HIS E 572 36.20 -16.74 -50.10
N VAL E 573 36.97 -16.45 -51.15
CA VAL E 573 38.42 -16.59 -51.11
C VAL E 573 39.04 -15.34 -50.47
N VAL E 574 38.67 -14.17 -50.99
CA VAL E 574 39.14 -12.87 -50.49
C VAL E 574 40.66 -12.74 -50.59
N GLU E 575 41.13 -11.84 -51.46
CA GLU E 575 42.55 -11.58 -51.61
C GLU E 575 42.90 -10.25 -50.96
N LEU E 576 43.92 -10.26 -50.11
CA LEU E 576 44.23 -9.11 -49.27
C LEU E 576 45.55 -8.43 -49.62
N GLN E 577 46.40 -9.06 -50.45
CA GLN E 577 47.68 -8.48 -50.80
C GLN E 577 47.91 -8.33 -52.30
N ASN E 578 46.89 -8.57 -53.13
CA ASN E 578 47.01 -8.45 -54.58
C ASN E 578 48.10 -9.36 -55.14
N THR E 579 48.30 -10.51 -54.49
CA THR E 579 49.39 -11.40 -54.87
C THR E 579 49.08 -12.20 -56.14
N GLY E 580 47.82 -12.53 -56.38
CA GLY E 580 47.45 -13.28 -57.55
C GLY E 580 46.76 -14.58 -57.21
N PRO E 581 46.23 -15.26 -58.21
CA PRO E 581 45.48 -16.50 -57.94
C PRO E 581 46.34 -17.58 -57.32
N LEU E 582 45.72 -18.34 -56.42
CA LEU E 582 46.36 -19.46 -55.73
C LEU E 582 45.71 -20.76 -56.16
N SER E 583 46.53 -21.82 -56.30
CA SER E 583 46.03 -23.13 -56.67
C SER E 583 45.77 -24.01 -55.46
N HIS E 584 46.75 -24.10 -54.56
CA HIS E 584 46.66 -25.02 -53.42
C HIS E 584 45.74 -24.41 -52.36
N LEU E 585 44.50 -24.90 -52.32
CA LEU E 585 43.52 -24.41 -51.36
C LEU E 585 42.64 -25.50 -50.77
N ALA E 586 42.90 -26.78 -51.06
CA ALA E 586 42.00 -27.83 -50.63
C ALA E 586 41.98 -27.98 -49.11
N LEU E 587 43.14 -28.07 -48.49
CA LEU E 587 43.22 -28.26 -47.05
C LEU E 587 42.62 -27.09 -46.28
N PRO E 588 42.97 -25.82 -46.59
CA PRO E 588 42.30 -24.71 -45.90
C PRO E 588 40.81 -24.70 -46.15
N SER E 589 40.37 -25.11 -47.33
CA SER E 589 38.94 -25.19 -47.62
C SER E 589 38.27 -26.20 -46.72
N LEU E 590 38.89 -27.36 -46.54
CA LEU E 590 38.35 -28.39 -45.66
C LEU E 590 38.28 -27.90 -44.23
N VAL E 591 39.32 -27.19 -43.79
CA VAL E 591 39.34 -26.62 -42.45
C VAL E 591 38.18 -25.64 -42.33
N ALA E 592 37.93 -24.87 -43.39
CA ALA E 592 36.84 -23.90 -43.39
C ALA E 592 35.48 -24.58 -43.27
N PHE E 593 35.26 -25.66 -44.03
CA PHE E 593 34.00 -26.40 -43.91
C PHE E 593 33.83 -26.92 -42.50
N ALA E 594 34.89 -27.52 -41.94
CA ALA E 594 34.80 -28.11 -40.62
C ALA E 594 34.49 -27.05 -39.57
N SER E 595 35.12 -25.88 -39.67
CA SER E 595 34.87 -24.81 -38.72
C SER E 595 33.46 -24.27 -38.85
N GLY E 596 33.00 -24.03 -40.09
CA GLY E 596 31.69 -23.46 -40.28
C GLY E 596 30.56 -24.39 -39.86
N LEU E 597 30.66 -25.67 -40.25
CA LEU E 597 29.60 -26.61 -39.91
C LEU E 597 29.51 -26.83 -38.41
N LEU E 598 30.64 -26.95 -37.73
CA LEU E 598 30.65 -27.20 -36.29
C LEU E 598 30.45 -25.96 -35.46
N GLY E 599 30.59 -24.77 -36.03
CA GLY E 599 30.45 -23.56 -35.26
C GLY E 599 31.56 -23.34 -34.24
N ARG E 600 32.73 -23.92 -34.48
CA ARG E 600 33.87 -23.78 -33.58
C ARG E 600 34.89 -22.85 -34.22
N SER E 601 35.21 -21.76 -33.53
CA SER E 601 36.12 -20.77 -34.09
C SER E 601 37.55 -21.28 -34.09
N VAL E 602 38.27 -20.97 -35.17
CA VAL E 602 39.68 -21.35 -35.26
C VAL E 602 40.48 -20.53 -34.26
N GLN E 603 41.59 -21.10 -33.79
CA GLN E 603 42.47 -20.41 -32.86
C GLN E 603 42.98 -19.12 -33.49
N SER E 604 43.12 -18.08 -32.67
CA SER E 604 43.48 -16.77 -33.17
C SER E 604 44.89 -16.78 -33.76
N GLN E 605 45.04 -16.05 -34.87
CA GLN E 605 46.36 -15.82 -35.49
C GLN E 605 47.06 -17.14 -35.84
N MET E 606 46.31 -18.11 -36.33
CA MET E 606 46.89 -19.34 -36.83
C MET E 606 46.89 -19.35 -38.36
N VAL E 607 48.02 -19.74 -38.94
CA VAL E 607 48.15 -19.86 -40.39
C VAL E 607 48.32 -21.34 -40.72
N VAL E 608 47.42 -21.86 -41.56
CA VAL E 608 47.43 -23.26 -41.96
C VAL E 608 48.11 -23.35 -43.32
N LEU E 609 49.19 -24.12 -43.39
CA LEU E 609 49.93 -24.32 -44.62
C LEU E 609 49.88 -25.78 -45.05
N GLY E 610 50.15 -25.99 -46.33
CA GLY E 610 50.09 -27.31 -46.92
C GLY E 610 48.80 -27.55 -47.68
N ASP E 611 48.82 -28.59 -48.50
CA ASP E 611 47.67 -28.97 -49.31
C ASP E 611 47.42 -30.47 -49.12
N MET E 612 46.25 -30.92 -49.56
CA MET E 612 45.83 -32.29 -49.35
C MET E 612 45.25 -32.86 -50.63
N SER E 613 45.31 -34.18 -50.77
CA SER E 613 44.78 -34.88 -51.92
C SER E 613 43.49 -35.60 -51.55
N LEU E 614 42.75 -36.02 -52.57
CA LEU E 614 41.45 -36.65 -52.35
C LEU E 614 41.57 -37.90 -51.48
N GLY E 615 42.68 -38.60 -51.57
CA GLY E 615 42.90 -39.76 -50.72
C GLY E 615 43.35 -39.45 -49.31
N GLY E 616 43.53 -38.18 -48.99
CA GLY E 616 43.99 -37.78 -47.67
C GLY E 616 45.47 -37.61 -47.53
N SER E 617 46.23 -37.63 -48.62
CA SER E 617 47.67 -37.45 -48.56
C SER E 617 48.00 -35.96 -48.41
N VAL E 618 48.83 -35.66 -47.41
CA VAL E 618 49.22 -34.30 -47.09
C VAL E 618 50.49 -33.96 -47.86
N THR E 619 50.51 -32.77 -48.47
CA THR E 619 51.67 -32.38 -49.27
C THR E 619 52.54 -31.39 -48.52
N PRO E 620 53.85 -31.45 -48.72
CA PRO E 620 54.74 -30.50 -48.03
C PRO E 620 54.55 -29.08 -48.53
N VAL E 621 54.85 -28.13 -47.66
CA VAL E 621 54.67 -26.71 -47.99
C VAL E 621 55.85 -26.24 -48.82
N GLU E 622 55.56 -25.68 -50.00
CA GLU E 622 56.61 -25.09 -50.82
C GLU E 622 56.98 -23.72 -50.31
N SER E 623 58.28 -23.44 -50.28
CA SER E 623 58.82 -22.16 -49.81
C SER E 623 58.32 -21.84 -48.41
N ILE E 624 58.59 -22.76 -47.48
CA ILE E 624 58.07 -22.62 -46.12
C ILE E 624 58.64 -21.38 -45.44
N ALA E 625 59.91 -21.07 -45.69
CA ALA E 625 60.54 -19.92 -45.04
C ALA E 625 59.89 -18.61 -45.48
N GLU E 626 59.67 -18.44 -46.78
CA GLU E 626 59.04 -17.20 -47.26
C GLU E 626 57.62 -17.05 -46.73
N CYS E 627 56.87 -18.15 -46.70
CA CYS E 627 55.54 -18.10 -46.11
C CYS E 627 55.62 -17.74 -44.63
N LEU E 628 56.67 -18.18 -43.95
CA LEU E 628 56.83 -17.84 -42.54
C LEU E 628 57.13 -16.35 -42.35
N GLN E 629 57.99 -15.78 -43.21
CA GLN E 629 58.22 -14.34 -43.12
C GLN E 629 56.94 -13.56 -43.44
N VAL E 630 56.16 -14.06 -44.40
CA VAL E 630 54.87 -13.43 -44.70
C VAL E 630 53.95 -13.47 -43.49
N ALA E 631 53.91 -14.64 -42.82
CA ALA E 631 53.07 -14.77 -41.63
C ALA E 631 53.52 -13.82 -40.53
N PHE E 632 54.84 -13.69 -40.34
CA PHE E 632 55.34 -12.75 -39.35
C PHE E 632 54.96 -11.32 -39.69
N ASP E 633 55.05 -10.97 -40.99
CA ASP E 633 54.64 -9.64 -41.42
C ASP E 633 53.13 -9.46 -41.29
N ALA E 634 52.38 -10.55 -41.40
CA ALA E 634 50.93 -10.50 -41.31
C ALA E 634 50.42 -10.44 -39.87
N GLY E 635 51.30 -10.58 -38.88
CA GLY E 635 50.89 -10.62 -37.50
C GLY E 635 50.51 -11.98 -36.99
N ALA E 636 50.95 -13.05 -37.65
CA ALA E 636 50.58 -14.40 -37.25
C ALA E 636 51.29 -14.81 -35.97
N LYS E 637 50.63 -15.64 -35.17
CA LYS E 637 51.19 -16.16 -33.93
C LYS E 637 51.18 -17.68 -33.84
N LYS E 638 50.34 -18.37 -34.62
CA LYS E 638 50.27 -19.82 -34.61
C LYS E 638 50.47 -20.33 -36.03
N VAL E 639 51.08 -21.51 -36.15
CA VAL E 639 51.35 -22.13 -37.44
C VAL E 639 50.98 -23.61 -37.35
N ALA E 640 50.29 -24.11 -38.37
CA ALA E 640 49.95 -25.51 -38.49
C ALA E 640 50.79 -26.12 -39.61
N LEU E 641 51.47 -27.22 -39.33
CA LEU E 641 52.42 -27.76 -40.28
C LEU E 641 52.24 -29.26 -40.47
N PRO E 642 52.44 -29.76 -41.70
CA PRO E 642 52.43 -31.22 -41.90
C PRO E 642 53.76 -31.84 -41.48
N MET E 643 53.74 -33.16 -41.28
CA MET E 643 54.96 -33.84 -40.83
C MET E 643 56.06 -33.77 -41.87
N SER E 644 55.71 -33.87 -43.16
CA SER E 644 56.72 -33.87 -44.22
C SER E 644 57.47 -32.56 -44.30
N SER E 645 56.87 -31.46 -43.84
CA SER E 645 57.55 -30.17 -43.78
C SER E 645 58.56 -30.09 -42.65
N ALA E 646 58.57 -31.08 -41.75
CA ALA E 646 59.55 -31.09 -40.66
C ALA E 646 60.97 -31.19 -41.18
N ALA E 647 61.17 -31.89 -42.29
CA ALA E 647 62.49 -31.94 -42.91
C ALA E 647 62.94 -30.56 -43.38
N ASP E 648 62.00 -29.65 -43.58
CA ASP E 648 62.30 -28.26 -43.93
C ASP E 648 62.55 -27.39 -42.71
N ILE E 649 62.39 -27.93 -41.50
CA ILE E 649 62.67 -27.14 -40.30
C ILE E 649 64.10 -26.65 -40.26
N PRO E 650 65.13 -27.45 -40.56
CA PRO E 650 66.50 -26.92 -40.52
C PRO E 650 66.73 -25.75 -41.48
N THR E 651 65.98 -25.67 -42.57
CA THR E 651 66.13 -24.56 -43.50
C THR E 651 65.57 -23.24 -42.98
N ILE E 652 64.84 -23.26 -41.87
CA ILE E 652 64.21 -22.06 -41.32
C ILE E 652 65.17 -21.33 -40.40
N PRO E 653 65.26 -20.01 -40.47
CA PRO E 653 66.03 -19.27 -39.46
C PRO E 653 65.45 -19.47 -38.07
N VAL E 654 66.34 -19.50 -37.08
CA VAL E 654 65.92 -19.81 -35.71
C VAL E 654 65.04 -18.70 -35.15
N GLU E 655 65.44 -17.44 -35.36
CA GLU E 655 64.72 -16.33 -34.75
C GLU E 655 63.28 -16.24 -35.26
N LEU E 656 63.07 -16.45 -36.56
CA LEU E 656 61.72 -16.42 -37.11
C LEU E 656 60.87 -17.57 -36.57
N PHE E 657 61.47 -18.76 -36.48
CA PHE E 657 60.72 -19.93 -36.03
C PHE E 657 60.38 -19.84 -34.55
N THR E 658 61.19 -19.09 -33.78
CA THR E 658 60.90 -18.94 -32.36
C THR E 658 59.68 -18.07 -32.09
N LYS E 659 59.16 -17.36 -33.09
CA LYS E 659 58.04 -16.45 -32.88
C LYS E 659 56.67 -17.12 -33.03
N PHE E 660 56.62 -18.36 -33.51
CA PHE E 660 55.36 -19.01 -33.85
C PHE E 660 55.13 -20.24 -32.97
N GLN E 661 53.89 -20.40 -32.54
CA GLN E 661 53.48 -21.60 -31.79
C GLN E 661 53.15 -22.70 -32.78
N THR E 662 54.03 -23.70 -32.88
CA THR E 662 53.92 -24.75 -33.88
C THR E 662 52.83 -25.75 -33.49
N SER E 663 52.12 -26.23 -34.50
CA SER E 663 50.99 -27.13 -34.29
C SER E 663 51.01 -28.28 -35.28
N PHE E 664 52.14 -28.99 -35.38
CA PHE E 664 52.29 -30.08 -36.34
C PHE E 664 51.10 -31.03 -36.32
N TYR E 665 50.33 -31.03 -37.40
CA TYR E 665 49.15 -31.89 -37.52
C TYR E 665 49.47 -33.20 -38.23
N ALA E 666 48.43 -33.89 -38.67
CA ALA E 666 48.54 -35.18 -39.36
C ALA E 666 47.46 -35.24 -40.42
N ASP E 667 47.10 -36.46 -40.84
CA ASP E 667 46.05 -36.71 -41.82
C ASP E 667 44.88 -35.74 -41.63
N PRO E 668 44.29 -35.22 -42.71
CA PRO E 668 43.40 -34.05 -42.65
C PRO E 668 42.45 -34.00 -41.46
N VAL E 669 42.02 -35.16 -40.95
CA VAL E 669 41.19 -35.17 -39.76
C VAL E 669 41.95 -34.57 -38.58
N ASP E 670 43.21 -34.96 -38.41
CA ASP E 670 44.01 -34.37 -37.33
C ASP E 670 44.32 -32.91 -37.62
N ALA E 671 44.43 -32.54 -38.89
CA ALA E 671 44.59 -31.13 -39.23
C ALA E 671 43.39 -30.32 -38.76
N VAL E 672 42.19 -30.85 -38.96
CA VAL E 672 40.98 -30.20 -38.46
C VAL E 672 41.01 -30.13 -36.94
N PHE E 673 41.39 -31.22 -36.28
CA PHE E 673 41.40 -31.24 -34.83
C PHE E 673 42.38 -30.23 -34.26
N LYS E 674 43.54 -30.08 -34.90
CA LYS E 674 44.49 -29.03 -34.52
C LYS E 674 43.90 -27.64 -34.77
N GLY E 675 43.26 -27.44 -35.92
CA GLY E 675 42.74 -26.14 -36.25
C GLY E 675 41.66 -25.67 -35.30
N LEU E 676 40.76 -26.57 -34.90
CA LEU E 676 39.66 -26.23 -34.01
C LEU E 676 40.11 -25.93 -32.59
N GLY E 677 41.34 -26.27 -32.23
CA GLY E 677 41.84 -26.06 -30.89
C GLY E 677 41.30 -27.07 -29.89
N SER F 3 41.33 73.76 -24.47
CA SER F 3 41.11 74.60 -25.65
C SER F 3 42.28 74.50 -26.62
N ALA F 4 42.81 75.65 -27.03
CA ALA F 4 43.93 75.74 -27.95
C ALA F 4 43.60 75.06 -29.29
N ASN F 5 44.00 73.80 -29.44
CA ASN F 5 43.76 73.08 -30.69
C ASN F 5 42.27 72.92 -30.97
N ASP F 6 41.45 72.96 -29.93
CA ASP F 6 40.00 72.82 -30.07
C ASP F 6 39.43 73.94 -30.94
N LYS F 7 39.89 75.16 -30.72
CA LYS F 7 39.43 76.29 -31.50
C LYS F 7 39.81 76.14 -32.97
N GLU F 8 41.03 75.70 -33.22
CA GLU F 8 41.48 75.46 -34.59
C GLU F 8 40.64 74.37 -35.25
N LEU F 9 40.36 73.31 -34.51
CA LEU F 9 39.52 72.22 -35.03
C LEU F 9 38.14 72.73 -35.37
N ASP F 10 37.55 73.55 -34.50
CA ASP F 10 36.21 74.07 -34.75
C ASP F 10 36.21 74.99 -35.96
N GLN F 11 37.23 75.83 -36.10
CA GLN F 11 37.31 76.71 -37.26
C GLN F 11 37.47 75.92 -38.54
N LEU F 12 38.27 74.86 -38.50
CA LEU F 12 38.41 74.00 -39.68
C LEU F 12 37.09 73.32 -40.02
N LEU F 13 36.37 72.83 -39.02
CA LEU F 13 35.08 72.21 -39.27
C LEU F 13 34.11 73.22 -39.89
N ASN F 14 34.15 74.47 -39.42
CA ASN F 14 33.30 75.49 -40.02
C ASN F 14 33.70 75.78 -41.45
N GLU F 15 35.00 75.70 -41.76
CA GLU F 15 35.47 76.09 -43.09
C GLU F 15 35.07 75.06 -44.13
N HIS F 16 35.54 73.83 -43.98
CA HIS F 16 35.44 72.81 -45.02
C HIS F 16 34.18 71.97 -44.88
N PHE F 17 33.35 72.29 -43.89
CA PHE F 17 32.12 71.54 -43.69
C PHE F 17 30.99 72.49 -43.37
N ALA F 18 30.93 73.62 -44.08
CA ALA F 18 30.01 74.69 -43.73
C ALA F 18 28.56 74.24 -43.85
N GLY F 19 27.75 74.68 -42.90
CA GLY F 19 26.34 74.35 -42.90
C GLY F 19 26.08 72.90 -42.53
N ARG F 20 27.11 72.21 -42.05
CA ARG F 20 27.00 70.80 -41.72
C ARG F 20 27.73 70.49 -40.41
N VAL F 21 27.78 71.45 -39.49
CA VAL F 21 28.42 71.27 -38.20
C VAL F 21 27.53 71.87 -37.12
N VAL F 22 27.41 71.18 -35.99
CA VAL F 22 26.46 71.56 -34.94
C VAL F 22 27.12 71.38 -33.59
N ARG F 23 26.88 72.32 -32.66
CA ARG F 23 27.25 72.08 -31.26
C ARG F 23 26.40 70.96 -30.71
N LYS F 24 27.01 69.88 -30.26
CA LYS F 24 26.20 68.78 -29.74
C LYS F 24 25.77 69.01 -28.31
N ASP F 25 25.29 70.21 -28.00
CA ASP F 25 24.67 70.54 -26.73
C ASP F 25 23.29 71.12 -26.92
N LEU F 26 23.12 71.99 -27.92
CA LEU F 26 21.84 72.64 -28.18
C LEU F 26 20.78 71.62 -28.60
N THR F 27 21.22 70.57 -29.29
CA THR F 27 20.33 69.55 -29.79
C THR F 27 19.55 68.90 -28.66
N LYS F 28 20.24 68.55 -27.58
CA LYS F 28 19.57 68.04 -26.39
C LYS F 28 18.68 69.11 -25.78
N LEU F 29 19.11 70.36 -25.89
CA LEU F 29 18.41 71.49 -25.29
C LEU F 29 17.05 71.69 -25.94
N ILE F 30 16.90 71.29 -27.20
CA ILE F 30 15.63 71.38 -27.93
C ILE F 30 14.86 70.08 -27.87
N LYS F 31 15.51 68.96 -28.17
CA LYS F 31 14.86 67.69 -28.49
C LYS F 31 13.71 67.36 -27.56
N GLU F 32 14.01 67.15 -26.29
CA GLU F 32 13.03 66.94 -25.23
C GLU F 32 11.87 66.07 -25.69
N GLY F 33 10.73 66.70 -25.94
CA GLY F 33 9.66 66.08 -26.68
C GLY F 33 9.19 67.05 -27.75
N ALA F 34 9.48 66.73 -29.00
CA ALA F 34 9.17 67.60 -30.12
C ALA F 34 8.67 66.75 -31.28
N ASN F 35 7.86 67.37 -32.12
CA ASN F 35 7.13 66.66 -33.16
C ASN F 35 8.06 66.15 -34.25
N VAL F 36 8.96 67.00 -34.72
CA VAL F 36 9.96 66.62 -35.71
C VAL F 36 11.03 65.77 -35.05
N PRO F 37 11.74 64.91 -35.78
CA PRO F 37 12.79 64.11 -35.17
C PRO F 37 14.06 64.91 -34.94
N VAL F 38 15.10 64.19 -34.48
CA VAL F 38 16.36 64.81 -34.08
C VAL F 38 17.02 65.50 -35.27
N TYR F 39 16.95 64.87 -36.43
CA TYR F 39 17.68 65.31 -37.62
C TYR F 39 17.27 66.72 -38.01
N VAL F 40 15.98 67.01 -37.92
CA VAL F 40 15.43 68.31 -38.25
C VAL F 40 16.02 69.38 -37.35
N LEU F 41 16.08 69.10 -36.05
CA LEU F 41 16.66 70.03 -35.09
C LEU F 41 18.12 70.26 -35.40
N GLU F 42 18.85 69.18 -35.68
CA GLU F 42 20.26 69.29 -36.03
C GLU F 42 20.47 70.22 -37.21
N TYR F 43 19.75 69.98 -38.31
CA TYR F 43 19.93 70.78 -39.51
C TYR F 43 19.53 72.23 -39.28
N LEU F 44 18.41 72.46 -38.60
CA LEU F 44 17.97 73.82 -38.36
C LEU F 44 19.00 74.59 -37.55
N LEU F 45 19.51 73.98 -36.47
CA LEU F 45 20.50 74.66 -35.66
C LEU F 45 21.79 74.88 -36.42
N GLY F 46 22.18 73.93 -37.25
CA GLY F 46 23.37 74.08 -38.05
C GLY F 46 23.25 75.20 -39.05
N MET F 47 22.02 75.48 -39.47
CA MET F 47 21.79 76.57 -40.42
C MET F 47 22.01 77.93 -39.78
N TYR F 48 21.30 78.23 -38.70
CA TYR F 48 21.30 79.58 -38.12
C TYR F 48 22.61 79.97 -37.44
N CYS F 49 23.16 79.09 -36.60
CA CYS F 49 24.15 79.48 -35.60
C CYS F 49 25.31 80.29 -36.16
N ALA F 50 26.15 79.66 -36.99
CA ALA F 50 27.27 80.31 -37.67
C ALA F 50 27.99 81.33 -36.78
N SER F 51 28.15 80.99 -35.51
CA SER F 51 28.69 81.95 -34.54
C SER F 51 29.04 81.31 -33.21
N ASP F 52 29.35 82.14 -32.21
CA ASP F 52 29.72 81.66 -30.88
C ASP F 52 29.12 82.50 -29.76
N ASP F 53 28.59 83.67 -30.08
CA ASP F 53 28.10 84.60 -29.06
C ASP F 53 26.81 84.10 -28.42
N PRO F 54 26.67 84.17 -27.08
CA PRO F 54 25.46 83.63 -26.44
C PRO F 54 24.15 84.27 -26.88
N GLU F 55 24.16 85.58 -27.17
CA GLU F 55 22.94 86.24 -27.63
C GLU F 55 22.50 85.69 -28.98
N ILE F 56 23.45 85.48 -29.89
CA ILE F 56 23.11 84.90 -31.19
C ILE F 56 22.65 83.46 -31.03
N ILE F 57 23.24 82.74 -30.07
CA ILE F 57 22.84 81.38 -29.77
C ILE F 57 21.38 81.37 -29.37
N GLU F 58 21.00 82.23 -28.43
CA GLU F 58 19.62 82.28 -27.96
C GLU F 58 18.67 82.71 -29.06
N GLN F 59 19.08 83.68 -29.88
CA GLN F 59 18.20 84.13 -30.95
C GLN F 59 17.95 83.03 -31.98
N GLY F 60 19.01 82.31 -32.37
CA GLY F 60 18.80 81.20 -33.30
C GLY F 60 17.97 80.10 -32.70
N LEU F 61 18.18 79.80 -31.42
CA LEU F 61 17.39 78.81 -30.73
C LEU F 61 15.91 79.18 -30.76
N ARG F 62 15.62 80.45 -30.47
CA ARG F 62 14.23 80.90 -30.44
C ARG F 62 13.62 80.91 -31.85
N ASN F 63 14.43 81.24 -32.86
CA ASN F 63 13.92 81.21 -34.23
C ASN F 63 13.54 79.79 -34.63
N VAL F 64 14.38 78.81 -34.28
CA VAL F 64 14.04 77.42 -34.55
C VAL F 64 12.75 77.04 -33.84
N LYS F 65 12.63 77.41 -32.57
CA LYS F 65 11.41 77.07 -31.83
C LYS F 65 10.18 77.69 -32.48
N THR F 66 10.29 78.93 -32.94
CA THR F 66 9.16 79.59 -33.59
C THR F 66 8.80 78.88 -34.90
N VAL F 67 9.80 78.50 -35.68
CA VAL F 67 9.53 77.85 -36.96
C VAL F 67 8.85 76.50 -36.75
N LEU F 68 9.35 75.71 -35.80
CA LEU F 68 8.74 74.40 -35.58
C LEU F 68 7.33 74.52 -35.00
N ALA F 69 7.08 75.57 -34.21
CA ALA F 69 5.73 75.86 -33.76
C ALA F 69 4.98 76.54 -34.90
N GLU F 70 3.84 77.15 -34.60
CA GLU F 70 3.03 77.79 -35.63
C GLU F 70 2.70 76.79 -36.71
N ASN F 71 3.33 76.94 -37.88
CA ASN F 71 3.06 76.07 -39.02
C ASN F 71 3.70 74.70 -38.86
N TYR F 72 2.99 73.78 -38.20
CA TYR F 72 3.47 72.41 -38.13
C TYR F 72 2.42 71.43 -38.62
N VAL F 73 1.14 71.72 -38.33
CA VAL F 73 -0.07 70.92 -38.58
C VAL F 73 0.06 69.49 -38.06
N ARG F 74 -1.04 68.99 -37.50
CA ARG F 74 -1.21 67.68 -36.93
C ARG F 74 -2.03 66.83 -37.89
N PRO F 75 -1.90 65.50 -37.86
CA PRO F 75 -2.65 64.66 -38.80
C PRO F 75 -4.13 65.00 -38.92
N ASP F 76 -4.81 65.17 -37.79
CA ASP F 76 -6.25 65.41 -37.82
C ASP F 76 -6.58 66.77 -38.43
N GLU F 77 -5.63 67.71 -38.38
CA GLU F 77 -5.85 69.01 -38.98
C GLU F 77 -5.68 68.96 -40.49
N ALA F 78 -5.35 67.78 -41.02
CA ALA F 78 -5.09 67.65 -42.46
C ALA F 78 -6.19 68.29 -43.28
N GLU F 79 -7.42 67.79 -43.16
CA GLU F 79 -8.52 68.36 -43.93
C GLU F 79 -8.60 69.87 -43.71
N LYS F 80 -8.46 70.30 -42.47
CA LYS F 80 -8.51 71.73 -42.17
C LYS F 80 -7.53 72.51 -43.03
N VAL F 81 -6.26 72.09 -43.04
CA VAL F 81 -5.29 72.88 -43.78
C VAL F 81 -5.58 72.85 -45.27
N LYS F 82 -6.15 71.73 -45.77
CA LYS F 82 -6.50 71.69 -47.17
C LYS F 82 -7.44 72.82 -47.52
N SER F 83 -8.46 73.06 -46.69
CA SER F 83 -9.39 74.14 -46.98
C SER F 83 -8.68 75.48 -46.98
N LEU F 84 -7.70 75.66 -46.10
CA LEU F 84 -7.00 76.93 -46.06
C LEU F 84 -6.22 77.17 -47.33
N VAL F 85 -5.77 76.10 -47.98
CA VAL F 85 -5.10 76.25 -49.27
C VAL F 85 -6.09 76.74 -50.31
N ARG F 86 -7.34 76.28 -50.21
CA ARG F 86 -8.35 76.62 -51.19
C ARG F 86 -8.82 78.05 -51.04
N GLU F 87 -9.02 78.49 -49.79
CA GLU F 87 -9.57 79.83 -49.55
C GLU F 87 -8.53 80.92 -49.79
N ARG F 88 -7.30 80.70 -49.36
CA ARG F 88 -6.27 81.73 -49.44
C ARG F 88 -5.43 81.64 -50.69
N GLY F 89 -5.36 80.48 -51.33
CA GLY F 89 -4.56 80.33 -52.52
C GLY F 89 -3.20 79.71 -52.26
N SER F 90 -2.63 79.98 -51.08
CA SER F 90 -1.32 79.43 -50.75
C SER F 90 -1.18 79.36 -49.24
N TYR F 91 -0.56 78.29 -48.76
CA TYR F 91 -0.41 78.10 -47.33
C TYR F 91 0.85 77.30 -47.03
N LYS F 92 1.51 77.64 -45.93
CA LYS F 92 2.82 77.08 -45.59
C LYS F 92 2.69 76.01 -44.53
N VAL F 93 3.30 74.85 -44.79
CA VAL F 93 3.10 73.65 -43.99
C VAL F 93 4.43 72.92 -43.80
N ILE F 94 4.63 72.39 -42.60
CA ILE F 94 5.79 71.53 -42.32
C ILE F 94 5.31 70.08 -42.40
N ASP F 95 5.93 69.31 -43.29
CA ASP F 95 5.56 67.92 -43.46
C ASP F 95 6.67 67.17 -44.17
N ARG F 96 6.54 65.85 -44.19
CA ARG F 96 7.53 64.96 -44.79
C ARG F 96 7.12 64.63 -46.21
N VAL F 97 7.88 65.11 -47.19
CA VAL F 97 7.54 65.01 -48.60
C VAL F 97 8.37 63.91 -49.23
N THR F 98 7.71 63.05 -50.02
CA THR F 98 8.37 62.03 -50.83
C THR F 98 7.95 62.20 -52.29
N VAL F 99 8.93 62.24 -53.19
CA VAL F 99 8.68 62.56 -54.59
C VAL F 99 8.90 61.32 -55.44
N LYS F 100 7.98 61.10 -56.38
CA LYS F 100 8.08 60.01 -57.33
C LYS F 100 7.82 60.53 -58.74
N LEU F 101 8.16 59.70 -59.72
CA LEU F 101 7.94 60.05 -61.11
C LEU F 101 6.77 59.24 -61.67
N ASN F 102 5.72 59.92 -62.10
CA ASN F 102 4.62 59.28 -62.81
C ASN F 102 5.02 59.23 -64.27
N GLU F 103 5.37 58.03 -64.73
CA GLU F 103 5.81 57.83 -66.11
C GLU F 103 4.66 57.96 -67.08
N ARG F 104 3.47 57.50 -66.69
CA ARG F 104 2.32 57.54 -67.60
C ARG F 104 1.95 58.97 -67.96
N LYS F 105 1.99 59.89 -67.01
CA LYS F 105 1.76 61.30 -67.27
C LYS F 105 3.06 62.08 -67.46
N ASP F 106 4.20 61.49 -67.14
CA ASP F 106 5.49 62.15 -67.22
C ASP F 106 5.53 63.41 -66.37
N LYS F 107 5.38 63.23 -65.06
CA LYS F 107 5.47 64.39 -64.16
C LYS F 107 5.79 63.92 -62.76
N TYR F 108 6.26 64.85 -61.94
CA TYR F 108 6.67 64.52 -60.58
C TYR F 108 5.55 64.74 -59.59
N GLU F 109 5.29 63.72 -58.78
CA GLU F 109 4.22 63.73 -57.79
C GLU F 109 4.83 63.67 -56.40
N ALA F 110 4.47 64.62 -55.55
CA ALA F 110 4.91 64.65 -54.17
C ALA F 110 3.79 64.16 -53.27
N SER F 111 4.17 63.42 -52.24
CA SER F 111 3.24 62.84 -51.27
C SER F 111 3.63 63.33 -49.89
N PHE F 112 2.63 63.79 -49.14
CA PHE F 112 2.82 64.30 -47.79
C PHE F 112 2.33 63.23 -46.81
N SER F 113 3.13 62.94 -45.78
CA SER F 113 2.75 61.90 -44.84
C SER F 113 1.55 62.31 -44.00
N ASN F 114 1.60 63.51 -43.41
CA ASN F 114 0.55 63.91 -42.49
C ASN F 114 -0.66 64.47 -43.22
N LEU F 115 -0.44 65.25 -44.27
CA LEU F 115 -1.52 65.82 -45.05
C LEU F 115 -2.42 64.77 -45.67
N GLY F 116 -1.90 63.58 -45.97
CA GLY F 116 -2.69 62.64 -46.71
C GLY F 116 -2.74 62.90 -48.19
N ILE F 117 -2.18 64.01 -48.65
CA ILE F 117 -2.07 64.26 -50.08
C ILE F 117 -1.10 63.25 -50.67
N LYS F 118 -1.50 62.61 -51.76
CA LYS F 118 -0.69 61.56 -52.36
C LYS F 118 -0.17 61.90 -53.75
N ASP F 119 -0.74 62.88 -54.43
CA ASP F 119 -0.35 63.15 -55.81
C ASP F 119 -0.17 64.62 -56.11
N ALA F 120 0.36 65.42 -55.18
CA ALA F 120 0.49 66.84 -55.45
C ALA F 120 1.56 67.08 -56.50
N GLU F 121 1.18 67.67 -57.63
CA GLU F 121 2.15 67.88 -58.69
C GLU F 121 3.23 68.83 -58.21
N ILE F 122 4.48 68.55 -58.58
CA ILE F 122 5.61 69.38 -58.18
C ILE F 122 6.47 69.67 -59.41
N SER F 123 7.00 70.88 -59.49
CA SER F 123 7.75 71.29 -60.65
C SER F 123 9.07 70.53 -60.74
N ALA F 124 9.62 70.47 -61.96
CA ALA F 124 10.83 69.69 -62.18
C ALA F 124 12.05 70.30 -61.53
N GLY F 125 12.14 71.64 -61.50
CA GLY F 125 13.32 72.28 -60.93
C GLY F 125 13.48 71.98 -59.45
N ILE F 126 12.37 72.00 -58.71
CA ILE F 126 12.45 71.78 -57.27
C ILE F 126 12.98 70.39 -56.97
N VAL F 127 12.45 69.37 -57.63
CA VAL F 127 12.92 68.00 -57.37
C VAL F 127 14.33 67.80 -57.91
N LYS F 128 14.67 68.50 -58.99
CA LYS F 128 16.02 68.40 -59.53
C LYS F 128 17.03 68.98 -58.56
N GLU F 129 16.64 69.99 -57.79
CA GLU F 129 17.61 70.67 -56.93
C GLU F 129 17.92 69.87 -55.67
N TYR F 130 16.96 69.10 -55.16
CA TYR F 130 17.11 68.35 -53.90
C TYR F 130 16.84 66.87 -54.19
N GLU F 131 17.89 66.06 -54.29
CA GLU F 131 17.71 64.68 -54.72
C GLU F 131 17.24 63.77 -53.59
N LYS F 132 17.48 64.15 -52.33
CA LYS F 132 17.03 63.29 -51.24
C LYS F 132 15.52 63.16 -51.17
N LEU F 133 14.78 64.05 -51.85
CA LEU F 133 13.34 63.87 -51.95
C LEU F 133 13.01 62.53 -52.58
N LEU F 134 13.82 62.08 -53.53
CA LEU F 134 13.51 60.91 -54.32
C LEU F 134 13.87 59.60 -53.62
N VAL F 135 14.71 59.65 -52.59
CA VAL F 135 15.18 58.45 -51.94
C VAL F 135 14.26 57.98 -50.82
N GLY F 136 14.03 58.80 -49.80
CA GLY F 136 13.17 58.40 -48.70
C GLY F 136 12.23 59.49 -48.24
N GLY F 137 12.30 60.66 -48.87
CA GLY F 137 11.47 61.78 -48.45
C GLY F 137 12.09 62.51 -47.28
N ILE F 138 12.00 63.83 -47.28
CA ILE F 138 12.67 64.65 -46.27
C ILE F 138 11.67 65.65 -45.71
N TRP F 139 11.80 65.97 -44.42
CA TRP F 139 10.96 67.00 -43.83
C TRP F 139 11.26 68.34 -44.47
N VAL F 140 10.22 69.02 -44.94
CA VAL F 140 10.40 70.26 -45.68
C VAL F 140 9.33 71.25 -45.26
N ILE F 141 9.60 72.53 -45.49
CA ILE F 141 8.59 73.57 -45.39
C ILE F 141 8.07 73.85 -46.80
N ALA F 142 6.79 73.55 -47.03
CA ALA F 142 6.20 73.59 -48.36
C ALA F 142 5.13 74.66 -48.41
N THR F 143 5.09 75.40 -49.51
CA THR F 143 4.03 76.38 -49.73
C THR F 143 3.03 75.82 -50.72
N LEU F 144 2.02 75.11 -50.20
CA LEU F 144 1.01 74.48 -51.04
C LEU F 144 0.15 75.53 -51.72
N SER F 145 -0.22 75.23 -52.97
CA SER F 145 -1.09 76.07 -53.78
C SER F 145 -2.15 75.21 -54.45
N TYR F 146 -3.29 75.83 -54.75
CA TYR F 146 -4.47 75.13 -55.23
C TYR F 146 -4.92 75.73 -56.55
N TYR F 147 -5.12 74.87 -57.54
CA TYR F 147 -5.70 75.28 -58.82
C TYR F 147 -6.59 74.16 -59.31
N PHE F 148 -7.82 74.52 -59.70
CA PHE F 148 -8.83 73.53 -60.07
C PHE F 148 -9.38 73.87 -61.45
N GLU F 149 -9.34 72.90 -62.35
CA GLU F 149 -9.98 73.02 -63.66
C GLU F 149 -10.97 71.89 -63.84
N GLU F 150 -12.17 72.24 -64.31
CA GLU F 150 -13.27 71.27 -64.36
C GLU F 150 -12.90 70.06 -65.20
N GLY F 151 -13.16 68.87 -64.65
CA GLY F 151 -12.96 67.63 -65.36
C GLY F 151 -11.54 67.12 -65.41
N GLN F 152 -10.59 67.85 -64.81
CA GLN F 152 -9.20 67.44 -64.85
C GLN F 152 -9.01 66.14 -64.06
N THR F 153 -7.98 65.38 -64.43
CA THR F 153 -7.66 64.13 -63.75
C THR F 153 -6.49 64.26 -62.79
N SER F 154 -5.65 65.27 -62.96
CA SER F 154 -4.53 65.47 -62.05
C SER F 154 -5.01 66.07 -60.73
N SER F 155 -4.26 65.80 -59.67
CA SER F 155 -4.61 66.36 -58.37
C SER F 155 -4.48 67.87 -58.41
N PRO F 156 -5.43 68.61 -57.81
CA PRO F 156 -5.41 70.07 -57.94
C PRO F 156 -4.33 70.76 -57.12
N PHE F 157 -3.91 70.18 -56.00
CA PHE F 157 -2.93 70.83 -55.13
C PHE F 157 -1.56 70.79 -55.78
N GLY F 158 -0.78 71.85 -55.57
CA GLY F 158 0.56 71.91 -56.09
C GLY F 158 1.51 72.49 -55.06
N VAL F 159 2.81 72.31 -55.32
CA VAL F 159 3.87 72.83 -54.47
C VAL F 159 4.59 73.92 -55.23
N SER F 160 4.63 75.12 -54.66
CA SER F 160 5.25 76.26 -55.32
C SER F 160 6.62 76.59 -54.74
N LEU F 161 6.82 76.40 -53.44
CA LEU F 161 8.11 76.62 -52.81
C LEU F 161 8.37 75.48 -51.83
N LEU F 162 9.63 75.08 -51.74
CA LEU F 162 10.02 73.94 -50.93
C LEU F 162 11.37 74.22 -50.29
N LYS F 163 11.38 74.46 -48.99
CA LYS F 163 12.64 74.64 -48.29
C LYS F 163 12.98 73.38 -47.50
N PRO F 164 14.06 72.68 -47.84
CA PRO F 164 14.41 71.47 -47.11
C PRO F 164 14.84 71.76 -45.68
N ILE F 165 14.67 70.78 -44.80
CA ILE F 165 14.98 70.95 -43.39
C ILE F 165 15.81 69.76 -42.91
N GLN F 166 16.08 68.81 -43.81
CA GLN F 166 16.63 67.53 -43.38
C GLN F 166 17.80 67.11 -44.26
N MET F 167 18.78 68.01 -44.45
CA MET F 167 20.02 67.66 -45.14
C MET F 167 19.70 67.25 -46.58
N PRO F 168 19.40 68.20 -47.44
CA PRO F 168 18.77 67.87 -48.72
C PRO F 168 19.58 67.05 -49.71
N ASN F 169 20.90 66.99 -49.58
CA ASN F 169 21.71 66.15 -50.47
C ASN F 169 23.16 66.05 -50.02
N MET F 170 23.81 64.92 -50.31
CA MET F 170 25.21 64.76 -49.95
C MET F 170 26.08 64.74 -51.19
N ASN F 171 27.21 65.45 -51.14
CA ASN F 171 28.20 65.43 -52.20
C ASN F 171 29.49 64.86 -51.64
N MET F 172 29.95 63.74 -52.20
CA MET F 172 31.07 63.01 -51.62
C MET F 172 32.40 63.68 -51.94
N ASP F 173 32.51 64.31 -53.11
CA ASP F 173 33.74 64.96 -53.51
C ASP F 173 34.13 66.04 -52.52
N GLU F 174 33.14 66.80 -52.06
CA GLU F 174 33.38 67.83 -51.05
C GLU F 174 33.89 67.21 -49.75
N LEU F 175 33.31 66.07 -49.37
CA LEU F 175 33.77 65.40 -48.15
C LEU F 175 35.21 64.94 -48.28
N PHE F 176 35.58 64.38 -49.43
CA PHE F 176 36.95 63.95 -49.65
C PHE F 176 37.89 65.15 -49.57
N SER F 177 37.52 66.24 -50.22
CA SER F 177 38.35 67.44 -50.23
C SER F 177 38.53 67.96 -48.81
N GLY F 178 37.45 68.01 -48.04
CA GLY F 178 37.51 68.48 -46.68
C GLY F 178 38.38 67.60 -45.79
N ARG F 179 38.19 66.28 -45.90
CA ARG F 179 38.97 65.34 -45.11
C ARG F 179 40.44 65.45 -45.46
N ALA F 180 40.74 65.82 -46.70
CA ALA F 180 42.12 66.02 -47.09
C ALA F 180 42.77 67.16 -46.32
N ALA F 181 41.97 68.09 -45.79
CA ALA F 181 42.51 69.24 -45.08
C ALA F 181 42.68 69.01 -43.60
N LEU F 182 42.27 67.86 -43.08
CA LEU F 182 42.39 67.56 -41.66
C LEU F 182 43.39 66.45 -41.42
N SER F 183 44.07 66.52 -40.28
CA SER F 183 44.97 65.45 -39.88
C SER F 183 44.16 64.26 -39.37
N THR F 184 44.81 63.08 -39.37
CA THR F 184 44.12 61.85 -39.01
C THR F 184 43.55 61.91 -37.61
N ASP F 185 44.35 62.40 -36.65
CA ASP F 185 43.86 62.49 -35.27
C ASP F 185 42.71 63.49 -35.17
N GLN F 186 42.80 64.60 -35.90
CA GLN F 186 41.71 65.57 -35.89
C GLN F 186 40.42 64.96 -36.44
N TRP F 187 40.53 64.19 -37.53
CA TRP F 187 39.35 63.54 -38.08
C TRP F 187 38.80 62.49 -37.13
N ARG F 188 39.67 61.77 -36.43
CA ARG F 188 39.19 60.80 -35.45
C ARG F 188 38.44 61.49 -34.33
N GLU F 189 38.95 62.62 -33.85
CA GLU F 189 38.25 63.36 -32.82
C GLU F 189 36.92 63.89 -33.34
N SER F 190 36.88 64.30 -34.60
CA SER F 190 35.61 64.75 -35.18
C SER F 190 34.60 63.62 -35.22
N LEU F 191 35.04 62.42 -35.59
CA LEU F 191 34.15 61.26 -35.55
C LEU F 191 33.65 60.99 -34.13
N ILE F 192 34.54 61.06 -33.15
CA ILE F 192 34.13 60.81 -31.77
C ILE F 192 33.15 61.88 -31.30
N ARG F 193 33.29 63.11 -31.81
CA ARG F 193 32.37 64.16 -31.43
C ARG F 193 31.01 63.96 -32.07
N SER F 194 30.98 63.58 -33.35
CA SER F 194 29.70 63.50 -34.06
C SER F 194 28.80 62.43 -33.48
N ILE F 195 29.37 61.43 -32.82
CA ILE F 195 28.55 60.40 -32.17
C ILE F 195 28.00 60.99 -30.88
N GLY F 196 28.54 62.13 -30.46
CA GLY F 196 28.06 62.79 -29.27
C GLY F 196 28.93 62.65 -28.05
N MET F 197 30.17 62.19 -28.20
CA MET F 197 31.05 61.95 -27.06
C MET F 197 32.24 62.91 -27.11
N GLU F 198 32.91 63.06 -25.98
CA GLU F 198 34.00 64.01 -25.86
C GLU F 198 35.35 63.31 -26.03
N PRO F 199 36.08 63.61 -27.11
CA PRO F 199 37.37 62.92 -27.31
C PRO F 199 38.38 63.21 -26.23
N ALA F 200 38.37 64.41 -25.67
CA ALA F 200 39.41 64.82 -24.72
C ALA F 200 39.44 63.96 -23.47
N SER F 201 38.27 63.58 -22.95
CA SER F 201 38.21 62.84 -21.70
C SER F 201 38.28 61.33 -21.90
N LEU F 202 38.49 60.86 -23.12
CA LEU F 202 38.58 59.43 -23.40
C LEU F 202 40.00 59.11 -23.85
N LYS F 203 40.54 58.01 -23.34
CA LYS F 203 41.87 57.58 -23.76
C LYS F 203 41.84 57.09 -25.20
N GLU F 204 43.02 57.00 -25.81
CA GLU F 204 43.09 56.68 -27.23
C GLU F 204 42.53 55.29 -27.52
N ASP F 205 42.85 54.32 -26.66
CA ASP F 205 42.32 52.97 -26.87
C ASP F 205 40.80 52.93 -26.78
N VAL F 206 40.23 53.73 -25.87
CA VAL F 206 38.77 53.79 -25.79
C VAL F 206 38.21 54.45 -27.03
N GLN F 207 38.90 55.45 -27.58
CA GLN F 207 38.47 56.02 -28.86
C GLN F 207 38.45 54.96 -29.95
N TRP F 208 39.47 54.11 -29.97
CA TRP F 208 39.49 53.05 -30.96
C TRP F 208 38.35 52.06 -30.76
N HIS F 209 38.01 51.77 -29.51
CA HIS F 209 36.84 50.94 -29.26
C HIS F 209 35.57 51.61 -29.77
N LEU F 210 35.47 52.92 -29.61
CA LEU F 210 34.30 53.64 -30.11
C LEU F 210 34.22 53.54 -31.64
N LEU F 211 35.36 53.65 -32.33
CA LEU F 211 35.34 53.49 -33.77
C LEU F 211 35.00 52.05 -34.18
N ALA F 212 35.48 51.08 -33.40
CA ALA F 212 35.11 49.70 -33.67
C ALA F 212 33.61 49.50 -33.52
N ARG F 213 32.97 50.27 -32.64
CA ARG F 213 31.51 50.23 -32.56
C ARG F 213 30.87 50.75 -33.85
N MET F 214 31.48 51.74 -34.49
CA MET F 214 30.91 52.30 -35.70
C MET F 214 31.20 51.47 -36.93
N VAL F 215 32.18 50.56 -36.86
CA VAL F 215 32.55 49.74 -38.02
C VAL F 215 31.36 49.07 -38.71
N PRO F 216 30.42 48.43 -37.99
CA PRO F 216 29.36 47.68 -38.71
C PRO F 216 28.58 48.51 -39.70
N PHE F 217 28.59 49.83 -39.58
CA PHE F 217 27.85 50.66 -40.52
C PHE F 217 28.50 50.72 -41.89
N VAL F 218 29.82 50.57 -41.99
CA VAL F 218 30.51 50.80 -43.25
C VAL F 218 30.94 49.53 -43.97
N GLU F 219 30.79 48.36 -43.35
CA GLU F 219 31.22 47.11 -43.95
C GLU F 219 30.02 46.18 -44.10
N ASN F 220 29.85 45.64 -45.30
CA ASN F 220 28.73 44.73 -45.56
C ASN F 220 28.92 43.41 -44.81
N ASN F 221 27.82 42.93 -44.22
CA ASN F 221 27.78 41.63 -43.58
C ASN F 221 28.83 41.51 -42.48
N TYR F 222 29.08 42.61 -41.79
CA TYR F 222 30.07 42.63 -40.71
C TYR F 222 29.34 42.32 -39.41
N ASN F 223 29.53 41.11 -38.92
CA ASN F 223 28.98 40.72 -37.63
C ASN F 223 29.94 41.18 -36.53
N VAL F 224 29.40 41.44 -35.35
CA VAL F 224 30.24 41.81 -34.21
C VAL F 224 29.44 41.61 -32.93
N CYS F 225 30.13 41.24 -31.85
CA CYS F 225 29.49 41.13 -30.55
C CYS F 225 30.25 41.93 -29.51
N GLU F 226 29.50 42.62 -28.66
CA GLU F 226 30.05 43.49 -27.62
C GLU F 226 29.31 43.21 -26.32
N LEU F 227 30.02 42.70 -25.33
CA LEU F 227 29.46 42.42 -24.02
C LEU F 227 30.19 43.24 -22.98
N GLY F 228 29.46 43.80 -22.03
CA GLY F 228 30.06 44.63 -21.02
C GLY F 228 29.12 45.07 -19.93
N PRO F 229 29.62 45.92 -19.03
CA PRO F 229 28.78 46.41 -17.93
C PRO F 229 27.68 47.33 -18.44
N ARG F 230 26.62 47.42 -17.65
CA ARG F 230 25.51 48.30 -17.97
C ARG F 230 25.95 49.76 -17.90
N GLY F 231 25.26 50.61 -18.65
CA GLY F 231 25.50 52.03 -18.58
C GLY F 231 26.74 52.52 -19.29
N THR F 232 27.32 51.70 -20.15
CA THR F 232 28.48 52.09 -20.93
C THR F 232 28.11 52.65 -22.30
N GLY F 233 26.83 52.87 -22.55
CA GLY F 233 26.41 53.42 -23.82
C GLY F 233 26.56 52.49 -25.00
N LYS F 234 26.30 51.19 -24.82
CA LYS F 234 26.41 50.26 -25.93
C LYS F 234 25.35 50.52 -26.99
N SER F 235 24.11 50.72 -26.56
CA SER F 235 22.99 50.75 -27.48
C SER F 235 22.61 52.16 -27.90
N HIS F 236 23.35 53.19 -27.48
CA HIS F 236 23.02 54.55 -27.87
C HIS F 236 23.11 54.74 -29.38
N ILE F 237 24.20 54.29 -29.98
CA ILE F 237 24.46 54.57 -31.39
C ILE F 237 23.45 53.85 -32.28
N TYR F 238 23.03 52.64 -31.90
CA TYR F 238 22.15 51.86 -32.75
C TYR F 238 20.68 52.21 -32.58
N LYS F 239 20.35 53.14 -31.68
CA LYS F 239 18.98 53.60 -31.53
C LYS F 239 18.80 55.07 -31.88
N GLU F 240 19.66 55.95 -31.38
CA GLU F 240 19.46 57.38 -31.52
C GLU F 240 20.24 58.01 -32.65
N CYS F 241 21.56 57.80 -32.72
CA CYS F 241 22.41 58.51 -33.65
C CYS F 241 22.60 57.79 -34.98
N SER F 242 21.60 57.04 -35.43
CA SER F 242 21.67 56.41 -36.75
C SER F 242 20.27 56.16 -37.28
N PRO F 243 19.90 56.76 -38.40
CA PRO F 243 18.59 56.48 -39.01
C PRO F 243 18.56 55.23 -39.88
N ASN F 244 19.67 54.52 -40.04
CA ASN F 244 19.75 53.35 -40.89
C ASN F 244 19.99 52.07 -40.11
N SER F 245 19.75 52.09 -38.80
CA SER F 245 19.96 50.92 -37.97
C SER F 245 18.73 50.68 -37.13
N ILE F 246 18.45 49.42 -36.85
CA ILE F 246 17.30 49.03 -36.05
C ILE F 246 17.77 48.12 -34.93
N LEU F 247 17.27 48.36 -33.73
CA LEU F 247 17.60 47.56 -32.57
C LEU F 247 16.40 46.69 -32.24
N VAL F 248 16.51 45.39 -32.50
CA VAL F 248 15.48 44.43 -32.18
C VAL F 248 15.55 44.19 -30.69
N SER F 249 14.61 44.77 -29.95
CA SER F 249 14.66 44.73 -28.49
C SER F 249 14.09 43.42 -27.98
N GLY F 250 14.57 43.03 -26.79
CA GLY F 250 14.03 41.88 -26.08
C GLY F 250 14.36 40.53 -26.68
N GLY F 251 14.77 40.48 -27.95
CA GLY F 251 15.10 39.21 -28.56
C GLY F 251 13.87 38.46 -29.04
N GLN F 252 12.68 38.94 -28.70
CA GLN F 252 11.44 38.29 -29.09
C GLN F 252 11.12 38.70 -30.53
N THR F 253 11.82 38.08 -31.48
CA THR F 253 11.58 38.27 -32.90
C THR F 253 11.59 36.90 -33.58
N THR F 254 10.90 36.82 -34.72
CA THR F 254 10.71 35.55 -35.40
C THR F 254 11.51 35.52 -36.70
N VAL F 255 11.67 34.31 -37.23
CA VAL F 255 12.35 34.13 -38.51
C VAL F 255 11.55 34.78 -39.63
N ALA F 256 10.22 34.75 -39.53
CA ALA F 256 9.40 35.42 -40.52
C ALA F 256 9.63 36.92 -40.51
N ASN F 257 9.76 37.51 -39.32
CA ASN F 257 10.02 38.94 -39.22
C ASN F 257 11.45 39.27 -39.63
N LEU F 258 12.40 38.41 -39.26
CA LEU F 258 13.81 38.75 -39.40
C LEU F 258 14.34 38.47 -40.80
N PHE F 259 14.04 37.29 -41.34
CA PHE F 259 14.67 36.85 -42.59
C PHE F 259 13.68 36.89 -43.75
N TYR F 260 12.56 36.17 -43.67
CA TYR F 260 11.67 36.06 -44.81
C TYR F 260 10.31 35.59 -44.31
N ASN F 261 9.26 36.28 -44.73
CA ASN F 261 7.88 35.90 -44.42
C ASN F 261 7.35 35.10 -45.60
N MET F 262 7.21 33.78 -45.43
CA MET F 262 6.81 32.94 -46.54
C MET F 262 5.38 33.22 -46.99
N SER F 263 4.51 33.62 -46.06
CA SER F 263 3.12 33.89 -46.44
C SER F 263 3.01 35.13 -47.32
N SER F 264 3.64 36.23 -46.92
CA SER F 264 3.55 37.47 -47.66
C SER F 264 4.63 37.62 -48.72
N ARG F 265 5.61 36.71 -48.75
CA ARG F 265 6.68 36.73 -49.73
C ARG F 265 7.45 38.06 -49.66
N ARG F 266 7.66 38.54 -48.43
CA ARG F 266 8.36 39.78 -48.18
C ARG F 266 9.65 39.51 -47.40
N ILE F 267 10.71 40.20 -47.77
CA ILE F 267 12.00 40.03 -47.10
C ILE F 267 11.90 40.55 -45.68
N GLY F 268 12.65 39.93 -44.78
CA GLY F 268 12.65 40.34 -43.39
C GLY F 268 13.34 41.67 -43.19
N LEU F 269 13.75 41.91 -41.94
CA LEU F 269 14.42 43.17 -41.62
C LEU F 269 15.79 43.26 -42.30
N VAL F 270 16.44 42.11 -42.54
CA VAL F 270 17.78 42.13 -43.09
C VAL F 270 17.82 42.73 -44.48
N GLY F 271 16.70 42.72 -45.19
CA GLY F 271 16.66 43.30 -46.52
C GLY F 271 16.31 44.76 -46.57
N LEU F 272 16.17 45.40 -45.42
CA LEU F 272 15.76 46.81 -45.37
C LEU F 272 16.76 47.72 -44.68
N TRP F 273 17.46 47.23 -43.66
CA TRP F 273 18.33 48.07 -42.86
C TRP F 273 19.79 47.71 -43.08
N ASP F 274 20.67 48.57 -42.57
CA ASP F 274 22.10 48.34 -42.71
C ASP F 274 22.70 47.73 -41.45
N VAL F 275 22.13 48.01 -40.29
CA VAL F 275 22.59 47.42 -39.03
C VAL F 275 21.39 46.88 -38.29
N VAL F 276 21.46 45.62 -37.88
CA VAL F 276 20.45 45.01 -37.04
C VAL F 276 21.14 44.63 -35.74
N ALA F 277 20.67 45.20 -34.63
CA ALA F 277 21.31 45.01 -33.34
C ALA F 277 20.42 44.17 -32.45
N PHE F 278 21.01 43.21 -31.75
CA PHE F 278 20.27 42.34 -30.84
C PHE F 278 20.67 42.73 -29.42
N ASP F 279 19.72 43.25 -28.66
CA ASP F 279 19.97 43.71 -27.31
C ASP F 279 19.70 42.58 -26.32
N GLU F 280 20.46 42.59 -25.23
CA GLU F 280 20.39 41.57 -24.17
C GLU F 280 20.33 40.17 -24.79
N VAL F 281 21.44 39.83 -25.46
CA VAL F 281 21.56 38.58 -26.20
C VAL F 281 21.14 37.38 -25.39
N ALA F 282 21.07 37.52 -24.05
CA ALA F 282 20.52 36.45 -23.22
C ALA F 282 19.04 36.21 -23.51
N GLY F 283 18.39 37.16 -24.19
CA GLY F 283 16.96 37.06 -24.44
C GLY F 283 16.56 36.54 -25.80
N ILE F 284 17.51 36.35 -26.73
CA ILE F 284 17.15 35.91 -28.07
C ILE F 284 16.73 34.44 -28.04
N SER F 285 15.64 34.14 -28.74
CA SER F 285 15.13 32.77 -28.85
C SER F 285 14.14 32.71 -30.00
N PHE F 286 14.19 31.64 -30.77
CA PHE F 286 13.35 31.48 -31.95
C PHE F 286 12.33 30.35 -31.75
N LYS F 287 11.08 30.64 -32.08
CA LYS F 287 10.03 29.62 -31.99
C LYS F 287 10.30 28.47 -32.96
N ASP F 288 10.70 28.79 -34.19
CA ASP F 288 11.01 27.78 -35.19
C ASP F 288 12.45 27.30 -35.00
N LYS F 289 12.71 26.05 -35.40
CA LYS F 289 14.01 25.46 -35.13
C LYS F 289 15.02 25.75 -36.23
N ASP F 290 14.58 26.31 -37.36
CA ASP F 290 15.51 26.69 -38.41
C ASP F 290 16.18 28.03 -38.14
N GLY F 291 15.74 28.77 -37.14
CA GLY F 291 16.27 30.10 -36.94
C GLY F 291 17.77 30.12 -36.69
N VAL F 292 18.24 29.23 -35.81
CA VAL F 292 19.66 29.18 -35.52
C VAL F 292 20.45 28.77 -36.77
N GLN F 293 19.96 27.75 -37.47
CA GLN F 293 20.66 27.29 -38.66
C GLN F 293 20.64 28.36 -39.75
N ILE F 294 19.51 29.04 -39.92
CA ILE F 294 19.41 30.10 -40.93
C ILE F 294 20.37 31.23 -40.59
N MET F 295 20.47 31.60 -39.32
CA MET F 295 21.42 32.64 -38.95
C MET F 295 22.85 32.21 -39.22
N LYS F 296 23.18 30.95 -38.92
CA LYS F 296 24.52 30.46 -39.21
C LYS F 296 24.82 30.57 -40.70
N ASP F 297 23.87 30.16 -41.54
CA ASP F 297 24.05 30.28 -42.97
C ASP F 297 24.23 31.73 -43.39
N TYR F 298 23.42 32.62 -42.82
CA TYR F 298 23.43 34.01 -43.25
C TYR F 298 24.76 34.68 -42.92
N MET F 299 25.22 34.56 -41.67
CA MET F 299 26.51 35.15 -41.36
C MET F 299 27.64 34.45 -42.09
N ALA F 300 27.57 33.13 -42.30
CA ALA F 300 28.67 32.46 -42.98
C ALA F 300 28.81 32.92 -44.42
N SER F 301 27.70 33.05 -45.15
CA SER F 301 27.77 33.30 -46.58
C SER F 301 27.16 34.63 -47.02
N GLY F 302 26.30 35.24 -46.21
CA GLY F 302 25.62 36.44 -46.66
C GLY F 302 24.37 36.19 -47.47
N SER F 303 23.99 34.92 -47.66
CA SER F 303 22.78 34.57 -48.37
C SER F 303 22.16 33.34 -47.73
N PHE F 304 20.84 33.31 -47.68
CA PHE F 304 20.13 32.23 -47.00
C PHE F 304 18.99 31.74 -47.89
N ALA F 305 18.71 30.45 -47.81
CA ALA F 305 17.67 29.84 -48.62
C ALA F 305 16.47 29.49 -47.76
N ARG F 306 15.28 29.92 -48.19
CA ARG F 306 14.04 29.62 -47.49
C ARG F 306 13.02 29.16 -48.52
N GLY F 307 12.31 28.07 -48.20
CA GLY F 307 11.39 27.51 -49.17
C GLY F 307 12.10 26.92 -50.36
N ARG F 308 11.92 27.54 -51.53
CA ARG F 308 12.64 27.15 -52.73
C ARG F 308 13.63 28.20 -53.20
N GLU F 309 13.62 29.38 -52.61
CA GLU F 309 14.37 30.52 -53.12
C GLU F 309 15.51 30.89 -52.17
N GLN F 310 16.65 31.25 -52.76
CA GLN F 310 17.76 31.82 -52.03
C GLN F 310 17.73 33.33 -52.15
N MET F 311 17.92 34.02 -51.04
CA MET F 311 17.90 35.47 -50.98
C MET F 311 19.20 35.97 -50.41
N GLU F 312 19.67 37.10 -50.94
CA GLU F 312 20.86 37.78 -50.43
C GLU F 312 20.46 39.06 -49.72
N ALA F 313 21.21 39.41 -48.68
CA ALA F 313 20.98 40.66 -47.95
C ALA F 313 22.28 41.07 -47.29
N SER F 314 22.54 42.37 -47.29
CA SER F 314 23.80 42.90 -46.78
C SER F 314 23.69 43.52 -45.40
N ALA F 315 22.68 43.14 -44.62
CA ALA F 315 22.55 43.67 -43.28
C ALA F 315 23.69 43.19 -42.38
N SER F 316 24.17 44.07 -41.52
CA SER F 316 25.24 43.74 -40.60
C SER F 316 24.67 43.51 -39.21
N MET F 317 25.05 42.40 -38.58
CA MET F 317 24.50 42.03 -37.29
C MET F 317 25.42 42.41 -36.14
N VAL F 318 24.86 43.04 -35.13
CA VAL F 318 25.55 43.41 -33.91
C VAL F 318 24.84 42.73 -32.75
N PHE F 319 25.61 42.27 -31.77
CA PHE F 319 25.05 41.61 -30.59
C PHE F 319 25.55 42.33 -29.34
N VAL F 320 24.69 43.15 -28.72
CA VAL F 320 25.07 43.91 -27.54
C VAL F 320 24.53 43.19 -26.31
N GLY F 321 25.38 43.04 -25.29
CA GLY F 321 24.99 42.28 -24.11
C GLY F 321 25.58 42.83 -22.83
N ASN F 322 24.86 42.58 -21.75
CA ASN F 322 25.22 43.09 -20.43
C ASN F 322 25.92 42.00 -19.62
N ILE F 323 27.02 42.37 -18.98
CA ILE F 323 27.81 41.46 -18.16
C ILE F 323 27.52 41.78 -16.69
N ASN F 324 27.26 40.75 -15.90
CA ASN F 324 27.01 40.91 -14.48
C ASN F 324 28.21 40.56 -13.60
N GLN F 325 29.20 39.84 -14.13
CA GLN F 325 30.34 39.39 -13.35
C GLN F 325 31.58 40.20 -13.70
N SER F 326 32.63 39.98 -12.92
CA SER F 326 33.91 40.60 -13.20
C SER F 326 34.60 39.90 -14.37
N VAL F 327 35.48 40.63 -15.05
CA VAL F 327 36.19 40.07 -16.19
C VAL F 327 37.06 38.90 -15.78
N GLU F 328 37.84 39.07 -14.71
CA GLU F 328 38.81 38.07 -14.31
C GLU F 328 38.13 36.76 -13.91
N SER F 329 37.05 36.85 -13.12
CA SER F 329 36.35 35.65 -12.68
C SER F 329 35.71 34.92 -13.86
N LEU F 330 35.12 35.68 -14.78
CA LEU F 330 34.51 35.06 -15.96
C LEU F 330 35.56 34.36 -16.81
N VAL F 331 36.74 34.97 -16.97
CA VAL F 331 37.81 34.34 -17.72
C VAL F 331 38.28 33.07 -17.02
N LYS F 332 38.46 33.13 -15.70
CA LYS F 332 39.04 32.00 -14.98
C LYS F 332 38.10 30.82 -14.88
N THR F 333 36.82 31.06 -14.54
CA THR F 333 35.89 29.98 -14.29
C THR F 333 35.09 29.57 -15.51
N SER F 334 35.02 30.41 -16.53
CA SER F 334 34.25 30.10 -17.73
C SER F 334 34.85 30.79 -18.95
N HIS F 335 34.05 30.92 -20.01
CA HIS F 335 34.42 31.74 -21.16
C HIS F 335 33.70 33.08 -21.06
N LEU F 336 34.25 34.08 -21.75
CA LEU F 336 33.66 35.41 -21.78
C LEU F 336 32.28 35.42 -22.43
N LEU F 337 31.93 34.38 -23.17
CA LEU F 337 30.67 34.32 -23.90
C LEU F 337 29.54 33.72 -23.08
N ALA F 338 29.57 33.89 -21.76
CA ALA F 338 28.59 33.32 -20.84
C ALA F 338 27.14 33.69 -21.15
N PRO F 339 26.81 34.97 -21.35
CA PRO F 339 25.40 35.33 -21.43
C PRO F 339 24.72 35.04 -22.77
N PHE F 340 25.44 34.63 -23.81
CA PHE F 340 24.78 34.12 -24.99
C PHE F 340 23.99 32.86 -24.62
N PRO F 341 22.81 32.68 -25.23
CA PRO F 341 21.94 31.57 -24.81
C PRO F 341 22.60 30.22 -25.03
N GLU F 342 22.25 29.27 -24.17
CA GLU F 342 22.86 27.95 -24.23
C GLU F 342 22.56 27.27 -25.57
N ALA F 343 21.34 27.43 -26.07
CA ALA F 343 21.01 26.92 -27.39
C ALA F 343 21.80 27.60 -28.50
N MET F 344 22.35 28.78 -28.25
CA MET F 344 23.15 29.50 -29.23
C MET F 344 24.64 29.32 -29.04
N ILE F 345 25.08 28.59 -28.02
CA ILE F 345 26.50 28.34 -27.80
C ILE F 345 26.96 27.22 -28.71
N ASP F 346 27.50 27.59 -29.87
CA ASP F 346 28.00 26.64 -30.85
C ASP F 346 29.28 27.18 -31.45
N SER F 347 30.30 26.34 -31.53
CA SER F 347 31.56 26.77 -32.14
C SER F 347 31.37 27.15 -33.60
N ALA F 348 30.62 26.34 -34.35
CA ALA F 348 30.36 26.66 -35.74
C ALA F 348 29.54 27.92 -35.89
N PHE F 349 28.75 28.26 -34.88
CA PHE F 349 28.02 29.52 -34.90
C PHE F 349 28.93 30.69 -34.55
N PHE F 350 29.66 30.59 -33.44
CA PHE F 350 30.44 31.73 -32.99
C PHE F 350 31.61 32.01 -33.93
N ASP F 351 32.02 31.02 -34.72
CA ASP F 351 33.11 31.24 -35.66
C ASP F 351 32.78 32.29 -36.70
N ARG F 352 31.50 32.64 -36.88
CA ARG F 352 31.12 33.64 -37.85
C ARG F 352 31.35 35.07 -37.38
N PHE F 353 31.49 35.29 -36.07
CA PHE F 353 31.67 36.65 -35.56
C PHE F 353 33.01 37.18 -36.00
N HIS F 354 33.01 38.44 -36.47
CA HIS F 354 34.24 39.03 -36.96
C HIS F 354 34.95 39.84 -35.89
N ALA F 355 34.33 40.02 -34.72
CA ALA F 355 34.93 40.87 -33.69
C ALA F 355 34.20 40.70 -32.37
N TYR F 356 34.98 40.74 -31.30
CA TYR F 356 34.49 40.79 -29.92
C TYR F 356 34.97 42.10 -29.32
N ILE F 357 34.13 43.12 -29.36
CA ILE F 357 34.50 44.42 -28.79
C ILE F 357 34.54 44.28 -27.27
N PRO F 358 35.65 44.62 -26.63
CA PRO F 358 35.74 44.46 -25.17
C PRO F 358 34.99 45.56 -24.44
N GLY F 359 33.70 45.34 -24.18
CA GLY F 359 32.86 46.37 -23.61
C GLY F 359 33.32 46.89 -22.27
N TRP F 360 34.07 46.10 -21.49
CA TRP F 360 34.45 46.55 -20.16
C TRP F 360 35.47 47.66 -20.18
N GLU F 361 36.32 47.71 -21.21
CA GLU F 361 37.36 48.74 -21.27
C GLU F 361 36.80 50.13 -21.49
N ILE F 362 35.51 50.25 -21.84
CA ILE F 362 34.88 51.55 -22.02
C ILE F 362 34.33 52.01 -20.68
N PRO F 363 34.72 53.20 -20.20
CA PRO F 363 34.20 53.66 -18.91
C PRO F 363 32.73 54.02 -19.01
N LYS F 364 32.04 53.93 -17.86
CA LYS F 364 30.63 54.28 -17.82
C LYS F 364 30.43 55.75 -18.17
N MET F 365 29.36 56.02 -18.92
CA MET F 365 29.16 57.36 -19.46
C MET F 365 28.69 58.32 -18.38
N ARG F 366 29.33 59.48 -18.32
CA ARG F 366 29.07 60.50 -17.32
C ARG F 366 29.06 61.85 -18.01
N PRO F 367 28.42 62.85 -17.40
CA PRO F 367 28.18 64.11 -18.15
C PRO F 367 29.43 64.82 -18.61
N GLU F 368 30.59 64.56 -17.98
CA GLU F 368 31.81 65.18 -18.48
C GLU F 368 32.26 64.54 -19.79
N PHE F 369 31.75 63.35 -20.10
CA PHE F 369 32.10 62.69 -21.36
C PHE F 369 31.27 63.16 -22.54
N PHE F 370 30.22 63.93 -22.33
CA PHE F 370 29.41 64.46 -23.41
C PHE F 370 30.00 65.77 -23.90
N THR F 371 30.14 65.90 -25.21
CA THR F 371 30.88 67.00 -25.81
C THR F 371 30.13 68.32 -25.77
N ASN F 372 30.83 69.40 -26.13
CA ASN F 372 30.17 70.70 -26.29
C ASN F 372 30.67 71.44 -27.53
N ARG F 373 31.47 70.83 -28.39
CA ARG F 373 32.01 71.54 -29.55
C ARG F 373 31.28 71.09 -30.81
N TYR F 374 31.73 71.56 -31.96
CA TYR F 374 31.08 71.22 -33.23
C TYR F 374 31.30 69.76 -33.61
N GLY F 375 30.36 69.24 -34.38
CA GLY F 375 30.43 67.89 -34.89
C GLY F 375 29.51 67.76 -36.08
N LEU F 376 29.63 66.64 -36.78
CA LEU F 376 28.79 66.40 -37.95
C LEU F 376 27.39 65.97 -37.53
N ILE F 377 26.40 66.30 -38.36
CA ILE F 377 25.02 65.89 -38.09
C ILE F 377 24.93 64.37 -38.11
N VAL F 378 23.88 63.85 -37.47
CA VAL F 378 23.56 62.43 -37.58
C VAL F 378 23.37 62.06 -39.05
N ASP F 379 22.68 62.92 -39.79
CA ASP F 379 22.39 62.65 -41.21
C ASP F 379 23.65 62.55 -42.04
N TYR F 380 24.53 63.53 -41.88
CA TYR F 380 25.76 63.58 -42.66
C TYR F 380 26.63 62.37 -42.36
N LEU F 381 26.76 62.03 -41.08
CA LEU F 381 27.56 60.88 -40.69
C LEU F 381 26.96 59.59 -41.24
N ALA F 382 25.64 59.43 -41.11
CA ALA F 382 25.00 58.20 -41.57
C ALA F 382 25.10 58.05 -43.08
N GLU F 383 24.90 59.13 -43.83
CA GLU F 383 25.02 59.02 -45.28
C GLU F 383 26.47 58.85 -45.71
N PHE F 384 27.41 59.39 -44.93
CA PHE F 384 28.81 59.09 -45.16
C PHE F 384 29.08 57.60 -45.03
N PHE F 385 28.54 56.98 -43.99
CA PHE F 385 28.69 55.54 -43.83
C PHE F 385 28.05 54.79 -44.99
N ARG F 386 26.85 55.20 -45.38
CA ARG F 386 26.12 54.48 -46.43
C ARG F 386 26.85 54.59 -47.76
N GLU F 387 27.47 55.74 -48.03
CA GLU F 387 28.24 55.89 -49.25
C GLU F 387 29.55 55.10 -49.18
N MET F 388 30.14 55.00 -47.98
CA MET F 388 31.38 54.27 -47.85
C MET F 388 31.18 52.76 -47.91
N ARG F 389 29.95 52.29 -47.69
CA ARG F 389 29.70 50.86 -47.82
C ARG F 389 30.01 50.33 -49.21
N LYS F 390 29.99 51.19 -50.23
CA LYS F 390 30.15 50.74 -51.61
C LYS F 390 31.60 50.54 -52.02
N ARG F 391 32.56 50.93 -51.19
CA ARG F 391 33.97 50.84 -51.53
C ARG F 391 34.64 49.76 -50.71
N SER F 392 35.95 49.61 -50.89
CA SER F 392 36.69 48.59 -50.17
C SER F 392 38.15 48.99 -50.04
N PHE F 393 38.78 48.54 -48.95
CA PHE F 393 40.21 48.75 -48.73
C PHE F 393 40.86 47.52 -48.11
N ALA F 394 40.29 46.35 -48.33
CA ALA F 394 40.81 45.13 -47.71
C ALA F 394 42.14 44.70 -48.30
N ASP F 395 42.47 45.13 -49.50
CA ASP F 395 43.75 44.77 -50.10
C ASP F 395 44.89 45.66 -49.65
N SER F 396 44.61 46.67 -48.81
CA SER F 396 45.66 47.52 -48.31
C SER F 396 46.58 46.77 -47.35
N ILE F 397 46.09 45.67 -46.77
CA ILE F 397 46.92 44.87 -45.90
C ILE F 397 48.10 44.28 -46.66
N GLU F 398 47.86 43.77 -47.87
CA GLU F 398 48.92 43.05 -48.56
C GLU F 398 49.84 43.99 -49.32
N LYS F 399 49.50 45.28 -49.40
CA LYS F 399 50.45 46.22 -49.99
C LYS F 399 51.70 46.35 -49.13
N TYR F 400 51.58 46.14 -47.83
CA TYR F 400 52.70 46.28 -46.91
C TYR F 400 52.94 45.09 -46.01
N PHE F 401 51.93 44.24 -45.78
CA PHE F 401 52.05 43.20 -44.77
C PHE F 401 51.56 41.87 -45.33
N LYS F 402 51.81 40.82 -44.55
CA LYS F 402 51.33 39.48 -44.83
C LYS F 402 50.79 38.87 -43.56
N LEU F 403 49.74 38.07 -43.67
CA LEU F 403 49.15 37.45 -42.49
C LEU F 403 49.86 36.15 -42.17
N GLY F 404 49.92 35.81 -40.88
CA GLY F 404 50.69 34.66 -40.45
C GLY F 404 50.00 33.34 -40.74
N ASN F 405 50.71 32.26 -40.44
CA ASN F 405 50.25 30.91 -40.74
C ASN F 405 49.05 30.49 -39.88
N ASN F 406 49.03 30.95 -38.64
CA ASN F 406 48.01 30.51 -37.69
C ASN F 406 46.60 30.91 -38.14
N LEU F 407 46.49 32.06 -38.82
CA LEU F 407 45.19 32.51 -39.31
C LEU F 407 44.62 31.54 -40.34
N ASN F 408 43.44 31.00 -40.09
CA ASN F 408 42.78 30.22 -41.11
C ASN F 408 41.99 31.12 -42.05
N GLN F 409 41.23 30.50 -42.96
CA GLN F 409 40.55 31.27 -43.98
C GLN F 409 39.50 32.21 -43.39
N ARG F 410 38.71 31.72 -42.41
CA ARG F 410 37.71 32.58 -41.78
C ARG F 410 38.37 33.73 -41.03
N ASP F 411 39.52 33.46 -40.40
CA ASP F 411 40.22 34.51 -39.69
C ASP F 411 40.77 35.56 -40.66
N VAL F 412 41.25 35.12 -41.82
CA VAL F 412 41.67 36.08 -42.84
C VAL F 412 40.50 36.94 -43.28
N ILE F 413 39.33 36.32 -43.47
CA ILE F 413 38.13 37.06 -43.83
C ILE F 413 37.82 38.11 -42.77
N ALA F 414 37.78 37.71 -41.51
CA ALA F 414 37.40 38.61 -40.44
C ALA F 414 38.38 39.77 -40.32
N VAL F 415 39.68 39.46 -40.39
CA VAL F 415 40.69 40.50 -40.25
C VAL F 415 40.60 41.48 -41.41
N ARG F 416 40.41 40.99 -42.63
CA ARG F 416 40.30 41.89 -43.77
C ARG F 416 39.07 42.77 -43.64
N LYS F 417 37.95 42.20 -43.21
CA LYS F 417 36.75 43.01 -43.06
C LYS F 417 36.96 44.11 -42.02
N THR F 418 37.52 43.77 -40.86
CA THR F 418 37.72 44.77 -39.83
C THR F 418 38.69 45.85 -40.28
N VAL F 419 39.78 45.46 -40.95
CA VAL F 419 40.73 46.46 -41.43
C VAL F 419 40.08 47.37 -42.45
N SER F 420 39.27 46.80 -43.36
CA SER F 420 38.62 47.62 -44.36
C SER F 420 37.67 48.62 -43.72
N GLY F 421 36.91 48.16 -42.72
CA GLY F 421 36.01 49.07 -42.03
C GLY F 421 36.74 50.20 -41.34
N LEU F 422 37.81 49.88 -40.61
CA LEU F 422 38.55 50.91 -39.89
C LEU F 422 39.20 51.89 -40.85
N MET F 423 39.74 51.39 -41.97
CA MET F 423 40.42 52.26 -42.91
C MET F 423 39.42 53.15 -43.64
N LYS F 424 38.20 52.65 -43.87
CA LYS F 424 37.16 53.53 -44.40
C LYS F 424 36.79 54.61 -43.41
N LEU F 425 36.65 54.26 -42.13
CA LEU F 425 36.29 55.26 -41.13
C LEU F 425 37.36 56.34 -41.01
N LEU F 426 38.63 55.95 -41.01
CA LEU F 426 39.69 56.91 -40.74
C LEU F 426 40.25 57.56 -42.00
N TYR F 427 40.30 56.84 -43.12
CA TYR F 427 40.89 57.37 -44.36
C TYR F 427 39.94 57.18 -45.53
N PRO F 428 38.82 57.91 -45.55
CA PRO F 428 37.91 57.80 -46.69
C PRO F 428 38.53 58.23 -48.00
N HIS F 429 39.47 59.17 -47.98
CA HIS F 429 40.04 59.66 -49.22
C HIS F 429 41.09 58.73 -49.80
N GLY F 430 41.45 57.67 -49.09
CA GLY F 430 42.31 56.64 -49.67
C GLY F 430 43.79 56.94 -49.65
N GLN F 431 44.24 57.92 -48.88
CA GLN F 431 45.66 58.23 -48.79
C GLN F 431 46.16 57.81 -47.41
N PHE F 432 47.10 56.87 -47.39
CA PHE F 432 47.60 56.36 -46.11
C PHE F 432 48.98 55.75 -46.31
N ASN F 433 49.70 55.61 -45.21
CA ASN F 433 51.04 55.05 -45.21
C ASN F 433 51.06 53.75 -44.42
N LYS F 434 52.26 53.20 -44.24
CA LYS F 434 52.40 51.87 -43.64
C LYS F 434 51.93 51.84 -42.19
N GLU F 435 52.24 52.90 -41.44
CA GLU F 435 51.94 52.90 -40.01
C GLU F 435 50.43 52.81 -39.75
N ASP F 436 49.64 53.51 -40.55
CA ASP F 436 48.19 53.47 -40.36
C ASP F 436 47.65 52.06 -40.57
N VAL F 437 48.09 51.40 -41.63
CA VAL F 437 47.68 50.03 -41.87
C VAL F 437 48.15 49.13 -40.74
N ARG F 438 49.34 49.41 -40.19
CA ARG F 438 49.83 48.61 -39.08
C ARG F 438 48.92 48.74 -37.86
N GLN F 439 48.50 49.97 -37.55
CA GLN F 439 47.61 50.17 -36.41
C GLN F 439 46.28 49.46 -36.62
N CYS F 440 45.68 49.63 -37.79
CA CYS F 440 44.40 48.98 -38.06
C CYS F 440 44.52 47.47 -38.00
N LEU F 441 45.60 46.93 -38.57
CA LEU F 441 45.81 45.49 -38.56
C LEU F 441 46.03 44.98 -37.15
N GLU F 442 46.75 45.75 -36.33
CA GLU F 442 46.92 45.39 -34.93
C GLU F 442 45.58 45.27 -34.23
N TYR F 443 44.72 46.28 -34.39
CA TYR F 443 43.43 46.23 -33.72
C TYR F 443 42.59 45.07 -34.23
N ALA F 444 42.58 44.85 -35.56
CA ALA F 444 41.76 43.77 -36.10
C ALA F 444 42.22 42.42 -35.59
N LEU F 445 43.54 42.20 -35.57
CA LEU F 445 44.07 40.94 -35.09
C LEU F 445 43.73 40.73 -33.63
N GLN F 446 43.84 41.78 -32.82
CA GLN F 446 43.50 41.66 -31.41
C GLN F 446 42.03 41.27 -31.22
N VAL F 447 41.13 41.98 -31.90
CA VAL F 447 39.72 41.77 -31.67
C VAL F 447 39.28 40.41 -32.22
N ARG F 448 39.91 39.93 -33.29
CA ARG F 448 39.59 38.60 -33.78
C ARG F 448 40.19 37.52 -32.88
N ARG F 449 41.37 37.78 -32.31
CA ARG F 449 41.99 36.80 -31.43
C ARG F 449 41.18 36.60 -30.17
N ARG F 450 40.49 37.64 -29.71
CA ARG F 450 39.61 37.43 -28.56
C ARG F 450 38.55 36.36 -28.86
N VAL F 451 37.92 36.46 -30.04
CA VAL F 451 36.94 35.46 -30.44
C VAL F 451 37.60 34.10 -30.58
N LYS F 452 38.79 34.06 -31.17
CA LYS F 452 39.48 32.79 -31.36
C LYS F 452 39.78 32.11 -30.03
N GLU F 453 40.17 32.90 -29.02
CA GLU F 453 40.51 32.32 -27.73
C GLU F 453 39.27 31.84 -27.00
N GLN F 454 38.18 32.61 -27.04
CA GLN F 454 36.92 32.11 -26.51
C GLN F 454 36.51 30.81 -27.22
N LEU F 455 36.73 30.76 -28.53
CA LEU F 455 36.38 29.58 -29.29
C LEU F 455 37.22 28.38 -28.89
N LYS F 456 38.51 28.60 -28.62
CA LYS F 456 39.32 27.53 -28.05
C LYS F 456 38.72 27.02 -26.76
N LYS F 457 38.43 27.92 -25.81
CA LYS F 457 37.82 27.50 -24.56
C LYS F 457 36.57 26.67 -24.78
N ILE F 458 35.75 27.05 -25.77
CA ILE F 458 34.50 26.33 -26.03
C ILE F 458 34.75 24.97 -26.68
N GLY F 459 35.60 24.92 -27.69
CA GLY F 459 35.67 23.75 -28.56
C GLY F 459 36.86 22.83 -28.43
N GLY F 460 37.80 23.15 -27.54
CA GLY F 460 38.89 22.21 -27.31
C GLY F 460 39.98 22.32 -28.37
N MET F 461 40.34 21.17 -28.94
CA MET F 461 41.53 21.09 -29.78
C MET F 461 41.32 21.75 -31.15
N GLU F 462 40.06 21.87 -31.58
CA GLU F 462 39.78 22.28 -32.96
C GLU F 462 40.40 23.63 -33.32
N PHE F 463 40.66 24.49 -32.33
CA PHE F 463 41.13 25.85 -32.58
C PHE F 463 42.37 26.17 -31.75
N TYR F 464 43.38 25.30 -31.79
CA TYR F 464 44.55 25.50 -30.93
C TYR F 464 45.42 26.66 -31.40
N ASP F 465 45.42 26.95 -32.69
CA ASP F 465 46.25 28.03 -33.21
C ASP F 465 45.64 29.39 -32.90
N VAL F 466 45.86 29.89 -31.69
CA VAL F 466 45.32 31.20 -31.31
C VAL F 466 46.26 32.28 -31.82
N HIS F 467 47.45 32.34 -31.23
CA HIS F 467 48.64 33.00 -31.76
C HIS F 467 48.38 34.27 -32.56
N PHE F 468 48.33 34.16 -33.89
CA PHE F 468 48.12 35.26 -34.82
C PHE F 468 49.37 36.11 -34.95
N SER F 469 49.68 36.55 -36.16
CA SER F 469 50.87 37.35 -36.42
C SER F 469 50.85 37.93 -37.83
N TYR F 470 51.41 39.12 -38.01
CA TYR F 470 51.53 39.68 -39.34
C TYR F 470 53.00 39.85 -39.72
N ILE F 471 53.32 39.51 -40.95
CA ILE F 471 54.69 39.49 -41.45
C ILE F 471 54.94 40.76 -42.24
N ASP F 472 56.08 41.40 -42.01
CA ASP F 472 56.45 42.51 -42.86
C ASP F 472 56.79 42.00 -44.25
N ASN F 473 56.84 42.93 -45.21
CA ASN F 473 57.20 42.61 -46.58
C ASN F 473 58.68 42.84 -46.86
N ASP F 474 59.35 43.65 -46.05
CA ASP F 474 60.73 44.04 -46.32
C ASP F 474 61.67 43.54 -45.23
N THR F 475 61.35 43.85 -43.98
CA THR F 475 62.20 43.45 -42.86
C THR F 475 62.00 41.96 -42.57
N LEU F 476 60.90 41.39 -43.04
CA LEU F 476 60.53 40.02 -42.73
C LEU F 476 60.52 39.80 -41.23
N GLU F 477 59.89 40.71 -40.49
CA GLU F 477 59.80 40.59 -39.04
C GLU F 477 58.84 39.49 -38.63
N GLU F 478 58.55 39.40 -37.34
CA GLU F 478 57.69 38.34 -36.81
C GLU F 478 56.78 38.92 -35.74
N HIS F 479 56.12 40.03 -36.04
CA HIS F 479 55.24 40.67 -35.06
C HIS F 479 54.14 39.74 -34.58
N PHE F 480 54.09 39.48 -33.28
CA PHE F 480 52.94 38.80 -32.71
C PHE F 480 51.97 39.82 -32.12
N VAL F 481 50.74 39.38 -31.90
CA VAL F 481 49.70 40.21 -31.30
C VAL F 481 49.01 39.42 -30.20
N SER F 482 48.89 40.03 -29.03
CA SER F 482 48.25 39.41 -27.88
C SER F 482 46.92 40.10 -27.60
N VAL F 483 46.06 39.41 -26.84
CA VAL F 483 44.73 39.91 -26.57
C VAL F 483 44.82 41.16 -25.68
N LYS F 484 45.26 40.97 -24.44
CA LYS F 484 45.45 41.97 -23.39
C LYS F 484 45.26 41.32 -22.02
N GLU F 485 44.09 40.71 -21.83
CA GLU F 485 43.75 40.11 -20.54
C GLU F 485 44.77 39.05 -20.14
N GLN F 486 45.14 38.18 -21.06
CA GLN F 486 46.06 37.10 -20.77
C GLN F 486 47.43 37.37 -21.37
N PRO F 496 46.56 23.63 -7.54
CA PRO F 496 47.24 22.81 -8.56
C PRO F 496 46.61 22.96 -9.95
N ALA F 497 47.46 23.01 -10.97
CA ALA F 497 46.98 23.16 -12.33
C ALA F 497 46.52 21.82 -12.89
N LYS F 498 45.91 21.87 -14.08
CA LYS F 498 45.46 20.67 -14.75
C LYS F 498 46.67 19.86 -15.19
N PRO F 499 46.50 18.55 -15.44
CA PRO F 499 47.62 17.72 -15.89
C PRO F 499 48.24 18.26 -17.17
N GLY F 500 49.57 18.20 -17.23
CA GLY F 500 50.31 18.59 -18.41
C GLY F 500 50.59 20.07 -18.53
N PHE F 501 50.17 20.88 -17.57
CA PHE F 501 50.30 22.33 -17.67
C PHE F 501 51.38 22.80 -16.71
N LEU F 502 52.27 23.67 -17.18
CA LEU F 502 53.33 24.15 -16.28
C LEU F 502 53.76 25.55 -16.69
N TYR F 503 54.56 26.16 -15.81
CA TYR F 503 55.14 27.48 -16.03
C TYR F 503 56.65 27.36 -16.00
N THR F 504 57.32 28.04 -16.92
CA THR F 504 58.78 28.07 -16.97
C THR F 504 59.24 29.51 -17.11
N ILE F 505 60.52 29.74 -16.81
CA ILE F 505 61.15 31.04 -17.01
C ILE F 505 62.47 30.83 -17.73
N GLY F 506 62.71 31.62 -18.76
CA GLY F 506 63.91 31.43 -19.56
C GLY F 506 64.36 32.70 -20.24
N LEU F 507 65.61 32.68 -20.68
CA LEU F 507 66.20 33.83 -21.36
C LEU F 507 65.69 33.90 -22.80
N SER F 508 65.05 35.01 -23.16
CA SER F 508 64.54 35.19 -24.50
C SER F 508 65.68 35.28 -25.50
N ASN F 509 65.31 35.40 -26.78
CA ASN F 509 66.31 35.56 -27.83
C ASN F 509 67.16 36.82 -27.63
N LYS F 510 66.64 37.81 -26.90
CA LYS F 510 67.41 38.99 -26.54
C LYS F 510 68.17 38.82 -25.24
N GLY F 511 67.98 37.72 -24.52
CA GLY F 511 68.67 37.48 -23.27
C GLY F 511 67.98 38.05 -22.05
N MET F 512 66.75 38.54 -22.17
CA MET F 512 66.05 39.09 -21.02
C MET F 512 65.01 38.09 -20.54
N PRO F 513 65.14 37.56 -19.31
CA PRO F 513 64.32 36.41 -18.89
C PRO F 513 62.83 36.74 -18.84
N GLY F 514 62.02 35.73 -19.13
CA GLY F 514 60.58 35.90 -19.13
C GLY F 514 59.88 34.62 -18.71
N LEU F 515 58.60 34.78 -18.36
CA LEU F 515 57.77 33.68 -17.88
C LEU F 515 56.81 33.22 -18.97
N TYR F 516 56.86 31.92 -19.29
CA TYR F 516 56.07 31.31 -20.35
C TYR F 516 55.30 30.13 -19.76
N ARG F 517 54.23 29.74 -20.45
CA ARG F 517 53.40 28.61 -20.03
C ARG F 517 53.44 27.50 -21.07
N LEU F 518 53.65 26.28 -20.62
CA LEU F 518 53.63 25.10 -21.49
C LEU F 518 52.34 24.33 -21.25
N GLU F 519 51.63 24.04 -22.34
CA GLU F 519 50.31 23.41 -22.29
C GLU F 519 50.37 22.15 -23.14
N LEU F 520 50.09 21.00 -22.54
CA LEU F 520 50.13 19.73 -23.27
C LEU F 520 48.77 19.05 -23.23
N GLN F 521 48.36 18.48 -24.37
CA GLN F 521 47.21 17.60 -24.41
C GLN F 521 47.68 16.25 -24.93
N VAL F 522 47.08 15.19 -24.42
CA VAL F 522 47.43 13.82 -24.79
C VAL F 522 46.16 13.12 -25.25
N THR F 523 46.24 12.47 -26.42
CA THR F 523 45.15 11.66 -26.92
C THR F 523 45.68 10.29 -27.29
N LYS F 524 44.79 9.37 -27.62
CA LYS F 524 45.20 8.09 -28.18
C LYS F 524 45.69 8.29 -29.60
N GLY F 525 46.84 7.71 -29.94
CA GLY F 525 47.39 7.88 -31.26
C GLY F 525 48.59 7.01 -31.57
N SER F 526 49.48 7.51 -32.43
CA SER F 526 50.61 6.74 -32.92
C SER F 526 51.95 7.39 -32.60
N GLY F 527 52.04 8.10 -31.48
CA GLY F 527 53.27 8.76 -31.11
C GLY F 527 53.56 10.04 -31.86
N LYS F 528 52.59 10.59 -32.58
CA LYS F 528 52.80 11.82 -33.33
C LYS F 528 52.85 13.01 -32.38
N LEU F 529 53.72 13.96 -32.71
CA LEU F 529 53.92 15.17 -31.92
C LEU F 529 53.47 16.38 -32.71
N ALA F 530 52.59 17.19 -32.13
CA ALA F 530 52.12 18.43 -32.73
C ALA F 530 52.58 19.60 -31.89
N THR F 531 53.02 20.67 -32.54
CA THR F 531 53.64 21.80 -31.88
C THR F 531 52.94 23.09 -32.26
N SER F 532 52.78 23.99 -31.28
CA SER F 532 52.19 25.29 -31.54
C SER F 532 52.78 26.32 -30.59
N GLY F 533 52.97 27.54 -31.09
CA GLY F 533 53.38 28.65 -30.26
C GLY F 533 54.86 28.78 -30.01
N LEU F 534 55.70 28.02 -30.70
CA LEU F 534 57.14 28.10 -30.51
C LEU F 534 57.77 29.21 -31.35
N TRP F 535 56.95 30.18 -31.78
CA TRP F 535 57.43 31.38 -32.47
C TRP F 535 58.14 31.05 -33.78
N ASN F 536 57.81 29.90 -34.37
CA ASN F 536 58.41 29.48 -35.64
C ASN F 536 59.94 29.46 -35.56
N SER F 537 60.45 28.95 -34.44
CA SER F 537 61.89 28.89 -34.18
C SER F 537 62.36 27.46 -34.43
N SER F 538 63.37 27.31 -35.28
CA SER F 538 63.97 26.01 -35.54
C SER F 538 64.62 25.45 -34.27
N SER F 539 65.26 26.32 -33.50
CA SER F 539 65.90 25.88 -32.26
C SER F 539 64.88 25.34 -31.27
N ALA F 540 63.73 26.02 -31.14
CA ALA F 540 62.67 25.52 -30.26
C ALA F 540 62.13 24.18 -30.75
N LYS F 541 61.94 24.04 -32.06
CA LYS F 541 61.48 22.76 -32.60
C LYS F 541 62.46 21.66 -32.28
N GLU F 542 63.76 21.92 -32.46
CA GLU F 542 64.75 20.89 -32.19
C GLU F 542 64.81 20.54 -30.71
N GLN F 543 64.68 21.54 -29.83
CA GLN F 543 64.68 21.26 -28.40
C GLN F 543 63.48 20.40 -28.00
N VAL F 544 62.31 20.74 -28.52
CA VAL F 544 61.11 19.95 -28.20
C VAL F 544 61.26 18.53 -28.75
N LYS F 545 61.81 18.40 -29.96
CA LYS F 545 62.00 17.07 -30.55
C LYS F 545 62.99 16.25 -29.73
N ILE F 546 64.06 16.89 -29.24
CA ILE F 546 65.04 16.19 -28.41
C ILE F 546 64.39 15.71 -27.12
N ALA F 547 63.58 16.57 -26.50
CA ALA F 547 62.89 16.18 -25.28
C ALA F 547 61.92 15.03 -25.54
N PHE F 548 61.21 15.08 -26.66
CA PHE F 548 60.28 14.01 -27.00
C PHE F 548 61.01 12.69 -27.25
N ASP F 549 62.17 12.76 -27.91
CA ASP F 549 62.98 11.56 -28.12
C ASP F 549 63.47 10.98 -26.81
N TYR F 550 63.93 11.83 -25.89
CA TYR F 550 64.33 11.35 -24.57
C TYR F 550 63.16 10.73 -23.83
N PHE F 551 61.97 11.35 -23.95
CA PHE F 551 60.78 10.81 -23.32
C PHE F 551 60.43 9.44 -23.88
N LYS F 552 60.56 9.26 -25.19
CA LYS F 552 60.35 7.96 -25.80
C LYS F 552 61.36 6.94 -25.28
N ALA F 553 62.63 7.35 -25.17
CA ALA F 553 63.67 6.42 -24.74
C ALA F 553 63.50 6.00 -23.29
N ASN F 554 63.14 6.94 -22.41
CA ASN F 554 63.05 6.67 -20.97
C ASN F 554 61.61 6.54 -20.49
N ALA F 555 60.73 5.94 -21.29
CA ALA F 555 59.34 5.77 -20.85
C ALA F 555 59.26 4.84 -19.66
N SER F 556 60.06 3.78 -19.64
CA SER F 556 60.01 2.81 -18.55
C SER F 556 60.44 3.43 -17.23
N ARG F 557 61.49 4.25 -17.23
CA ARG F 557 62.02 4.82 -15.99
C ARG F 557 61.14 5.93 -15.44
N ILE F 558 60.21 6.46 -16.23
CA ILE F 558 59.41 7.61 -15.84
C ILE F 558 57.97 7.23 -15.59
N SER F 559 57.36 6.44 -16.47
CA SER F 559 55.95 6.11 -16.40
C SER F 559 55.68 4.73 -15.81
N GLY F 560 56.60 3.78 -15.95
CA GLY F 560 56.41 2.46 -15.39
C GLY F 560 55.39 1.61 -16.10
N GLY F 561 55.19 1.84 -17.39
CA GLY F 561 54.28 1.02 -18.16
C GLY F 561 53.48 1.76 -19.22
N SER F 562 53.36 3.07 -19.08
CA SER F 562 52.61 3.87 -20.06
C SER F 562 53.41 3.96 -21.35
N LYS F 563 52.78 3.59 -22.46
CA LYS F 563 53.49 3.48 -23.73
C LYS F 563 53.34 4.77 -24.53
N VAL F 564 54.47 5.35 -24.94
CA VAL F 564 54.47 6.58 -25.72
C VAL F 564 53.88 6.33 -27.11
N MET F 565 54.16 5.17 -27.68
CA MET F 565 53.72 4.86 -29.04
C MET F 565 52.21 4.83 -29.18
N GLU F 566 51.47 4.61 -28.10
CA GLU F 566 50.02 4.52 -28.15
C GLU F 566 49.33 5.86 -27.98
N HIS F 567 50.08 6.93 -27.68
CA HIS F 567 49.50 8.23 -27.39
C HIS F 567 50.17 9.31 -28.23
N ASP F 568 49.38 10.28 -28.66
CA ASP F 568 49.86 11.45 -29.38
C ASP F 568 49.79 12.68 -28.49
N PHE F 569 50.81 13.54 -28.61
CA PHE F 569 50.98 14.71 -27.75
C PHE F 569 50.90 15.97 -28.60
N HIS F 570 50.21 16.99 -28.08
CA HIS F 570 50.16 18.31 -28.70
C HIS F 570 50.59 19.35 -27.66
N LEU F 571 51.67 20.05 -27.94
CA LEU F 571 52.22 21.05 -27.05
C LEU F 571 51.98 22.45 -27.60
N HIS F 572 51.78 23.39 -26.66
CA HIS F 572 51.28 24.73 -26.97
C HIS F 572 52.00 25.70 -26.03
N VAL F 573 52.76 26.62 -26.62
CA VAL F 573 53.52 27.58 -25.83
C VAL F 573 52.75 28.89 -25.75
N VAL F 574 52.65 29.46 -24.55
CA VAL F 574 51.91 30.69 -24.33
C VAL F 574 52.86 31.70 -23.73
N GLU F 575 52.98 32.87 -24.35
CA GLU F 575 53.83 33.95 -23.86
C GLU F 575 52.97 34.98 -23.14
N LEU F 576 53.35 35.30 -21.90
CA LEU F 576 52.53 36.15 -21.04
C LEU F 576 53.17 37.50 -20.74
N GLN F 577 54.45 37.69 -21.03
CA GLN F 577 55.11 38.96 -20.78
C GLN F 577 55.71 39.61 -22.02
N ASN F 578 55.42 39.08 -23.22
CA ASN F 578 55.88 39.67 -24.48
C ASN F 578 57.39 39.83 -24.52
N THR F 579 58.12 38.87 -23.94
CA THR F 579 59.57 38.96 -23.89
C THR F 579 60.24 38.51 -25.18
N GLY F 580 59.60 37.63 -25.95
CA GLY F 580 60.17 37.15 -27.18
C GLY F 580 60.30 35.63 -27.21
N PRO F 581 60.81 35.09 -28.30
CA PRO F 581 61.01 33.64 -28.37
C PRO F 581 62.05 33.16 -27.38
N LEU F 582 61.88 31.91 -26.93
CA LEU F 582 62.80 31.26 -26.00
C LEU F 582 63.54 30.14 -26.70
N SER F 583 64.79 29.90 -26.30
CA SER F 583 65.61 28.85 -26.89
C SER F 583 65.57 27.56 -26.07
N HIS F 584 65.94 27.65 -24.80
CA HIS F 584 66.07 26.45 -23.97
C HIS F 584 64.70 25.98 -23.50
N LEU F 585 64.22 24.88 -24.07
CA LEU F 585 62.91 24.37 -23.72
C LEU F 585 62.84 22.85 -23.61
N ALA F 586 63.96 22.12 -23.72
CA ALA F 586 63.89 20.67 -23.70
C ALA F 586 63.43 20.16 -22.33
N LEU F 587 64.03 20.66 -21.26
CA LEU F 587 63.67 20.19 -19.92
C LEU F 587 62.22 20.50 -19.55
N PRO F 588 61.72 21.74 -19.66
CA PRO F 588 60.31 21.98 -19.32
C PRO F 588 59.36 21.19 -20.19
N SER F 589 59.69 21.03 -21.48
CA SER F 589 58.83 20.23 -22.35
C SER F 589 58.82 18.77 -21.91
N LEU F 590 59.98 18.23 -21.52
CA LEU F 590 60.03 16.85 -21.04
C LEU F 590 59.19 16.69 -19.78
N VAL F 591 59.26 17.67 -18.87
CA VAL F 591 58.41 17.66 -17.70
C VAL F 591 56.94 17.68 -18.10
N ALA F 592 56.62 18.45 -19.14
CA ALA F 592 55.24 18.52 -19.62
C ALA F 592 54.78 17.16 -20.14
N PHE F 593 55.63 16.49 -20.94
CA PHE F 593 55.26 15.17 -21.45
C PHE F 593 55.07 14.19 -20.29
N ALA F 594 55.97 14.22 -19.31
CA ALA F 594 55.88 13.29 -18.20
C ALA F 594 54.60 13.52 -17.40
N SER F 595 54.23 14.78 -17.19
CA SER F 595 53.01 15.08 -16.44
C SER F 595 51.77 14.70 -17.24
N GLY F 596 51.75 15.03 -18.53
CA GLY F 596 50.57 14.76 -19.34
C GLY F 596 50.32 13.28 -19.55
N LEU F 597 51.39 12.51 -19.82
CA LEU F 597 51.23 11.09 -20.06
C LEU F 597 50.71 10.38 -18.82
N LEU F 598 51.24 10.72 -17.65
CA LEU F 598 50.84 10.04 -16.42
C LEU F 598 49.55 10.60 -15.82
N GLY F 599 49.08 11.75 -16.26
CA GLY F 599 47.88 12.33 -15.68
C GLY F 599 48.06 12.78 -14.25
N ARG F 600 49.28 13.11 -13.84
CA ARG F 600 49.57 13.55 -12.49
C ARG F 600 49.71 15.06 -12.48
N SER F 601 48.93 15.72 -11.62
CA SER F 601 48.92 17.17 -11.59
C SER F 601 50.27 17.70 -11.10
N VAL F 602 50.75 18.76 -11.77
CA VAL F 602 51.99 19.39 -11.37
C VAL F 602 51.80 20.12 -10.05
N GLN F 603 52.84 20.12 -9.22
CA GLN F 603 52.80 20.86 -7.96
C GLN F 603 52.59 22.33 -8.25
N SER F 604 51.73 22.96 -7.46
CA SER F 604 51.35 24.35 -7.72
C SER F 604 52.51 25.30 -7.47
N GLN F 605 52.72 26.22 -8.40
CA GLN F 605 53.59 27.38 -8.21
C GLN F 605 55.06 26.99 -8.02
N MET F 606 55.64 26.31 -9.00
CA MET F 606 57.09 26.19 -9.09
C MET F 606 57.59 26.76 -10.41
N VAL F 607 58.88 27.06 -10.48
CA VAL F 607 59.55 27.45 -11.72
C VAL F 607 60.65 26.43 -12.00
N VAL F 608 60.60 25.84 -13.19
CA VAL F 608 61.58 24.84 -13.61
C VAL F 608 62.62 25.55 -14.47
N LEU F 609 63.87 25.52 -14.04
CA LEU F 609 64.97 26.16 -14.74
C LEU F 609 65.96 25.12 -15.23
N GLY F 610 66.80 25.55 -16.17
CA GLY F 610 67.80 24.69 -16.78
C GLY F 610 67.27 24.00 -18.02
N ASP F 611 68.20 23.40 -18.75
CA ASP F 611 67.87 22.65 -19.95
C ASP F 611 68.63 21.32 -19.92
N MET F 612 68.28 20.44 -20.85
CA MET F 612 68.81 19.08 -20.85
C MET F 612 69.25 18.70 -22.25
N SER F 613 70.21 17.79 -22.32
CA SER F 613 70.73 17.29 -23.58
C SER F 613 70.14 15.91 -23.88
N LEU F 614 70.31 15.48 -25.14
CA LEU F 614 69.73 14.21 -25.58
C LEU F 614 70.22 13.04 -24.75
N GLY F 615 71.45 13.10 -24.27
CA GLY F 615 71.98 12.03 -23.43
C GLY F 615 71.57 12.08 -21.98
N GLY F 616 70.80 13.09 -21.60
CA GLY F 616 70.38 13.25 -20.22
C GLY F 616 71.25 14.18 -19.40
N SER F 617 72.18 14.89 -20.02
CA SER F 617 73.02 15.83 -19.29
C SER F 617 72.26 17.13 -19.02
N VAL F 618 72.31 17.58 -17.78
CA VAL F 618 71.64 18.80 -17.36
C VAL F 618 72.57 19.98 -17.57
N THR F 619 72.01 21.10 -18.02
CA THR F 619 72.84 22.27 -18.24
C THR F 619 72.63 23.29 -17.13
N PRO F 620 73.65 24.06 -16.77
CA PRO F 620 73.48 25.10 -15.75
C PRO F 620 72.52 26.19 -16.24
N VAL F 621 71.83 26.80 -15.28
CA VAL F 621 70.86 27.84 -15.61
C VAL F 621 71.60 29.14 -15.87
N GLU F 622 71.42 29.71 -17.05
CA GLU F 622 72.00 31.01 -17.36
C GLU F 622 71.22 32.11 -16.64
N SER F 623 71.95 32.96 -15.93
CA SER F 623 71.34 34.06 -15.19
C SER F 623 70.24 33.56 -14.25
N ILE F 624 70.64 32.72 -13.29
CA ILE F 624 69.66 32.14 -12.37
C ILE F 624 69.01 33.21 -11.51
N ALA F 625 69.80 34.22 -11.10
CA ALA F 625 69.26 35.23 -10.19
C ALA F 625 68.10 35.99 -10.81
N GLU F 626 68.27 36.46 -12.05
CA GLU F 626 67.20 37.22 -12.70
C GLU F 626 65.96 36.37 -12.87
N CYS F 627 66.14 35.09 -13.22
CA CYS F 627 65.00 34.19 -13.24
C CYS F 627 64.34 34.11 -11.87
N LEU F 628 65.14 34.21 -10.80
CA LEU F 628 64.58 34.16 -9.46
C LEU F 628 63.73 35.40 -9.16
N GLN F 629 64.20 36.60 -9.54
CA GLN F 629 63.34 37.77 -9.31
C GLN F 629 62.10 37.70 -10.20
N VAL F 630 62.23 37.16 -11.41
CA VAL F 630 61.07 37.01 -12.29
C VAL F 630 60.05 36.08 -11.64
N ALA F 631 60.52 34.97 -11.07
CA ALA F 631 59.63 34.04 -10.39
C ALA F 631 58.97 34.70 -9.19
N PHE F 632 59.74 35.49 -8.44
CA PHE F 632 59.19 36.17 -7.27
C PHE F 632 58.11 37.16 -7.67
N ASP F 633 58.33 37.88 -8.78
CA ASP F 633 57.31 38.79 -9.28
C ASP F 633 56.10 38.03 -9.82
N ALA F 634 56.33 36.83 -10.34
CA ALA F 634 55.24 36.02 -10.88
C ALA F 634 54.41 35.33 -9.80
N GLY F 635 54.81 35.43 -8.54
CA GLY F 635 54.11 34.75 -7.48
C GLY F 635 54.52 33.32 -7.26
N ALA F 636 55.70 32.92 -7.73
CA ALA F 636 56.13 31.54 -7.60
C ALA F 636 56.41 31.20 -6.14
N LYS F 637 56.21 29.92 -5.79
CA LYS F 637 56.41 29.44 -4.43
C LYS F 637 57.47 28.36 -4.32
N LYS F 638 57.79 27.66 -5.41
CA LYS F 638 58.80 26.61 -5.42
C LYS F 638 59.73 26.83 -6.58
N VAL F 639 60.90 26.20 -6.54
CA VAL F 639 61.85 26.19 -7.65
C VAL F 639 62.40 24.79 -7.82
N ALA F 640 62.51 24.35 -9.07
CA ALA F 640 63.21 23.12 -9.42
C ALA F 640 64.58 23.50 -9.97
N LEU F 641 65.63 23.05 -9.31
CA LEU F 641 66.96 23.50 -9.66
C LEU F 641 67.89 22.34 -9.96
N PRO F 642 68.66 22.43 -11.03
CA PRO F 642 69.62 21.35 -11.33
C PRO F 642 70.78 21.36 -10.34
N MET F 643 71.50 20.24 -10.29
CA MET F 643 72.66 20.17 -9.41
C MET F 643 73.74 21.16 -9.80
N SER F 644 74.00 21.30 -11.10
CA SER F 644 75.09 22.16 -11.57
C SER F 644 74.91 23.62 -11.16
N SER F 645 73.68 24.06 -10.91
CA SER F 645 73.42 25.44 -10.52
C SER F 645 73.64 25.68 -9.04
N ALA F 646 73.96 24.65 -8.26
CA ALA F 646 74.20 24.84 -6.83
C ALA F 646 75.35 25.81 -6.58
N ALA F 647 76.37 25.78 -7.43
CA ALA F 647 77.49 26.72 -7.27
C ALA F 647 77.04 28.17 -7.43
N ASP F 648 75.89 28.40 -8.06
CA ASP F 648 75.35 29.74 -8.20
C ASP F 648 74.55 30.19 -6.98
N ILE F 649 74.38 29.32 -5.98
CA ILE F 649 73.63 29.71 -4.79
C ILE F 649 74.27 30.89 -4.06
N PRO F 650 75.59 30.91 -3.79
CA PRO F 650 76.16 32.05 -3.03
C PRO F 650 75.94 33.40 -3.70
N THR F 651 75.96 33.47 -5.03
CA THR F 651 75.74 34.74 -5.71
C THR F 651 74.29 35.21 -5.60
N ILE F 652 73.37 34.34 -5.19
CA ILE F 652 71.98 34.71 -4.99
C ILE F 652 71.83 35.39 -3.63
N PRO F 653 71.19 36.55 -3.57
CA PRO F 653 70.86 37.14 -2.25
C PRO F 653 70.00 36.20 -1.44
N VAL F 654 70.28 36.13 -0.14
CA VAL F 654 69.64 35.13 0.72
C VAL F 654 68.14 35.40 0.85
N GLU F 655 67.76 36.67 0.92
CA GLU F 655 66.36 37.01 1.16
C GLU F 655 65.45 36.49 0.05
N LEU F 656 65.87 36.61 -1.20
CA LEU F 656 65.07 36.10 -2.31
C LEU F 656 65.09 34.57 -2.33
N PHE F 657 66.23 33.97 -2.04
CA PHE F 657 66.34 32.51 -2.08
C PHE F 657 65.51 31.85 -1.00
N THR F 658 65.29 32.55 0.12
CA THR F 658 64.49 32.00 1.20
C THR F 658 63.00 31.90 0.84
N LYS F 659 62.56 32.57 -0.22
CA LYS F 659 61.15 32.60 -0.58
C LYS F 659 60.73 31.41 -1.43
N PHE F 660 61.66 30.60 -1.93
CA PHE F 660 61.36 29.52 -2.85
C PHE F 660 61.70 28.16 -2.24
N GLN F 661 60.79 27.21 -2.44
CA GLN F 661 61.00 25.84 -2.00
C GLN F 661 61.78 25.10 -3.07
N THR F 662 63.03 24.75 -2.76
CA THR F 662 63.97 24.21 -3.74
C THR F 662 63.83 22.69 -3.79
N SER F 663 63.28 22.18 -4.90
CA SER F 663 63.30 20.75 -5.12
C SER F 663 64.70 20.23 -5.37
N PHE F 664 65.50 20.98 -6.13
CA PHE F 664 66.89 20.66 -6.41
C PHE F 664 67.05 19.27 -7.00
N TYR F 665 66.50 19.06 -8.20
CA TYR F 665 66.66 17.81 -8.92
C TYR F 665 68.10 17.64 -9.40
N ALA F 666 68.47 16.44 -9.81
CA ALA F 666 69.80 16.20 -10.37
C ALA F 666 69.69 15.73 -11.82
N ASP F 667 68.88 14.71 -12.06
CA ASP F 667 68.76 14.16 -13.39
C ASP F 667 67.45 14.62 -14.03
N PRO F 668 67.34 14.58 -15.36
CA PRO F 668 66.03 14.83 -16.00
C PRO F 668 64.96 13.89 -15.50
N VAL F 669 65.32 12.62 -15.28
CA VAL F 669 64.40 11.68 -14.65
C VAL F 669 64.13 12.12 -13.21
N ASP F 670 65.18 12.54 -12.51
CA ASP F 670 65.00 13.11 -11.17
C ASP F 670 64.19 14.40 -11.23
N ALA F 671 64.36 15.18 -12.30
CA ALA F 671 63.53 16.37 -12.47
C ALA F 671 62.06 16.01 -12.59
N VAL F 672 61.77 14.96 -13.36
CA VAL F 672 60.38 14.51 -13.50
C VAL F 672 59.84 14.05 -12.16
N PHE F 673 60.62 13.27 -11.43
CA PHE F 673 60.15 12.73 -10.14
C PHE F 673 59.91 13.85 -9.14
N LYS F 674 60.77 14.87 -9.13
CA LYS F 674 60.54 16.03 -8.28
C LYS F 674 59.29 16.80 -8.71
N GLY F 675 59.10 16.96 -10.02
CA GLY F 675 57.94 17.71 -10.50
C GLY F 675 56.62 17.03 -10.17
N LEU F 676 56.56 15.71 -10.31
CA LEU F 676 55.32 14.98 -10.09
C LEU F 676 54.92 14.92 -8.62
N GLY F 677 55.81 15.28 -7.69
CA GLY F 677 55.49 15.25 -6.28
C GLY F 677 55.27 13.84 -5.74
N ASP G 6 -12.35 88.19 -5.30
CA ASP G 6 -12.74 87.24 -6.32
C ASP G 6 -13.63 87.91 -7.37
N LYS G 7 -14.34 88.96 -6.94
CA LYS G 7 -15.19 89.70 -7.85
C LYS G 7 -14.35 90.36 -8.95
N GLU G 8 -13.17 90.88 -8.59
CA GLU G 8 -12.28 91.44 -9.61
C GLU G 8 -11.84 90.37 -10.59
N LEU G 9 -11.54 89.17 -10.09
CA LEU G 9 -11.16 88.08 -10.97
C LEU G 9 -12.27 87.73 -11.94
N ASP G 10 -13.52 87.65 -11.44
CA ASP G 10 -14.64 87.33 -12.32
C ASP G 10 -14.86 88.42 -13.36
N GLN G 11 -14.74 89.68 -12.96
CA GLN G 11 -14.91 90.77 -13.91
C GLN G 11 -13.82 90.72 -14.98
N LEU G 12 -12.58 90.46 -14.58
CA LEU G 12 -11.49 90.37 -15.55
C LEU G 12 -11.71 89.20 -16.52
N LEU G 13 -12.15 88.05 -15.99
CA LEU G 13 -12.41 86.90 -16.86
C LEU G 13 -13.53 87.21 -17.84
N ASN G 14 -14.61 87.83 -17.36
CA ASN G 14 -15.72 88.15 -18.25
C ASN G 14 -15.35 89.23 -19.25
N GLU G 15 -14.35 90.05 -18.94
CA GLU G 15 -13.95 91.11 -19.86
C GLU G 15 -13.02 90.58 -20.94
N HIS G 16 -11.96 89.88 -20.55
CA HIS G 16 -10.93 89.49 -21.50
C HIS G 16 -11.17 88.13 -22.14
N PHE G 17 -12.11 87.34 -21.64
CA PHE G 17 -12.44 86.05 -22.24
C PHE G 17 -13.94 85.95 -22.49
N ALA G 18 -14.51 86.98 -23.11
CA ALA G 18 -15.95 87.04 -23.31
C ALA G 18 -16.43 85.88 -24.17
N GLY G 19 -17.56 85.30 -23.77
CA GLY G 19 -18.15 84.23 -24.54
C GLY G 19 -17.48 82.89 -24.39
N ARG G 20 -16.53 82.75 -23.48
CA ARG G 20 -15.80 81.51 -23.29
C ARG G 20 -15.62 81.20 -21.81
N VAL G 21 -16.41 81.85 -20.96
CA VAL G 21 -16.35 81.63 -19.52
C VAL G 21 -17.76 81.40 -19.00
N VAL G 22 -17.90 80.40 -18.14
CA VAL G 22 -19.20 80.05 -17.56
C VAL G 22 -19.05 79.79 -16.08
N ARG G 23 -20.10 80.06 -15.30
CA ARG G 23 -20.12 79.66 -13.91
C ARG G 23 -20.23 78.14 -13.83
N LYS G 24 -19.37 77.51 -13.05
CA LYS G 24 -19.33 76.04 -13.03
C LYS G 24 -20.35 75.43 -12.09
N ASP G 25 -21.38 76.19 -11.73
CA ASP G 25 -22.48 75.67 -10.93
C ASP G 25 -23.73 75.38 -11.74
N LEU G 26 -24.10 76.25 -12.68
CA LEU G 26 -25.28 76.08 -13.51
C LEU G 26 -25.21 74.83 -14.36
N THR G 27 -24.04 74.51 -14.91
CA THR G 27 -23.90 73.47 -15.91
C THR G 27 -24.36 72.11 -15.41
N LYS G 28 -24.21 71.85 -14.11
CA LYS G 28 -24.62 70.57 -13.54
C LYS G 28 -26.11 70.35 -13.69
N LEU G 29 -26.87 71.40 -13.38
CA LEU G 29 -28.33 71.37 -13.39
C LEU G 29 -28.83 70.93 -14.76
N ILE G 30 -28.33 71.57 -15.81
CA ILE G 30 -28.71 71.25 -17.17
C ILE G 30 -28.16 69.89 -17.57
N LYS G 31 -26.91 69.61 -17.22
CA LYS G 31 -26.26 68.37 -17.63
C LYS G 31 -27.11 67.18 -17.25
N GLU G 32 -27.33 67.00 -15.95
CA GLU G 32 -28.20 65.93 -15.47
C GLU G 32 -27.96 64.64 -16.25
N GLY G 33 -28.81 64.41 -17.26
CA GLY G 33 -28.70 63.28 -18.16
C GLY G 33 -29.14 63.63 -19.57
N ALA G 34 -28.94 64.87 -19.98
CA ALA G 34 -29.41 65.35 -21.27
C ALA G 34 -28.70 64.63 -22.41
N ASN G 35 -29.23 64.78 -23.62
CA ASN G 35 -28.77 64.05 -24.79
C ASN G 35 -27.47 64.63 -25.33
N VAL G 36 -27.39 65.95 -25.34
CA VAL G 36 -26.27 66.70 -25.88
C VAL G 36 -25.10 66.70 -24.89
N PRO G 37 -23.84 66.62 -25.36
CA PRO G 37 -22.71 66.51 -24.40
C PRO G 37 -22.54 67.70 -23.47
N VAL G 38 -21.55 67.61 -22.58
CA VAL G 38 -21.40 68.59 -21.51
C VAL G 38 -21.00 69.95 -22.07
N TYR G 39 -19.85 70.00 -22.73
CA TYR G 39 -19.30 71.25 -23.23
C TYR G 39 -20.22 71.99 -24.20
N VAL G 40 -21.13 71.27 -24.84
CA VAL G 40 -22.12 71.96 -25.68
C VAL G 40 -23.10 72.73 -24.80
N LEU G 41 -23.48 72.15 -23.67
CA LEU G 41 -24.29 72.88 -22.69
C LEU G 41 -23.52 74.07 -22.15
N GLU G 42 -22.23 73.86 -21.87
CA GLU G 42 -21.40 74.92 -21.32
C GLU G 42 -21.33 76.11 -22.28
N TYR G 43 -21.14 75.84 -23.57
CA TYR G 43 -21.07 76.92 -24.54
C TYR G 43 -22.38 77.70 -24.61
N LEU G 44 -23.51 76.98 -24.59
CA LEU G 44 -24.81 77.65 -24.61
C LEU G 44 -24.97 78.55 -23.40
N LEU G 45 -24.60 78.06 -22.22
CA LEU G 45 -24.71 78.88 -21.02
C LEU G 45 -23.73 80.05 -21.07
N GLY G 46 -22.78 80.00 -22.00
CA GLY G 46 -21.80 81.06 -22.13
C GLY G 46 -22.33 82.25 -22.91
N MET G 47 -23.57 82.18 -23.37
CA MET G 47 -24.18 83.27 -24.13
C MET G 47 -25.26 83.96 -23.31
N TYR G 48 -26.24 83.23 -22.77
CA TYR G 48 -27.28 83.85 -21.98
C TYR G 48 -26.84 84.01 -20.54
N CYS G 49 -25.69 84.63 -20.31
CA CYS G 49 -25.19 84.79 -18.95
C CYS G 49 -24.51 86.15 -18.84
N ALA G 50 -24.98 87.12 -19.63
CA ALA G 50 -24.37 88.45 -19.59
C ALA G 50 -24.89 89.26 -18.42
N SER G 51 -24.85 88.68 -17.22
CA SER G 51 -25.32 89.35 -16.00
C SER G 51 -24.99 88.53 -14.77
N ASP G 52 -25.48 88.98 -13.61
CA ASP G 52 -25.31 88.25 -12.36
C ASP G 52 -26.58 88.29 -11.52
N ASP G 53 -27.73 88.11 -12.16
CA ASP G 53 -29.02 88.25 -11.49
C ASP G 53 -29.80 86.96 -11.54
N PRO G 54 -30.43 86.54 -10.44
CA PRO G 54 -31.15 85.25 -10.44
C PRO G 54 -32.22 85.15 -11.52
N GLU G 55 -32.94 86.25 -11.75
CA GLU G 55 -33.98 86.27 -12.76
C GLU G 55 -33.39 86.02 -14.14
N ILE G 56 -32.33 86.73 -14.48
CA ILE G 56 -31.73 86.65 -15.80
C ILE G 56 -31.12 85.27 -16.01
N ILE G 57 -30.43 84.75 -15.00
CA ILE G 57 -29.76 83.45 -15.16
C ILE G 57 -30.81 82.36 -15.29
N GLU G 58 -31.91 82.46 -14.53
CA GLU G 58 -32.96 81.45 -14.64
C GLU G 58 -33.63 81.52 -16.00
N GLN G 59 -33.87 82.74 -16.50
CA GLN G 59 -34.44 82.88 -17.84
C GLN G 59 -33.52 82.31 -18.90
N GLY G 60 -32.22 82.55 -18.79
CA GLY G 60 -31.28 81.97 -19.74
C GLY G 60 -31.25 80.47 -19.67
N LEU G 61 -31.32 79.92 -18.46
CA LEU G 61 -31.38 78.46 -18.31
C LEU G 61 -32.61 77.90 -18.99
N ARG G 62 -33.75 78.56 -18.81
CA ARG G 62 -34.98 78.11 -19.46
C ARG G 62 -34.87 78.20 -20.98
N ASN G 63 -34.23 79.27 -21.48
CA ASN G 63 -34.07 79.42 -22.92
C ASN G 63 -33.21 78.31 -23.49
N VAL G 64 -32.13 77.97 -22.79
CA VAL G 64 -31.28 76.86 -23.24
C VAL G 64 -32.09 75.57 -23.27
N LYS G 65 -32.85 75.31 -22.21
CA LYS G 65 -33.66 74.09 -22.20
C LYS G 65 -34.65 74.07 -23.35
N THR G 66 -35.28 75.21 -23.65
CA THR G 66 -36.26 75.25 -24.72
C THR G 66 -35.63 75.00 -26.08
N VAL G 67 -34.53 75.70 -26.38
CA VAL G 67 -33.92 75.53 -27.70
C VAL G 67 -33.35 74.13 -27.85
N LEU G 68 -32.90 73.54 -26.75
CA LEU G 68 -32.33 72.19 -26.82
C LEU G 68 -33.42 71.14 -27.00
N ALA G 69 -34.53 71.28 -26.29
CA ALA G 69 -35.61 70.29 -26.31
C ALA G 69 -36.44 70.32 -27.58
N GLU G 70 -36.78 71.52 -28.05
CA GLU G 70 -37.62 71.64 -29.25
C GLU G 70 -36.95 71.01 -30.45
N ASN G 71 -35.68 71.32 -30.68
CA ASN G 71 -34.98 70.87 -31.87
C ASN G 71 -33.97 69.80 -31.47
N TYR G 72 -34.41 68.55 -31.34
CA TYR G 72 -33.49 67.45 -31.14
C TYR G 72 -33.88 66.20 -31.91
N VAL G 73 -33.96 66.26 -33.24
CA VAL G 73 -34.28 65.07 -34.02
C VAL G 73 -33.51 63.85 -33.53
N ARG G 74 -34.24 62.79 -33.23
CA ARG G 74 -33.67 61.55 -32.74
C ARG G 74 -33.18 60.72 -33.92
N PRO G 75 -32.21 59.80 -33.71
CA PRO G 75 -31.67 59.03 -34.84
C PRO G 75 -32.71 58.35 -35.72
N ASP G 76 -33.80 57.85 -35.15
CA ASP G 76 -34.84 57.21 -35.95
C ASP G 76 -35.77 58.22 -36.63
N GLU G 77 -35.75 59.48 -36.20
CA GLU G 77 -36.56 60.49 -36.88
C GLU G 77 -35.87 61.04 -38.11
N ALA G 78 -34.81 60.39 -38.59
CA ALA G 78 -34.04 60.88 -39.73
C ALA G 78 -34.91 60.98 -40.97
N GLU G 79 -35.70 59.95 -41.25
CA GLU G 79 -36.55 60.00 -42.43
C GLU G 79 -37.66 61.01 -42.26
N LYS G 80 -38.17 61.17 -41.03
CA LYS G 80 -39.21 62.15 -40.78
C LYS G 80 -38.70 63.56 -41.08
N VAL G 81 -37.49 63.88 -40.63
CA VAL G 81 -36.95 65.21 -40.93
C VAL G 81 -36.60 65.35 -42.41
N LYS G 82 -36.08 64.28 -43.03
CA LYS G 82 -35.79 64.36 -44.45
C LYS G 82 -37.04 64.68 -45.25
N SER G 83 -38.18 64.12 -44.85
CA SER G 83 -39.42 64.46 -45.54
C SER G 83 -39.91 65.85 -45.17
N LEU G 84 -39.75 66.24 -43.91
CA LEU G 84 -40.21 67.56 -43.50
C LEU G 84 -39.42 68.67 -44.18
N VAL G 85 -38.22 68.37 -44.65
CA VAL G 85 -37.47 69.36 -45.43
C VAL G 85 -38.07 69.52 -46.82
N ARG G 86 -38.55 68.43 -47.41
CA ARG G 86 -38.99 68.46 -48.80
C ARG G 86 -40.11 69.47 -49.00
N GLU G 87 -41.27 69.22 -48.39
CA GLU G 87 -42.26 70.29 -48.26
C GLU G 87 -41.88 71.17 -47.08
N ARG G 88 -42.65 72.23 -46.87
CA ARG G 88 -42.39 73.17 -45.78
C ARG G 88 -41.06 73.90 -45.99
N GLY G 89 -40.42 73.67 -47.13
CA GLY G 89 -39.24 74.43 -47.51
C GLY G 89 -37.98 74.11 -46.73
N SER G 90 -37.95 74.50 -45.46
CA SER G 90 -36.74 74.37 -44.65
C SER G 90 -37.13 74.02 -43.22
N TYR G 91 -36.24 73.30 -42.52
CA TYR G 91 -36.53 72.77 -41.20
C TYR G 91 -35.27 72.83 -40.33
N LYS G 92 -35.38 73.49 -39.18
CA LYS G 92 -34.28 73.67 -38.25
C LYS G 92 -33.99 72.38 -37.48
N VAL G 93 -32.71 72.04 -37.33
CA VAL G 93 -32.28 70.77 -36.76
C VAL G 93 -31.02 71.00 -35.92
N ILE G 94 -30.83 70.20 -34.88
CA ILE G 94 -29.59 70.20 -34.13
C ILE G 94 -28.87 68.90 -34.48
N ASP G 95 -27.58 68.97 -34.75
CA ASP G 95 -26.83 67.77 -35.10
C ASP G 95 -25.34 68.07 -35.19
N ARG G 96 -24.55 67.01 -35.22
CA ARG G 96 -23.10 67.12 -35.30
C ARG G 96 -22.67 67.12 -36.75
N VAL G 97 -22.18 68.25 -37.23
CA VAL G 97 -21.85 68.44 -38.64
C VAL G 97 -20.34 68.35 -38.81
N THR G 98 -19.90 67.57 -39.80
CA THR G 98 -18.50 67.49 -40.20
C THR G 98 -18.36 67.86 -41.66
N VAL G 99 -17.48 68.82 -41.95
CA VAL G 99 -17.36 69.37 -43.29
C VAL G 99 -16.07 68.88 -43.93
N LYS G 100 -16.19 68.49 -45.20
CA LYS G 100 -15.07 67.96 -45.95
C LYS G 100 -15.06 68.55 -47.36
N LEU G 101 -13.87 68.85 -47.87
CA LEU G 101 -13.73 69.33 -49.23
C LEU G 101 -13.73 68.17 -50.21
N ASN G 102 -14.37 68.36 -51.35
CA ASN G 102 -14.41 67.35 -52.41
C ASN G 102 -13.62 67.89 -53.60
N GLU G 103 -12.34 67.51 -53.67
CA GLU G 103 -11.45 68.05 -54.69
C GLU G 103 -11.94 67.73 -56.09
N ARG G 104 -12.62 66.61 -56.26
CA ARG G 104 -13.08 66.18 -57.57
C ARG G 104 -14.06 67.19 -58.15
N LYS G 105 -14.94 67.72 -57.32
CA LYS G 105 -15.97 68.66 -57.77
C LYS G 105 -15.78 70.07 -57.24
N ASP G 106 -14.82 70.29 -56.34
CA ASP G 106 -14.52 71.61 -55.77
C ASP G 106 -15.76 72.20 -55.09
N LYS G 107 -16.17 71.51 -54.03
CA LYS G 107 -17.27 72.00 -53.20
C LYS G 107 -17.19 71.32 -51.85
N TYR G 108 -17.82 71.94 -50.87
CA TYR G 108 -17.82 71.42 -49.51
C TYR G 108 -19.02 70.50 -49.30
N GLU G 109 -18.83 69.53 -48.41
CA GLU G 109 -19.87 68.55 -48.12
C GLU G 109 -20.00 68.43 -46.62
N ALA G 110 -21.21 68.61 -46.11
CA ALA G 110 -21.46 68.52 -44.68
C ALA G 110 -22.15 67.20 -44.37
N SER G 111 -21.59 66.45 -43.43
CA SER G 111 -22.13 65.17 -43.02
C SER G 111 -22.74 65.32 -41.65
N PHE G 112 -24.00 64.94 -41.52
CA PHE G 112 -24.73 64.99 -40.26
C PHE G 112 -24.63 63.63 -39.59
N SER G 113 -24.18 63.63 -38.34
CA SER G 113 -23.95 62.35 -37.65
C SER G 113 -25.25 61.59 -37.47
N ASN G 114 -26.31 62.26 -37.06
CA ASN G 114 -27.54 61.57 -36.69
C ASN G 114 -28.45 61.34 -37.89
N LEU G 115 -28.63 62.35 -38.73
CA LEU G 115 -29.60 62.24 -39.82
C LEU G 115 -29.21 61.22 -40.86
N GLY G 116 -27.94 60.84 -40.93
CA GLY G 116 -27.51 59.97 -42.00
C GLY G 116 -27.24 60.66 -43.31
N ILE G 117 -27.49 61.97 -43.39
CA ILE G 117 -27.10 62.72 -44.57
C ILE G 117 -25.59 62.81 -44.61
N LYS G 118 -25.00 62.50 -45.76
CA LYS G 118 -23.55 62.45 -45.88
C LYS G 118 -22.97 63.48 -46.83
N ASP G 119 -23.72 63.92 -47.85
CA ASP G 119 -23.13 64.79 -48.85
C ASP G 119 -23.87 66.11 -49.02
N ALA G 120 -24.50 66.62 -47.97
CA ALA G 120 -25.20 67.89 -48.06
C ALA G 120 -24.20 68.99 -48.39
N GLU G 121 -24.52 69.82 -49.38
CA GLU G 121 -23.60 70.86 -49.82
C GLU G 121 -23.76 72.07 -48.93
N ILE G 122 -22.65 72.57 -48.39
CA ILE G 122 -22.66 73.77 -47.58
C ILE G 122 -21.73 74.78 -48.24
N SER G 123 -22.26 75.98 -48.50
CA SER G 123 -21.52 76.97 -49.27
C SER G 123 -20.29 77.44 -48.50
N ALA G 124 -19.26 77.83 -49.24
CA ALA G 124 -17.96 78.17 -48.67
C ALA G 124 -18.04 79.31 -47.68
N GLY G 125 -19.08 80.12 -47.77
CA GLY G 125 -19.25 81.25 -46.86
C GLY G 125 -19.30 80.85 -45.40
N ILE G 126 -20.06 79.81 -45.08
CA ILE G 126 -20.18 79.35 -43.69
C ILE G 126 -18.85 78.78 -43.22
N VAL G 127 -18.24 77.91 -44.02
CA VAL G 127 -17.09 77.13 -43.59
C VAL G 127 -15.92 78.04 -43.25
N LYS G 128 -15.86 79.21 -43.88
CA LYS G 128 -14.70 80.07 -43.76
C LYS G 128 -14.46 80.52 -42.32
N GLU G 129 -15.51 80.73 -41.54
CA GLU G 129 -15.35 81.24 -40.18
C GLU G 129 -15.74 80.23 -39.10
N TYR G 130 -15.78 78.94 -39.43
CA TYR G 130 -16.07 77.92 -38.43
C TYR G 130 -15.09 76.77 -38.53
N GLU G 131 -13.80 77.09 -38.46
CA GLU G 131 -12.70 76.14 -38.66
C GLU G 131 -12.94 74.77 -38.04
N LYS G 132 -13.51 74.74 -36.84
CA LYS G 132 -13.66 73.48 -36.12
C LYS G 132 -14.54 72.50 -36.87
N LEU G 133 -15.31 72.98 -37.86
CA LEU G 133 -16.10 72.08 -38.68
C LEU G 133 -15.24 71.05 -39.39
N LEU G 134 -13.97 71.37 -39.67
CA LEU G 134 -13.11 70.50 -40.47
C LEU G 134 -12.13 69.72 -39.60
N VAL G 135 -12.22 69.86 -38.28
CA VAL G 135 -11.24 69.26 -37.38
C VAL G 135 -11.95 68.23 -36.51
N GLY G 136 -13.13 67.81 -36.93
CA GLY G 136 -13.86 66.79 -36.21
C GLY G 136 -15.35 67.02 -36.12
N GLY G 137 -15.82 68.15 -36.66
CA GLY G 137 -17.24 68.43 -36.65
C GLY G 137 -17.73 68.94 -35.32
N ILE G 138 -18.75 69.79 -35.33
CA ILE G 138 -19.27 70.38 -34.11
C ILE G 138 -20.78 70.26 -34.07
N TRP G 139 -21.32 70.34 -32.86
CA TRP G 139 -22.77 70.35 -32.66
C TRP G 139 -23.31 71.71 -33.06
N VAL G 140 -24.15 71.73 -34.09
CA VAL G 140 -24.65 72.99 -34.62
C VAL G 140 -26.15 72.91 -34.82
N ILE G 141 -26.78 74.08 -34.92
CA ILE G 141 -28.16 74.21 -35.35
C ILE G 141 -28.15 74.61 -36.82
N ALA G 142 -28.61 73.71 -37.68
CA ALA G 142 -28.57 73.90 -39.12
C ALA G 142 -29.98 73.99 -39.69
N THR G 143 -30.16 74.86 -40.67
CA THR G 143 -31.44 74.98 -41.37
C THR G 143 -31.31 74.34 -42.75
N LEU G 144 -31.78 73.12 -42.88
CA LEU G 144 -31.63 72.35 -44.11
C LEU G 144 -32.58 72.85 -45.18
N SER G 145 -32.18 72.68 -46.44
CA SER G 145 -33.00 73.03 -47.58
C SER G 145 -32.96 71.93 -48.62
N TYR G 146 -34.03 71.83 -49.41
CA TYR G 146 -34.19 70.80 -50.41
C TYR G 146 -34.45 71.46 -51.76
N TYR G 147 -33.71 71.03 -52.78
CA TYR G 147 -33.80 71.64 -54.11
C TYR G 147 -33.33 70.61 -55.12
N PHE G 148 -34.25 70.13 -55.97
CA PHE G 148 -34.03 68.91 -56.74
C PHE G 148 -34.28 69.15 -58.23
N GLU G 149 -33.38 68.63 -59.07
CA GLU G 149 -33.57 68.53 -60.51
C GLU G 149 -33.00 67.22 -61.03
N GLU G 150 -33.59 66.71 -62.11
CA GLU G 150 -33.25 65.39 -62.63
C GLU G 150 -31.78 65.32 -63.03
N GLY G 151 -31.16 64.17 -62.74
CA GLY G 151 -29.83 63.89 -63.24
C GLY G 151 -28.69 64.26 -62.32
N GLN G 152 -28.88 65.30 -61.50
CA GLN G 152 -27.82 65.83 -60.66
C GLN G 152 -27.21 64.74 -59.77
N THR G 153 -25.88 64.68 -59.74
CA THR G 153 -25.19 63.70 -58.90
C THR G 153 -25.02 64.19 -57.47
N SER G 154 -25.21 65.48 -57.22
CA SER G 154 -25.09 66.02 -55.87
C SER G 154 -26.40 65.81 -55.13
N SER G 155 -26.31 65.47 -53.84
CA SER G 155 -27.50 65.25 -53.04
C SER G 155 -28.30 66.53 -52.94
N PRO G 156 -29.63 66.45 -53.07
CA PRO G 156 -30.44 67.68 -53.11
C PRO G 156 -30.35 68.52 -51.86
N PHE G 157 -30.11 67.92 -50.70
CA PHE G 157 -30.15 68.68 -49.46
C PHE G 157 -29.00 69.68 -49.39
N GLY G 158 -29.20 70.74 -48.63
CA GLY G 158 -28.19 71.75 -48.46
C GLY G 158 -28.41 72.49 -47.16
N VAL G 159 -27.39 73.24 -46.76
CA VAL G 159 -27.40 73.99 -45.51
C VAL G 159 -27.43 75.46 -45.85
N SER G 160 -28.44 76.17 -45.36
CA SER G 160 -28.59 77.59 -45.64
C SER G 160 -28.12 78.47 -44.49
N LEU G 161 -28.40 78.06 -43.25
CA LEU G 161 -27.92 78.77 -42.08
C LEU G 161 -27.36 77.75 -41.09
N LEU G 162 -26.31 78.12 -40.38
CA LEU G 162 -25.67 77.22 -39.44
C LEU G 162 -25.15 78.03 -38.26
N LYS G 163 -25.67 77.74 -37.07
CA LYS G 163 -25.27 78.41 -35.85
C LYS G 163 -24.55 77.43 -34.95
N PRO G 164 -23.26 77.63 -34.69
CA PRO G 164 -22.50 76.67 -33.90
C PRO G 164 -22.90 76.71 -32.43
N ILE G 165 -22.73 75.56 -31.78
CA ILE G 165 -23.12 75.39 -30.38
C ILE G 165 -21.96 74.80 -29.59
N GLN G 166 -20.79 74.71 -30.21
CA GLN G 166 -19.67 73.99 -29.59
C GLN G 166 -18.36 74.75 -29.76
N MET G 167 -18.40 76.06 -29.55
CA MET G 167 -17.19 76.87 -29.54
C MET G 167 -16.35 76.68 -30.81
N PRO G 168 -16.74 77.28 -31.92
CA PRO G 168 -15.87 77.21 -33.10
C PRO G 168 -14.66 78.14 -32.95
N ASN G 169 -13.49 77.68 -33.39
CA ASN G 169 -12.28 78.51 -33.47
C ASN G 169 -11.66 78.74 -32.09
N MET G 170 -10.33 78.75 -32.02
CA MET G 170 -9.63 79.46 -30.96
C MET G 170 -8.59 80.37 -31.59
N ASN G 171 -8.47 81.59 -31.07
CA ASN G 171 -7.47 82.54 -31.51
C ASN G 171 -6.43 82.66 -30.41
N MET G 172 -5.29 81.99 -30.60
CA MET G 172 -4.22 81.97 -29.60
C MET G 172 -3.68 83.36 -29.33
N ASP G 173 -3.61 84.19 -30.37
CA ASP G 173 -3.16 85.56 -30.23
C ASP G 173 -4.00 86.29 -29.18
N GLU G 174 -5.31 86.07 -29.24
CA GLU G 174 -6.21 86.67 -28.26
C GLU G 174 -5.95 86.12 -26.87
N LEU G 175 -5.63 84.83 -26.78
CA LEU G 175 -5.34 84.23 -25.48
C LEU G 175 -4.09 84.85 -24.85
N PHE G 176 -3.11 85.19 -25.68
CA PHE G 176 -1.92 85.86 -25.18
C PHE G 176 -2.22 87.32 -24.84
N SER G 177 -3.09 87.95 -25.62
CA SER G 177 -3.50 89.33 -25.35
C SER G 177 -4.42 89.36 -24.14
N GLY G 178 -4.76 88.18 -23.66
CA GLY G 178 -5.57 87.96 -22.49
C GLY G 178 -4.66 87.72 -21.30
N ARG G 179 -4.27 86.47 -21.12
CA ARG G 179 -3.45 86.01 -20.01
C ARG G 179 -2.42 87.05 -19.56
N ALA G 180 -1.83 87.77 -20.51
CA ALA G 180 -0.90 88.84 -20.16
C ALA G 180 -1.51 89.85 -19.21
N ALA G 181 -2.83 90.04 -19.27
CA ALA G 181 -3.48 91.01 -18.39
C ALA G 181 -3.81 90.46 -17.02
N LEU G 182 -3.54 89.18 -16.76
CA LEU G 182 -3.79 88.58 -15.46
C LEU G 182 -2.49 88.25 -14.76
N SER G 183 -2.50 88.39 -13.44
CA SER G 183 -1.35 88.00 -12.63
C SER G 183 -1.26 86.48 -12.56
N THR G 184 -0.05 86.00 -12.27
CA THR G 184 0.22 84.57 -12.31
C THR G 184 -0.68 83.80 -11.35
N ASP G 185 -0.83 84.31 -10.12
CA ASP G 185 -1.70 83.64 -9.16
C ASP G 185 -3.15 83.67 -9.62
N GLN G 186 -3.57 84.77 -10.24
CA GLN G 186 -4.93 84.83 -10.78
C GLN G 186 -5.13 83.79 -11.87
N TRP G 187 -4.14 83.62 -12.76
CA TRP G 187 -4.27 82.64 -13.82
C TRP G 187 -4.26 81.22 -13.26
N ARG G 188 -3.45 80.96 -12.24
CA ARG G 188 -3.47 79.64 -11.61
C ARG G 188 -4.82 79.36 -10.98
N GLU G 189 -5.40 80.36 -10.33
CA GLU G 189 -6.73 80.20 -9.76
C GLU G 189 -7.76 79.95 -10.85
N SER G 190 -7.62 80.63 -11.98
CA SER G 190 -8.55 80.40 -13.10
C SER G 190 -8.41 78.98 -13.64
N LEU G 191 -7.18 78.47 -13.72
CA LEU G 191 -6.98 77.08 -14.11
C LEU G 191 -7.64 76.13 -13.13
N ILE G 192 -7.50 76.38 -11.84
CA ILE G 192 -8.10 75.51 -10.84
C ILE G 192 -9.62 75.58 -10.91
N ARG G 193 -10.16 76.74 -11.25
CA ARG G 193 -11.60 76.86 -11.37
C ARG G 193 -12.12 76.13 -12.60
N SER G 194 -11.41 76.26 -13.72
CA SER G 194 -11.92 75.69 -14.97
C SER G 194 -11.98 74.17 -14.91
N ILE G 195 -11.18 73.54 -14.06
CA ILE G 195 -11.23 72.09 -13.91
C ILE G 195 -12.44 71.75 -13.06
N GLY G 196 -13.03 72.75 -12.43
CA GLY G 196 -14.21 72.54 -11.60
C GLY G 196 -13.96 72.51 -10.12
N MET G 197 -12.81 72.99 -9.65
CA MET G 197 -12.45 72.95 -8.25
C MET G 197 -12.42 74.37 -7.68
N GLU G 198 -12.48 74.48 -6.36
CA GLU G 198 -12.48 75.78 -5.71
C GLU G 198 -11.08 76.09 -5.17
N PRO G 199 -10.39 77.08 -5.74
CA PRO G 199 -9.04 77.38 -5.26
C PRO G 199 -8.99 77.86 -3.83
N ALA G 200 -10.00 78.63 -3.40
CA ALA G 200 -9.95 79.26 -2.10
C ALA G 200 -9.89 78.25 -0.96
N SER G 201 -10.43 77.05 -1.14
CA SER G 201 -10.45 76.05 -0.09
C SER G 201 -9.29 75.08 -0.16
N LEU G 202 -8.31 75.33 -1.01
CA LEU G 202 -7.17 74.44 -1.17
C LEU G 202 -5.88 75.20 -0.89
N LYS G 203 -4.96 74.54 -0.19
CA LYS G 203 -3.65 75.13 0.03
C LYS G 203 -2.87 75.18 -1.27
N GLU G 204 -1.80 75.99 -1.28
CA GLU G 204 -1.06 76.22 -2.52
C GLU G 204 -0.42 74.94 -3.05
N ASP G 205 0.09 74.11 -2.14
CA ASP G 205 0.71 72.85 -2.56
C ASP G 205 -0.30 71.94 -3.25
N VAL G 206 -1.52 71.89 -2.75
CA VAL G 206 -2.55 71.07 -3.41
C VAL G 206 -2.90 71.65 -4.77
N GLN G 207 -2.89 72.98 -4.89
CA GLN G 207 -3.09 73.59 -6.21
C GLN G 207 -1.99 73.15 -7.17
N TRP G 208 -0.75 73.12 -6.69
CA TRP G 208 0.34 72.68 -7.56
C TRP G 208 0.19 71.21 -7.94
N HIS G 209 -0.30 70.38 -7.03
CA HIS G 209 -0.58 69.00 -7.40
C HIS G 209 -1.66 68.92 -8.48
N LEU G 210 -2.68 69.77 -8.37
CA LEU G 210 -3.72 69.77 -9.39
C LEU G 210 -3.17 70.20 -10.75
N LEU G 211 -2.27 71.17 -10.78
CA LEU G 211 -1.63 71.55 -12.03
C LEU G 211 -0.75 70.43 -12.57
N ALA G 212 -0.05 69.73 -11.69
CA ALA G 212 0.73 68.57 -12.11
C ALA G 212 -0.18 67.52 -12.74
N ARG G 213 -1.42 67.44 -12.29
CA ARG G 213 -2.39 66.55 -12.95
C ARG G 213 -2.66 66.98 -14.38
N MET G 214 -2.72 68.29 -14.64
CA MET G 214 -2.96 68.78 -15.99
C MET G 214 -1.74 68.64 -16.89
N VAL G 215 -0.54 68.56 -16.32
CA VAL G 215 0.69 68.53 -17.11
C VAL G 215 0.65 67.54 -18.27
N PRO G 216 0.22 66.28 -18.09
CA PRO G 216 0.29 65.33 -19.20
C PRO G 216 -0.43 65.76 -20.46
N PHE G 217 -1.32 66.76 -20.37
CA PHE G 217 -2.02 67.21 -21.56
C PHE G 217 -1.16 68.08 -22.46
N VAL G 218 -0.21 68.83 -21.90
CA VAL G 218 0.53 69.82 -22.68
C VAL G 218 1.92 69.38 -23.09
N GLU G 219 2.43 68.27 -22.56
CA GLU G 219 3.77 67.80 -22.88
C GLU G 219 3.68 66.45 -23.58
N ASN G 220 4.33 66.34 -24.73
CA ASN G 220 4.31 65.09 -25.49
C ASN G 220 5.07 63.99 -24.75
N ASN G 221 4.51 62.79 -24.80
CA ASN G 221 5.17 61.59 -24.29
C ASN G 221 5.52 61.73 -22.81
N TYR G 222 4.63 62.39 -22.06
CA TYR G 222 4.87 62.64 -20.65
C TYR G 222 4.18 61.54 -19.85
N ASN G 223 4.95 60.53 -19.46
CA ASN G 223 4.44 59.50 -18.58
C ASN G 223 4.36 60.03 -17.16
N VAL G 224 3.37 59.57 -16.40
CA VAL G 224 3.25 59.98 -15.00
C VAL G 224 2.42 58.93 -14.26
N CYS G 225 2.71 58.77 -12.97
CA CYS G 225 1.94 57.86 -12.14
C CYS G 225 1.49 58.57 -10.87
N GLU G 226 0.25 58.32 -10.47
CA GLU G 226 -0.36 58.95 -9.31
C GLU G 226 -1.12 57.89 -8.53
N LEU G 227 -0.70 57.64 -7.30
CA LEU G 227 -1.33 56.66 -6.44
C LEU G 227 -1.82 57.36 -5.17
N GLY G 228 -3.01 57.00 -4.72
CA GLY G 228 -3.57 57.64 -3.55
C GLY G 228 -4.86 57.02 -3.07
N PRO G 229 -5.45 57.61 -2.03
CA PRO G 229 -6.72 57.10 -1.50
C PRO G 229 -7.86 57.32 -2.48
N ARG G 230 -8.91 56.52 -2.31
CA ARG G 230 -10.10 56.68 -3.13
C ARG G 230 -10.79 57.99 -2.83
N GLY G 231 -11.58 58.46 -3.79
CA GLY G 231 -12.40 59.64 -3.58
C GLY G 231 -11.65 60.95 -3.63
N THR G 232 -10.41 60.95 -4.10
CA THR G 232 -9.64 62.18 -4.22
C THR G 232 -9.76 62.81 -5.60
N GLY G 233 -10.66 62.31 -6.45
CA GLY G 233 -10.85 62.88 -7.76
C GLY G 233 -9.68 62.70 -8.71
N LYS G 234 -9.03 61.54 -8.68
CA LYS G 234 -7.91 61.30 -9.59
C LYS G 234 -8.39 61.19 -11.03
N SER G 235 -9.49 60.47 -11.26
CA SER G 235 -9.91 60.15 -12.62
C SER G 235 -10.96 61.11 -13.16
N HIS G 236 -11.33 62.15 -12.41
CA HIS G 236 -12.34 63.09 -12.91
C HIS G 236 -11.87 63.78 -14.18
N ILE G 237 -10.62 64.25 -14.20
CA ILE G 237 -10.13 65.04 -15.31
C ILE G 237 -10.04 64.20 -16.59
N TYR G 238 -9.73 62.91 -16.46
CA TYR G 238 -9.50 62.09 -17.63
C TYR G 238 -10.77 61.45 -18.18
N LYS G 239 -11.92 61.69 -17.56
CA LYS G 239 -13.20 61.23 -18.12
C LYS G 239 -14.17 62.36 -18.40
N GLU G 240 -14.33 63.29 -17.46
CA GLU G 240 -15.33 64.33 -17.56
C GLU G 240 -14.86 65.58 -18.27
N CYS G 241 -13.68 66.10 -17.91
CA CYS G 241 -13.27 67.43 -18.32
C CYS G 241 -12.20 67.43 -19.40
N SER G 242 -12.21 66.45 -20.31
CA SER G 242 -11.25 66.49 -21.40
C SER G 242 -11.76 65.66 -22.56
N PRO G 243 -12.02 66.25 -23.72
CA PRO G 243 -12.42 65.46 -24.89
C PRO G 243 -11.27 64.79 -25.62
N ASN G 244 -10.02 65.03 -25.23
CA ASN G 244 -8.87 64.48 -25.92
C ASN G 244 -8.23 63.32 -25.18
N SER G 245 -8.78 62.92 -24.03
CA SER G 245 -8.19 61.89 -23.20
C SER G 245 -9.12 60.71 -23.08
N ILE G 246 -8.54 59.51 -22.99
CA ILE G 246 -9.31 58.29 -22.85
C ILE G 246 -8.82 57.54 -21.63
N LEU G 247 -9.77 56.98 -20.89
CA LEU G 247 -9.46 56.20 -19.69
C LEU G 247 -9.64 54.72 -20.04
N VAL G 248 -8.53 54.07 -20.33
CA VAL G 248 -8.52 52.65 -20.64
C VAL G 248 -8.64 51.89 -19.33
N SER G 249 -9.19 50.68 -19.38
CA SER G 249 -9.22 49.79 -18.22
C SER G 249 -8.64 48.46 -18.66
N GLY G 250 -8.48 47.55 -17.70
CA GLY G 250 -7.84 46.27 -17.91
C GLY G 250 -8.34 45.45 -19.09
N GLY G 251 -9.51 45.80 -19.61
CA GLY G 251 -10.09 45.05 -20.71
C GLY G 251 -9.38 45.20 -22.03
N GLN G 252 -9.36 46.41 -22.59
CA GLN G 252 -8.85 46.63 -23.93
C GLN G 252 -7.36 46.94 -23.94
N THR G 253 -6.63 46.47 -22.93
CA THR G 253 -5.21 46.74 -22.84
C THR G 253 -4.40 45.91 -23.84
N THR G 254 -5.09 45.13 -24.67
CA THR G 254 -4.40 44.29 -25.64
C THR G 254 -3.58 45.15 -26.60
N VAL G 255 -2.39 44.64 -26.95
CA VAL G 255 -1.48 45.39 -27.80
C VAL G 255 -2.09 45.66 -29.16
N ALA G 256 -3.05 44.84 -29.58
CA ALA G 256 -3.76 45.13 -30.83
C ALA G 256 -4.57 46.42 -30.70
N ASN G 257 -5.26 46.60 -29.58
CA ASN G 257 -6.05 47.80 -29.37
C ASN G 257 -5.17 49.00 -29.04
N LEU G 258 -4.16 48.80 -28.19
CA LEU G 258 -3.45 49.93 -27.59
C LEU G 258 -2.32 50.44 -28.48
N PHE G 259 -1.56 49.54 -29.10
CA PHE G 259 -0.38 49.93 -29.85
C PHE G 259 -0.59 49.78 -31.35
N TYR G 260 -0.91 48.59 -31.84
CA TYR G 260 -1.01 48.37 -33.28
C TYR G 260 -1.75 47.07 -33.52
N ASN G 261 -2.75 47.10 -34.40
CA ASN G 261 -3.46 45.91 -34.82
C ASN G 261 -2.86 45.43 -36.13
N MET G 262 -2.05 44.37 -36.05
CA MET G 262 -1.33 43.93 -37.24
C MET G 262 -2.25 43.37 -38.31
N SER G 263 -3.38 42.78 -37.89
CA SER G 263 -4.31 42.24 -38.87
C SER G 263 -4.92 43.34 -39.74
N SER G 264 -5.35 44.45 -39.12
CA SER G 264 -5.97 45.53 -39.87
C SER G 264 -5.00 46.62 -40.28
N ARG G 265 -3.74 46.54 -39.84
CA ARG G 265 -2.71 47.52 -40.21
C ARG G 265 -3.16 48.94 -39.87
N ARG G 266 -3.61 49.12 -38.63
CA ARG G 266 -4.09 50.41 -38.15
C ARG G 266 -3.58 50.68 -36.75
N ILE G 267 -3.19 51.94 -36.50
CA ILE G 267 -2.54 52.32 -35.26
C ILE G 267 -3.52 52.18 -34.10
N GLY G 268 -2.97 51.96 -32.90
CA GLY G 268 -3.79 51.76 -31.72
C GLY G 268 -4.28 53.07 -31.14
N LEU G 269 -4.61 53.01 -29.85
CA LEU G 269 -5.11 54.20 -29.17
C LEU G 269 -4.04 55.28 -29.08
N VAL G 270 -2.77 54.88 -28.99
CA VAL G 270 -1.70 55.85 -28.81
C VAL G 270 -1.57 56.78 -30.00
N GLY G 271 -2.07 56.37 -31.17
CA GLY G 271 -2.02 57.22 -32.34
C GLY G 271 -3.23 58.09 -32.55
N LEU G 272 -4.18 58.09 -31.61
CA LEU G 272 -5.41 58.83 -31.78
C LEU G 272 -5.67 59.85 -30.69
N TRP G 273 -5.29 59.57 -29.45
CA TRP G 273 -5.59 60.43 -28.32
C TRP G 273 -4.33 61.13 -27.85
N ASP G 274 -4.51 62.12 -26.98
CA ASP G 274 -3.37 62.82 -26.42
C ASP G 274 -3.02 62.31 -25.03
N VAL G 275 -3.98 61.76 -24.30
CA VAL G 275 -3.73 61.18 -22.98
C VAL G 275 -4.43 59.84 -22.90
N VAL G 276 -3.69 58.83 -22.46
CA VAL G 276 -4.22 57.51 -22.19
C VAL G 276 -4.00 57.23 -20.72
N ALA G 277 -5.09 57.05 -19.97
CA ALA G 277 -5.02 56.90 -18.53
C ALA G 277 -5.42 55.48 -18.15
N PHE G 278 -4.55 54.80 -17.44
CA PHE G 278 -4.81 53.46 -16.93
C PHE G 278 -5.29 53.58 -15.49
N ASP G 279 -6.57 53.30 -15.27
CA ASP G 279 -7.11 53.27 -13.92
C ASP G 279 -7.03 51.84 -13.41
N GLU G 280 -6.99 51.70 -12.09
CA GLU G 280 -6.79 50.40 -11.44
C GLU G 280 -5.55 49.72 -12.00
N VAL G 281 -4.41 50.36 -11.73
CA VAL G 281 -3.12 49.88 -12.25
C VAL G 281 -2.86 48.45 -11.81
N ALA G 282 -3.50 48.00 -10.74
CA ALA G 282 -3.39 46.59 -10.36
C ALA G 282 -4.07 45.69 -11.38
N GLY G 283 -4.99 46.25 -12.18
CA GLY G 283 -5.75 45.46 -13.14
C GLY G 283 -5.12 45.28 -14.50
N ILE G 284 -3.99 45.93 -14.78
CA ILE G 284 -3.39 45.82 -16.10
C ILE G 284 -2.72 44.46 -16.25
N SER G 285 -2.89 43.84 -17.42
CA SER G 285 -2.27 42.57 -17.76
C SER G 285 -2.46 42.33 -19.24
N PHE G 286 -1.48 41.71 -19.88
CA PHE G 286 -1.51 41.48 -21.33
C PHE G 286 -1.51 40.00 -21.64
N LYS G 287 -2.41 39.59 -22.54
CA LYS G 287 -2.40 38.23 -23.04
C LYS G 287 -1.12 37.91 -23.78
N ASP G 288 -0.63 38.84 -24.60
CA ASP G 288 0.65 38.70 -25.28
C ASP G 288 1.75 39.08 -24.30
N LYS G 289 2.93 38.48 -24.48
CA LYS G 289 4.05 38.77 -23.58
C LYS G 289 4.89 39.94 -24.07
N ASP G 290 4.66 40.39 -25.30
CA ASP G 290 5.39 41.54 -25.80
C ASP G 290 4.91 42.87 -25.22
N GLY G 291 3.78 42.86 -24.53
CA GLY G 291 3.18 44.12 -24.10
C GLY G 291 4.08 44.93 -23.19
N VAL G 292 4.68 44.28 -22.19
CA VAL G 292 5.52 45.00 -21.24
C VAL G 292 6.75 45.56 -21.94
N GLN G 293 7.39 44.76 -22.79
CA GLN G 293 8.58 45.22 -23.48
C GLN G 293 8.24 46.38 -24.41
N ILE G 294 7.10 46.29 -25.10
CA ILE G 294 6.70 47.36 -26.02
C ILE G 294 6.37 48.63 -25.24
N MET G 295 5.73 48.51 -24.08
CA MET G 295 5.49 49.70 -23.28
C MET G 295 6.79 50.34 -22.83
N LYS G 296 7.76 49.52 -22.42
CA LYS G 296 9.06 50.07 -22.04
C LYS G 296 9.69 50.82 -23.21
N ASP G 297 9.65 50.21 -24.40
CA ASP G 297 10.21 50.87 -25.58
C ASP G 297 9.49 52.18 -25.87
N TYR G 298 8.16 52.17 -25.83
CA TYR G 298 7.39 53.36 -26.18
C TYR G 298 7.63 54.48 -25.21
N MET G 299 7.58 54.19 -23.90
CA MET G 299 7.87 55.22 -22.93
C MET G 299 9.29 55.75 -23.05
N ALA G 300 10.26 54.87 -23.29
CA ALA G 300 11.64 55.34 -23.32
C ALA G 300 11.90 56.22 -24.54
N SER G 301 11.41 55.84 -25.71
CA SER G 301 11.79 56.52 -26.94
C SER G 301 10.65 57.21 -27.66
N GLY G 302 9.39 56.85 -27.38
CA GLY G 302 8.30 57.43 -28.14
C GLY G 302 8.01 56.75 -29.46
N SER G 303 8.68 55.65 -29.76
CA SER G 303 8.44 54.88 -30.97
C SER G 303 8.56 53.40 -30.66
N PHE G 304 7.73 52.60 -31.31
CA PHE G 304 7.72 51.16 -31.06
C PHE G 304 7.66 50.41 -32.38
N ALA G 305 8.21 49.20 -32.39
CA ALA G 305 8.33 48.39 -33.60
C ALA G 305 7.38 47.20 -33.53
N ARG G 306 6.55 47.06 -34.57
CA ARG G 306 5.65 45.92 -34.71
C ARG G 306 5.86 45.34 -36.10
N GLY G 307 6.02 44.02 -36.19
CA GLY G 307 6.24 43.39 -37.46
C GLY G 307 7.54 43.83 -38.08
N ARG G 308 7.46 44.60 -39.16
CA ARG G 308 8.63 45.12 -39.83
C ARG G 308 8.75 46.63 -39.72
N GLU G 309 7.75 47.31 -39.17
CA GLU G 309 7.69 48.76 -39.20
C GLU G 309 7.80 49.35 -37.80
N GLN G 310 8.50 50.47 -37.71
CA GLN G 310 8.54 51.28 -36.49
C GLN G 310 7.52 52.41 -36.64
N MET G 311 6.78 52.67 -35.57
CA MET G 311 5.74 53.68 -35.55
C MET G 311 6.03 54.71 -34.47
N GLU G 312 5.67 55.95 -34.76
CA GLU G 312 5.77 57.06 -33.82
C GLU G 312 4.40 57.34 -33.23
N ALA G 313 4.38 57.83 -31.99
CA ALA G 313 3.14 58.25 -31.36
C ALA G 313 3.48 59.18 -30.21
N SER G 314 2.65 60.22 -30.05
CA SER G 314 2.88 61.22 -29.02
C SER G 314 1.90 61.15 -27.87
N ALA G 315 1.20 60.03 -27.69
CA ALA G 315 0.26 59.90 -26.59
C ALA G 315 0.99 59.88 -25.27
N SER G 316 0.43 60.58 -24.29
CA SER G 316 1.01 60.62 -22.95
C SER G 316 0.28 59.65 -22.04
N MET G 317 1.02 58.86 -21.29
CA MET G 317 0.43 57.83 -20.44
C MET G 317 0.38 58.26 -18.99
N VAL G 318 -0.78 58.08 -18.36
CA VAL G 318 -0.99 58.34 -16.95
C VAL G 318 -1.40 57.03 -16.30
N PHE G 319 -0.92 56.78 -15.09
CA PHE G 319 -1.26 55.59 -14.33
C PHE G 319 -1.87 56.02 -13.01
N VAL G 320 -3.20 55.93 -12.88
CA VAL G 320 -3.90 56.36 -11.67
C VAL G 320 -4.27 55.12 -10.87
N GLY G 321 -3.95 55.14 -9.58
CA GLY G 321 -4.14 53.95 -8.76
C GLY G 321 -4.57 54.27 -7.34
N ASN G 322 -5.25 53.30 -6.74
CA ASN G 322 -5.77 53.42 -5.39
C ASN G 322 -4.92 52.60 -4.44
N ILE G 323 -4.51 53.20 -3.32
CA ILE G 323 -3.81 52.51 -2.26
C ILE G 323 -4.76 52.38 -1.07
N ASN G 324 -4.82 51.20 -0.49
CA ASN G 324 -5.65 50.94 0.68
C ASN G 324 -4.89 51.04 2.00
N GLN G 325 -3.61 51.40 1.95
CA GLN G 325 -2.75 51.40 3.13
C GLN G 325 -2.34 52.82 3.49
N SER G 326 -1.83 52.97 4.72
CA SER G 326 -1.27 54.23 5.15
C SER G 326 0.09 54.45 4.48
N VAL G 327 0.39 55.72 4.22
CA VAL G 327 1.62 56.04 3.48
C VAL G 327 2.85 55.71 4.32
N GLU G 328 2.78 55.94 5.62
CA GLU G 328 3.94 55.71 6.48
C GLU G 328 4.29 54.23 6.53
N SER G 329 3.28 53.36 6.69
CA SER G 329 3.53 51.92 6.72
C SER G 329 4.01 51.43 5.36
N LEU G 330 3.46 51.98 4.27
CA LEU G 330 3.92 51.60 2.94
C LEU G 330 5.39 51.95 2.75
N VAL G 331 5.81 53.13 3.21
CA VAL G 331 7.21 53.51 3.10
C VAL G 331 8.08 52.61 3.98
N LYS G 332 7.65 52.34 5.21
CA LYS G 332 8.49 51.62 6.16
C LYS G 332 8.66 50.15 5.77
N THR G 333 7.57 49.47 5.38
CA THR G 333 7.62 48.05 5.13
C THR G 333 7.87 47.69 3.67
N SER G 334 7.62 48.60 2.75
CA SER G 334 7.78 48.33 1.33
C SER G 334 8.13 49.61 0.56
N HIS G 335 7.94 49.59 -0.75
CA HIS G 335 8.06 50.79 -1.56
C HIS G 335 6.66 51.33 -1.86
N LEU G 336 6.60 52.61 -2.19
CA LEU G 336 5.32 53.23 -2.50
C LEU G 336 4.66 52.67 -3.74
N LEU G 337 5.40 51.97 -4.60
CA LEU G 337 4.84 51.47 -5.84
C LEU G 337 4.28 50.06 -5.72
N ALA G 338 3.78 49.69 -4.54
CA ALA G 338 3.23 48.36 -4.29
C ALA G 338 2.08 47.97 -5.22
N PRO G 339 1.06 48.82 -5.42
CA PRO G 339 -0.11 48.36 -6.21
C PRO G 339 0.19 48.05 -7.65
N PHE G 340 1.28 48.55 -8.22
CA PHE G 340 1.66 48.17 -9.57
C PHE G 340 1.92 46.66 -9.62
N PRO G 341 1.51 46.00 -10.70
CA PRO G 341 1.48 44.54 -10.70
C PRO G 341 2.87 43.93 -10.67
N GLU G 342 2.95 42.71 -10.12
CA GLU G 342 4.22 42.00 -10.03
C GLU G 342 4.78 41.70 -11.42
N ALA G 343 3.91 41.55 -12.41
CA ALA G 343 4.38 41.36 -13.78
C ALA G 343 5.07 42.59 -14.33
N MET G 344 4.82 43.77 -13.77
CA MET G 344 5.39 45.01 -14.26
C MET G 344 6.38 45.65 -13.31
N ILE G 345 6.74 44.97 -12.21
CA ILE G 345 7.68 45.54 -11.26
C ILE G 345 9.11 45.33 -11.75
N ASP G 346 9.61 46.31 -12.49
CA ASP G 346 10.95 46.26 -13.06
C ASP G 346 11.55 47.65 -12.96
N SER G 347 12.81 47.72 -12.51
CA SER G 347 13.43 49.03 -12.31
C SER G 347 13.54 49.80 -13.62
N ALA G 348 13.88 49.10 -14.71
CA ALA G 348 13.95 49.76 -16.01
C ALA G 348 12.60 50.31 -16.43
N PHE G 349 11.52 49.59 -16.13
CA PHE G 349 10.18 50.06 -16.49
C PHE G 349 9.81 51.33 -15.72
N PHE G 350 10.01 51.32 -14.40
CA PHE G 350 9.66 52.50 -13.63
C PHE G 350 10.59 53.67 -13.93
N ASP G 351 11.79 53.39 -14.42
CA ASP G 351 12.71 54.46 -14.75
C ASP G 351 12.18 55.36 -15.86
N ARG G 352 11.19 54.92 -16.61
CA ARG G 352 10.61 55.73 -17.68
C ARG G 352 9.66 56.80 -17.16
N PHE G 353 9.10 56.65 -15.95
CA PHE G 353 8.12 57.59 -15.45
C PHE G 353 8.79 58.94 -15.19
N HIS G 354 8.13 60.01 -15.62
CA HIS G 354 8.71 61.34 -15.42
C HIS G 354 8.23 61.97 -14.12
N ALA G 355 7.27 61.35 -13.44
CA ALA G 355 6.71 61.98 -12.24
C ALA G 355 5.87 60.98 -11.45
N TYR G 356 5.93 61.13 -10.13
CA TYR G 356 5.09 60.40 -9.19
C TYR G 356 4.28 61.43 -8.41
N ILE G 357 3.07 61.69 -8.84
CA ILE G 357 2.21 62.65 -8.16
C ILE G 357 1.77 62.07 -6.82
N PRO G 358 1.95 62.79 -5.72
CA PRO G 358 1.55 62.26 -4.41
C PRO G 358 0.06 62.34 -4.18
N GLY G 359 -0.68 61.32 -4.57
CA GLY G 359 -2.13 61.35 -4.46
C GLY G 359 -2.64 61.58 -3.05
N TRP G 360 -1.88 61.21 -2.02
CA TRP G 360 -2.37 61.30 -0.66
C TRP G 360 -2.39 62.72 -0.11
N GLU G 361 -1.62 63.63 -0.70
CA GLU G 361 -1.61 65.00 -0.18
C GLU G 361 -2.81 65.81 -0.65
N ILE G 362 -3.64 65.25 -1.52
CA ILE G 362 -4.85 65.92 -1.97
C ILE G 362 -6.01 65.52 -1.08
N PRO G 363 -6.73 66.46 -0.48
CA PRO G 363 -7.84 66.08 0.40
C PRO G 363 -8.99 65.46 -0.38
N LYS G 364 -9.76 64.63 0.30
CA LYS G 364 -10.89 63.96 -0.34
C LYS G 364 -11.92 64.98 -0.80
N MET G 365 -12.58 64.67 -1.91
CA MET G 365 -13.52 65.61 -2.51
C MET G 365 -14.75 65.80 -1.63
N ARG G 366 -15.15 67.04 -1.48
CA ARG G 366 -16.23 67.44 -0.59
C ARG G 366 -16.88 68.69 -1.16
N PRO G 367 -18.22 68.77 -1.11
CA PRO G 367 -18.92 69.80 -1.89
C PRO G 367 -18.48 71.23 -1.63
N GLU G 368 -17.76 71.51 -0.55
CA GLU G 368 -17.24 72.85 -0.38
C GLU G 368 -16.05 73.11 -1.30
N PHE G 369 -15.49 72.06 -1.90
CA PHE G 369 -14.38 72.22 -2.84
C PHE G 369 -14.82 72.48 -4.27
N PHE G 370 -16.11 72.38 -4.57
CA PHE G 370 -16.62 72.62 -5.91
C PHE G 370 -16.95 74.10 -6.05
N THR G 371 -16.44 74.72 -7.11
CA THR G 371 -16.54 76.17 -7.27
C THR G 371 -17.96 76.59 -7.63
N ASN G 372 -18.21 77.88 -7.45
CA ASN G 372 -19.42 78.53 -7.93
C ASN G 372 -19.10 79.78 -8.74
N ARG G 373 -17.83 80.01 -9.05
CA ARG G 373 -17.41 81.23 -9.71
C ARG G 373 -17.23 80.98 -11.20
N TYR G 374 -16.71 81.97 -11.91
CA TYR G 374 -16.51 81.89 -13.35
C TYR G 374 -15.22 81.14 -13.66
N GLY G 375 -15.25 80.34 -14.73
CA GLY G 375 -14.07 79.65 -15.20
C GLY G 375 -14.12 79.48 -16.71
N LEU G 376 -13.00 79.05 -17.27
CA LEU G 376 -12.95 78.82 -18.71
C LEU G 376 -13.75 77.57 -19.07
N ILE G 377 -14.27 77.54 -20.29
CA ILE G 377 -14.97 76.36 -20.78
C ILE G 377 -14.02 75.18 -20.78
N VAL G 378 -14.56 73.98 -20.57
CA VAL G 378 -13.73 72.79 -20.67
C VAL G 378 -13.20 72.63 -22.09
N ASP G 379 -14.00 72.95 -23.09
CA ASP G 379 -13.54 72.85 -24.47
C ASP G 379 -12.41 73.84 -24.74
N TYR G 380 -12.55 75.06 -24.24
CA TYR G 380 -11.50 76.06 -24.42
C TYR G 380 -10.21 75.63 -23.75
N LEU G 381 -10.31 75.08 -22.54
CA LEU G 381 -9.12 74.60 -21.86
C LEU G 381 -8.47 73.46 -22.62
N ALA G 382 -9.26 72.51 -23.12
CA ALA G 382 -8.69 71.38 -23.82
C ALA G 382 -8.01 71.79 -25.12
N GLU G 383 -8.64 72.67 -25.89
CA GLU G 383 -8.00 73.10 -27.13
C GLU G 383 -6.78 73.97 -26.84
N PHE G 384 -6.79 74.69 -25.72
CA PHE G 384 -5.61 75.40 -25.27
C PHE G 384 -4.47 74.44 -24.99
N PHE G 385 -4.77 73.32 -24.34
CA PHE G 385 -3.74 72.30 -24.11
C PHE G 385 -3.20 71.76 -25.42
N ARG G 386 -4.10 71.45 -26.37
CA ARG G 386 -3.65 70.92 -27.64
C ARG G 386 -2.75 71.90 -28.38
N GLU G 387 -3.10 73.19 -28.35
CA GLU G 387 -2.26 74.18 -29.01
C GLU G 387 -0.93 74.35 -28.29
N MET G 388 -0.92 74.16 -26.96
CA MET G 388 0.34 74.30 -26.24
C MET G 388 1.25 73.10 -26.43
N ARG G 389 0.73 71.95 -26.84
CA ARG G 389 1.60 70.81 -27.08
C ARG G 389 2.66 71.10 -28.15
N LYS G 390 2.41 72.07 -29.03
CA LYS G 390 3.30 72.33 -30.16
C LYS G 390 4.49 73.21 -29.80
N ARG G 391 4.55 73.75 -28.60
CA ARG G 391 5.64 74.63 -28.18
C ARG G 391 6.54 73.92 -27.19
N SER G 392 7.55 74.64 -26.72
CA SER G 392 8.50 74.10 -25.75
C SER G 392 9.11 75.21 -24.92
N PHE G 393 9.38 74.90 -23.66
CA PHE G 393 10.02 75.84 -22.74
C PHE G 393 11.06 75.18 -21.86
N ALA G 394 11.64 74.06 -22.31
CA ALA G 394 12.58 73.33 -21.49
C ALA G 394 13.95 73.98 -21.43
N ASP G 395 14.25 74.93 -22.33
CA ASP G 395 15.51 75.63 -22.28
C ASP G 395 15.53 76.74 -21.26
N SER G 396 14.40 77.02 -20.61
CA SER G 396 14.35 78.07 -19.62
C SER G 396 15.17 77.72 -18.38
N ILE G 397 15.37 76.42 -18.13
CA ILE G 397 16.18 76.00 -16.99
C ILE G 397 17.60 76.50 -17.12
N GLU G 398 18.19 76.36 -18.31
CA GLU G 398 19.60 76.72 -18.47
C GLU G 398 19.79 78.22 -18.55
N LYS G 399 18.72 78.99 -18.77
CA LYS G 399 18.88 80.44 -18.79
C LYS G 399 19.25 80.98 -17.41
N TYR G 400 18.91 80.26 -16.35
CA TYR G 400 19.17 80.71 -15.00
C TYR G 400 19.83 79.68 -14.10
N PHE G 401 19.78 78.39 -14.43
CA PHE G 401 20.20 77.37 -13.50
C PHE G 401 20.98 76.28 -14.21
N LYS G 402 21.61 75.42 -13.42
CA LYS G 402 22.23 74.20 -13.89
C LYS G 402 21.73 73.04 -13.04
N LEU G 403 21.66 71.86 -13.64
CA LEU G 403 21.24 70.69 -12.89
C LEU G 403 22.44 70.06 -12.20
N GLY G 404 22.18 69.37 -11.08
CA GLY G 404 23.24 68.83 -10.27
C GLY G 404 23.88 67.60 -10.89
N ASN G 405 24.88 67.08 -10.19
CA ASN G 405 25.66 65.96 -10.70
C ASN G 405 25.01 64.61 -10.42
N ASN G 406 23.98 64.56 -9.60
CA ASN G 406 23.32 63.30 -9.27
C ASN G 406 22.26 62.89 -10.28
N LEU G 407 22.02 63.69 -11.30
CA LEU G 407 21.00 63.39 -12.29
C LEU G 407 21.65 62.76 -13.52
N ASN G 408 21.27 61.53 -13.84
CA ASN G 408 21.67 60.94 -15.11
C ASN G 408 20.86 61.55 -16.24
N GLN G 409 21.07 61.03 -17.45
CA GLN G 409 20.40 61.61 -18.61
C GLN G 409 18.89 61.48 -18.52
N ARG G 410 18.39 60.34 -18.05
CA ARG G 410 16.95 60.16 -17.92
C ARG G 410 16.35 61.15 -16.93
N ASP G 411 17.04 61.40 -15.81
CA ASP G 411 16.54 62.35 -14.84
C ASP G 411 16.52 63.76 -15.40
N VAL G 412 17.54 64.12 -16.18
CA VAL G 412 17.54 65.43 -16.83
C VAL G 412 16.35 65.54 -17.78
N ILE G 413 16.09 64.48 -18.55
CA ILE G 413 14.95 64.50 -19.46
C ILE G 413 13.66 64.69 -18.70
N ALA G 414 13.46 63.93 -17.63
CA ALA G 414 12.20 64.01 -16.88
C ALA G 414 12.02 65.38 -16.25
N VAL G 415 13.08 65.92 -15.67
CA VAL G 415 12.98 67.23 -15.02
C VAL G 415 12.66 68.31 -16.04
N ARG G 416 13.33 68.27 -17.19
CA ARG G 416 13.08 69.28 -18.21
C ARG G 416 11.66 69.17 -18.76
N LYS G 417 11.17 67.94 -18.95
CA LYS G 417 9.80 67.80 -19.42
C LYS G 417 8.79 68.35 -18.42
N THR G 418 8.97 68.04 -17.14
CA THR G 418 8.02 68.52 -16.15
C THR G 418 8.07 70.04 -16.04
N VAL G 419 9.27 70.63 -16.08
CA VAL G 419 9.37 72.09 -16.03
C VAL G 419 8.70 72.70 -17.26
N SER G 420 8.92 72.12 -18.43
CA SER G 420 8.30 72.67 -19.64
C SER G 420 6.78 72.61 -19.54
N GLY G 421 6.24 71.50 -19.03
CA GLY G 421 4.80 71.40 -18.89
C GLY G 421 4.23 72.43 -17.93
N LEU G 422 4.86 72.57 -16.76
CA LEU G 422 4.34 73.52 -15.78
C LEU G 422 4.47 74.94 -16.29
N MET G 423 5.55 75.24 -17.01
CA MET G 423 5.75 76.60 -17.50
C MET G 423 4.79 76.92 -18.63
N LYS G 424 4.43 75.92 -19.43
CA LYS G 424 3.36 76.13 -20.40
C LYS G 424 2.02 76.39 -19.72
N LEU G 425 1.71 75.62 -18.67
CA LEU G 425 0.44 75.83 -17.99
C LEU G 425 0.36 77.22 -17.37
N LEU G 426 1.45 77.67 -16.73
CA LEU G 426 1.40 78.92 -15.99
C LEU G 426 1.77 80.14 -16.81
N TYR G 427 2.72 80.02 -17.75
CA TYR G 427 3.17 81.17 -18.53
C TYR G 427 3.13 80.87 -20.02
N PRO G 428 1.93 80.75 -20.60
CA PRO G 428 1.84 80.54 -22.05
C PRO G 428 2.45 81.67 -22.87
N HIS G 429 2.38 82.91 -22.39
CA HIS G 429 2.88 84.02 -23.19
C HIS G 429 4.39 84.11 -23.19
N GLY G 430 5.09 83.33 -22.37
CA GLY G 430 6.53 83.25 -22.46
C GLY G 430 7.30 84.32 -21.71
N GLN G 431 6.64 85.12 -20.87
CA GLN G 431 7.33 86.12 -20.07
C GLN G 431 7.39 85.63 -18.63
N PHE G 432 8.60 85.49 -18.10
CA PHE G 432 8.78 84.97 -16.76
C PHE G 432 10.14 85.38 -16.24
N ASN G 433 10.30 85.33 -14.92
CA ASN G 433 11.54 85.72 -14.26
C ASN G 433 12.15 84.50 -13.57
N LYS G 434 13.24 84.75 -12.83
CA LYS G 434 14.01 83.66 -12.25
C LYS G 434 13.21 82.88 -11.22
N GLU G 435 12.42 83.57 -10.40
CA GLU G 435 11.72 82.91 -9.30
C GLU G 435 10.71 81.89 -9.81
N ASP G 436 10.01 82.19 -10.90
CA ASP G 436 9.03 81.27 -11.45
C ASP G 436 9.70 79.98 -11.89
N VAL G 437 10.81 80.10 -12.61
CA VAL G 437 11.55 78.91 -13.03
C VAL G 437 12.07 78.16 -11.81
N ARG G 438 12.45 78.89 -10.76
CA ARG G 438 12.91 78.21 -9.55
C ARG G 438 11.80 77.37 -8.94
N GLN G 439 10.59 77.93 -8.85
CA GLN G 439 9.48 77.16 -8.29
C GLN G 439 9.19 75.92 -9.11
N CYS G 440 9.10 76.08 -10.43
CA CYS G 440 8.80 74.94 -11.29
C CYS G 440 9.89 73.89 -11.19
N LEU G 441 11.15 74.33 -11.13
CA LEU G 441 12.27 73.40 -11.04
C LEU G 441 12.25 72.64 -9.72
N GLU G 442 11.92 73.33 -8.62
CA GLU G 442 11.79 72.64 -7.35
C GLU G 442 10.74 71.56 -7.41
N TYR G 443 9.57 71.88 -7.99
CA TYR G 443 8.52 70.88 -8.07
C TYR G 443 8.96 69.70 -8.93
N ALA G 444 9.57 69.97 -10.08
CA ALA G 444 9.97 68.88 -10.96
C ALA G 444 11.00 67.99 -10.28
N LEU G 445 11.99 68.60 -9.62
CA LEU G 445 13.02 67.82 -8.96
C LEU G 445 12.43 66.95 -7.87
N GLN G 446 11.51 67.50 -7.08
CA GLN G 446 10.89 66.71 -6.02
C GLN G 446 10.11 65.53 -6.58
N VAL G 447 9.31 65.78 -7.61
CA VAL G 447 8.44 64.74 -8.13
C VAL G 447 9.24 63.64 -8.83
N ARG G 448 10.36 64.01 -9.46
CA ARG G 448 11.22 62.98 -10.03
C ARG G 448 11.98 62.23 -8.94
N ARG G 449 12.37 62.94 -7.88
CA ARG G 449 13.12 62.31 -6.81
C ARG G 449 12.29 61.23 -6.14
N ARG G 450 10.98 61.43 -6.03
CA ARG G 450 10.14 60.38 -5.44
C ARG G 450 10.31 59.06 -6.18
N VAL G 451 10.23 59.10 -7.51
CA VAL G 451 10.47 57.91 -8.31
C VAL G 451 11.89 57.41 -8.12
N LYS G 452 12.82 58.34 -7.94
CA LYS G 452 14.21 57.93 -7.75
C LYS G 452 14.38 57.09 -6.49
N GLU G 453 13.80 57.52 -5.36
CA GLU G 453 13.89 56.69 -4.15
C GLU G 453 13.13 55.38 -4.30
N GLN G 454 11.99 55.39 -4.99
CA GLN G 454 11.32 54.12 -5.22
C GLN G 454 12.22 53.16 -5.99
N LEU G 455 12.90 53.67 -7.01
CA LEU G 455 13.83 52.85 -7.78
C LEU G 455 15.00 52.39 -6.91
N LYS G 456 15.49 53.25 -6.03
CA LYS G 456 16.57 52.85 -5.13
C LYS G 456 16.13 51.65 -4.31
N LYS G 457 14.98 51.75 -3.64
CA LYS G 457 14.49 50.64 -2.84
C LYS G 457 14.31 49.38 -3.67
N ILE G 458 13.82 49.52 -4.90
CA ILE G 458 13.55 48.35 -5.74
C ILE G 458 14.84 47.69 -6.21
N GLY G 459 15.82 48.48 -6.68
CA GLY G 459 16.94 47.95 -7.42
C GLY G 459 18.30 47.99 -6.75
N GLY G 460 18.39 48.48 -5.52
CA GLY G 460 19.66 48.38 -4.81
C GLY G 460 20.62 49.48 -5.20
N MET G 461 21.84 49.08 -5.58
CA MET G 461 22.93 50.05 -5.73
C MET G 461 22.79 50.88 -7.00
N GLU G 462 22.08 50.37 -8.00
CA GLU G 462 22.10 50.99 -9.33
C GLU G 462 21.60 52.44 -9.31
N PHE G 463 20.83 52.83 -8.29
CA PHE G 463 20.22 54.15 -8.25
C PHE G 463 20.48 54.84 -6.91
N TYR G 464 21.74 54.85 -6.46
CA TYR G 464 22.04 55.42 -5.15
C TYR G 464 22.07 56.95 -5.20
N ASP G 465 22.39 57.54 -6.34
CA ASP G 465 22.52 58.99 -6.45
C ASP G 465 21.13 59.61 -6.42
N VAL G 466 20.58 59.72 -5.21
CA VAL G 466 19.24 60.25 -5.02
C VAL G 466 19.25 61.67 -4.48
N HIS G 467 20.41 62.30 -4.34
CA HIS G 467 20.51 63.65 -3.78
C HIS G 467 20.47 64.66 -4.91
N PHE G 468 19.26 64.97 -5.33
CA PHE G 468 19.05 65.93 -6.40
C PHE G 468 19.41 67.33 -5.93
N SER G 469 19.95 68.13 -6.83
CA SER G 469 20.25 69.53 -6.52
C SER G 469 20.32 70.32 -7.81
N TYR G 470 20.17 71.64 -7.67
CA TYR G 470 20.33 72.54 -8.80
C TYR G 470 21.16 73.74 -8.37
N ILE G 471 22.07 74.14 -9.24
CA ILE G 471 23.07 75.15 -8.93
C ILE G 471 22.68 76.46 -9.60
N ASP G 472 22.70 77.55 -8.84
CA ASP G 472 22.45 78.86 -9.41
C ASP G 472 23.55 79.19 -10.40
N ASN G 473 23.20 79.95 -11.44
CA ASN G 473 24.18 80.31 -12.45
C ASN G 473 25.11 81.41 -11.96
N ASP G 474 24.63 82.28 -11.06
CA ASP G 474 25.43 83.43 -10.63
C ASP G 474 26.01 83.25 -9.23
N THR G 475 25.16 83.01 -8.23
CA THR G 475 25.62 82.87 -6.85
C THR G 475 26.37 81.57 -6.62
N LEU G 476 26.16 80.57 -7.45
CA LEU G 476 26.72 79.22 -7.31
C LEU G 476 26.27 78.55 -6.03
N GLU G 477 25.26 79.08 -5.35
CA GLU G 477 24.69 78.41 -4.19
C GLU G 477 23.92 77.19 -4.64
N GLU G 478 24.35 76.01 -4.20
CA GLU G 478 23.74 74.78 -4.67
C GLU G 478 22.63 74.33 -3.73
N HIS G 479 21.40 74.76 -4.01
CA HIS G 479 20.25 74.32 -3.24
C HIS G 479 19.96 72.85 -3.49
N PHE G 480 19.59 72.14 -2.44
CA PHE G 480 19.16 70.76 -2.55
C PHE G 480 17.64 70.67 -2.40
N VAL G 481 17.08 69.58 -2.89
CA VAL G 481 15.64 69.38 -2.90
C VAL G 481 15.31 68.04 -2.26
N SER G 482 14.34 68.04 -1.35
CA SER G 482 13.98 66.85 -0.60
C SER G 482 12.55 66.42 -0.92
N VAL G 483 12.26 65.16 -0.62
CA VAL G 483 10.95 64.59 -0.92
C VAL G 483 9.85 65.16 -0.04
N LYS G 484 10.16 65.54 1.20
CA LYS G 484 9.23 66.09 2.19
C LYS G 484 8.35 64.98 2.76
N GLU G 485 8.41 63.78 2.17
CA GLU G 485 7.65 62.66 2.69
C GLU G 485 8.55 61.76 3.53
N GLN G 486 9.72 61.43 3.00
CA GLN G 486 10.66 60.55 3.69
C GLN G 486 11.48 61.33 4.70
N GLY G 487 11.39 62.66 4.64
CA GLY G 487 12.12 63.51 5.56
C GLY G 487 11.38 63.73 6.86
N GLY G 495 14.47 50.67 17.48
CA GLY G 495 14.47 49.56 16.54
C GLY G 495 15.86 49.18 16.07
N PRO G 496 16.15 47.87 16.03
CA PRO G 496 17.46 47.43 15.56
C PRO G 496 17.63 47.64 14.06
N ALA G 497 18.51 48.57 13.70
CA ALA G 497 18.71 48.89 12.29
C ALA G 497 19.54 47.81 11.60
N LYS G 498 19.57 47.88 10.27
CA LYS G 498 20.35 46.95 9.48
C LYS G 498 21.84 47.22 9.70
N PRO G 499 22.71 46.25 9.40
CA PRO G 499 24.14 46.45 9.62
C PRO G 499 24.67 47.67 8.87
N GLY G 500 25.54 48.43 9.55
CA GLY G 500 26.20 49.56 8.95
C GLY G 500 25.40 50.84 8.92
N PHE G 501 24.18 50.86 9.46
CA PHE G 501 23.30 52.01 9.38
C PHE G 501 23.28 52.70 10.73
N LEU G 502 23.44 54.03 10.74
CA LEU G 502 23.49 54.72 12.03
C LEU G 502 22.94 56.12 11.89
N TYR G 503 22.68 56.74 13.04
CA TYR G 503 22.22 58.12 13.15
C TYR G 503 23.23 58.92 13.92
N THR G 504 23.55 60.12 13.44
CA THR G 504 24.46 61.02 14.13
C THR G 504 23.82 62.40 14.22
N ILE G 505 24.37 63.24 15.09
CA ILE G 505 23.94 64.63 15.22
C ILE G 505 25.18 65.52 15.19
N GLY G 506 25.13 66.55 14.35
CA GLY G 506 26.31 67.39 14.18
C GLY G 506 25.94 68.82 13.88
N LEU G 507 26.89 69.72 14.16
CA LEU G 507 26.68 71.15 13.93
C LEU G 507 26.78 71.46 12.45
N SER G 508 25.71 72.00 11.88
CA SER G 508 25.71 72.39 10.48
C SER G 508 26.74 73.49 10.23
N ASN G 509 26.97 73.79 8.96
CA ASN G 509 27.90 74.84 8.59
C ASN G 509 27.48 76.20 9.18
N LYS G 510 26.21 76.38 9.51
CA LYS G 510 25.73 77.55 10.21
C LYS G 510 25.84 77.41 11.73
N GLY G 511 26.24 76.24 12.23
CA GLY G 511 26.40 76.03 13.65
C GLY G 511 25.16 75.59 14.40
N MET G 512 24.09 75.20 13.70
CA MET G 512 22.88 74.79 14.39
C MET G 512 22.70 73.28 14.21
N PRO G 513 22.65 72.51 15.29
CA PRO G 513 22.83 71.05 15.18
C PRO G 513 21.66 70.37 14.45
N GLY G 514 21.97 69.29 13.77
CA GLY G 514 20.98 68.54 13.02
C GLY G 514 21.26 67.06 13.04
N LEU G 515 20.23 66.29 12.68
CA LEU G 515 20.29 64.83 12.70
C LEU G 515 20.46 64.27 11.29
N TYR G 516 21.48 63.45 11.11
CA TYR G 516 21.87 62.90 9.81
C TYR G 516 21.94 61.38 9.92
N ARG G 517 21.80 60.70 8.79
CA ARG G 517 21.86 59.24 8.76
C ARG G 517 23.00 58.79 7.86
N LEU G 518 23.80 57.84 8.36
CA LEU G 518 24.89 57.26 7.61
C LEU G 518 24.51 55.84 7.19
N GLU G 519 24.64 55.56 5.89
CA GLU G 519 24.24 54.29 5.30
C GLU G 519 25.46 53.67 4.64
N LEU G 520 25.75 52.41 4.94
CA LEU G 520 26.91 51.74 4.35
C LEU G 520 26.50 50.46 3.63
N GLN G 521 27.02 50.28 2.42
CA GLN G 521 26.87 49.05 1.67
C GLN G 521 28.25 48.45 1.41
N VAL G 522 28.41 47.17 1.72
CA VAL G 522 29.69 46.49 1.62
C VAL G 522 29.58 45.41 0.56
N THR G 523 30.52 45.40 -0.38
CA THR G 523 30.59 44.36 -1.40
C THR G 523 32.01 43.79 -1.42
N LYS G 524 32.18 42.71 -2.17
CA LYS G 524 33.52 42.21 -2.43
C LYS G 524 34.23 43.12 -3.42
N GLY G 525 35.47 43.48 -3.12
CA GLY G 525 36.20 44.39 -3.98
C GLY G 525 37.67 44.54 -3.66
N SER G 526 38.22 45.71 -3.97
CA SER G 526 39.65 45.97 -3.84
C SER G 526 39.95 47.14 -2.91
N GLY G 527 39.10 47.36 -1.90
CA GLY G 527 39.30 48.46 -0.98
C GLY G 527 38.88 49.82 -1.48
N LYS G 528 38.14 49.87 -2.58
CA LYS G 528 37.68 51.15 -3.12
C LYS G 528 36.55 51.72 -2.28
N LEU G 529 36.55 53.04 -2.14
CA LEU G 529 35.56 53.75 -1.34
C LEU G 529 34.67 54.57 -2.25
N ALA G 530 33.36 54.40 -2.12
CA ALA G 530 32.37 55.15 -2.88
C ALA G 530 31.65 56.12 -1.95
N THR G 531 31.53 57.37 -2.38
CA THR G 531 30.93 58.42 -1.56
C THR G 531 29.69 58.95 -2.24
N SER G 532 28.59 59.02 -1.51
CA SER G 532 27.35 59.56 -2.05
C SER G 532 26.67 60.41 -0.98
N GLY G 533 26.10 61.52 -1.43
CA GLY G 533 25.37 62.38 -0.51
C GLY G 533 26.25 63.21 0.40
N LEU G 534 27.55 63.31 0.09
CA LEU G 534 28.48 64.08 0.90
C LEU G 534 28.38 65.58 0.63
N TRP G 535 27.39 66.01 -0.16
CA TRP G 535 27.08 67.42 -0.35
C TRP G 535 28.24 68.17 -1.00
N ASN G 536 29.07 67.43 -1.74
CA ASN G 536 30.18 68.01 -2.49
C ASN G 536 31.09 68.84 -1.59
N SER G 537 31.31 68.37 -0.37
CA SER G 537 32.09 69.10 0.63
C SER G 537 33.49 68.51 0.68
N SER G 538 34.49 69.36 0.47
CA SER G 538 35.88 68.94 0.59
C SER G 538 36.19 68.51 2.02
N SER G 539 35.67 69.27 3.00
CA SER G 539 35.90 68.92 4.39
C SER G 539 35.27 67.57 4.75
N ALA G 540 34.03 67.35 4.34
CA ALA G 540 33.36 66.09 4.64
C ALA G 540 34.06 64.93 3.94
N LYS G 541 34.43 65.11 2.67
CA LYS G 541 35.13 64.05 1.96
C LYS G 541 36.47 63.73 2.62
N GLU G 542 37.19 64.76 3.06
CA GLU G 542 38.46 64.54 3.73
C GLU G 542 38.26 63.80 5.05
N GLN G 543 37.22 64.16 5.80
CA GLN G 543 36.94 63.46 7.05
C GLN G 543 36.62 61.99 6.79
N VAL G 544 35.83 61.71 5.76
CA VAL G 544 35.51 60.33 5.43
C VAL G 544 36.76 59.58 5.02
N LYS G 545 37.63 60.22 4.23
CA LYS G 545 38.87 59.57 3.83
C LYS G 545 39.76 59.29 5.03
N ILE G 546 39.82 60.22 5.99
CA ILE G 546 40.61 60.01 7.20
C ILE G 546 40.06 58.82 7.98
N ALA G 547 38.72 58.75 8.10
CA ALA G 547 38.11 57.64 8.80
C ALA G 547 38.40 56.31 8.09
N PHE G 548 38.34 56.30 6.77
CA PHE G 548 38.64 55.08 6.02
C PHE G 548 40.10 54.67 6.20
N ASP G 549 41.02 55.64 6.22
CA ASP G 549 42.42 55.34 6.46
C ASP G 549 42.63 54.75 7.85
N TYR G 550 41.98 55.33 8.86
CA TYR G 550 42.08 54.79 10.21
C TYR G 550 41.49 53.38 10.27
N PHE G 551 40.39 53.15 9.56
CA PHE G 551 39.78 51.83 9.51
C PHE G 551 40.72 50.81 8.87
N LYS G 552 41.41 51.21 7.80
CA LYS G 552 42.41 50.34 7.20
C LYS G 552 43.55 50.05 8.18
N ALA G 553 44.01 51.09 8.89
CA ALA G 553 45.14 50.92 9.80
C ALA G 553 44.82 49.99 10.96
N ASN G 554 43.62 50.11 11.54
CA ASN G 554 43.26 49.36 12.73
C ASN G 554 42.27 48.24 12.44
N ALA G 555 42.39 47.57 11.29
CA ALA G 555 41.49 46.48 10.97
C ALA G 555 41.63 45.32 11.96
N SER G 556 42.87 45.01 12.36
CA SER G 556 43.08 43.89 13.28
C SER G 556 42.48 44.14 14.64
N ARG G 557 42.58 45.37 15.15
CA ARG G 557 42.10 45.68 16.51
C ARG G 557 40.58 45.78 16.58
N ILE G 558 39.91 45.87 15.45
CA ILE G 558 38.47 46.09 15.42
C ILE G 558 37.71 44.87 14.89
N SER G 559 38.20 44.25 13.82
CA SER G 559 37.51 43.15 13.17
C SER G 559 38.05 41.77 13.55
N GLY G 560 39.34 41.66 13.83
CA GLY G 560 39.91 40.38 14.22
C GLY G 560 40.04 39.38 13.10
N GLY G 561 40.20 39.86 11.86
CA GLY G 561 40.41 38.97 10.74
C GLY G 561 39.74 39.39 9.45
N SER G 562 38.76 40.28 9.55
CA SER G 562 38.06 40.77 8.35
C SER G 562 38.94 41.78 7.64
N LYS G 563 39.33 41.47 6.41
CA LYS G 563 40.34 42.26 5.70
C LYS G 563 39.67 43.36 4.90
N VAL G 564 40.16 44.60 5.07
CA VAL G 564 39.59 45.75 4.38
C VAL G 564 39.89 45.67 2.88
N MET G 565 41.08 45.21 2.53
CA MET G 565 41.50 45.19 1.13
C MET G 565 40.64 44.30 0.24
N GLU G 566 39.95 43.31 0.81
CA GLU G 566 39.13 42.40 0.04
C GLU G 566 37.72 42.89 -0.17
N HIS G 567 37.32 43.99 0.46
CA HIS G 567 35.96 44.49 0.40
C HIS G 567 35.94 45.96 0.03
N ASP G 568 34.91 46.36 -0.71
CA ASP G 568 34.67 47.75 -1.08
C ASP G 568 33.47 48.29 -0.32
N PHE G 569 33.59 49.54 0.13
CA PHE G 569 32.59 50.19 0.97
C PHE G 569 31.98 51.36 0.20
N HIS G 570 30.66 51.53 0.35
CA HIS G 570 29.92 52.65 -0.23
C HIS G 570 29.16 53.33 0.89
N LEU G 571 29.53 54.57 1.18
CA LEU G 571 28.89 55.33 2.25
C LEU G 571 28.02 56.42 1.66
N HIS G 572 26.81 56.54 2.19
CA HIS G 572 25.77 57.41 1.67
C HIS G 572 25.22 58.23 2.83
N VAL G 573 25.20 59.55 2.66
CA VAL G 573 24.80 60.48 3.71
C VAL G 573 23.40 60.98 3.42
N VAL G 574 22.51 60.88 4.40
CA VAL G 574 21.12 61.26 4.24
C VAL G 574 20.81 62.37 5.23
N GLU G 575 20.24 63.47 4.73
CA GLU G 575 19.83 64.58 5.57
C GLU G 575 18.33 64.52 5.81
N LEU G 576 17.92 64.64 7.08
CA LEU G 576 16.54 64.43 7.46
C LEU G 576 15.86 65.68 8.02
N GLN G 577 16.61 66.72 8.38
CA GLN G 577 16.03 67.93 8.93
C GLN G 577 16.40 69.19 8.17
N ASN G 578 17.01 69.07 6.99
CA ASN G 578 17.36 70.22 6.14
C ASN G 578 18.22 71.23 6.89
N THR G 579 19.17 70.74 7.69
CA THR G 579 19.96 71.62 8.53
C THR G 579 21.18 72.18 7.80
N GLY G 580 21.69 71.48 6.79
CA GLY G 580 22.82 71.97 6.03
C GLY G 580 24.01 71.02 6.06
N PRO G 581 25.10 71.41 5.43
CA PRO G 581 26.29 70.56 5.43
C PRO G 581 26.93 70.45 6.81
N LEU G 582 27.57 69.31 7.06
CA LEU G 582 28.27 69.05 8.30
C LEU G 582 29.74 68.81 8.02
N SER G 583 30.60 69.19 8.98
CA SER G 583 32.03 69.01 8.84
C SER G 583 32.54 67.75 9.55
N HIS G 584 32.22 67.62 10.84
CA HIS G 584 32.75 66.54 11.67
C HIS G 584 31.99 65.26 11.38
N LEU G 585 32.62 64.35 10.64
CA LEU G 585 32.00 63.08 10.30
C LEU G 585 32.95 61.89 10.33
N ALA G 586 34.20 62.07 10.77
CA ALA G 586 35.17 60.98 10.70
C ALA G 586 34.80 59.83 11.64
N LEU G 587 34.53 60.14 12.90
CA LEU G 587 34.23 59.09 13.87
C LEU G 587 32.94 58.34 13.53
N PRO G 588 31.83 59.02 13.20
CA PRO G 588 30.65 58.27 12.76
C PRO G 588 30.91 57.45 11.52
N SER G 589 31.76 57.95 10.62
CA SER G 589 32.12 57.19 9.43
C SER G 589 32.84 55.91 9.82
N LEU G 590 33.79 56.01 10.75
CA LEU G 590 34.52 54.84 11.21
C LEU G 590 33.58 53.83 11.84
N VAL G 591 32.61 54.31 12.63
CA VAL G 591 31.62 53.45 13.25
C VAL G 591 30.84 52.73 12.15
N ALA G 592 30.48 53.48 11.09
CA ALA G 592 29.75 52.91 9.98
C ALA G 592 30.52 51.81 9.27
N PHE G 593 31.80 52.06 8.97
CA PHE G 593 32.63 51.06 8.33
C PHE G 593 32.75 49.82 9.20
N ALA G 594 32.97 50.03 10.50
CA ALA G 594 33.13 48.91 11.41
C ALA G 594 31.86 48.06 11.47
N SER G 595 30.70 48.71 11.52
CA SER G 595 29.44 47.98 11.58
C SER G 595 29.19 47.23 10.29
N GLY G 596 29.44 47.87 9.15
CA GLY G 596 29.17 47.24 7.87
C GLY G 596 30.09 46.06 7.59
N LEU G 597 31.39 46.22 7.87
CA LEU G 597 32.34 45.15 7.59
C LEU G 597 32.05 43.93 8.46
N LEU G 598 31.76 44.14 9.74
CA LEU G 598 31.52 43.03 10.66
C LEU G 598 30.12 42.45 10.56
N GLY G 599 29.19 43.15 9.92
CA GLY G 599 27.82 42.65 9.87
C GLY G 599 27.12 42.64 11.21
N ARG G 600 27.53 43.50 12.13
CA ARG G 600 26.94 43.57 13.45
C ARG G 600 26.05 44.81 13.53
N SER G 601 24.78 44.58 13.85
CA SER G 601 23.82 45.68 13.88
C SER G 601 24.15 46.66 15.00
N VAL G 602 24.03 47.95 14.70
CA VAL G 602 24.27 48.99 15.69
C VAL G 602 23.18 48.93 16.76
N GLN G 603 23.54 49.33 17.98
CA GLN G 603 22.57 49.38 19.06
C GLN G 603 21.43 50.33 18.72
N SER G 604 20.21 49.92 19.05
CA SER G 604 19.03 50.66 18.65
C SER G 604 18.97 52.02 19.32
N GLN G 605 18.59 53.04 18.55
CA GLN G 605 18.29 54.38 19.06
C GLN G 605 19.44 54.97 19.86
N MET G 606 20.67 54.75 19.39
CA MET G 606 21.83 55.40 19.97
C MET G 606 22.33 56.49 19.03
N VAL G 607 22.92 57.52 19.62
CA VAL G 607 23.48 58.64 18.87
C VAL G 607 24.96 58.77 19.21
N VAL G 608 25.80 58.78 18.18
CA VAL G 608 27.25 58.92 18.34
C VAL G 608 27.61 60.37 18.11
N LEU G 609 28.27 60.97 19.09
CA LEU G 609 28.71 62.36 19.01
C LEU G 609 30.21 62.47 19.16
N GLY G 610 30.78 63.54 18.60
CA GLY G 610 32.20 63.77 18.61
C GLY G 610 32.86 63.38 17.31
N ASP G 611 34.10 63.83 17.15
CA ASP G 611 34.89 63.53 15.98
C ASP G 611 36.26 63.02 16.42
N MET G 612 37.04 62.57 15.46
CA MET G 612 38.34 61.96 15.75
C MET G 612 39.39 62.50 14.78
N SER G 613 40.65 62.37 15.19
CA SER G 613 41.78 62.73 14.36
C SER G 613 42.34 61.49 13.65
N LEU G 614 43.30 61.71 12.76
CA LEU G 614 43.92 60.61 12.05
C LEU G 614 44.64 59.65 12.98
N GLY G 615 45.29 60.19 14.02
CA GLY G 615 46.01 59.34 14.96
C GLY G 615 45.16 58.68 16.01
N GLY G 616 43.85 58.93 16.01
CA GLY G 616 42.96 58.37 17.00
C GLY G 616 42.61 59.30 18.14
N SER G 617 43.03 60.56 18.09
CA SER G 617 42.66 61.51 19.11
C SER G 617 41.22 61.96 18.93
N VAL G 618 40.45 61.89 20.01
CA VAL G 618 39.03 62.21 19.98
C VAL G 618 38.85 63.68 20.32
N THR G 619 37.90 64.33 19.65
CA THR G 619 37.62 65.73 19.91
C THR G 619 36.35 65.88 20.73
N PRO G 620 36.29 66.88 21.61
CA PRO G 620 35.07 67.08 22.41
C PRO G 620 33.90 67.52 21.53
N VAL G 621 32.69 67.18 21.98
CA VAL G 621 31.49 67.52 21.24
C VAL G 621 31.17 68.99 21.46
N GLU G 622 31.10 69.75 20.37
CA GLU G 622 30.71 71.15 20.46
C GLU G 622 29.21 71.26 20.67
N SER G 623 28.81 72.07 21.66
CA SER G 623 27.41 72.28 21.99
C SER G 623 26.70 70.96 22.25
N ILE G 624 27.18 70.23 23.27
CA ILE G 624 26.64 68.91 23.56
C ILE G 624 25.17 69.00 23.98
N ALA G 625 24.81 70.06 24.70
CA ALA G 625 23.46 70.18 25.21
C ALA G 625 22.44 70.25 24.08
N GLU G 626 22.67 71.12 23.09
CA GLU G 626 21.73 71.26 21.98
C GLU G 626 21.60 69.96 21.20
N CYS G 627 22.73 69.27 20.98
CA CYS G 627 22.67 67.95 20.37
C CYS G 627 21.83 67.00 21.21
N LEU G 628 21.88 67.15 22.54
CA LEU G 628 21.07 66.28 23.40
C LEU G 628 19.58 66.58 23.26
N GLN G 629 19.19 67.85 23.19
CA GLN G 629 17.77 68.13 22.96
C GLN G 629 17.34 67.65 21.58
N VAL G 630 18.23 67.75 20.59
CA VAL G 630 17.93 67.24 19.27
C VAL G 630 17.69 65.73 19.32
N ALA G 631 18.56 65.01 20.04
CA ALA G 631 18.40 63.56 20.17
C ALA G 631 17.10 63.23 20.89
N PHE G 632 16.77 63.99 21.94
CA PHE G 632 15.53 63.74 22.68
C PHE G 632 14.32 63.97 21.78
N ASP G 633 14.37 65.00 20.95
CA ASP G 633 13.29 65.25 20.00
C ASP G 633 13.27 64.20 18.90
N ALA G 634 14.43 63.63 18.57
CA ALA G 634 14.52 62.63 17.51
C ALA G 634 14.07 61.25 17.94
N GLY G 635 13.77 61.05 19.24
CA GLY G 635 13.42 59.75 19.73
C GLY G 635 14.59 58.89 20.16
N ALA G 636 15.75 59.49 20.39
CA ALA G 636 16.93 58.73 20.77
C ALA G 636 16.80 58.17 22.18
N LYS G 637 17.44 57.01 22.41
CA LYS G 637 17.42 56.37 23.71
C LYS G 637 18.81 56.15 24.30
N LYS G 638 19.85 56.13 23.48
CA LYS G 638 21.22 55.96 23.95
C LYS G 638 22.09 57.05 23.34
N VAL G 639 23.20 57.36 24.01
CA VAL G 639 24.16 58.34 23.53
C VAL G 639 25.57 57.78 23.73
N ALA G 640 26.44 58.01 22.76
CA ALA G 640 27.83 57.63 22.85
C ALA G 640 28.68 58.88 23.01
N LEU G 641 29.51 58.91 24.06
CA LEU G 641 30.25 60.13 24.36
C LEU G 641 31.72 59.82 24.63
N PRO G 642 32.62 60.71 24.22
CA PRO G 642 34.04 60.55 24.60
C PRO G 642 34.28 61.02 26.03
N MET G 643 35.51 60.81 26.51
CA MET G 643 35.83 61.19 27.87
C MET G 643 35.80 62.71 28.06
N SER G 644 36.28 63.46 27.06
CA SER G 644 36.42 64.91 27.20
C SER G 644 35.08 65.61 27.37
N SER G 645 34.01 65.04 26.81
CA SER G 645 32.68 65.63 26.98
C SER G 645 32.11 65.41 28.37
N ALA G 646 32.75 64.57 29.19
CA ALA G 646 32.30 64.38 30.56
C ALA G 646 32.40 65.68 31.35
N ALA G 647 33.40 66.52 31.05
CA ALA G 647 33.50 67.81 31.71
C ALA G 647 32.30 68.70 31.38
N ASP G 648 31.60 68.41 30.29
CA ASP G 648 30.38 69.13 29.93
C ASP G 648 29.14 68.55 30.59
N ILE G 649 29.28 67.47 31.36
CA ILE G 649 28.11 66.91 32.05
C ILE G 649 27.47 67.91 33.00
N PRO G 650 28.21 68.65 33.84
CA PRO G 650 27.54 69.59 34.75
C PRO G 650 26.71 70.65 34.06
N THR G 651 27.11 71.09 32.87
CA THR G 651 26.33 72.08 32.13
C THR G 651 25.05 71.50 31.55
N ILE G 652 24.91 70.18 31.50
CA ILE G 652 23.72 69.54 30.97
C ILE G 652 22.63 69.51 32.03
N PRO G 653 21.38 69.86 31.69
CA PRO G 653 20.28 69.65 32.63
C PRO G 653 20.14 68.18 33.00
N VAL G 654 19.84 67.93 34.28
CA VAL G 654 19.80 66.56 34.79
C VAL G 654 18.65 65.78 34.16
N GLU G 655 17.50 66.42 34.00
CA GLU G 655 16.32 65.72 33.49
C GLU G 655 16.56 65.16 32.09
N LEU G 656 17.15 65.95 31.20
CA LEU G 656 17.44 65.49 29.85
C LEU G 656 18.51 64.40 29.86
N PHE G 657 19.54 64.56 30.71
CA PHE G 657 20.62 63.60 30.76
C PHE G 657 20.16 62.26 31.30
N THR G 658 19.14 62.26 32.16
CA THR G 658 18.59 61.01 32.68
C THR G 658 17.85 60.19 31.63
N LYS G 659 17.54 60.77 30.47
CA LYS G 659 16.76 60.09 29.45
C LYS G 659 17.61 59.22 28.53
N PHE G 660 18.93 59.30 28.60
CA PHE G 660 19.81 58.62 27.67
C PHE G 660 20.74 57.66 28.42
N GLN G 661 21.00 56.51 27.80
CA GLN G 661 21.89 55.50 28.36
C GLN G 661 23.28 55.63 27.74
N THR G 662 24.09 56.48 28.37
CA THR G 662 25.44 56.74 27.87
C THR G 662 26.32 55.53 28.06
N SER G 663 27.26 55.33 27.13
CA SER G 663 28.27 54.29 27.24
C SER G 663 29.66 54.83 27.54
N PHE G 664 29.93 56.10 27.23
CA PHE G 664 31.20 56.76 27.56
C PHE G 664 32.41 56.01 27.01
N TYR G 665 32.50 55.90 25.68
CA TYR G 665 33.66 55.30 25.04
C TYR G 665 34.89 56.19 25.21
N ALA G 666 36.08 55.61 25.09
CA ALA G 666 37.30 56.41 25.19
C ALA G 666 38.06 56.41 23.87
N ASP G 667 38.43 55.23 23.40
CA ASP G 667 39.20 55.14 22.17
C ASP G 667 38.26 55.05 20.98
N PRO G 668 38.67 55.48 19.79
CA PRO G 668 37.88 55.18 18.59
C PRO G 668 37.62 53.70 18.43
N VAL G 669 38.62 52.87 18.75
CA VAL G 669 38.39 51.43 18.82
C VAL G 669 37.40 51.12 19.93
N ASP G 670 37.56 51.76 21.08
CA ASP G 670 36.57 51.64 22.14
C ASP G 670 35.22 52.21 21.72
N ALA G 671 35.23 53.24 20.87
CA ALA G 671 33.98 53.75 20.32
C ALA G 671 33.27 52.67 19.50
N VAL G 672 34.03 51.94 18.68
CA VAL G 672 33.47 50.84 17.91
C VAL G 672 32.92 49.77 18.85
N PHE G 673 33.69 49.41 19.86
CA PHE G 673 33.27 48.33 20.76
C PHE G 673 32.00 48.70 21.52
N LYS G 674 31.90 49.97 21.96
CA LYS G 674 30.66 50.43 22.59
C LYS G 674 29.50 50.45 21.60
N GLY G 675 29.75 50.90 20.37
CA GLY G 675 28.67 51.01 19.40
C GLY G 675 28.10 49.66 19.00
N LEU G 676 28.97 48.67 18.81
CA LEU G 676 28.53 47.34 18.39
C LEU G 676 27.76 46.59 19.47
N GLY G 677 27.82 47.05 20.72
CA GLY G 677 27.13 46.37 21.81
C GLY G 677 27.78 45.07 22.21
N ASN H 5 5.29 28.30 86.42
CA ASN H 5 4.73 26.98 86.21
C ASN H 5 5.80 25.98 85.80
N ASP H 6 6.64 26.39 84.85
CA ASP H 6 7.69 25.50 84.36
C ASP H 6 8.70 25.15 85.46
N LYS H 7 8.99 26.10 86.35
CA LYS H 7 9.85 25.78 87.49
C LYS H 7 9.17 24.78 88.43
N GLU H 8 7.89 25.03 88.75
CA GLU H 8 7.11 24.06 89.51
C GLU H 8 6.97 22.75 88.75
N LEU H 9 6.83 22.82 87.44
CA LEU H 9 6.79 21.63 86.61
C LEU H 9 8.06 20.80 86.82
N ASP H 10 9.23 21.42 86.67
CA ASP H 10 10.49 20.71 86.83
C ASP H 10 10.63 20.17 88.25
N GLN H 11 10.18 20.95 89.24
CA GLN H 11 10.28 20.50 90.63
C GLN H 11 9.48 19.22 90.86
N LEU H 12 8.24 19.18 90.35
CA LEU H 12 7.42 17.99 90.60
C LEU H 12 7.86 16.81 89.74
N LEU H 13 8.42 17.07 88.55
CA LEU H 13 9.04 15.99 87.80
C LEU H 13 10.24 15.41 88.54
N ASN H 14 11.03 16.25 89.20
CA ASN H 14 12.13 15.74 90.01
C ASN H 14 11.62 15.04 91.26
N GLU H 15 10.44 15.41 91.75
CA GLU H 15 9.92 14.82 92.98
C GLU H 15 9.26 13.47 92.72
N HIS H 16 8.16 13.46 91.98
CA HIS H 16 7.39 12.23 91.78
C HIS H 16 8.06 11.22 90.85
N PHE H 17 8.92 11.68 89.95
CA PHE H 17 9.52 10.82 88.94
C PHE H 17 11.04 10.99 88.98
N ALA H 18 11.60 10.92 90.18
CA ALA H 18 13.04 11.04 90.35
C ALA H 18 13.75 9.88 89.65
N GLY H 19 14.94 10.19 89.12
CA GLY H 19 15.73 9.21 88.39
C GLY H 19 15.53 9.19 86.90
N ARG H 20 14.50 9.86 86.38
CA ARG H 20 14.28 9.96 84.94
C ARG H 20 14.21 11.45 84.57
N VAL H 21 15.39 12.06 84.43
CA VAL H 21 15.49 13.42 83.93
C VAL H 21 16.72 13.55 83.03
N VAL H 22 16.48 13.63 81.73
CA VAL H 22 17.56 13.66 80.75
C VAL H 22 17.52 14.98 80.00
N ARG H 23 16.44 15.74 80.20
CA ARG H 23 16.28 17.06 79.60
C ARG H 23 16.46 17.03 78.09
N LYS H 24 15.71 16.15 77.43
CA LYS H 24 15.64 16.03 75.97
C LYS H 24 16.97 16.29 75.24
N ASP H 25 17.34 17.57 75.14
CA ASP H 25 18.46 17.99 74.29
C ASP H 25 19.76 17.27 74.63
N LEU H 26 19.96 16.92 75.90
CA LEU H 26 21.15 16.19 76.30
C LEU H 26 21.32 14.92 75.49
N THR H 27 20.23 14.19 75.30
CA THR H 27 20.26 13.01 74.43
C THR H 27 20.82 13.36 73.06
N LYS H 28 20.30 14.43 72.46
CA LYS H 28 20.74 14.84 71.13
C LYS H 28 22.22 15.20 71.14
N LEU H 29 22.75 15.59 72.30
CA LEU H 29 24.17 15.88 72.42
C LEU H 29 25.01 14.62 72.29
N ILE H 30 24.51 13.52 72.88
CA ILE H 30 25.23 12.25 72.80
C ILE H 30 24.70 11.36 71.67
N LYS H 31 23.44 11.55 71.27
CA LYS H 31 22.86 10.75 70.18
C LYS H 31 23.74 10.82 68.95
N GLU H 32 23.82 9.70 68.23
CA GLU H 32 24.71 9.50 67.11
C GLU H 32 26.17 9.53 67.57
N GLY H 33 27.05 8.84 66.85
CA GLY H 33 28.36 8.57 67.37
C GLY H 33 28.24 7.69 68.60
N ALA H 34 27.23 6.83 68.60
CA ALA H 34 26.93 5.97 69.74
C ALA H 34 26.33 4.65 69.25
N ASN H 35 26.22 3.68 70.15
CA ASN H 35 25.76 2.35 69.75
C ASN H 35 24.48 1.93 70.47
N VAL H 36 24.39 2.18 71.77
CA VAL H 36 23.20 1.81 72.54
C VAL H 36 22.03 2.69 72.12
N PRO H 37 20.79 2.24 72.29
CA PRO H 37 19.64 3.06 71.88
C PRO H 37 19.45 4.25 72.80
N VAL H 38 18.56 5.14 72.36
CA VAL H 38 18.37 6.43 73.05
C VAL H 38 17.82 6.21 74.46
N TYR H 39 17.08 5.12 74.67
CA TYR H 39 16.49 4.86 75.98
C TYR H 39 17.58 4.59 77.02
N VAL H 40 18.68 3.96 76.61
CA VAL H 40 19.81 3.75 77.50
C VAL H 40 20.35 5.08 78.01
N LEU H 41 20.58 6.02 77.09
CA LEU H 41 21.07 7.34 77.47
C LEU H 41 20.05 8.06 78.33
N GLU H 42 18.77 7.92 77.99
CA GLU H 42 17.69 8.49 78.80
C GLU H 42 17.85 8.07 80.25
N TYR H 43 17.88 6.75 80.50
CA TYR H 43 17.96 6.30 81.88
C TYR H 43 19.28 6.68 82.54
N LEU H 44 20.39 6.59 81.82
CA LEU H 44 21.68 6.91 82.44
C LEU H 44 21.72 8.36 82.89
N LEU H 45 21.42 9.29 81.98
CA LEU H 45 21.47 10.70 82.32
C LEU H 45 20.28 11.13 83.17
N GLY H 46 19.27 10.28 83.33
CA GLY H 46 18.17 10.59 84.21
C GLY H 46 18.53 10.55 85.67
N MET H 47 19.55 9.78 86.02
CA MET H 47 19.96 9.67 87.42
C MET H 47 21.42 10.08 87.67
N TYR H 48 22.27 10.13 86.65
CA TYR H 48 23.57 10.76 86.87
C TYR H 48 23.47 12.28 86.85
N CYS H 49 22.37 12.84 86.34
CA CYS H 49 22.18 14.28 86.18
C CYS H 49 20.81 14.70 86.70
N ALA H 50 20.49 14.29 87.92
CA ALA H 50 19.19 14.62 88.51
C ALA H 50 18.94 16.12 88.56
N SER H 51 19.99 16.93 88.72
CA SER H 51 19.85 18.36 88.86
C SER H 51 20.25 19.09 87.58
N ASP H 52 19.89 20.37 87.52
CA ASP H 52 20.21 21.23 86.38
C ASP H 52 21.55 21.92 86.52
N ASP H 53 22.33 21.59 87.55
CA ASP H 53 23.66 22.15 87.73
C ASP H 53 24.53 21.76 86.55
N PRO H 54 25.10 22.74 85.82
CA PRO H 54 25.90 22.42 84.63
C PRO H 54 27.06 21.47 84.91
N GLU H 55 27.71 21.65 86.06
CA GLU H 55 28.84 20.80 86.41
C GLU H 55 28.40 19.35 86.62
N ILE H 56 27.27 19.15 87.29
CA ILE H 56 26.74 17.82 87.53
C ILE H 56 26.40 17.18 86.18
N ILE H 57 25.82 17.98 85.28
CA ILE H 57 25.47 17.48 83.96
C ILE H 57 26.71 17.04 83.19
N GLU H 58 27.78 17.84 83.24
CA GLU H 58 29.00 17.50 82.53
C GLU H 58 29.65 16.25 83.13
N GLN H 59 29.65 16.15 84.46
CA GLN H 59 30.20 14.96 85.11
C GLN H 59 29.40 13.71 84.75
N GLY H 60 28.07 13.83 84.69
CA GLY H 60 27.26 12.71 84.27
C GLY H 60 27.54 12.31 82.83
N LEU H 61 27.74 13.30 81.95
CA LEU H 61 28.11 13.00 80.56
C LEU H 61 29.44 12.25 80.51
N ARG H 62 30.42 12.70 81.29
CA ARG H 62 31.71 12.02 81.31
C ARG H 62 31.58 10.59 81.82
N ASN H 63 30.79 10.39 82.87
CA ASN H 63 30.61 9.06 83.42
C ASN H 63 29.89 8.15 82.43
N VAL H 64 28.90 8.68 81.72
CA VAL H 64 28.19 7.90 80.70
C VAL H 64 29.14 7.49 79.58
N LYS H 65 29.95 8.43 79.08
CA LYS H 65 30.88 8.10 78.02
C LYS H 65 31.95 7.11 78.50
N THR H 66 32.30 7.18 79.78
CA THR H 66 33.26 6.23 80.32
C THR H 66 32.65 4.83 80.41
N VAL H 67 31.41 4.74 80.91
CA VAL H 67 30.76 3.46 81.12
C VAL H 67 30.47 2.78 79.78
N LEU H 68 29.97 3.54 78.80
CA LEU H 68 29.70 2.94 77.50
C LEU H 68 30.99 2.43 76.86
N ALA H 69 32.12 3.01 77.25
CA ALA H 69 33.42 2.52 76.77
C ALA H 69 33.88 1.34 77.59
N GLU H 70 35.17 0.98 77.44
CA GLU H 70 35.83 -0.11 78.16
C GLU H 70 34.98 -1.39 78.25
N ASN H 71 34.21 -1.54 79.33
CA ASN H 71 33.54 -2.79 79.67
C ASN H 71 32.57 -3.29 78.60
N TYR H 72 32.01 -2.40 77.80
CA TYR H 72 31.13 -2.81 76.71
C TYR H 72 31.87 -3.73 75.74
N VAL H 73 31.13 -4.67 75.16
CA VAL H 73 31.69 -5.66 74.24
C VAL H 73 30.86 -5.70 72.97
N ARG H 74 31.52 -5.57 71.82
CA ARG H 74 30.94 -5.73 70.50
C ARG H 74 30.72 -7.21 70.19
N PRO H 75 29.79 -7.56 69.28
CA PRO H 75 29.51 -8.97 69.00
C PRO H 75 30.73 -9.78 68.58
N ASP H 76 31.60 -9.17 67.79
CA ASP H 76 32.76 -9.86 67.23
C ASP H 76 33.64 -10.49 68.30
N GLU H 77 33.89 -9.76 69.39
CA GLU H 77 34.75 -10.24 70.46
C GLU H 77 34.23 -11.55 71.02
N ALA H 78 32.95 -11.57 71.42
CA ALA H 78 32.24 -12.75 71.89
C ALA H 78 33.07 -13.68 72.77
N GLU H 79 33.71 -14.68 72.15
CA GLU H 79 34.37 -15.78 72.85
C GLU H 79 35.33 -15.28 73.92
N LYS H 80 36.18 -14.31 73.55
CA LYS H 80 37.12 -13.69 74.48
C LYS H 80 36.48 -13.45 75.84
N VAL H 81 35.33 -12.78 75.83
CA VAL H 81 34.62 -12.39 77.05
C VAL H 81 34.47 -13.58 77.96
N LYS H 82 33.93 -14.67 77.42
CA LYS H 82 33.66 -15.87 78.21
C LYS H 82 34.96 -16.31 78.88
N SER H 83 36.03 -16.41 78.10
CA SER H 83 37.32 -16.80 78.64
C SER H 83 37.73 -15.85 79.75
N LEU H 84 37.61 -14.54 79.48
CA LEU H 84 37.97 -13.55 80.48
C LEU H 84 37.18 -13.77 81.76
N VAL H 85 35.90 -14.15 81.63
CA VAL H 85 35.11 -14.44 82.81
C VAL H 85 35.79 -15.52 83.65
N ARG H 86 36.14 -16.64 83.00
CA ARG H 86 36.81 -17.71 83.73
C ARG H 86 38.18 -17.25 84.21
N GLU H 87 38.80 -16.31 83.50
CA GLU H 87 40.08 -15.80 83.94
C GLU H 87 39.96 -14.64 84.92
N ARG H 88 38.76 -14.08 85.10
CA ARG H 88 38.61 -12.96 86.03
C ARG H 88 37.64 -13.30 87.15
N GLY H 89 36.47 -13.82 86.78
CA GLY H 89 35.43 -14.16 87.72
C GLY H 89 34.16 -13.35 87.55
N SER H 90 34.27 -12.03 87.35
CA SER H 90 33.08 -11.22 87.19
C SER H 90 33.01 -10.58 85.80
N TYR H 91 34.00 -9.74 85.49
CA TYR H 91 34.19 -9.12 84.18
C TYR H 91 32.88 -8.58 83.61
N LYS H 92 32.32 -7.56 84.25
CA LYS H 92 31.01 -7.01 83.90
C LYS H 92 30.91 -6.62 82.41
N VAL H 93 29.76 -6.91 81.81
CA VAL H 93 29.55 -6.71 80.37
C VAL H 93 28.15 -6.18 80.11
N ILE H 94 28.01 -5.33 79.08
CA ILE H 94 26.71 -4.82 78.65
C ILE H 94 26.16 -5.70 77.55
N ASP H 95 24.90 -6.11 77.68
CA ASP H 95 24.22 -6.86 76.63
C ASP H 95 22.72 -6.87 76.87
N ARG H 96 21.93 -6.78 75.80
CA ARG H 96 20.50 -6.99 75.90
C ARG H 96 20.21 -8.39 76.42
N VAL H 97 19.65 -8.47 77.62
CA VAL H 97 19.49 -9.74 78.32
C VAL H 97 18.00 -10.02 78.51
N THR H 98 17.59 -11.21 78.12
CA THR H 98 16.24 -11.72 78.35
C THR H 98 16.29 -12.83 79.39
N VAL H 99 15.12 -13.16 79.93
CA VAL H 99 15.00 -14.22 80.93
C VAL H 99 13.93 -15.20 80.50
N LYS H 100 14.27 -16.49 80.56
CA LYS H 100 13.34 -17.56 80.22
C LYS H 100 13.14 -18.44 81.45
N LEU H 101 11.95 -19.02 81.55
CA LEU H 101 11.57 -19.86 82.68
C LEU H 101 11.73 -21.33 82.28
N ASN H 102 12.79 -21.96 82.82
CA ASN H 102 13.03 -23.38 82.59
C ASN H 102 12.20 -24.20 83.58
N GLU H 103 10.91 -24.34 83.29
CA GLU H 103 9.99 -25.03 84.19
C GLU H 103 10.38 -26.48 84.41
N ARG H 104 11.06 -27.09 83.43
CA ARG H 104 11.51 -28.46 83.58
C ARG H 104 12.49 -28.61 84.74
N LYS H 105 13.41 -27.65 84.88
CA LYS H 105 14.41 -27.67 85.93
C LYS H 105 14.16 -26.60 86.99
N ASP H 106 13.06 -25.86 86.87
CA ASP H 106 12.71 -24.79 87.81
C ASP H 106 13.86 -23.80 87.98
N LYS H 107 14.24 -23.14 86.89
CA LYS H 107 15.31 -22.17 86.92
C LYS H 107 14.96 -20.99 86.01
N TYR H 108 15.69 -19.90 86.19
CA TYR H 108 15.48 -18.67 85.43
C TYR H 108 16.62 -18.38 84.46
N GLU H 109 17.11 -19.40 83.76
CA GLU H 109 18.21 -19.24 82.81
C GLU H 109 17.98 -18.05 81.86
N ALA H 110 19.00 -17.24 81.68
CA ALA H 110 18.90 -15.99 80.94
C ALA H 110 19.64 -16.10 79.60
N SER H 111 19.31 -15.20 78.69
CA SER H 111 19.84 -15.20 77.33
C SER H 111 20.48 -13.85 77.03
N PHE H 112 21.73 -13.88 76.59
CA PHE H 112 22.47 -12.68 76.20
C PHE H 112 22.37 -12.53 74.68
N SER H 113 21.59 -11.54 74.23
CA SER H 113 21.32 -11.36 72.81
C SER H 113 22.60 -11.23 72.00
N ASN H 114 23.38 -10.19 72.27
CA ASN H 114 24.60 -9.95 71.52
C ASN H 114 25.66 -11.01 71.80
N LEU H 115 25.87 -11.35 73.07
CA LEU H 115 26.96 -12.24 73.43
C LEU H 115 26.62 -13.70 73.13
N GLY H 116 25.64 -14.26 73.83
CA GLY H 116 25.29 -15.66 73.65
C GLY H 116 24.88 -16.36 74.92
N ILE H 117 25.49 -17.51 75.20
CA ILE H 117 25.21 -18.32 76.38
C ILE H 117 23.76 -18.82 76.36
N LYS H 118 22.81 -17.87 76.41
CA LYS H 118 21.36 -18.08 76.30
C LYS H 118 20.83 -19.12 77.29
N ASP H 119 21.60 -19.46 78.33
CA ASP H 119 21.07 -20.29 79.41
C ASP H 119 21.68 -19.94 80.77
N ALA H 120 22.16 -18.71 80.94
CA ALA H 120 22.86 -18.33 82.16
C ALA H 120 21.86 -18.16 83.31
N GLU H 121 22.21 -18.71 84.48
CA GLU H 121 21.35 -18.63 85.65
C GLU H 121 21.31 -17.22 86.22
N ILE H 122 20.15 -16.84 86.77
CA ILE H 122 19.98 -15.57 87.45
C ILE H 122 19.12 -15.81 88.69
N SER H 123 19.38 -15.03 89.73
CA SER H 123 18.69 -15.19 91.00
C SER H 123 17.19 -14.93 90.84
N ALA H 124 16.38 -15.72 91.54
CA ALA H 124 14.93 -15.56 91.48
C ALA H 124 14.49 -14.21 92.00
N GLY H 125 15.14 -13.74 93.07
CA GLY H 125 14.85 -12.43 93.62
C GLY H 125 15.10 -11.32 92.62
N ILE H 126 16.16 -11.46 91.84
CA ILE H 126 16.50 -10.48 90.81
C ILE H 126 15.40 -10.47 89.76
N VAL H 127 14.85 -11.64 89.47
CA VAL H 127 13.69 -11.75 88.58
C VAL H 127 12.53 -10.99 89.19
N LYS H 128 12.32 -11.16 90.50
CA LYS H 128 11.25 -10.45 91.18
C LYS H 128 11.40 -8.94 91.05
N GLU H 129 12.62 -8.44 91.18
CA GLU H 129 12.84 -7.00 91.23
C GLU H 129 12.62 -6.33 89.88
N TYR H 130 12.97 -6.99 88.78
CA TYR H 130 13.09 -6.30 87.48
C TYR H 130 12.20 -7.03 86.48
N GLU H 131 10.99 -6.49 86.25
CA GLU H 131 10.04 -7.18 85.39
C GLU H 131 10.43 -7.10 83.92
N LYS H 132 11.25 -6.12 83.55
CA LYS H 132 11.64 -5.95 82.16
C LYS H 132 12.41 -7.17 81.65
N LEU H 133 13.03 -7.91 82.55
CA LEU H 133 13.76 -9.12 82.19
C LEU H 133 12.83 -10.17 81.61
N LEU H 134 11.54 -10.11 81.96
CA LEU H 134 10.59 -11.16 81.64
C LEU H 134 9.84 -10.88 80.34
N VAL H 135 10.14 -9.77 79.67
CA VAL H 135 9.55 -9.49 78.37
C VAL H 135 10.40 -8.46 77.63
N GLY H 136 10.59 -8.66 76.33
CA GLY H 136 11.32 -7.71 75.52
C GLY H 136 12.81 -7.76 75.75
N GLY H 137 13.25 -7.32 76.92
CA GLY H 137 14.67 -7.36 77.27
C GLY H 137 15.41 -6.14 76.76
N ILE H 138 16.08 -5.41 77.66
CA ILE H 138 16.81 -4.20 77.31
C ILE H 138 18.21 -4.33 77.89
N TRP H 139 19.17 -3.63 77.27
CA TRP H 139 20.57 -3.66 77.65
C TRP H 139 20.77 -3.43 79.14
N VAL H 140 21.44 -4.36 79.79
CA VAL H 140 21.64 -4.34 81.23
C VAL H 140 23.05 -4.83 81.52
N ILE H 141 23.77 -4.14 82.41
CA ILE H 141 25.08 -4.63 82.81
C ILE H 141 24.91 -5.93 83.58
N ALA H 142 25.74 -6.91 83.26
CA ALA H 142 25.72 -8.17 83.96
C ALA H 142 27.11 -8.45 84.50
N THR H 143 27.16 -8.90 85.73
CA THR H 143 28.38 -9.34 86.40
C THR H 143 28.27 -10.87 86.51
N LEU H 144 29.07 -11.56 85.71
CA LEU H 144 28.89 -12.99 85.49
C LEU H 144 29.72 -13.80 86.48
N SER H 145 29.59 -15.12 86.38
CA SER H 145 30.32 -16.05 87.23
C SER H 145 30.48 -17.37 86.49
N TYR H 146 31.65 -17.97 86.58
CA TYR H 146 31.95 -19.22 85.91
C TYR H 146 32.18 -20.34 86.92
N TYR H 147 31.54 -21.48 86.70
CA TYR H 147 31.69 -22.62 87.59
C TYR H 147 31.36 -23.89 86.80
N PHE H 148 32.40 -24.67 86.49
CA PHE H 148 32.26 -25.91 85.72
C PHE H 148 32.24 -27.06 86.71
N GLU H 149 31.13 -27.79 86.77
CA GLU H 149 30.94 -28.84 87.76
C GLU H 149 30.84 -30.24 87.16
N GLU H 150 31.52 -30.49 86.05
CA GLU H 150 31.65 -31.83 85.49
C GLU H 150 30.31 -32.48 85.18
N GLY H 151 29.63 -32.00 84.16
CA GLY H 151 28.44 -32.65 83.66
C GLY H 151 27.14 -31.93 83.91
N GLN H 152 27.17 -30.65 84.24
CA GLN H 152 25.95 -29.91 84.49
C GLN H 152 25.22 -29.63 83.18
N THR H 153 23.93 -29.97 83.11
CA THR H 153 23.13 -29.63 81.94
C THR H 153 23.07 -28.11 81.78
N SER H 154 22.89 -27.40 82.88
CA SER H 154 22.97 -25.95 82.86
C SER H 154 24.40 -25.51 82.56
N SER H 155 24.52 -24.35 81.93
CA SER H 155 25.84 -23.85 81.57
C SER H 155 26.63 -23.49 82.81
N PRO H 156 27.96 -23.46 82.74
CA PRO H 156 28.76 -23.04 83.89
C PRO H 156 28.67 -21.54 84.16
N PHE H 157 27.88 -20.84 83.35
CA PHE H 157 27.80 -19.39 83.42
C PHE H 157 26.63 -18.97 84.32
N GLY H 158 26.89 -18.01 85.20
CA GLY H 158 25.87 -17.51 86.10
C GLY H 158 26.00 -16.03 86.37
N VAL H 159 24.91 -15.29 86.17
CA VAL H 159 24.91 -13.84 86.35
C VAL H 159 24.89 -13.53 87.85
N SER H 160 26.05 -13.15 88.39
CA SER H 160 26.13 -12.88 89.83
C SER H 160 25.40 -11.60 90.20
N LEU H 161 25.58 -10.55 89.41
CA LEU H 161 24.98 -9.25 89.71
C LEU H 161 24.37 -8.64 88.45
N LEU H 162 23.40 -7.76 88.66
CA LEU H 162 22.68 -7.13 87.56
C LEU H 162 22.55 -5.64 87.81
N LYS H 163 22.88 -4.84 86.80
CA LYS H 163 22.73 -3.38 86.86
C LYS H 163 21.83 -2.93 85.72
N PRO H 164 20.58 -2.61 85.99
CA PRO H 164 19.62 -2.34 84.91
C PRO H 164 19.84 -0.99 84.24
N ILE H 165 20.74 -0.94 83.26
CA ILE H 165 21.02 0.28 82.52
C ILE H 165 19.76 1.01 82.07
N GLN H 166 18.66 0.30 81.92
CA GLN H 166 17.38 0.89 81.55
C GLN H 166 16.36 0.58 82.65
N MET H 167 15.31 1.42 82.72
CA MET H 167 14.25 1.32 83.70
C MET H 167 13.50 -0.01 83.63
N PRO H 168 13.75 -0.92 84.57
CA PRO H 168 13.11 -2.23 84.52
C PRO H 168 11.82 -2.33 85.33
N ASN H 169 10.93 -1.35 85.24
CA ASN H 169 9.73 -1.37 86.07
C ASN H 169 8.70 -0.34 85.64
N MET H 170 7.43 -0.58 85.97
CA MET H 170 6.37 0.40 85.76
C MET H 170 5.12 -0.02 86.52
N ASN H 171 4.49 0.92 87.20
CA ASN H 171 3.25 0.65 87.92
C ASN H 171 2.19 1.66 87.53
N MET H 172 1.00 1.16 87.22
CA MET H 172 -0.10 2.02 86.82
C MET H 172 -0.58 2.91 87.98
N ASP H 173 -0.61 2.35 89.19
CA ASP H 173 -1.12 3.09 90.34
C ASP H 173 -0.21 4.28 90.67
N GLU H 174 1.10 4.10 90.60
CA GLU H 174 2.03 5.16 90.99
C GLU H 174 2.26 6.12 89.84
N LEU H 175 1.18 6.55 89.19
CA LEU H 175 1.24 7.63 88.21
C LEU H 175 0.10 8.61 88.40
N PHE H 176 -1.01 8.13 88.95
CA PHE H 176 -2.18 8.98 89.15
C PHE H 176 -1.89 10.07 90.16
N SER H 177 -1.16 9.75 91.23
CA SER H 177 -0.79 10.73 92.25
C SER H 177 0.06 11.84 91.63
N GLY H 178 1.03 11.46 90.80
CA GLY H 178 1.86 12.42 90.12
C GLY H 178 1.07 13.29 89.16
N ARG H 179 0.11 12.66 88.47
CA ARG H 179 -0.73 13.37 87.51
C ARG H 179 -1.55 14.47 88.19
N ALA H 180 -2.16 14.14 89.32
CA ALA H 180 -3.03 15.10 90.01
C ALA H 180 -2.25 16.30 90.52
N ALA H 181 -0.98 16.11 90.88
CA ALA H 181 -0.17 17.19 91.43
C ALA H 181 0.10 18.28 90.38
N LEU H 182 -0.17 17.98 89.12
CA LEU H 182 0.02 18.94 88.04
C LEU H 182 -1.36 19.32 87.48
N SER H 183 -1.48 20.56 87.04
CA SER H 183 -2.74 21.03 86.49
C SER H 183 -3.02 20.34 85.15
N THR H 184 -4.28 20.46 84.70
CA THR H 184 -4.74 19.72 83.52
C THR H 184 -3.92 20.04 82.29
N ASP H 185 -3.76 21.33 81.98
CA ASP H 185 -3.00 21.73 80.80
C ASP H 185 -1.50 21.57 81.02
N GLN H 186 -1.05 21.54 82.27
CA GLN H 186 0.36 21.33 82.58
C GLN H 186 0.77 19.93 82.11
N TRP H 187 -0.15 18.98 82.19
CA TRP H 187 0.10 17.64 81.67
C TRP H 187 0.34 17.67 80.17
N ARG H 188 -0.47 18.44 79.43
CA ARG H 188 -0.28 18.60 78.00
C ARG H 188 1.08 19.22 77.70
N GLU H 189 1.43 20.24 78.47
CA GLU H 189 2.74 20.88 78.33
C GLU H 189 3.84 19.86 78.52
N SER H 190 3.69 19.02 79.55
CA SER H 190 4.67 17.98 79.86
C SER H 190 4.80 16.96 78.73
N LEU H 191 3.67 16.52 78.18
CA LEU H 191 3.70 15.55 77.09
C LEU H 191 4.38 16.13 75.86
N ILE H 192 4.09 17.38 75.53
CA ILE H 192 4.74 18.01 74.39
C ILE H 192 6.24 18.17 74.66
N ARG H 193 6.57 18.48 75.91
CA ARG H 193 7.97 18.63 76.31
C ARG H 193 8.70 17.29 76.27
N SER H 194 7.95 16.20 76.40
CA SER H 194 8.56 14.87 76.51
C SER H 194 9.23 14.42 75.21
N ILE H 195 8.76 14.95 74.08
CA ILE H 195 9.31 14.56 72.78
C ILE H 195 10.23 15.66 72.28
N GLY H 196 10.73 16.48 73.20
CA GLY H 196 11.66 17.53 72.86
C GLY H 196 11.10 18.66 72.03
N MET H 197 9.89 19.11 72.35
CA MET H 197 9.25 20.23 71.68
C MET H 197 8.77 21.21 72.73
N GLU H 198 8.92 22.51 72.45
CA GLU H 198 8.41 23.55 73.35
C GLU H 198 6.93 23.79 73.09
N PRO H 199 6.04 23.36 73.98
CA PRO H 199 4.60 23.57 73.73
C PRO H 199 4.20 25.04 73.63
N ALA H 200 4.86 25.89 74.43
CA ALA H 200 4.52 27.30 74.45
C ALA H 200 4.73 27.95 73.09
N SER H 201 5.81 27.55 72.41
CA SER H 201 6.11 28.06 71.08
C SER H 201 5.18 27.46 70.03
N LEU H 202 4.35 26.50 70.46
CA LEU H 202 3.49 25.74 69.56
C LEU H 202 2.03 26.05 69.89
N LYS H 203 1.73 27.34 70.08
CA LYS H 203 0.37 27.83 70.32
C LYS H 203 -0.36 27.00 71.38
N GLU H 204 -1.61 26.66 71.12
CA GLU H 204 -2.37 25.80 72.02
C GLU H 204 -3.03 24.65 71.26
N ASP H 205 -3.52 24.94 70.05
CA ASP H 205 -4.15 23.90 69.24
C ASP H 205 -3.10 22.98 68.60
N VAL H 206 -1.92 23.52 68.32
CA VAL H 206 -0.84 22.71 67.78
C VAL H 206 -0.41 21.66 68.80
N GLN H 207 -0.41 22.04 70.08
CA GLN H 207 -0.19 21.05 71.13
C GLN H 207 -1.26 19.97 71.08
N TRP H 208 -2.51 20.36 70.83
CA TRP H 208 -3.59 19.39 70.71
C TRP H 208 -3.34 18.44 69.53
N HIS H 209 -2.82 18.97 68.43
CA HIS H 209 -2.56 18.14 67.26
C HIS H 209 -1.43 17.15 67.54
N LEU H 210 -0.38 17.61 68.23
CA LEU H 210 0.69 16.70 68.62
C LEU H 210 0.17 15.62 69.56
N LEU H 211 -0.73 15.99 70.48
CA LEU H 211 -1.34 15.01 71.36
C LEU H 211 -2.17 14.01 70.57
N ALA H 212 -2.91 14.50 69.56
CA ALA H 212 -3.69 13.62 68.71
C ALA H 212 -2.78 12.66 67.95
N ARG H 213 -1.57 13.10 67.62
CA ARG H 213 -0.59 12.21 67.01
C ARG H 213 -0.19 11.10 67.98
N MET H 214 -0.44 11.30 69.26
CA MET H 214 -0.05 10.34 70.29
C MET H 214 -1.14 9.35 70.64
N VAL H 215 -2.35 9.53 70.13
CA VAL H 215 -3.48 8.63 70.37
C VAL H 215 -3.20 7.21 69.87
N PRO H 216 -2.61 7.00 68.67
CA PRO H 216 -2.40 5.63 68.18
C PRO H 216 -1.65 4.76 69.18
N PHE H 217 -0.74 5.35 69.94
CA PHE H 217 -0.01 4.61 70.95
C PHE H 217 -0.91 4.17 72.10
N VAL H 218 -2.14 4.68 72.17
CA VAL H 218 -3.00 4.46 73.32
C VAL H 218 -4.24 3.65 72.99
N GLU H 219 -4.72 3.67 71.75
CA GLU H 219 -5.96 3.01 71.39
C GLU H 219 -5.70 1.87 70.41
N ASN H 220 -6.48 0.80 70.55
CA ASN H 220 -6.34 -0.40 69.72
C ASN H 220 -7.05 -0.18 68.39
N ASN H 221 -6.38 -0.53 67.29
CA ASN H 221 -6.91 -0.39 65.94
C ASN H 221 -7.28 1.07 65.64
N TYR H 222 -6.47 1.99 66.15
CA TYR H 222 -6.71 3.42 65.93
C TYR H 222 -6.27 3.81 64.53
N ASN H 223 -6.96 3.27 63.51
CA ASN H 223 -6.60 3.54 62.12
C ASN H 223 -6.94 4.98 61.74
N VAL H 224 -5.92 5.76 61.39
CA VAL H 224 -6.10 7.18 61.09
C VAL H 224 -5.20 7.55 59.91
N CYS H 225 -5.24 8.83 59.54
CA CYS H 225 -4.44 9.36 58.45
C CYS H 225 -3.99 10.77 58.80
N GLU H 226 -2.95 11.22 58.10
CA GLU H 226 -2.39 12.55 58.32
C GLU H 226 -1.59 12.93 57.08
N LEU H 227 -2.01 13.99 56.40
CA LEU H 227 -1.32 14.46 55.21
C LEU H 227 -0.98 15.93 55.38
N GLY H 228 0.19 16.31 54.88
CA GLY H 228 0.63 17.69 54.98
C GLY H 228 1.95 17.95 54.28
N PRO H 229 2.35 19.22 54.24
CA PRO H 229 3.61 19.56 53.59
C PRO H 229 4.81 18.99 54.33
N ARG H 230 5.93 18.85 53.62
CA ARG H 230 7.12 18.25 54.17
C ARG H 230 7.77 19.16 55.21
N GLY H 231 8.81 18.64 55.88
CA GLY H 231 9.49 19.40 56.92
C GLY H 231 8.64 19.57 58.17
N THR H 232 7.60 18.73 58.31
CA THR H 232 6.70 18.80 59.44
C THR H 232 6.88 17.65 60.43
N GLY H 233 7.94 16.85 60.27
CA GLY H 233 8.28 15.84 61.26
C GLY H 233 7.21 14.81 61.52
N LYS H 234 6.42 14.45 60.51
CA LYS H 234 5.29 13.55 60.71
C LYS H 234 5.74 12.17 61.15
N SER H 235 6.82 11.66 60.54
CA SER H 235 7.28 10.31 60.84
C SER H 235 8.17 10.22 62.05
N HIS H 236 8.60 11.34 62.62
CA HIS H 236 9.46 11.30 63.80
C HIS H 236 8.74 10.68 65.00
N ILE H 237 7.45 11.03 65.16
CA ILE H 237 6.71 10.57 66.33
C ILE H 237 6.65 9.05 66.38
N TYR H 238 6.38 8.43 65.23
CA TYR H 238 6.22 6.99 65.19
C TYR H 238 7.54 6.24 64.98
N LYS H 239 8.65 6.95 64.86
CA LYS H 239 9.96 6.32 64.74
C LYS H 239 10.79 6.42 66.02
N GLU H 240 10.89 7.62 66.61
CA GLU H 240 11.78 7.84 67.74
C GLU H 240 11.05 7.96 69.08
N CYS H 241 9.74 8.21 69.08
CA CYS H 241 9.01 8.43 70.31
C CYS H 241 8.40 7.17 70.89
N SER H 242 8.64 6.00 70.26
CA SER H 242 8.07 4.76 70.77
C SER H 242 8.83 3.58 70.22
N PRO H 243 9.18 2.59 71.04
CA PRO H 243 9.73 1.33 70.53
C PRO H 243 8.66 0.37 70.02
N ASN H 244 7.39 0.65 70.31
CA ASN H 244 6.28 -0.19 69.88
C ASN H 244 5.62 0.34 68.62
N SER H 245 6.36 1.11 67.83
CA SER H 245 5.88 1.64 66.56
C SER H 245 6.89 1.36 65.46
N ILE H 246 6.39 1.09 64.27
CA ILE H 246 7.21 0.71 63.12
C ILE H 246 6.73 1.48 61.89
N LEU H 247 7.68 1.93 61.08
CA LEU H 247 7.38 2.63 59.83
C LEU H 247 7.63 1.68 58.66
N VAL H 248 6.67 1.61 57.75
CA VAL H 248 6.84 0.91 56.48
C VAL H 248 7.15 1.96 55.43
N SER H 249 8.42 2.12 55.09
CA SER H 249 8.86 3.15 54.16
C SER H 249 9.21 2.55 52.80
N GLY H 250 9.22 3.39 51.78
CA GLY H 250 9.53 2.97 50.44
C GLY H 250 8.34 2.57 49.58
N GLY H 251 7.16 2.39 50.18
CA GLY H 251 5.98 2.07 49.42
C GLY H 251 5.84 0.60 49.09
N GLN H 252 6.84 -0.19 49.47
CA GLN H 252 6.85 -1.63 49.20
C GLN H 252 6.37 -2.36 50.45
N THR H 253 5.42 -3.27 50.25
CA THR H 253 4.97 -4.21 51.28
C THR H 253 3.98 -5.19 50.67
N THR H 254 3.79 -6.31 51.36
CA THR H 254 2.91 -7.38 50.90
C THR H 254 1.90 -7.74 51.97
N VAL H 255 0.81 -8.36 51.53
CA VAL H 255 -0.19 -8.89 52.46
C VAL H 255 0.42 -9.95 53.35
N ALA H 256 1.32 -10.77 52.80
CA ALA H 256 1.99 -11.78 53.60
C ALA H 256 2.86 -11.15 54.69
N ASN H 257 3.54 -10.05 54.35
CA ASN H 257 4.44 -9.42 55.32
C ASN H 257 3.67 -8.78 56.46
N LEU H 258 2.64 -7.99 56.14
CA LEU H 258 1.93 -7.23 57.17
C LEU H 258 1.03 -8.11 58.01
N PHE H 259 0.35 -9.07 57.40
CA PHE H 259 -0.82 -9.70 58.02
C PHE H 259 -0.53 -11.14 58.44
N TYR H 260 -0.14 -12.00 57.51
CA TYR H 260 -0.02 -13.43 57.80
C TYR H 260 0.77 -14.10 56.70
N ASN H 261 1.74 -14.91 57.09
CA ASN H 261 2.46 -15.77 56.15
C ASN H 261 1.76 -17.13 56.15
N MET H 262 0.94 -17.38 55.12
CA MET H 262 0.21 -18.63 55.05
C MET H 262 1.16 -19.82 54.96
N SER H 263 2.36 -19.63 54.41
CA SER H 263 3.31 -20.72 54.31
C SER H 263 3.89 -21.11 55.68
N SER H 264 4.29 -20.12 56.47
CA SER H 264 4.94 -20.38 57.75
C SER H 264 4.00 -20.37 58.93
N ARG H 265 2.70 -20.11 58.71
CA ARG H 265 1.71 -20.09 59.78
C ARG H 265 2.08 -19.08 60.86
N ARG H 266 2.62 -17.93 60.44
CA ARG H 266 3.09 -16.90 61.35
C ARG H 266 2.34 -15.59 61.12
N ILE H 267 1.97 -14.94 62.21
CA ILE H 267 1.26 -13.66 62.13
C ILE H 267 2.20 -12.59 61.60
N GLY H 268 1.63 -11.62 60.88
CA GLY H 268 2.41 -10.58 60.24
C GLY H 268 2.82 -9.48 61.21
N LEU H 269 3.12 -8.32 60.61
CA LEU H 269 3.55 -7.17 61.41
C LEU H 269 2.45 -6.71 62.37
N VAL H 270 1.19 -6.86 61.96
CA VAL H 270 0.08 -6.37 62.76
C VAL H 270 0.00 -7.08 64.11
N GLY H 271 0.45 -8.32 64.19
CA GLY H 271 0.38 -9.06 65.43
C GLY H 271 1.52 -8.88 66.38
N LEU H 272 2.60 -8.23 65.96
CA LEU H 272 3.78 -8.09 66.80
C LEU H 272 4.08 -6.65 67.20
N TRP H 273 3.60 -5.67 66.45
CA TRP H 273 3.80 -4.26 66.78
C TRP H 273 2.49 -3.65 67.25
N ASP H 274 2.61 -2.50 67.93
CA ASP H 274 1.43 -1.83 68.44
C ASP H 274 0.95 -0.73 67.51
N VAL H 275 1.87 -0.08 66.79
CA VAL H 275 1.52 0.96 65.82
C VAL H 275 2.38 0.78 64.59
N VAL H 276 1.75 0.85 63.41
CA VAL H 276 2.46 0.81 62.13
C VAL H 276 2.02 2.02 61.32
N ALA H 277 3.00 2.71 60.74
CA ALA H 277 2.74 3.91 59.96
C ALA H 277 3.27 3.74 58.54
N PHE H 278 2.41 4.01 57.56
CA PHE H 278 2.78 3.97 56.16
C PHE H 278 3.26 5.36 55.74
N ASP H 279 4.56 5.49 55.50
CA ASP H 279 5.14 6.75 55.10
C ASP H 279 5.00 6.90 53.59
N GLU H 280 4.80 8.13 53.13
CA GLU H 280 4.58 8.48 51.72
C GLU H 280 3.57 7.52 51.09
N VAL H 281 2.35 7.60 51.62
CA VAL H 281 1.27 6.70 51.21
C VAL H 281 0.99 6.79 49.72
N ALA H 282 1.44 7.86 49.07
CA ALA H 282 1.28 7.95 47.62
C ALA H 282 2.02 6.82 46.91
N GLY H 283 3.07 6.27 47.52
CA GLY H 283 3.85 5.22 46.90
C GLY H 283 3.57 3.81 47.36
N ILE H 284 2.58 3.61 48.23
CA ILE H 284 2.31 2.27 48.75
C ILE H 284 1.80 1.40 47.62
N SER H 285 2.28 0.16 47.57
CA SER H 285 1.88 -0.79 46.54
C SER H 285 1.63 -2.14 47.20
N PHE H 286 0.63 -2.86 46.69
CA PHE H 286 0.28 -4.18 47.20
C PHE H 286 0.26 -5.18 46.06
N LYS H 287 1.08 -6.22 46.17
CA LYS H 287 1.15 -7.22 45.11
C LYS H 287 -0.14 -8.03 45.01
N ASP H 288 -0.76 -8.35 46.14
CA ASP H 288 -2.02 -9.08 46.14
C ASP H 288 -3.18 -8.11 45.95
N LYS H 289 -4.01 -8.39 44.94
CA LYS H 289 -5.16 -7.54 44.67
C LYS H 289 -6.19 -7.63 45.77
N ASP H 290 -6.12 -8.67 46.61
CA ASP H 290 -7.05 -8.86 47.72
C ASP H 290 -6.71 -8.05 48.94
N GLY H 291 -5.60 -7.31 48.92
CA GLY H 291 -5.15 -6.62 50.12
C GLY H 291 -6.14 -5.57 50.60
N VAL H 292 -6.80 -4.89 49.66
CA VAL H 292 -7.66 -3.76 50.02
C VAL H 292 -8.82 -4.22 50.89
N GLN H 293 -9.50 -5.31 50.50
CA GLN H 293 -10.63 -5.76 51.31
C GLN H 293 -10.16 -6.32 52.64
N ILE H 294 -8.97 -6.94 52.67
CA ILE H 294 -8.41 -7.40 53.93
C ILE H 294 -8.20 -6.21 54.87
N MET H 295 -7.64 -5.12 54.34
CA MET H 295 -7.42 -3.94 55.17
C MET H 295 -8.74 -3.37 55.67
N LYS H 296 -9.74 -3.23 54.79
CA LYS H 296 -10.98 -2.59 55.23
C LYS H 296 -11.71 -3.47 56.24
N ASP H 297 -11.63 -4.79 56.08
CA ASP H 297 -12.19 -5.68 57.09
C ASP H 297 -11.45 -5.52 58.42
N TYR H 298 -10.12 -5.38 58.37
CA TYR H 298 -9.37 -5.19 59.60
C TYR H 298 -9.76 -3.90 60.30
N MET H 299 -9.95 -2.82 59.53
CA MET H 299 -10.50 -1.61 60.14
C MET H 299 -11.89 -1.83 60.72
N ALA H 300 -12.77 -2.50 59.99
CA ALA H 300 -14.16 -2.63 60.40
C ALA H 300 -14.30 -3.44 61.68
N SER H 301 -13.54 -4.53 61.82
CA SER H 301 -13.72 -5.43 62.94
C SER H 301 -12.51 -5.60 63.83
N GLY H 302 -11.33 -5.13 63.42
CA GLY H 302 -10.13 -5.39 64.18
C GLY H 302 -9.56 -6.77 63.98
N SER H 303 -10.20 -7.59 63.16
CA SER H 303 -9.72 -8.92 62.83
C SER H 303 -10.01 -9.22 61.37
N PHE H 304 -9.16 -10.04 60.76
CA PHE H 304 -9.27 -10.37 59.35
C PHE H 304 -9.20 -11.89 59.19
N ALA H 305 -10.01 -12.39 58.26
CA ALA H 305 -10.05 -13.82 57.97
C ALA H 305 -9.18 -14.12 56.76
N ARG H 306 -8.21 -15.01 56.96
CA ARG H 306 -7.33 -15.43 55.87
C ARG H 306 -7.39 -16.95 55.76
N GLY H 307 -7.76 -17.45 54.59
CA GLY H 307 -7.90 -18.88 54.41
C GLY H 307 -9.08 -19.43 55.19
N ARG H 308 -8.81 -20.11 56.30
CA ARG H 308 -9.84 -20.74 57.11
C ARG H 308 -9.89 -20.23 58.53
N GLU H 309 -9.06 -19.25 58.89
CA GLU H 309 -8.97 -18.77 60.26
C GLU H 309 -9.02 -17.25 60.32
N GLN H 310 -9.58 -16.74 61.42
CA GLN H 310 -9.64 -15.30 61.67
C GLN H 310 -8.56 -14.90 62.66
N MET H 311 -7.66 -14.03 62.24
CA MET H 311 -6.60 -13.50 63.09
C MET H 311 -6.92 -12.05 63.46
N GLU H 312 -6.82 -11.74 64.75
CA GLU H 312 -7.07 -10.40 65.25
C GLU H 312 -5.75 -9.72 65.59
N ALA H 313 -5.78 -8.40 65.69
CA ALA H 313 -4.59 -7.63 66.04
C ALA H 313 -5.01 -6.32 66.69
N SER H 314 -4.16 -5.83 67.60
CA SER H 314 -4.39 -4.55 68.26
C SER H 314 -3.54 -3.43 67.69
N ALA H 315 -2.83 -3.67 66.59
CA ALA H 315 -1.98 -2.64 65.99
C ALA H 315 -2.83 -1.59 65.29
N SER H 316 -2.41 -0.34 65.41
CA SER H 316 -3.10 0.77 64.75
C SER H 316 -2.31 1.22 63.53
N MET H 317 -2.99 1.40 62.42
CA MET H 317 -2.36 1.86 61.18
C MET H 317 -2.58 3.36 61.01
N VAL H 318 -1.49 4.07 60.75
CA VAL H 318 -1.53 5.50 60.43
C VAL H 318 -0.99 5.65 59.01
N PHE H 319 -1.52 6.62 58.28
CA PHE H 319 -1.16 6.86 56.88
C PHE H 319 -0.59 8.28 56.77
N VAL H 320 0.73 8.39 56.68
CA VAL H 320 1.42 9.67 56.59
C VAL H 320 1.63 10.02 55.13
N GLY H 321 1.24 11.23 54.75
CA GLY H 321 1.34 11.64 53.36
C GLY H 321 1.85 13.06 53.21
N ASN H 322 2.51 13.31 52.08
CA ASN H 322 3.04 14.62 51.75
C ASN H 322 2.05 15.37 50.87
N ILE H 323 1.89 16.66 51.15
CA ILE H 323 1.02 17.54 50.38
C ILE H 323 1.89 18.45 49.55
N ASN H 324 1.61 18.51 48.24
CA ASN H 324 2.43 19.26 47.29
C ASN H 324 1.83 20.60 46.89
N GLN H 325 0.53 20.78 47.05
CA GLN H 325 -0.16 22.00 46.64
C GLN H 325 -0.60 22.78 47.87
N SER H 326 -1.04 24.01 47.64
CA SER H 326 -1.59 24.81 48.74
C SER H 326 -2.92 24.24 49.20
N VAL H 327 -3.26 24.53 50.46
CA VAL H 327 -4.47 23.97 51.05
C VAL H 327 -5.71 24.44 50.30
N GLU H 328 -5.76 25.73 49.96
CA GLU H 328 -6.92 26.27 49.25
C GLU H 328 -7.09 25.61 47.88
N SER H 329 -5.99 25.43 47.16
CA SER H 329 -6.06 24.82 45.84
C SER H 329 -6.56 23.37 45.93
N LEU H 330 -6.03 22.61 46.88
CA LEU H 330 -6.45 21.22 47.03
C LEU H 330 -7.91 21.14 47.46
N VAL H 331 -8.35 22.04 48.33
CA VAL H 331 -9.75 22.06 48.74
C VAL H 331 -10.65 22.36 47.55
N LYS H 332 -10.29 23.37 46.75
CA LYS H 332 -11.19 23.84 45.70
C LYS H 332 -11.20 22.90 44.50
N THR H 333 -10.06 22.31 44.15
CA THR H 333 -9.95 21.50 42.94
C THR H 333 -10.06 20.00 43.18
N SER H 334 -9.86 19.54 44.41
CA SER H 334 -9.90 18.12 44.70
C SER H 334 -10.35 17.84 46.12
N HIS H 335 -10.12 16.62 46.60
CA HIS H 335 -10.35 16.27 47.99
C HIS H 335 -9.00 16.19 48.69
N LEU H 336 -9.02 16.39 50.01
CA LEU H 336 -7.78 16.47 50.78
C LEU H 336 -6.97 15.19 50.74
N LEU H 337 -7.59 14.05 50.46
CA LEU H 337 -6.87 12.79 50.35
C LEU H 337 -6.43 12.47 48.93
N ALA H 338 -6.28 13.50 48.09
CA ALA H 338 -5.82 13.36 46.71
C ALA H 338 -4.48 12.63 46.61
N PRO H 339 -3.50 12.89 47.49
CA PRO H 339 -2.23 12.14 47.41
C PRO H 339 -2.37 10.64 47.60
N PHE H 340 -3.49 10.15 48.11
CA PHE H 340 -3.69 8.70 48.17
C PHE H 340 -3.77 8.13 46.76
N PRO H 341 -3.17 6.97 46.53
CA PRO H 341 -3.15 6.39 45.18
C PRO H 341 -4.53 5.98 44.71
N GLU H 342 -4.69 5.89 43.39
CA GLU H 342 -5.99 5.62 42.79
C GLU H 342 -6.59 4.32 43.31
N ALA H 343 -5.75 3.29 43.49
CA ALA H 343 -6.26 1.99 43.92
C ALA H 343 -6.90 2.02 45.30
N MET H 344 -6.46 2.90 46.18
CA MET H 344 -7.04 3.03 47.51
C MET H 344 -7.97 4.23 47.66
N ILE H 345 -8.44 4.81 46.55
CA ILE H 345 -9.49 5.84 46.62
C ILE H 345 -10.84 5.15 46.65
N ASP H 346 -11.36 4.89 47.85
CA ASP H 346 -12.63 4.21 48.01
C ASP H 346 -13.41 4.89 49.13
N SER H 347 -14.75 4.89 49.00
CA SER H 347 -15.59 5.43 50.05
C SER H 347 -15.48 4.60 51.33
N ALA H 348 -15.61 3.28 51.20
CA ALA H 348 -15.57 2.42 52.39
C ALA H 348 -14.20 2.46 53.06
N PHE H 349 -13.11 2.47 52.28
CA PHE H 349 -11.78 2.50 52.87
C PHE H 349 -11.55 3.81 53.62
N PHE H 350 -11.95 4.94 53.04
CA PHE H 350 -11.74 6.22 53.71
C PHE H 350 -12.71 6.40 54.87
N ASP H 351 -13.83 5.68 54.87
CA ASP H 351 -14.82 5.81 55.94
C ASP H 351 -14.29 5.34 57.28
N ARG H 352 -13.24 4.51 57.31
CA ARG H 352 -12.81 3.88 58.54
C ARG H 352 -11.76 4.69 59.30
N PHE H 353 -11.29 5.80 58.76
CA PHE H 353 -10.34 6.64 59.47
C PHE H 353 -11.03 7.25 60.70
N HIS H 354 -10.28 7.36 61.80
CA HIS H 354 -10.87 7.85 63.04
C HIS H 354 -10.59 9.34 63.25
N ALA H 355 -9.53 9.87 62.64
CA ALA H 355 -9.19 11.27 62.79
C ALA H 355 -8.30 11.71 61.64
N TYR H 356 -8.21 13.03 61.45
CA TYR H 356 -7.32 13.64 60.48
C TYR H 356 -6.48 14.70 61.20
N ILE H 357 -5.17 14.51 61.18
CA ILE H 357 -4.26 15.42 61.87
C ILE H 357 -3.79 16.49 60.89
N PRO H 358 -3.97 17.78 61.21
CA PRO H 358 -3.64 18.88 60.28
C PRO H 358 -2.14 19.15 60.19
N GLY H 359 -1.47 18.40 59.32
CA GLY H 359 -0.04 18.55 59.12
C GLY H 359 0.36 19.95 58.69
N TRP H 360 -0.45 20.58 57.84
CA TRP H 360 -0.17 21.94 57.42
C TRP H 360 -0.26 22.92 58.58
N GLU H 361 -1.24 22.72 59.46
CA GLU H 361 -1.45 23.62 60.58
C GLU H 361 -0.26 23.59 61.55
N ILE H 362 0.25 22.41 61.82
CA ILE H 362 1.46 22.27 62.65
C ILE H 362 2.62 22.89 61.88
N PRO H 363 3.39 23.78 62.50
CA PRO H 363 4.48 24.44 61.77
C PRO H 363 5.62 23.49 61.42
N LYS H 364 6.68 24.02 60.81
CA LYS H 364 7.81 23.23 60.37
C LYS H 364 8.75 23.00 61.56
N MET H 365 9.43 21.86 61.55
CA MET H 365 10.29 21.47 62.66
C MET H 365 11.63 22.19 62.60
N ARG H 366 11.60 23.51 62.53
CA ARG H 366 12.79 24.33 62.50
C ARG H 366 13.25 24.61 63.93
N PRO H 367 14.52 24.99 64.13
CA PRO H 367 14.99 25.20 65.50
C PRO H 367 14.34 26.39 66.18
N GLU H 368 13.37 26.07 67.05
CA GLU H 368 12.63 27.00 67.88
C GLU H 368 11.56 26.19 68.61
N PHE H 369 11.00 25.20 67.91
CA PHE H 369 10.11 24.22 68.53
C PHE H 369 10.89 23.02 69.05
N PHE H 370 11.78 23.27 70.01
CA PHE H 370 12.53 22.21 70.68
C PHE H 370 12.74 22.64 72.12
N THR H 371 12.33 21.79 73.06
CA THR H 371 12.38 22.14 74.47
C THR H 371 13.69 21.70 75.11
N ASN H 372 13.93 22.20 76.32
CA ASN H 372 15.13 21.85 77.05
C ASN H 372 14.89 21.58 78.53
N ARG H 373 13.66 21.75 79.03
CA ARG H 373 13.47 21.66 80.47
C ARG H 373 13.29 20.23 80.95
N TYR H 374 12.12 19.63 80.69
CA TYR H 374 11.87 18.20 80.78
C TYR H 374 10.42 17.86 80.45
N GLY H 375 10.24 16.69 79.86
CA GLY H 375 8.95 16.01 79.78
C GLY H 375 9.14 14.52 79.92
N LEU H 376 8.15 13.82 80.44
CA LEU H 376 8.24 12.37 80.63
C LEU H 376 8.47 11.62 79.32
N VAL H 378 10.50 9.96 76.82
CA VAL H 378 10.27 9.42 75.49
C VAL H 378 9.72 8.00 75.60
N ASP H 379 10.55 7.07 76.05
CA ASP H 379 10.10 5.69 76.21
C ASP H 379 9.05 5.58 77.32
N TYR H 380 9.32 6.18 78.49
CA TYR H 380 8.40 6.07 79.60
C TYR H 380 6.98 6.43 79.18
N LEU H 381 6.85 7.48 78.37
CA LEU H 381 5.56 7.83 77.79
C LEU H 381 5.04 6.70 76.92
N ALA H 382 5.93 6.05 76.17
CA ALA H 382 5.50 5.00 75.25
C ALA H 382 4.91 3.82 75.99
N GLU H 383 5.60 3.29 76.99
CA GLU H 383 5.04 2.18 77.74
C GLU H 383 3.89 2.61 78.65
N PHE H 384 3.83 3.89 79.03
CA PHE H 384 2.62 4.38 79.69
C PHE H 384 1.42 4.28 78.77
N PHE H 385 1.58 4.71 77.52
CA PHE H 385 0.51 4.56 76.54
C PHE H 385 0.18 3.09 76.33
N ARG H 386 1.21 2.25 76.29
CA ARG H 386 1.00 0.82 76.07
C ARG H 386 0.19 0.20 77.21
N GLU H 387 0.49 0.58 78.46
CA GLU H 387 -0.28 0.05 79.57
C GLU H 387 -1.70 0.61 79.56
N MET H 388 -1.85 1.86 79.13
CA MET H 388 -3.18 2.45 79.10
C MET H 388 -4.03 1.89 77.98
N ARG H 389 -3.41 1.28 76.96
CA ARG H 389 -4.16 0.64 75.89
C ARG H 389 -5.19 -0.34 76.42
N LYS H 390 -4.89 -1.05 77.51
CA LYS H 390 -5.82 -1.98 78.10
C LYS H 390 -7.07 -1.31 78.65
N ARG H 391 -7.00 -0.01 78.92
CA ARG H 391 -8.10 0.73 79.51
C ARG H 391 -9.05 1.23 78.43
N SER H 392 -10.25 1.60 78.87
CA SER H 392 -11.24 2.24 78.01
C SER H 392 -11.98 3.32 78.80
N PHE H 393 -12.07 4.50 78.20
CA PHE H 393 -12.75 5.62 78.86
C PHE H 393 -13.92 6.20 78.07
N ALA H 394 -14.42 5.52 77.03
CA ALA H 394 -15.55 6.04 76.28
C ALA H 394 -16.85 5.84 77.02
N ASP H 395 -16.99 6.45 78.20
CA ASP H 395 -18.22 6.36 78.98
C ASP H 395 -18.63 7.71 79.53
N SER H 396 -17.68 8.65 79.65
CA SER H 396 -17.99 9.94 80.25
C SER H 396 -18.65 10.89 79.26
N ILE H 397 -18.74 10.50 77.99
CA ILE H 397 -19.39 11.32 76.98
C ILE H 397 -20.87 11.44 77.28
N GLU H 398 -21.51 10.31 77.61
CA GLU H 398 -22.91 10.34 77.99
C GLU H 398 -23.10 10.99 79.35
N LYS H 399 -22.05 11.02 80.17
CA LYS H 399 -22.11 11.56 81.53
C LYS H 399 -22.46 13.05 81.53
N TYR H 400 -22.14 13.75 80.44
CA TYR H 400 -22.40 15.18 80.40
C TYR H 400 -23.18 15.59 79.15
N PHE H 401 -23.03 14.86 78.04
CA PHE H 401 -23.52 15.36 76.77
C PHE H 401 -24.26 14.31 75.94
N LYS H 402 -24.50 14.66 74.67
CA LYS H 402 -25.23 13.82 73.73
C LYS H 402 -24.77 14.15 72.32
N LEU H 403 -25.00 13.21 71.42
CA LEU H 403 -24.68 13.39 70.01
C LEU H 403 -25.97 13.56 69.22
N GLY H 404 -25.94 14.49 68.28
CA GLY H 404 -27.14 14.84 67.54
C GLY H 404 -27.57 13.83 66.51
N ASN H 405 -28.27 14.30 65.47
CA ASN H 405 -28.83 13.44 64.44
C ASN H 405 -28.08 13.54 63.12
N ASN H 406 -26.86 14.08 63.13
CA ASN H 406 -26.10 14.22 61.89
C ASN H 406 -24.83 13.37 61.90
N LEU H 407 -24.86 12.24 62.62
CA LEU H 407 -23.73 11.33 62.66
C LEU H 407 -24.24 9.90 62.62
N ASN H 408 -23.71 9.09 61.71
CA ASN H 408 -24.08 7.69 61.63
C ASN H 408 -23.36 6.90 62.71
N GLN H 409 -23.59 5.59 62.73
CA GLN H 409 -22.98 4.76 63.75
C GLN H 409 -21.46 4.76 63.65
N ARG H 410 -20.92 4.76 62.43
CA ARG H 410 -19.47 4.79 62.27
C ARG H 410 -18.89 6.10 62.79
N ASP H 411 -19.58 7.22 62.56
CA ASP H 411 -19.15 8.49 63.13
C ASP H 411 -19.17 8.42 64.66
N VAL H 412 -20.21 7.80 65.21
CA VAL H 412 -20.29 7.63 66.66
C VAL H 412 -19.09 6.87 67.18
N ILE H 413 -18.76 5.74 66.52
CA ILE H 413 -17.62 4.94 66.94
C ILE H 413 -16.34 5.75 66.85
N ALA H 414 -16.16 6.47 65.75
CA ALA H 414 -14.92 7.23 65.54
C ALA H 414 -14.75 8.30 66.61
N VAL H 415 -15.81 9.03 66.93
CA VAL H 415 -15.70 10.12 67.91
C VAL H 415 -15.48 9.54 69.30
N ARG H 416 -16.18 8.45 69.63
CA ARG H 416 -15.99 7.83 70.94
C ARG H 416 -14.55 7.38 71.11
N LYS H 417 -13.98 6.79 70.06
CA LYS H 417 -12.61 6.31 70.10
C LYS H 417 -11.65 7.44 70.42
N THR H 418 -11.77 8.53 69.66
CA THR H 418 -10.85 9.66 69.81
C THR H 418 -11.00 10.34 71.16
N VAL H 419 -12.23 10.52 71.62
CA VAL H 419 -12.46 11.21 72.89
C VAL H 419 -11.90 10.35 74.02
N SER H 420 -12.14 9.04 73.96
CA SER H 420 -11.60 8.15 74.99
C SER H 420 -10.08 8.18 75.00
N GLY H 421 -9.48 8.17 73.80
CA GLY H 421 -8.03 8.21 73.71
C GLY H 421 -7.42 9.46 74.29
N LEU H 422 -7.96 10.62 73.93
CA LEU H 422 -7.44 11.88 74.46
C LEU H 422 -7.67 11.96 75.96
N MET H 423 -8.77 11.37 76.44
CA MET H 423 -8.99 11.27 77.87
C MET H 423 -7.90 10.46 78.53
N LYS H 424 -7.52 9.34 77.89
CA LYS H 424 -6.46 8.49 78.41
C LYS H 424 -5.14 9.24 78.48
N LEU H 425 -4.83 10.01 77.44
CA LEU H 425 -3.61 10.83 77.48
C LEU H 425 -3.65 11.88 78.58
N LEU H 426 -4.58 12.82 78.50
CA LEU H 426 -4.49 14.01 79.33
C LEU H 426 -4.92 13.73 80.77
N TYR H 427 -5.89 12.85 80.95
CA TYR H 427 -6.45 12.55 82.28
C TYR H 427 -6.45 11.05 82.54
N PRO H 428 -5.31 10.47 82.89
CA PRO H 428 -5.28 9.05 83.24
C PRO H 428 -5.75 8.78 84.65
N HIS H 429 -5.77 9.80 85.51
CA HIS H 429 -6.07 9.63 86.93
C HIS H 429 -7.55 9.83 87.21
N GLY H 430 -8.35 9.93 86.16
CA GLY H 430 -9.73 10.36 86.32
C GLY H 430 -9.78 11.77 86.85
N GLN H 431 -10.71 12.06 87.77
CA GLN H 431 -10.86 13.37 88.37
C GLN H 431 -10.89 14.47 87.31
N PHE H 432 -11.78 14.31 86.33
CA PHE H 432 -11.86 15.22 85.19
C PHE H 432 -13.12 16.06 85.34
N ASN H 433 -13.26 17.08 84.51
CA ASN H 433 -14.40 17.98 84.60
C ASN H 433 -15.08 18.08 83.24
N LYS H 434 -16.16 18.86 83.21
CA LYS H 434 -17.00 18.96 82.01
C LYS H 434 -16.24 19.58 80.85
N GLU H 435 -15.53 20.67 81.10
CA GLU H 435 -14.93 21.47 80.03
C GLU H 435 -13.88 20.66 79.27
N ASP H 436 -13.14 19.82 79.99
CA ASP H 436 -12.08 19.02 79.39
C ASP H 436 -12.64 18.13 78.27
N VAL H 437 -13.65 17.34 78.62
CA VAL H 437 -14.27 16.41 77.69
C VAL H 437 -15.03 17.20 76.62
N ARG H 438 -15.52 18.40 76.96
CA ARG H 438 -16.05 19.26 75.89
C ARG H 438 -14.99 19.47 74.83
N GLN H 439 -13.91 20.15 75.20
CA GLN H 439 -12.85 20.54 74.26
C GLN H 439 -12.40 19.32 73.47
N CYS H 440 -12.29 18.19 74.16
CA CYS H 440 -11.94 16.93 73.50
C CYS H 440 -12.97 16.57 72.43
N LEU H 441 -14.25 16.72 72.74
CA LEU H 441 -15.30 16.28 71.82
C LEU H 441 -15.39 17.21 70.62
N GLU H 442 -15.26 18.52 70.81
CA GLU H 442 -15.20 19.37 69.61
C GLU H 442 -13.96 19.07 68.78
N TYR H 443 -12.82 18.79 69.41
CA TYR H 443 -11.63 18.44 68.61
C TYR H 443 -11.90 17.20 67.77
N ALA H 444 -12.50 16.19 68.38
CA ALA H 444 -12.83 14.95 67.70
C ALA H 444 -13.80 15.19 66.56
N LEU H 445 -14.83 16.00 66.82
CA LEU H 445 -15.83 16.30 65.80
C LEU H 445 -15.18 17.02 64.62
N GLN H 446 -14.26 17.94 64.91
CA GLN H 446 -13.51 18.64 63.86
C GLN H 446 -12.76 17.67 62.97
N VAL H 447 -11.93 16.83 63.60
CA VAL H 447 -11.02 15.97 62.83
C VAL H 447 -11.83 14.96 62.03
N ARG H 448 -12.96 14.50 62.60
CA ARG H 448 -13.79 13.55 61.87
C ARG H 448 -14.57 14.22 60.75
N ARG H 449 -15.05 15.45 60.99
CA ARG H 449 -15.86 16.17 60.02
C ARG H 449 -15.04 16.50 58.78
N ARG H 450 -13.75 16.76 58.96
CA ARG H 450 -12.90 17.00 57.79
C ARG H 450 -13.00 15.83 56.81
N VAL H 451 -12.75 14.62 57.33
CA VAL H 451 -12.77 13.43 56.49
C VAL H 451 -14.18 13.16 55.98
N LYS H 452 -15.19 13.46 56.80
CA LYS H 452 -16.56 13.23 56.36
C LYS H 452 -16.91 14.12 55.18
N GLU H 453 -16.45 15.37 55.19
CA GLU H 453 -16.63 16.25 54.05
C GLU H 453 -15.85 15.75 52.84
N GLN H 454 -14.65 15.21 53.07
CA GLN H 454 -13.89 14.62 51.97
C GLN H 454 -14.66 13.49 51.30
N LEU H 455 -15.25 12.61 52.11
CA LEU H 455 -16.05 11.53 51.56
C LEU H 455 -17.32 12.05 50.88
N LYS H 456 -17.92 13.10 51.44
CA LYS H 456 -19.08 13.71 50.78
C LYS H 456 -18.69 14.20 49.39
N LYS H 457 -17.49 14.75 49.26
CA LYS H 457 -16.95 15.07 47.94
C LYS H 457 -16.81 13.80 47.11
N ILE H 458 -16.36 12.71 47.74
CA ILE H 458 -16.20 11.43 47.05
C ILE H 458 -17.53 10.72 46.90
N GLY H 459 -18.16 10.39 48.02
CA GLY H 459 -19.34 9.53 47.99
C GLY H 459 -20.66 10.26 47.86
N GLY H 460 -20.67 11.34 47.09
CA GLY H 460 -21.90 12.05 46.78
C GLY H 460 -22.72 12.45 47.99
N MET H 461 -23.98 12.00 48.01
CA MET H 461 -24.91 12.37 49.07
C MET H 461 -24.81 11.47 50.29
N GLU H 462 -24.07 10.36 50.20
CA GLU H 462 -24.08 9.35 51.25
C GLU H 462 -23.67 9.90 52.61
N PHE H 463 -22.71 10.82 52.62
CA PHE H 463 -22.24 11.44 53.86
C PHE H 463 -22.59 12.92 53.90
N TYR H 464 -23.84 13.21 53.54
CA TYR H 464 -24.39 14.56 53.57
C TYR H 464 -24.41 15.17 54.97
N ASP H 465 -24.45 14.35 56.01
CA ASP H 465 -24.54 14.88 57.37
C ASP H 465 -23.21 15.43 57.88
N VAL H 466 -22.66 16.42 57.18
CA VAL H 466 -21.39 17.02 57.55
C VAL H 466 -21.61 18.10 58.60
N HIS H 467 -22.87 18.33 58.98
CA HIS H 467 -23.22 19.36 59.96
C HIS H 467 -23.28 18.72 61.35
N PHE H 468 -22.11 18.53 61.95
CA PHE H 468 -22.02 17.88 63.24
C PHE H 468 -22.75 18.69 64.31
N SER H 469 -23.47 17.97 65.19
CA SER H 469 -24.38 18.59 66.16
C SER H 469 -24.05 18.05 67.56
N TYR H 470 -23.12 18.73 68.23
CA TYR H 470 -22.83 18.52 69.64
C TYR H 470 -24.04 18.94 70.47
N ILE H 471 -24.43 18.11 71.45
CA ILE H 471 -25.53 18.47 72.34
C ILE H 471 -25.06 18.33 73.77
N ASP H 472 -25.57 19.21 74.64
CA ASP H 472 -25.34 19.12 76.07
C ASP H 472 -26.55 18.46 76.73
N ASN H 473 -26.42 18.18 78.03
CA ASN H 473 -27.51 17.57 78.79
C ASN H 473 -28.18 18.52 79.77
N ASP H 474 -27.45 19.50 80.34
CA ASP H 474 -28.06 20.43 81.27
C ASP H 474 -28.61 21.67 80.57
N THR H 475 -27.84 22.28 79.68
CA THR H 475 -28.30 23.44 78.94
C THR H 475 -29.27 23.07 77.81
N LEU H 476 -29.24 21.82 77.35
CA LEU H 476 -30.05 21.36 76.23
C LEU H 476 -29.81 22.29 75.04
N GLU H 477 -28.57 22.34 74.56
CA GLU H 477 -28.21 23.17 73.41
C GLU H 477 -27.52 22.27 72.38
N GLU H 478 -28.04 22.28 71.16
CA GLU H 478 -27.48 21.48 70.08
C GLU H 478 -26.40 22.27 69.33
N HIS H 479 -25.21 22.32 69.94
CA HIS H 479 -24.08 23.06 69.38
C HIS H 479 -23.67 22.49 68.03
N PHE H 480 -23.61 23.34 67.01
CA PHE H 480 -23.20 22.92 65.69
C PHE H 480 -21.75 23.38 65.47
N VAL H 481 -20.81 22.46 65.67
CA VAL H 481 -19.40 22.78 65.54
C VAL H 481 -19.07 22.95 64.06
N SER H 482 -18.08 23.79 63.76
CA SER H 482 -17.77 24.10 62.37
C SER H 482 -16.27 23.98 62.13
N VAL H 483 -15.92 23.25 61.08
CA VAL H 483 -14.55 23.05 60.65
C VAL H 483 -14.06 24.23 59.82
N LYS H 484 -12.77 24.22 59.48
CA LYS H 484 -12.10 25.31 58.76
C LYS H 484 -12.54 25.33 57.30
N GLU H 485 -11.75 25.99 56.45
CA GLU H 485 -12.11 26.40 55.10
C GLU H 485 -13.06 25.44 54.40
N GLN H 486 -12.82 24.14 54.52
CA GLN H 486 -13.77 23.13 54.09
C GLN H 486 -15.20 23.48 54.52
N GLY H 487 -15.41 23.66 55.82
CA GLY H 487 -16.72 24.02 56.33
C GLY H 487 -16.73 25.33 57.09
N ILE H 492 -19.59 34.01 49.35
CA ILE H 492 -20.21 33.61 48.09
C ILE H 492 -19.20 33.71 46.96
N PRO H 493 -18.90 32.59 46.31
CA PRO H 493 -17.93 32.60 45.22
C PRO H 493 -18.56 32.99 43.89
N GLU H 494 -17.72 33.10 42.86
CA GLU H 494 -18.14 33.51 41.54
C GLU H 494 -18.55 32.30 40.71
N GLY H 495 -18.80 32.52 39.42
CA GLY H 495 -19.10 31.45 38.50
C GLY H 495 -20.48 30.86 38.70
N PRO H 496 -21.05 30.30 37.62
CA PRO H 496 -22.37 29.67 37.73
C PRO H 496 -22.25 28.30 38.36
N ALA H 497 -22.82 28.15 39.56
CA ALA H 497 -22.76 26.87 40.25
C ALA H 497 -23.74 25.89 39.60
N LYS H 498 -23.58 24.62 39.98
CA LYS H 498 -24.46 23.58 39.46
C LYS H 498 -25.89 23.85 39.89
N PRO H 499 -26.87 23.66 39.00
CA PRO H 499 -28.26 24.00 39.34
C PRO H 499 -28.73 23.28 40.59
N GLY H 500 -29.44 24.01 41.45
CA GLY H 500 -29.75 23.50 42.76
C GLY H 500 -28.84 24.01 43.86
N PHE H 501 -27.91 24.91 43.55
CA PHE H 501 -27.10 25.59 44.55
C PHE H 501 -27.51 27.06 44.60
N LEU H 502 -27.59 27.62 45.79
CA LEU H 502 -27.84 29.05 45.93
C LEU H 502 -27.38 29.51 47.30
N TYR H 503 -27.30 30.84 47.45
CA TYR H 503 -26.90 31.49 48.68
C TYR H 503 -27.99 32.46 49.11
N THR H 504 -28.30 32.46 50.40
CA THR H 504 -29.34 33.32 50.94
C THR H 504 -28.85 34.00 52.22
N ILE H 505 -29.53 35.08 52.59
CA ILE H 505 -29.24 35.82 53.81
C ILE H 505 -30.53 35.95 54.60
N GLY H 506 -30.48 35.61 55.88
CA GLY H 506 -31.68 35.63 56.69
C GLY H 506 -31.39 36.01 58.12
N LEU H 507 -32.41 36.59 58.75
CA LEU H 507 -32.28 37.04 60.13
C LEU H 507 -32.41 35.85 61.06
N SER H 508 -31.37 35.59 61.85
CA SER H 508 -31.35 34.41 62.71
C SER H 508 -32.27 34.59 63.91
N ASN H 509 -32.47 33.50 64.66
CA ASN H 509 -33.27 33.57 65.87
C ASN H 509 -32.67 34.49 66.91
N LYS H 510 -31.37 34.75 66.85
CA LYS H 510 -30.71 35.69 67.74
C LYS H 510 -30.75 37.12 67.22
N GLY H 511 -31.38 37.35 66.06
CA GLY H 511 -31.49 38.68 65.50
C GLY H 511 -30.35 39.11 64.62
N MET H 512 -29.34 38.28 64.43
CA MET H 512 -28.23 38.65 63.56
C MET H 512 -28.44 38.08 62.16
N PRO H 513 -28.49 38.92 61.13
CA PRO H 513 -28.54 38.40 59.76
C PRO H 513 -27.32 37.55 59.47
N GLY H 514 -27.53 36.48 58.72
CA GLY H 514 -26.46 35.53 58.43
C GLY H 514 -26.60 34.95 57.04
N LEU H 515 -25.47 34.43 56.55
CA LEU H 515 -25.39 33.83 55.23
C LEU H 515 -25.50 32.32 55.33
N TYR H 516 -26.29 31.72 54.45
CA TYR H 516 -26.45 30.27 54.38
C TYR H 516 -26.45 29.83 52.93
N ARG H 517 -26.08 28.58 52.69
CA ARG H 517 -26.02 28.00 51.36
C ARG H 517 -26.99 26.83 51.28
N LEU H 518 -27.84 26.85 50.26
CA LEU H 518 -28.80 25.78 50.02
C LEU H 518 -28.33 24.96 48.83
N GLU H 519 -28.23 23.65 49.03
CA GLU H 519 -27.69 22.71 48.04
C GLU H 519 -28.71 21.60 47.85
N LEU H 520 -29.26 21.51 46.65
CA LEU H 520 -30.34 20.57 46.36
C LEU H 520 -29.97 19.68 45.19
N GLN H 521 -30.26 18.39 45.32
CA GLN H 521 -30.03 17.42 44.26
C GLN H 521 -31.37 16.79 43.87
N VAL H 522 -31.56 16.62 42.56
CA VAL H 522 -32.80 16.09 42.01
C VAL H 522 -32.48 14.79 41.29
N THR H 523 -33.26 13.75 41.60
CA THR H 523 -33.07 12.43 41.00
C THR H 523 -34.41 11.98 40.43
N LYS H 524 -34.36 11.08 39.45
CA LYS H 524 -35.60 10.50 38.93
C LYS H 524 -36.29 9.70 40.03
N GLY H 525 -37.42 10.21 40.51
CA GLY H 525 -38.06 9.62 41.67
C GLY H 525 -39.57 9.71 41.69
N SER H 526 -40.14 9.96 42.87
CA SER H 526 -41.58 9.92 43.08
C SER H 526 -42.11 11.17 43.77
N GLY H 527 -41.45 12.32 43.58
CA GLY H 527 -41.92 13.54 44.17
C GLY H 527 -41.74 13.66 45.67
N LYS H 528 -40.76 12.95 46.24
CA LYS H 528 -40.56 12.98 47.68
C LYS H 528 -39.50 14.01 48.05
N LEU H 529 -39.60 14.51 49.28
CA LEU H 529 -38.75 15.58 49.79
C LEU H 529 -37.84 15.05 50.88
N ALA H 530 -36.57 15.44 50.83
CA ALA H 530 -35.62 15.18 51.90
C ALA H 530 -35.00 16.50 52.35
N THR H 531 -34.95 16.71 53.66
CA THR H 531 -34.48 17.97 54.23
C THR H 531 -33.32 17.71 55.18
N SER H 532 -32.33 18.60 55.15
CA SER H 532 -31.18 18.45 56.03
C SER H 532 -30.52 19.81 56.24
N GLY H 533 -29.87 19.96 57.40
CA GLY H 533 -29.15 21.17 57.70
C GLY H 533 -30.05 22.32 58.09
N LEU H 534 -31.32 22.01 58.39
CA LEU H 534 -32.28 23.03 58.78
C LEU H 534 -32.18 23.34 60.28
N TRP H 535 -31.07 22.92 60.90
CA TRP H 535 -30.90 23.02 62.35
C TRP H 535 -31.98 22.24 63.08
N ASN H 536 -32.64 21.31 62.38
CA ASN H 536 -33.78 20.56 62.87
C ASN H 536 -34.84 21.51 63.40
N SER H 537 -35.03 22.63 62.72
CA SER H 537 -35.98 23.66 63.14
C SER H 537 -37.35 23.34 62.58
N SER H 538 -38.37 23.34 63.45
CA SER H 538 -39.75 23.09 63.04
C SER H 538 -40.23 24.16 62.09
N SER H 539 -39.88 25.42 62.36
CA SER H 539 -40.27 26.54 61.51
C SER H 539 -39.68 26.41 60.12
N ALA H 540 -38.40 26.04 60.05
CA ALA H 540 -37.75 25.85 58.76
C ALA H 540 -38.40 24.72 57.97
N LYS H 541 -38.72 23.62 58.64
CA LYS H 541 -39.37 22.50 57.96
C LYS H 541 -40.76 22.88 57.48
N GLU H 542 -41.52 23.62 58.29
CA GLU H 542 -42.83 24.07 57.86
C GLU H 542 -42.73 25.00 56.64
N GLN H 543 -41.76 25.92 56.66
CA GLN H 543 -41.59 26.82 55.53
C GLN H 543 -41.17 26.05 54.27
N VAL H 544 -40.29 25.06 54.41
CA VAL H 544 -39.84 24.33 53.23
C VAL H 544 -40.98 23.44 52.70
N LYS H 545 -41.82 22.92 53.60
CA LYS H 545 -43.00 22.19 53.14
C LYS H 545 -43.97 23.10 52.42
N ILE H 546 -44.11 24.35 52.90
CA ILE H 546 -44.92 25.34 52.20
C ILE H 546 -44.36 25.59 50.80
N ALA H 547 -43.03 25.73 50.71
CA ALA H 547 -42.39 25.95 49.42
C ALA H 547 -42.61 24.76 48.48
N PHE H 548 -42.51 23.54 49.02
CA PHE H 548 -42.74 22.35 48.21
C PHE H 548 -44.17 22.29 47.71
N ASP H 549 -45.14 22.62 48.57
CA ASP H 549 -46.54 22.65 48.16
C ASP H 549 -46.77 23.68 47.06
N TYR H 550 -46.16 24.86 47.21
CA TYR H 550 -46.36 25.91 46.21
C TYR H 550 -45.71 25.54 44.89
N PHE H 551 -44.56 24.85 44.95
CA PHE H 551 -43.92 24.34 43.74
C PHE H 551 -44.81 23.31 43.05
N LYS H 552 -45.41 22.41 43.82
CA LYS H 552 -46.30 21.40 43.25
C LYS H 552 -47.52 22.07 42.60
N ALA H 553 -48.04 23.11 43.25
CA ALA H 553 -49.23 23.79 42.73
C ALA H 553 -48.95 24.47 41.39
N ASN H 554 -47.80 25.14 41.25
CA ASN H 554 -47.49 25.91 40.06
C ASN H 554 -46.38 25.27 39.22
N ALA H 555 -46.39 23.94 39.08
CA ALA H 555 -45.37 23.28 38.27
C ALA H 555 -45.47 23.69 36.80
N SER H 556 -46.69 23.78 36.27
CA SER H 556 -46.86 24.11 34.86
C SER H 556 -46.36 25.51 34.53
N ARG H 557 -46.62 26.47 35.42
CA ARG H 557 -46.25 27.86 35.14
C ARG H 557 -44.74 28.08 35.10
N ILE H 558 -43.99 27.37 35.93
CA ILE H 558 -42.54 27.55 36.02
C ILE H 558 -41.79 26.58 35.12
N SER H 559 -42.05 25.29 35.26
CA SER H 559 -41.29 24.26 34.55
C SER H 559 -41.67 24.13 33.08
N GLY H 560 -42.86 24.59 32.69
CA GLY H 560 -43.26 24.55 31.30
C GLY H 560 -43.53 23.14 30.78
N GLY H 561 -43.74 22.18 31.68
CA GLY H 561 -44.06 20.84 31.26
C GLY H 561 -43.41 19.75 32.08
N SER H 562 -42.36 20.09 32.82
CA SER H 562 -41.67 19.10 33.64
C SER H 562 -42.54 18.69 34.82
N LYS H 563 -42.56 17.40 35.11
CA LYS H 563 -43.41 16.85 36.16
C LYS H 563 -42.65 16.80 37.47
N VAL H 564 -43.22 17.42 38.52
CA VAL H 564 -42.62 17.36 39.86
C VAL H 564 -42.72 15.94 40.41
N MET H 565 -43.82 15.25 40.10
CA MET H 565 -44.13 13.96 40.71
C MET H 565 -43.14 12.87 40.34
N GLU H 566 -42.30 13.09 39.33
CA GLU H 566 -41.35 12.07 38.87
C GLU H 566 -39.94 12.31 39.37
N HIS H 567 -39.73 13.25 40.30
CA HIS H 567 -38.39 13.58 40.76
C HIS H 567 -38.36 13.75 42.27
N ASP H 568 -37.31 13.22 42.89
CA ASP H 568 -37.06 13.34 44.32
C ASP H 568 -35.99 14.40 44.55
N PHE H 569 -36.25 15.29 45.50
CA PHE H 569 -35.37 16.41 45.81
C PHE H 569 -34.82 16.24 47.22
N HIS H 570 -33.49 16.33 47.36
CA HIS H 570 -32.83 16.33 48.66
C HIS H 570 -32.11 17.65 48.83
N LEU H 571 -32.40 18.35 49.93
CA LEU H 571 -31.90 19.70 50.14
C LEU H 571 -31.10 19.77 51.44
N HIS H 572 -30.03 20.55 51.43
CA HIS H 572 -29.21 20.78 52.61
C HIS H 572 -28.96 22.27 52.78
N VAL H 573 -29.04 22.73 54.02
CA VAL H 573 -28.69 24.10 54.39
C VAL H 573 -27.41 24.06 55.21
N VAL H 574 -26.39 24.79 54.76
CA VAL H 574 -25.12 24.86 55.45
C VAL H 574 -24.86 26.31 55.83
N GLU H 575 -24.54 26.55 57.10
CA GLU H 575 -24.32 27.89 57.60
C GLU H 575 -22.83 28.19 57.61
N LEU H 576 -22.44 29.30 56.96
CA LEU H 576 -21.04 29.67 56.82
C LEU H 576 -20.59 30.73 57.80
N GLN H 577 -21.51 31.47 58.41
CA GLN H 577 -21.16 32.56 59.30
C GLN H 577 -21.43 32.25 60.77
N ASN H 578 -22.02 31.10 61.08
CA ASN H 578 -22.30 30.68 62.46
C ASN H 578 -23.17 31.72 63.18
N THR H 579 -24.07 32.37 62.44
CA THR H 579 -24.98 33.34 63.04
C THR H 579 -26.13 32.67 63.79
N GLY H 580 -26.62 31.54 63.30
CA GLY H 580 -27.73 30.86 63.93
C GLY H 580 -28.74 30.33 62.94
N PRO H 581 -29.77 29.64 63.44
CA PRO H 581 -30.77 29.06 62.53
C PRO H 581 -31.63 30.13 61.87
N LEU H 582 -32.15 29.78 60.69
CA LEU H 582 -33.05 30.65 59.93
C LEU H 582 -34.40 29.98 59.76
N SER H 583 -35.47 30.76 59.82
CA SER H 583 -36.82 30.24 59.64
C SER H 583 -37.43 30.64 58.30
N HIS H 584 -37.04 31.80 57.77
CA HIS H 584 -37.63 32.32 56.52
C HIS H 584 -36.79 31.85 55.35
N LEU H 585 -37.27 30.82 54.65
CA LEU H 585 -36.51 30.23 53.56
C LEU H 585 -37.34 29.76 52.37
N ALA H 586 -38.61 30.15 52.26
CA ALA H 586 -39.49 29.54 51.27
C ALA H 586 -39.13 29.96 49.84
N LEU H 587 -38.90 31.26 49.63
CA LEU H 587 -38.62 31.77 48.28
C LEU H 587 -37.33 31.21 47.69
N PRO H 588 -36.20 31.23 48.41
CA PRO H 588 -35.00 30.58 47.87
C PRO H 588 -35.24 29.11 47.59
N SER H 589 -36.02 28.45 48.44
CA SER H 589 -36.36 27.05 48.25
C SER H 589 -37.08 26.84 46.92
N LEU H 590 -38.09 27.66 46.64
CA LEU H 590 -38.85 27.54 45.41
C LEU H 590 -37.99 27.80 44.18
N VAL H 591 -37.15 28.84 44.24
CA VAL H 591 -36.23 29.16 43.16
C VAL H 591 -35.33 27.95 42.93
N ALA H 592 -34.93 27.31 44.03
CA ALA H 592 -34.08 26.13 43.97
C ALA H 592 -34.77 24.93 43.31
N PHE H 593 -36.03 24.69 43.66
CA PHE H 593 -36.78 23.61 43.02
C PHE H 593 -36.87 23.84 41.52
N ALA H 594 -37.14 25.10 41.14
CA ALA H 594 -37.20 25.43 39.73
C ALA H 594 -35.86 25.20 39.05
N SER H 595 -34.77 25.58 39.72
CA SER H 595 -33.43 25.41 39.14
C SER H 595 -33.12 23.93 38.95
N GLY H 596 -33.38 23.11 39.97
CA GLY H 596 -33.08 21.70 39.87
C GLY H 596 -33.91 21.00 38.82
N LEU H 597 -35.22 21.30 38.79
CA LEU H 597 -36.10 20.65 37.83
C LEU H 597 -35.77 21.07 36.39
N LEU H 598 -35.44 22.34 36.18
CA LEU H 598 -35.10 22.82 34.85
C LEU H 598 -33.64 22.56 34.47
N GLY H 599 -32.79 22.22 35.44
CA GLY H 599 -31.39 22.01 35.13
C GLY H 599 -30.64 23.25 34.71
N ARG H 600 -31.18 24.43 35.04
CA ARG H 600 -30.58 25.70 34.66
C ARG H 600 -29.96 26.35 35.89
N SER H 601 -28.72 26.82 35.74
CA SER H 601 -27.97 27.36 36.87
C SER H 601 -28.55 28.69 37.32
N VAL H 602 -28.55 28.91 38.63
CA VAL H 602 -28.94 30.21 39.17
C VAL H 602 -27.84 31.22 38.83
N GLN H 603 -28.22 32.50 38.79
CA GLN H 603 -27.27 33.55 38.48
C GLN H 603 -26.12 33.54 39.47
N SER H 604 -24.91 33.76 38.97
CA SER H 604 -23.72 33.74 39.82
C SER H 604 -23.77 34.87 40.85
N GLN H 605 -23.36 34.55 42.08
CA GLN H 605 -23.30 35.51 43.18
C GLN H 605 -24.68 36.11 43.47
N MET H 606 -25.74 35.35 43.19
CA MET H 606 -27.10 35.77 43.47
C MET H 606 -27.42 35.61 44.95
N VAL H 607 -28.14 36.58 45.50
CA VAL H 607 -28.67 36.52 46.86
C VAL H 607 -30.20 36.60 46.76
N VAL H 608 -30.86 35.52 47.15
CA VAL H 608 -32.32 35.43 47.10
C VAL H 608 -32.85 35.76 48.49
N LEU H 609 -33.63 36.84 48.58
CA LEU H 609 -34.14 37.33 49.85
C LEU H 609 -35.66 37.24 49.89
N GLY H 610 -36.20 37.38 51.10
CA GLY H 610 -37.64 37.41 51.30
C GLY H 610 -38.21 36.04 51.61
N ASP H 611 -39.49 36.06 51.98
CA ASP H 611 -40.25 34.85 52.26
C ASP H 611 -41.57 34.95 51.51
N MET H 612 -42.23 33.81 51.35
CA MET H 612 -43.51 33.76 50.66
C MET H 612 -44.50 32.94 51.47
N SER H 613 -45.77 33.24 51.29
CA SER H 613 -46.85 32.46 51.89
C SER H 613 -47.30 31.37 50.92
N LEU H 614 -48.19 30.50 51.41
CA LEU H 614 -48.73 29.45 50.56
C LEU H 614 -49.53 30.03 49.40
N GLY H 615 -50.09 31.22 49.57
CA GLY H 615 -50.82 31.89 48.51
C GLY H 615 -49.97 32.70 47.56
N GLY H 616 -48.64 32.65 47.71
CA GLY H 616 -47.75 33.40 46.86
C GLY H 616 -47.50 34.83 47.29
N SER H 617 -48.07 35.27 48.41
CA SER H 617 -47.83 36.61 48.90
C SER H 617 -46.42 36.72 49.46
N VAL H 618 -45.72 37.78 49.06
CA VAL H 618 -44.33 38.00 49.42
C VAL H 618 -44.26 38.92 50.62
N THR H 619 -43.24 38.71 51.46
CA THR H 619 -42.99 39.46 52.68
C THR H 619 -41.76 40.35 52.52
N PRO H 620 -41.73 41.52 53.16
CA PRO H 620 -40.57 42.39 53.05
C PRO H 620 -39.34 41.79 53.72
N VAL H 621 -38.17 42.16 53.22
CA VAL H 621 -36.92 41.68 53.77
C VAL H 621 -36.57 42.51 55.00
N GLU H 622 -36.60 41.87 56.17
CA GLU H 622 -36.30 42.57 57.41
C GLU H 622 -34.82 42.93 57.46
N SER H 623 -34.54 44.19 57.82
CA SER H 623 -33.18 44.72 57.87
C SER H 623 -32.48 44.55 56.53
N ILE H 624 -33.04 45.19 55.50
CA ILE H 624 -32.50 45.04 54.15
C ILE H 624 -31.10 45.61 54.06
N ALA H 625 -30.82 46.69 54.79
CA ALA H 625 -29.48 47.26 54.79
C ALA H 625 -28.46 46.28 55.34
N GLU H 626 -28.79 45.64 56.46
CA GLU H 626 -27.88 44.65 57.04
C GLU H 626 -27.71 43.45 56.13
N CYS H 627 -28.79 43.02 55.46
CA CYS H 627 -28.69 41.92 54.50
C CYS H 627 -27.77 42.28 53.34
N LEU H 628 -27.86 43.51 52.85
CA LEU H 628 -26.99 43.93 51.75
C LEU H 628 -25.55 44.07 52.21
N GLN H 629 -25.33 44.51 53.45
CA GLN H 629 -23.97 44.52 53.99
C GLN H 629 -23.41 43.10 54.08
N VAL H 630 -24.24 42.15 54.50
CA VAL H 630 -23.82 40.76 54.55
C VAL H 630 -23.47 40.25 53.15
N ALA H 631 -24.30 40.59 52.16
CA ALA H 631 -24.03 40.19 50.79
C ALA H 631 -22.71 40.79 50.29
N PHE H 632 -22.45 42.06 50.63
CA PHE H 632 -21.20 42.69 50.26
C PHE H 632 -20.02 41.98 50.90
N ASP H 633 -20.15 41.63 52.18
CA ASP H 633 -19.07 40.92 52.86
C ASP H 633 -18.89 39.52 52.29
N ALA H 634 -19.96 38.94 51.74
CA ALA H 634 -19.90 37.60 51.15
C ALA H 634 -19.32 37.60 49.74
N GLY H 635 -19.09 38.76 49.15
CA GLY H 635 -18.53 38.83 47.81
C GLY H 635 -19.53 38.75 46.68
N ALA H 636 -20.82 38.77 46.98
CA ALA H 636 -21.84 38.71 45.94
C ALA H 636 -21.84 40.00 45.11
N LYS H 637 -22.17 39.87 43.83
CA LYS H 637 -22.23 41.01 42.92
C LYS H 637 -23.63 41.41 42.51
N LYS H 638 -24.59 40.49 42.49
CA LYS H 638 -25.96 40.80 42.10
C LYS H 638 -26.93 40.20 43.11
N VAL H 639 -28.04 40.90 43.34
CA VAL H 639 -29.02 40.51 44.34
C VAL H 639 -30.41 40.58 43.72
N ALA H 640 -31.33 39.79 44.24
CA ALA H 640 -32.73 39.82 43.83
C ALA H 640 -33.57 40.34 44.99
N LEU H 641 -34.48 41.26 44.70
CA LEU H 641 -35.28 41.87 45.76
C LEU H 641 -36.77 41.74 45.46
N PRO H 642 -37.59 41.57 46.49
CA PRO H 642 -39.05 41.53 46.27
C PRO H 642 -39.62 42.93 46.18
N MET H 643 -40.85 43.02 45.66
CA MET H 643 -41.50 44.33 45.55
C MET H 643 -41.81 44.92 46.91
N SER H 644 -42.11 44.07 47.90
CA SER H 644 -42.47 44.57 49.23
C SER H 644 -41.34 45.33 49.90
N SER H 645 -40.10 45.10 49.49
CA SER H 645 -38.96 45.83 50.04
C SER H 645 -38.67 47.13 49.29
N ALA H 646 -39.47 47.48 48.29
CA ALA H 646 -39.22 48.70 47.53
C ALA H 646 -39.28 49.93 48.41
N ALA H 647 -40.26 50.01 49.31
CA ALA H 647 -40.33 51.14 50.23
C ALA H 647 -39.13 51.18 51.17
N ASP H 648 -38.42 50.07 51.31
CA ASP H 648 -37.22 50.01 52.12
C ASP H 648 -35.96 50.35 51.33
N ILE H 649 -36.08 50.68 50.04
CA ILE H 649 -34.91 51.06 49.26
C ILE H 649 -34.22 52.31 49.81
N PRO H 650 -34.92 53.40 50.15
CA PRO H 650 -34.20 54.62 50.54
C PRO H 650 -33.31 54.47 51.77
N THR H 651 -33.64 53.56 52.69
CA THR H 651 -32.83 53.37 53.88
C THR H 651 -31.48 52.74 53.58
N ILE H 652 -31.27 52.22 52.37
CA ILE H 652 -29.99 51.62 51.99
C ILE H 652 -28.99 52.72 51.69
N PRO H 653 -27.76 52.64 52.20
CA PRO H 653 -26.72 53.56 51.75
C PRO H 653 -26.51 53.43 50.25
N VAL H 654 -26.29 54.57 49.59
CA VAL H 654 -26.13 54.58 48.14
C VAL H 654 -24.87 53.81 47.74
N GLU H 655 -23.78 54.02 48.47
CA GLU H 655 -22.52 53.37 48.12
C GLU H 655 -22.62 51.85 48.24
N LEU H 656 -23.53 51.36 49.08
CA LEU H 656 -23.74 49.92 49.17
C LEU H 656 -24.76 49.44 48.15
N PHE H 657 -25.80 50.25 47.91
CA PHE H 657 -26.87 49.84 47.00
C PHE H 657 -26.36 49.78 45.56
N THR H 658 -25.43 50.66 45.20
CA THR H 658 -24.92 50.71 43.83
C THR H 658 -24.00 49.55 43.49
N LYS H 659 -23.47 48.83 44.48
CA LYS H 659 -22.56 47.73 44.21
C LYS H 659 -23.27 46.48 43.73
N PHE H 660 -24.59 46.43 43.79
CA PHE H 660 -25.36 45.24 43.45
C PHE H 660 -26.30 45.53 42.28
N GLN H 661 -26.36 44.58 41.35
CA GLN H 661 -27.32 44.67 40.25
C GLN H 661 -28.65 44.15 40.79
N THR H 662 -29.59 45.08 41.03
CA THR H 662 -30.84 44.77 41.71
C THR H 662 -31.78 44.06 40.74
N SER H 663 -31.70 42.73 40.71
CA SER H 663 -32.61 41.95 39.89
C SER H 663 -33.98 41.91 40.55
N PHE H 664 -34.68 43.06 40.52
CA PHE H 664 -35.91 43.25 41.26
C PHE H 664 -37.04 42.34 40.76
N TYR H 665 -37.67 41.61 41.67
CA TYR H 665 -38.78 40.74 41.34
C TYR H 665 -40.01 41.09 42.18
N ALA H 666 -41.16 40.57 41.76
CA ALA H 666 -42.40 40.79 42.51
C ALA H 666 -43.00 39.48 42.98
N ASP H 667 -43.18 38.53 42.05
CA ASP H 667 -43.89 37.30 42.36
C ASP H 667 -42.88 36.17 42.57
N PRO H 668 -43.24 35.14 43.35
CA PRO H 668 -42.35 33.98 43.50
C PRO H 668 -41.94 33.35 42.17
N VAL H 669 -42.87 33.26 41.21
CA VAL H 669 -42.48 32.80 39.87
C VAL H 669 -41.62 33.84 39.19
N ASP H 670 -41.94 35.12 39.38
CA ASP H 670 -41.07 36.18 38.91
C ASP H 670 -39.71 36.11 39.60
N ALA H 671 -39.70 35.74 40.88
CA ALA H 671 -38.45 35.52 41.59
C ALA H 671 -37.64 34.40 40.95
N VAL H 672 -38.33 33.32 40.55
CA VAL H 672 -37.67 32.21 39.87
C VAL H 672 -37.04 32.70 38.56
N PHE H 673 -37.82 33.45 37.78
CA PHE H 673 -37.32 33.92 36.49
C PHE H 673 -36.13 34.85 36.65
N LYS H 674 -36.17 35.72 37.66
CA LYS H 674 -35.05 36.63 37.90
C LYS H 674 -33.82 35.87 38.39
N GLY H 675 -34.00 34.92 39.30
CA GLY H 675 -32.87 34.18 39.84
C GLY H 675 -32.21 33.27 38.82
N LEU H 676 -33.01 32.68 37.93
CA LEU H 676 -32.48 31.78 36.93
C LEU H 676 -32.14 32.47 35.62
N GLY H 677 -32.42 33.77 35.50
CA GLY H 677 -32.11 34.50 34.28
C GLY H 677 -33.15 34.27 33.19
N ASN I 5 64.22 16.75 60.27
CA ASN I 5 63.85 17.00 61.66
C ASN I 5 62.97 15.86 62.17
N ASP I 6 62.88 14.79 61.38
CA ASP I 6 62.08 13.62 61.77
C ASP I 6 62.69 12.95 63.00
N LYS I 7 63.96 13.24 63.28
CA LYS I 7 64.64 12.60 64.40
C LYS I 7 63.88 12.76 65.71
N GLU I 8 63.40 13.97 65.99
CA GLU I 8 62.64 14.25 67.20
C GLU I 8 61.44 13.31 67.30
N LEU I 9 60.70 13.19 66.19
CA LEU I 9 59.61 12.22 66.12
C LEU I 9 60.15 10.80 66.30
N ASP I 10 61.39 10.56 65.87
CA ASP I 10 61.95 9.22 66.00
C ASP I 10 62.14 8.83 67.47
N GLN I 11 62.74 9.70 68.30
CA GLN I 11 62.83 9.29 69.69
C GLN I 11 61.48 9.40 70.40
N LEU I 12 60.57 10.26 69.94
CA LEU I 12 59.22 10.24 70.51
C LEU I 12 58.56 8.89 70.28
N LEU I 13 58.67 8.35 69.07
CA LEU I 13 58.04 7.07 68.75
C LEU I 13 58.76 5.91 69.45
N ASN I 14 60.08 5.87 69.38
CA ASN I 14 60.84 4.81 70.01
C ASN I 14 60.66 4.83 71.53
N GLU I 15 60.38 6.00 72.08
CA GLU I 15 60.12 6.10 73.52
C GLU I 15 58.87 5.34 73.90
N HIS I 16 57.79 5.52 73.14
CA HIS I 16 56.47 5.03 73.51
C HIS I 16 55.97 3.97 72.53
N PHE I 17 55.96 4.28 71.24
CA PHE I 17 55.49 3.33 70.22
C PHE I 17 56.64 2.47 69.73
N ALA I 18 57.29 1.74 70.63
CA ALA I 18 58.55 1.07 70.32
C ALA I 18 58.40 0.03 69.21
N GLY I 19 57.69 -1.05 69.48
CA GLY I 19 57.55 -2.11 68.49
C GLY I 19 56.45 -1.80 67.50
N ARG I 20 55.85 -0.62 67.64
CA ARG I 20 54.67 -0.20 66.90
C ARG I 20 55.02 0.58 65.63
N VAL I 21 56.30 0.65 65.28
CA VAL I 21 56.79 1.43 64.15
C VAL I 21 57.70 0.53 63.31
N VAL I 22 57.53 0.60 61.99
CA VAL I 22 58.16 -0.36 61.10
C VAL I 22 58.86 0.36 59.94
N ARG I 23 58.72 1.69 59.87
CA ARG I 23 59.20 2.45 58.73
C ARG I 23 58.57 1.94 57.44
N LYS I 24 57.29 2.23 57.27
CA LYS I 24 56.40 1.68 56.24
C LYS I 24 57.06 1.36 54.91
N ASP I 25 57.91 2.26 54.41
CA ASP I 25 58.48 2.10 53.07
C ASP I 25 59.14 0.73 52.89
N LEU I 26 59.73 0.22 53.97
CA LEU I 26 60.45 -1.06 53.90
C LEU I 26 59.52 -2.20 53.50
N THR I 27 58.29 -2.21 54.01
CA THR I 27 57.38 -3.30 53.69
C THR I 27 56.94 -3.17 52.23
N LYS I 28 57.11 -1.98 51.64
CA LYS I 28 56.89 -1.83 50.21
C LYS I 28 57.87 -2.69 49.42
N LEU I 29 59.08 -2.86 49.96
CA LEU I 29 60.10 -3.67 49.29
C LEU I 29 59.68 -5.12 49.18
N ILE I 30 59.17 -5.70 50.26
CA ILE I 30 58.76 -7.09 50.24
C ILE I 30 57.42 -7.19 49.52
N LYS I 31 56.38 -6.55 50.08
CA LYS I 31 55.03 -6.54 49.54
C LYS I 31 54.64 -7.90 48.98
N GLU I 32 54.59 -8.01 47.66
CA GLU I 32 54.26 -9.29 47.03
C GLU I 32 55.33 -10.33 47.29
N GLY I 33 54.89 -11.56 47.56
CA GLY I 33 55.77 -12.66 47.91
C GLY I 33 54.98 -13.91 48.23
N ALA I 34 55.30 -14.55 49.35
CA ALA I 34 54.53 -15.71 49.78
C ALA I 34 53.15 -15.27 50.25
N ASN I 35 52.31 -16.23 50.63
CA ASN I 35 50.93 -15.94 51.04
C ASN I 35 50.91 -15.48 52.50
N VAL I 36 51.29 -14.23 52.72
CA VAL I 36 51.29 -13.62 54.05
C VAL I 36 50.57 -12.28 53.97
N PRO I 37 49.68 -11.98 54.93
CA PRO I 37 49.09 -10.64 54.96
C PRO I 37 50.14 -9.57 55.20
N VAL I 38 49.92 -8.40 54.61
CA VAL I 38 50.86 -7.29 54.79
C VAL I 38 50.94 -6.91 56.27
N TYR I 39 49.83 -7.03 56.98
CA TYR I 39 49.76 -6.73 58.40
C TYR I 39 50.67 -7.67 59.19
N VAL I 40 50.99 -8.82 58.62
CA VAL I 40 51.86 -9.77 59.28
C VAL I 40 53.32 -9.45 58.98
N LEU I 41 53.62 -9.16 57.71
CA LEU I 41 54.99 -8.82 57.32
C LEU I 41 55.46 -7.58 58.06
N GLU I 42 54.57 -6.60 58.21
CA GLU I 42 54.98 -5.36 58.85
C GLU I 42 55.39 -5.60 60.29
N TYR I 43 54.63 -6.37 61.07
CA TYR I 43 55.05 -6.58 62.45
C TYR I 43 56.19 -7.58 62.56
N LEU I 44 56.34 -8.47 61.56
CA LEU I 44 57.52 -9.34 61.54
C LEU I 44 58.79 -8.50 61.41
N LEU I 45 58.78 -7.56 60.47
CA LEU I 45 59.88 -6.60 60.40
C LEU I 45 59.93 -5.76 61.67
N GLY I 46 58.78 -5.55 62.32
CA GLY I 46 58.77 -4.81 63.57
C GLY I 46 59.57 -5.47 64.68
N MET I 47 59.42 -6.78 64.84
CA MET I 47 60.29 -7.46 65.80
C MET I 47 61.74 -7.49 65.32
N TYR I 48 61.98 -7.73 64.02
CA TYR I 48 63.35 -7.81 63.54
C TYR I 48 63.96 -6.46 63.18
N CYS I 49 63.23 -5.36 63.34
CA CYS I 49 63.77 -4.05 63.02
C CYS I 49 63.17 -3.01 63.96
N ALA I 50 64.05 -2.32 64.69
CA ALA I 50 63.61 -1.26 65.60
C ALA I 50 64.33 0.05 65.31
N SER I 51 65.62 -0.03 65.00
CA SER I 51 66.41 1.17 64.70
C SER I 51 66.75 1.30 63.23
N ASP I 52 66.56 0.25 62.43
CA ASP I 52 66.78 0.27 60.99
C ASP I 52 68.23 0.49 60.60
N ASP I 53 69.15 -0.24 61.24
CA ASP I 53 70.54 -0.24 60.82
C ASP I 53 70.68 -1.02 59.51
N PRO I 54 71.37 -0.46 58.50
CA PRO I 54 71.39 -1.09 57.17
C PRO I 54 71.76 -2.57 57.18
N GLU I 55 72.85 -2.92 57.84
CA GLU I 55 73.24 -4.32 57.94
C GLU I 55 72.19 -5.12 58.70
N ILE I 56 71.65 -4.54 59.78
CA ILE I 56 70.57 -5.16 60.52
C ILE I 56 69.36 -5.30 59.61
N ILE I 57 69.13 -4.30 58.75
CA ILE I 57 67.99 -4.35 57.84
C ILE I 57 68.12 -5.56 56.91
N GLU I 58 69.27 -5.71 56.27
CA GLU I 58 69.48 -6.81 55.33
C GLU I 58 69.43 -8.16 56.03
N GLN I 59 70.06 -8.25 57.20
CA GLN I 59 70.07 -9.52 57.93
C GLN I 59 68.67 -9.89 58.39
N GLY I 60 67.88 -8.90 58.84
CA GLY I 60 66.50 -9.17 59.21
C GLY I 60 65.66 -9.61 58.03
N LEU I 61 65.86 -8.97 56.88
CA LEU I 61 65.13 -9.40 55.67
C LEU I 61 65.45 -10.84 55.32
N ARG I 62 66.74 -11.20 55.40
CA ARG I 62 67.15 -12.57 55.09
C ARG I 62 66.57 -13.55 56.10
N ASN I 63 66.57 -13.18 57.38
CA ASN I 63 66.01 -14.03 58.43
C ASN I 63 64.51 -14.24 58.21
N VAL I 64 63.81 -13.18 57.84
CA VAL I 64 62.39 -13.25 57.50
C VAL I 64 62.19 -14.25 56.37
N LYS I 65 62.96 -14.12 55.30
CA LYS I 65 62.79 -15.02 54.16
C LYS I 65 63.01 -16.47 54.56
N THR I 66 64.12 -16.73 55.26
CA THR I 66 64.46 -18.11 55.63
C THR I 66 63.42 -18.72 56.57
N VAL I 67 63.02 -18.00 57.61
CA VAL I 67 62.07 -18.51 58.57
C VAL I 67 60.72 -18.73 57.91
N LEU I 68 60.28 -17.75 57.10
CA LEU I 68 58.98 -17.83 56.45
C LEU I 68 58.91 -19.04 55.53
N ALA I 69 59.94 -19.25 54.72
CA ALA I 69 59.93 -20.41 53.83
C ALA I 69 60.62 -21.61 54.45
N GLU I 70 60.27 -21.92 55.71
CA GLU I 70 60.75 -23.14 56.34
C GLU I 70 59.60 -23.93 56.96
N ASN I 71 58.65 -23.23 57.57
CA ASN I 71 57.62 -23.84 58.40
C ASN I 71 56.27 -23.17 58.17
N TYR I 72 55.94 -22.93 56.91
CA TYR I 72 54.75 -22.14 56.59
C TYR I 72 54.18 -22.61 55.26
N VAL I 73 53.03 -22.03 54.88
CA VAL I 73 52.26 -22.38 53.69
C VAL I 73 51.70 -23.78 53.88
N ARG I 74 52.25 -24.76 53.15
CA ARG I 74 51.79 -26.15 53.17
C ARG I 74 50.28 -26.24 52.98
N PRO I 75 49.74 -25.77 51.84
CA PRO I 75 48.29 -25.74 51.68
C PRO I 75 47.65 -27.12 51.56
N ASP I 76 48.22 -27.96 50.69
CA ASP I 76 47.66 -29.26 50.39
C ASP I 76 48.39 -30.38 51.15
N GLU I 77 49.66 -30.16 51.47
CA GLU I 77 50.46 -31.17 52.14
C GLU I 77 50.06 -31.34 53.60
N ALA I 78 48.91 -30.78 53.98
CA ALA I 78 48.42 -30.75 55.35
C ALA I 78 48.59 -32.08 56.08
N GLU I 79 48.01 -33.16 55.54
CA GLU I 79 48.13 -34.47 56.17
C GLU I 79 49.59 -34.84 56.44
N LYS I 80 50.45 -34.67 55.42
CA LYS I 80 51.88 -34.84 55.59
C LYS I 80 52.37 -34.24 56.91
N VAL I 81 52.05 -32.97 57.14
CA VAL I 81 52.56 -32.26 58.30
C VAL I 81 52.21 -33.01 59.59
N LYS I 82 50.98 -33.54 59.67
CA LYS I 82 50.57 -34.23 60.88
C LYS I 82 51.52 -35.35 61.23
N SER I 83 51.93 -36.14 60.23
CA SER I 83 52.83 -37.26 60.52
C SER I 83 54.16 -36.76 61.06
N LEU I 84 54.63 -35.62 60.55
CA LEU I 84 55.89 -35.07 61.05
C LEU I 84 55.76 -34.70 62.52
N VAL I 85 54.55 -34.34 62.95
CA VAL I 85 54.31 -34.13 64.38
C VAL I 85 54.33 -35.46 65.12
N ARG I 86 53.73 -36.49 64.51
CA ARG I 86 53.61 -37.78 65.18
C ARG I 86 54.95 -38.50 65.25
N GLU I 87 55.69 -38.50 64.16
CA GLU I 87 56.91 -39.30 64.10
C GLU I 87 58.02 -38.71 64.98
N ARG I 88 58.28 -37.42 64.88
CA ARG I 88 59.37 -36.79 65.62
C ARG I 88 58.93 -36.14 66.92
N GLY I 89 57.65 -36.22 67.28
CA GLY I 89 57.20 -35.75 68.57
C GLY I 89 56.76 -34.30 68.60
N SER I 90 57.45 -33.44 67.86
CA SER I 90 57.07 -32.04 67.79
C SER I 90 57.59 -31.46 66.48
N TYR I 91 56.87 -30.47 65.96
CA TYR I 91 57.28 -29.82 64.72
C TYR I 91 56.74 -28.41 64.65
N LYS I 92 57.49 -27.53 64.00
CA LYS I 92 57.18 -26.10 63.94
C LYS I 92 56.35 -25.80 62.69
N VAL I 93 55.21 -25.14 62.89
CA VAL I 93 54.31 -24.80 61.78
C VAL I 93 53.79 -23.38 61.98
N ILE I 94 53.71 -22.63 60.89
CA ILE I 94 53.12 -21.30 60.91
C ILE I 94 51.76 -21.38 60.21
N ASP I 95 50.72 -20.95 60.93
CA ASP I 95 49.37 -21.05 60.38
C ASP I 95 48.40 -20.10 61.05
N ARG I 96 47.27 -19.84 60.40
CA ARG I 96 46.22 -18.98 60.94
C ARG I 96 45.38 -19.74 61.95
N VAL I 97 45.74 -19.64 63.22
CA VAL I 97 45.11 -20.45 64.26
C VAL I 97 43.95 -19.67 64.89
N THR I 98 42.82 -20.34 65.08
CA THR I 98 41.68 -19.78 65.79
C THR I 98 41.35 -20.65 66.99
N VAL I 99 41.32 -20.05 68.17
CA VAL I 99 41.10 -20.80 69.40
C VAL I 99 39.68 -20.54 69.91
N LYS I 100 39.06 -21.59 70.43
CA LYS I 100 37.73 -21.52 70.99
C LYS I 100 37.68 -22.32 72.29
N LEU I 101 36.94 -21.81 73.26
CA LEU I 101 36.84 -22.46 74.56
C LEU I 101 35.67 -23.44 74.58
N ASN I 102 35.98 -24.74 74.59
CA ASN I 102 34.96 -25.78 74.73
C ASN I 102 34.60 -25.87 76.20
N GLU I 103 33.45 -25.30 76.55
CA GLU I 103 33.00 -25.34 77.94
C GLU I 103 32.58 -26.76 78.35
N ARG I 104 32.07 -27.55 77.41
CA ARG I 104 31.75 -28.94 77.72
C ARG I 104 33.00 -29.71 78.12
N LYS I 105 34.10 -29.52 77.39
CA LYS I 105 35.40 -30.05 77.78
C LYS I 105 36.16 -29.11 78.70
N ASP I 106 35.68 -27.88 78.88
CA ASP I 106 36.28 -26.89 79.77
C ASP I 106 37.76 -26.69 79.46
N LYS I 107 38.07 -26.57 78.17
CA LYS I 107 39.45 -26.35 77.76
C LYS I 107 39.48 -25.70 76.38
N TYR I 108 40.65 -25.18 76.03
CA TYR I 108 40.80 -24.39 74.81
C TYR I 108 41.29 -25.26 73.65
N GLU I 109 40.54 -25.23 72.55
CA GLU I 109 40.85 -26.01 71.37
C GLU I 109 41.16 -25.07 70.22
N ALA I 110 42.23 -25.36 69.50
CA ALA I 110 42.69 -24.54 68.39
C ALA I 110 42.40 -25.23 67.07
N SER I 111 41.95 -24.44 66.10
CA SER I 111 41.65 -24.90 64.75
C SER I 111 42.63 -24.20 63.80
N PHE I 112 43.32 -25.00 62.98
CA PHE I 112 44.25 -24.49 61.99
C PHE I 112 43.51 -24.34 60.66
N SER I 113 43.36 -23.09 60.21
CA SER I 113 42.59 -22.83 59.00
C SER I 113 43.21 -23.49 57.79
N ASN I 114 44.52 -23.29 57.58
CA ASN I 114 45.18 -23.92 56.45
C ASN I 114 45.39 -25.41 56.67
N LEU I 115 45.85 -25.80 57.86
CA LEU I 115 46.18 -27.20 58.11
C LEU I 115 44.94 -28.07 58.22
N GLY I 116 43.83 -27.53 58.72
CA GLY I 116 42.59 -28.28 58.76
C GLY I 116 42.29 -28.99 60.05
N ILE I 117 43.25 -29.08 60.98
CA ILE I 117 42.98 -29.70 62.27
C ILE I 117 42.28 -28.68 63.18
N LYS I 118 41.20 -29.11 63.82
CA LYS I 118 40.27 -28.20 64.46
C LYS I 118 40.30 -28.21 65.98
N ASP I 119 40.91 -29.23 66.61
CA ASP I 119 40.78 -29.37 68.05
C ASP I 119 42.10 -29.64 68.77
N ALA I 120 43.15 -28.88 68.50
CA ALA I 120 44.40 -29.07 69.23
C ALA I 120 44.31 -28.45 70.62
N GLU I 121 44.88 -29.11 71.61
CA GLU I 121 44.84 -28.58 72.97
C GLU I 121 45.71 -27.34 73.10
N ILE I 122 45.20 -26.34 73.83
CA ILE I 122 45.95 -25.12 74.15
C ILE I 122 45.93 -24.93 75.65
N SER I 123 47.10 -24.67 76.23
CA SER I 123 47.17 -24.40 77.65
C SER I 123 46.48 -23.08 77.98
N ALA I 124 45.93 -22.99 79.19
CA ALA I 124 45.23 -21.79 79.60
C ALA I 124 46.15 -20.58 79.62
N GLY I 125 47.42 -20.76 79.97
CA GLY I 125 48.35 -19.65 79.95
C GLY I 125 48.54 -19.08 78.55
N ILE I 126 48.83 -19.96 77.58
CA ILE I 126 49.06 -19.51 76.22
C ILE I 126 47.86 -18.71 75.71
N VAL I 127 46.66 -19.06 76.19
CA VAL I 127 45.53 -18.17 76.02
C VAL I 127 45.76 -16.85 76.77
N LYS I 128 46.27 -16.93 78.00
CA LYS I 128 46.30 -15.74 78.85
C LYS I 128 47.18 -14.63 78.28
N GLU I 129 48.38 -14.97 77.77
CA GLU I 129 49.26 -13.91 77.29
C GLU I 129 49.43 -13.93 75.78
N TYR I 130 48.61 -14.70 75.05
CA TYR I 130 48.62 -14.66 73.58
C TYR I 130 47.18 -14.65 73.05
N GLU I 131 46.32 -13.78 73.59
CA GLU I 131 44.88 -13.97 73.46
C GLU I 131 44.19 -13.29 72.27
N LYS I 132 44.93 -12.63 71.38
CA LYS I 132 44.26 -12.14 70.17
C LYS I 132 43.80 -13.30 69.29
N LEU I 133 44.25 -14.51 69.61
CA LEU I 133 43.75 -15.72 68.97
C LEU I 133 42.25 -15.86 69.22
N LEU I 134 41.76 -15.22 70.27
CA LEU I 134 40.38 -15.39 70.71
C LEU I 134 39.40 -14.52 69.95
N VAL I 135 39.87 -13.69 69.03
CA VAL I 135 39.00 -12.76 68.31
C VAL I 135 38.73 -13.21 66.88
N GLY I 136 39.75 -13.26 66.02
CA GLY I 136 39.53 -13.57 64.62
C GLY I 136 40.63 -14.39 64.00
N GLY I 137 41.57 -14.88 64.82
CA GLY I 137 42.64 -15.70 64.31
C GLY I 137 43.85 -14.92 63.87
N ILE I 138 45.02 -15.27 64.40
CA ILE I 138 46.27 -14.59 64.09
C ILE I 138 47.29 -15.65 63.72
N TRP I 139 48.03 -15.44 62.64
CA TRP I 139 49.10 -16.36 62.28
C TRP I 139 50.11 -16.43 63.42
N VAL I 140 50.44 -17.65 63.82
CA VAL I 140 51.34 -17.88 64.95
C VAL I 140 52.25 -19.04 64.61
N ILE I 141 53.48 -18.98 65.12
CA ILE I 141 54.42 -20.09 65.00
C ILE I 141 54.15 -21.04 66.17
N ALA I 142 53.86 -22.30 65.86
CA ALA I 142 53.44 -23.28 66.86
C ALA I 142 54.36 -24.49 66.82
N THR I 143 54.69 -25.00 68.00
CA THR I 143 55.39 -26.27 68.13
C THR I 143 54.36 -27.35 68.42
N LEU I 144 53.81 -27.94 67.38
CA LEU I 144 52.78 -28.97 67.53
C LEU I 144 53.40 -30.24 68.07
N SER I 145 52.74 -30.83 69.07
CA SER I 145 53.16 -32.07 69.70
C SER I 145 52.07 -33.11 69.60
N TYR I 146 52.48 -34.37 69.51
CA TYR I 146 51.56 -35.49 69.38
C TYR I 146 51.64 -36.35 70.63
N TYR I 147 50.48 -36.72 71.16
CA TYR I 147 50.40 -37.63 72.31
C TYR I 147 49.11 -38.42 72.19
N PHE I 148 49.23 -39.74 72.22
CA PHE I 148 48.08 -40.61 72.05
C PHE I 148 47.75 -41.34 73.35
N GLU I 149 46.46 -41.53 73.58
CA GLU I 149 45.98 -42.34 74.69
C GLU I 149 44.64 -42.94 74.26
N GLU I 150 43.99 -43.67 75.18
CA GLU I 150 42.88 -44.54 74.83
C GLU I 150 41.57 -43.78 74.86
N GLY I 151 40.73 -44.00 73.84
CA GLY I 151 39.46 -43.31 73.72
C GLY I 151 39.65 -41.90 73.22
N GLN I 152 40.14 -41.03 74.09
CA GLN I 152 40.59 -39.68 73.73
C GLN I 152 39.57 -38.92 72.88
N THR I 153 38.44 -38.55 73.47
CA THR I 153 37.45 -37.75 72.75
C THR I 153 38.04 -36.47 72.20
N SER I 154 39.13 -35.97 72.79
CA SER I 154 39.84 -34.82 72.27
C SER I 154 40.74 -35.22 71.11
N SER I 155 41.63 -34.33 70.69
CA SER I 155 42.55 -34.65 69.61
C SER I 155 43.96 -34.89 70.15
N PRO I 156 44.73 -35.79 69.53
CA PRO I 156 46.07 -36.09 70.05
C PRO I 156 47.07 -34.96 69.84
N PHE I 157 46.68 -33.88 69.19
CA PHE I 157 47.61 -32.81 68.84
C PHE I 157 47.64 -31.78 69.95
N GLY I 158 48.85 -31.51 70.45
CA GLY I 158 49.03 -30.52 71.48
C GLY I 158 50.05 -29.48 71.06
N VAL I 159 49.84 -28.25 71.51
CA VAL I 159 50.70 -27.12 71.19
C VAL I 159 51.53 -26.82 72.42
N SER I 160 52.79 -27.24 72.39
CA SER I 160 53.69 -27.03 73.52
C SER I 160 54.18 -25.60 73.61
N LEU I 161 54.52 -24.99 72.48
CA LEU I 161 55.03 -23.63 72.45
C LEU I 161 54.34 -22.83 71.36
N LEU I 162 54.12 -21.55 71.62
CA LEU I 162 53.45 -20.67 70.67
C LEU I 162 54.11 -19.31 70.70
N LYS I 163 54.29 -18.71 69.52
CA LYS I 163 54.77 -17.34 69.41
C LYS I 163 53.98 -16.59 68.34
N PRO I 164 53.22 -15.57 68.72
CA PRO I 164 52.41 -14.85 67.73
C PRO I 164 53.22 -14.04 66.75
N ILE I 165 52.63 -13.75 65.59
CA ILE I 165 53.21 -12.81 64.65
C ILE I 165 52.34 -11.57 64.67
N GLN I 166 51.38 -11.52 65.60
CA GLN I 166 50.50 -10.37 65.71
C GLN I 166 50.24 -9.88 67.13
N MET I 167 50.73 -10.58 68.16
CA MET I 167 50.73 -10.16 69.56
C MET I 167 49.32 -10.19 70.17
N PRO I 168 49.21 -10.22 71.51
CA PRO I 168 47.89 -10.19 72.15
C PRO I 168 47.45 -8.82 72.64
N ASN I 169 46.14 -8.58 72.70
CA ASN I 169 45.54 -7.39 73.32
C ASN I 169 46.33 -6.11 73.15
N MET I 170 46.48 -5.63 71.93
CA MET I 170 46.98 -4.26 71.82
C MET I 170 45.95 -3.33 72.44
N ASN I 171 46.33 -2.73 73.56
CA ASN I 171 45.41 -1.99 74.41
C ASN I 171 45.34 -0.54 73.93
N MET I 172 44.37 0.23 74.41
CA MET I 172 44.21 1.61 73.95
C MET I 172 44.68 2.58 75.03
N ASP I 173 44.86 2.06 76.26
CA ASP I 173 45.15 2.92 77.40
C ASP I 173 46.54 3.54 77.30
N GLU I 174 47.55 2.73 76.99
CA GLU I 174 48.93 3.19 77.06
C GLU I 174 49.27 4.12 75.90
N LEU I 175 48.45 4.11 74.84
CA LEU I 175 48.69 4.97 73.69
C LEU I 175 48.19 6.39 73.92
N PHE I 176 47.26 6.57 74.86
CA PHE I 176 46.82 7.92 75.21
C PHE I 176 47.96 8.73 75.81
N SER I 177 48.79 8.11 76.65
CA SER I 177 49.93 8.78 77.26
C SER I 177 50.92 9.23 76.19
N GLY I 178 51.15 8.37 75.19
CA GLY I 178 52.00 8.72 74.07
C GLY I 178 51.45 9.85 73.24
N ARG I 179 50.14 9.83 73.02
CA ARG I 179 49.46 10.87 72.24
C ARG I 179 49.69 12.26 72.80
N ALA I 180 49.49 12.42 74.11
CA ALA I 180 49.68 13.72 74.72
C ALA I 180 51.12 14.21 74.61
N ALA I 181 52.08 13.28 74.58
CA ALA I 181 53.48 13.63 74.50
C ALA I 181 53.88 14.18 73.14
N LEU I 182 53.06 13.98 72.11
CA LEU I 182 53.35 14.47 70.78
C LEU I 182 52.41 15.60 70.40
N SER I 183 52.94 16.61 69.73
CA SER I 183 52.15 17.77 69.37
C SER I 183 51.11 17.40 68.31
N THR I 184 50.07 18.21 68.23
CA THR I 184 48.95 17.93 67.32
C THR I 184 49.41 17.86 65.87
N ASP I 185 50.22 18.82 65.44
CA ASP I 185 50.73 18.81 64.08
C ASP I 185 51.61 17.58 63.85
N GLN I 186 52.44 17.24 64.85
CA GLN I 186 53.22 16.01 64.76
C GLN I 186 52.33 14.79 64.67
N TRP I 187 51.20 14.80 65.39
CA TRP I 187 50.26 13.69 65.30
C TRP I 187 49.69 13.56 63.90
N ARG I 188 49.33 14.69 63.27
CA ARG I 188 48.82 14.65 61.91
C ARG I 188 49.88 14.13 60.93
N GLU I 189 51.12 14.60 61.10
CA GLU I 189 52.21 14.11 60.24
C GLU I 189 52.41 12.62 60.42
N SER I 190 52.37 12.14 61.66
CA SER I 190 52.56 10.72 61.93
C SER I 190 51.42 9.89 61.35
N LEU I 191 50.19 10.39 61.44
CA LEU I 191 49.06 9.67 60.86
C LEU I 191 49.20 9.58 59.35
N ILE I 192 49.61 10.68 58.70
CA ILE I 192 49.77 10.63 57.25
C ILE I 192 50.90 9.69 56.86
N ARG I 193 52.00 9.71 57.62
CA ARG I 193 53.10 8.78 57.36
C ARG I 193 52.69 7.35 57.68
N SER I 194 51.64 7.19 58.49
CA SER I 194 51.17 5.86 58.85
C SER I 194 50.45 5.19 57.69
N ILE I 195 50.21 5.93 56.61
CA ILE I 195 49.61 5.37 55.40
C ILE I 195 50.72 5.15 54.41
N GLY I 196 51.90 5.70 54.69
CA GLY I 196 53.02 5.66 53.78
C GLY I 196 53.16 6.87 52.89
N MET I 197 52.29 7.86 53.04
CA MET I 197 52.35 9.09 52.26
C MET I 197 53.35 10.05 52.90
N GLU I 198 53.88 10.96 52.08
CA GLU I 198 54.81 11.98 52.58
C GLU I 198 54.06 13.29 52.85
N PRO I 199 53.70 13.56 54.11
CA PRO I 199 52.98 14.81 54.40
C PRO I 199 53.80 16.05 54.14
N ALA I 200 55.12 15.97 54.29
CA ALA I 200 55.98 17.10 53.96
C ALA I 200 55.90 17.47 52.49
N SER I 201 55.61 16.50 51.63
CA SER I 201 55.41 16.75 50.21
C SER I 201 53.99 17.21 49.91
N LEU I 202 53.13 17.29 50.91
CA LEU I 202 51.72 17.60 50.73
C LEU I 202 51.36 18.85 51.53
N LYS I 203 50.34 19.56 51.06
CA LYS I 203 49.85 20.72 51.78
C LYS I 203 49.09 20.28 53.02
N GLU I 204 48.86 21.23 53.94
CA GLU I 204 48.11 20.93 55.15
C GLU I 204 46.68 20.49 54.83
N ASP I 205 46.08 21.14 53.83
CA ASP I 205 44.72 20.75 53.41
C ASP I 205 44.70 19.33 52.88
N VAL I 206 45.73 18.94 52.14
CA VAL I 206 45.81 17.56 51.63
C VAL I 206 45.91 16.58 52.78
N GLN I 207 46.72 16.89 53.80
CA GLN I 207 46.83 16.02 54.96
C GLN I 207 45.50 15.93 55.70
N TRP I 208 44.80 17.04 55.85
CA TRP I 208 43.48 17.02 56.49
C TRP I 208 42.49 16.18 55.70
N HIS I 209 42.55 16.25 54.38
CA HIS I 209 41.66 15.43 53.56
C HIS I 209 42.01 13.95 53.69
N LEU I 210 43.29 13.63 53.77
CA LEU I 210 43.69 12.24 53.96
C LEU I 210 43.25 11.74 55.35
N LEU I 211 43.26 12.62 56.35
CA LEU I 211 42.71 12.27 57.65
C LEU I 211 41.21 12.03 57.58
N ALA I 212 40.50 12.89 56.85
CA ALA I 212 39.07 12.67 56.65
C ALA I 212 38.81 11.34 55.97
N ARG I 213 39.74 10.91 55.12
CA ARG I 213 39.65 9.57 54.53
C ARG I 213 39.73 8.47 55.58
N MET I 214 40.57 8.64 56.61
CA MET I 214 40.68 7.65 57.68
C MET I 214 39.58 7.75 58.72
N VAL I 215 38.86 8.86 58.76
CA VAL I 215 37.79 9.06 59.75
C VAL I 215 36.75 7.94 59.76
N PRO I 216 36.27 7.44 58.61
CA PRO I 216 35.26 6.37 58.65
C PRO I 216 35.59 5.19 59.56
N PHE I 217 36.87 5.00 59.88
CA PHE I 217 37.26 3.83 60.67
C PHE I 217 37.11 4.06 62.17
N VAL I 218 36.75 5.28 62.59
CA VAL I 218 36.50 5.54 64.00
C VAL I 218 35.06 5.94 64.28
N GLU I 219 34.23 6.08 63.24
CA GLU I 219 32.83 6.46 63.40
C GLU I 219 31.94 5.37 62.84
N ASN I 220 30.90 5.02 63.58
CA ASN I 220 29.93 4.04 63.14
C ASN I 220 28.98 4.65 62.13
N ASN I 221 28.79 3.95 61.01
CA ASN I 221 27.94 4.42 59.91
C ASN I 221 28.39 5.78 59.40
N TYR I 222 29.70 5.94 59.25
CA TYR I 222 30.29 7.19 58.76
C TYR I 222 30.21 7.17 57.24
N ASN I 223 29.06 7.57 56.72
CA ASN I 223 28.81 7.54 55.28
C ASN I 223 29.46 8.73 54.62
N VAL I 224 30.31 8.46 53.61
CA VAL I 224 31.12 9.50 52.99
C VAL I 224 31.27 9.20 51.50
N CYS I 225 31.33 10.27 50.70
CA CYS I 225 31.53 10.15 49.26
C CYS I 225 32.79 10.88 48.84
N GLU I 226 33.57 10.24 47.97
CA GLU I 226 34.79 10.82 47.43
C GLU I 226 34.79 10.61 45.92
N LEU I 227 34.83 11.70 45.16
CA LEU I 227 34.90 11.65 43.71
C LEU I 227 36.09 12.48 43.24
N GLY I 228 36.72 12.02 42.17
CA GLY I 228 37.86 12.74 41.61
C GLY I 228 38.59 11.97 40.54
N PRO I 229 39.81 12.43 40.22
CA PRO I 229 40.62 11.74 39.20
C PRO I 229 40.98 10.34 39.66
N ARG I 230 41.22 9.45 38.68
CA ARG I 230 41.40 8.03 38.96
C ARG I 230 42.48 7.79 40.02
N GLY I 231 43.67 8.34 39.82
CA GLY I 231 44.71 8.19 40.82
C GLY I 231 44.62 9.27 41.88
N THR I 232 43.99 8.94 43.01
CA THR I 232 43.88 9.90 44.10
C THR I 232 44.05 9.13 45.41
N GLY I 233 44.29 7.83 45.30
CA GLY I 233 44.45 6.97 46.47
C GLY I 233 43.14 6.68 47.17
N LYS I 234 42.03 6.80 46.44
CA LYS I 234 40.71 6.58 47.01
C LYS I 234 40.50 5.13 47.41
N SER I 235 40.94 4.20 46.57
CA SER I 235 40.66 2.78 46.78
C SER I 235 41.77 2.03 47.47
N HIS I 236 43.03 2.50 47.40
CA HIS I 236 44.11 1.81 48.07
C HIS I 236 43.96 1.86 49.58
N ILE I 237 43.43 2.97 50.10
CA ILE I 237 43.34 3.15 51.55
C ILE I 237 42.36 2.16 52.16
N TYR I 238 41.27 1.86 51.46
CA TYR I 238 40.30 0.89 51.97
C TYR I 238 40.60 -0.53 51.55
N LYS I 239 41.70 -0.77 50.85
CA LYS I 239 42.12 -2.12 50.50
C LYS I 239 43.34 -2.58 51.29
N GLU I 240 44.27 -1.66 51.58
CA GLU I 240 45.53 -2.00 52.22
C GLU I 240 45.68 -1.46 53.64
N CYS I 241 44.96 -0.40 53.99
CA CYS I 241 45.15 0.26 55.28
C CYS I 241 44.23 -0.28 56.37
N SER I 242 43.45 -1.33 56.09
CA SER I 242 42.57 -1.87 57.11
C SER I 242 42.14 -3.29 56.74
N PRO I 243 42.30 -4.27 57.62
CA PRO I 243 41.71 -5.59 57.38
C PRO I 243 40.24 -5.67 57.72
N ASN I 244 39.69 -4.67 58.42
CA ASN I 244 38.28 -4.63 58.76
C ASN I 244 37.48 -3.76 57.78
N SER I 245 37.98 -3.61 56.56
CA SER I 245 37.28 -2.89 55.50
C SER I 245 37.30 -3.72 54.23
N ILE I 246 36.26 -3.54 53.42
CA ILE I 246 36.14 -4.23 52.13
C ILE I 246 35.76 -3.23 51.06
N LEU I 247 36.38 -3.38 49.88
CA LEU I 247 36.02 -2.62 48.70
C LEU I 247 35.24 -3.54 47.78
N VAL I 248 34.16 -3.04 47.20
CA VAL I 248 33.31 -3.80 46.29
C VAL I 248 33.57 -3.28 44.88
N SER I 249 34.09 -4.13 44.02
CA SER I 249 34.42 -3.76 42.64
C SER I 249 33.44 -4.38 41.67
N GLY I 250 33.28 -3.73 40.52
CA GLY I 250 32.36 -4.20 39.50
C GLY I 250 30.97 -3.63 39.58
N GLY I 251 30.61 -2.98 40.67
CA GLY I 251 29.33 -2.32 40.79
C GLY I 251 28.15 -3.24 41.06
N GLN I 252 28.30 -4.53 40.76
CA GLN I 252 27.21 -5.48 40.91
C GLN I 252 27.22 -6.03 42.33
N THR I 253 26.12 -5.84 43.05
CA THR I 253 25.88 -6.50 44.32
C THR I 253 24.38 -6.55 44.57
N THR I 254 23.95 -7.52 45.37
CA THR I 254 22.54 -7.70 45.68
C THR I 254 22.23 -7.24 47.09
N VAL I 255 20.96 -6.92 47.32
CA VAL I 255 20.49 -6.59 48.66
C VAL I 255 20.70 -7.77 49.60
N ALA I 256 20.50 -8.99 49.09
CA ALA I 256 20.75 -10.17 49.91
C ALA I 256 22.21 -10.28 50.30
N ASN I 257 23.12 -9.93 49.38
CA ASN I 257 24.54 -10.05 49.68
C ASN I 257 24.98 -8.99 50.69
N LEU I 258 24.59 -7.73 50.48
CA LEU I 258 25.05 -6.65 51.35
C LEU I 258 24.41 -6.73 52.73
N PHE I 259 23.11 -7.00 52.81
CA PHE I 259 22.33 -6.69 54.00
C PHE I 259 21.88 -7.95 54.73
N TYR I 260 21.15 -8.85 54.08
CA TYR I 260 20.59 -9.99 54.78
C TYR I 260 20.12 -11.03 53.75
N ASN I 261 20.52 -12.28 53.97
CA ASN I 261 20.04 -13.39 53.16
C ASN I 261 18.80 -13.96 53.85
N MET I 262 17.62 -13.60 53.32
CA MET I 262 16.38 -14.08 53.93
C MET I 262 16.27 -15.60 53.87
N SER I 263 16.93 -16.23 52.89
CA SER I 263 16.92 -17.68 52.82
C SER I 263 17.81 -18.30 53.88
N SER I 264 19.02 -17.76 54.07
CA SER I 264 19.99 -18.34 54.97
C SER I 264 19.95 -17.74 56.37
N ARG I 265 19.14 -16.69 56.59
CA ARG I 265 19.05 -16.02 57.89
C ARG I 265 20.42 -15.58 58.40
N ARG I 266 21.26 -15.09 57.48
CA ARG I 266 22.61 -14.68 57.80
C ARG I 266 22.78 -13.18 57.55
N ILE I 267 23.46 -12.52 58.48
CA ILE I 267 23.75 -11.09 58.35
C ILE I 267 24.60 -10.86 57.11
N GLY I 268 24.29 -9.79 56.37
CA GLY I 268 25.01 -9.47 55.15
C GLY I 268 26.40 -8.95 55.42
N LEU I 269 26.94 -8.26 54.42
CA LEU I 269 28.29 -7.69 54.54
C LEU I 269 28.34 -6.63 55.63
N VAL I 270 27.21 -5.97 55.91
CA VAL I 270 27.18 -4.86 56.85
C VAL I 270 27.54 -5.31 58.26
N GLY I 271 27.31 -6.58 58.60
CA GLY I 271 27.58 -7.05 59.94
C GLY I 271 28.94 -7.66 60.17
N LEU I 272 29.71 -7.93 59.11
CA LEU I 272 31.00 -8.57 59.26
C LEU I 272 32.18 -7.64 58.98
N TRP I 273 31.93 -6.44 58.48
CA TRP I 273 33.00 -5.50 58.15
C TRP I 273 32.71 -4.14 58.77
N ASP I 274 33.79 -3.40 59.06
CA ASP I 274 33.63 -2.07 59.64
C ASP I 274 33.39 -1.02 58.58
N VAL I 275 33.93 -1.20 57.38
CA VAL I 275 33.75 -0.24 56.29
C VAL I 275 33.50 -1.00 55.00
N VAL I 276 32.50 -0.57 54.24
CA VAL I 276 32.24 -1.05 52.90
C VAL I 276 32.38 0.14 51.94
N ALA I 277 33.21 -0.02 50.92
CA ALA I 277 33.49 1.04 49.97
C ALA I 277 33.13 0.59 48.56
N PHE I 278 32.13 1.23 47.97
CA PHE I 278 31.70 0.94 46.61
C PHE I 278 32.62 1.69 45.65
N ASP I 279 33.51 0.94 45.00
CA ASP I 279 34.39 1.49 43.99
C ASP I 279 33.62 1.72 42.69
N GLU I 280 33.99 2.80 41.98
CA GLU I 280 33.44 3.16 40.68
C GLU I 280 31.91 3.13 40.73
N VAL I 281 31.39 4.03 41.58
CA VAL I 281 29.96 4.06 41.90
C VAL I 281 29.12 4.30 40.66
N ALA I 282 29.73 4.79 39.58
CA ALA I 282 28.99 4.93 38.33
C ALA I 282 28.48 3.58 37.84
N GLY I 283 29.17 2.50 38.18
CA GLY I 283 28.79 1.17 37.74
C GLY I 283 27.92 0.37 38.69
N ILE I 284 27.48 0.95 39.81
CA ILE I 284 26.70 0.18 40.77
C ILE I 284 25.31 -0.07 40.18
N SER I 285 24.85 -1.31 40.28
CA SER I 285 23.52 -1.71 39.84
C SER I 285 23.02 -2.80 40.75
N PHE I 286 21.80 -2.63 41.27
CA PHE I 286 21.22 -3.57 42.22
C PHE I 286 20.01 -4.25 41.59
N LYS I 287 19.98 -5.58 41.66
CA LYS I 287 18.89 -6.34 41.06
C LYS I 287 17.56 -6.06 41.73
N ASP I 288 17.57 -5.90 43.06
CA ASP I 288 16.35 -5.65 43.81
C ASP I 288 16.00 -4.16 43.75
N LYS I 289 14.80 -3.86 43.25
CA LYS I 289 14.39 -2.48 43.08
C LYS I 289 14.10 -1.80 44.41
N ASP I 290 13.84 -2.58 45.46
CA ASP I 290 13.54 -2.02 46.78
C ASP I 290 14.78 -1.65 47.55
N GLY I 291 15.97 -1.92 47.01
CA GLY I 291 17.20 -1.69 47.77
C GLY I 291 17.43 -0.23 48.11
N VAL I 292 17.05 0.66 47.20
CA VAL I 292 17.40 2.07 47.33
C VAL I 292 16.89 2.64 48.66
N GLN I 293 15.60 2.43 48.95
CA GLN I 293 15.07 2.91 50.22
C GLN I 293 15.66 2.14 51.39
N ILE I 294 16.14 0.92 51.15
CA ILE I 294 16.82 0.19 52.22
C ILE I 294 18.10 0.90 52.61
N MET I 295 18.90 1.33 51.64
CA MET I 295 20.07 2.14 51.98
C MET I 295 19.64 3.46 52.60
N LYS I 296 18.57 4.07 52.10
CA LYS I 296 18.12 5.34 52.68
C LYS I 296 17.87 5.18 54.17
N ASP I 297 17.11 4.15 54.55
CA ASP I 297 16.85 3.89 55.95
C ASP I 297 18.12 3.54 56.72
N TYR I 298 19.01 2.77 56.10
CA TYR I 298 20.23 2.36 56.81
C TYR I 298 21.10 3.55 57.15
N MET I 299 21.26 4.48 56.20
CA MET I 299 22.01 5.70 56.55
C MET I 299 21.21 6.61 57.47
N ALA I 300 19.88 6.60 57.38
CA ALA I 300 19.09 7.51 58.21
C ALA I 300 19.13 7.11 59.69
N SER I 301 19.06 5.82 59.99
CA SER I 301 18.97 5.36 61.37
C SER I 301 20.06 4.38 61.78
N GLY I 302 20.90 3.92 60.87
CA GLY I 302 21.88 2.92 61.22
C GLY I 302 21.33 1.50 61.28
N SER I 303 20.05 1.32 61.00
CA SER I 303 19.40 0.02 61.04
C SER I 303 18.44 -0.09 59.86
N PHE I 304 18.20 -1.33 59.44
CA PHE I 304 17.32 -1.59 58.31
C PHE I 304 16.37 -2.74 58.66
N ALA I 305 15.12 -2.59 58.25
CA ALA I 305 14.08 -3.58 58.51
C ALA I 305 13.89 -4.45 57.29
N ARG I 306 14.07 -5.75 57.45
CA ARG I 306 13.89 -6.72 56.36
C ARG I 306 12.84 -7.72 56.79
N GLY I 307 11.75 -7.82 56.03
CA GLY I 307 10.68 -8.72 56.41
C GLY I 307 9.98 -8.24 57.66
N ARG I 308 10.26 -8.90 58.78
CA ARG I 308 9.63 -8.57 60.06
C ARG I 308 10.61 -8.14 61.13
N GLU I 309 11.92 -8.22 60.88
CA GLU I 309 12.93 -7.93 61.89
C GLU I 309 13.86 -6.82 61.42
N GLN I 310 14.35 -6.05 62.39
CA GLN I 310 15.26 -4.94 62.12
C GLN I 310 16.68 -5.32 62.54
N MET I 311 17.63 -5.15 61.63
CA MET I 311 19.03 -5.44 61.87
C MET I 311 19.82 -4.14 61.93
N GLU I 312 20.68 -4.03 62.93
CA GLU I 312 21.58 -2.90 63.10
C GLU I 312 22.96 -3.26 62.55
N ALA I 313 23.70 -2.25 62.12
CA ALA I 313 25.04 -2.47 61.62
C ALA I 313 25.90 -1.25 61.93
N SER I 314 27.19 -1.50 62.20
CA SER I 314 28.15 -0.43 62.43
C SER I 314 29.06 -0.16 61.24
N ALA I 315 28.80 -0.80 60.09
CA ALA I 315 29.62 -0.60 58.91
C ALA I 315 29.42 0.80 58.34
N SER I 316 30.53 1.45 57.99
CA SER I 316 30.47 2.76 57.36
C SER I 316 30.55 2.62 55.85
N MET I 317 29.67 3.33 55.15
CA MET I 317 29.57 3.24 53.70
C MET I 317 30.32 4.39 53.04
N VAL I 318 31.18 4.04 52.08
CA VAL I 318 31.94 5.01 51.30
C VAL I 318 31.61 4.80 49.83
N PHE I 319 31.51 5.90 49.08
CA PHE I 319 31.21 5.87 47.66
C PHE I 319 32.36 6.51 46.90
N VAL I 320 33.09 5.72 46.13
CA VAL I 320 34.27 6.18 45.40
C VAL I 320 33.89 6.36 43.94
N GLY I 321 34.22 7.52 43.38
CA GLY I 321 33.84 7.83 42.01
C GLY I 321 34.91 8.55 41.23
N ASN I 322 34.92 8.32 39.92
CA ASN I 322 35.85 8.96 39.01
C ASN I 322 35.21 10.19 38.38
N ILE I 323 35.98 11.27 38.31
CA ILE I 323 35.54 12.51 37.69
C ILE I 323 36.25 12.65 36.35
N ASN I 324 35.45 12.83 35.29
CA ASN I 324 35.98 12.88 33.92
C ASN I 324 36.14 14.28 33.37
N GLN I 325 35.38 15.26 33.88
CA GLN I 325 35.42 16.62 33.39
C GLN I 325 36.18 17.52 34.35
N SER I 326 36.42 18.75 33.94
CA SER I 326 37.04 19.73 34.81
C SER I 326 36.06 20.17 35.90
N VAL I 327 36.63 20.66 37.01
CA VAL I 327 35.81 21.02 38.16
C VAL I 327 34.86 22.17 37.83
N GLU I 328 35.38 23.21 37.17
CA GLU I 328 34.55 24.36 36.83
C GLU I 328 33.43 23.97 35.88
N SER I 329 33.73 23.14 34.88
CA SER I 329 32.71 22.71 33.94
C SER I 329 31.60 21.95 34.64
N LEU I 330 31.97 21.00 35.51
CA LEU I 330 30.97 20.22 36.22
C LEU I 330 30.16 21.08 37.16
N VAL I 331 30.80 22.05 37.83
CA VAL I 331 30.08 22.95 38.72
C VAL I 331 29.07 23.78 37.95
N LYS I 332 29.47 24.36 36.82
CA LYS I 332 28.59 25.28 36.10
C LYS I 332 27.50 24.55 35.34
N THR I 333 27.78 23.35 34.83
CA THR I 333 26.82 22.63 34.00
C THR I 333 25.99 21.60 34.76
N SER I 334 26.49 21.10 35.89
CA SER I 334 25.78 20.07 36.63
C SER I 334 26.10 20.15 38.12
N HIS I 335 25.81 19.06 38.85
CA HIS I 335 26.22 18.93 40.23
C HIS I 335 27.43 18.01 40.29
N LEU I 336 28.23 18.16 41.34
CA LEU I 336 29.46 17.40 41.48
C LEU I 336 29.22 15.89 41.58
N LEU I 337 28.02 15.46 41.94
CA LEU I 337 27.70 14.05 42.01
C LEU I 337 27.15 13.49 40.70
N ALA I 338 27.46 14.13 39.58
CA ALA I 338 27.06 13.69 38.25
C ALA I 338 27.50 12.25 37.94
N PRO I 339 28.71 11.83 38.33
CA PRO I 339 29.09 10.42 38.07
C PRO I 339 28.21 9.40 38.78
N PHE I 340 27.41 9.79 39.77
CA PHE I 340 26.49 8.84 40.37
C PHE I 340 25.44 8.41 39.36
N PRO I 341 25.00 7.15 39.42
CA PRO I 341 24.03 6.66 38.42
C PRO I 341 22.70 7.37 38.54
N GLU I 342 21.95 7.36 37.43
CA GLU I 342 20.67 8.06 37.38
C GLU I 342 19.71 7.55 38.45
N ALA I 343 19.70 6.23 38.69
CA ALA I 343 18.81 5.66 39.69
C ALA I 343 19.15 6.10 41.10
N MET I 344 20.38 6.54 41.36
CA MET I 344 20.79 6.99 42.68
C MET I 344 20.88 8.51 42.81
N ILE I 345 20.33 9.26 41.86
CA ILE I 345 20.30 10.72 41.97
C ILE I 345 19.02 11.13 42.69
N ASP I 346 19.07 11.17 44.02
CA ASP I 346 17.92 11.50 44.84
C ASP I 346 18.35 12.46 45.95
N SER I 347 17.45 13.38 46.30
CA SER I 347 17.79 14.38 47.32
C SER I 347 18.00 13.74 48.68
N ALA I 348 17.07 12.89 49.11
CA ALA I 348 17.18 12.27 50.42
C ALA I 348 18.40 11.36 50.51
N PHE I 349 18.70 10.62 49.44
CA PHE I 349 19.84 9.72 49.45
C PHE I 349 21.15 10.50 49.59
N PHE I 350 21.28 11.61 48.87
CA PHE I 350 22.48 12.42 48.99
C PHE I 350 22.53 13.17 50.32
N ASP I 351 21.37 13.40 50.95
CA ASP I 351 21.33 14.10 52.22
C ASP I 351 22.03 13.35 53.34
N ARG I 352 22.26 12.06 53.18
CA ARG I 352 22.76 11.24 54.27
C ARG I 352 24.28 11.18 54.32
N PHE I 353 24.99 11.78 53.37
CA PHE I 353 26.45 11.76 53.38
C PHE I 353 26.96 12.59 54.56
N HIS I 354 27.88 12.01 55.33
CA HIS I 354 28.51 12.78 56.40
C HIS I 354 29.60 13.70 55.84
N ALA I 355 30.20 13.36 54.70
CA ALA I 355 31.23 14.21 54.13
C ALA I 355 31.39 13.92 52.64
N TYR I 356 31.91 14.92 51.93
CA TYR I 356 32.34 14.80 50.54
C TYR I 356 33.81 15.18 50.49
N ILE I 357 34.65 14.23 50.11
CA ILE I 357 36.08 14.47 49.95
C ILE I 357 36.36 14.85 48.51
N PRO I 358 36.62 16.12 48.21
CA PRO I 358 36.91 16.52 46.83
C PRO I 358 38.32 16.15 46.41
N GLY I 359 38.49 14.91 45.96
CA GLY I 359 39.82 14.37 45.68
C GLY I 359 40.58 15.08 44.59
N TRP I 360 39.92 15.93 43.79
CA TRP I 360 40.61 16.62 42.70
C TRP I 360 41.71 17.54 43.19
N GLU I 361 41.60 18.07 44.41
CA GLU I 361 42.65 18.93 44.94
C GLU I 361 43.81 18.12 45.52
N ILE I 362 43.62 16.84 45.77
CA ILE I 362 44.70 15.97 46.24
C ILE I 362 45.53 15.55 45.03
N PRO I 363 46.84 15.79 45.04
CA PRO I 363 47.64 15.51 43.85
C PRO I 363 47.71 14.01 43.56
N LYS I 364 47.98 13.70 42.29
CA LYS I 364 48.16 12.33 41.88
C LYS I 364 49.38 11.72 42.57
N MET I 365 49.31 10.42 42.85
CA MET I 365 50.35 9.75 43.62
C MET I 365 51.69 9.80 42.88
N ARG I 366 52.72 10.22 43.59
CA ARG I 366 54.09 10.21 43.11
C ARG I 366 54.95 9.55 44.17
N PRO I 367 56.07 8.93 43.78
CA PRO I 367 56.98 8.38 44.80
C PRO I 367 57.46 9.42 45.80
N GLU I 368 57.65 10.67 45.37
CA GLU I 368 58.01 11.72 46.30
C GLU I 368 56.87 12.02 47.27
N PHE I 369 55.64 11.71 46.88
CA PHE I 369 54.52 11.77 47.82
C PHE I 369 54.47 10.56 48.74
N PHE I 370 55.30 9.55 48.51
CA PHE I 370 55.36 8.36 49.33
C PHE I 370 56.51 8.51 50.31
N THR I 371 56.21 8.47 51.61
CA THR I 371 57.24 8.67 52.61
C THR I 371 58.13 7.45 52.73
N ASN I 372 59.36 7.69 53.22
CA ASN I 372 60.31 6.63 53.51
C ASN I 372 60.71 6.62 54.98
N ARG I 373 59.94 7.28 55.84
CA ARG I 373 60.28 7.48 57.23
C ARG I 373 59.49 6.51 58.11
N TYR I 374 59.60 6.71 59.42
CA TYR I 374 58.92 5.87 60.39
C TYR I 374 57.42 6.07 60.34
N GLY I 375 56.67 5.00 60.66
CA GLY I 375 55.22 5.07 60.69
C GLY I 375 54.64 3.95 61.53
N LEU I 376 53.43 4.20 62.04
CA LEU I 376 52.75 3.22 62.87
C LEU I 376 52.33 2.01 62.04
N ILE I 377 52.08 0.89 62.73
CA ILE I 377 51.69 -0.33 62.04
C ILE I 377 50.25 -0.22 61.54
N VAL I 378 50.03 -0.63 60.29
CA VAL I 378 48.72 -0.53 59.66
C VAL I 378 47.68 -1.32 60.44
N ASP I 379 48.01 -2.56 60.80
CA ASP I 379 47.16 -3.38 61.65
C ASP I 379 46.89 -2.65 62.95
N TYR I 380 47.94 -2.03 63.49
CA TYR I 380 47.81 -1.35 64.78
C TYR I 380 46.90 -0.14 64.64
N LEU I 381 46.98 0.54 63.50
CA LEU I 381 46.10 1.66 63.19
C LEU I 381 44.66 1.21 63.15
N ALA I 382 44.39 0.14 62.41
CA ALA I 382 43.04 -0.38 62.27
C ALA I 382 42.50 -0.76 63.63
N GLU I 383 43.35 -1.37 64.45
CA GLU I 383 43.01 -1.64 65.84
C GLU I 383 42.57 -0.36 66.54
N PHE I 384 43.49 0.61 66.69
CA PHE I 384 43.18 1.81 67.45
C PHE I 384 41.91 2.48 66.96
N PHE I 385 41.67 2.46 65.65
CA PHE I 385 40.41 2.98 65.13
C PHE I 385 39.23 2.14 65.60
N ARG I 386 39.38 0.82 65.64
CA ARG I 386 38.27 -0.04 66.03
C ARG I 386 37.87 0.23 67.47
N GLU I 387 38.85 0.30 68.38
CA GLU I 387 38.52 0.67 69.76
C GLU I 387 38.02 2.10 69.89
N MET I 388 38.53 3.02 69.06
CA MET I 388 38.01 4.38 69.09
C MET I 388 36.56 4.44 68.65
N ARG I 389 36.11 3.48 67.84
CA ARG I 389 34.70 3.44 67.41
C ARG I 389 33.75 3.44 68.60
N LYS I 390 34.15 2.86 69.72
CA LYS I 390 33.30 2.76 70.89
C LYS I 390 33.07 4.11 71.56
N ARG I 391 33.99 5.06 71.38
CA ARG I 391 33.93 6.34 72.06
C ARG I 391 33.32 7.40 71.15
N SER I 392 33.12 8.59 71.72
CA SER I 392 32.51 9.69 70.98
C SER I 392 33.06 11.02 71.49
N PHE I 393 33.17 11.98 70.58
CA PHE I 393 33.61 13.34 70.90
C PHE I 393 32.80 14.41 70.18
N ALA I 394 31.53 14.13 69.87
CA ALA I 394 30.71 15.10 69.16
C ALA I 394 30.26 16.26 70.05
N ASP I 395 30.43 16.12 71.37
CA ASP I 395 29.97 17.15 72.31
C ASP I 395 31.01 18.24 72.55
N SER I 396 32.21 18.13 71.96
CA SER I 396 33.25 19.12 72.21
C SER I 396 32.90 20.48 71.64
N ILE I 397 32.20 20.52 70.50
CA ILE I 397 31.84 21.80 69.89
C ILE I 397 30.88 22.57 70.79
N GLU I 398 30.13 21.85 71.64
CA GLU I 398 29.20 22.51 72.55
C GLU I 398 29.93 23.37 73.57
N LYS I 399 31.15 22.99 73.92
CA LYS I 399 31.90 23.71 74.96
C LYS I 399 32.25 25.13 74.54
N TYR I 400 32.62 25.32 73.27
CA TYR I 400 33.18 26.60 72.82
C TYR I 400 32.31 27.35 71.83
N PHE I 401 31.32 26.70 71.22
CA PHE I 401 30.57 27.33 70.13
C PHE I 401 29.12 26.88 70.14
N LYS I 402 28.33 27.56 69.31
CA LYS I 402 27.00 27.13 68.91
C LYS I 402 26.93 27.15 67.39
N LEU I 403 26.08 26.30 66.81
CA LEU I 403 25.98 26.25 65.36
C LEU I 403 25.06 27.35 64.85
N GLY I 404 25.29 27.79 63.62
CA GLY I 404 24.51 28.86 63.04
C GLY I 404 23.06 28.46 62.77
N ASN I 405 22.31 29.42 62.25
CA ASN I 405 20.88 29.23 62.03
C ASN I 405 20.55 28.68 60.66
N ASN I 406 21.55 28.53 59.77
CA ASN I 406 21.30 28.08 58.41
C ASN I 406 21.48 26.58 58.22
N LEU I 407 21.70 25.82 59.29
CA LEU I 407 21.91 24.39 59.20
C LEU I 407 20.74 23.66 59.85
N ASN I 408 20.19 22.67 59.15
CA ASN I 408 19.12 21.86 59.71
C ASN I 408 19.69 20.80 60.66
N GLN I 409 18.80 19.98 61.22
CA GLN I 409 19.25 18.98 62.19
C GLN I 409 20.11 17.91 61.54
N ARG I 410 19.82 17.56 60.28
CA ARG I 410 20.69 16.63 59.57
C ARG I 410 22.10 17.20 59.45
N ASP I 411 22.21 18.50 59.15
CA ASP I 411 23.51 19.15 59.13
C ASP I 411 24.18 19.07 60.49
N VAL I 412 23.40 19.27 61.55
CA VAL I 412 23.93 19.17 62.91
C VAL I 412 24.54 17.80 63.14
N ILE I 413 23.79 16.75 62.78
CA ILE I 413 24.27 15.39 62.99
C ILE I 413 25.55 15.15 62.20
N ALA I 414 25.57 15.56 60.92
CA ALA I 414 26.72 15.31 60.08
C ALA I 414 27.97 16.01 60.62
N VAL I 415 27.83 17.27 61.01
CA VAL I 415 28.99 18.03 61.47
C VAL I 415 29.47 17.47 62.81
N ARG I 416 28.54 17.06 63.68
CA ARG I 416 28.95 16.48 64.95
C ARG I 416 29.72 15.18 64.73
N LYS I 417 29.23 14.32 63.83
CA LYS I 417 29.95 13.09 63.54
C LYS I 417 31.34 13.38 62.99
N THR I 418 31.44 14.33 62.06
CA THR I 418 32.74 14.60 61.44
C THR I 418 33.73 15.16 62.46
N VAL I 419 33.29 16.10 63.29
CA VAL I 419 34.20 16.69 64.27
C VAL I 419 34.60 15.65 65.31
N SER I 420 33.67 14.77 65.67
CA SER I 420 34.00 13.69 66.60
C SER I 420 35.05 12.77 66.00
N GLY I 421 34.91 12.44 64.71
CA GLY I 421 35.88 11.56 64.08
C GLY I 421 37.26 12.20 64.00
N LEU I 422 37.33 13.47 63.60
CA LEU I 422 38.62 14.15 63.57
C LEU I 422 39.23 14.23 64.96
N MET I 423 38.40 14.43 65.99
CA MET I 423 38.90 14.40 67.36
C MET I 423 39.44 13.02 67.72
N LYS I 424 38.77 11.98 67.26
CA LYS I 424 39.23 10.62 67.52
C LYS I 424 40.59 10.35 66.91
N LEU I 425 40.79 10.76 65.66
CA LEU I 425 42.11 10.58 65.04
C LEU I 425 43.18 11.44 65.71
N LEU I 426 42.91 12.73 65.87
CA LEU I 426 43.96 13.64 66.31
C LEU I 426 44.12 13.71 67.82
N TYR I 427 43.03 13.59 68.58
CA TYR I 427 43.08 13.75 70.04
C TYR I 427 42.39 12.59 70.75
N PRO I 428 42.95 11.38 70.67
CA PRO I 428 42.38 10.28 71.46
C PRO I 428 42.55 10.47 72.96
N HIS I 429 43.56 11.22 73.38
CA HIS I 429 43.84 11.42 74.80
C HIS I 429 42.82 12.32 75.48
N GLY I 430 41.95 13.00 74.72
CA GLY I 430 40.89 13.78 75.33
C GLY I 430 41.27 15.17 75.79
N GLN I 431 42.52 15.58 75.61
CA GLN I 431 42.97 16.92 75.99
C GLN I 431 43.07 17.76 74.72
N PHE I 432 42.38 18.89 74.70
CA PHE I 432 42.27 19.67 73.48
C PHE I 432 42.06 21.14 73.81
N ASN I 433 42.37 22.00 72.85
CA ASN I 433 42.21 23.44 72.97
C ASN I 433 41.14 23.92 72.00
N LYS I 434 40.81 25.21 72.09
CA LYS I 434 39.72 25.75 71.28
C LYS I 434 40.11 25.84 69.81
N GLU I 435 41.39 26.02 69.52
CA GLU I 435 41.84 26.11 68.13
C GLU I 435 41.62 24.78 67.41
N ASP I 436 41.83 23.66 68.11
CA ASP I 436 41.61 22.35 67.52
C ASP I 436 40.15 22.18 67.09
N VAL I 437 39.22 22.51 67.98
CA VAL I 437 37.81 22.35 67.66
C VAL I 437 37.40 23.36 66.60
N ARG I 438 38.03 24.54 66.58
CA ARG I 438 37.80 25.47 65.47
C ARG I 438 38.16 24.84 64.13
N GLN I 439 39.37 24.27 64.04
CA GLN I 439 39.81 23.69 62.77
C GLN I 439 38.92 22.54 62.36
N CYS I 440 38.61 21.63 63.30
CA CYS I 440 37.76 20.50 62.96
C CYS I 440 36.37 20.95 62.54
N LEU I 441 35.79 21.90 63.27
CA LEU I 441 34.44 22.37 62.96
C LEU I 441 34.40 23.05 61.61
N GLU I 442 35.38 23.88 61.29
CA GLU I 442 35.37 24.57 60.00
C GLU I 442 35.58 23.58 58.85
N TYR I 443 36.45 22.58 59.06
CA TYR I 443 36.65 21.58 58.01
C TYR I 443 35.36 20.81 57.76
N ALA I 444 34.68 20.40 58.84
CA ALA I 444 33.42 19.69 58.69
C ALA I 444 32.37 20.56 58.02
N LEU I 445 32.30 21.84 58.41
CA LEU I 445 31.32 22.75 57.81
C LEU I 445 31.57 22.91 56.33
N GLN I 446 32.84 23.02 55.92
CA GLN I 446 33.15 23.16 54.51
C GLN I 446 32.77 21.90 53.72
N VAL I 447 33.16 20.73 54.23
CA VAL I 447 32.89 19.51 53.48
C VAL I 447 31.39 19.24 53.41
N ARG I 448 30.63 19.59 54.46
CA ARG I 448 29.18 19.41 54.39
C ARG I 448 28.52 20.49 53.55
N ARG I 449 29.09 21.69 53.50
CA ARG I 449 28.49 22.76 52.71
C ARG I 449 28.64 22.48 51.23
N ARG I 450 29.73 21.79 50.85
CA ARG I 450 29.83 21.35 49.47
C ARG I 450 28.66 20.45 49.09
N VAL I 451 28.33 19.49 49.96
CA VAL I 451 27.18 18.63 49.75
C VAL I 451 25.90 19.45 49.74
N LYS I 452 25.85 20.48 50.58
CA LYS I 452 24.66 21.32 50.65
C LYS I 452 24.43 22.04 49.33
N GLU I 453 25.51 22.58 48.73
CA GLU I 453 25.39 23.19 47.41
C GLU I 453 24.98 22.17 46.35
N GLN I 454 25.54 20.95 46.41
CA GLN I 454 25.14 19.94 45.43
C GLN I 454 23.65 19.61 45.54
N LEU I 455 23.16 19.43 46.77
CA LEU I 455 21.74 19.15 46.96
C LEU I 455 20.88 20.33 46.54
N LYS I 456 21.32 21.56 46.82
CA LYS I 456 20.56 22.71 46.35
C LYS I 456 20.47 22.72 44.82
N LYS I 457 21.60 22.44 44.16
CA LYS I 457 21.62 22.41 42.70
C LYS I 457 20.69 21.32 42.16
N ILE I 458 20.69 20.14 42.76
CA ILE I 458 19.90 19.04 42.22
C ILE I 458 18.43 19.15 42.60
N GLY I 459 18.10 19.85 43.68
CA GLY I 459 16.74 19.85 44.17
C GLY I 459 16.00 21.18 44.06
N GLY I 460 16.67 22.22 43.58
CA GLY I 460 15.98 23.48 43.40
C GLY I 460 15.91 24.26 44.70
N MET I 461 14.70 24.37 45.25
CA MET I 461 14.43 25.34 46.30
C MET I 461 14.67 24.76 47.70
N GLU I 462 14.56 23.44 47.85
CA GLU I 462 14.45 22.86 49.19
C GLU I 462 15.74 22.93 50.00
N PHE I 463 16.88 23.25 49.37
CA PHE I 463 18.15 23.31 50.08
C PHE I 463 18.79 24.70 49.96
N TYR I 464 17.98 25.73 50.18
CA TYR I 464 18.42 27.11 49.97
C TYR I 464 19.33 27.61 51.09
N ASP I 465 19.15 27.12 52.32
CA ASP I 465 20.01 27.53 53.44
C ASP I 465 21.36 26.83 53.33
N VAL I 466 22.25 27.44 52.57
CA VAL I 466 23.58 26.89 52.31
C VAL I 466 24.67 27.69 53.01
N HIS I 467 24.33 28.80 53.66
CA HIS I 467 25.33 29.70 54.22
C HIS I 467 25.74 29.22 55.61
N PHE I 468 26.71 28.31 55.63
CA PHE I 468 27.16 27.68 56.86
C PHE I 468 27.88 28.70 57.73
N SER I 469 27.58 28.67 59.04
CA SER I 469 28.18 29.59 59.99
C SER I 469 28.19 28.96 61.38
N TYR I 470 29.08 29.46 62.23
CA TYR I 470 29.13 29.03 63.62
C TYR I 470 29.42 30.24 64.51
N ILE I 471 28.68 30.33 65.62
CA ILE I 471 28.76 31.45 66.54
C ILE I 471 29.68 31.06 67.68
N ASP I 472 30.66 31.92 67.97
CA ASP I 472 31.52 31.69 69.11
C ASP I 472 30.76 31.94 70.41
N ASN I 473 30.91 31.03 71.38
CA ASN I 473 30.17 31.14 72.63
C ASN I 473 30.61 32.35 73.45
N ASP I 474 31.89 32.71 73.40
CA ASP I 474 32.41 33.81 74.20
C ASP I 474 32.35 35.15 73.49
N THR I 475 32.90 35.23 72.28
CA THR I 475 32.99 36.51 71.58
C THR I 475 31.75 36.85 70.78
N LEU I 476 30.79 35.92 70.68
CA LEU I 476 29.54 36.10 69.94
C LEU I 476 29.76 36.38 68.46
N GLU I 477 30.99 36.25 67.96
CA GLU I 477 31.24 36.46 66.54
C GLU I 477 30.83 35.23 65.76
N GLU I 478 30.05 35.44 64.70
CA GLU I 478 29.59 34.36 63.84
C GLU I 478 30.50 34.26 62.63
N HIS I 479 31.35 33.23 62.61
CA HIS I 479 32.27 32.98 61.52
C HIS I 479 31.55 32.19 60.44
N PHE I 480 31.62 32.68 59.21
CA PHE I 480 30.96 32.05 58.08
C PHE I 480 32.00 31.30 57.24
N VAL I 481 31.80 30.01 57.07
CA VAL I 481 32.72 29.15 56.33
C VAL I 481 32.08 28.83 54.98
N SER I 482 32.79 29.15 53.91
CA SER I 482 32.34 28.90 52.55
C SER I 482 33.30 27.94 51.86
N VAL I 483 32.77 27.16 50.92
CA VAL I 483 33.58 26.14 50.26
C VAL I 483 34.61 26.80 49.34
N LYS I 484 35.59 26.00 48.93
CA LYS I 484 36.64 26.48 48.05
C LYS I 484 36.08 26.84 46.67
N GLU I 485 35.06 26.11 46.22
CA GLU I 485 34.45 26.36 44.93
C GLU I 485 33.59 27.63 44.95
N LEU I 491 30.89 37.97 39.66
CA LEU I 491 30.11 39.20 39.52
C LEU I 491 28.96 39.00 38.54
N ILE I 492 29.23 38.30 37.45
CA ILE I 492 28.22 37.97 36.45
C ILE I 492 28.77 36.92 35.49
N PRO I 493 27.99 35.91 35.12
CA PRO I 493 28.37 35.06 33.99
C PRO I 493 27.99 35.72 32.68
N GLU I 494 28.77 35.44 31.63
CA GLU I 494 28.46 35.93 30.29
C GLU I 494 27.14 35.36 29.81
N GLY I 495 26.13 36.23 29.67
CA GLY I 495 24.81 35.81 29.27
C GLY I 495 23.74 36.33 30.21
N PRO I 496 22.52 36.53 29.70
CA PRO I 496 21.45 37.09 30.51
C PRO I 496 20.95 36.08 31.54
N ALA I 497 20.88 36.52 32.80
CA ALA I 497 20.48 35.63 33.88
C ALA I 497 18.97 35.41 33.90
N LYS I 498 18.56 34.40 34.66
CA LYS I 498 17.14 34.16 34.88
C LYS I 498 16.57 35.32 35.68
N PRO I 499 15.38 35.81 35.33
CA PRO I 499 14.78 36.92 36.08
C PRO I 499 14.62 36.59 37.55
N GLY I 500 14.81 37.61 38.40
CA GLY I 500 14.87 37.43 39.83
C GLY I 500 16.27 37.30 40.39
N PHE I 501 17.30 37.32 39.54
CA PHE I 501 18.69 37.27 39.96
C PHE I 501 19.38 38.58 39.62
N LEU I 502 20.18 39.09 40.55
CA LEU I 502 20.95 40.30 40.29
C LEU I 502 22.13 40.35 41.25
N TYR I 503 22.94 41.39 41.08
CA TYR I 503 24.13 41.62 41.90
C TYR I 503 24.15 43.07 42.38
N THR I 504 24.71 43.28 43.56
CA THR I 504 24.84 44.62 44.13
C THR I 504 26.18 44.75 44.85
N ILE I 505 26.60 45.99 45.06
CA ILE I 505 27.81 46.31 45.81
C ILE I 505 27.45 47.28 46.91
N GLY I 506 27.90 46.99 48.13
CA GLY I 506 27.55 47.83 49.26
C GLY I 506 28.65 47.87 50.30
N LEU I 507 28.58 48.91 51.12
CA LEU I 507 29.57 49.11 52.18
C LEU I 507 29.14 48.34 53.43
N SER I 508 29.91 47.32 53.80
CA SER I 508 29.52 46.44 54.89
C SER I 508 29.66 47.14 56.23
N ASN I 509 29.33 46.41 57.30
CA ASN I 509 29.45 46.94 58.65
C ASN I 509 30.88 47.27 59.02
N LYS I 510 31.87 46.60 58.43
CA LYS I 510 33.26 46.89 58.70
C LYS I 510 33.84 47.95 57.76
N GLY I 511 33.03 48.48 56.85
CA GLY I 511 33.45 49.57 55.99
C GLY I 511 34.13 49.20 54.70
N MET I 512 34.31 47.90 54.41
CA MET I 512 34.90 47.62 53.10
C MET I 512 33.79 47.34 52.09
N PRO I 513 33.91 47.84 50.87
CA PRO I 513 32.91 47.53 49.84
C PRO I 513 32.90 46.04 49.54
N GLY I 514 31.71 45.51 49.29
CA GLY I 514 31.56 44.08 49.08
C GLY I 514 30.47 43.80 48.08
N LEU I 515 30.64 42.69 47.36
CA LEU I 515 29.71 42.24 46.34
C LEU I 515 28.77 41.19 46.93
N TYR I 516 27.49 41.29 46.61
CA TYR I 516 26.49 40.32 47.04
C TYR I 516 25.56 40.03 45.87
N ARG I 517 24.97 38.85 45.88
CA ARG I 517 24.04 38.42 44.84
C ARG I 517 22.67 38.20 45.46
N LEU I 518 21.66 38.83 44.85
CA LEU I 518 20.26 38.67 45.25
C LEU I 518 19.60 37.67 44.31
N GLU I 519 18.86 36.73 44.90
CA GLU I 519 18.18 35.67 44.16
C GLU I 519 16.73 35.65 44.62
N LEU I 520 15.81 35.99 43.72
CA LEU I 520 14.39 36.04 44.06
C LEU I 520 13.66 34.86 43.41
N GLN I 521 12.94 34.10 44.23
CA GLN I 521 12.08 33.03 43.76
C GLN I 521 10.63 33.46 43.93
N VAL I 522 9.87 33.39 42.84
CA VAL I 522 8.48 33.82 42.81
C VAL I 522 7.61 32.59 42.61
N THR I 523 6.54 32.51 43.40
CA THR I 523 5.55 31.45 43.27
C THR I 523 4.16 32.05 43.33
N LYS I 524 3.17 31.30 42.85
CA LYS I 524 1.80 31.74 42.97
C LYS I 524 1.37 31.70 44.43
N GLY I 525 1.05 32.86 45.00
CA GLY I 525 0.74 32.95 46.41
C GLY I 525 -0.23 34.05 46.76
N SER I 526 0.01 34.72 47.89
CA SER I 526 -0.88 35.77 48.39
C SER I 526 -0.13 37.01 48.84
N GLY I 527 1.04 37.29 48.26
CA GLY I 527 1.81 38.47 48.63
C GLY I 527 2.74 38.28 49.80
N LYS I 528 3.11 37.05 50.14
CA LYS I 528 3.96 36.79 51.29
C LYS I 528 5.43 36.94 50.92
N LEU I 529 6.22 37.40 51.89
CA LEU I 529 7.64 37.66 51.69
C LEU I 529 8.47 36.80 52.63
N ALA I 530 9.50 36.16 52.07
CA ALA I 530 10.46 35.39 52.83
C ALA I 530 11.87 35.87 52.51
N THR I 531 12.76 35.79 53.49
CA THR I 531 14.13 36.28 53.34
C THR I 531 15.12 35.25 53.84
N SER I 532 16.29 35.22 53.20
CA SER I 532 17.36 34.33 53.65
C SER I 532 18.70 34.90 53.21
N GLY I 533 19.74 34.54 53.96
CA GLY I 533 21.09 34.98 53.66
C GLY I 533 21.38 36.41 54.06
N LEU I 534 20.53 36.97 54.93
CA LEU I 534 20.69 38.37 55.34
C LEU I 534 21.61 38.50 56.55
N TRP I 535 22.40 37.46 56.83
CA TRP I 535 23.26 37.40 58.01
C TRP I 535 22.44 37.54 59.28
N ASN I 536 21.13 37.27 59.20
CA ASN I 536 20.19 37.50 60.30
C ASN I 536 20.31 38.92 60.83
N SER I 537 20.36 39.87 59.88
CA SER I 537 20.57 41.28 60.21
C SER I 537 19.24 42.01 60.17
N SER I 538 18.96 42.76 61.24
CA SER I 538 17.72 43.53 61.35
C SER I 538 17.66 44.63 60.29
N SER I 539 18.78 45.28 60.04
CA SER I 539 18.84 46.40 59.08
C SER I 539 18.45 45.94 57.69
N ALA I 540 18.99 44.81 57.25
CA ALA I 540 18.63 44.28 55.94
C ALA I 540 17.16 43.92 55.88
N LYS I 541 16.63 43.32 56.95
CA LYS I 541 15.22 42.93 56.97
C LYS I 541 14.31 44.15 56.90
N GLU I 542 14.63 45.22 57.64
CA GLU I 542 13.79 46.40 57.58
C GLU I 542 13.91 47.10 56.23
N GLN I 543 15.10 47.10 55.63
CA GLN I 543 15.26 47.69 54.30
C GLN I 543 14.45 46.92 53.26
N VAL I 544 14.51 45.60 53.28
CA VAL I 544 13.77 44.82 52.30
C VAL I 544 12.26 44.90 52.58
N LYS I 545 11.87 45.07 53.84
CA LYS I 545 10.46 45.26 54.15
C LYS I 545 9.95 46.60 53.62
N ILE I 546 10.76 47.66 53.75
CA ILE I 546 10.40 48.95 53.18
C ILE I 546 10.29 48.84 51.65
N ALA I 547 11.24 48.12 51.04
CA ALA I 547 11.19 47.91 49.60
C ALA I 547 9.95 47.13 49.18
N PHE I 548 9.57 46.12 49.97
CA PHE I 548 8.37 45.35 49.69
C PHE I 548 7.12 46.23 49.78
N ASP I 549 7.08 47.11 50.78
CA ASP I 549 5.97 48.06 50.91
C ASP I 549 5.91 49.00 49.70
N TYR I 550 7.06 49.49 49.27
CA TYR I 550 7.10 50.37 48.09
C TYR I 550 6.64 49.63 46.85
N PHE I 551 7.07 48.38 46.67
CA PHE I 551 6.67 47.60 45.51
C PHE I 551 5.18 47.35 45.50
N LYS I 552 4.61 47.01 46.66
CA LYS I 552 3.17 46.79 46.73
C LYS I 552 2.41 48.07 46.46
N ALA I 553 2.91 49.20 46.98
CA ALA I 553 2.25 50.48 46.74
C ALA I 553 2.33 50.90 45.28
N ASN I 554 3.49 50.70 44.63
CA ASN I 554 3.70 51.10 43.25
C ASN I 554 3.66 49.93 42.28
N ALA I 555 2.88 48.89 42.58
CA ALA I 555 2.83 47.73 41.72
C ALA I 555 2.18 48.05 40.38
N SER I 556 1.10 48.85 40.39
CA SER I 556 0.30 49.04 39.19
C SER I 556 1.09 49.69 38.07
N ARG I 557 1.86 50.75 38.38
CA ARG I 557 2.59 51.45 37.31
C ARG I 557 3.82 50.68 36.86
N ILE I 558 4.51 50.02 37.77
CA ILE I 558 5.76 49.33 37.45
C ILE I 558 5.51 48.03 36.71
N SER I 559 4.55 47.22 37.18
CA SER I 559 4.25 45.94 36.56
C SER I 559 3.27 46.06 35.40
N GLY I 560 2.63 47.21 35.23
CA GLY I 560 1.71 47.41 34.12
C GLY I 560 0.40 46.65 34.27
N GLY I 561 0.15 46.09 35.45
CA GLY I 561 -1.09 45.39 35.69
C GLY I 561 -0.94 44.12 36.50
N SER I 562 0.29 43.61 36.58
CA SER I 562 0.53 42.38 37.35
C SER I 562 0.34 42.65 38.83
N LYS I 563 -0.42 41.79 39.49
CA LYS I 563 -0.78 41.99 40.89
C LYS I 563 0.22 41.30 41.79
N VAL I 564 0.86 42.06 42.68
CA VAL I 564 1.78 41.48 43.66
C VAL I 564 1.01 40.59 44.63
N MET I 565 -0.27 40.91 44.86
CA MET I 565 -1.07 40.23 45.87
C MET I 565 -1.32 38.76 45.57
N GLU I 566 -1.04 38.31 44.35
CA GLU I 566 -1.22 36.90 43.99
C GLU I 566 0.10 36.14 43.87
N HIS I 567 1.21 36.70 44.34
CA HIS I 567 2.51 36.04 44.22
C HIS I 567 3.28 36.16 45.53
N ASP I 568 3.93 35.07 45.92
CA ASP I 568 4.83 35.04 47.07
C ASP I 568 6.27 35.09 46.59
N PHE I 569 7.09 35.86 47.29
CA PHE I 569 8.46 36.12 46.89
C PHE I 569 9.40 35.73 48.03
N HIS I 570 10.49 35.03 47.69
CA HIS I 570 11.54 34.69 48.64
C HIS I 570 12.86 35.22 48.09
N LEU I 571 13.49 36.12 48.84
CA LEU I 571 14.75 36.73 48.43
C LEU I 571 15.89 36.12 49.21
N HIS I 572 17.01 35.90 48.53
CA HIS I 572 18.20 35.28 49.11
C HIS I 572 19.41 36.14 48.81
N VAL I 573 20.29 36.30 49.81
CA VAL I 573 21.54 37.02 49.66
C VAL I 573 22.68 36.04 49.80
N VAL I 574 23.59 36.05 48.83
CA VAL I 574 24.81 35.24 48.89
C VAL I 574 26.01 36.15 48.70
N GLU I 575 26.98 36.05 49.60
CA GLU I 575 28.15 36.92 49.57
C GLU I 575 29.34 36.16 49.00
N LEU I 576 29.98 36.75 47.98
CA LEU I 576 31.10 36.12 47.30
C LEU I 576 32.46 36.62 47.76
N GLN I 577 32.52 37.80 48.39
CA GLN I 577 33.79 38.39 48.79
C GLN I 577 34.08 38.26 50.28
N ASN I 578 33.16 37.71 51.07
CA ASN I 578 33.35 37.54 52.51
C ASN I 578 33.66 38.86 53.20
N THR I 579 33.10 39.95 52.66
CA THR I 579 33.35 41.27 53.23
C THR I 579 32.57 41.51 54.51
N GLY I 580 31.37 40.97 54.62
CA GLY I 580 30.55 41.17 55.78
C GLY I 580 29.12 41.55 55.42
N PRO I 581 28.24 41.57 56.43
CA PRO I 581 26.84 41.89 56.16
C PRO I 581 26.65 43.31 55.67
N LEU I 582 25.62 43.49 54.85
CA LEU I 582 25.27 44.81 54.31
C LEU I 582 23.94 45.26 54.89
N SER I 583 23.80 46.57 55.10
CA SER I 583 22.56 47.13 55.63
C SER I 583 21.67 47.69 54.52
N HIS I 584 22.26 48.26 53.48
CA HIS I 584 21.51 48.92 52.41
C HIS I 584 21.14 47.90 51.35
N LEU I 585 19.87 47.50 51.31
CA LEU I 585 19.43 46.48 50.35
C LEU I 585 18.06 46.74 49.75
N ALA I 586 17.44 47.91 49.98
CA ALA I 586 16.08 48.12 49.51
C ALA I 586 16.02 48.17 47.98
N LEU I 587 16.88 48.97 47.36
CA LEU I 587 16.81 49.17 45.91
C LEU I 587 17.05 47.89 45.12
N PRO I 588 18.13 47.12 45.35
CA PRO I 588 18.28 45.86 44.59
C PRO I 588 17.15 44.88 44.83
N SER I 589 16.60 44.84 46.05
CA SER I 589 15.48 43.94 46.31
C SER I 589 14.25 44.36 45.52
N LEU I 590 13.98 45.67 45.43
CA LEU I 590 12.88 46.14 44.61
C LEU I 590 13.10 45.81 43.13
N VAL I 591 14.34 45.96 42.67
CA VAL I 591 14.66 45.61 41.28
C VAL I 591 14.40 44.14 41.02
N ALA I 592 14.82 43.28 41.95
CA ALA I 592 14.57 41.85 41.82
C ALA I 592 13.08 41.56 41.84
N PHE I 593 12.33 42.26 42.70
CA PHE I 593 10.88 42.09 42.73
C PHE I 593 10.26 42.39 41.38
N ALA I 594 10.64 43.53 40.80
CA ALA I 594 10.09 43.93 39.52
C ALA I 594 10.46 42.93 38.42
N SER I 595 11.71 42.48 38.41
CA SER I 595 12.16 41.54 37.39
C SER I 595 11.41 40.22 37.50
N GLY I 596 11.29 39.70 38.72
CA GLY I 596 10.61 38.42 38.90
C GLY I 596 9.14 38.49 38.58
N LEU I 597 8.47 39.57 39.01
CA LEU I 597 7.05 39.70 38.73
C LEU I 597 6.79 39.84 37.23
N LEU I 598 7.66 40.56 36.52
CA LEU I 598 7.53 40.67 35.07
C LEU I 598 8.13 39.49 34.33
N GLY I 599 8.92 38.66 35.01
CA GLY I 599 9.51 37.50 34.36
C GLY I 599 10.46 37.81 33.23
N ARG I 600 10.98 39.03 33.18
CA ARG I 600 11.88 39.47 32.12
C ARG I 600 13.24 39.79 32.71
N SER I 601 14.29 39.29 32.08
CA SER I 601 15.62 39.31 32.67
C SER I 601 16.14 40.74 32.83
N VAL I 602 16.82 40.98 33.94
CA VAL I 602 17.58 42.22 34.09
C VAL I 602 18.74 42.20 33.09
N GLN I 603 19.29 43.38 32.82
CA GLN I 603 20.36 43.50 31.84
C GLN I 603 21.59 42.72 32.30
N SER I 604 22.31 42.15 31.34
CA SER I 604 23.49 41.36 31.64
C SER I 604 24.61 42.24 32.19
N GLN I 605 25.44 41.66 33.06
CA GLN I 605 26.58 42.36 33.66
C GLN I 605 26.13 43.57 34.46
N MET I 606 24.93 43.49 35.03
CA MET I 606 24.33 44.61 35.74
C MET I 606 24.82 44.66 37.18
N VAL I 607 25.16 45.86 37.63
CA VAL I 607 25.49 46.13 39.03
C VAL I 607 24.60 47.26 39.51
N VAL I 608 23.75 46.98 40.50
CA VAL I 608 22.84 47.96 41.05
C VAL I 608 23.48 48.57 42.30
N LEU I 609 23.60 49.90 42.31
CA LEU I 609 24.18 50.62 43.42
C LEU I 609 23.14 51.54 44.06
N GLY I 610 23.36 51.84 45.34
CA GLY I 610 22.56 52.83 46.05
C GLY I 610 21.44 52.21 46.85
N ASP I 611 20.82 53.07 47.66
CA ASP I 611 19.68 52.70 48.48
C ASP I 611 18.56 53.70 48.19
N MET I 612 17.37 53.41 48.73
CA MET I 612 16.22 54.27 48.51
C MET I 612 15.44 54.44 49.80
N SER I 613 14.69 55.52 49.88
CA SER I 613 13.78 55.75 50.99
C SER I 613 12.40 55.21 50.66
N LEU I 614 11.57 55.10 51.71
CA LEU I 614 10.20 54.64 51.51
C LEU I 614 9.41 55.62 50.65
N GLY I 615 9.80 56.90 50.65
CA GLY I 615 9.15 57.89 49.82
C GLY I 615 9.69 58.00 48.41
N GLY I 616 10.60 57.12 48.03
CA GLY I 616 11.19 57.17 46.71
C GLY I 616 12.41 58.05 46.57
N SER I 617 12.85 58.69 47.66
CA SER I 617 14.06 59.49 47.62
C SER I 617 15.29 58.58 47.65
N VAL I 618 16.24 58.87 46.77
CA VAL I 618 17.43 58.05 46.61
C VAL I 618 18.55 58.63 47.46
N THR I 619 19.38 57.76 48.03
CA THR I 619 20.55 58.15 48.78
C THR I 619 21.81 57.97 47.94
N PRO I 620 22.78 58.87 48.04
CA PRO I 620 24.01 58.71 47.26
C PRO I 620 24.75 57.45 47.68
N VAL I 621 25.39 56.81 46.70
CA VAL I 621 26.09 55.56 46.96
C VAL I 621 27.34 55.87 47.78
N GLU I 622 27.52 55.17 48.90
CA GLU I 622 28.72 55.31 49.68
C GLU I 622 29.90 54.69 48.94
N SER I 623 31.05 55.37 49.00
CA SER I 623 32.29 54.87 48.40
C SER I 623 32.14 54.63 46.90
N ILE I 624 31.92 55.73 46.15
CA ILE I 624 31.74 55.67 44.71
C ILE I 624 32.96 55.02 44.05
N ALA I 625 34.15 55.49 44.39
CA ALA I 625 35.37 54.95 43.79
C ALA I 625 35.55 53.49 44.15
N GLU I 626 35.34 53.15 45.42
CA GLU I 626 35.49 51.78 45.89
C GLU I 626 34.45 50.86 45.26
N CYS I 627 33.20 51.34 45.17
CA CYS I 627 32.14 50.54 44.56
C CYS I 627 32.42 50.27 43.09
N LEU I 628 32.86 51.30 42.36
CA LEU I 628 33.17 51.10 40.95
C LEU I 628 34.39 50.21 40.78
N GLN I 629 35.33 50.28 41.73
CA GLN I 629 36.48 49.38 41.70
C GLN I 629 36.05 47.92 41.91
N VAL I 630 35.11 47.70 42.82
CA VAL I 630 34.57 46.37 43.07
C VAL I 630 33.87 45.88 41.81
N ALA I 631 33.12 46.77 41.17
CA ALA I 631 32.49 46.44 39.89
C ALA I 631 33.52 46.18 38.80
N PHE I 632 34.72 46.73 38.95
CA PHE I 632 35.77 46.54 37.95
C PHE I 632 36.29 45.11 37.95
N ASP I 633 35.96 44.32 38.97
CA ASP I 633 36.32 42.92 39.01
C ASP I 633 35.80 42.23 37.75
N ALA I 634 36.64 41.42 37.11
CA ALA I 634 36.41 40.91 35.75
C ALA I 634 35.03 40.32 35.55
N GLY I 635 34.27 40.89 34.60
CA GLY I 635 33.00 40.33 34.19
C GLY I 635 31.88 41.34 34.05
N ALA I 636 31.85 42.36 34.90
CA ALA I 636 30.76 43.30 34.94
C ALA I 636 31.07 44.50 34.04
N LYS I 637 30.07 45.00 33.32
CA LYS I 637 30.27 46.13 32.44
C LYS I 637 29.32 47.30 32.71
N LYS I 638 28.06 47.01 33.02
CA LYS I 638 27.08 48.08 33.09
C LYS I 638 26.56 48.28 34.51
N VAL I 639 26.50 49.54 34.93
CA VAL I 639 26.13 49.91 36.29
C VAL I 639 25.09 51.02 36.25
N ALA I 640 24.01 50.87 37.03
CA ALA I 640 23.01 51.93 37.15
C ALA I 640 23.39 52.89 38.26
N LEU I 641 23.70 54.14 37.90
CA LEU I 641 24.04 55.05 38.98
C LEU I 641 22.86 55.97 39.30
N PRO I 642 22.67 56.29 40.57
CA PRO I 642 21.61 57.25 40.92
C PRO I 642 21.99 58.66 40.53
N MET I 643 20.98 59.53 40.42
CA MET I 643 21.23 60.92 40.04
C MET I 643 22.06 61.65 41.08
N SER I 644 21.84 61.36 42.36
CA SER I 644 22.57 62.03 43.42
C SER I 644 24.07 61.76 43.37
N SER I 645 24.49 60.72 42.66
CA SER I 645 25.92 60.42 42.50
C SER I 645 26.57 61.21 41.38
N ALA I 646 25.81 62.03 40.64
CA ALA I 646 26.41 62.79 39.54
C ALA I 646 27.52 63.71 40.03
N ALA I 647 27.31 64.41 41.14
CA ALA I 647 28.35 65.28 41.67
C ALA I 647 29.57 64.48 42.10
N ASP I 648 29.44 63.17 42.25
CA ASP I 648 30.56 62.30 42.60
C ASP I 648 31.27 61.74 41.38
N ILE I 649 30.81 62.07 40.17
CA ILE I 649 31.48 61.58 38.96
C ILE I 649 32.93 62.05 38.86
N PRO I 650 33.26 63.32 39.11
CA PRO I 650 34.67 63.73 38.98
C PRO I 650 35.63 62.98 39.88
N THR I 651 35.16 62.45 41.02
CA THR I 651 36.02 61.66 41.89
C THR I 651 36.45 60.34 41.24
N ILE I 652 35.82 59.94 40.15
CA ILE I 652 36.14 58.70 39.47
C ILE I 652 37.29 58.93 38.50
N PRO I 653 38.33 58.10 38.52
CA PRO I 653 39.35 58.17 37.46
C PRO I 653 38.72 57.92 36.10
N VAL I 654 39.25 58.62 35.09
CA VAL I 654 38.64 58.57 33.76
C VAL I 654 38.71 57.17 33.18
N GLU I 655 39.85 56.49 33.35
CA GLU I 655 40.01 55.16 32.76
C GLU I 655 39.00 54.16 33.33
N LEU I 656 38.78 54.20 34.65
CA LEU I 656 37.80 53.30 35.25
C LEU I 656 36.39 53.63 34.78
N PHE I 657 36.08 54.93 34.66
CA PHE I 657 34.71 55.33 34.30
C PHE I 657 34.40 54.97 32.85
N THR I 658 35.41 55.02 31.98
CA THR I 658 35.19 54.74 30.56
C THR I 658 34.97 53.26 30.27
N LYS I 659 35.40 52.36 31.16
CA LYS I 659 35.21 50.93 30.94
C LYS I 659 33.79 50.46 31.19
N PHE I 660 32.92 51.32 31.73
CA PHE I 660 31.59 50.92 32.14
C PHE I 660 30.53 51.72 31.41
N GLN I 661 29.38 51.09 31.16
CA GLN I 661 28.20 51.78 30.62
C GLN I 661 27.39 52.27 31.81
N THR I 662 27.24 53.59 31.93
CA THR I 662 26.54 54.20 33.05
C THR I 662 25.06 54.36 32.68
N SER I 663 24.23 53.45 33.19
CA SER I 663 22.77 53.55 33.04
C SER I 663 22.25 54.47 34.14
N PHE I 664 22.47 55.77 33.92
CA PHE I 664 22.23 56.78 34.95
C PHE I 664 20.73 57.02 35.15
N TYR I 665 20.22 56.59 36.30
CA TYR I 665 18.80 56.75 36.60
C TYR I 665 18.58 57.92 37.56
N ALA I 666 17.31 58.24 37.80
CA ALA I 666 16.94 59.32 38.70
C ALA I 666 16.24 58.81 39.95
N ASP I 667 15.17 58.04 39.77
CA ASP I 667 14.37 57.51 40.87
C ASP I 667 14.26 55.99 40.76
N PRO I 668 13.83 55.29 41.84
CA PRO I 668 13.83 53.83 41.81
C PRO I 668 13.03 53.22 40.67
N VAL I 669 11.98 53.92 40.20
CA VAL I 669 11.27 53.45 39.01
C VAL I 669 12.21 53.45 37.81
N ASP I 670 12.94 54.55 37.62
CA ASP I 670 13.91 54.62 36.53
C ASP I 670 15.05 53.65 36.75
N ALA I 671 15.41 53.41 38.02
CA ALA I 671 16.43 52.41 38.32
C ALA I 671 15.98 51.02 37.86
N VAL I 672 14.73 50.67 38.14
CA VAL I 672 14.17 49.40 37.70
C VAL I 672 14.18 49.32 36.18
N PHE I 673 13.74 50.40 35.52
CA PHE I 673 13.69 50.40 34.06
C PHE I 673 15.08 50.24 33.45
N LYS I 674 16.08 50.92 34.00
CA LYS I 674 17.45 50.76 33.52
C LYS I 674 17.96 49.35 33.78
N GLY I 675 17.62 48.77 34.93
CA GLY I 675 18.08 47.42 35.23
C GLY I 675 17.48 46.39 34.30
N LEU I 676 16.21 46.56 33.93
CA LEU I 676 15.58 45.67 32.97
C LEU I 676 15.81 46.08 31.53
N GLY I 677 16.37 47.27 31.29
CA GLY I 677 16.58 47.75 29.94
C GLY I 677 15.28 48.15 29.25
N LYS J 7 78.87 -32.13 26.64
CA LYS J 7 79.58 -33.21 27.32
C LYS J 7 80.07 -32.77 28.69
N GLU J 8 80.69 -31.60 28.74
CA GLU J 8 81.17 -31.06 30.01
C GLU J 8 80.01 -30.76 30.96
N LEU J 9 78.92 -30.22 30.41
CA LEU J 9 77.75 -29.90 31.23
C LEU J 9 77.11 -31.15 31.80
N ASP J 10 77.03 -32.21 31.00
CA ASP J 10 76.43 -33.47 31.43
C ASP J 10 77.22 -34.11 32.55
N GLN J 11 78.55 -33.98 32.52
CA GLN J 11 79.37 -34.50 33.61
C GLN J 11 79.01 -33.82 34.92
N LEU J 12 78.81 -32.50 34.88
CA LEU J 12 78.39 -31.77 36.07
C LEU J 12 76.99 -32.19 36.52
N LEU J 13 76.07 -32.33 35.57
CA LEU J 13 74.69 -32.68 35.90
C LEU J 13 74.60 -34.07 36.54
N ASN J 14 75.19 -35.08 35.88
CA ASN J 14 75.09 -36.44 36.41
C ASN J 14 75.84 -36.60 37.72
N GLU J 15 76.92 -35.85 37.93
CA GLU J 15 77.69 -35.97 39.15
C GLU J 15 76.99 -35.25 40.31
N HIS J 16 76.79 -33.94 40.17
CA HIS J 16 76.21 -33.13 41.23
C HIS J 16 74.77 -33.53 41.52
N PHE J 17 74.00 -33.84 40.47
CA PHE J 17 72.58 -34.15 40.63
C PHE J 17 72.37 -35.58 40.13
N ALA J 18 72.45 -36.55 41.03
CA ALA J 18 72.42 -37.95 40.68
C ALA J 18 71.01 -38.52 40.88
N GLY J 19 70.63 -39.41 39.98
CA GLY J 19 69.33 -40.06 40.03
C GLY J 19 68.18 -39.09 39.82
N ARG J 20 68.50 -37.88 39.36
CA ARG J 20 67.51 -36.82 39.19
C ARG J 20 67.65 -36.17 37.83
N VAL J 21 68.53 -36.72 36.98
CA VAL J 21 68.72 -36.23 35.64
C VAL J 21 68.55 -37.38 34.67
N VAL J 22 67.64 -37.24 33.72
CA VAL J 22 67.33 -38.28 32.75
C VAL J 22 67.17 -37.64 31.38
N ARG J 23 67.68 -38.32 30.35
CA ARG J 23 67.51 -37.85 28.98
C ARG J 23 66.03 -37.68 28.63
N LYS J 24 65.67 -36.52 28.11
CA LYS J 24 64.27 -36.21 27.82
C LYS J 24 63.74 -37.08 26.68
N ASP J 25 64.37 -36.97 25.50
CA ASP J 25 63.90 -37.70 24.34
C ASP J 25 63.88 -39.20 24.57
N LEU J 26 64.79 -39.70 25.42
CA LEU J 26 64.77 -41.12 25.76
C LEU J 26 63.42 -41.54 26.31
N THR J 27 62.86 -40.74 27.21
CA THR J 27 61.50 -41.00 27.71
C THR J 27 60.49 -40.92 26.57
N LYS J 28 60.68 -39.98 25.65
CA LYS J 28 59.82 -39.90 24.48
C LYS J 28 59.93 -41.16 23.64
N LEU J 29 61.05 -41.89 23.78
CA LEU J 29 61.19 -43.19 23.16
C LEU J 29 60.07 -44.11 23.62
N ILE J 30 59.79 -44.11 24.92
CA ILE J 30 58.70 -44.90 25.46
C ILE J 30 57.74 -43.97 26.20
N LYS J 31 56.73 -43.48 25.50
CA LYS J 31 55.68 -42.66 26.08
C LYS J 31 54.34 -43.06 25.46
N GLU J 32 54.23 -44.32 25.04
CA GLU J 32 52.98 -44.75 24.43
C GLU J 32 52.66 -46.19 24.81
N GLY J 33 51.40 -46.47 25.11
CA GLY J 33 50.96 -47.81 25.42
C GLY J 33 51.13 -48.20 26.88
N ALA J 34 50.84 -47.27 27.78
CA ALA J 34 50.87 -47.54 29.21
C ALA J 34 50.02 -46.51 29.95
N ASN J 35 50.01 -46.57 31.30
CA ASN J 35 49.33 -45.52 32.06
C ASN J 35 50.27 -44.98 33.13
N VAL J 36 51.14 -44.07 32.70
CA VAL J 36 52.14 -43.45 33.56
C VAL J 36 52.48 -42.10 32.92
N PRO J 37 52.56 -41.02 33.69
CA PRO J 37 52.89 -39.73 33.07
C PRO J 37 54.37 -39.59 32.75
N VAL J 38 54.77 -38.42 32.26
CA VAL J 38 56.15 -38.23 31.80
C VAL J 38 57.12 -38.38 32.96
N TYR J 39 56.85 -37.68 34.06
CA TYR J 39 57.79 -37.57 35.16
C TYR J 39 57.97 -38.87 35.93
N VAL J 40 56.95 -39.72 35.97
CA VAL J 40 57.09 -41.02 36.64
C VAL J 40 57.99 -41.91 35.78
N LEU J 41 57.73 -41.93 34.47
CA LEU J 41 58.57 -42.65 33.53
C LEU J 41 60.02 -42.20 33.61
N GLU J 42 60.22 -40.91 33.82
CA GLU J 42 61.56 -40.36 33.90
C GLU J 42 62.35 -40.95 35.07
N TYR J 43 61.76 -40.96 36.26
CA TYR J 43 62.42 -41.56 37.42
C TYR J 43 62.58 -43.07 37.21
N LEU J 44 61.57 -43.69 36.60
CA LEU J 44 61.61 -45.10 36.27
C LEU J 44 62.85 -45.43 35.47
N LEU J 45 63.11 -44.68 34.41
CA LEU J 45 64.32 -44.83 33.61
C LEU J 45 65.55 -44.51 34.43
N GLY J 46 65.48 -43.46 35.24
CA GLY J 46 66.61 -42.99 36.00
C GLY J 46 67.18 -43.95 37.02
N MET J 47 66.35 -44.86 37.53
CA MET J 47 66.88 -45.80 38.51
C MET J 47 67.94 -46.72 37.88
N TYR J 48 67.84 -46.95 36.57
CA TYR J 48 68.81 -47.82 35.89
C TYR J 48 69.54 -47.11 34.76
N CYS J 49 70.07 -45.92 35.01
CA CYS J 49 70.60 -45.10 33.93
C CYS J 49 71.85 -44.33 34.33
N ALA J 50 72.21 -43.32 33.54
CA ALA J 50 73.40 -42.49 33.75
C ALA J 50 74.67 -43.29 33.49
N SER J 51 74.65 -44.05 32.39
CA SER J 51 75.83 -44.79 31.95
C SER J 51 76.14 -44.65 30.48
N ASP J 52 75.19 -44.22 29.63
CA ASP J 52 75.38 -44.05 28.20
C ASP J 52 75.78 -45.35 27.50
N ASP J 53 75.37 -46.49 28.06
CA ASP J 53 75.64 -47.80 27.48
C ASP J 53 74.39 -48.31 26.80
N PRO J 54 74.39 -48.51 25.47
CA PRO J 54 73.20 -48.99 24.78
C PRO J 54 72.65 -50.30 25.35
N GLU J 55 73.57 -51.14 25.85
CA GLU J 55 73.18 -52.44 26.40
C GLU J 55 72.18 -52.28 27.53
N ILE J 56 72.50 -51.42 28.51
CA ILE J 56 71.58 -51.21 29.63
C ILE J 56 70.33 -50.48 29.16
N ILE J 57 70.47 -49.62 28.15
CA ILE J 57 69.36 -48.85 27.61
C ILE J 57 68.30 -49.82 27.09
N GLU J 58 68.73 -50.86 26.39
CA GLU J 58 67.82 -51.87 25.89
C GLU J 58 67.36 -52.83 26.99
N GLN J 59 68.26 -53.24 27.88
CA GLN J 59 67.98 -54.24 28.90
C GLN J 59 66.96 -53.73 29.92
N GLY J 60 67.18 -52.53 30.47
CA GLY J 60 66.26 -51.96 31.40
C GLY J 60 64.91 -51.69 30.78
N LEU J 61 64.91 -51.32 29.50
CA LEU J 61 63.67 -51.15 28.76
C LEU J 61 62.88 -52.45 28.70
N ARG J 62 63.56 -53.55 28.38
CA ARG J 62 62.93 -54.86 28.36
C ARG J 62 62.38 -55.23 29.74
N ASN J 63 63.18 -54.96 30.78
CA ASN J 63 62.79 -55.29 32.14
C ASN J 63 61.54 -54.52 32.55
N VAL J 64 61.50 -53.23 32.22
CA VAL J 64 60.34 -52.40 32.54
C VAL J 64 59.12 -52.89 31.77
N LYS J 65 59.29 -53.23 30.49
CA LYS J 65 58.19 -53.77 29.71
C LYS J 65 57.62 -55.02 30.36
N THR J 66 58.50 -55.94 30.77
CA THR J 66 58.03 -57.18 31.38
C THR J 66 57.34 -56.91 32.71
N VAL J 67 57.90 -56.02 33.54
CA VAL J 67 57.32 -55.74 34.85
C VAL J 67 55.93 -55.12 34.69
N LEU J 68 55.79 -54.19 33.75
CA LEU J 68 54.49 -53.59 33.48
C LEU J 68 53.53 -54.66 32.98
N ALA J 69 54.02 -55.57 32.13
CA ALA J 69 53.21 -56.65 31.62
C ALA J 69 52.74 -57.57 32.74
N GLU J 70 53.51 -57.60 33.83
CA GLU J 70 53.09 -58.37 35.00
C GLU J 70 51.98 -57.68 35.77
N ASN J 71 52.07 -56.36 35.94
CA ASN J 71 51.13 -55.61 36.78
C ASN J 71 50.83 -54.28 36.12
N TYR J 72 49.56 -54.05 35.78
CA TYR J 72 49.14 -52.88 35.03
C TYR J 72 47.62 -52.77 34.99
N VAL J 73 47.10 -51.58 34.66
CA VAL J 73 45.68 -51.28 34.50
C VAL J 73 44.83 -51.95 35.59
N ARG J 74 44.02 -52.95 35.23
CA ARG J 74 43.12 -53.68 36.13
C ARG J 74 42.09 -52.74 36.76
N PRO J 75 41.18 -52.18 35.97
CA PRO J 75 40.21 -51.21 36.52
C PRO J 75 38.88 -51.81 36.96
N ASP J 76 38.56 -53.05 36.58
CA ASP J 76 37.31 -53.65 37.04
C ASP J 76 37.54 -55.07 37.55
N GLU J 77 38.63 -55.72 37.14
CA GLU J 77 38.96 -57.02 37.72
C GLU J 77 39.67 -56.86 39.06
N ALA J 78 39.59 -55.68 39.66
CA ALA J 78 40.29 -55.36 40.90
C ALA J 78 40.02 -56.39 41.99
N GLU J 79 38.75 -56.73 42.20
CA GLU J 79 38.39 -57.70 43.22
C GLU J 79 39.11 -59.03 43.01
N LYS J 80 39.31 -59.41 41.74
CA LYS J 80 40.06 -60.63 41.43
C LYS J 80 41.40 -60.63 42.16
N VAL J 81 42.12 -59.52 42.09
CA VAL J 81 43.44 -59.44 42.71
C VAL J 81 43.35 -59.76 44.20
N LYS J 82 42.28 -59.31 44.85
CA LYS J 82 42.12 -59.56 46.27
C LYS J 82 42.19 -61.05 46.57
N SER J 83 41.58 -61.88 45.73
CA SER J 83 41.63 -63.32 45.95
C SER J 83 43.07 -63.81 45.94
N LEU J 84 43.86 -63.33 44.97
CA LEU J 84 45.27 -63.72 44.92
C LEU J 84 46.01 -63.26 46.16
N VAL J 85 45.59 -62.14 46.75
CA VAL J 85 46.17 -61.73 48.02
C VAL J 85 45.79 -62.72 49.11
N ARG J 86 44.54 -63.16 49.13
CA ARG J 86 44.09 -64.09 50.15
C ARG J 86 44.61 -65.50 49.88
N GLU J 87 44.61 -65.90 48.61
CA GLU J 87 45.00 -67.27 48.28
C GLU J 87 46.51 -67.47 48.39
N ARG J 88 47.30 -66.52 47.89
CA ARG J 88 48.75 -66.67 47.87
C ARG J 88 49.44 -66.12 49.10
N GLY J 89 48.73 -65.42 49.98
CA GLY J 89 49.33 -64.84 51.16
C GLY J 89 49.96 -63.49 50.88
N SER J 90 50.59 -63.35 49.72
CA SER J 90 51.15 -62.08 49.29
C SER J 90 51.10 -62.03 47.77
N TYR J 91 50.88 -60.83 47.24
CA TYR J 91 50.78 -60.70 45.79
C TYR J 91 51.28 -59.33 45.37
N LYS J 92 51.92 -59.27 44.20
CA LYS J 92 52.57 -58.07 43.70
C LYS J 92 51.66 -57.33 42.74
N VAL J 93 51.49 -56.03 42.97
CA VAL J 93 50.70 -55.17 42.08
C VAL J 93 51.44 -53.87 41.83
N ILE J 94 51.09 -53.22 40.73
CA ILE J 94 51.54 -51.86 40.43
C ILE J 94 50.30 -50.98 40.39
N ASP J 95 50.27 -49.95 41.25
CA ASP J 95 49.05 -49.17 41.40
C ASP J 95 49.41 -47.80 41.96
N ARG J 96 48.49 -46.85 41.77
CA ARG J 96 48.65 -45.52 42.34
C ARG J 96 47.99 -45.51 43.71
N VAL J 97 48.78 -45.27 44.75
CA VAL J 97 48.37 -45.48 46.13
C VAL J 97 48.51 -44.17 46.88
N THR J 98 47.54 -43.87 47.75
CA THR J 98 47.62 -42.77 48.68
C THR J 98 47.58 -43.32 50.10
N VAL J 99 48.08 -42.54 51.04
CA VAL J 99 48.14 -42.99 52.43
C VAL J 99 47.65 -41.87 53.34
N LYS J 100 46.97 -42.25 54.42
CA LYS J 100 46.45 -41.32 55.41
C LYS J 100 46.72 -41.86 56.81
N LEU J 101 46.81 -40.93 57.76
CA LEU J 101 46.99 -41.30 59.16
C LEU J 101 45.67 -41.20 59.90
N ASN J 102 45.21 -42.32 60.44
CA ASN J 102 44.01 -42.35 61.28
C ASN J 102 44.47 -42.15 62.71
N GLU J 103 44.17 -40.96 63.24
CA GLU J 103 44.50 -40.64 64.62
C GLU J 103 43.63 -41.44 65.59
N ARG J 104 42.38 -41.72 65.22
CA ARG J 104 41.53 -42.55 66.05
C ARG J 104 42.12 -43.95 66.20
N LYS J 105 42.59 -44.54 65.09
CA LYS J 105 43.30 -45.80 65.13
C LYS J 105 44.80 -45.61 65.29
N ASP J 106 45.30 -44.39 65.16
CA ASP J 106 46.72 -44.06 65.33
C ASP J 106 47.60 -44.96 64.46
N LYS J 107 47.26 -45.03 63.18
CA LYS J 107 48.05 -45.85 62.27
C LYS J 107 47.83 -45.40 60.83
N TYR J 108 48.66 -45.94 59.93
CA TYR J 108 48.69 -45.50 58.55
C TYR J 108 47.98 -46.47 57.63
N GLU J 109 47.02 -45.95 56.87
CA GLU J 109 46.16 -46.76 56.00
C GLU J 109 46.32 -46.29 54.56
N ALA J 110 46.36 -47.24 53.64
CA ALA J 110 46.54 -46.97 52.23
C ALA J 110 45.23 -47.17 51.49
N SER J 111 44.91 -46.21 50.61
CA SER J 111 43.79 -46.29 49.68
C SER J 111 44.35 -46.45 48.27
N PHE J 112 43.86 -47.45 47.56
CA PHE J 112 44.25 -47.70 46.18
C PHE J 112 43.22 -47.07 45.26
N SER J 113 43.66 -46.11 44.44
CA SER J 113 42.75 -45.42 43.54
C SER J 113 42.16 -46.37 42.51
N ASN J 114 43.00 -47.23 41.93
CA ASN J 114 42.51 -48.16 40.91
C ASN J 114 42.04 -49.47 41.51
N LEU J 115 42.74 -49.98 42.52
CA LEU J 115 42.34 -51.26 43.11
C LEU J 115 41.10 -51.13 43.99
N GLY J 116 40.91 -50.00 44.65
CA GLY J 116 39.68 -49.77 45.39
C GLY J 116 39.72 -50.06 46.88
N ILE J 117 40.76 -50.71 47.38
CA ILE J 117 40.88 -50.95 48.82
C ILE J 117 41.45 -49.69 49.47
N LYS J 118 40.81 -49.25 50.55
CA LYS J 118 41.02 -47.90 51.07
C LYS J 118 41.66 -47.83 52.45
N ASP J 119 41.91 -48.96 53.11
CA ASP J 119 42.49 -48.89 54.46
C ASP J 119 43.53 -49.96 54.76
N ALA J 120 44.48 -50.21 53.85
CA ALA J 120 45.50 -51.21 54.13
C ALA J 120 46.48 -50.69 55.18
N GLU J 121 47.13 -51.61 55.90
CA GLU J 121 48.07 -51.20 56.95
C GLU J 121 49.45 -50.89 56.37
N ILE J 122 50.12 -49.90 56.94
CA ILE J 122 51.49 -49.56 56.56
C ILE J 122 52.32 -49.35 57.82
N SER J 123 53.54 -49.87 57.81
CA SER J 123 54.48 -49.61 58.90
C SER J 123 55.01 -48.18 58.80
N ALA J 124 55.28 -47.59 59.97
CA ALA J 124 55.74 -46.21 60.03
C ALA J 124 57.07 -46.01 59.31
N GLY J 125 57.91 -47.05 59.28
CA GLY J 125 59.16 -46.93 58.55
C GLY J 125 58.93 -46.67 57.07
N ILE J 126 57.92 -47.31 56.49
CA ILE J 126 57.64 -47.15 55.07
C ILE J 126 57.24 -45.72 54.76
N VAL J 127 56.35 -45.14 55.56
CA VAL J 127 55.91 -43.78 55.29
C VAL J 127 57.05 -42.79 55.57
N LYS J 128 57.86 -43.04 56.59
CA LYS J 128 58.98 -42.16 56.87
C LYS J 128 59.98 -42.18 55.71
N GLU J 129 60.26 -43.37 55.17
CA GLU J 129 61.24 -43.47 54.09
C GLU J 129 60.69 -42.89 52.79
N TYR J 130 59.37 -42.98 52.59
CA TYR J 130 58.73 -42.55 51.35
C TYR J 130 57.73 -41.44 51.69
N GLU J 131 58.21 -40.20 51.69
CA GLU J 131 57.40 -39.09 52.19
C GLU J 131 56.31 -38.68 51.21
N LYS J 132 56.59 -38.79 49.90
CA LYS J 132 55.65 -38.28 48.92
C LYS J 132 54.35 -39.10 48.87
N LEU J 133 54.32 -40.26 49.52
CA LEU J 133 53.06 -40.97 49.69
C LEU J 133 52.04 -40.13 50.44
N LEU J 134 52.50 -39.26 51.33
CA LEU J 134 51.60 -38.55 52.23
C LEU J 134 51.00 -37.31 51.60
N VAL J 135 51.40 -36.94 50.39
CA VAL J 135 50.95 -35.71 49.78
C VAL J 135 49.76 -35.90 48.84
N GLY J 136 49.91 -36.65 47.77
CA GLY J 136 48.85 -36.78 46.79
C GLY J 136 48.75 -38.15 46.15
N GLY J 137 49.46 -39.13 46.70
CA GLY J 137 49.41 -40.47 46.16
C GLY J 137 50.36 -40.64 44.99
N ILE J 138 51.16 -41.71 45.02
CA ILE J 138 52.18 -41.94 44.00
C ILE J 138 52.04 -43.37 43.48
N TRP J 139 52.61 -43.61 42.30
CA TRP J 139 52.56 -44.93 41.72
C TRP J 139 53.63 -45.81 42.34
N VAL J 140 53.22 -46.96 42.87
CA VAL J 140 54.12 -47.85 43.60
C VAL J 140 53.83 -49.30 43.28
N ILE J 141 54.83 -50.14 43.51
CA ILE J 141 54.69 -51.60 43.50
C ILE J 141 54.45 -52.03 44.93
N ALA J 142 53.34 -52.71 45.17
CA ALA J 142 52.97 -53.15 46.50
C ALA J 142 52.94 -54.67 46.56
N THR J 143 53.50 -55.23 47.64
CA THR J 143 53.34 -56.64 47.96
C THR J 143 52.25 -56.76 49.01
N LEU J 144 51.01 -56.85 48.56
CA LEU J 144 49.87 -56.91 49.46
C LEU J 144 49.82 -58.26 50.17
N SER J 145 49.67 -58.21 51.48
CA SER J 145 49.60 -59.39 52.32
C SER J 145 48.24 -59.48 52.98
N TYR J 146 47.72 -60.70 53.06
CA TYR J 146 46.40 -60.96 53.63
C TYR J 146 46.56 -61.60 55.00
N TYR J 147 45.84 -61.08 55.98
CA TYR J 147 45.79 -61.67 57.31
C TYR J 147 44.48 -61.29 57.96
N PHE J 148 43.75 -62.28 58.45
CA PHE J 148 42.46 -62.06 59.09
C PHE J 148 42.48 -62.64 60.49
N GLU J 149 42.06 -61.84 61.46
CA GLU J 149 41.74 -62.34 62.79
C GLU J 149 40.27 -62.02 63.08
N GLU J 150 39.61 -62.93 63.79
CA GLU J 150 38.16 -62.86 63.92
C GLU J 150 37.74 -61.59 64.64
N GLY J 151 36.75 -60.91 64.08
CA GLY J 151 36.18 -59.73 64.70
C GLY J 151 36.93 -58.43 64.47
N GLN J 152 37.93 -58.43 63.60
CA GLN J 152 38.70 -57.21 63.38
C GLN J 152 37.84 -56.14 62.72
N THR J 153 38.15 -54.88 63.00
CA THR J 153 37.52 -53.75 62.33
C THR J 153 38.39 -53.19 61.21
N SER J 154 39.68 -53.51 61.18
CA SER J 154 40.57 -53.02 60.16
C SER J 154 40.53 -53.88 58.91
N SER J 155 41.11 -53.38 57.83
CA SER J 155 41.21 -54.15 56.61
C SER J 155 42.11 -55.36 56.83
N PRO J 156 41.75 -56.53 56.32
CA PRO J 156 42.64 -57.70 56.45
C PRO J 156 43.91 -57.60 55.63
N PHE J 157 44.01 -56.64 54.72
CA PHE J 157 45.15 -56.54 53.82
C PHE J 157 46.25 -55.71 54.45
N GLY J 158 47.48 -56.21 54.34
CA GLY J 158 48.63 -55.50 54.86
C GLY J 158 49.68 -55.32 53.78
N VAL J 159 50.52 -54.30 53.98
CA VAL J 159 51.57 -53.95 53.04
C VAL J 159 52.90 -54.38 53.67
N SER J 160 53.57 -55.33 53.02
CA SER J 160 54.85 -55.81 53.51
C SER J 160 56.03 -55.11 52.85
N LEU J 161 56.06 -55.06 51.52
CA LEU J 161 57.11 -54.37 50.79
C LEU J 161 56.49 -53.39 49.83
N LEU J 162 57.10 -52.21 49.72
CA LEU J 162 56.58 -51.14 48.88
C LEU J 162 57.74 -50.51 48.13
N LYS J 163 57.61 -50.42 46.81
CA LYS J 163 58.64 -49.88 45.93
C LYS J 163 58.11 -48.64 45.20
N PRO J 164 58.64 -47.46 45.50
CA PRO J 164 58.13 -46.22 44.88
C PRO J 164 58.58 -46.03 43.44
N ILE J 165 57.80 -46.56 42.49
CA ILE J 165 58.06 -46.33 41.08
C ILE J 165 58.19 -44.83 40.83
N GLN J 166 57.23 -44.07 41.34
CA GLN J 166 57.29 -42.62 41.27
C GLN J 166 58.35 -42.11 42.25
N MET J 167 58.75 -40.85 42.08
CA MET J 167 59.70 -40.24 42.99
C MET J 167 59.16 -40.26 44.42
N PRO J 168 59.92 -40.80 45.36
CA PRO J 168 59.41 -40.89 46.74
C PRO J 168 59.76 -39.70 47.62
N ASN J 169 60.69 -38.85 47.19
CA ASN J 169 61.21 -37.83 48.11
C ASN J 169 61.66 -36.61 47.32
N MET J 170 61.84 -35.51 48.04
CA MET J 170 62.36 -34.26 47.49
C MET J 170 63.34 -33.68 48.50
N ASN J 171 64.41 -33.05 48.00
CA ASN J 171 65.45 -32.51 48.86
C ASN J 171 66.05 -31.27 48.21
N MET J 172 65.72 -30.09 48.76
CA MET J 172 66.20 -28.84 48.19
C MET J 172 67.70 -28.65 48.43
N ASP J 173 68.20 -29.09 49.59
CA ASP J 173 69.59 -28.84 49.95
C ASP J 173 70.54 -29.49 48.97
N GLU J 174 70.17 -30.67 48.45
CA GLU J 174 71.01 -31.38 47.50
C GLU J 174 71.22 -30.57 46.24
N LEU J 175 70.17 -29.89 45.76
CA LEU J 175 70.32 -29.06 44.57
C LEU J 175 71.08 -27.79 44.93
N PHE J 176 70.76 -27.19 46.08
CA PHE J 176 71.43 -25.95 46.50
C PHE J 176 72.95 -26.13 46.56
N SER J 177 73.40 -27.22 47.15
CA SER J 177 74.84 -27.49 47.23
C SER J 177 75.44 -27.68 45.85
N GLY J 178 74.77 -28.44 44.99
CA GLY J 178 75.34 -28.81 43.70
C GLY J 178 75.20 -27.78 42.59
N ARG J 179 74.17 -26.93 42.67
CA ARG J 179 73.87 -25.98 41.60
C ARG J 179 74.98 -24.94 41.43
N ALA J 180 75.52 -24.44 42.55
CA ALA J 180 76.52 -23.39 42.47
C ALA J 180 77.76 -23.84 41.71
N ALA J 181 78.02 -25.14 41.67
CA ALA J 181 79.17 -25.69 40.98
C ALA J 181 79.09 -25.46 39.47
N LEU J 182 77.87 -25.31 38.96
CA LEU J 182 77.64 -25.07 37.54
C LEU J 182 77.52 -23.58 37.28
N SER J 183 78.08 -23.15 36.15
CA SER J 183 78.05 -21.73 35.82
C SER J 183 76.64 -21.30 35.43
N THR J 184 76.43 -19.98 35.43
CA THR J 184 75.11 -19.43 35.14
C THR J 184 74.62 -19.85 33.77
N ASP J 185 75.46 -19.67 32.75
CA ASP J 185 75.07 -20.07 31.39
C ASP J 185 74.83 -21.57 31.31
N GLN J 186 75.64 -22.34 32.03
CA GLN J 186 75.45 -23.79 32.06
C GLN J 186 74.09 -24.15 32.64
N TRP J 187 73.66 -23.45 33.68
CA TRP J 187 72.34 -23.74 34.26
C TRP J 187 71.22 -23.26 33.36
N ARG J 188 71.43 -22.17 32.61
CA ARG J 188 70.45 -21.78 31.60
C ARG J 188 70.30 -22.87 30.55
N GLU J 189 71.43 -23.41 30.08
CA GLU J 189 71.40 -24.52 29.14
C GLU J 189 70.67 -25.71 29.75
N SER J 190 70.94 -26.00 31.03
CA SER J 190 70.31 -27.13 31.69
C SER J 190 68.80 -26.95 31.80
N LEU J 191 68.34 -25.75 32.12
CA LEU J 191 66.90 -25.49 32.20
C LEU J 191 66.25 -25.65 30.84
N ILE J 192 66.89 -25.15 29.78
CA ILE J 192 66.30 -25.30 28.46
C ILE J 192 66.27 -26.77 28.04
N ARG J 193 67.32 -27.52 28.37
CA ARG J 193 67.31 -28.95 28.08
C ARG J 193 66.30 -29.69 28.95
N SER J 194 65.92 -29.10 30.08
CA SER J 194 64.97 -29.74 30.98
C SER J 194 63.58 -29.79 30.35
N ILE J 195 63.35 -29.07 29.26
CA ILE J 195 62.08 -29.08 28.56
C ILE J 195 62.21 -29.99 27.35
N GLY J 196 63.44 -30.45 27.09
CA GLY J 196 63.73 -31.23 25.91
C GLY J 196 64.15 -30.42 24.70
N MET J 197 64.15 -29.10 24.80
CA MET J 197 64.61 -28.24 23.71
C MET J 197 66.13 -28.24 23.67
N GLU J 198 66.68 -28.01 22.47
CA GLU J 198 68.13 -27.96 22.29
C GLU J 198 68.61 -26.51 22.34
N PRO J 199 69.07 -26.02 23.50
CA PRO J 199 69.51 -24.62 23.58
C PRO J 199 70.67 -24.30 22.65
N ALA J 200 71.53 -25.29 22.36
CA ALA J 200 72.55 -25.09 21.35
C ALA J 200 71.95 -24.81 19.98
N SER J 201 70.74 -25.29 19.72
CA SER J 201 70.02 -25.00 18.49
C SER J 201 69.18 -23.74 18.57
N LEU J 202 69.18 -23.05 19.72
CA LEU J 202 68.37 -21.86 19.92
C LEU J 202 69.27 -20.68 20.27
N LYS J 203 68.83 -19.48 19.93
CA LYS J 203 69.54 -18.28 20.33
C LYS J 203 69.31 -18.00 21.81
N GLU J 204 70.19 -17.20 22.40
CA GLU J 204 70.10 -16.90 23.83
C GLU J 204 68.82 -16.18 24.17
N ASP J 205 68.36 -15.28 23.27
CA ASP J 205 67.12 -14.57 23.51
C ASP J 205 65.94 -15.53 23.59
N VAL J 206 65.91 -16.53 22.70
CA VAL J 206 64.84 -17.51 22.74
C VAL J 206 64.92 -18.33 24.03
N GLN J 207 66.13 -18.59 24.51
CA GLN J 207 66.28 -19.28 25.79
C GLN J 207 65.73 -18.44 26.94
N TRP J 208 65.97 -17.12 26.90
CA TRP J 208 65.36 -16.23 27.88
C TRP J 208 63.84 -16.27 27.80
N HIS J 209 63.29 -16.30 26.58
CA HIS J 209 61.84 -16.40 26.43
C HIS J 209 61.31 -17.71 27.00
N LEU J 210 62.03 -18.81 26.77
CA LEU J 210 61.59 -20.09 27.31
C LEU J 210 61.71 -20.13 28.83
N LEU J 211 62.68 -19.42 29.38
CA LEU J 211 62.77 -19.30 30.84
C LEU J 211 61.61 -18.50 31.40
N ALA J 212 61.26 -17.40 30.74
CA ALA J 212 60.06 -16.65 31.12
C ALA J 212 58.82 -17.53 31.01
N ARG J 213 58.82 -18.46 30.05
CA ARG J 213 57.73 -19.42 29.94
C ARG J 213 57.61 -20.28 31.18
N MET J 214 58.73 -20.67 31.80
CA MET J 214 58.68 -21.55 32.96
C MET J 214 58.63 -20.79 34.28
N VAL J 215 58.79 -19.47 34.26
CA VAL J 215 58.67 -18.65 35.47
C VAL J 215 57.35 -18.88 36.22
N PRO J 216 56.18 -18.97 35.55
CA PRO J 216 54.91 -19.10 36.30
C PRO J 216 54.90 -20.17 37.38
N PHE J 217 55.87 -21.08 37.39
CA PHE J 217 55.81 -22.19 38.33
C PHE J 217 56.61 -21.92 39.61
N VAL J 218 57.27 -20.77 39.71
CA VAL J 218 58.02 -20.45 40.91
C VAL J 218 57.49 -19.21 41.63
N GLU J 219 56.57 -18.47 41.03
CA GLU J 219 56.02 -17.27 41.65
C GLU J 219 54.52 -17.43 41.79
N ASN J 220 53.99 -17.04 42.95
CA ASN J 220 52.56 -17.14 43.19
C ASN J 220 51.82 -16.09 42.38
N ASN J 221 50.80 -16.53 41.64
CA ASN J 221 49.98 -15.66 40.81
C ASN J 221 50.83 -14.91 39.78
N TYR J 222 51.72 -15.64 39.11
CA TYR J 222 52.57 -15.03 38.08
C TYR J 222 51.75 -14.96 36.80
N ASN J 223 51.15 -13.79 36.56
CA ASN J 223 50.23 -13.63 35.45
C ASN J 223 50.99 -13.23 34.20
N VAL J 224 50.73 -13.94 33.10
CA VAL J 224 51.51 -13.79 31.88
C VAL J 224 50.63 -14.11 30.66
N CYS J 225 50.90 -13.40 29.57
CA CYS J 225 50.25 -13.66 28.29
C CYS J 225 51.30 -14.00 27.24
N GLU J 226 51.08 -15.12 26.55
CA GLU J 226 51.93 -15.52 25.43
C GLU J 226 51.07 -15.59 24.18
N LEU J 227 51.38 -14.76 23.20
CA LEU J 227 50.67 -14.72 21.93
C LEU J 227 51.68 -14.94 20.82
N GLY J 228 51.44 -15.95 19.98
CA GLY J 228 52.38 -16.29 18.93
C GLY J 228 51.82 -17.21 17.88
N PRO J 229 52.55 -17.35 16.77
CA PRO J 229 52.09 -18.22 15.68
C PRO J 229 52.02 -19.68 16.11
N ARG J 230 51.17 -20.42 15.42
CA ARG J 230 50.95 -21.82 15.75
C ARG J 230 52.23 -22.63 15.61
N GLY J 231 52.41 -23.59 16.51
CA GLY J 231 53.57 -24.47 16.45
C GLY J 231 54.79 -23.97 17.18
N THR J 232 54.65 -23.06 18.14
CA THR J 232 55.77 -22.54 18.90
C THR J 232 55.88 -23.17 20.29
N GLY J 233 55.17 -24.26 20.55
CA GLY J 233 55.28 -24.96 21.81
C GLY J 233 54.68 -24.25 23.00
N LYS J 234 53.66 -23.43 22.78
CA LYS J 234 53.05 -22.68 23.88
C LYS J 234 52.32 -23.60 24.85
N SER J 235 51.64 -24.63 24.34
CA SER J 235 50.73 -25.41 25.15
C SER J 235 51.34 -26.69 25.71
N HIS J 236 52.33 -27.28 25.03
CA HIS J 236 52.95 -28.50 25.53
C HIS J 236 53.68 -28.24 26.85
N ILE J 237 54.29 -27.07 26.96
CA ILE J 237 55.17 -26.77 28.10
C ILE J 237 54.39 -26.76 29.41
N TYR J 238 53.13 -26.32 29.37
CA TYR J 238 52.31 -26.30 30.58
C TYR J 238 51.47 -27.56 30.76
N LYS J 239 51.53 -28.50 29.82
CA LYS J 239 50.73 -29.71 29.90
C LYS J 239 51.57 -30.95 30.19
N GLU J 240 52.86 -30.93 29.81
CA GLU J 240 53.72 -32.08 30.05
C GLU J 240 54.92 -31.81 30.94
N CYS J 241 55.26 -30.54 31.17
CA CYS J 241 56.39 -30.20 32.01
C CYS J 241 55.99 -29.90 33.45
N SER J 242 54.72 -30.11 33.81
CA SER J 242 54.27 -29.88 35.18
C SER J 242 52.95 -30.59 35.41
N PRO J 243 52.84 -31.43 36.45
CA PRO J 243 51.54 -31.99 36.81
C PRO J 243 50.68 -31.07 37.67
N ASN J 244 51.29 -30.03 38.27
CA ASN J 244 50.56 -29.09 39.10
C ASN J 244 50.08 -27.88 38.31
N SER J 245 49.87 -28.04 37.01
CA SER J 245 49.30 -27.00 36.16
C SER J 245 48.23 -27.61 35.26
N ILE J 246 47.27 -26.78 34.87
CA ILE J 246 46.12 -27.22 34.10
C ILE J 246 45.89 -26.28 32.93
N LEU J 247 45.56 -26.86 31.78
CA LEU J 247 45.12 -26.13 30.60
C LEU J 247 43.60 -26.16 30.56
N VAL J 248 43.00 -25.03 30.20
CA VAL J 248 41.56 -24.97 29.96
C VAL J 248 41.37 -24.80 28.46
N SER J 249 40.79 -25.80 27.81
CA SER J 249 40.62 -25.81 26.38
C SER J 249 39.15 -25.64 26.01
N GLY J 250 38.91 -25.12 24.81
CA GLY J 250 37.58 -24.89 24.32
C GLY J 250 37.03 -23.51 24.61
N GLY J 251 37.70 -22.72 25.44
CA GLY J 251 37.27 -21.36 25.71
C GLY J 251 36.13 -21.24 26.72
N GLN J 252 35.39 -22.33 26.91
CA GLN J 252 34.24 -22.33 27.82
C GLN J 252 34.75 -22.47 29.24
N THR J 253 34.31 -21.57 30.12
CA THR J 253 34.65 -21.60 31.53
C THR J 253 33.66 -20.76 32.32
N THR J 254 33.28 -21.24 33.50
CA THR J 254 32.34 -20.56 34.37
C THR J 254 33.01 -20.18 35.67
N VAL J 255 32.52 -19.08 36.26
CA VAL J 255 33.06 -18.62 37.53
C VAL J 255 32.80 -19.65 38.62
N ALA J 256 31.73 -20.43 38.49
CA ALA J 256 31.49 -21.50 39.45
C ALA J 256 32.54 -22.59 39.35
N ASN J 257 32.87 -23.01 38.12
CA ASN J 257 33.89 -24.02 37.93
C ASN J 257 35.29 -23.46 38.16
N LEU J 258 35.57 -22.27 37.63
CA LEU J 258 36.92 -21.73 37.65
C LEU J 258 37.32 -21.24 39.04
N PHE J 259 36.42 -20.53 39.72
CA PHE J 259 36.78 -19.80 40.94
C PHE J 259 36.18 -20.45 42.18
N TYR J 260 34.86 -20.58 42.27
CA TYR J 260 34.23 -20.99 43.51
C TYR J 260 32.79 -21.39 43.21
N ASN J 261 32.39 -22.56 43.69
CA ASN J 261 31.03 -23.05 43.51
C ASN J 261 30.18 -22.49 44.65
N MET J 262 29.20 -21.66 44.30
CA MET J 262 28.37 -21.02 45.32
C MET J 262 27.52 -22.03 46.09
N SER J 263 27.18 -23.16 45.47
CA SER J 263 26.31 -24.12 46.12
C SER J 263 27.09 -25.11 46.99
N SER J 264 28.11 -25.74 46.42
CA SER J 264 28.83 -26.79 47.13
C SER J 264 29.85 -26.25 48.13
N ARG J 265 30.09 -24.93 48.13
CA ARG J 265 31.05 -24.30 49.05
C ARG J 265 32.44 -24.92 48.90
N ARG J 266 32.81 -25.18 47.65
CA ARG J 266 34.11 -25.75 47.31
C ARG J 266 34.87 -24.81 46.37
N ILE J 267 36.11 -24.51 46.73
CA ILE J 267 36.94 -23.62 45.92
C ILE J 267 37.18 -24.25 44.55
N GLY J 268 37.18 -23.40 43.52
CA GLY J 268 37.23 -23.86 42.14
C GLY J 268 38.60 -24.35 41.72
N LEU J 269 38.86 -24.18 40.42
CA LEU J 269 40.12 -24.66 39.84
C LEU J 269 41.32 -23.94 40.46
N VAL J 270 41.17 -22.67 40.80
CA VAL J 270 42.28 -21.87 41.26
C VAL J 270 42.90 -22.41 42.55
N GLY J 271 42.11 -23.13 43.35
CA GLY J 271 42.62 -23.65 44.60
C GLY J 271 43.26 -25.02 44.55
N LEU J 272 43.30 -25.66 43.37
CA LEU J 272 43.81 -27.01 43.27
C LEU J 272 45.03 -27.15 42.36
N TRP J 273 45.41 -26.10 41.64
CA TRP J 273 46.53 -26.17 40.72
C TRP J 273 47.46 -24.98 40.93
N ASP J 274 48.73 -25.16 40.55
CA ASP J 274 49.69 -24.08 40.70
C ASP J 274 49.62 -23.09 39.54
N VAL J 275 49.23 -23.54 38.35
CA VAL J 275 49.11 -22.67 37.19
C VAL J 275 47.85 -23.04 36.41
N VAL J 276 47.09 -22.02 36.00
CA VAL J 276 45.92 -22.18 35.15
C VAL J 276 46.19 -21.44 33.85
N ALA J 277 46.17 -22.15 32.74
CA ALA J 277 46.48 -21.57 31.44
C ALA J 277 45.31 -21.74 30.49
N PHE J 278 44.77 -20.62 30.01
CA PHE J 278 43.69 -20.63 29.02
C PHE J 278 44.30 -20.64 27.63
N ASP J 279 44.16 -21.77 26.94
CA ASP J 279 44.59 -21.88 25.55
C ASP J 279 43.57 -21.21 24.63
N GLU J 280 44.04 -20.75 23.48
CA GLU J 280 43.22 -20.13 22.43
C GLU J 280 42.28 -19.09 23.04
N VAL J 281 42.91 -18.08 23.62
CA VAL J 281 42.19 -17.07 24.39
C VAL J 281 41.12 -16.38 23.57
N ALA J 282 41.24 -16.40 22.24
CA ALA J 282 40.20 -15.84 21.40
C ALA J 282 38.85 -16.52 21.63
N GLY J 283 38.88 -17.82 21.95
CA GLY J 283 37.65 -18.56 22.21
C GLY J 283 37.13 -18.47 23.62
N ILE J 284 37.80 -17.74 24.50
CA ILE J 284 37.38 -17.66 25.90
C ILE J 284 36.03 -16.97 25.98
N SER J 285 35.07 -17.63 26.63
CA SER J 285 33.75 -17.08 26.85
C SER J 285 33.32 -17.37 28.28
N PHE J 286 32.81 -16.37 28.97
CA PHE J 286 32.32 -16.51 30.34
C PHE J 286 30.81 -16.32 30.36
N LYS J 287 30.10 -17.30 30.91
CA LYS J 287 28.64 -17.20 30.98
C LYS J 287 28.21 -16.09 31.93
N ASP J 288 28.95 -15.87 33.01
CA ASP J 288 28.60 -14.85 33.98
C ASP J 288 29.26 -13.53 33.59
N LYS J 289 28.44 -12.46 33.53
CA LYS J 289 28.97 -11.16 33.14
C LYS J 289 29.90 -10.59 34.21
N ASP J 290 29.67 -10.95 35.47
CA ASP J 290 30.51 -10.47 36.56
C ASP J 290 31.88 -11.14 36.59
N GLY J 291 32.09 -12.18 35.77
CA GLY J 291 33.36 -12.88 35.79
C GLY J 291 34.52 -11.99 35.42
N VAL J 292 34.27 -10.95 34.63
CA VAL J 292 35.35 -10.08 34.19
C VAL J 292 35.96 -9.33 35.37
N GLN J 293 35.13 -8.68 36.18
CA GLN J 293 35.69 -7.89 37.28
C GLN J 293 36.16 -8.77 38.42
N ILE J 294 35.55 -9.94 38.60
CA ILE J 294 36.10 -10.92 39.54
C ILE J 294 37.50 -11.33 39.09
N MET J 295 37.67 -11.57 37.79
CA MET J 295 38.99 -11.82 37.24
C MET J 295 39.92 -10.66 37.56
N LYS J 296 39.45 -9.43 37.33
CA LYS J 296 40.29 -8.25 37.58
C LYS J 296 40.77 -8.20 39.02
N ASP J 297 39.86 -8.46 39.97
CA ASP J 297 40.24 -8.45 41.38
C ASP J 297 41.27 -9.53 41.68
N TYR J 298 41.08 -10.74 41.13
CA TYR J 298 42.05 -11.79 41.36
C TYR J 298 43.40 -11.43 40.76
N MET J 299 43.39 -10.79 39.58
CA MET J 299 44.63 -10.33 38.95
C MET J 299 45.34 -9.31 39.82
N ALA J 300 44.61 -8.34 40.38
CA ALA J 300 45.22 -7.23 41.09
C ALA J 300 45.74 -7.65 42.45
N SER J 301 44.98 -8.46 43.19
CA SER J 301 45.34 -8.77 44.57
C SER J 301 45.68 -10.23 44.82
N GLY J 302 45.36 -11.13 43.89
CA GLY J 302 45.56 -12.54 44.17
C GLY J 302 44.50 -13.17 45.03
N SER J 303 43.54 -12.38 45.50
CA SER J 303 42.41 -12.87 46.27
C SER J 303 41.15 -12.18 45.80
N PHE J 304 40.06 -12.94 45.73
CA PHE J 304 38.80 -12.44 45.20
C PHE J 304 37.68 -12.72 46.19
N ALA J 305 36.81 -11.73 46.36
CA ALA J 305 35.68 -11.83 47.28
C ALA J 305 34.47 -12.32 46.49
N ARG J 306 33.96 -13.50 46.86
CA ARG J 306 32.78 -14.03 46.21
C ARG J 306 31.70 -14.24 47.26
N GLY J 307 30.52 -13.71 47.01
CA GLY J 307 29.46 -13.76 48.00
C GLY J 307 29.77 -12.90 49.19
N ARG J 308 30.15 -13.53 50.30
CA ARG J 308 30.47 -12.83 51.52
C ARG J 308 31.87 -13.12 52.06
N GLU J 309 32.61 -14.04 51.42
CA GLU J 309 33.93 -14.41 51.88
C GLU J 309 34.97 -14.19 50.78
N GLN J 310 36.21 -13.90 51.20
CA GLN J 310 37.33 -13.70 50.29
C GLN J 310 38.14 -14.98 50.20
N MET J 311 38.28 -15.51 48.99
CA MET J 311 39.08 -16.69 48.72
C MET J 311 40.37 -16.29 48.03
N GLU J 312 41.48 -16.81 48.53
CA GLU J 312 42.80 -16.59 47.94
C GLU J 312 43.23 -17.83 47.18
N ALA J 313 44.19 -17.66 46.27
CA ALA J 313 44.69 -18.77 45.47
C ALA J 313 46.13 -18.50 45.06
N SER J 314 46.89 -19.57 44.85
CA SER J 314 48.26 -19.48 44.38
C SER J 314 48.43 -19.88 42.92
N ALA J 315 47.33 -20.09 42.19
CA ALA J 315 47.42 -20.45 40.79
C ALA J 315 47.83 -19.25 39.94
N SER J 316 48.82 -19.45 39.08
CA SER J 316 49.29 -18.39 38.21
C SER J 316 48.47 -18.37 36.93
N MET J 317 48.04 -17.18 36.53
CA MET J 317 47.16 -16.99 35.38
C MET J 317 48.01 -16.86 34.12
N VAL J 318 47.75 -17.71 33.13
CA VAL J 318 48.42 -17.65 31.84
C VAL J 318 47.37 -17.62 30.73
N PHE J 319 47.61 -16.77 29.74
CA PHE J 319 46.73 -16.64 28.57
C PHE J 319 47.53 -16.92 27.31
N VAL J 320 47.20 -18.00 26.61
CA VAL J 320 47.92 -18.44 25.41
C VAL J 320 47.05 -18.16 24.19
N GLY J 321 47.66 -17.57 23.15
CA GLY J 321 46.92 -17.26 21.94
C GLY J 321 47.77 -17.37 20.68
N ASN J 322 47.07 -17.40 19.55
CA ASN J 322 47.69 -17.57 18.24
C ASN J 322 47.72 -16.25 17.48
N ILE J 323 48.78 -16.03 16.71
CA ILE J 323 48.93 -14.86 15.86
C ILE J 323 48.67 -15.28 14.42
N ASN J 324 47.85 -14.51 13.70
CA ASN J 324 47.52 -14.81 12.31
C ASN J 324 48.03 -13.77 11.32
N GLN J 325 48.37 -12.57 11.78
CA GLN J 325 48.87 -11.51 10.93
C GLN J 325 50.38 -11.34 11.13
N SER J 326 50.99 -10.55 10.24
CA SER J 326 52.40 -10.21 10.41
C SER J 326 52.59 -9.22 11.55
N VAL J 327 53.79 -9.22 12.12
CA VAL J 327 54.07 -8.42 13.30
C VAL J 327 53.98 -6.93 12.98
N GLU J 328 54.58 -6.51 11.86
CA GLU J 328 54.58 -5.08 11.51
C GLU J 328 53.17 -4.58 11.23
N SER J 329 52.36 -5.38 10.53
CA SER J 329 50.98 -4.99 10.26
C SER J 329 50.20 -4.84 11.55
N LEU J 330 50.36 -5.79 12.47
CA LEU J 330 49.65 -5.73 13.74
C LEU J 330 50.11 -4.53 14.55
N VAL J 331 51.40 -4.18 14.48
CA VAL J 331 51.88 -3.01 15.19
C VAL J 331 51.28 -1.74 14.61
N LYS J 332 51.33 -1.56 13.29
CA LYS J 332 50.96 -0.29 12.70
C LYS J 332 49.44 -0.09 12.63
N THR J 333 48.67 -1.17 12.51
CA THR J 333 47.23 -1.06 12.35
C THR J 333 46.45 -1.21 13.64
N SER J 334 46.98 -1.95 14.62
CA SER J 334 46.26 -2.19 15.86
C SER J 334 47.22 -2.39 17.03
N HIS J 335 46.72 -2.95 18.12
CA HIS J 335 47.55 -3.41 19.21
C HIS J 335 47.76 -4.90 19.04
N LEU J 336 48.91 -5.39 19.53
CA LEU J 336 49.24 -6.80 19.38
C LEU J 336 48.21 -7.72 20.06
N LEU J 337 47.50 -7.24 21.07
CA LEU J 337 46.54 -8.06 21.79
C LEU J 337 45.20 -8.16 21.08
N ALA J 338 45.17 -7.90 19.77
CA ALA J 338 43.97 -8.01 18.94
C ALA J 338 43.32 -9.39 19.04
N PRO J 339 44.07 -10.51 19.07
CA PRO J 339 43.40 -11.82 19.19
C PRO J 339 42.59 -12.01 20.47
N PHE J 340 42.73 -11.14 21.46
CA PHE J 340 41.87 -11.23 22.63
C PHE J 340 40.44 -10.88 22.26
N PRO J 341 39.46 -11.55 22.86
CA PRO J 341 38.05 -11.26 22.54
C PRO J 341 37.66 -9.85 22.96
N GLU J 342 36.66 -9.31 22.26
CA GLU J 342 36.25 -7.93 22.50
C GLU J 342 35.84 -7.70 23.94
N ALA J 343 35.26 -8.71 24.58
CA ALA J 343 34.83 -8.57 25.96
C ALA J 343 35.97 -8.32 26.92
N MET J 344 37.17 -8.84 26.64
CA MET J 344 38.32 -8.66 27.51
C MET J 344 39.36 -7.69 26.98
N ILE J 345 39.00 -6.84 26.02
CA ILE J 345 39.90 -5.79 25.56
C ILE J 345 39.72 -4.56 26.44
N ASP J 346 40.47 -4.50 27.55
CA ASP J 346 40.39 -3.39 28.49
C ASP J 346 41.78 -3.12 29.03
N SER J 347 42.10 -1.84 29.24
CA SER J 347 43.40 -1.48 29.81
C SER J 347 43.53 -2.02 31.23
N ALA J 348 42.47 -1.92 32.03
CA ALA J 348 42.51 -2.39 33.41
C ALA J 348 42.81 -3.88 33.48
N PHE J 349 42.31 -4.66 32.52
CA PHE J 349 42.61 -6.09 32.50
C PHE J 349 44.05 -6.34 32.10
N PHE J 350 44.52 -5.64 31.06
CA PHE J 350 45.82 -5.97 30.50
C PHE J 350 46.97 -5.49 31.39
N ASP J 351 46.78 -4.39 32.12
CA ASP J 351 47.89 -3.89 32.92
C ASP J 351 48.31 -4.83 34.04
N ARG J 352 47.49 -5.84 34.34
CA ARG J 352 47.82 -6.83 35.36
C ARG J 352 48.76 -7.93 34.87
N PHE J 353 49.03 -8.03 33.57
CA PHE J 353 50.01 -8.99 33.07
C PHE J 353 51.40 -8.62 33.56
N HIS J 354 52.11 -9.59 34.13
CA HIS J 354 53.51 -9.36 34.48
C HIS J 354 54.42 -9.45 33.26
N ALA J 355 54.03 -10.21 32.23
CA ALA J 355 54.87 -10.37 31.06
C ALA J 355 54.03 -10.70 29.83
N TYR J 356 54.53 -10.26 28.67
CA TYR J 356 54.02 -10.62 27.36
C TYR J 356 55.12 -11.35 26.61
N ILE J 357 55.05 -12.68 26.62
CA ILE J 357 56.05 -13.51 25.97
C ILE J 357 55.93 -13.36 24.47
N PRO J 358 56.98 -12.92 23.77
CA PRO J 358 56.90 -12.76 22.32
C PRO J 358 57.00 -14.10 21.60
N GLY J 359 55.87 -14.79 21.47
CA GLY J 359 55.84 -16.10 20.85
C GLY J 359 56.34 -16.13 19.41
N TRP J 360 56.29 -15.00 18.71
CA TRP J 360 56.81 -14.95 17.35
C TRP J 360 58.32 -15.09 17.30
N GLU J 361 59.04 -14.59 18.31
CA GLU J 361 60.49 -14.67 18.32
C GLU J 361 60.99 -16.10 18.41
N ILE J 362 60.30 -16.96 19.15
CA ILE J 362 60.68 -18.36 19.27
C ILE J 362 60.35 -19.07 17.96
N PRO J 363 61.31 -19.76 17.35
CA PRO J 363 61.05 -20.41 16.07
C PRO J 363 60.07 -21.56 16.22
N LYS J 364 59.51 -21.97 15.08
CA LYS J 364 58.56 -23.08 15.08
C LYS J 364 59.25 -24.38 15.50
N MET J 365 58.50 -25.25 16.16
CA MET J 365 59.05 -26.50 16.68
C MET J 365 59.59 -27.36 15.55
N ARG J 366 60.81 -27.86 15.73
CA ARG J 366 61.44 -28.75 14.77
C ARG J 366 62.20 -29.84 15.51
N PRO J 367 62.36 -31.01 14.89
CA PRO J 367 63.11 -32.09 15.56
C PRO J 367 64.52 -31.69 15.95
N GLU J 368 65.20 -30.87 15.14
CA GLU J 368 66.53 -30.42 15.52
C GLU J 368 66.49 -29.46 16.70
N PHE J 369 65.34 -28.83 16.94
CA PHE J 369 65.19 -27.99 18.13
C PHE J 369 65.00 -28.80 19.40
N PHE J 370 64.73 -30.10 19.31
CA PHE J 370 64.58 -30.96 20.47
C PHE J 370 65.95 -31.51 20.85
N THR J 371 66.33 -31.33 22.11
CA THR J 371 67.63 -31.80 22.55
C THR J 371 67.67 -33.32 22.63
N ASN J 372 68.89 -33.86 22.57
CA ASN J 372 69.11 -35.29 22.70
C ASN J 372 69.92 -35.63 23.95
N ARG J 373 70.03 -34.71 24.89
CA ARG J 373 70.99 -34.84 25.97
C ARG J 373 70.27 -34.98 27.31
N TYR J 374 71.03 -34.84 28.39
CA TYR J 374 70.47 -35.01 29.73
C TYR J 374 69.53 -33.86 30.09
N GLY J 375 68.66 -34.11 31.06
CA GLY J 375 67.77 -33.09 31.57
C GLY J 375 67.28 -33.44 32.96
N LEU J 376 66.99 -32.40 33.74
CA LEU J 376 66.52 -32.58 35.11
C LEU J 376 65.16 -33.27 35.13
N ILE J 377 64.89 -34.00 36.21
CA ILE J 377 63.63 -34.73 36.31
C ILE J 377 62.48 -33.74 36.41
N VAL J 378 61.46 -33.93 35.58
CA VAL J 378 60.32 -33.02 35.56
C VAL J 378 59.59 -33.04 36.90
N ASP J 379 59.51 -34.21 37.53
CA ASP J 379 58.96 -34.27 38.88
C ASP J 379 59.86 -33.50 39.86
N TYR J 380 61.17 -33.74 39.79
CA TYR J 380 62.11 -33.00 40.62
C TYR J 380 62.06 -31.52 40.30
N LEU J 381 61.97 -31.18 39.01
CA LEU J 381 61.91 -29.78 38.61
C LEU J 381 60.65 -29.11 39.14
N ALA J 382 59.52 -29.82 39.08
CA ALA J 382 58.26 -29.25 39.55
C ALA J 382 58.26 -29.07 41.06
N GLU J 383 58.79 -30.06 41.80
CA GLU J 383 58.83 -29.90 43.25
C GLU J 383 59.82 -28.80 43.65
N PHE J 384 60.89 -28.62 42.88
CA PHE J 384 61.79 -27.51 43.13
C PHE J 384 61.11 -26.18 42.84
N PHE J 385 60.30 -26.12 41.79
CA PHE J 385 59.49 -24.94 41.54
C PHE J 385 58.55 -24.68 42.70
N ARG J 386 57.93 -25.73 43.24
CA ARG J 386 57.08 -25.58 44.40
C ARG J 386 57.84 -25.00 45.58
N GLU J 387 59.04 -25.51 45.85
CA GLU J 387 59.81 -25.01 46.99
C GLU J 387 60.19 -23.54 46.76
N MET J 388 60.56 -23.19 45.53
CA MET J 388 60.75 -21.80 45.14
C MET J 388 59.51 -20.95 45.37
N ARG J 389 58.31 -21.52 45.20
CA ARG J 389 57.09 -20.73 45.33
C ARG J 389 56.99 -20.07 46.70
N LYS J 390 57.63 -20.64 47.71
CA LYS J 390 57.68 -20.02 49.03
C LYS J 390 58.75 -18.94 49.13
N ARG J 391 59.58 -18.79 48.12
CA ARG J 391 60.70 -17.85 48.14
C ARG J 391 60.32 -16.55 47.43
N SER J 392 61.18 -15.56 47.57
CA SER J 392 61.00 -14.27 46.92
C SER J 392 62.35 -13.59 46.77
N PHE J 393 62.61 -13.04 45.58
CA PHE J 393 63.88 -12.38 45.28
C PHE J 393 63.69 -11.03 44.60
N ALA J 394 62.56 -10.36 44.85
CA ALA J 394 62.34 -9.05 44.23
C ALA J 394 63.19 -7.96 44.87
N ASP J 395 63.84 -8.24 46.00
CA ASP J 395 64.61 -7.23 46.72
C ASP J 395 66.03 -7.07 46.20
N SER J 396 66.51 -7.98 45.36
CA SER J 396 67.91 -7.94 44.91
C SER J 396 68.19 -6.71 44.05
N ILE J 397 67.17 -6.19 43.37
CA ILE J 397 67.38 -5.04 42.48
C ILE J 397 67.77 -3.81 43.28
N GLU J 398 67.23 -3.66 44.49
CA GLU J 398 67.54 -2.49 45.31
C GLU J 398 69.01 -2.43 45.68
N LYS J 399 69.70 -3.57 45.64
CA LYS J 399 71.13 -3.60 45.94
C LYS J 399 71.94 -2.83 44.91
N TYR J 400 71.57 -2.93 43.64
CA TYR J 400 72.37 -2.36 42.56
C TYR J 400 71.70 -1.23 41.79
N PHE J 401 70.37 -1.20 41.69
CA PHE J 401 69.70 -0.29 40.79
C PHE J 401 68.47 0.33 41.45
N LYS J 402 68.00 1.42 40.86
CA LYS J 402 66.74 2.06 41.21
C LYS J 402 65.92 2.27 39.94
N LEU J 403 64.62 2.00 40.03
CA LEU J 403 63.77 2.11 38.84
C LEU J 403 63.60 3.57 38.42
N GLY J 404 63.35 3.77 37.13
CA GLY J 404 63.15 5.11 36.60
C GLY J 404 61.82 5.70 37.03
N ASN J 405 61.63 6.97 36.66
CA ASN J 405 60.44 7.69 37.05
C ASN J 405 59.25 7.47 36.13
N ASN J 406 59.46 6.85 34.97
CA ASN J 406 58.39 6.64 34.00
C ASN J 406 57.61 5.36 34.23
N LEU J 407 57.93 4.61 35.29
CA LEU J 407 57.23 3.37 35.63
C LEU J 407 56.31 3.64 36.81
N ASN J 408 55.03 3.29 36.66
CA ASN J 408 54.10 3.43 37.78
C ASN J 408 54.32 2.30 38.78
N GLN J 409 53.50 2.30 39.84
CA GLN J 409 53.64 1.27 40.86
C GLN J 409 53.34 -0.12 40.31
N ARG J 410 52.36 -0.23 39.42
CA ARG J 410 52.05 -1.52 38.81
C ARG J 410 53.24 -2.04 38.00
N ASP J 411 53.88 -1.17 37.21
CA ASP J 411 55.04 -1.57 36.44
C ASP J 411 56.18 -2.01 37.35
N VAL J 412 56.39 -1.25 38.44
CA VAL J 412 57.44 -1.59 39.39
C VAL J 412 57.18 -2.97 39.98
N ILE J 413 55.94 -3.22 40.38
CA ILE J 413 55.59 -4.52 40.98
C ILE J 413 55.81 -5.65 39.98
N ALA J 414 55.34 -5.46 38.74
CA ALA J 414 55.47 -6.50 37.74
C ALA J 414 56.94 -6.81 37.44
N VAL J 415 57.75 -5.76 37.32
CA VAL J 415 59.17 -5.95 37.02
C VAL J 415 59.86 -6.66 38.18
N ARG J 416 59.56 -6.24 39.41
CA ARG J 416 60.14 -6.90 40.57
C ARG J 416 59.80 -8.38 40.59
N LYS J 417 58.52 -8.70 40.33
CA LYS J 417 58.08 -10.09 40.36
C LYS J 417 58.77 -10.91 39.27
N THR J 418 58.86 -10.37 38.06
CA THR J 418 59.50 -11.10 36.97
C THR J 418 60.98 -11.33 37.27
N VAL J 419 61.66 -10.32 37.80
CA VAL J 419 63.06 -10.46 38.16
C VAL J 419 63.22 -11.54 39.22
N SER J 420 62.32 -11.56 40.20
CA SER J 420 62.38 -12.58 41.24
C SER J 420 62.18 -13.97 40.65
N GLY J 421 61.28 -14.10 39.69
CA GLY J 421 61.05 -15.39 39.06
C GLY J 421 62.27 -15.88 38.30
N LEU J 422 62.88 -15.01 37.51
CA LEU J 422 64.09 -15.41 36.79
C LEU J 422 65.22 -15.73 37.76
N MET J 423 65.28 -14.99 38.88
CA MET J 423 66.27 -15.26 39.92
C MET J 423 66.05 -16.65 40.51
N LYS J 424 64.80 -17.03 40.73
CA LYS J 424 64.48 -18.36 41.22
C LYS J 424 64.90 -19.43 40.21
N LEU J 425 64.62 -19.21 38.93
CA LEU J 425 65.02 -20.17 37.91
C LEU J 425 66.54 -20.33 37.83
N LEU J 426 67.28 -19.23 37.89
CA LEU J 426 68.70 -19.28 37.56
C LEU J 426 69.61 -19.39 38.79
N TYR J 427 69.28 -18.69 39.88
CA TYR J 427 70.18 -18.62 41.04
C TYR J 427 69.42 -18.95 42.32
N PRO J 428 69.06 -20.21 42.54
CA PRO J 428 68.38 -20.56 43.80
C PRO J 428 69.21 -20.31 45.05
N HIS J 429 70.54 -20.44 44.98
CA HIS J 429 71.36 -20.32 46.18
C HIS J 429 71.51 -18.88 46.65
N GLY J 430 71.12 -17.90 45.85
CA GLY J 430 71.11 -16.52 46.32
C GLY J 430 72.43 -15.79 46.26
N GLN J 431 73.50 -16.42 45.77
CA GLN J 431 74.78 -15.74 45.60
C GLN J 431 74.84 -15.24 44.16
N PHE J 432 74.87 -13.92 43.99
CA PHE J 432 74.75 -13.33 42.66
C PHE J 432 75.74 -12.21 42.50
N ASN J 433 76.11 -11.94 41.25
CA ASN J 433 76.89 -10.78 40.88
C ASN J 433 75.96 -9.71 40.34
N LYS J 434 76.51 -8.53 40.07
CA LYS J 434 75.68 -7.43 39.60
C LYS J 434 75.15 -7.69 38.19
N GLU J 435 75.98 -8.30 37.33
CA GLU J 435 75.62 -8.47 35.92
C GLU J 435 74.39 -9.36 35.77
N ASP J 436 74.21 -10.33 36.67
CA ASP J 436 73.00 -11.13 36.65
C ASP J 436 71.77 -10.25 36.86
N VAL J 437 71.85 -9.34 37.83
CA VAL J 437 70.75 -8.41 38.08
C VAL J 437 70.53 -7.52 36.87
N ARG J 438 71.62 -7.03 36.25
CA ARG J 438 71.47 -6.23 35.04
C ARG J 438 70.70 -6.99 33.97
N GLN J 439 71.11 -8.22 33.69
CA GLN J 439 70.47 -8.99 32.62
C GLN J 439 69.00 -9.26 32.93
N CYS J 440 68.71 -9.74 34.15
CA CYS J 440 67.34 -10.07 34.50
C CYS J 440 66.45 -8.83 34.50
N LEU J 441 66.95 -7.72 35.07
CA LEU J 441 66.17 -6.49 35.13
C LEU J 441 65.91 -5.95 33.73
N GLU J 442 66.91 -6.01 32.85
CA GLU J 442 66.73 -5.53 31.49
C GLU J 442 65.69 -6.36 30.74
N TYR J 443 65.77 -7.69 30.90
CA TYR J 443 64.79 -8.55 30.24
C TYR J 443 63.38 -8.29 30.77
N ALA J 444 63.24 -8.13 32.09
CA ALA J 444 61.94 -7.84 32.67
C ALA J 444 61.41 -6.50 32.19
N LEU J 445 62.26 -5.48 32.15
CA LEU J 445 61.83 -4.17 31.70
C LEU J 445 61.38 -4.22 30.24
N GLN J 446 62.10 -4.99 29.40
CA GLN J 446 61.70 -5.13 28.01
C GLN J 446 60.32 -5.80 27.89
N VAL J 447 60.14 -6.92 28.58
CA VAL J 447 58.88 -7.65 28.43
C VAL J 447 57.72 -6.84 28.99
N ARG J 448 57.93 -6.08 30.07
CA ARG J 448 56.86 -5.27 30.61
C ARG J 448 56.62 -4.02 29.78
N ARG J 449 57.67 -3.48 29.15
CA ARG J 449 57.50 -2.32 28.29
C ARG J 449 56.73 -2.69 27.03
N ARG J 450 56.82 -3.95 26.61
CA ARG J 450 55.97 -4.40 25.51
C ARG J 450 54.49 -4.26 25.87
N VAL J 451 54.11 -4.70 27.06
CA VAL J 451 52.74 -4.55 27.54
C VAL J 451 52.39 -3.07 27.67
N LYS J 452 53.33 -2.27 28.18
CA LYS J 452 53.08 -0.85 28.33
C LYS J 452 52.80 -0.18 27.00
N GLU J 453 53.56 -0.54 25.96
CA GLU J 453 53.32 -0.03 24.62
C GLU J 453 51.96 -0.48 24.08
N GLN J 454 51.62 -1.75 24.27
CA GLN J 454 50.31 -2.23 23.83
C GLN J 454 49.18 -1.46 24.51
N LEU J 455 49.33 -1.18 25.80
CA LEU J 455 48.35 -0.39 26.52
C LEU J 455 48.30 1.05 26.02
N LYS J 456 49.46 1.63 25.71
CA LYS J 456 49.48 2.97 25.13
C LYS J 456 48.75 3.00 23.80
N LYS J 457 48.76 1.87 23.07
CA LYS J 457 47.95 1.78 21.86
C LYS J 457 46.45 1.84 22.17
N ILE J 458 46.07 1.64 23.44
CA ILE J 458 44.68 1.81 23.85
C ILE J 458 44.58 2.96 24.85
N GLY J 459 45.22 2.81 26.00
CA GLY J 459 45.23 3.84 27.02
C GLY J 459 46.37 4.82 26.83
N GLY J 460 46.29 5.61 25.75
CA GLY J 460 47.38 6.48 25.35
C GLY J 460 47.82 7.49 26.38
N MET J 461 46.87 8.12 27.07
CA MET J 461 47.22 9.18 28.00
C MET J 461 47.64 8.64 29.36
N GLU J 462 47.16 7.45 29.71
CA GLU J 462 47.47 6.89 31.03
C GLU J 462 48.74 6.05 30.99
N PHE J 463 48.94 5.31 29.90
CA PHE J 463 50.15 4.53 29.70
C PHE J 463 51.10 5.33 28.83
N TYR J 464 51.04 6.65 29.01
CA TYR J 464 51.70 7.61 28.12
C TYR J 464 53.22 7.49 28.22
N ASP J 465 53.73 7.22 29.42
CA ASP J 465 55.17 7.07 29.65
C ASP J 465 55.63 5.63 29.46
N VAL J 466 56.18 5.32 28.30
CA VAL J 466 56.60 3.96 27.98
C VAL J 466 58.12 3.84 28.02
N HIS J 467 58.80 4.84 28.58
CA HIS J 467 60.26 4.88 28.60
C HIS J 467 60.79 4.21 29.87
N PHE J 468 61.07 2.93 29.75
CA PHE J 468 61.55 2.14 30.87
C PHE J 468 63.04 2.35 31.07
N SER J 469 63.44 2.67 32.29
CA SER J 469 64.84 2.98 32.60
C SER J 469 65.15 2.54 34.02
N TYR J 470 66.44 2.24 34.24
CA TYR J 470 66.94 1.92 35.57
C TYR J 470 68.28 2.62 35.76
N ILE J 471 68.49 3.14 36.97
CA ILE J 471 69.67 3.93 37.30
C ILE J 471 70.57 3.09 38.19
N ASP J 472 71.83 2.97 37.79
CA ASP J 472 72.80 2.24 38.57
C ASP J 472 73.15 3.04 39.84
N ASN J 473 73.16 2.34 40.99
CA ASN J 473 73.44 3.02 42.24
C ASN J 473 74.87 3.55 42.32
N ASP J 474 75.81 2.91 41.62
CA ASP J 474 77.21 3.31 41.68
C ASP J 474 77.59 4.29 40.57
N THR J 475 77.30 3.96 39.32
CA THR J 475 77.70 4.79 38.19
C THR J 475 76.69 5.89 37.88
N LEU J 476 75.53 5.88 38.54
CA LEU J 476 74.48 6.88 38.29
C LEU J 476 74.11 6.94 36.82
N GLU J 477 74.09 5.78 36.15
CA GLU J 477 73.79 5.71 34.72
C GLU J 477 72.37 5.22 34.55
N GLU J 478 71.51 6.07 33.99
CA GLU J 478 70.11 5.73 33.74
C GLU J 478 70.01 4.90 32.45
N HIS J 479 70.44 3.64 32.57
CA HIS J 479 70.45 2.72 31.44
C HIS J 479 69.04 2.53 30.89
N PHE J 480 68.86 2.74 29.59
CA PHE J 480 67.55 2.66 28.97
C PHE J 480 67.38 1.28 28.34
N VAL J 481 66.14 0.93 27.99
CA VAL J 481 65.84 -0.34 27.36
C VAL J 481 64.79 -0.10 26.28
N SER J 482 64.97 -0.75 25.12
CA SER J 482 64.03 -0.62 24.03
C SER J 482 63.13 -1.86 23.94
N VAL J 483 62.34 -1.95 22.88
CA VAL J 483 61.47 -3.09 22.63
C VAL J 483 61.94 -3.78 21.36
N LYS J 484 62.01 -5.11 21.39
CA LYS J 484 62.55 -5.87 20.27
C LYS J 484 61.72 -5.69 19.01
N GLU J 485 60.39 -5.75 19.13
CA GLU J 485 59.52 -5.70 17.97
C GLU J 485 59.42 -4.30 17.36
N GLN J 486 59.95 -3.28 18.03
CA GLN J 486 59.89 -1.93 17.50
C GLN J 486 61.21 -1.19 17.76
N LEU J 491 61.14 4.62 11.70
CA LEU J 491 60.96 5.41 10.49
C LEU J 491 60.22 6.72 10.79
N ILE J 492 60.04 7.53 9.75
CA ILE J 492 59.41 8.84 9.87
C ILE J 492 58.20 8.86 8.93
N PRO J 493 57.27 9.86 9.02
CA PRO J 493 55.90 9.59 8.60
C PRO J 493 55.70 9.61 7.08
N GLU J 494 55.92 8.48 6.43
CA GLU J 494 55.52 8.35 5.03
C GLU J 494 54.00 8.47 4.94
N GLY J 495 53.53 9.60 4.42
CA GLY J 495 52.13 9.93 4.46
C GLY J 495 51.79 10.84 5.62
N PRO J 496 50.72 11.63 5.48
CA PRO J 496 50.41 12.64 6.51
C PRO J 496 50.10 11.99 7.85
N ALA J 497 50.91 12.34 8.85
CA ALA J 497 50.65 11.90 10.21
C ALA J 497 49.65 12.84 10.88
N LYS J 498 49.32 12.53 12.13
CA LYS J 498 48.38 13.35 12.88
C LYS J 498 49.01 14.70 13.21
N PRO J 499 48.21 15.77 13.28
CA PRO J 499 48.77 17.09 13.58
C PRO J 499 49.43 17.14 14.95
N GLY J 500 50.46 17.97 15.07
CA GLY J 500 51.21 18.08 16.30
C GLY J 500 52.30 17.06 16.49
N PHE J 501 52.48 16.15 15.52
CA PHE J 501 53.47 15.08 15.62
C PHE J 501 54.57 15.33 14.60
N LEU J 502 55.82 15.06 14.98
CA LEU J 502 56.93 15.30 14.08
C LEU J 502 58.15 14.51 14.54
N TYR J 503 59.23 14.66 13.78
CA TYR J 503 60.54 14.09 14.06
C TYR J 503 61.62 15.15 13.89
N THR J 504 62.73 14.99 14.60
CA THR J 504 63.86 15.90 14.51
C THR J 504 65.16 15.13 14.68
N ILE J 505 66.26 15.75 14.27
CA ILE J 505 67.59 15.16 14.42
C ILE J 505 68.48 16.14 15.17
N GLY J 506 69.20 15.63 16.16
CA GLY J 506 70.07 16.48 16.95
C GLY J 506 71.24 15.69 17.51
N LEU J 507 72.23 16.43 18.00
CA LEU J 507 73.41 15.81 18.60
C LEU J 507 73.17 15.60 20.10
N SER J 508 73.19 14.35 20.53
CA SER J 508 72.95 14.03 21.93
C SER J 508 74.11 14.51 22.80
N ASN J 509 74.01 14.23 24.10
CA ASN J 509 75.06 14.58 25.03
C ASN J 509 76.40 13.93 24.68
N LYS J 510 76.38 12.81 23.97
CA LYS J 510 77.60 12.17 23.48
C LYS J 510 78.10 12.78 22.18
N GLY J 511 77.36 13.72 21.60
CA GLY J 511 77.75 14.32 20.34
C GLY J 511 77.38 13.52 19.11
N MET J 512 76.68 12.40 19.27
CA MET J 512 76.31 11.56 18.14
C MET J 512 74.95 11.97 17.60
N PRO J 513 74.80 12.11 16.28
CA PRO J 513 73.50 12.49 15.71
C PRO J 513 72.45 11.42 15.99
N GLY J 514 71.23 11.86 16.26
CA GLY J 514 70.15 10.94 16.55
C GLY J 514 68.81 11.54 16.21
N LEU J 515 67.85 10.65 15.95
CA LEU J 515 66.49 11.05 15.62
C LEU J 515 65.60 10.90 16.84
N TYR J 516 64.77 11.90 17.09
CA TYR J 516 63.85 11.92 18.22
C TYR J 516 62.47 12.35 17.74
N ARG J 517 61.44 11.67 18.24
CA ARG J 517 60.07 11.84 17.79
C ARG J 517 59.30 12.66 18.81
N LEU J 518 58.71 13.76 18.35
CA LEU J 518 57.89 14.64 19.18
C LEU J 518 56.42 14.37 18.92
N GLU J 519 55.65 14.29 19.99
CA GLU J 519 54.19 14.11 19.91
C GLU J 519 53.54 15.11 20.84
N LEU J 520 52.66 15.95 20.29
CA LEU J 520 51.92 16.93 21.07
C LEU J 520 50.48 16.49 21.22
N GLN J 521 50.01 16.44 22.47
CA GLN J 521 48.61 16.20 22.78
C GLN J 521 47.98 17.51 23.19
N VAL J 522 46.89 17.88 22.53
CA VAL J 522 46.18 19.13 22.76
C VAL J 522 44.86 18.80 23.43
N THR J 523 44.53 19.54 24.48
CA THR J 523 43.28 19.36 25.21
C THR J 523 42.66 20.73 25.49
N LYS J 524 41.35 20.73 25.75
CA LYS J 524 40.70 21.94 26.19
C LYS J 524 41.11 22.26 27.63
N GLY J 525 41.79 23.38 27.81
CA GLY J 525 42.32 23.73 29.12
C GLY J 525 42.56 25.21 29.34
N SER J 526 43.60 25.54 30.11
CA SER J 526 43.90 26.92 30.46
C SER J 526 45.36 27.29 30.23
N GLY J 527 45.99 26.74 29.18
CA GLY J 527 47.35 27.10 28.84
C GLY J 527 48.42 26.27 29.52
N LYS J 528 48.10 25.09 30.02
CA LYS J 528 49.07 24.25 30.71
C LYS J 528 50.08 23.67 29.73
N LEU J 529 51.32 23.55 30.19
CA LEU J 529 52.38 22.87 29.46
C LEU J 529 52.91 21.71 30.28
N ALA J 530 52.93 20.52 29.70
CA ALA J 530 53.48 19.33 30.33
C ALA J 530 54.51 18.71 29.40
N THR J 531 55.56 18.13 29.98
CA THR J 531 56.66 17.55 29.22
C THR J 531 56.87 16.10 29.62
N SER J 532 57.24 15.27 28.65
CA SER J 532 57.50 13.86 28.92
C SER J 532 58.55 13.36 27.95
N GLY J 533 59.29 12.35 28.40
CA GLY J 533 60.34 11.75 27.59
C GLY J 533 61.57 12.61 27.40
N LEU J 534 61.75 13.65 28.22
CA LEU J 534 62.88 14.56 28.10
C LEU J 534 64.13 14.02 28.76
N TRP J 535 64.19 12.72 29.06
CA TRP J 535 65.29 12.10 29.80
C TRP J 535 65.44 12.72 31.19
N ASN J 536 64.39 13.37 31.69
CA ASN J 536 64.45 14.17 32.91
C ASN J 536 65.57 15.20 32.85
N SER J 537 65.83 15.75 31.66
CA SER J 537 66.95 16.65 31.46
C SER J 537 66.50 18.10 31.64
N SER J 538 67.26 18.86 32.42
CA SER J 538 66.99 20.26 32.65
C SER J 538 67.10 21.07 31.37
N SER J 539 68.10 20.75 30.53
CA SER J 539 68.34 21.47 29.29
C SER J 539 67.15 21.37 28.35
N ALA J 540 66.64 20.16 28.18
CA ALA J 540 65.46 19.98 27.34
C ALA J 540 64.25 20.72 27.90
N LYS J 541 64.08 20.67 29.23
CA LYS J 541 62.95 21.34 29.85
C LYS J 541 63.01 22.86 29.67
N GLU J 542 64.19 23.45 29.84
CA GLU J 542 64.30 24.89 29.66
C GLU J 542 64.15 25.27 28.19
N GLN J 543 64.66 24.43 27.27
CA GLN J 543 64.47 24.72 25.86
C GLN J 543 63.00 24.68 25.46
N VAL J 544 62.26 23.67 25.93
CA VAL J 544 60.85 23.58 25.57
C VAL J 544 60.04 24.67 26.29
N LYS J 545 60.49 25.09 27.47
CA LYS J 545 59.84 26.21 28.16
C LYS J 545 60.06 27.51 27.39
N ILE J 546 61.26 27.71 26.84
CA ILE J 546 61.52 28.87 25.99
C ILE J 546 60.63 28.82 24.75
N ALA J 547 60.50 27.63 24.16
CA ALA J 547 59.63 27.47 23.00
C ALA J 547 58.18 27.79 23.35
N PHE J 548 57.73 27.34 24.52
CA PHE J 548 56.37 27.62 24.97
C PHE J 548 56.16 29.11 25.17
N ASP J 549 57.15 29.79 25.74
CA ASP J 549 57.07 31.23 25.92
C ASP J 549 57.00 31.96 24.58
N TYR J 550 57.82 31.53 23.61
CA TYR J 550 57.75 32.11 22.28
C TYR J 550 56.40 31.88 21.62
N PHE J 551 55.86 30.68 21.76
CA PHE J 551 54.56 30.37 21.18
C PHE J 551 53.47 31.24 21.79
N LYS J 552 53.50 31.40 23.12
CA LYS J 552 52.51 32.26 23.78
C LYS J 552 52.66 33.70 23.35
N ALA J 553 53.90 34.18 23.20
CA ALA J 553 54.13 35.55 22.78
C ALA J 553 53.73 35.77 21.32
N ASN J 554 54.05 34.82 20.44
CA ASN J 554 53.76 34.93 19.02
C ASN J 554 52.58 34.08 18.59
N ALA J 555 51.57 33.93 19.45
CA ALA J 555 50.39 33.15 19.10
C ALA J 555 49.62 33.79 17.94
N SER J 556 49.48 35.11 17.97
CA SER J 556 48.68 35.78 16.94
C SER J 556 49.28 35.64 15.55
N ARG J 557 50.61 35.76 15.44
CA ARG J 557 51.24 35.74 14.13
C ARG J 557 51.24 34.35 13.51
N ILE J 558 51.22 33.30 14.33
CA ILE J 558 51.30 31.93 13.84
C ILE J 558 49.91 31.31 13.66
N SER J 559 49.05 31.44 14.66
CA SER J 559 47.72 30.83 14.63
C SER J 559 46.66 31.73 14.00
N GLY J 560 46.92 33.03 13.91
CA GLY J 560 45.97 33.93 13.28
C GLY J 560 44.73 34.20 14.10
N GLY J 561 44.74 33.82 15.38
CA GLY J 561 43.61 34.09 16.23
C GLY J 561 43.33 33.02 17.25
N SER J 562 43.85 31.81 17.05
CA SER J 562 43.64 30.72 18.00
C SER J 562 44.38 31.02 19.30
N LYS J 563 43.67 30.91 20.42
CA LYS J 563 44.23 31.30 21.72
C LYS J 563 44.97 30.12 22.32
N VAL J 564 46.24 30.34 22.67
CA VAL J 564 47.01 29.34 23.40
C VAL J 564 46.44 29.18 24.81
N MET J 565 45.95 30.27 25.38
CA MET J 565 45.47 30.28 26.76
C MET J 565 44.27 29.36 26.97
N GLU J 566 43.57 28.96 25.91
CA GLU J 566 42.41 28.09 26.03
C GLU J 566 42.76 26.63 25.80
N HIS J 567 44.02 26.33 25.45
CA HIS J 567 44.44 24.98 25.13
C HIS J 567 45.58 24.54 26.05
N ASP J 568 45.53 23.28 26.48
CA ASP J 568 46.61 22.67 27.25
C ASP J 568 47.41 21.73 26.36
N PHE J 569 48.73 21.78 26.52
CA PHE J 569 49.66 21.05 25.65
C PHE J 569 50.46 20.06 26.48
N HIS J 570 50.65 18.86 25.93
CA HIS J 570 51.46 17.82 26.56
C HIS J 570 52.42 17.28 25.51
N LEU J 571 53.71 17.58 25.65
CA LEU J 571 54.71 17.23 24.64
C LEU J 571 55.45 15.97 25.07
N HIS J 572 55.83 15.17 24.08
CA HIS J 572 56.45 13.87 24.28
C HIS J 572 57.65 13.73 23.37
N VAL J 573 58.78 13.34 23.95
CA VAL J 573 59.99 13.03 23.19
C VAL J 573 60.33 11.57 23.38
N VAL J 574 60.40 10.82 22.28
CA VAL J 574 60.77 9.41 22.32
C VAL J 574 61.96 9.20 21.39
N GLU J 575 62.97 8.47 21.88
CA GLU J 575 64.20 8.26 21.11
C GLU J 575 64.17 6.88 20.48
N LEU J 576 64.38 6.84 19.16
CA LEU J 576 64.32 5.59 18.41
C LEU J 576 65.69 4.97 18.14
N GLN J 577 66.77 5.76 18.21
CA GLN J 577 68.10 5.28 17.87
C GLN J 577 69.01 5.11 19.08
N ASN J 578 68.52 5.38 20.29
CA ASN J 578 69.29 5.19 21.53
C ASN J 578 70.61 5.99 21.49
N THR J 579 70.59 7.14 20.83
CA THR J 579 71.80 7.95 20.73
C THR J 579 72.10 8.70 22.02
N GLY J 580 71.07 9.07 22.78
CA GLY J 580 71.27 9.80 24.01
C GLY J 580 70.38 11.02 24.10
N PRO J 581 70.28 11.61 25.29
CA PRO J 581 69.42 12.78 25.47
C PRO J 581 69.89 13.96 24.63
N LEU J 582 68.91 14.69 24.08
CA LEU J 582 69.19 15.88 23.28
C LEU J 582 68.85 17.13 24.07
N SER J 583 69.66 18.17 23.91
CA SER J 583 69.44 19.45 24.58
C SER J 583 68.66 20.42 23.70
N HIS J 584 68.97 20.44 22.40
CA HIS J 584 68.36 21.40 21.47
C HIS J 584 67.02 20.86 21.01
N LEU J 585 65.94 21.43 21.55
CA LEU J 585 64.60 20.96 21.24
C LEU J 585 63.57 22.08 21.04
N ALA J 586 63.96 23.35 21.14
CA ALA J 586 62.98 24.42 21.18
C ALA J 586 62.22 24.56 19.87
N LEU J 587 62.94 24.64 18.74
CA LEU J 587 62.30 24.96 17.47
C LEU J 587 61.32 23.87 16.99
N PRO J 588 61.71 22.60 16.90
CA PRO J 588 60.70 21.58 16.51
C PRO J 588 59.55 21.46 17.50
N SER J 589 59.81 21.69 18.79
CA SER J 589 58.71 21.66 19.76
C SER J 589 57.72 22.79 19.50
N LEU J 590 58.23 23.99 19.19
CA LEU J 590 57.36 25.10 18.80
C LEU J 590 56.56 24.75 17.56
N VAL J 591 57.20 24.08 16.60
CA VAL J 591 56.47 23.59 15.43
C VAL J 591 55.36 22.64 15.87
N ALA J 592 55.64 21.81 16.87
CA ALA J 592 54.64 20.87 17.37
C ALA J 592 53.45 21.60 17.97
N PHE J 593 53.70 22.61 18.82
CA PHE J 593 52.58 23.38 19.36
C PHE J 593 51.79 24.05 18.25
N ALA J 594 52.49 24.62 17.27
CA ALA J 594 51.79 25.33 16.21
C ALA J 594 50.92 24.40 15.39
N SER J 595 51.44 23.20 15.09
CA SER J 595 50.65 22.22 14.35
C SER J 595 49.45 21.75 15.16
N GLY J 596 49.66 21.48 16.45
CA GLY J 596 48.57 20.98 17.28
C GLY J 596 47.47 22.01 17.47
N LEU J 597 47.84 23.26 17.69
CA LEU J 597 46.86 24.32 17.89
C LEU J 597 46.02 24.53 16.64
N LEU J 598 46.65 24.52 15.47
CA LEU J 598 45.93 24.71 14.22
C LEU J 598 45.24 23.44 13.74
N GLY J 599 45.56 22.29 14.33
CA GLY J 599 44.94 21.04 13.90
C GLY J 599 45.31 20.64 12.49
N ARG J 600 46.40 21.15 11.95
CA ARG J 600 46.84 20.86 10.60
C ARG J 600 48.09 19.98 10.67
N SER J 601 48.07 18.89 9.92
CA SER J 601 49.21 17.98 9.90
C SER J 601 50.41 18.64 9.24
N VAL J 602 51.59 18.38 9.80
CA VAL J 602 52.82 18.83 9.16
C VAL J 602 53.04 18.04 7.88
N GLN J 603 53.99 18.50 7.07
CA GLN J 603 54.29 17.80 5.83
C GLN J 603 54.85 16.41 6.12
N SER J 604 54.60 15.47 5.21
CA SER J 604 55.08 14.11 5.40
C SER J 604 56.60 14.06 5.30
N GLN J 605 57.21 13.19 6.13
CA GLN J 605 58.64 12.89 6.08
C GLN J 605 59.50 14.11 6.39
N MET J 606 59.01 15.00 7.25
CA MET J 606 59.80 16.14 7.71
C MET J 606 60.87 15.74 8.70
N VAL J 607 62.08 16.29 8.50
CA VAL J 607 63.12 16.30 9.51
C VAL J 607 63.40 17.76 9.86
N VAL J 608 63.03 18.15 11.07
CA VAL J 608 63.17 19.53 11.52
C VAL J 608 64.52 19.68 12.20
N LEU J 609 65.34 20.58 11.70
CA LEU J 609 66.69 20.79 12.18
C LEU J 609 66.84 22.19 12.77
N GLY J 610 67.83 22.33 13.65
CA GLY J 610 68.20 23.61 14.22
C GLY J 610 67.53 23.88 15.55
N ASP J 611 68.02 24.94 16.19
CA ASP J 611 67.47 25.43 17.44
C ASP J 611 67.21 26.92 17.27
N MET J 612 66.48 27.50 18.23
CA MET J 612 66.10 28.90 18.15
C MET J 612 66.35 29.58 19.47
N SER J 613 66.54 30.90 19.42
CA SER J 613 66.70 31.70 20.61
C SER J 613 65.35 32.24 21.07
N LEU J 614 65.36 32.90 22.24
CA LEU J 614 64.14 33.50 22.75
C LEU J 614 63.62 34.61 21.84
N GLY J 615 64.53 35.37 21.23
CA GLY J 615 64.15 36.43 20.33
C GLY J 615 63.86 35.99 18.90
N GLY J 616 63.92 34.69 18.63
CA GLY J 616 63.67 34.18 17.29
C GLY J 616 64.90 33.97 16.44
N SER J 617 66.10 34.15 17.00
CA SER J 617 67.32 33.92 16.24
C SER J 617 67.61 32.42 16.17
N VAL J 618 67.92 31.96 14.96
CA VAL J 618 68.16 30.54 14.71
C VAL J 618 69.65 30.25 14.85
N THR J 619 69.97 29.02 15.24
CA THR J 619 71.34 28.54 15.38
C THR J 619 71.68 27.59 14.25
N PRO J 620 72.93 27.57 13.79
CA PRO J 620 73.30 26.63 12.72
C PRO J 620 73.18 25.20 13.19
N VAL J 621 72.81 24.32 12.26
CA VAL J 621 72.61 22.91 12.58
C VAL J 621 73.97 22.23 12.67
N GLU J 622 74.28 21.70 13.84
CA GLU J 622 75.54 21.01 14.05
C GLU J 622 75.55 19.67 13.34
N SER J 623 76.69 19.33 12.75
CA SER J 623 76.86 18.09 11.99
C SER J 623 75.79 17.96 10.91
N ILE J 624 75.71 19.00 10.07
CA ILE J 624 74.64 19.07 9.07
C ILE J 624 74.75 17.92 8.09
N ALA J 625 75.96 17.55 7.68
CA ALA J 625 76.13 16.41 6.79
C ALA J 625 75.69 15.12 7.46
N GLU J 626 76.08 14.91 8.72
CA GLU J 626 75.66 13.71 9.43
C GLU J 626 74.16 13.76 9.73
N CYS J 627 73.61 14.95 9.96
CA CYS J 627 72.16 15.07 10.14
C CYS J 627 71.40 14.65 8.88
N LEU J 628 71.87 15.09 7.71
CA LEU J 628 71.24 14.67 6.47
C LEU J 628 71.45 13.18 6.24
N GLN J 629 72.60 12.64 6.64
CA GLN J 629 72.81 11.20 6.53
C GLN J 629 71.81 10.43 7.38
N VAL J 630 71.56 10.90 8.61
CA VAL J 630 70.58 10.26 9.48
C VAL J 630 69.18 10.38 8.88
N ALA J 631 68.86 11.55 8.32
CA ALA J 631 67.57 11.72 7.68
C ALA J 631 67.41 10.75 6.50
N PHE J 632 68.47 10.55 5.72
CA PHE J 632 68.44 9.58 4.65
C PHE J 632 68.21 8.17 5.18
N ASP J 633 68.90 7.82 6.27
CA ASP J 633 68.70 6.52 6.89
C ASP J 633 67.31 6.41 7.51
N ALA J 634 66.74 7.55 7.92
CA ALA J 634 65.41 7.57 8.53
C ALA J 634 64.30 7.53 7.51
N GLY J 635 64.61 7.60 6.21
CA GLY J 635 63.59 7.58 5.18
C GLY J 635 63.05 8.93 4.78
N ALA J 636 63.79 10.01 5.05
CA ALA J 636 63.31 11.35 4.71
C ALA J 636 63.41 11.60 3.22
N LYS J 637 62.45 12.36 2.69
CA LYS J 637 62.49 12.82 1.31
C LYS J 637 62.37 14.33 1.17
N LYS J 638 61.89 15.03 2.19
CA LYS J 638 61.85 16.49 2.20
C LYS J 638 62.18 16.97 3.60
N VAL J 639 63.09 17.93 3.70
CA VAL J 639 63.64 18.37 4.97
C VAL J 639 63.61 19.90 5.01
N ALA J 640 63.58 20.45 6.23
CA ALA J 640 63.60 21.89 6.45
C ALA J 640 64.92 22.27 7.12
N LEU J 641 65.54 23.34 6.64
CA LEU J 641 66.80 23.82 7.18
C LEU J 641 66.77 25.33 7.35
N PRO J 642 67.52 25.87 8.32
CA PRO J 642 67.54 27.33 8.49
C PRO J 642 68.44 28.00 7.47
N MET J 643 68.30 29.32 7.36
CA MET J 643 69.16 30.08 6.45
C MET J 643 70.61 30.06 6.91
N SER J 644 70.84 30.05 8.22
CA SER J 644 72.21 30.07 8.74
C SER J 644 73.01 28.85 8.33
N SER J 645 72.34 27.74 8.02
CA SER J 645 73.02 26.54 7.57
C SER J 645 73.34 26.55 6.09
N ALA J 646 72.93 27.60 5.36
CA ALA J 646 73.19 27.66 3.92
C ALA J 646 74.69 27.68 3.63
N ALA J 647 75.47 28.39 4.45
CA ALA J 647 76.91 28.38 4.25
C ALA J 647 77.50 27.00 4.44
N ASP J 648 76.77 26.09 5.08
CA ASP J 648 77.21 24.71 5.26
C ASP J 648 76.73 23.80 4.14
N ILE J 649 76.04 24.33 3.12
CA ILE J 649 75.61 23.49 2.00
C ILE J 649 76.78 22.87 1.25
N PRO J 650 77.86 23.61 0.93
CA PRO J 650 78.96 22.97 0.19
C PRO J 650 79.58 21.78 0.90
N THR J 651 79.55 21.73 2.23
CA THR J 651 80.08 20.59 2.96
C THR J 651 79.26 19.32 2.76
N ILE J 652 78.06 19.43 2.18
CA ILE J 652 77.19 18.28 1.95
C ILE J 652 77.53 17.65 0.60
N PRO J 653 77.71 16.34 0.54
CA PRO J 653 77.85 15.68 -0.77
C PRO J 653 76.63 15.93 -1.63
N VAL J 654 76.86 16.08 -2.94
CA VAL J 654 75.77 16.45 -3.84
C VAL J 654 74.75 15.33 -3.96
N GLU J 655 75.20 14.08 -3.95
CA GLU J 655 74.28 12.96 -4.11
C GLU J 655 73.30 12.88 -2.95
N LEU J 656 73.77 13.07 -1.73
CA LEU J 656 72.87 13.08 -0.57
C LEU J 656 71.96 14.29 -0.60
N PHE J 657 72.49 15.45 -1.00
CA PHE J 657 71.69 16.68 -0.98
C PHE J 657 70.57 16.63 -2.02
N THR J 658 70.81 15.97 -3.16
CA THR J 658 69.81 15.88 -4.20
C THR J 658 68.64 14.97 -3.84
N LYS J 659 68.79 14.10 -2.85
CA LYS J 659 67.71 13.21 -2.46
C LYS J 659 66.61 13.90 -1.67
N PHE J 660 66.82 15.15 -1.28
CA PHE J 660 65.88 15.87 -0.42
C PHE J 660 65.43 17.16 -1.08
N GLN J 661 64.17 17.52 -0.86
CA GLN J 661 63.65 18.82 -1.27
C GLN J 661 63.93 19.82 -0.15
N THR J 662 64.93 20.66 -0.35
CA THR J 662 65.47 21.51 0.71
C THR J 662 64.59 22.74 0.87
N SER J 663 63.87 22.80 1.99
CA SER J 663 62.98 23.93 2.29
C SER J 663 63.60 24.82 3.37
N PHE J 664 64.39 25.78 2.91
CA PHE J 664 65.05 26.70 3.82
C PHE J 664 64.07 27.62 4.52
N TYR J 665 64.25 27.82 5.83
CA TYR J 665 63.51 28.85 6.54
C TYR J 665 64.47 29.89 7.12
N ALA J 666 63.90 31.00 7.59
CA ALA J 666 64.70 32.09 8.15
C ALA J 666 64.46 32.24 9.65
N ASP J 667 63.21 32.39 10.05
CA ASP J 667 62.82 32.55 11.44
C ASP J 667 61.78 31.49 11.82
N PRO J 668 61.61 31.19 13.12
CA PRO J 668 60.83 30.01 13.51
C PRO J 668 59.40 29.98 12.98
N VAL J 669 58.79 31.14 12.78
CA VAL J 669 57.46 31.17 12.19
C VAL J 669 57.52 30.69 10.74
N ASP J 670 58.57 31.07 10.01
CA ASP J 670 58.76 30.54 8.67
C ASP J 670 59.04 29.05 8.71
N ALA J 671 59.73 28.58 9.74
CA ALA J 671 59.93 27.14 9.91
C ALA J 671 58.60 26.43 10.10
N VAL J 672 57.71 27.03 10.88
CA VAL J 672 56.37 26.48 11.07
C VAL J 672 55.63 26.41 9.74
N PHE J 673 55.69 27.50 8.97
CA PHE J 673 54.99 27.54 7.70
C PHE J 673 55.54 26.48 6.74
N LYS J 674 56.86 26.31 6.72
CA LYS J 674 57.46 25.30 5.86
C LYS J 674 57.07 23.90 6.30
N GLY J 675 57.07 23.64 7.61
CA GLY J 675 56.70 22.32 8.09
C GLY J 675 55.24 21.99 7.85
N LEU J 676 54.36 22.99 7.97
CA LEU J 676 52.93 22.81 7.74
C LEU J 676 52.54 22.98 6.28
N GLY J 677 53.43 23.52 5.45
CA GLY J 677 53.11 23.75 4.05
C GLY J 677 52.23 24.97 3.85
N LYS K 7 45.49 -78.76 6.23
CA LYS K 7 45.18 -79.68 7.32
C LYS K 7 46.23 -79.61 8.42
N GLU K 8 47.45 -79.23 8.06
CA GLU K 8 48.51 -79.08 9.05
C GLU K 8 48.20 -77.97 10.03
N LEU K 9 47.59 -76.88 9.54
CA LEU K 9 47.17 -75.79 10.41
C LEU K 9 46.12 -76.27 11.41
N ASP K 10 45.19 -77.11 10.97
CA ASP K 10 44.16 -77.61 11.87
C ASP K 10 44.76 -78.43 12.99
N GLN K 11 45.72 -79.31 12.68
CA GLN K 11 46.34 -80.13 13.71
C GLN K 11 47.21 -79.27 14.63
N LEU K 12 47.88 -78.26 14.07
CA LEU K 12 48.65 -77.34 14.91
C LEU K 12 47.73 -76.62 15.90
N LEU K 13 46.57 -76.16 15.42
CA LEU K 13 45.62 -75.48 16.30
C LEU K 13 45.06 -76.43 17.34
N ASN K 14 44.78 -77.67 16.94
CA ASN K 14 44.25 -78.66 17.89
C ASN K 14 45.26 -78.98 18.98
N GLU K 15 46.55 -79.11 18.64
CA GLU K 15 47.54 -79.49 19.62
C GLU K 15 47.97 -78.30 20.47
N HIS K 16 48.52 -77.27 19.83
CA HIS K 16 49.08 -76.12 20.52
C HIS K 16 48.03 -75.30 21.26
N PHE K 17 46.83 -75.16 20.70
CA PHE K 17 45.78 -74.33 21.27
C PHE K 17 44.57 -75.18 21.60
N ALA K 18 44.80 -76.33 22.24
CA ALA K 18 43.71 -77.24 22.59
C ALA K 18 42.73 -76.56 23.53
N GLY K 19 41.44 -76.74 23.26
CA GLY K 19 40.40 -76.14 24.05
C GLY K 19 40.16 -74.67 23.78
N ARG K 20 40.96 -74.05 22.91
CA ARG K 20 40.79 -72.64 22.57
C ARG K 20 40.56 -72.44 21.08
N VAL K 21 40.31 -73.51 20.32
CA VAL K 21 40.03 -73.43 18.90
C VAL K 21 38.82 -74.31 18.60
N VAL K 22 37.91 -73.78 17.78
CA VAL K 22 36.73 -74.52 17.36
C VAL K 22 36.39 -74.08 15.95
N ARG K 23 35.75 -74.97 15.20
CA ARG K 23 35.31 -74.66 13.83
C ARG K 23 34.14 -73.69 13.94
N LYS K 24 34.35 -72.45 13.52
CA LYS K 24 33.40 -71.37 13.74
C LYS K 24 32.10 -71.58 12.95
N ASP K 25 32.18 -72.32 11.85
CA ASP K 25 31.01 -72.55 11.00
C ASP K 25 29.88 -73.19 11.80
N LEU K 26 30.21 -74.19 12.61
CA LEU K 26 29.22 -74.89 13.43
C LEU K 26 28.39 -73.91 14.26
N THR K 27 29.07 -72.92 14.84
CA THR K 27 28.37 -71.93 15.65
C THR K 27 27.34 -71.17 14.81
N LYS K 28 27.72 -70.80 13.58
CA LYS K 28 26.77 -70.12 12.69
C LYS K 28 25.54 -70.98 12.45
N LEU K 29 25.69 -72.30 12.56
CA LEU K 29 24.54 -73.19 12.43
C LEU K 29 23.51 -72.93 13.53
N ILE K 30 23.97 -72.69 14.75
CA ILE K 30 23.06 -72.60 15.88
C ILE K 30 23.26 -71.29 16.64
N LYS K 31 23.81 -70.28 15.96
CA LYS K 31 23.90 -68.95 16.56
C LYS K 31 22.60 -68.17 16.42
N GLU K 32 21.48 -68.78 16.76
CA GLU K 32 20.16 -68.17 16.68
C GLU K 32 19.17 -69.01 17.49
N GLY K 33 17.99 -68.46 17.73
CA GLY K 33 16.89 -69.19 18.33
C GLY K 33 17.15 -69.76 19.71
N ALA K 34 17.71 -68.96 20.60
CA ALA K 34 17.95 -69.39 21.97
C ALA K 34 18.00 -68.16 22.87
N ASN K 35 18.03 -68.39 24.19
CA ASN K 35 18.14 -67.31 25.16
C ASN K 35 19.51 -67.35 25.82
N VAL K 36 20.53 -67.67 25.03
CA VAL K 36 21.87 -67.94 25.56
C VAL K 36 22.91 -67.21 24.71
N PRO K 37 23.92 -66.59 25.31
CA PRO K 37 24.92 -65.88 24.51
C PRO K 37 25.79 -66.79 23.66
N VAL K 38 26.49 -66.19 22.71
CA VAL K 38 27.21 -66.97 21.70
C VAL K 38 28.38 -67.72 22.32
N TYR K 39 29.05 -67.11 23.30
CA TYR K 39 30.24 -67.74 23.87
C TYR K 39 29.91 -69.05 24.57
N VAL K 40 28.69 -69.18 25.11
CA VAL K 40 28.29 -70.43 25.76
C VAL K 40 28.33 -71.57 24.75
N LEU K 41 27.71 -71.37 23.59
CA LEU K 41 27.76 -72.39 22.55
C LEU K 41 29.18 -72.57 22.02
N GLU K 42 29.90 -71.47 21.86
CA GLU K 42 31.25 -71.46 21.32
C GLU K 42 32.19 -72.28 22.21
N TYR K 43 31.85 -72.39 23.49
CA TYR K 43 32.50 -73.35 24.37
C TYR K 43 31.82 -74.71 24.38
N LEU K 44 30.54 -74.80 24.03
CA LEU K 44 29.81 -76.07 24.06
C LEU K 44 30.01 -76.91 22.80
N LEU K 45 30.88 -76.49 21.88
CA LEU K 45 31.15 -77.24 20.67
C LEU K 45 32.59 -77.69 20.53
N GLY K 46 33.54 -76.94 21.10
CA GLY K 46 34.94 -77.30 20.97
C GLY K 46 35.32 -78.52 21.79
N MET K 47 34.56 -78.82 22.84
CA MET K 47 34.85 -79.94 23.73
C MET K 47 34.10 -81.22 23.39
N TYR K 48 33.10 -81.17 22.50
CA TYR K 48 32.46 -82.39 22.02
C TYR K 48 32.82 -82.73 20.58
N CYS K 49 33.21 -81.76 19.76
CA CYS K 49 33.58 -81.99 18.38
C CYS K 49 35.10 -82.16 18.32
N ALA K 50 35.55 -83.36 17.96
CA ALA K 50 36.96 -83.65 18.07
C ALA K 50 37.79 -83.10 16.91
N SER K 51 37.63 -83.65 15.70
CA SER K 51 38.33 -83.03 14.58
C SER K 51 37.40 -82.61 13.44
N ASP K 52 36.80 -83.57 12.75
CA ASP K 52 35.89 -83.26 11.65
C ASP K 52 34.78 -84.32 11.54
N ASP K 53 34.52 -85.05 12.63
CA ASP K 53 33.61 -86.19 12.49
C ASP K 53 32.17 -85.71 12.42
N PRO K 54 31.47 -86.00 11.31
CA PRO K 54 30.10 -85.50 11.16
C PRO K 54 29.15 -86.02 12.22
N GLU K 55 29.17 -87.33 12.45
CA GLU K 55 28.23 -87.95 13.38
C GLU K 55 28.47 -87.46 14.80
N ILE K 56 29.73 -87.37 15.21
CA ILE K 56 30.06 -86.89 16.55
C ILE K 56 29.63 -85.44 16.71
N ILE K 57 29.81 -84.64 15.66
CA ILE K 57 29.39 -83.24 15.71
C ILE K 57 27.88 -83.15 15.87
N GLU K 58 27.13 -83.94 15.11
CA GLU K 58 25.68 -83.92 15.23
C GLU K 58 25.23 -84.38 16.62
N GLN K 59 25.88 -85.41 17.16
CA GLN K 59 25.54 -85.89 18.49
C GLN K 59 25.84 -84.83 19.55
N GLY K 60 26.93 -84.09 19.38
CA GLY K 60 27.25 -82.99 20.26
C GLY K 60 26.20 -81.90 20.20
N LEU K 61 25.72 -81.60 18.99
CA LEU K 61 24.61 -80.65 18.84
C LEU K 61 23.39 -81.10 19.61
N ARG K 62 23.06 -82.39 19.51
CA ARG K 62 21.94 -82.98 20.23
C ARG K 62 22.12 -82.84 21.73
N ASN K 63 23.33 -83.13 22.21
CA ASN K 63 23.62 -83.04 23.65
C ASN K 63 23.47 -81.61 24.15
N VAL K 64 24.01 -80.66 23.40
CA VAL K 64 23.91 -79.24 23.75
C VAL K 64 22.46 -78.83 23.82
N LYS K 65 21.68 -79.21 22.81
CA LYS K 65 20.27 -78.85 22.76
C LYS K 65 19.51 -79.44 23.94
N THR K 66 19.78 -80.72 24.24
CA THR K 66 19.11 -81.39 25.34
C THR K 66 19.43 -80.73 26.68
N VAL K 67 20.70 -80.38 26.89
CA VAL K 67 21.09 -79.75 28.15
C VAL K 67 20.45 -78.37 28.27
N LEU K 68 20.47 -77.59 27.19
CA LEU K 68 19.88 -76.27 27.21
C LEU K 68 18.38 -76.34 27.42
N ALA K 69 17.76 -77.44 27.01
CA ALA K 69 16.32 -77.61 27.15
C ALA K 69 15.92 -77.92 28.59
N GLU K 70 16.87 -77.79 29.51
CA GLU K 70 16.63 -78.04 30.93
C GLU K 70 17.09 -76.90 31.84
N ASN K 71 17.79 -75.89 31.31
CA ASN K 71 18.45 -74.91 32.17
C ASN K 71 18.22 -73.48 31.71
N TYR K 72 19.00 -72.56 32.29
CA TYR K 72 18.78 -71.11 32.24
C TYR K 72 17.30 -70.80 32.44
N VAL K 73 16.76 -71.25 33.58
CA VAL K 73 15.37 -71.05 33.94
C VAL K 73 15.08 -69.56 34.02
N ARG K 74 13.96 -69.15 33.41
CA ARG K 74 13.56 -67.75 33.27
C ARG K 74 13.27 -67.10 34.62
N PRO K 75 13.41 -65.76 34.72
CA PRO K 75 13.23 -65.08 36.01
C PRO K 75 11.87 -65.32 36.65
N ASP K 76 10.82 -65.38 35.82
CA ASP K 76 9.44 -65.41 36.28
C ASP K 76 9.20 -66.50 37.32
N GLU K 77 9.73 -67.69 37.10
CA GLU K 77 9.47 -68.81 37.98
C GLU K 77 10.64 -69.05 38.94
N ALA K 78 11.48 -68.03 39.14
CA ALA K 78 12.67 -68.14 39.96
C ALA K 78 12.35 -68.71 41.34
N GLU K 79 11.52 -68.00 42.10
CA GLU K 79 11.05 -68.46 43.41
C GLU K 79 10.71 -69.94 43.35
N LYS K 80 9.96 -70.32 42.31
CA LYS K 80 9.53 -71.70 42.14
C LYS K 80 10.65 -72.69 42.39
N VAL K 81 11.77 -72.56 41.66
CA VAL K 81 12.79 -73.60 41.75
C VAL K 81 13.30 -73.72 43.19
N LYS K 82 13.47 -72.58 43.87
CA LYS K 82 13.97 -72.61 45.23
C LYS K 82 13.11 -73.52 46.10
N SER K 83 11.79 -73.44 45.92
CA SER K 83 10.88 -74.26 46.70
C SER K 83 11.18 -75.74 46.50
N LEU K 84 11.34 -76.18 45.25
CA LEU K 84 11.69 -77.57 44.99
C LEU K 84 12.97 -77.92 45.72
N VAL K 85 13.93 -76.98 45.67
CA VAL K 85 15.17 -77.10 46.41
C VAL K 85 14.99 -77.54 47.84
N ARG K 86 13.99 -76.99 48.54
CA ARG K 86 13.88 -77.25 49.97
C ARG K 86 13.60 -78.72 50.26
N GLU K 87 13.14 -79.49 49.27
CA GLU K 87 12.75 -80.88 49.52
C GLU K 87 13.50 -81.88 48.64
N ARG K 88 14.32 -81.43 47.70
CA ARG K 88 15.14 -82.34 46.92
C ARG K 88 16.59 -81.90 46.75
N GLY K 89 16.89 -80.61 46.82
CA GLY K 89 18.26 -80.14 46.91
C GLY K 89 18.98 -79.82 45.62
N SER K 90 19.33 -80.82 44.83
CA SER K 90 20.26 -80.66 43.73
C SER K 90 19.54 -80.40 42.42
N TYR K 91 19.69 -79.17 41.91
CA TYR K 91 19.08 -78.80 40.64
C TYR K 91 20.01 -77.97 39.75
N LYS K 92 21.22 -78.48 39.47
CA LYS K 92 22.21 -77.81 38.64
C LYS K 92 21.62 -77.00 37.49
N VAL K 93 22.05 -75.75 37.36
CA VAL K 93 21.49 -74.81 36.38
C VAL K 93 22.63 -74.12 35.63
N ILE K 94 22.42 -73.92 34.33
CA ILE K 94 23.22 -73.01 33.51
C ILE K 94 22.78 -71.60 33.86
N ASP K 95 23.70 -70.78 34.35
CA ASP K 95 23.35 -69.44 34.77
C ASP K 95 24.58 -68.55 34.74
N ARG K 96 24.35 -67.26 34.51
CA ARG K 96 25.41 -66.26 34.60
C ARG K 96 25.59 -65.90 36.07
N VAL K 97 26.74 -66.29 36.62
CA VAL K 97 27.00 -66.18 38.05
C VAL K 97 28.16 -65.23 38.27
N THR K 98 28.02 -64.37 39.27
CA THR K 98 29.07 -63.47 39.72
C THR K 98 29.38 -63.78 41.18
N VAL K 99 30.67 -63.87 41.50
CA VAL K 99 31.11 -64.22 42.84
C VAL K 99 31.97 -63.10 43.40
N LYS K 100 31.75 -62.77 44.66
CA LYS K 100 32.50 -61.73 45.35
C LYS K 100 33.05 -62.28 46.66
N LEU K 101 34.17 -61.70 47.10
CA LEU K 101 34.78 -62.08 48.36
C LEU K 101 34.36 -61.11 49.45
N ASN K 102 33.83 -61.63 50.55
CA ASN K 102 33.39 -60.83 51.68
C ASN K 102 34.47 -60.88 52.75
N GLU K 103 35.08 -59.72 53.02
CA GLU K 103 36.17 -59.64 54.00
C GLU K 103 35.70 -60.10 55.37
N ARG K 104 34.56 -59.57 55.82
CA ARG K 104 34.04 -59.87 57.15
C ARG K 104 33.70 -61.34 57.28
N LYS K 105 33.06 -61.91 56.24
CA LYS K 105 32.64 -63.29 56.31
C LYS K 105 33.75 -64.27 55.97
N ASP K 106 34.76 -63.84 55.20
CA ASP K 106 35.83 -64.71 54.72
C ASP K 106 35.25 -65.88 53.94
N LYS K 107 34.12 -65.65 53.27
CA LYS K 107 33.44 -66.69 52.53
C LYS K 107 32.98 -66.10 51.20
N TYR K 108 33.36 -66.76 50.10
CA TYR K 108 32.96 -66.29 48.79
C TYR K 108 31.44 -66.33 48.65
N GLU K 109 30.89 -65.30 48.01
CA GLU K 109 29.50 -64.92 48.23
C GLU K 109 28.72 -64.85 46.92
N ALA K 110 28.78 -65.93 46.13
CA ALA K 110 28.20 -66.02 44.79
C ALA K 110 26.85 -65.36 44.63
N SER K 111 26.67 -64.63 43.52
CA SER K 111 25.43 -63.95 43.20
C SER K 111 24.91 -64.46 41.86
N PHE K 112 23.62 -64.77 41.79
CA PHE K 112 22.99 -65.27 40.58
C PHE K 112 22.29 -64.11 39.88
N SER K 113 22.69 -63.85 38.63
CA SER K 113 22.09 -62.76 37.86
C SER K 113 20.62 -63.03 37.57
N ASN K 114 20.29 -64.27 37.21
CA ASN K 114 18.91 -64.58 36.86
C ASN K 114 18.08 -64.96 38.08
N LEU K 115 18.54 -65.95 38.86
CA LEU K 115 17.74 -66.43 39.98
C LEU K 115 17.61 -65.41 41.09
N GLY K 116 18.49 -64.41 41.15
CA GLY K 116 18.38 -63.37 42.14
C GLY K 116 19.08 -63.65 43.46
N ILE K 117 19.62 -64.85 43.65
CA ILE K 117 20.39 -65.13 44.86
C ILE K 117 21.68 -64.34 44.83
N LYS K 118 21.97 -63.64 45.93
CA LYS K 118 23.09 -62.72 45.95
C LYS K 118 24.21 -63.12 46.92
N ASP K 119 23.99 -64.14 47.76
CA ASP K 119 25.03 -64.51 48.72
C ASP K 119 25.21 -66.02 48.88
N ALA K 120 25.23 -66.78 47.79
CA ALA K 120 25.53 -68.19 47.87
C ALA K 120 27.01 -68.41 48.19
N GLU K 121 27.31 -69.48 48.91
CA GLU K 121 28.68 -69.72 49.33
C GLU K 121 29.36 -70.75 48.43
N ILE K 122 30.64 -70.52 48.14
CA ILE K 122 31.45 -71.41 47.32
C ILE K 122 32.79 -71.63 48.00
N SER K 123 33.26 -72.88 47.98
CA SER K 123 34.54 -73.20 48.57
C SER K 123 35.68 -72.55 47.80
N ALA K 124 36.77 -72.24 48.51
CA ALA K 124 37.92 -71.61 47.88
C ALA K 124 38.54 -72.50 46.82
N GLY K 125 38.46 -73.83 47.00
CA GLY K 125 38.99 -74.73 46.00
C GLY K 125 38.35 -74.53 44.65
N ILE K 126 37.04 -74.30 44.63
CA ILE K 126 36.32 -74.11 43.38
C ILE K 126 36.77 -72.83 42.69
N VAL K 127 36.88 -71.74 43.46
CA VAL K 127 37.17 -70.45 42.84
C VAL K 127 38.62 -70.40 42.36
N LYS K 128 39.56 -70.97 43.13
CA LYS K 128 40.97 -70.77 42.77
C LYS K 128 41.34 -71.40 41.44
N GLU K 129 40.67 -72.49 41.06
CA GLU K 129 40.99 -73.16 39.80
C GLU K 129 40.30 -72.49 38.62
N TYR K 130 38.96 -72.46 38.65
CA TYR K 130 38.19 -71.92 37.54
C TYR K 130 38.49 -70.44 37.32
N GLU K 131 38.39 -69.66 38.38
CA GLU K 131 38.56 -68.20 38.34
C GLU K 131 37.62 -67.63 37.28
N LYS K 132 37.85 -66.36 36.90
CA LYS K 132 37.06 -65.65 35.90
C LYS K 132 35.63 -65.44 36.40
N LEU K 133 35.31 -66.01 37.55
CA LEU K 133 34.09 -65.70 38.27
C LEU K 133 34.26 -64.33 38.91
N LEU K 134 35.46 -64.08 39.45
CA LEU K 134 35.72 -62.84 40.14
C LEU K 134 36.21 -61.79 39.16
N VAL K 135 35.55 -61.67 38.01
CA VAL K 135 35.87 -60.62 37.05
C VAL K 135 34.60 -59.86 36.70
N GLY K 136 33.66 -60.56 36.05
CA GLY K 136 32.41 -59.96 35.65
C GLY K 136 31.26 -60.94 35.65
N GLY K 137 31.50 -62.16 36.16
CA GLY K 137 30.49 -63.19 36.18
C GLY K 137 30.37 -63.88 34.84
N ILE K 138 30.33 -65.22 34.85
CA ILE K 138 30.32 -66.00 33.62
C ILE K 138 29.21 -67.03 33.69
N TRP K 139 28.83 -67.56 32.52
CA TRP K 139 27.83 -68.61 32.47
C TRP K 139 28.45 -69.94 32.87
N VAL K 140 27.89 -70.56 33.91
CA VAL K 140 28.40 -71.81 34.45
C VAL K 140 27.24 -72.73 34.80
N ILE K 141 27.54 -74.02 34.88
CA ILE K 141 26.62 -75.01 35.43
C ILE K 141 26.91 -75.14 36.92
N ALA K 142 25.85 -75.06 37.73
CA ALA K 142 25.98 -75.11 39.18
C ALA K 142 25.07 -76.19 39.76
N THR K 143 25.68 -77.15 40.44
CA THR K 143 24.95 -78.08 41.29
C THR K 143 24.96 -77.50 42.70
N LEU K 144 23.79 -77.14 43.20
CA LEU K 144 23.69 -76.27 44.37
C LEU K 144 23.45 -77.07 45.65
N SER K 145 24.18 -76.70 46.70
CA SER K 145 24.13 -77.38 48.00
C SER K 145 23.36 -76.54 49.00
N TYR K 146 22.65 -77.21 49.92
CA TYR K 146 21.66 -76.54 50.75
C TYR K 146 21.70 -77.05 52.18
N TYR K 147 21.45 -76.15 53.13
CA TYR K 147 21.47 -76.47 54.55
C TYR K 147 20.88 -75.28 55.30
N PHE K 148 19.90 -75.54 56.15
CA PHE K 148 19.25 -74.48 56.92
C PHE K 148 19.72 -74.49 58.38
N GLU K 149 19.96 -73.30 58.91
CA GLU K 149 20.47 -73.16 60.27
C GLU K 149 19.72 -72.01 60.95
N GLU K 150 19.50 -72.17 62.26
CA GLU K 150 18.77 -71.15 63.01
C GLU K 150 19.60 -69.89 63.14
N GLY K 151 19.10 -68.79 62.58
CA GLY K 151 19.83 -67.54 62.60
C GLY K 151 21.14 -67.65 61.87
N GLN K 152 21.12 -68.22 60.67
CA GLN K 152 22.33 -68.50 59.92
C GLN K 152 22.99 -67.23 59.40
N THR K 153 22.30 -66.10 59.55
CA THR K 153 22.72 -64.77 59.07
C THR K 153 23.37 -64.86 57.69
N SER K 154 22.80 -65.70 56.83
CA SER K 154 23.31 -65.95 55.49
C SER K 154 22.29 -66.77 54.72
N SER K 155 22.24 -66.59 53.40
CA SER K 155 21.31 -67.35 52.59
C SER K 155 21.67 -68.84 52.65
N PRO K 156 20.71 -69.71 52.93
CA PRO K 156 21.01 -71.16 52.94
C PRO K 156 21.22 -71.70 51.55
N PHE K 157 22.14 -71.10 50.80
CA PHE K 157 22.39 -71.45 49.42
C PHE K 157 23.89 -71.64 49.22
N GLY K 158 24.27 -72.78 48.64
CA GLY K 158 25.66 -73.08 48.42
C GLY K 158 25.84 -73.85 47.13
N VAL K 159 27.05 -73.78 46.60
CA VAL K 159 27.41 -74.43 45.34
C VAL K 159 28.18 -75.70 45.69
N SER K 160 27.54 -76.85 45.51
CA SER K 160 28.21 -78.13 45.72
C SER K 160 29.17 -78.45 44.59
N LEU K 161 28.76 -78.23 43.35
CA LEU K 161 29.62 -78.46 42.19
C LEU K 161 29.45 -77.32 41.20
N LEU K 162 30.48 -77.10 40.40
CA LEU K 162 30.45 -76.06 39.38
C LEU K 162 31.28 -76.52 38.20
N LYS K 163 30.87 -76.13 37.00
CA LYS K 163 31.71 -76.27 35.81
C LYS K 163 31.53 -75.06 34.92
N PRO K 164 32.62 -74.41 34.48
CA PRO K 164 32.50 -73.18 33.70
C PRO K 164 32.05 -73.44 32.27
N ILE K 165 30.80 -73.10 31.98
CA ILE K 165 30.29 -73.25 30.61
C ILE K 165 30.89 -72.18 29.72
N GLN K 166 31.48 -71.14 30.31
CA GLN K 166 32.27 -70.18 29.56
C GLN K 166 33.75 -70.53 29.64
N MET K 167 34.58 -69.63 29.14
CA MET K 167 36.01 -69.88 29.05
C MET K 167 36.67 -69.80 30.43
N PRO K 168 37.48 -70.77 30.80
CA PRO K 168 38.30 -70.62 32.02
C PRO K 168 39.43 -69.63 31.83
N ASN K 169 40.39 -69.65 32.74
CA ASN K 169 41.50 -68.69 32.72
C ASN K 169 42.30 -68.77 31.43
N MET K 170 43.12 -67.74 31.22
CA MET K 170 44.06 -67.67 30.12
C MET K 170 45.41 -68.25 30.55
N ASN K 171 46.15 -68.76 29.56
CA ASN K 171 47.40 -69.50 29.78
C ASN K 171 48.44 -68.96 28.78
N MET K 172 48.64 -67.63 28.83
CA MET K 172 49.36 -66.84 27.82
C MET K 172 50.51 -67.57 27.16
N ASP K 173 51.29 -68.32 27.93
CA ASP K 173 52.48 -69.01 27.43
C ASP K 173 52.15 -69.85 26.19
N GLU K 174 50.98 -70.50 26.20
CA GLU K 174 50.55 -71.34 25.08
C GLU K 174 50.61 -70.60 23.76
N LEU K 175 50.31 -69.30 23.79
CA LEU K 175 50.45 -68.46 22.60
C LEU K 175 51.88 -68.47 22.08
N PHE K 176 52.83 -68.04 22.93
CA PHE K 176 54.21 -67.82 22.50
C PHE K 176 54.76 -69.04 21.78
N SER K 177 54.82 -70.18 22.49
CA SER K 177 55.28 -71.43 21.90
C SER K 177 54.45 -71.75 20.66
N GLY K 178 53.13 -71.63 20.78
CA GLY K 178 52.25 -71.86 19.66
C GLY K 178 52.60 -70.93 18.51
N ARG K 179 52.85 -69.66 18.83
CA ARG K 179 53.27 -68.71 17.80
C ARG K 179 54.60 -69.13 17.20
N ALA K 180 55.49 -69.66 18.02
CA ALA K 180 56.78 -70.15 17.51
C ALA K 180 56.59 -71.35 16.61
N ALA K 181 55.44 -72.02 16.68
CA ALA K 181 55.18 -73.19 15.86
C ALA K 181 54.61 -72.85 14.49
N LEU K 182 54.19 -71.61 14.27
CA LEU K 182 53.56 -71.21 13.02
C LEU K 182 54.39 -70.13 12.32
N SER K 183 54.35 -70.14 11.00
CA SER K 183 55.03 -69.12 10.22
C SER K 183 54.22 -67.81 10.26
N THR K 184 54.86 -66.74 9.78
CA THR K 184 54.23 -65.43 9.82
C THR K 184 52.93 -65.40 9.04
N ASP K 185 52.96 -65.84 7.78
CA ASP K 185 51.76 -65.85 6.97
C ASP K 185 50.74 -66.84 7.52
N GLN K 186 51.21 -67.95 8.08
CA GLN K 186 50.31 -68.91 8.70
C GLN K 186 49.60 -68.30 9.90
N TRP K 187 50.34 -67.55 10.73
CA TRP K 187 49.72 -66.87 11.86
C TRP K 187 48.73 -65.81 11.40
N ARG K 188 49.08 -65.08 10.33
CA ARG K 188 48.16 -64.10 9.76
C ARG K 188 46.87 -64.75 9.31
N GLU K 189 46.98 -65.87 8.59
CA GLU K 189 45.80 -66.59 8.13
C GLU K 189 44.99 -67.14 9.30
N SER K 190 45.67 -67.60 10.35
CA SER K 190 44.98 -68.10 11.53
C SER K 190 44.19 -66.99 12.21
N LEU K 191 44.79 -65.80 12.33
CA LEU K 191 44.09 -64.67 12.93
C LEU K 191 42.89 -64.25 12.08
N ILE K 192 43.05 -64.26 10.76
CA ILE K 192 41.94 -63.91 9.88
C ILE K 192 40.82 -64.95 9.99
N ARG K 193 41.17 -66.23 10.02
CA ARG K 193 40.16 -67.28 10.16
C ARG K 193 39.53 -67.26 11.55
N SER K 194 40.21 -66.63 12.52
CA SER K 194 39.63 -66.49 13.85
C SER K 194 38.36 -65.64 13.80
N ILE K 195 38.27 -64.73 12.85
CA ILE K 195 37.09 -63.92 12.62
C ILE K 195 36.09 -64.76 11.84
N GLY K 196 36.59 -65.81 11.19
CA GLY K 196 35.79 -66.62 10.30
C GLY K 196 35.93 -66.30 8.84
N MET K 197 36.88 -65.45 8.46
CA MET K 197 37.08 -65.04 7.09
C MET K 197 37.95 -66.06 6.36
N GLU K 198 37.88 -66.02 5.03
CA GLU K 198 38.71 -66.91 4.22
C GLU K 198 39.91 -66.15 3.68
N PRO K 199 41.11 -66.39 4.22
CA PRO K 199 42.29 -65.72 3.68
C PRO K 199 42.59 -66.08 2.23
N ALA K 200 42.29 -67.33 1.85
CA ALA K 200 42.50 -67.75 0.47
C ALA K 200 41.58 -67.00 -0.49
N SER K 201 40.41 -66.59 -0.05
CA SER K 201 39.46 -65.86 -0.87
C SER K 201 39.69 -64.36 -0.84
N LEU K 202 40.70 -63.89 -0.11
CA LEU K 202 40.90 -62.47 0.13
C LEU K 202 42.32 -62.07 -0.23
N LYS K 203 42.46 -60.89 -0.83
CA LYS K 203 43.78 -60.38 -1.17
C LYS K 203 44.55 -60.02 0.10
N GLU K 204 45.87 -60.18 0.03
CA GLU K 204 46.71 -60.01 1.22
C GLU K 204 46.59 -58.60 1.81
N ASP K 205 46.46 -57.58 0.96
CA ASP K 205 46.28 -56.22 1.46
C ASP K 205 44.96 -56.08 2.21
N VAL K 206 43.91 -56.72 1.71
CA VAL K 206 42.64 -56.72 2.43
C VAL K 206 42.78 -57.44 3.76
N GLN K 207 43.66 -58.45 3.81
CA GLN K 207 43.95 -59.11 5.09
C GLN K 207 44.69 -58.16 6.03
N TRP K 208 45.61 -57.35 5.50
CA TRP K 208 46.23 -56.30 6.29
C TRP K 208 45.17 -55.36 6.88
N HIS K 209 44.17 -55.01 6.07
CA HIS K 209 43.12 -54.10 6.52
C HIS K 209 42.24 -54.76 7.58
N LEU K 210 41.95 -56.05 7.41
CA LEU K 210 41.17 -56.77 8.41
C LEU K 210 41.92 -56.85 9.74
N LEU K 211 43.24 -57.03 9.68
CA LEU K 211 44.04 -56.98 10.90
C LEU K 211 44.05 -55.59 11.50
N ALA K 212 44.09 -54.56 10.65
CA ALA K 212 43.96 -53.18 11.14
C ALA K 212 42.64 -52.98 11.87
N ARG K 213 41.60 -53.68 11.44
CA ARG K 213 40.33 -53.63 12.17
C ARG K 213 40.48 -54.18 13.59
N MET K 214 41.25 -55.25 13.78
CA MET K 214 41.47 -55.79 15.12
C MET K 214 42.47 -55.01 15.95
N VAL K 215 43.31 -54.19 15.31
CA VAL K 215 44.33 -53.43 16.04
C VAL K 215 43.77 -52.63 17.22
N PRO K 216 42.63 -51.94 17.10
CA PRO K 216 42.12 -51.18 18.26
C PRO K 216 42.00 -51.99 19.55
N PHE K 217 42.02 -53.31 19.47
CA PHE K 217 41.81 -54.12 20.67
C PHE K 217 43.12 -54.43 21.39
N VAL K 218 44.26 -54.06 20.83
CA VAL K 218 45.54 -54.27 21.51
C VAL K 218 46.23 -52.97 21.90
N GLU K 219 45.72 -51.81 21.48
CA GLU K 219 46.32 -50.54 21.81
C GLU K 219 45.34 -49.70 22.60
N ASN K 220 45.82 -49.11 23.69
CA ASN K 220 45.00 -48.20 24.49
C ASN K 220 44.91 -46.85 23.79
N ASN K 221 43.68 -46.34 23.68
CA ASN K 221 43.41 -45.09 22.97
C ASN K 221 43.90 -45.18 21.53
N TYR K 222 43.39 -46.17 20.80
CA TYR K 222 43.74 -46.35 19.39
C TYR K 222 42.55 -45.89 18.57
N ASN K 223 42.48 -44.59 18.33
CA ASN K 223 41.38 -44.00 17.57
C ASN K 223 41.55 -44.29 16.09
N VAL K 224 40.50 -44.83 15.47
CA VAL K 224 40.54 -45.28 14.08
C VAL K 224 39.22 -44.93 13.42
N CYS K 225 39.27 -44.65 12.12
CA CYS K 225 38.08 -44.35 11.34
C CYS K 225 38.01 -45.25 10.11
N GLU K 226 36.89 -45.97 9.98
CA GLU K 226 36.63 -46.83 8.83
C GLU K 226 35.39 -46.32 8.11
N LEU K 227 35.50 -46.09 6.82
CA LEU K 227 34.41 -45.58 6.01
C LEU K 227 34.37 -46.37 4.71
N GLY K 228 33.19 -46.76 4.28
CA GLY K 228 33.07 -47.51 3.04
C GLY K 228 31.67 -47.91 2.66
N PRO K 229 31.53 -48.54 1.50
CA PRO K 229 30.21 -48.99 1.04
C PRO K 229 29.63 -50.06 1.95
N ARG K 230 28.30 -50.14 1.93
CA ARG K 230 27.60 -51.10 2.78
C ARG K 230 27.96 -52.52 2.40
N GLY K 231 28.08 -53.39 3.40
CA GLY K 231 28.35 -54.79 3.17
C GLY K 231 29.80 -55.21 3.31
N THR K 232 30.64 -54.36 3.90
CA THR K 232 32.05 -54.69 4.10
C THR K 232 32.31 -55.39 5.43
N GLY K 233 31.26 -55.70 6.19
CA GLY K 233 31.41 -56.33 7.48
C GLY K 233 31.82 -55.41 8.60
N LYS K 234 31.92 -54.11 8.34
CA LYS K 234 32.30 -53.15 9.37
C LYS K 234 31.27 -53.06 10.49
N SER K 235 30.05 -53.52 10.25
CA SER K 235 28.99 -53.50 11.25
C SER K 235 28.95 -54.77 12.10
N HIS K 236 29.16 -55.94 11.49
CA HIS K 236 29.22 -57.18 12.24
C HIS K 236 30.37 -57.16 13.23
N ILE K 237 31.52 -56.65 12.79
CA ILE K 237 32.66 -56.53 13.69
C ILE K 237 32.39 -55.42 14.70
N TYR K 238 33.02 -55.54 15.88
CA TYR K 238 32.93 -54.58 16.98
C TYR K 238 31.61 -54.72 17.74
N LYS K 239 30.83 -55.73 17.37
CA LYS K 239 29.61 -56.01 18.12
C LYS K 239 29.47 -57.50 18.40
N GLU K 240 30.12 -58.33 17.61
CA GLU K 240 30.18 -59.76 17.91
C GLU K 240 31.60 -60.30 17.89
N CYS K 241 32.58 -59.49 17.50
CA CYS K 241 33.97 -59.91 17.51
C CYS K 241 34.64 -59.54 18.83
N SER K 242 33.84 -59.06 19.79
CA SER K 242 34.38 -58.66 21.09
C SER K 242 33.26 -58.50 22.13
N PRO K 243 33.42 -59.08 23.31
CA PRO K 243 32.50 -58.79 24.43
C PRO K 243 32.96 -57.67 25.35
N ASN K 244 34.22 -57.24 25.24
CA ASN K 244 34.73 -56.13 26.02
C ASN K 244 34.71 -54.82 25.25
N SER K 245 34.10 -54.79 24.08
CA SER K 245 33.87 -53.58 23.33
C SER K 245 32.38 -53.38 23.07
N ILE K 246 32.00 -52.11 22.88
CA ILE K 246 30.60 -51.71 22.81
C ILE K 246 30.37 -51.01 21.48
N LEU K 247 29.22 -51.28 20.87
CA LEU K 247 28.78 -50.62 19.64
C LEU K 247 27.70 -49.60 20.00
N VAL K 248 27.88 -48.37 19.55
CA VAL K 248 26.88 -47.32 19.73
C VAL K 248 26.18 -47.09 18.40
N SER K 249 24.86 -47.25 18.38
CA SER K 249 24.07 -47.04 17.18
C SER K 249 23.12 -45.87 17.36
N GLY K 250 22.89 -45.15 16.26
CA GLY K 250 21.99 -44.02 16.26
C GLY K 250 22.64 -42.68 16.51
N GLY K 251 23.79 -42.64 17.19
CA GLY K 251 24.50 -41.41 17.40
C GLY K 251 24.00 -40.59 18.57
N GLN K 252 22.90 -41.03 19.20
CA GLN K 252 22.29 -40.30 20.29
C GLN K 252 22.98 -40.70 21.61
N THR K 253 23.89 -39.87 22.08
CA THR K 253 24.60 -40.09 23.33
C THR K 253 24.83 -38.77 24.04
N THR K 254 25.00 -38.87 25.36
CA THR K 254 25.34 -37.72 26.18
C THR K 254 26.76 -37.89 26.72
N VAL K 255 27.40 -36.76 27.00
CA VAL K 255 28.72 -36.79 27.62
C VAL K 255 28.64 -37.43 29.00
N ALA K 256 27.45 -37.43 29.61
CA ALA K 256 27.27 -38.14 30.88
C ALA K 256 27.37 -39.65 30.68
N ASN K 257 26.71 -40.18 29.64
CA ASN K 257 26.74 -41.62 29.41
C ASN K 257 28.11 -42.07 28.89
N LEU K 258 28.66 -41.37 27.90
CA LEU K 258 29.94 -41.77 27.33
C LEU K 258 31.10 -41.54 28.28
N PHE K 259 31.15 -40.36 28.92
CA PHE K 259 32.37 -39.92 29.58
C PHE K 259 32.23 -39.93 31.10
N TYR K 260 31.27 -39.20 31.65
CA TYR K 260 31.14 -39.10 33.11
C TYR K 260 29.85 -38.36 33.41
N ASN K 261 29.01 -38.96 34.25
CA ASN K 261 27.78 -38.32 34.70
C ASN K 261 28.08 -37.57 35.99
N MET K 262 28.13 -36.24 35.91
CA MET K 262 28.47 -35.44 37.08
C MET K 262 27.44 -35.62 38.19
N SER K 263 26.22 -36.00 37.86
CA SER K 263 25.21 -36.22 38.89
C SER K 263 25.50 -37.49 39.70
N SER K 264 25.88 -38.57 39.04
CA SER K 264 26.01 -39.87 39.68
C SER K 264 27.43 -40.16 40.18
N ARG K 265 28.39 -39.27 39.93
CA ARG K 265 29.79 -39.51 40.32
C ARG K 265 30.32 -40.81 39.73
N ARG K 266 29.86 -41.13 38.52
CA ARG K 266 30.18 -42.39 37.86
C ARG K 266 30.83 -42.15 36.51
N ILE K 267 31.91 -42.89 36.24
CA ILE K 267 32.58 -42.80 34.95
C ILE K 267 31.67 -43.31 33.85
N GLY K 268 31.82 -42.75 32.65
CA GLY K 268 30.97 -43.09 31.54
C GLY K 268 31.34 -44.41 30.89
N LEU K 269 30.87 -44.58 29.65
CA LEU K 269 31.11 -45.82 28.92
C LEU K 269 32.59 -46.05 28.68
N VAL K 270 33.36 -44.97 28.57
CA VAL K 270 34.79 -45.10 28.28
C VAL K 270 35.53 -45.85 29.38
N GLY K 271 34.93 -45.98 30.56
CA GLY K 271 35.56 -46.69 31.65
C GLY K 271 35.19 -48.15 31.79
N LEU K 272 34.22 -48.63 31.03
CA LEU K 272 33.78 -50.02 31.15
C LEU K 272 34.03 -50.87 29.91
N TRP K 273 34.48 -50.28 28.82
CA TRP K 273 34.74 -51.03 27.59
C TRP K 273 36.15 -50.76 27.09
N ASP K 274 36.72 -51.76 26.41
CA ASP K 274 38.05 -51.58 25.82
C ASP K 274 37.99 -50.76 24.54
N VAL K 275 36.91 -50.90 23.75
CA VAL K 275 36.74 -50.17 22.50
C VAL K 275 35.27 -49.76 22.40
N VAL K 276 35.04 -48.53 21.94
CA VAL K 276 33.70 -48.04 21.63
C VAL K 276 33.66 -47.71 20.14
N ALA K 277 32.67 -48.24 19.44
CA ALA K 277 32.57 -48.07 17.99
C ALA K 277 31.26 -47.35 17.65
N PHE K 278 31.39 -46.17 17.05
CA PHE K 278 30.23 -45.35 16.67
C PHE K 278 29.86 -45.69 15.22
N ASP K 279 28.74 -46.38 15.06
CA ASP K 279 28.23 -46.71 13.73
C ASP K 279 27.45 -45.55 13.15
N GLU K 280 27.43 -45.46 11.82
CA GLU K 280 26.65 -44.46 11.10
C GLU K 280 27.10 -43.05 11.53
N VAL K 281 28.35 -42.74 11.16
CA VAL K 281 28.95 -41.46 11.51
C VAL K 281 28.09 -40.30 11.03
N ALA K 282 27.29 -40.52 9.97
CA ALA K 282 26.33 -39.51 9.55
C ALA K 282 25.28 -39.26 10.61
N GLY K 283 24.82 -40.32 11.28
CA GLY K 283 23.78 -40.20 12.29
C GLY K 283 24.29 -39.74 13.64
N ILE K 284 25.61 -39.56 13.76
CA ILE K 284 26.19 -39.11 15.03
C ILE K 284 25.70 -37.70 15.34
N SER K 285 25.28 -37.48 16.58
CA SER K 285 24.83 -36.17 17.04
C SER K 285 25.74 -35.57 18.09
N PHE K 286 25.94 -36.25 19.22
CA PHE K 286 26.74 -35.71 20.33
C PHE K 286 26.26 -34.31 20.71
N LYS K 287 25.04 -34.23 21.23
CA LYS K 287 24.34 -32.98 21.46
C LYS K 287 25.16 -31.96 22.26
N ASP K 288 25.84 -32.41 23.31
CA ASP K 288 26.59 -31.49 24.15
C ASP K 288 27.67 -30.78 23.35
N LYS K 289 27.72 -29.45 23.47
CA LYS K 289 28.58 -28.63 22.63
C LYS K 289 30.06 -28.86 22.94
N ASP K 290 30.41 -28.81 24.22
CA ASP K 290 31.80 -28.90 24.64
C ASP K 290 32.38 -30.29 24.39
N GLY K 291 31.50 -31.27 24.19
CA GLY K 291 31.96 -32.65 24.10
C GLY K 291 33.01 -32.85 23.04
N VAL K 292 32.76 -32.31 21.84
CA VAL K 292 33.77 -32.38 20.78
C VAL K 292 35.12 -31.94 21.31
N GLN K 293 35.17 -30.76 21.92
CA GLN K 293 36.44 -30.26 22.43
C GLN K 293 37.05 -31.23 23.43
N ILE K 294 36.26 -31.72 24.40
CA ILE K 294 36.85 -32.63 25.37
C ILE K 294 37.20 -33.95 24.71
N MET K 295 36.41 -34.34 23.69
CA MET K 295 36.80 -35.49 22.89
C MET K 295 38.18 -35.29 22.32
N LYS K 296 38.47 -34.08 21.81
CA LYS K 296 39.82 -33.78 21.36
C LYS K 296 40.82 -34.09 22.45
N ASP K 297 40.57 -33.57 23.66
CA ASP K 297 41.47 -33.85 24.77
C ASP K 297 41.58 -35.36 25.01
N TYR K 298 40.46 -36.07 24.92
CA TYR K 298 40.51 -37.52 25.00
C TYR K 298 41.42 -38.09 23.92
N MET K 299 41.15 -37.75 22.65
CA MET K 299 42.04 -38.24 21.61
C MET K 299 43.44 -37.66 21.76
N ALA K 300 43.59 -36.56 22.49
CA ALA K 300 44.92 -36.04 22.76
C ALA K 300 45.70 -36.96 23.70
N SER K 301 45.05 -37.48 24.74
CA SER K 301 45.75 -38.24 25.76
C SER K 301 45.04 -39.49 26.23
N GLY K 302 43.76 -39.66 25.91
CA GLY K 302 42.99 -40.69 26.58
C GLY K 302 42.49 -40.30 27.94
N SER K 303 42.77 -39.07 28.37
CA SER K 303 42.29 -38.53 29.63
C SER K 303 41.62 -37.20 29.38
N PHE K 304 40.49 -36.98 30.04
CA PHE K 304 39.73 -35.75 29.88
C PHE K 304 39.40 -35.17 31.25
N ALA K 305 39.38 -33.84 31.31
CA ALA K 305 39.06 -33.12 32.53
C ALA K 305 37.60 -32.71 32.51
N ARG K 306 36.85 -33.15 33.51
CA ARG K 306 35.44 -32.80 33.63
C ARG K 306 35.23 -32.13 34.98
N GLY K 307 34.73 -30.90 34.95
CA GLY K 307 34.56 -30.17 36.18
C GLY K 307 35.89 -29.84 36.83
N ARG K 308 36.24 -30.59 37.87
CA ARG K 308 37.49 -30.39 38.59
C ARG K 308 38.42 -31.59 38.53
N GLU K 309 37.97 -32.73 38.02
CA GLU K 309 38.71 -33.98 38.10
C GLU K 309 39.00 -34.54 36.71
N GLN K 310 40.15 -35.19 36.57
CA GLN K 310 40.61 -35.75 35.31
C GLN K 310 40.46 -37.27 35.34
N MET K 311 39.88 -37.81 34.27
CA MET K 311 39.70 -39.26 34.14
C MET K 311 40.45 -39.78 32.93
N GLU K 312 41.26 -40.82 33.16
CA GLU K 312 41.98 -41.51 32.10
C GLU K 312 41.24 -42.79 31.74
N ALA K 313 41.04 -43.01 30.44
CA ALA K 313 40.26 -44.15 29.98
C ALA K 313 41.04 -44.93 28.93
N SER K 314 40.81 -46.24 28.90
CA SER K 314 41.48 -47.12 27.95
C SER K 314 40.60 -47.50 26.76
N ALA K 315 39.42 -46.90 26.63
CA ALA K 315 38.55 -47.19 25.50
C ALA K 315 39.07 -46.51 24.23
N SER K 316 39.19 -47.29 23.16
CA SER K 316 39.61 -46.76 21.87
C SER K 316 38.38 -46.50 21.00
N MET K 317 38.38 -45.37 20.33
CA MET K 317 37.21 -44.92 19.56
C MET K 317 37.35 -45.32 18.10
N VAL K 318 36.35 -46.02 17.59
CA VAL K 318 36.24 -46.39 16.18
C VAL K 318 35.08 -45.61 15.58
N PHE K 319 35.27 -45.09 14.38
CA PHE K 319 34.24 -44.33 13.67
C PHE K 319 33.89 -45.07 12.40
N VAL K 320 32.76 -45.78 12.39
CA VAL K 320 32.35 -46.61 11.27
C VAL K 320 31.26 -45.88 10.49
N GLY K 321 31.44 -45.78 9.17
CA GLY K 321 30.47 -45.07 8.36
C GLY K 321 30.41 -45.53 6.92
N ASN K 322 29.39 -45.04 6.21
CA ASN K 322 29.08 -45.46 4.85
C ASN K 322 29.53 -44.40 3.86
N ILE K 323 30.32 -44.81 2.87
CA ILE K 323 30.62 -44.02 1.68
C ILE K 323 29.91 -44.69 0.52
N ASN K 324 28.91 -44.01 -0.04
CA ASN K 324 28.11 -44.58 -1.13
C ASN K 324 28.22 -43.71 -2.37
N GLN K 325 29.33 -43.88 -3.11
CA GLN K 325 29.54 -43.48 -4.50
C GLN K 325 30.72 -44.25 -5.05
N SER K 326 31.24 -43.82 -6.21
CA SER K 326 32.38 -44.50 -6.84
C SER K 326 33.69 -44.01 -6.22
N VAL K 327 33.79 -44.24 -4.90
CA VAL K 327 35.01 -43.98 -4.12
C VAL K 327 35.59 -42.60 -4.41
N GLU K 328 36.43 -42.51 -5.45
CA GLU K 328 37.28 -41.37 -5.75
C GLU K 328 36.61 -40.03 -5.47
N SER K 329 35.35 -39.88 -5.87
CA SER K 329 34.60 -38.65 -5.67
C SER K 329 34.74 -38.12 -4.25
N LEU K 330 34.31 -38.90 -3.25
CA LEU K 330 34.36 -38.43 -1.87
C LEU K 330 35.79 -38.22 -1.40
N VAL K 331 36.75 -38.86 -2.08
CA VAL K 331 38.16 -38.68 -1.76
C VAL K 331 38.60 -37.29 -2.17
N LYS K 332 38.08 -36.81 -3.30
CA LYS K 332 38.59 -35.58 -3.92
C LYS K 332 37.62 -34.41 -3.87
N THR K 333 36.31 -34.65 -3.85
CA THR K 333 35.35 -33.56 -3.72
C THR K 333 35.40 -32.97 -2.33
N SER K 334 35.98 -33.74 -1.39
CA SER K 334 36.14 -33.33 -0.01
C SER K 334 37.06 -34.31 0.69
N HIS K 335 37.19 -34.20 2.01
CA HIS K 335 37.96 -35.17 2.77
C HIS K 335 37.31 -36.55 2.74
N LEU K 336 38.12 -37.58 2.93
CA LEU K 336 37.60 -38.95 3.00
C LEU K 336 36.58 -39.10 4.11
N LEU K 337 36.67 -38.28 5.15
CA LEU K 337 35.78 -38.34 6.30
C LEU K 337 34.49 -37.57 6.07
N ALA K 338 34.12 -37.37 4.81
CA ALA K 338 32.93 -36.61 4.42
C ALA K 338 31.64 -37.06 5.11
N PRO K 339 31.34 -38.38 5.27
CA PRO K 339 30.09 -38.74 5.95
C PRO K 339 30.01 -38.27 7.39
N PHE K 340 31.13 -37.79 7.94
CA PHE K 340 31.06 -37.19 9.26
C PHE K 340 30.22 -35.92 9.23
N PRO K 341 29.47 -35.61 10.28
CA PRO K 341 28.65 -34.41 10.26
C PRO K 341 29.50 -33.15 10.38
N GLU K 342 28.90 -32.02 10.02
CA GLU K 342 29.63 -30.76 9.97
C GLU K 342 30.13 -30.34 11.35
N ALA K 343 29.52 -30.88 12.40
CA ALA K 343 29.91 -30.52 13.76
C ALA K 343 31.34 -30.95 14.10
N MET K 344 31.83 -32.05 13.53
CA MET K 344 33.23 -32.44 13.72
C MET K 344 34.06 -32.41 12.44
N ILE K 345 33.78 -31.50 11.51
CA ILE K 345 34.66 -31.31 10.37
C ILE K 345 35.73 -30.28 10.72
N ASP K 346 36.87 -30.76 11.20
CA ASP K 346 38.00 -29.90 11.54
C ASP K 346 39.29 -30.68 11.34
N SER K 347 40.35 -29.98 10.92
CA SER K 347 41.64 -30.62 10.78
C SER K 347 42.17 -31.12 12.12
N ALA K 348 42.02 -30.29 13.15
CA ALA K 348 42.50 -30.69 14.48
C ALA K 348 41.79 -31.93 14.98
N PHE K 349 40.47 -32.01 14.80
CA PHE K 349 39.73 -33.20 15.22
C PHE K 349 40.20 -34.44 14.48
N PHE K 350 40.44 -34.31 13.17
CA PHE K 350 40.84 -35.46 12.38
C PHE K 350 42.28 -35.84 12.65
N ASP K 351 43.05 -34.96 13.28
CA ASP K 351 44.49 -35.15 13.45
C ASP K 351 44.85 -36.40 14.25
N ARG K 352 44.10 -36.76 15.29
CA ARG K 352 44.53 -37.84 16.15
C ARG K 352 44.20 -39.23 15.61
N PHE K 353 43.48 -39.31 14.49
CA PHE K 353 43.04 -40.60 13.98
C PHE K 353 44.26 -41.45 13.62
N HIS K 354 44.47 -42.53 14.38
CA HIS K 354 45.68 -43.32 14.19
C HIS K 354 45.64 -44.11 12.88
N ALA K 355 44.45 -44.41 12.37
CA ALA K 355 44.36 -45.13 11.11
C ALA K 355 43.03 -44.82 10.43
N TYR K 356 43.06 -44.86 9.10
CA TYR K 356 41.85 -44.84 8.28
C TYR K 356 41.81 -46.15 7.51
N ILE K 357 40.70 -46.87 7.64
CA ILE K 357 40.51 -48.10 6.90
C ILE K 357 39.64 -47.81 5.67
N PRO K 358 40.22 -47.81 4.47
CA PRO K 358 39.40 -47.61 3.27
C PRO K 358 38.57 -48.83 2.93
N GLY K 359 37.40 -48.94 3.55
CA GLY K 359 36.54 -50.11 3.42
C GLY K 359 36.14 -50.45 1.99
N TRP K 360 36.22 -49.48 1.07
CA TRP K 360 35.94 -49.77 -0.33
C TRP K 360 36.93 -50.77 -0.91
N GLU K 361 38.15 -50.82 -0.38
CA GLU K 361 39.10 -51.86 -0.78
C GLU K 361 38.62 -53.25 -0.39
N ILE K 362 38.01 -53.40 0.77
CA ILE K 362 37.49 -54.70 1.21
C ILE K 362 36.24 -55.01 0.40
N PRO K 363 36.18 -56.17 -0.24
CA PRO K 363 35.01 -56.49 -1.06
C PRO K 363 33.76 -56.71 -0.21
N LYS K 364 32.61 -56.65 -0.87
CA LYS K 364 31.35 -56.93 -0.20
C LYS K 364 31.32 -58.36 0.31
N MET K 365 30.78 -58.55 1.50
CA MET K 365 30.82 -59.86 2.14
C MET K 365 29.97 -60.86 1.38
N ARG K 366 30.56 -62.01 1.06
CA ARG K 366 29.90 -63.09 0.33
C ARG K 366 30.15 -64.38 1.09
N PRO K 367 29.26 -65.37 0.92
CA PRO K 367 29.47 -66.65 1.62
C PRO K 367 30.80 -67.31 1.30
N GLU K 368 31.32 -67.12 0.10
CA GLU K 368 32.64 -67.67 -0.24
C GLU K 368 33.75 -66.97 0.53
N PHE K 369 33.48 -65.79 1.09
CA PHE K 369 34.44 -65.11 1.94
C PHE K 369 34.45 -65.65 3.36
N PHE K 370 33.48 -66.48 3.74
CA PHE K 370 33.38 -67.03 5.08
C PHE K 370 34.03 -68.42 5.11
N THR K 371 35.07 -68.56 5.92
CA THR K 371 35.77 -69.84 6.00
C THR K 371 34.97 -70.83 6.84
N ASN K 372 35.31 -72.11 6.71
CA ASN K 372 34.65 -73.19 7.43
C ASN K 372 35.63 -74.11 8.13
N ARG K 373 36.88 -73.66 8.31
CA ARG K 373 37.91 -74.46 8.96
C ARG K 373 37.95 -74.16 10.45
N TYR K 374 38.99 -74.67 11.11
CA TYR K 374 39.21 -74.38 12.52
C TYR K 374 39.59 -72.90 12.69
N GLY K 375 39.13 -72.32 13.81
CA GLY K 375 39.48 -70.94 14.13
C GLY K 375 39.56 -70.75 15.63
N LEU K 376 40.41 -69.82 16.03
CA LEU K 376 40.58 -69.53 17.45
C LEU K 376 39.24 -69.13 18.06
N ILE K 377 38.95 -69.66 19.24
CA ILE K 377 37.71 -69.30 19.93
C ILE K 377 37.77 -67.83 20.31
N VAL K 378 36.70 -67.10 19.98
CA VAL K 378 36.75 -65.64 19.94
C VAL K 378 37.10 -65.07 21.30
N ASP K 379 36.60 -65.68 22.37
CA ASP K 379 36.87 -65.17 23.72
C ASP K 379 38.35 -65.27 24.08
N TYR K 380 39.00 -66.38 23.72
CA TYR K 380 40.44 -66.50 23.91
C TYR K 380 41.20 -65.43 23.12
N LEU K 381 40.77 -65.19 21.88
CA LEU K 381 41.42 -64.16 21.07
C LEU K 381 41.23 -62.78 21.67
N ALA K 382 40.03 -62.48 22.17
CA ALA K 382 39.77 -61.19 22.79
C ALA K 382 40.58 -61.02 24.06
N GLU K 383 40.75 -62.10 24.83
CA GLU K 383 41.62 -62.05 25.99
C GLU K 383 43.06 -61.78 25.56
N PHE K 384 43.47 -62.35 24.42
CA PHE K 384 44.79 -62.04 23.89
C PHE K 384 44.92 -60.56 23.58
N PHE K 385 43.87 -59.98 22.97
CA PHE K 385 43.88 -58.53 22.73
C PHE K 385 44.03 -57.77 24.04
N ARG K 386 43.25 -58.14 25.04
CA ARG K 386 43.27 -57.44 26.32
C ARG K 386 44.63 -57.51 26.97
N GLU K 387 45.27 -58.68 26.92
CA GLU K 387 46.57 -58.81 27.56
C GLU K 387 47.65 -58.12 26.74
N MET K 388 47.46 -58.01 25.43
CA MET K 388 48.37 -57.18 24.63
C MET K 388 48.20 -55.70 24.97
N ARG K 389 47.00 -55.29 25.39
CA ARG K 389 46.83 -53.91 25.86
C ARG K 389 47.79 -53.62 27.01
N LYS K 390 48.20 -54.66 27.72
CA LYS K 390 49.11 -54.56 28.84
C LYS K 390 50.55 -54.51 28.34
N ARG K 391 50.75 -54.74 27.04
CA ARG K 391 52.09 -54.72 26.45
C ARG K 391 52.19 -53.64 25.40
N SER K 392 53.36 -53.50 24.77
CA SER K 392 53.56 -52.54 23.70
C SER K 392 54.77 -52.96 22.88
N PHE K 393 54.72 -52.68 21.58
CA PHE K 393 55.78 -53.09 20.66
C PHE K 393 56.12 -51.98 19.66
N ALA K 394 55.96 -50.73 20.06
CA ALA K 394 56.22 -49.59 19.16
C ALA K 394 57.72 -49.34 19.04
N ASP K 395 58.48 -49.73 20.05
CA ASP K 395 59.90 -49.40 20.16
C ASP K 395 60.76 -50.01 19.05
N SER K 396 60.36 -51.17 18.52
CA SER K 396 61.22 -51.98 17.67
C SER K 396 61.62 -51.28 16.37
N ILE K 397 60.90 -50.23 16.00
CA ILE K 397 61.15 -49.58 14.71
C ILE K 397 62.52 -48.91 14.70
N GLU K 398 62.96 -48.37 15.85
CA GLU K 398 64.22 -47.66 15.89
C GLU K 398 65.41 -48.56 15.57
N LYS K 399 65.22 -49.87 15.72
CA LYS K 399 66.30 -50.82 15.42
C LYS K 399 66.69 -50.80 13.95
N TYR K 400 65.71 -50.69 13.05
CA TYR K 400 65.95 -50.80 11.62
C TYR K 400 65.70 -49.51 10.84
N PHE K 401 64.73 -48.70 11.25
CA PHE K 401 64.27 -47.60 10.41
C PHE K 401 64.08 -46.34 11.24
N LYS K 402 63.98 -45.21 10.54
CA LYS K 402 63.67 -43.91 11.11
C LYS K 402 62.60 -43.26 10.26
N LEU K 403 61.89 -42.28 10.82
CA LEU K 403 60.85 -41.60 10.06
C LEU K 403 61.41 -40.42 9.29
N GLY K 404 60.78 -40.10 8.16
CA GLY K 404 61.21 -39.00 7.33
C GLY K 404 60.93 -37.65 7.97
N ASN K 405 61.44 -36.61 7.31
CA ASN K 405 61.31 -35.25 7.84
C ASN K 405 59.98 -34.59 7.47
N ASN K 406 59.15 -35.24 6.66
CA ASN K 406 57.87 -34.68 6.26
C ASN K 406 56.74 -35.07 7.20
N LEU K 407 57.03 -35.76 8.30
CA LEU K 407 56.03 -36.21 9.26
C LEU K 407 56.18 -35.43 10.55
N ASN K 408 55.06 -34.89 11.05
CA ASN K 408 55.08 -34.26 12.36
C ASN K 408 55.06 -35.31 13.47
N GLN K 409 55.11 -34.84 14.71
CA GLN K 409 55.18 -35.75 15.84
C GLN K 409 53.90 -36.56 16.01
N ARG K 410 52.75 -35.95 15.72
CA ARG K 410 51.49 -36.67 15.85
C ARG K 410 51.41 -37.82 14.86
N ASP K 411 51.83 -37.58 13.62
CA ASP K 411 51.87 -38.66 12.63
C ASP K 411 52.79 -39.77 13.10
N VAL K 412 53.94 -39.40 13.67
CA VAL K 412 54.92 -40.39 14.11
C VAL K 412 54.34 -41.24 15.24
N ILE K 413 53.63 -40.60 16.17
CA ILE K 413 52.97 -41.31 17.26
C ILE K 413 51.96 -42.31 16.71
N ALA K 414 51.12 -41.85 15.77
CA ALA K 414 50.14 -42.74 15.18
C ALA K 414 50.81 -43.92 14.50
N VAL K 415 51.92 -43.65 13.80
CA VAL K 415 52.61 -44.70 13.07
C VAL K 415 53.16 -45.74 14.02
N ARG K 416 53.85 -45.31 15.09
CA ARG K 416 54.36 -46.29 16.04
C ARG K 416 53.22 -47.05 16.71
N LYS K 417 52.10 -46.39 17.01
CA LYS K 417 50.98 -47.12 17.62
C LYS K 417 50.46 -48.20 16.69
N THR K 418 50.27 -47.88 15.41
CA THR K 418 49.79 -48.89 14.47
C THR K 418 50.78 -50.02 14.31
N VAL K 419 52.07 -49.69 14.22
CA VAL K 419 53.10 -50.72 14.05
C VAL K 419 53.13 -51.63 15.27
N SER K 420 52.97 -51.04 16.47
CA SER K 420 52.93 -51.84 17.68
C SER K 420 51.74 -52.79 17.67
N GLY K 421 50.58 -52.30 17.20
CA GLY K 421 49.42 -53.17 17.12
C GLY K 421 49.65 -54.35 16.17
N LEU K 422 50.19 -54.07 14.99
CA LEU K 422 50.45 -55.13 14.03
C LEU K 422 51.51 -56.10 14.55
N MET K 423 52.51 -55.59 15.26
CA MET K 423 53.53 -56.44 15.87
C MET K 423 52.92 -57.33 16.94
N LYS K 424 51.97 -56.79 17.71
CA LYS K 424 51.27 -57.60 18.70
C LYS K 424 50.49 -58.73 18.03
N LEU K 425 49.82 -58.43 16.92
CA LEU K 425 49.02 -59.44 16.24
C LEU K 425 49.90 -60.51 15.59
N LEU K 426 50.79 -60.11 14.69
CA LEU K 426 51.58 -61.07 13.91
C LEU K 426 52.62 -61.80 14.74
N TYR K 427 53.28 -61.10 15.68
CA TYR K 427 54.37 -61.70 16.46
C TYR K 427 54.15 -61.47 17.95
N PRO K 428 53.22 -62.20 18.56
CA PRO K 428 53.09 -62.11 20.03
C PRO K 428 54.32 -62.56 20.78
N HIS K 429 55.15 -63.43 20.19
CA HIS K 429 56.34 -63.91 20.88
C HIS K 429 57.49 -62.91 20.84
N GLY K 430 57.38 -61.83 20.05
CA GLY K 430 58.35 -60.76 20.11
C GLY K 430 59.59 -60.92 19.26
N GLN K 431 59.76 -62.04 18.57
CA GLN K 431 60.93 -62.27 17.72
C GLN K 431 60.60 -61.80 16.31
N PHE K 432 61.42 -60.89 15.78
CA PHE K 432 61.11 -60.24 14.52
C PHE K 432 62.38 -60.09 13.69
N ASN K 433 62.19 -59.96 12.38
CA ASN K 433 63.24 -59.63 11.44
C ASN K 433 63.05 -58.20 10.95
N LYS K 434 63.97 -57.74 10.10
CA LYS K 434 63.88 -56.38 9.59
C LYS K 434 62.72 -56.23 8.61
N GLU K 435 62.43 -57.28 7.83
CA GLU K 435 61.41 -57.18 6.80
C GLU K 435 60.01 -57.07 7.41
N ASP K 436 59.78 -57.70 8.57
CA ASP K 436 58.50 -57.55 9.24
C ASP K 436 58.27 -56.11 9.67
N VAL K 437 59.31 -55.48 10.24
CA VAL K 437 59.21 -54.07 10.60
C VAL K 437 59.02 -53.22 9.36
N ARG K 438 59.70 -53.56 8.27
CA ARG K 438 59.51 -52.85 7.01
C ARG K 438 58.05 -52.88 6.58
N GLN K 439 57.45 -54.08 6.55
CA GLN K 439 56.07 -54.22 6.09
C GLN K 439 55.11 -53.46 7.00
N CYS K 440 55.25 -53.65 8.32
CA CYS K 440 54.34 -52.99 9.24
C CYS K 440 54.47 -51.47 9.17
N LEU K 441 55.71 -50.98 9.11
CA LEU K 441 55.95 -49.54 9.02
C LEU K 441 55.37 -48.98 7.72
N GLU K 442 55.54 -49.71 6.62
CA GLU K 442 54.99 -49.25 5.34
C GLU K 442 53.48 -49.17 5.40
N TYR K 443 52.84 -50.19 5.96
CA TYR K 443 51.37 -50.17 6.05
C TYR K 443 50.89 -49.04 6.95
N ALA K 444 51.56 -48.83 8.09
CA ALA K 444 51.17 -47.74 8.98
C ALA K 444 51.38 -46.40 8.30
N LEU K 445 52.47 -46.24 7.56
CA LEU K 445 52.71 -45.00 6.85
C LEU K 445 51.65 -44.75 5.80
N GLN K 446 51.21 -45.81 5.11
CA GLN K 446 50.14 -45.67 4.13
C GLN K 446 48.84 -45.22 4.78
N VAL K 447 48.45 -45.89 5.87
CA VAL K 447 47.17 -45.55 6.50
C VAL K 447 47.22 -44.15 7.10
N ARG K 448 48.38 -43.72 7.61
CA ARG K 448 48.51 -42.38 8.15
C ARG K 448 48.59 -41.34 7.04
N ARG K 449 49.17 -41.71 5.89
CA ARG K 449 49.31 -40.77 4.79
C ARG K 449 47.96 -40.49 4.14
N ARG K 450 47.06 -41.48 4.14
CA ARG K 450 45.71 -41.19 3.70
C ARG K 450 45.09 -40.07 4.52
N VAL K 451 45.17 -40.18 5.84
CA VAL K 451 44.61 -39.15 6.73
C VAL K 451 45.35 -37.83 6.52
N LYS K 452 46.66 -37.90 6.30
CA LYS K 452 47.44 -36.68 6.11
C LYS K 452 47.02 -35.95 4.84
N GLU K 453 46.77 -36.70 3.76
CA GLU K 453 46.33 -36.09 2.52
C GLU K 453 44.92 -35.52 2.67
N GLN K 454 44.05 -36.22 3.38
CA GLN K 454 42.71 -35.69 3.62
C GLN K 454 42.77 -34.44 4.48
N LEU K 455 43.74 -34.38 5.39
CA LEU K 455 43.94 -33.18 6.19
C LEU K 455 44.45 -32.02 5.35
N LYS K 456 45.37 -32.31 4.42
CA LYS K 456 45.83 -31.31 3.47
C LYS K 456 44.67 -30.83 2.59
N LYS K 457 43.68 -31.69 2.36
CA LYS K 457 42.47 -31.26 1.70
C LYS K 457 41.78 -30.14 2.48
N ILE K 458 41.98 -30.11 3.81
CA ILE K 458 41.46 -29.01 4.64
C ILE K 458 42.59 -28.06 4.98
N GLY K 459 43.58 -28.56 5.72
CA GLY K 459 44.70 -27.73 6.14
C GLY K 459 45.89 -27.82 5.21
N GLY K 460 45.71 -27.39 3.96
CA GLY K 460 46.75 -27.51 2.95
C GLY K 460 48.05 -26.81 3.28
N MET K 461 47.96 -25.56 3.72
CA MET K 461 49.16 -24.78 4.01
C MET K 461 49.87 -25.31 5.25
N GLU K 462 49.11 -25.74 6.24
CA GLU K 462 49.70 -26.28 7.46
C GLU K 462 50.22 -27.70 7.28
N PHE K 463 49.49 -28.52 6.52
CA PHE K 463 49.77 -29.94 6.40
C PHE K 463 50.12 -30.33 4.96
N TYR K 464 50.94 -29.49 4.31
CA TYR K 464 51.36 -29.74 2.93
C TYR K 464 52.31 -30.93 2.83
N ASP K 465 53.03 -31.25 3.90
CA ASP K 465 54.02 -32.34 3.88
C ASP K 465 53.30 -33.69 3.96
N VAL K 466 53.00 -34.24 2.79
CA VAL K 466 52.32 -35.52 2.68
C VAL K 466 53.22 -36.63 2.15
N HIS K 467 54.51 -36.35 1.93
CA HIS K 467 55.43 -37.34 1.35
C HIS K 467 56.01 -38.21 2.47
N PHE K 468 55.25 -39.26 2.80
CA PHE K 468 55.69 -40.19 3.83
C PHE K 468 56.87 -41.02 3.35
N SER K 469 57.91 -41.12 4.19
CA SER K 469 59.16 -41.75 3.79
C SER K 469 59.79 -42.41 5.02
N TYR K 470 59.91 -43.74 4.97
CA TYR K 470 60.68 -44.47 5.97
C TYR K 470 62.13 -44.57 5.51
N ILE K 471 63.07 -44.14 6.35
CA ILE K 471 64.49 -44.13 6.00
C ILE K 471 65.16 -45.30 6.70
N ASP K 472 65.80 -46.17 5.92
CA ASP K 472 66.51 -47.30 6.50
C ASP K 472 67.76 -46.81 7.23
N ASN K 473 67.98 -47.32 8.44
CA ASN K 473 69.15 -46.93 9.21
C ASN K 473 70.41 -47.66 8.79
N ASP K 474 70.31 -48.67 7.91
CA ASP K 474 71.47 -49.42 7.44
C ASP K 474 71.73 -49.14 5.97
N THR K 475 70.72 -49.33 5.10
CA THR K 475 70.92 -49.11 3.68
C THR K 475 70.67 -47.66 3.27
N LEU K 476 70.21 -46.81 4.18
CA LEU K 476 70.02 -45.39 3.94
C LEU K 476 69.07 -45.11 2.77
N GLU K 477 68.05 -45.94 2.58
CA GLU K 477 67.08 -45.71 1.53
C GLU K 477 65.89 -44.91 2.06
N GLU K 478 65.49 -43.91 1.29
CA GLU K 478 64.39 -43.02 1.64
C GLU K 478 63.09 -43.39 0.92
N HIS K 479 62.81 -44.69 0.77
CA HIS K 479 61.63 -45.15 0.04
C HIS K 479 60.34 -44.58 0.59
N PHE K 480 59.46 -44.11 -0.31
CA PHE K 480 58.18 -43.56 0.09
C PHE K 480 57.12 -44.66 0.17
N VAL K 481 55.89 -44.24 0.45
CA VAL K 481 54.71 -45.09 0.37
C VAL K 481 53.61 -44.27 -0.31
N SER K 482 52.90 -44.89 -1.24
CA SER K 482 51.89 -44.19 -2.02
C SER K 482 50.51 -44.76 -1.75
N VAL K 483 49.49 -43.97 -2.07
CA VAL K 483 48.10 -44.34 -1.90
C VAL K 483 47.50 -44.60 -3.28
N LYS K 484 46.62 -45.59 -3.35
CA LYS K 484 46.01 -45.95 -4.63
C LYS K 484 45.16 -44.83 -5.19
N GLU K 485 44.39 -44.15 -4.35
CA GLU K 485 43.56 -43.04 -4.80
C GLU K 485 44.41 -41.79 -4.98
N ILE K 492 47.58 -36.45 -15.48
CA ILE K 492 47.34 -35.03 -15.71
C ILE K 492 45.90 -34.80 -16.14
N PRO K 493 45.07 -34.33 -15.21
CA PRO K 493 43.65 -34.10 -15.51
C PRO K 493 43.45 -32.98 -16.52
N GLU K 494 42.33 -33.08 -17.24
CA GLU K 494 41.96 -32.08 -18.22
C GLU K 494 41.53 -30.78 -17.54
N GLY K 495 41.68 -29.67 -18.25
CA GLY K 495 41.27 -28.38 -17.73
C GLY K 495 42.43 -27.58 -17.20
N PRO K 496 42.29 -26.26 -17.17
CA PRO K 496 43.38 -25.41 -16.69
C PRO K 496 43.52 -25.47 -15.18
N ALA K 497 44.73 -25.79 -14.73
CA ALA K 497 45.01 -25.84 -13.30
C ALA K 497 45.16 -24.41 -12.75
N LYS K 498 45.33 -24.33 -11.43
CA LYS K 498 45.48 -23.04 -10.79
C LYS K 498 46.84 -22.43 -11.16
N PRO K 499 46.95 -21.11 -11.14
CA PRO K 499 48.23 -20.46 -11.43
C PRO K 499 49.31 -20.92 -10.46
N GLY K 500 50.53 -21.05 -10.97
CA GLY K 500 51.63 -21.57 -10.19
C GLY K 500 51.70 -23.07 -10.12
N PHE K 501 50.77 -23.78 -10.74
CA PHE K 501 50.74 -25.25 -10.74
C PHE K 501 51.11 -25.74 -12.13
N LEU K 502 51.91 -26.80 -12.19
CA LEU K 502 52.32 -27.34 -13.48
C LEU K 502 52.79 -28.78 -13.33
N TYR K 503 53.12 -29.36 -14.48
CA TYR K 503 53.68 -30.70 -14.58
C TYR K 503 54.98 -30.64 -15.37
N THR K 504 55.95 -31.46 -14.99
CA THR K 504 57.22 -31.53 -15.69
C THR K 504 57.64 -32.98 -15.82
N ILE K 505 58.60 -33.25 -16.69
CA ILE K 505 59.17 -34.58 -16.86
C ILE K 505 60.68 -34.49 -16.76
N GLY K 506 61.26 -35.38 -15.96
CA GLY K 506 62.70 -35.41 -15.79
C GLY K 506 63.17 -36.81 -15.48
N LEU K 507 64.47 -37.03 -15.70
CA LEU K 507 65.05 -38.35 -15.44
C LEU K 507 65.58 -38.40 -14.01
N SER K 508 65.20 -39.44 -13.28
CA SER K 508 65.56 -39.55 -11.87
C SER K 508 67.05 -39.82 -11.72
N ASN K 509 67.48 -39.95 -10.46
CA ASN K 509 68.86 -40.29 -10.16
C ASN K 509 69.25 -41.65 -10.72
N LYS K 510 68.28 -42.53 -10.96
CA LYS K 510 68.54 -43.81 -11.59
C LYS K 510 68.41 -43.75 -13.11
N GLY K 511 68.07 -42.59 -13.67
CA GLY K 511 68.04 -42.40 -15.09
C GLY K 511 66.74 -42.73 -15.80
N MET K 512 65.67 -43.08 -15.06
CA MET K 512 64.44 -43.33 -15.81
C MET K 512 63.59 -42.07 -15.86
N PRO K 513 63.00 -41.74 -17.00
CA PRO K 513 62.15 -40.55 -17.09
C PRO K 513 60.88 -40.72 -16.26
N GLY K 514 60.38 -39.61 -15.74
CA GLY K 514 59.17 -39.64 -14.94
C GLY K 514 58.52 -38.28 -14.87
N LEU K 515 57.26 -38.28 -14.46
CA LEU K 515 56.47 -37.06 -14.34
C LEU K 515 56.50 -36.58 -12.89
N TYR K 516 56.52 -35.26 -12.73
CA TYR K 516 56.53 -34.63 -11.42
C TYR K 516 55.57 -33.45 -11.43
N ARG K 517 54.96 -33.18 -10.27
CA ARG K 517 53.90 -32.20 -10.14
C ARG K 517 54.40 -31.06 -9.27
N LEU K 518 54.32 -29.83 -9.80
CA LEU K 518 54.83 -28.66 -9.10
C LEU K 518 53.68 -27.76 -8.69
N GLU K 519 53.70 -27.33 -7.42
CA GLU K 519 52.72 -26.38 -6.90
C GLU K 519 53.47 -25.16 -6.37
N LEU K 520 52.98 -23.97 -6.72
CA LEU K 520 53.49 -22.74 -6.14
C LEU K 520 52.39 -22.08 -5.31
N GLN K 521 52.67 -21.81 -4.05
CA GLN K 521 51.78 -21.08 -3.16
C GLN K 521 52.33 -19.68 -2.98
N VAL K 522 51.50 -18.68 -3.28
CA VAL K 522 51.89 -17.27 -3.26
C VAL K 522 51.16 -16.60 -2.12
N THR K 523 51.91 -15.84 -1.31
CA THR K 523 51.34 -15.10 -0.20
C THR K 523 51.92 -13.70 -0.19
N LYS K 524 51.26 -12.80 0.54
CA LYS K 524 51.82 -11.48 0.76
C LYS K 524 52.96 -11.55 1.76
N GLY K 525 54.15 -11.11 1.36
CA GLY K 525 55.30 -11.22 2.23
C GLY K 525 56.49 -10.38 1.81
N SER K 526 57.71 -10.88 2.03
CA SER K 526 58.93 -10.13 1.78
C SER K 526 59.88 -10.85 0.82
N GLY K 527 59.38 -11.79 0.03
CA GLY K 527 60.19 -12.43 -0.99
C GLY K 527 60.94 -13.67 -0.57
N LYS K 528 60.55 -14.32 0.52
CA LYS K 528 61.20 -15.55 0.94
C LYS K 528 60.82 -16.71 0.03
N LEU K 529 61.63 -17.76 0.05
CA LEU K 529 61.37 -18.98 -0.70
C LEU K 529 61.39 -20.17 0.25
N ALA K 530 60.35 -21.00 0.19
CA ALA K 530 60.27 -22.23 0.95
C ALA K 530 60.10 -23.41 -0.01
N THR K 531 60.65 -24.56 0.36
CA THR K 531 60.66 -25.72 -0.50
C THR K 531 60.08 -26.93 0.22
N SER K 532 59.43 -27.80 -0.54
CA SER K 532 58.91 -29.04 0.01
C SER K 532 58.84 -30.11 -1.08
N GLY K 533 59.13 -31.34 -0.68
CA GLY K 533 59.07 -32.47 -1.59
C GLY K 533 60.26 -32.61 -2.51
N LEU K 534 61.36 -31.95 -2.17
CA LEU K 534 62.54 -31.97 -3.04
C LEU K 534 63.42 -33.19 -2.76
N TRP K 535 62.83 -34.24 -2.18
CA TRP K 535 63.55 -35.46 -1.82
C TRP K 535 64.64 -35.17 -0.81
N ASN K 536 64.58 -34.00 -0.17
CA ASN K 536 65.64 -33.51 0.70
C ASN K 536 66.99 -33.56 -0.03
N SER K 537 66.95 -33.18 -1.31
CA SER K 537 68.10 -33.30 -2.19
C SER K 537 68.75 -31.93 -2.36
N SER K 538 70.08 -31.89 -2.23
CA SER K 538 70.84 -30.66 -2.40
C SER K 538 70.73 -30.13 -3.83
N SER K 539 70.75 -31.04 -4.81
CA SER K 539 70.69 -30.66 -6.22
C SER K 539 69.40 -29.92 -6.54
N ALA K 540 68.27 -30.46 -6.08
CA ALA K 540 67.00 -29.80 -6.30
C ALA K 540 66.97 -28.43 -5.64
N LYS K 541 67.47 -28.34 -4.41
CA LYS K 541 67.45 -27.07 -3.69
C LYS K 541 68.32 -26.02 -4.38
N GLU K 542 69.51 -26.40 -4.85
CA GLU K 542 70.35 -25.43 -5.53
C GLU K 542 69.76 -25.03 -6.89
N GLN K 543 69.14 -25.98 -7.59
CA GLN K 543 68.51 -25.64 -8.86
C GLN K 543 67.35 -24.67 -8.67
N VAL K 544 66.50 -24.92 -7.67
CA VAL K 544 65.38 -24.02 -7.45
C VAL K 544 65.86 -22.68 -6.91
N LYS K 545 66.97 -22.67 -6.16
CA LYS K 545 67.56 -21.41 -5.72
C LYS K 545 68.08 -20.60 -6.91
N ILE K 546 68.71 -21.28 -7.86
CA ILE K 546 69.17 -20.62 -9.08
C ILE K 546 67.99 -20.05 -9.84
N ALA K 547 66.90 -20.82 -9.95
CA ALA K 547 65.70 -20.34 -10.63
C ALA K 547 65.11 -19.14 -9.90
N PHE K 548 65.11 -19.17 -8.57
CA PHE K 548 64.61 -18.05 -7.79
C PHE K 548 65.45 -16.80 -8.01
N ASP K 549 66.77 -16.97 -8.07
CA ASP K 549 67.66 -15.84 -8.36
C ASP K 549 67.40 -15.27 -9.75
N TYR K 550 67.20 -16.15 -10.73
CA TYR K 550 66.89 -15.69 -12.08
C TYR K 550 65.57 -14.93 -12.11
N PHE K 551 64.55 -15.44 -11.41
CA PHE K 551 63.26 -14.76 -11.36
C PHE K 551 63.38 -13.39 -10.71
N LYS K 552 64.14 -13.30 -9.62
CA LYS K 552 64.33 -12.03 -8.94
C LYS K 552 65.08 -11.05 -9.83
N ALA K 553 66.09 -11.53 -10.57
CA ALA K 553 66.85 -10.65 -11.46
C ALA K 553 66.01 -10.21 -12.65
N ASN K 554 65.25 -11.11 -13.26
CA ASN K 554 64.44 -10.80 -14.43
C ASN K 554 62.97 -10.60 -14.08
N ALA K 555 62.67 -10.05 -12.90
CA ALA K 555 61.29 -9.84 -12.50
C ALA K 555 60.60 -8.83 -13.39
N SER K 556 61.29 -7.74 -13.73
CA SER K 556 60.64 -6.65 -14.47
C SER K 556 60.21 -7.08 -15.86
N ARG K 557 61.06 -7.83 -16.58
CA ARG K 557 60.76 -8.18 -17.95
C ARG K 557 59.70 -9.28 -18.05
N ILE K 558 59.56 -10.11 -17.02
CA ILE K 558 58.64 -11.24 -17.06
C ILE K 558 57.29 -10.89 -16.44
N SER K 559 57.29 -10.19 -15.31
CA SER K 559 56.05 -9.82 -14.64
C SER K 559 55.50 -8.48 -15.09
N GLY K 560 56.31 -7.66 -15.76
CA GLY K 560 55.85 -6.38 -16.26
C GLY K 560 55.67 -5.33 -15.20
N GLY K 561 56.13 -5.60 -13.99
CA GLY K 561 56.03 -4.63 -12.92
C GLY K 561 55.72 -5.23 -11.56
N SER K 562 55.23 -6.47 -11.54
CA SER K 562 54.92 -7.13 -10.28
C SER K 562 56.19 -7.40 -9.49
N LYS K 563 56.18 -7.05 -8.21
CA LYS K 563 57.38 -7.12 -7.38
C LYS K 563 57.49 -8.51 -6.74
N VAL K 564 58.60 -9.19 -7.01
CA VAL K 564 58.89 -10.44 -6.32
C VAL K 564 59.13 -10.17 -4.84
N MET K 565 59.73 -9.03 -4.53
CA MET K 565 60.08 -8.67 -3.16
C MET K 565 58.87 -8.54 -2.25
N GLU K 566 57.67 -8.39 -2.81
CA GLU K 566 56.45 -8.20 -2.02
C GLU K 566 55.65 -9.49 -1.85
N HIS K 567 56.11 -10.61 -2.42
CA HIS K 567 55.38 -11.86 -2.36
C HIS K 567 56.29 -12.99 -1.87
N ASP K 568 55.74 -13.83 -0.99
CA ASP K 568 56.43 -15.00 -0.47
C ASP K 568 55.97 -16.24 -1.23
N PHE K 569 56.90 -17.15 -1.48
CA PHE K 569 56.69 -18.28 -2.38
C PHE K 569 56.98 -19.59 -1.64
N HIS K 570 56.10 -20.58 -1.84
CA HIS K 570 56.29 -21.92 -1.28
C HIS K 570 56.12 -22.93 -2.42
N LEU K 571 57.20 -23.62 -2.77
CA LEU K 571 57.17 -24.59 -3.86
C LEU K 571 57.01 -26.00 -3.29
N HIS K 572 56.22 -26.81 -3.97
CA HIS K 572 55.87 -28.15 -3.52
C HIS K 572 56.02 -29.13 -4.69
N VAL K 573 56.64 -30.28 -4.41
CA VAL K 573 56.95 -31.28 -5.42
C VAL K 573 56.22 -32.57 -5.07
N VAL K 574 55.56 -33.16 -6.07
CA VAL K 574 54.87 -34.44 -5.93
C VAL K 574 55.44 -35.39 -6.96
N GLU K 575 55.87 -36.57 -6.51
CA GLU K 575 56.32 -37.62 -7.43
C GLU K 575 55.21 -38.65 -7.60
N LEU K 576 54.70 -38.77 -8.83
CA LEU K 576 53.55 -39.61 -9.10
C LEU K 576 53.91 -41.01 -9.58
N GLN K 577 55.10 -41.19 -10.16
CA GLN K 577 55.50 -42.48 -10.69
C GLN K 577 56.60 -43.17 -9.89
N ASN K 578 57.02 -42.60 -8.76
CA ASN K 578 58.04 -43.19 -7.90
C ASN K 578 59.33 -43.46 -8.68
N THR K 579 59.68 -42.56 -9.60
CA THR K 579 60.87 -42.76 -10.42
C THR K 579 62.15 -42.50 -9.64
N GLY K 580 62.14 -41.56 -8.70
CA GLY K 580 63.32 -41.23 -7.94
C GLY K 580 63.57 -39.73 -7.91
N PRO K 581 64.54 -39.30 -7.11
CA PRO K 581 64.83 -37.87 -7.01
C PRO K 581 65.31 -37.29 -8.34
N LEU K 582 64.88 -36.06 -8.61
CA LEU K 582 65.27 -35.34 -9.82
C LEU K 582 66.17 -34.18 -9.46
N SER K 583 67.20 -33.96 -10.27
CA SER K 583 68.13 -32.85 -10.06
C SER K 583 67.72 -31.62 -10.87
N HIS K 584 67.25 -31.82 -12.10
CA HIS K 584 66.93 -30.73 -13.01
C HIS K 584 65.51 -30.23 -12.70
N LEU K 585 65.43 -29.08 -12.03
CA LEU K 585 64.14 -28.52 -11.65
C LEU K 585 64.03 -27.01 -11.81
N ALA K 586 65.08 -26.33 -12.28
CA ALA K 586 65.09 -24.87 -12.25
C ALA K 586 64.05 -24.29 -13.20
N LEU K 587 64.03 -24.73 -14.46
CA LEU K 587 63.22 -24.07 -15.48
C LEU K 587 61.72 -24.22 -15.22
N PRO K 588 61.17 -25.42 -15.00
CA PRO K 588 59.73 -25.49 -14.66
C PRO K 588 59.39 -24.77 -13.38
N SER K 589 60.30 -24.75 -12.40
CA SER K 589 60.04 -24.00 -11.17
C SER K 589 59.92 -22.51 -11.47
N LEU K 590 60.80 -21.98 -12.33
CA LEU K 590 60.71 -20.58 -12.73
C LEU K 590 59.39 -20.31 -13.45
N VAL K 591 58.96 -21.25 -14.30
CA VAL K 591 57.65 -21.14 -14.92
C VAL K 591 56.56 -21.04 -13.86
N ALA K 592 56.68 -21.85 -12.81
CA ALA K 592 55.71 -21.80 -11.72
C ALA K 592 55.73 -20.44 -11.01
N PHE K 593 56.93 -19.91 -10.76
CA PHE K 593 57.03 -18.59 -10.14
C PHE K 593 56.32 -17.55 -10.99
N ALA K 594 56.59 -17.56 -12.30
CA ALA K 594 56.01 -16.57 -13.18
C ALA K 594 54.48 -16.69 -13.22
N SER K 595 53.97 -17.92 -13.27
CA SER K 595 52.53 -18.11 -13.31
C SER K 595 51.88 -17.66 -12.01
N GLY K 596 52.50 -18.00 -10.87
CA GLY K 596 51.92 -17.63 -9.59
C GLY K 596 51.93 -16.15 -9.34
N LEU K 597 53.05 -15.48 -9.67
CA LEU K 597 53.13 -14.05 -9.46
C LEU K 597 52.16 -13.29 -10.35
N LEU K 598 51.99 -13.75 -11.60
CA LEU K 598 51.04 -13.12 -12.50
C LEU K 598 49.60 -13.58 -12.25
N GLY K 599 49.40 -14.63 -11.46
CA GLY K 599 48.06 -15.12 -11.22
C GLY K 599 47.36 -15.66 -12.44
N ARG K 600 48.12 -16.12 -13.43
CA ARG K 600 47.57 -16.63 -14.68
C ARG K 600 47.81 -18.12 -14.78
N SER K 601 46.77 -18.86 -15.11
CA SER K 601 46.89 -20.31 -15.27
C SER K 601 47.74 -20.64 -16.49
N VAL K 602 48.64 -21.62 -16.33
CA VAL K 602 49.42 -22.08 -17.47
C VAL K 602 48.52 -22.87 -18.42
N GLN K 603 49.04 -23.14 -19.61
CA GLN K 603 48.28 -23.90 -20.60
C GLN K 603 47.96 -25.29 -20.08
N SER K 604 46.73 -25.74 -20.35
CA SER K 604 46.29 -27.04 -19.87
C SER K 604 47.09 -28.16 -20.51
N GLN K 605 47.43 -29.17 -19.69
CA GLN K 605 48.17 -30.34 -20.13
C GLN K 605 49.55 -29.97 -20.69
N MET K 606 50.11 -28.85 -20.22
CA MET K 606 51.45 -28.46 -20.61
C MET K 606 52.49 -29.28 -19.88
N VAL K 607 53.48 -29.77 -20.63
CA VAL K 607 54.61 -30.50 -20.07
C VAL K 607 55.86 -29.66 -20.26
N VAL K 608 56.44 -29.22 -19.15
CA VAL K 608 57.60 -28.35 -19.16
C VAL K 608 58.85 -29.23 -19.12
N LEU K 609 59.72 -29.08 -20.12
CA LEU K 609 60.93 -29.86 -20.24
C LEU K 609 62.16 -28.96 -20.24
N GLY K 610 63.29 -29.53 -19.83
CA GLY K 610 64.57 -28.87 -19.91
C GLY K 610 64.97 -28.18 -18.61
N ASP K 611 66.22 -27.73 -18.61
CA ASP K 611 66.81 -26.99 -17.50
C ASP K 611 67.46 -25.74 -18.07
N MET K 612 67.98 -24.89 -17.19
CA MET K 612 68.61 -23.65 -17.62
C MET K 612 69.94 -23.47 -16.90
N SER K 613 70.78 -22.63 -17.48
CA SER K 613 71.93 -22.10 -16.77
C SER K 613 71.52 -20.85 -16.01
N LEU K 614 72.43 -20.35 -15.17
CA LEU K 614 72.18 -19.11 -14.44
C LEU K 614 72.04 -17.94 -15.39
N GLY K 615 72.78 -17.94 -16.50
CA GLY K 615 72.71 -16.87 -17.48
C GLY K 615 71.59 -17.00 -18.49
N GLY K 616 70.75 -18.02 -18.37
CA GLY K 616 69.65 -18.21 -19.29
C GLY K 616 69.90 -19.18 -20.42
N SER K 617 71.04 -19.88 -20.41
CA SER K 617 71.31 -20.89 -21.43
C SER K 617 70.58 -22.17 -21.09
N VAL K 618 69.85 -22.70 -22.06
CA VAL K 618 69.01 -23.87 -21.86
C VAL K 618 69.78 -25.12 -22.23
N THR K 619 69.52 -26.22 -21.52
CA THR K 619 70.15 -27.50 -21.76
C THR K 619 69.22 -28.41 -22.54
N PRO K 620 69.76 -29.26 -23.43
CA PRO K 620 68.89 -30.17 -24.18
C PRO K 620 68.22 -31.18 -23.26
N VAL K 621 67.01 -31.56 -23.63
CA VAL K 621 66.24 -32.48 -22.80
C VAL K 621 66.74 -33.90 -23.04
N GLU K 622 67.28 -34.52 -22.00
CA GLU K 622 67.80 -35.87 -22.12
C GLU K 622 66.66 -36.88 -22.26
N SER K 623 66.87 -37.86 -23.14
CA SER K 623 65.86 -38.89 -23.43
C SER K 623 64.54 -38.25 -23.83
N ILE K 624 64.60 -37.39 -24.84
CA ILE K 624 63.43 -36.62 -25.25
C ILE K 624 62.34 -37.54 -25.78
N ALA K 625 62.73 -38.62 -26.47
CA ALA K 625 61.74 -39.58 -26.95
C ALA K 625 61.01 -40.25 -25.79
N GLU K 626 61.76 -40.68 -24.78
CA GLU K 626 61.11 -41.29 -23.61
C GLU K 626 60.34 -40.25 -22.81
N CYS K 627 60.80 -38.99 -22.82
CA CYS K 627 60.04 -37.93 -22.17
C CYS K 627 58.69 -37.72 -22.85
N LEU K 628 58.67 -37.72 -24.18
CA LEU K 628 57.39 -37.62 -24.89
C LEU K 628 56.54 -38.85 -24.67
N GLN K 629 57.16 -40.02 -24.53
CA GLN K 629 56.42 -41.22 -24.19
C GLN K 629 55.74 -41.07 -22.83
N VAL K 630 56.46 -40.51 -21.86
CA VAL K 630 55.89 -40.28 -20.54
C VAL K 630 54.74 -39.28 -20.63
N ALA K 631 54.93 -38.21 -21.41
CA ALA K 631 53.87 -37.22 -21.57
C ALA K 631 52.63 -37.85 -22.19
N PHE K 632 52.83 -38.73 -23.18
CA PHE K 632 51.70 -39.44 -23.78
C PHE K 632 51.01 -40.33 -22.76
N ASP K 633 51.79 -41.05 -21.95
CA ASP K 633 51.21 -41.91 -20.94
C ASP K 633 50.56 -41.10 -19.82
N ALA K 634 51.04 -39.87 -19.60
CA ALA K 634 50.47 -39.01 -18.57
C ALA K 634 49.17 -38.36 -18.99
N GLY K 635 48.76 -38.50 -20.24
CA GLY K 635 47.50 -37.93 -20.70
C GLY K 635 47.56 -36.48 -21.11
N ALA K 636 48.72 -35.86 -21.10
CA ALA K 636 48.83 -34.46 -21.48
C ALA K 636 48.91 -34.33 -23.00
N LYS K 637 48.49 -33.17 -23.51
CA LYS K 637 48.54 -32.88 -24.94
C LYS K 637 49.47 -31.73 -25.30
N LYS K 638 50.10 -31.07 -24.35
CA LYS K 638 50.93 -29.91 -24.63
C LYS K 638 52.33 -30.11 -24.08
N VAL K 639 53.33 -29.82 -24.91
CA VAL K 639 54.74 -29.87 -24.53
C VAL K 639 55.42 -28.61 -25.01
N ALA K 640 56.31 -28.07 -24.18
CA ALA K 640 57.16 -26.95 -24.55
C ALA K 640 58.59 -27.47 -24.67
N LEU K 641 59.26 -27.13 -25.78
CA LEU K 641 60.57 -27.69 -26.02
C LEU K 641 61.61 -26.58 -26.22
N PRO K 642 62.81 -26.75 -25.70
CA PRO K 642 63.87 -25.76 -25.95
C PRO K 642 64.37 -25.84 -27.38
N MET K 643 65.02 -24.75 -27.82
CA MET K 643 65.60 -24.74 -29.16
C MET K 643 66.70 -25.79 -29.31
N SER K 644 67.49 -26.01 -28.26
CA SER K 644 68.59 -26.96 -28.33
C SER K 644 68.13 -28.38 -28.58
N SER K 645 66.86 -28.69 -28.29
CA SER K 645 66.32 -30.02 -28.55
C SER K 645 65.85 -30.20 -29.98
N ALA K 646 65.93 -29.17 -30.82
CA ALA K 646 65.46 -29.30 -32.20
C ALA K 646 66.22 -30.36 -32.97
N ALA K 647 67.54 -30.44 -32.77
CA ALA K 647 68.33 -31.48 -33.43
C ALA K 647 67.91 -32.87 -32.98
N ASP K 648 67.20 -32.98 -31.86
CA ASP K 648 66.69 -34.25 -31.37
C ASP K 648 65.31 -34.58 -31.92
N ILE K 649 64.72 -33.71 -32.73
CA ILE K 649 63.40 -34.00 -33.31
C ILE K 649 63.42 -35.25 -34.18
N PRO K 650 64.38 -35.47 -35.08
CA PRO K 650 64.35 -36.69 -35.91
C PRO K 650 64.36 -37.97 -35.11
N THR K 651 64.96 -37.98 -33.92
CA THR K 651 64.97 -39.18 -33.09
C THR K 651 63.60 -39.57 -32.58
N ILE K 652 62.61 -38.70 -32.70
CA ILE K 652 61.25 -38.97 -32.23
C ILE K 652 60.47 -39.70 -33.31
N PRO K 653 59.78 -40.78 -32.97
CA PRO K 653 58.86 -41.40 -33.94
C PRO K 653 57.79 -40.41 -34.37
N VAL K 654 57.40 -40.49 -35.63
CA VAL K 654 56.49 -39.50 -36.20
C VAL K 654 55.11 -39.58 -35.55
N GLU K 655 54.63 -40.80 -35.28
CA GLU K 655 53.30 -40.97 -34.73
C GLU K 655 53.17 -40.33 -33.35
N LEU K 656 54.16 -40.53 -32.48
CA LEU K 656 54.12 -39.90 -31.16
C LEU K 656 54.26 -38.39 -31.26
N PHE K 657 55.12 -37.93 -32.18
CA PHE K 657 55.36 -36.49 -32.29
C PHE K 657 54.12 -35.76 -32.81
N THR K 658 53.35 -36.41 -33.68
CA THR K 658 52.16 -35.79 -34.24
C THR K 658 50.99 -35.72 -33.26
N LYS K 659 51.01 -36.52 -32.20
CA LYS K 659 49.94 -36.46 -31.21
C LYS K 659 50.02 -35.22 -30.32
N PHE K 660 51.10 -34.45 -30.41
CA PHE K 660 51.35 -33.36 -29.48
C PHE K 660 51.47 -32.05 -30.26
N GLN K 661 50.92 -30.98 -29.69
CA GLN K 661 51.10 -29.63 -30.24
C GLN K 661 52.23 -28.97 -29.46
N THR K 662 53.36 -28.76 -30.14
CA THR K 662 54.61 -28.36 -29.48
C THR K 662 54.64 -26.84 -29.32
N SER K 663 54.84 -26.38 -28.09
CA SER K 663 55.07 -24.96 -27.82
C SER K 663 56.57 -24.71 -27.71
N PHE K 664 57.22 -24.76 -28.88
CA PHE K 664 58.67 -24.67 -28.98
C PHE K 664 59.18 -23.31 -28.53
N TYR K 665 60.08 -23.29 -27.55
CA TYR K 665 60.66 -22.04 -27.08
C TYR K 665 62.18 -22.04 -27.27
N ALA K 666 62.79 -20.92 -26.93
CA ALA K 666 64.24 -20.76 -27.05
C ALA K 666 64.90 -20.58 -25.70
N ASP K 667 64.43 -19.61 -24.91
CA ASP K 667 65.00 -19.28 -23.62
C ASP K 667 63.93 -19.28 -22.54
N PRO K 668 64.33 -19.32 -21.25
CA PRO K 668 63.32 -19.48 -20.18
C PRO K 668 62.20 -18.45 -20.19
N VAL K 669 62.48 -17.21 -20.62
CA VAL K 669 61.41 -16.23 -20.72
C VAL K 669 60.40 -16.65 -21.79
N ASP K 670 60.90 -17.14 -22.93
CA ASP K 670 60.00 -17.64 -23.97
C ASP K 670 59.26 -18.89 -23.50
N ALA K 671 59.93 -19.71 -22.70
CA ALA K 671 59.25 -20.87 -22.11
C ALA K 671 58.12 -20.43 -21.20
N VAL K 672 58.35 -19.39 -20.40
CA VAL K 672 57.30 -18.85 -19.53
C VAL K 672 56.13 -18.34 -20.36
N PHE K 673 56.44 -17.61 -21.43
CA PHE K 673 55.37 -17.08 -22.29
C PHE K 673 54.58 -18.20 -22.95
N LYS K 674 55.28 -19.25 -23.42
CA LYS K 674 54.59 -20.37 -24.04
C LYS K 674 53.71 -21.10 -23.03
N GLY K 675 54.21 -21.29 -21.81
CA GLY K 675 53.39 -21.93 -20.78
C GLY K 675 52.18 -21.10 -20.40
N LEU K 676 52.36 -19.79 -20.32
CA LEU K 676 51.27 -18.87 -20.00
C LEU K 676 50.38 -18.55 -21.20
N GLY K 677 50.86 -18.82 -22.42
CA GLY K 677 50.10 -18.49 -23.60
C GLY K 677 50.13 -17.02 -23.94
N LEU L 9 -9.74 -88.76 17.17
CA LEU L 9 -9.71 -87.50 17.91
C LEU L 9 -10.20 -87.67 19.34
N ASP L 10 -11.52 -87.79 19.50
CA ASP L 10 -12.16 -87.81 20.81
C ASP L 10 -11.55 -88.90 21.70
N GLN L 11 -11.38 -90.09 21.15
CA GLN L 11 -10.74 -91.18 21.88
C GLN L 11 -9.31 -90.80 22.23
N LEU L 12 -8.56 -90.35 21.21
CA LEU L 12 -7.19 -89.91 21.43
C LEU L 12 -7.13 -88.72 22.36
N LEU L 13 -8.04 -87.76 22.21
CA LEU L 13 -8.03 -86.56 23.04
C LEU L 13 -8.28 -86.90 24.50
N ASN L 14 -9.22 -87.80 24.76
CA ASN L 14 -9.50 -88.22 26.12
C ASN L 14 -8.40 -89.10 26.71
N GLU L 15 -7.73 -89.93 25.89
CA GLU L 15 -6.70 -90.82 26.41
C GLU L 15 -5.34 -90.15 26.40
N HIS L 16 -4.89 -89.70 25.22
CA HIS L 16 -3.55 -89.15 25.08
C HIS L 16 -3.41 -87.75 25.62
N PHE L 17 -4.41 -87.26 26.36
CA PHE L 17 -4.35 -85.95 26.99
C PHE L 17 -5.17 -85.99 28.26
N ALA L 18 -4.91 -85.04 29.17
CA ALA L 18 -5.61 -84.99 30.44
C ALA L 18 -6.98 -84.37 30.25
N GLY L 19 -7.62 -83.95 31.34
CA GLY L 19 -8.98 -83.45 31.26
C GLY L 19 -9.09 -82.12 30.53
N ARG L 20 -8.61 -82.08 29.30
CA ARG L 20 -8.76 -80.93 28.41
C ARG L 20 -10.07 -80.96 27.65
N VAL L 21 -11.08 -81.67 28.17
CA VAL L 21 -12.31 -81.90 27.44
C VAL L 21 -13.22 -80.68 27.58
N VAL L 22 -13.00 -79.70 26.72
CA VAL L 22 -13.82 -78.49 26.62
C VAL L 22 -13.86 -78.08 25.15
N ARG L 23 -15.05 -77.74 24.65
CA ARG L 23 -15.18 -77.31 23.27
C ARG L 23 -14.53 -75.97 22.98
N LYS L 24 -14.56 -75.05 23.94
CA LYS L 24 -14.24 -73.63 23.77
C LYS L 24 -15.37 -72.97 22.98
N ASP L 25 -16.30 -73.79 22.49
CA ASP L 25 -17.63 -73.34 22.11
C ASP L 25 -18.48 -73.37 23.37
N LEU L 26 -18.15 -74.30 24.28
CA LEU L 26 -18.77 -74.32 25.59
C LEU L 26 -18.57 -72.99 26.32
N THR L 27 -17.32 -72.51 26.34
CA THR L 27 -17.01 -71.28 27.07
C THR L 27 -17.82 -70.11 26.55
N LYS L 28 -17.97 -70.03 25.23
CA LYS L 28 -18.82 -68.99 24.64
C LYS L 28 -20.28 -69.20 25.00
N LEU L 29 -20.73 -70.45 25.13
CA LEU L 29 -22.08 -70.75 25.61
C LEU L 29 -22.10 -70.96 27.12
N ILE L 30 -20.99 -70.73 27.81
CA ILE L 30 -20.94 -70.66 29.25
C ILE L 30 -21.32 -69.24 29.67
N LYS L 31 -21.76 -69.10 30.93
CA LYS L 31 -22.19 -67.81 31.44
C LYS L 31 -20.97 -66.91 31.56
N GLU L 32 -20.53 -66.38 30.41
CA GLU L 32 -19.39 -65.48 30.36
C GLU L 32 -19.87 -64.04 30.58
N GLY L 33 -20.65 -63.88 31.65
CA GLY L 33 -21.13 -62.59 32.09
C GLY L 33 -20.90 -62.45 33.58
N ALA L 34 -19.78 -62.97 34.05
CA ALA L 34 -19.51 -63.06 35.48
C ALA L 34 -18.08 -62.63 35.79
N ASN L 35 -17.61 -62.95 37.00
CA ASN L 35 -16.34 -62.44 37.49
C ASN L 35 -15.32 -63.55 37.76
N VAL L 36 -14.59 -63.95 36.73
CA VAL L 36 -13.59 -65.01 36.80
C VAL L 36 -12.82 -65.03 35.48
N PRO L 37 -11.51 -65.24 35.49
CA PRO L 37 -10.81 -65.46 34.22
C PRO L 37 -11.34 -66.71 33.52
N VAL L 38 -11.38 -66.62 32.19
CA VAL L 38 -12.14 -67.58 31.40
C VAL L 38 -11.57 -68.98 31.53
N TYR L 39 -10.24 -69.08 31.56
CA TYR L 39 -9.61 -70.40 31.56
C TYR L 39 -9.77 -71.10 32.90
N VAL L 40 -10.16 -70.37 33.95
CA VAL L 40 -10.59 -71.03 35.17
C VAL L 40 -11.88 -71.81 34.94
N LEU L 41 -12.87 -71.16 34.33
CA LEU L 41 -14.09 -71.88 33.94
C LEU L 41 -13.75 -73.03 33.01
N GLU L 42 -12.78 -72.82 32.13
CA GLU L 42 -12.39 -73.85 31.17
C GLU L 42 -11.84 -75.08 31.88
N TYR L 43 -10.97 -74.89 32.87
CA TYR L 43 -10.48 -76.02 33.64
C TYR L 43 -11.59 -76.66 34.46
N LEU L 44 -12.49 -75.85 35.01
CA LEU L 44 -13.61 -76.38 35.76
C LEU L 44 -14.42 -77.36 34.91
N LEU L 45 -14.74 -76.95 33.69
CA LEU L 45 -15.51 -77.79 32.79
C LEU L 45 -14.69 -78.98 32.29
N GLY L 46 -13.38 -78.79 32.17
CA GLY L 46 -12.50 -79.86 31.72
C GLY L 46 -12.47 -81.06 32.65
N MET L 47 -12.83 -80.84 33.91
CA MET L 47 -12.89 -81.93 34.89
C MET L 47 -14.32 -82.34 35.20
N TYR L 48 -15.22 -81.41 35.52
CA TYR L 48 -16.56 -81.84 35.90
C TYR L 48 -17.44 -82.16 34.70
N CYS L 49 -16.93 -81.99 33.48
CA CYS L 49 -17.66 -82.33 32.27
C CYS L 49 -16.71 -83.07 31.31
N ALA L 50 -16.88 -84.38 31.21
CA ALA L 50 -16.14 -85.23 30.31
C ALA L 50 -17.12 -85.97 29.38
N SER L 51 -16.60 -86.84 28.53
CA SER L 51 -17.41 -87.66 27.61
C SER L 51 -18.25 -86.73 26.73
N ASP L 52 -19.41 -87.21 26.29
CA ASP L 52 -20.27 -86.42 25.41
C ASP L 52 -21.71 -86.33 25.87
N ASP L 53 -22.04 -86.78 27.09
CA ASP L 53 -23.43 -86.78 27.56
C ASP L 53 -23.90 -85.36 27.83
N PRO L 54 -24.95 -84.89 27.14
CA PRO L 54 -25.45 -83.53 27.38
C PRO L 54 -25.88 -83.29 28.83
N GLU L 55 -26.49 -84.30 29.45
CA GLU L 55 -26.98 -84.16 30.82
C GLU L 55 -25.83 -83.94 31.79
N ILE L 56 -24.75 -84.71 31.64
CA ILE L 56 -23.58 -84.59 32.50
C ILE L 56 -22.98 -83.20 32.29
N ILE L 57 -22.94 -82.73 31.04
CA ILE L 57 -22.37 -81.43 30.71
C ILE L 57 -23.16 -80.33 31.40
N GLU L 58 -24.50 -80.38 31.30
CA GLU L 58 -25.33 -79.36 31.93
C GLU L 58 -25.21 -79.41 33.46
N GLN L 59 -25.18 -80.62 34.02
CA GLN L 59 -25.09 -80.75 35.47
C GLN L 59 -23.76 -80.23 35.99
N GLY L 60 -22.68 -80.52 35.29
CA GLY L 60 -21.37 -80.00 35.64
C GLY L 60 -21.31 -78.51 35.49
N LEU L 61 -22.00 -77.95 34.48
CA LEU L 61 -22.10 -76.51 34.34
C LEU L 61 -22.80 -75.88 35.54
N ARG L 62 -23.89 -76.50 35.98
CA ARG L 62 -24.60 -76.01 37.16
C ARG L 62 -23.71 -76.07 38.39
N ASN L 63 -22.97 -77.17 38.56
CA ASN L 63 -22.06 -77.31 39.69
C ASN L 63 -20.96 -76.25 39.66
N VAL L 64 -20.42 -75.99 38.46
CA VAL L 64 -19.39 -74.97 38.30
C VAL L 64 -19.94 -73.62 38.71
N LYS L 65 -21.14 -73.28 38.27
CA LYS L 65 -21.71 -71.98 38.62
C LYS L 65 -21.97 -71.88 40.12
N THR L 66 -22.44 -72.98 40.73
CA THR L 66 -22.73 -72.94 42.17
C THR L 66 -21.44 -72.77 42.97
N VAL L 67 -20.40 -73.55 42.66
CA VAL L 67 -19.15 -73.42 43.39
C VAL L 67 -18.52 -72.06 43.10
N LEU L 68 -18.76 -71.51 41.91
CA LEU L 68 -18.29 -70.17 41.60
C LEU L 68 -18.91 -69.15 42.53
N ALA L 69 -20.23 -69.01 42.50
CA ALA L 69 -20.86 -68.07 43.42
C ALA L 69 -21.28 -68.74 44.72
N GLU L 70 -20.40 -69.57 45.28
CA GLU L 70 -20.48 -69.96 46.69
C GLU L 70 -19.38 -69.29 47.50
N ASN L 71 -18.14 -69.24 46.98
CA ASN L 71 -17.00 -68.77 47.75
C ASN L 71 -16.12 -67.81 46.95
N TYR L 72 -16.74 -67.00 46.07
CA TYR L 72 -15.97 -65.97 45.38
C TYR L 72 -15.54 -64.85 46.32
N VAL L 73 -16.48 -64.32 47.11
CA VAL L 73 -16.36 -63.10 47.91
C VAL L 73 -15.39 -62.09 47.31
N ARG L 74 -15.94 -61.13 46.55
CA ARG L 74 -15.20 -60.06 45.91
C ARG L 74 -14.43 -59.23 46.94
N PRO L 75 -13.42 -58.45 46.51
CA PRO L 75 -12.48 -57.83 47.48
C PRO L 75 -13.09 -56.97 48.57
N ASP L 76 -14.19 -56.28 48.28
CA ASP L 76 -14.72 -55.25 49.18
C ASP L 76 -14.69 -55.63 50.65
N GLU L 77 -15.42 -56.68 51.04
CA GLU L 77 -15.39 -57.09 52.43
C GLU L 77 -14.40 -58.21 52.71
N ALA L 78 -13.14 -58.02 52.28
CA ALA L 78 -12.14 -59.05 52.49
C ALA L 78 -11.99 -59.38 53.97
N GLU L 79 -11.85 -58.36 54.80
CA GLU L 79 -11.66 -58.56 56.23
C GLU L 79 -12.86 -59.31 56.82
N LYS L 80 -14.04 -59.15 56.23
CA LYS L 80 -15.20 -59.89 56.70
C LYS L 80 -14.94 -61.39 56.70
N VAL L 81 -14.34 -61.89 55.62
CA VAL L 81 -14.01 -63.31 55.55
C VAL L 81 -13.13 -63.71 56.72
N LYS L 82 -12.17 -62.84 57.07
CA LYS L 82 -11.28 -63.13 58.20
C LYS L 82 -12.09 -63.46 59.44
N SER L 83 -13.16 -62.71 59.70
CA SER L 83 -14.00 -63.00 60.84
C SER L 83 -14.51 -64.43 60.80
N LEU L 84 -15.05 -64.84 59.65
CA LEU L 84 -15.53 -66.21 59.52
C LEU L 84 -14.42 -67.21 59.76
N VAL L 85 -13.19 -66.85 59.38
CA VAL L 85 -12.06 -67.75 59.64
C VAL L 85 -11.83 -67.89 61.14
N ARG L 86 -11.91 -66.77 61.88
CA ARG L 86 -11.66 -66.82 63.31
C ARG L 86 -12.83 -67.46 64.05
N GLU L 87 -14.05 -67.12 63.66
CA GLU L 87 -15.22 -67.60 64.39
C GLU L 87 -15.48 -69.08 64.13
N ARG L 88 -15.17 -69.57 62.93
CA ARG L 88 -15.46 -70.96 62.57
C ARG L 88 -14.25 -71.86 62.66
N GLY L 89 -13.05 -71.32 62.84
CA GLY L 89 -11.86 -72.15 62.93
C GLY L 89 -11.34 -72.53 61.56
N SER L 90 -12.25 -72.76 60.62
CA SER L 90 -11.89 -73.07 59.24
C SER L 90 -12.95 -72.51 58.33
N TYR L 91 -12.53 -72.05 57.16
CA TYR L 91 -13.48 -71.51 56.19
C TYR L 91 -12.96 -71.75 54.78
N LYS L 92 -13.90 -71.93 53.85
CA LYS L 92 -13.55 -72.21 52.45
C LYS L 92 -13.77 -70.97 51.60
N VAL L 93 -12.75 -70.60 50.82
CA VAL L 93 -12.81 -69.43 49.96
C VAL L 93 -12.17 -69.79 48.62
N ILE L 94 -12.50 -69.05 47.57
CA ILE L 94 -11.85 -69.18 46.28
C ILE L 94 -11.10 -67.87 46.01
N ASP L 95 -9.83 -67.98 45.65
CA ASP L 95 -9.01 -66.79 45.45
C ASP L 95 -7.79 -67.13 44.61
N ARG L 96 -7.18 -66.09 44.04
CA ARG L 96 -5.87 -66.23 43.41
C ARG L 96 -4.81 -66.12 44.50
N VAL L 97 -3.96 -67.13 44.61
CA VAL L 97 -3.00 -67.26 45.70
C VAL L 97 -1.61 -67.38 45.12
N THR L 98 -0.63 -66.77 45.79
CA THR L 98 0.77 -66.91 45.44
C THR L 98 1.52 -67.49 46.63
N VAL L 99 2.50 -68.34 46.35
CA VAL L 99 3.28 -68.97 47.41
C VAL L 99 4.75 -68.56 47.25
N LYS L 100 5.35 -68.14 48.36
CA LYS L 100 6.73 -67.73 48.39
C LYS L 100 7.45 -68.41 49.55
N LEU L 101 8.77 -68.53 49.42
CA LEU L 101 9.58 -69.13 50.48
C LEU L 101 10.33 -68.04 51.23
N ASN L 102 10.21 -68.04 52.55
CA ASN L 102 10.91 -67.09 53.41
C ASN L 102 12.20 -67.74 53.87
N GLU L 103 13.30 -67.37 53.22
CA GLU L 103 14.60 -67.98 53.52
C GLU L 103 15.00 -67.75 54.97
N ARG L 104 14.56 -66.64 55.57
CA ARG L 104 14.92 -66.33 56.95
C ARG L 104 14.37 -67.36 57.93
N LYS L 105 13.31 -68.07 57.57
CA LYS L 105 12.73 -69.06 58.48
C LYS L 105 12.39 -70.37 57.78
N ASP L 106 12.50 -70.44 56.46
CA ASP L 106 12.12 -71.61 55.68
C ASP L 106 10.69 -72.04 56.00
N LYS L 107 9.73 -71.14 55.80
CA LYS L 107 8.34 -71.46 56.05
C LYS L 107 7.47 -70.88 54.93
N TYR L 108 6.90 -71.75 54.11
CA TYR L 108 6.14 -71.34 52.94
C TYR L 108 4.98 -70.43 53.31
N GLU L 109 4.87 -69.29 52.63
CA GLU L 109 3.89 -68.26 52.93
C GLU L 109 2.93 -68.11 51.75
N ALA L 110 1.70 -67.71 52.07
CA ALA L 110 0.63 -67.60 51.09
C ALA L 110 0.12 -66.16 51.05
N SER L 111 0.11 -65.56 49.86
CA SER L 111 -0.35 -64.19 49.67
C SER L 111 -1.60 -64.24 48.79
N PHE L 112 -2.68 -63.63 49.29
CA PHE L 112 -3.92 -63.52 48.53
C PHE L 112 -3.94 -62.20 47.77
N SER L 113 -4.04 -62.28 46.45
CA SER L 113 -4.17 -61.07 45.65
C SER L 113 -5.52 -60.38 45.90
N ASN L 114 -6.49 -61.13 46.43
CA ASN L 114 -7.80 -60.57 46.68
C ASN L 114 -7.99 -60.24 48.16
N LEU L 115 -7.87 -61.23 49.04
CA LEU L 115 -8.11 -60.98 50.47
C LEU L 115 -7.05 -60.10 51.10
N GLY L 116 -5.85 -60.05 50.55
CA GLY L 116 -4.84 -59.15 51.08
C GLY L 116 -3.96 -59.71 52.16
N ILE L 117 -4.14 -60.96 52.57
CA ILE L 117 -3.21 -61.58 53.51
C ILE L 117 -1.96 -62.03 52.77
N LYS L 118 -0.80 -61.55 53.22
CA LYS L 118 0.45 -61.78 52.53
C LYS L 118 1.33 -62.86 53.15
N ASP L 119 0.89 -63.48 54.25
CA ASP L 119 1.78 -64.38 54.98
C ASP L 119 1.09 -65.62 55.54
N ALA L 120 0.02 -66.10 54.92
CA ALA L 120 -0.66 -67.29 55.41
C ALA L 120 0.26 -68.51 55.33
N GLU L 121 0.20 -69.36 56.35
CA GLU L 121 1.08 -70.52 56.43
C GLU L 121 0.50 -71.69 55.66
N ILE L 122 1.33 -72.33 54.83
CA ILE L 122 0.91 -73.43 53.97
C ILE L 122 1.95 -74.54 54.07
N SER L 123 1.47 -75.78 54.04
CA SER L 123 2.35 -76.93 54.23
C SER L 123 3.30 -77.10 53.04
N ALA L 124 4.47 -77.70 53.32
CA ALA L 124 5.48 -77.87 52.29
C ALA L 124 5.07 -78.92 51.25
N GLY L 125 4.34 -79.95 51.68
CA GLY L 125 3.91 -80.97 50.74
C GLY L 125 3.04 -80.40 49.64
N ILE L 126 2.08 -79.57 50.01
CA ILE L 126 1.21 -78.93 49.01
C ILE L 126 2.03 -78.06 48.08
N VAL L 127 3.07 -77.41 48.61
CA VAL L 127 3.95 -76.61 47.78
C VAL L 127 4.65 -77.49 46.75
N LYS L 128 5.13 -78.66 47.16
CA LYS L 128 5.74 -79.58 46.20
C LYS L 128 4.74 -80.06 45.17
N GLU L 129 3.49 -80.29 45.58
CA GLU L 129 2.49 -80.83 44.66
C GLU L 129 2.21 -79.86 43.51
N TYR L 130 2.06 -78.57 43.80
CA TYR L 130 1.57 -77.59 42.82
C TYR L 130 2.65 -76.53 42.59
N GLU L 131 3.40 -76.69 41.49
CA GLU L 131 4.45 -75.73 41.19
C GLU L 131 3.89 -74.42 40.65
N LYS L 132 2.64 -74.41 40.20
CA LYS L 132 2.09 -73.20 39.60
C LYS L 132 1.67 -72.17 40.63
N LEU L 133 1.45 -72.60 41.88
CA LEU L 133 1.36 -71.63 42.96
C LEU L 133 2.67 -70.87 43.12
N LEU L 134 3.75 -71.44 42.59
CA LEU L 134 5.10 -70.98 42.84
C LEU L 134 5.65 -70.09 41.74
N VAL L 135 4.87 -69.82 40.70
CA VAL L 135 5.37 -69.06 39.56
C VAL L 135 4.76 -67.66 39.47
N GLY L 136 3.44 -67.54 39.38
CA GLY L 136 2.80 -66.25 39.22
C GLY L 136 1.48 -66.14 39.94
N GLY L 137 1.18 -67.13 40.77
CA GLY L 137 -0.06 -67.12 41.53
C GLY L 137 -1.22 -67.66 40.73
N ILE L 138 -1.90 -68.67 41.26
CA ILE L 138 -2.97 -69.34 40.53
C ILE L 138 -4.25 -69.28 41.34
N TRP L 139 -5.38 -69.34 40.65
CA TRP L 139 -6.67 -69.43 41.33
C TRP L 139 -6.82 -70.80 41.95
N VAL L 140 -7.12 -70.84 43.25
CA VAL L 140 -7.35 -72.08 43.97
C VAL L 140 -8.42 -71.85 45.02
N ILE L 141 -8.96 -72.96 45.54
CA ILE L 141 -9.82 -72.93 46.71
C ILE L 141 -8.94 -73.16 47.93
N ALA L 142 -9.08 -72.30 48.93
CA ALA L 142 -8.30 -72.37 50.16
C ALA L 142 -9.21 -72.66 51.35
N THR L 143 -8.68 -73.45 52.28
CA THR L 143 -9.31 -73.68 53.57
C THR L 143 -8.50 -72.93 54.62
N LEU L 144 -8.93 -71.72 54.97
CA LEU L 144 -8.23 -70.89 55.93
C LEU L 144 -8.54 -71.35 57.34
N SER L 145 -7.49 -71.53 58.14
CA SER L 145 -7.58 -71.91 59.54
C SER L 145 -7.01 -70.79 60.41
N TYR L 146 -7.63 -70.58 61.55
CA TYR L 146 -7.26 -69.49 62.46
C TYR L 146 -6.62 -70.06 63.70
N TYR L 147 -5.42 -69.58 64.03
CA TYR L 147 -4.70 -70.01 65.21
C TYR L 147 -3.84 -68.86 65.71
N PHE L 148 -4.10 -68.40 66.94
CA PHE L 148 -3.41 -67.27 67.51
C PHE L 148 -2.78 -67.67 68.84
N GLU L 149 -1.47 -67.50 68.95
CA GLU L 149 -0.75 -67.68 70.20
C GLU L 149 -0.08 -66.38 70.61
N GLU L 150 -0.06 -66.11 71.91
CA GLU L 150 0.49 -64.85 72.41
C GLU L 150 1.96 -64.72 72.07
N GLY L 151 2.35 -63.54 71.59
CA GLY L 151 3.73 -63.26 71.26
C GLY L 151 4.18 -63.78 69.92
N GLN L 152 3.30 -64.38 69.13
CA GLN L 152 3.70 -64.94 67.85
C GLN L 152 4.07 -63.83 66.88
N THR L 153 5.06 -64.12 66.03
CA THR L 153 5.44 -63.22 64.95
C THR L 153 4.90 -63.70 63.60
N SER L 154 4.46 -64.94 63.51
CA SER L 154 3.92 -65.48 62.27
C SER L 154 2.46 -65.08 62.11
N SER L 155 1.91 -65.39 60.95
CA SER L 155 0.51 -65.10 60.68
C SER L 155 -0.39 -66.00 61.54
N PRO L 156 -1.58 -65.53 61.90
CA PRO L 156 -2.54 -66.43 62.56
C PRO L 156 -3.33 -67.28 61.59
N PHE L 157 -3.20 -67.05 60.29
CA PHE L 157 -4.01 -67.74 59.29
C PHE L 157 -3.20 -68.86 58.64
N GLY L 158 -3.82 -70.03 58.53
CA GLY L 158 -3.19 -71.16 57.89
C GLY L 158 -4.14 -71.84 56.91
N VAL L 159 -3.56 -72.33 55.83
CA VAL L 159 -4.30 -73.00 54.77
C VAL L 159 -4.10 -74.50 54.95
N SER L 160 -5.19 -75.21 55.26
CA SER L 160 -5.11 -76.65 55.48
C SER L 160 -5.37 -77.45 54.20
N LEU L 161 -6.31 -77.00 53.38
CA LEU L 161 -6.63 -77.69 52.13
C LEU L 161 -6.60 -76.69 50.98
N LEU L 162 -5.97 -77.09 49.88
CA LEU L 162 -5.89 -76.25 48.69
C LEU L 162 -6.33 -77.09 47.49
N LYS L 163 -7.27 -76.54 46.72
CA LYS L 163 -7.81 -77.21 45.54
C LYS L 163 -7.45 -76.41 44.30
N PRO L 164 -6.60 -76.94 43.41
CA PRO L 164 -6.11 -76.14 42.28
C PRO L 164 -7.15 -75.96 41.19
N ILE L 165 -8.03 -74.98 41.36
CA ILE L 165 -9.17 -74.77 40.47
C ILE L 165 -8.72 -74.31 39.09
N GLN L 166 -7.43 -74.02 38.92
CA GLN L 166 -7.03 -73.36 37.68
C GLN L 166 -6.18 -74.26 36.79
N MET L 167 -5.03 -74.73 37.30
CA MET L 167 -4.11 -75.61 36.57
C MET L 167 -3.21 -76.34 37.56
N PRO L 168 -3.20 -77.68 37.57
CA PRO L 168 -2.33 -78.38 38.52
C PRO L 168 -0.84 -78.26 38.22
N ASN L 169 -0.41 -78.69 37.03
CA ASN L 169 1.01 -78.77 36.67
C ASN L 169 1.12 -79.04 35.18
N MET L 170 2.36 -78.97 34.68
CA MET L 170 2.74 -79.34 33.31
C MET L 170 3.67 -80.55 33.34
N ASN L 171 3.49 -81.45 32.37
CA ASN L 171 4.33 -82.62 32.21
C ASN L 171 4.70 -82.75 30.73
N MET L 172 6.00 -82.70 30.44
CA MET L 172 6.45 -82.67 29.05
C MET L 172 6.35 -84.04 28.39
N ASP L 173 6.58 -85.11 29.16
CA ASP L 173 6.54 -86.45 28.59
C ASP L 173 5.16 -86.77 28.07
N GLU L 174 4.12 -86.23 28.72
CA GLU L 174 2.76 -86.38 28.23
C GLU L 174 2.60 -85.78 26.83
N LEU L 175 3.15 -84.59 26.64
CA LEU L 175 3.12 -83.92 25.34
C LEU L 175 3.87 -84.75 24.30
N PHE L 176 5.04 -85.28 24.69
CA PHE L 176 5.83 -86.10 23.78
C PHE L 176 5.06 -87.33 23.33
N SER L 177 4.44 -88.04 24.28
CA SER L 177 3.68 -89.24 23.98
C SER L 177 2.48 -88.92 23.10
N GLY L 178 1.79 -87.82 23.41
CA GLY L 178 0.65 -87.40 22.62
C GLY L 178 1.02 -87.09 21.18
N ARG L 179 2.12 -86.35 20.99
CA ARG L 179 2.58 -86.02 19.65
C ARG L 179 3.01 -87.27 18.89
N ALA L 180 3.74 -88.16 19.56
CA ALA L 180 4.18 -89.38 18.90
C ALA L 180 2.99 -90.23 18.46
N ALA L 181 1.95 -90.28 19.30
CA ALA L 181 0.75 -91.04 18.93
C ALA L 181 -0.04 -90.34 17.83
N LEU L 182 -0.25 -89.03 17.95
CA LEU L 182 -1.10 -88.32 17.01
C LEU L 182 -0.43 -88.21 15.64
N SER L 183 -1.23 -88.39 14.59
CA SER L 183 -0.76 -88.22 13.23
C SER L 183 -0.54 -86.74 12.92
N THR L 184 0.34 -86.44 11.97
CA THR L 184 0.72 -85.08 11.63
C THR L 184 -0.48 -84.17 11.36
N ASP L 185 -1.29 -84.53 10.37
CA ASP L 185 -2.42 -83.69 10.00
C ASP L 185 -3.42 -83.60 11.14
N GLN L 186 -3.70 -84.71 11.82
CA GLN L 186 -4.62 -84.68 12.94
C GLN L 186 -4.08 -83.82 14.08
N TRP L 187 -2.77 -83.89 14.32
CA TRP L 187 -2.17 -83.07 15.37
C TRP L 187 -2.24 -81.58 15.02
N ARG L 188 -2.03 -81.25 13.76
CA ARG L 188 -2.17 -79.86 13.31
C ARG L 188 -3.62 -79.38 13.47
N GLU L 189 -4.57 -80.24 13.12
CA GLU L 189 -5.97 -79.90 13.29
C GLU L 189 -6.30 -79.71 14.77
N SER L 190 -5.70 -80.53 15.64
CA SER L 190 -5.90 -80.37 17.07
C SER L 190 -5.33 -79.05 17.57
N LEU L 191 -4.15 -78.66 17.06
CA LEU L 191 -3.59 -77.37 17.43
C LEU L 191 -4.50 -76.22 16.98
N ILE L 192 -5.02 -76.31 15.76
CA ILE L 192 -5.89 -75.26 15.25
C ILE L 192 -7.18 -75.19 16.05
N ARG L 193 -7.76 -76.35 16.38
CA ARG L 193 -8.99 -76.35 17.16
C ARG L 193 -8.73 -75.90 18.59
N SER L 194 -7.48 -76.01 19.04
CA SER L 194 -7.10 -75.49 20.35
C SER L 194 -7.12 -73.97 20.36
N ILE L 195 -7.07 -73.34 19.19
CA ILE L 195 -7.20 -71.90 19.07
C ILE L 195 -8.69 -71.58 19.03
N GLY L 196 -9.50 -72.59 18.75
CA GLY L 196 -10.93 -72.42 18.60
C GLY L 196 -11.42 -72.40 17.17
N MET L 197 -10.56 -72.62 16.20
CA MET L 197 -10.94 -72.60 14.79
C MET L 197 -11.25 -74.02 14.32
N GLU L 198 -12.15 -74.12 13.34
CA GLU L 198 -12.52 -75.42 12.79
C GLU L 198 -11.66 -75.75 11.58
N PRO L 199 -10.75 -76.72 11.70
CA PRO L 199 -9.92 -77.08 10.54
C PRO L 199 -10.72 -77.66 9.38
N ALA L 200 -11.80 -78.39 9.68
CA ALA L 200 -12.59 -79.01 8.62
C ALA L 200 -13.26 -77.98 7.72
N SER L 201 -13.65 -76.83 8.27
CA SER L 201 -14.28 -75.77 7.49
C SER L 201 -13.27 -74.83 6.85
N LEU L 202 -11.98 -75.13 6.95
CA LEU L 202 -10.93 -74.19 6.58
C LEU L 202 -9.90 -74.89 5.71
N LYS L 203 -9.23 -74.13 4.85
CA LYS L 203 -8.23 -74.68 3.93
C LYS L 203 -6.93 -74.97 4.68
N GLU L 204 -6.04 -75.71 4.01
CA GLU L 204 -4.75 -76.05 4.60
C GLU L 204 -3.85 -74.84 4.75
N ASP L 205 -3.81 -73.99 3.73
CA ASP L 205 -2.90 -72.83 3.76
C ASP L 205 -3.28 -71.86 4.87
N VAL L 206 -4.58 -71.69 5.11
CA VAL L 206 -5.02 -70.83 6.20
C VAL L 206 -4.62 -71.42 7.55
N GLN L 207 -4.63 -72.75 7.66
CA GLN L 207 -4.10 -73.39 8.87
C GLN L 207 -2.60 -73.15 9.01
N TRP L 208 -1.87 -73.12 7.89
CA TRP L 208 -0.47 -72.74 7.94
C TRP L 208 -0.31 -71.31 8.46
N HIS L 209 -1.18 -70.40 8.02
CA HIS L 209 -1.15 -69.04 8.54
C HIS L 209 -1.47 -68.98 10.03
N LEU L 210 -2.44 -69.79 10.47
CA LEU L 210 -2.76 -69.83 11.89
C LEU L 210 -1.58 -70.36 12.71
N LEU L 211 -0.86 -71.36 12.18
CA LEU L 211 0.35 -71.82 12.83
C LEU L 211 1.40 -70.71 12.88
N ALA L 212 1.53 -69.96 11.79
CA ALA L 212 2.42 -68.81 11.80
C ALA L 212 2.02 -67.81 12.88
N ARG L 213 0.72 -67.70 13.16
CA ARG L 213 0.25 -66.80 14.21
C ARG L 213 0.64 -67.30 15.60
N MET L 214 0.70 -68.62 15.81
CA MET L 214 1.22 -69.15 17.07
C MET L 214 2.74 -69.13 17.16
N VAL L 215 3.44 -69.02 16.03
CA VAL L 215 4.90 -69.00 16.04
C VAL L 215 5.49 -67.95 16.99
N PRO L 216 4.94 -66.73 17.08
CA PRO L 216 5.48 -65.78 18.08
C PRO L 216 5.56 -66.33 19.48
N PHE L 217 4.73 -67.32 19.81
CA PHE L 217 4.73 -67.86 21.17
C PHE L 217 5.74 -68.98 21.34
N VAL L 218 6.36 -69.44 20.26
CA VAL L 218 7.26 -70.58 20.35
C VAL L 218 8.69 -70.27 19.94
N GLU L 219 9.00 -69.03 19.57
CA GLU L 219 10.37 -68.63 19.26
C GLU L 219 10.66 -67.28 19.89
N ASN L 220 11.92 -67.06 20.26
CA ASN L 220 12.35 -65.80 20.85
C ASN L 220 12.70 -64.80 19.76
N ASN L 221 12.30 -63.55 19.97
CA ASN L 221 12.58 -62.46 19.04
C ASN L 221 12.04 -62.81 17.65
N TYR L 222 10.74 -63.09 17.58
CA TYR L 222 10.09 -63.44 16.32
C TYR L 222 9.38 -62.19 15.81
N ASN L 223 10.14 -61.31 15.17
CA ASN L 223 9.56 -60.09 14.62
C ASN L 223 8.72 -60.41 13.39
N VAL L 224 7.41 -60.26 13.53
CA VAL L 224 6.47 -60.64 12.48
C VAL L 224 5.42 -59.56 12.33
N CYS L 225 4.94 -59.37 11.10
CA CYS L 225 3.91 -58.38 10.82
C CYS L 225 2.76 -59.03 10.05
N GLU L 226 1.54 -58.61 10.37
CA GLU L 226 0.33 -59.07 9.69
C GLU L 226 -0.54 -57.85 9.41
N LEU L 227 -0.71 -57.53 8.14
CA LEU L 227 -1.61 -56.46 7.71
C LEU L 227 -2.71 -57.09 6.86
N GLY L 228 -3.96 -56.71 7.16
CA GLY L 228 -5.07 -57.30 6.45
C GLY L 228 -6.41 -56.66 6.74
N PRO L 229 -7.43 -57.06 5.99
CA PRO L 229 -8.77 -56.50 6.18
C PRO L 229 -9.35 -56.88 7.53
N ARG L 230 -10.37 -56.13 7.93
CA ARG L 230 -11.00 -56.34 9.23
C ARG L 230 -11.74 -57.68 9.26
N GLY L 231 -11.84 -58.24 10.47
CA GLY L 231 -12.60 -59.45 10.67
C GLY L 231 -11.82 -60.74 10.56
N THR L 232 -10.50 -60.68 10.54
CA THR L 232 -9.67 -61.88 10.42
C THR L 232 -9.26 -62.46 11.76
N GLY L 233 -9.72 -61.86 12.87
CA GLY L 233 -9.38 -62.37 14.18
C GLY L 233 -7.94 -62.19 14.58
N LYS L 234 -7.21 -61.29 13.94
CA LYS L 234 -5.79 -61.08 14.23
C LYS L 234 -5.62 -60.35 15.56
N SER L 235 -6.73 -59.91 16.16
CA SER L 235 -6.70 -59.24 17.45
C SER L 235 -7.19 -60.18 18.55
N HIS L 236 -8.19 -61.01 18.28
CA HIS L 236 -8.73 -61.90 19.29
C HIS L 236 -7.72 -62.92 19.79
N ILE L 237 -6.99 -63.54 18.85
CA ILE L 237 -6.15 -64.69 19.15
C ILE L 237 -5.16 -64.33 20.24
N TYR L 238 -4.48 -63.20 20.07
CA TYR L 238 -3.58 -62.73 21.11
C TYR L 238 -4.31 -62.29 22.36
N LYS L 239 -5.62 -62.05 22.26
CA LYS L 239 -6.42 -61.68 23.42
C LYS L 239 -6.77 -62.87 24.30
N GLU L 240 -6.93 -64.08 23.76
CA GLU L 240 -6.99 -65.22 24.66
C GLU L 240 -5.60 -65.72 25.03
N CYS L 241 -4.63 -65.62 24.13
CA CYS L 241 -3.28 -66.07 24.44
C CYS L 241 -2.46 -65.01 25.15
N SER L 242 -3.12 -64.04 25.79
CA SER L 242 -2.50 -62.93 26.51
C SER L 242 -1.61 -63.34 27.67
N PRO L 243 -1.83 -64.50 28.35
CA PRO L 243 -0.90 -64.93 29.40
C PRO L 243 0.58 -64.73 29.10
N ASN L 244 0.95 -64.75 27.82
CA ASN L 244 2.30 -64.35 27.44
C ASN L 244 2.33 -63.47 26.20
N SER L 245 1.26 -62.75 25.90
CA SER L 245 1.23 -61.77 24.81
C SER L 245 0.54 -60.51 25.29
N ILE L 246 0.93 -59.38 24.69
CA ILE L 246 0.37 -58.08 25.06
C ILE L 246 -0.14 -57.40 23.80
N LEU L 247 -1.38 -56.93 23.85
CA LEU L 247 -2.00 -56.20 22.75
C LEU L 247 -1.95 -54.71 23.06
N VAL L 248 -0.80 -54.11 22.78
CA VAL L 248 -0.64 -52.67 22.95
C VAL L 248 -1.51 -51.97 21.92
N SER L 249 -2.53 -51.25 22.38
CA SER L 249 -3.49 -50.62 21.50
C SER L 249 -3.21 -49.13 21.36
N GLY L 250 -3.06 -48.68 20.12
CA GLY L 250 -2.79 -47.29 19.81
C GLY L 250 -1.35 -46.85 19.97
N GLY L 251 -0.46 -47.72 20.44
CA GLY L 251 0.91 -47.34 20.64
C GLY L 251 1.15 -46.46 21.85
N GLN L 252 0.22 -46.46 22.81
CA GLN L 252 0.35 -45.62 24.00
C GLN L 252 1.32 -46.23 24.99
N THR L 253 2.59 -46.31 24.61
CA THR L 253 3.63 -46.86 25.47
C THR L 253 4.96 -46.25 25.07
N THR L 254 5.61 -45.55 26.01
CA THR L 254 6.86 -44.88 25.72
C THR L 254 8.03 -45.84 25.81
N VAL L 255 9.19 -45.38 25.33
CA VAL L 255 10.40 -46.19 25.39
C VAL L 255 10.78 -46.47 26.84
N ALA L 256 10.53 -45.51 27.73
CA ALA L 256 10.72 -45.77 29.15
C ALA L 256 9.76 -46.84 29.65
N ASN L 257 8.51 -46.79 29.19
CA ASN L 257 7.53 -47.78 29.60
C ASN L 257 7.72 -49.10 28.85
N LEU L 258 8.15 -49.03 27.59
CA LEU L 258 8.23 -50.25 26.78
C LEU L 258 9.54 -50.99 26.98
N PHE L 259 10.65 -50.26 27.12
CA PHE L 259 11.97 -50.89 27.16
C PHE L 259 12.57 -50.82 28.56
N TYR L 260 12.72 -49.64 29.14
CA TYR L 260 13.47 -49.49 30.37
C TYR L 260 13.18 -48.11 30.94
N ASN L 261 12.62 -48.08 32.14
CA ASN L 261 12.39 -46.83 32.86
C ASN L 261 13.68 -46.43 33.55
N MET L 262 14.41 -45.48 32.96
CA MET L 262 15.67 -45.07 33.53
C MET L 262 15.49 -44.44 34.90
N SER L 263 14.32 -43.87 35.17
CA SER L 263 14.06 -43.28 36.48
C SER L 263 13.90 -44.34 37.56
N SER L 264 13.14 -45.40 37.27
CA SER L 264 12.85 -46.42 38.27
C SER L 264 13.82 -47.59 38.24
N ARG L 265 14.77 -47.60 37.32
CA ARG L 265 15.75 -48.70 37.20
C ARG L 265 15.04 -50.04 37.01
N ARG L 266 13.97 -50.03 36.23
CA ARG L 266 13.18 -51.22 35.97
C ARG L 266 12.98 -51.42 34.48
N ILE L 267 13.07 -52.68 34.04
CA ILE L 267 12.91 -53.02 32.64
C ILE L 267 11.48 -52.72 32.19
N GLY L 268 11.30 -52.60 30.88
CA GLY L 268 10.00 -52.26 30.32
C GLY L 268 9.10 -53.47 30.13
N LEU L 269 8.12 -53.30 29.25
CA LEU L 269 7.16 -54.36 28.97
C LEU L 269 7.83 -55.58 28.36
N VAL L 270 8.81 -55.36 27.48
CA VAL L 270 9.43 -56.45 26.74
C VAL L 270 10.12 -57.44 27.67
N GLY L 271 10.53 -57.00 28.86
CA GLY L 271 11.21 -57.87 29.78
C GLY L 271 10.34 -58.73 30.67
N LEU L 272 9.02 -58.49 30.69
CA LEU L 272 8.12 -59.23 31.56
C LEU L 272 7.24 -60.21 30.80
N TRP L 273 6.94 -59.96 29.53
CA TRP L 273 6.06 -60.79 28.73
C TRP L 273 6.86 -61.52 27.67
N ASP L 274 6.28 -62.59 27.13
CA ASP L 274 6.96 -63.35 26.10
C ASP L 274 6.61 -62.87 24.69
N VAL L 275 5.47 -62.19 24.53
CA VAL L 275 5.06 -61.64 23.24
C VAL L 275 4.46 -60.26 23.46
N VAL L 276 4.79 -59.33 22.59
CA VAL L 276 4.16 -58.01 22.55
C VAL L 276 3.63 -57.79 21.13
N ALA L 277 2.39 -57.35 21.03
CA ALA L 277 1.74 -57.15 19.73
C ALA L 277 1.14 -55.75 19.67
N PHE L 278 1.60 -54.97 18.70
CA PHE L 278 1.09 -53.62 18.49
C PHE L 278 -0.14 -53.70 17.59
N ASP L 279 -1.32 -53.52 18.20
CA ASP L 279 -2.56 -53.44 17.44
C ASP L 279 -2.70 -52.06 16.82
N GLU L 280 -3.25 -52.02 15.61
CA GLU L 280 -3.46 -50.78 14.86
C GLU L 280 -2.14 -50.02 14.71
N VAL L 281 -1.22 -50.66 13.99
CA VAL L 281 0.11 -50.09 13.80
C VAL L 281 0.05 -48.75 13.10
N ALA L 282 -1.06 -48.46 12.41
CA ALA L 282 -1.21 -47.16 11.77
C ALA L 282 -1.23 -46.03 12.79
N GLY L 283 -1.66 -46.31 14.02
CA GLY L 283 -1.77 -45.28 15.04
C GLY L 283 -0.71 -45.29 16.11
N ILE L 284 0.26 -46.20 16.05
CA ILE L 284 1.28 -46.29 17.09
C ILE L 284 2.23 -45.11 16.95
N SER L 285 2.70 -44.59 18.10
CA SER L 285 3.65 -43.48 18.15
C SER L 285 4.63 -43.77 19.29
N PHE L 286 5.92 -43.70 19.00
CA PHE L 286 6.94 -43.98 19.99
C PHE L 286 7.55 -42.69 20.54
N LYS L 287 6.77 -41.61 20.53
CA LYS L 287 7.20 -40.28 20.97
C LYS L 287 8.58 -39.92 20.42
N ASP L 288 9.62 -40.05 21.25
CA ASP L 288 10.96 -39.64 20.85
C ASP L 288 11.46 -40.46 19.68
N LYS L 289 12.21 -39.83 18.77
CA LYS L 289 12.69 -40.52 17.57
C LYS L 289 13.63 -41.66 17.92
N ASP L 290 14.49 -41.44 18.92
CA ASP L 290 15.59 -42.36 19.25
C ASP L 290 15.07 -43.77 19.45
N GLY L 291 13.89 -43.90 20.06
CA GLY L 291 13.25 -45.18 20.26
C GLY L 291 13.30 -46.05 19.02
N VAL L 292 12.86 -45.51 17.89
CA VAL L 292 12.88 -46.25 16.63
C VAL L 292 14.25 -46.88 16.42
N GLN L 293 15.31 -46.07 16.49
CA GLN L 293 16.66 -46.60 16.30
C GLN L 293 16.98 -47.68 17.32
N ILE L 294 16.71 -47.43 18.61
CA ILE L 294 16.97 -48.48 19.59
C ILE L 294 16.03 -49.64 19.37
N MET L 295 14.81 -49.33 18.87
CA MET L 295 13.93 -50.39 18.39
C MET L 295 14.68 -51.29 17.42
N LYS L 296 15.33 -50.70 16.43
CA LYS L 296 16.10 -51.47 15.46
C LYS L 296 17.08 -52.41 16.16
N ASP L 297 17.78 -51.89 17.16
CA ASP L 297 18.76 -52.73 17.86
C ASP L 297 18.08 -53.95 18.46
N TYR L 298 16.92 -53.76 19.08
CA TYR L 298 16.15 -54.91 19.55
C TYR L 298 15.85 -55.84 18.39
N MET L 299 15.28 -55.30 17.30
CA MET L 299 15.02 -56.08 16.10
C MET L 299 16.28 -56.74 15.58
N ALA L 300 17.45 -56.13 15.83
CA ALA L 300 18.69 -56.75 15.38
C ALA L 300 19.02 -58.00 16.20
N SER L 301 18.91 -57.92 17.54
CA SER L 301 19.41 -58.98 18.40
C SER L 301 18.50 -59.35 19.55
N GLY L 302 17.45 -58.59 19.81
CA GLY L 302 16.69 -58.82 21.03
C GLY L 302 17.30 -58.19 22.26
N SER L 303 18.41 -57.48 22.11
CA SER L 303 19.06 -56.78 23.21
C SER L 303 19.31 -55.33 22.81
N PHE L 304 19.05 -54.42 23.74
CA PHE L 304 19.18 -53.00 23.47
C PHE L 304 19.98 -52.32 24.58
N ALA L 305 20.75 -51.32 24.20
CA ALA L 305 21.54 -50.54 25.13
C ALA L 305 20.78 -49.27 25.51
N ARG L 306 20.56 -49.08 26.80
CA ARG L 306 19.88 -47.89 27.31
C ARG L 306 20.79 -47.22 28.31
N GLY L 307 21.23 -46.00 28.00
CA GLY L 307 22.15 -45.32 28.87
C GLY L 307 23.52 -45.97 28.89
N ARG L 308 23.82 -46.71 29.95
CA ARG L 308 25.10 -47.37 30.10
C ARG L 308 25.01 -48.88 30.17
N GLU L 309 23.80 -49.45 30.18
CA GLU L 309 23.61 -50.87 30.38
C GLU L 309 22.79 -51.48 29.25
N GLN L 310 23.09 -52.73 28.92
CA GLN L 310 22.41 -53.46 27.85
C GLN L 310 21.46 -54.48 28.43
N MET L 311 20.18 -54.37 28.10
CA MET L 311 19.15 -55.30 28.53
C MET L 311 18.73 -56.19 27.37
N GLU L 312 18.70 -57.50 27.62
CA GLU L 312 18.23 -58.48 26.65
C GLU L 312 16.81 -58.90 27.01
N ALA L 313 15.96 -59.05 25.99
CA ALA L 313 14.56 -59.39 26.23
C ALA L 313 14.17 -60.56 25.34
N SER L 314 13.23 -61.36 25.82
CA SER L 314 12.75 -62.53 25.10
C SER L 314 11.35 -62.35 24.51
N ALA L 315 10.82 -61.12 24.52
CA ALA L 315 9.51 -60.88 23.95
C ALA L 315 9.58 -60.78 22.43
N SER L 316 8.68 -61.49 21.75
CA SER L 316 8.61 -61.45 20.30
C SER L 316 7.56 -60.44 19.86
N MET L 317 7.86 -59.69 18.82
CA MET L 317 7.05 -58.54 18.41
C MET L 317 6.16 -58.91 17.22
N VAL L 318 4.88 -58.58 17.35
CA VAL L 318 3.91 -58.72 16.28
C VAL L 318 3.38 -57.33 15.94
N PHE L 319 3.21 -57.07 14.65
CA PHE L 319 2.67 -55.80 14.16
C PHE L 319 1.35 -56.07 13.47
N VAL L 320 0.24 -55.81 14.15
CA VAL L 320 -1.10 -56.08 13.63
C VAL L 320 -1.64 -54.81 13.00
N GLY L 321 -2.09 -54.90 11.75
CA GLY L 321 -2.57 -53.73 11.05
C GLY L 321 -3.74 -54.03 10.13
N ASN L 322 -4.56 -53.00 9.91
CA ASN L 322 -5.78 -53.12 9.11
C ASN L 322 -5.55 -52.55 7.72
N ILE L 323 -6.04 -53.27 6.72
CA ILE L 323 -5.89 -52.88 5.32
C ILE L 323 -7.26 -52.41 4.80
N ASN L 324 -7.28 -51.23 4.19
CA ASN L 324 -8.51 -50.63 3.70
C ASN L 324 -8.69 -50.73 2.19
N GLN L 325 -7.66 -51.15 1.46
CA GLN L 325 -7.72 -51.22 0.01
C GLN L 325 -7.69 -52.68 -0.45
N SER L 326 -7.96 -52.89 -1.73
CA SER L 326 -7.85 -54.22 -2.31
C SER L 326 -6.38 -54.60 -2.49
N VAL L 327 -6.13 -55.91 -2.53
CA VAL L 327 -4.76 -56.41 -2.54
C VAL L 327 -4.06 -56.00 -3.83
N GLU L 328 -4.71 -56.15 -4.98
CA GLU L 328 -4.09 -55.83 -6.25
C GLU L 328 -3.76 -54.35 -6.35
N SER L 329 -4.68 -53.49 -5.88
CA SER L 329 -4.44 -52.05 -5.93
C SER L 329 -3.22 -51.67 -5.10
N LEU L 330 -3.13 -52.21 -3.88
CA LEU L 330 -1.99 -51.89 -3.02
C LEU L 330 -0.70 -52.44 -3.60
N VAL L 331 -0.76 -53.63 -4.22
CA VAL L 331 0.44 -54.20 -4.84
C VAL L 331 0.93 -53.31 -5.97
N LYS L 332 0.03 -52.90 -6.86
CA LYS L 332 0.44 -52.18 -8.07
C LYS L 332 0.80 -50.72 -7.78
N THR L 333 0.11 -50.08 -6.85
CA THR L 333 0.34 -48.66 -6.57
C THR L 333 1.39 -48.41 -5.50
N SER L 334 1.56 -49.33 -4.55
CA SER L 334 2.48 -49.11 -3.44
C SER L 334 3.05 -50.42 -2.94
N HIS L 335 3.60 -50.40 -1.73
CA HIS L 335 4.07 -51.61 -1.06
C HIS L 335 2.99 -52.11 -0.13
N LEU L 336 3.01 -53.42 0.12
CA LEU L 336 2.01 -54.04 0.99
C LEU L 336 2.03 -53.49 2.41
N LEU L 337 3.15 -52.93 2.85
CA LEU L 337 3.25 -52.35 4.18
C LEU L 337 2.79 -50.90 4.23
N ALA L 338 1.93 -50.50 3.31
CA ALA L 338 1.42 -49.12 3.30
C ALA L 338 0.73 -48.70 4.61
N PRO L 339 -0.05 -49.55 5.30
CA PRO L 339 -0.66 -49.08 6.56
C PRO L 339 0.35 -48.62 7.60
N PHE L 340 1.59 -49.10 7.54
CA PHE L 340 2.62 -48.67 8.47
C PHE L 340 2.89 -47.17 8.29
N PRO L 341 2.94 -46.40 9.38
CA PRO L 341 3.20 -44.95 9.25
C PRO L 341 4.60 -44.68 8.74
N GLU L 342 4.88 -43.37 8.56
CA GLU L 342 6.14 -42.96 7.97
C GLU L 342 7.34 -43.29 8.85
N ALA L 343 7.11 -43.53 10.14
CA ALA L 343 8.20 -43.81 11.06
C ALA L 343 8.79 -45.20 10.83
N MET L 344 8.12 -46.01 10.01
CA MET L 344 8.58 -47.37 9.76
C MET L 344 8.78 -47.72 8.29
N ILE L 345 8.59 -46.79 7.35
CA ILE L 345 8.68 -47.09 5.92
C ILE L 345 10.11 -47.49 5.55
N ASP L 346 11.07 -47.17 6.40
CA ASP L 346 12.48 -47.42 6.13
C ASP L 346 12.72 -48.91 5.99
N SER L 347 13.46 -49.30 4.94
CA SER L 347 13.87 -50.69 4.80
C SER L 347 14.78 -51.11 5.94
N ALA L 348 15.53 -50.15 6.49
CA ALA L 348 16.37 -50.45 7.65
C ALA L 348 15.54 -50.86 8.85
N PHE L 349 14.23 -50.60 8.83
CA PHE L 349 13.34 -51.12 9.87
C PHE L 349 12.69 -52.43 9.42
N PHE L 350 12.19 -52.45 8.18
CA PHE L 350 11.42 -53.59 7.72
C PHE L 350 12.26 -54.86 7.59
N ASP L 351 13.58 -54.71 7.41
CA ASP L 351 14.43 -55.83 7.02
C ASP L 351 14.41 -56.99 8.01
N ARG L 352 14.18 -56.75 9.30
CA ARG L 352 14.15 -57.86 10.24
C ARG L 352 12.80 -58.53 10.38
N PHE L 353 11.78 -58.09 9.64
CA PHE L 353 10.48 -58.74 9.69
C PHE L 353 10.61 -60.19 9.24
N HIS L 354 10.47 -61.13 10.18
CA HIS L 354 10.65 -62.53 9.84
C HIS L 354 9.54 -63.04 8.93
N ALA L 355 8.33 -62.50 9.05
CA ALA L 355 7.23 -62.96 8.22
C ALA L 355 6.19 -61.86 8.04
N TYR L 356 5.52 -61.91 6.90
CA TYR L 356 4.35 -61.08 6.61
C TYR L 356 3.16 -62.03 6.46
N ILE L 357 2.39 -62.18 7.53
CA ILE L 357 1.23 -63.07 7.53
C ILE L 357 0.17 -62.47 6.62
N PRO L 358 -0.29 -63.20 5.60
CA PRO L 358 -1.25 -62.63 4.64
C PRO L 358 -2.65 -62.53 5.21
N GLY L 359 -2.93 -61.43 5.93
CA GLY L 359 -4.22 -61.25 6.57
C GLY L 359 -5.40 -61.29 5.61
N TRP L 360 -5.20 -60.92 4.35
CA TRP L 360 -6.28 -61.00 3.37
C TRP L 360 -6.66 -62.43 3.04
N GLU L 361 -5.69 -63.36 3.04
CA GLU L 361 -6.00 -64.75 2.78
C GLU L 361 -6.88 -65.37 3.85
N ILE L 362 -6.88 -64.81 5.06
CA ILE L 362 -7.69 -65.33 6.16
C ILE L 362 -9.15 -64.97 5.90
N PRO L 363 -10.06 -65.93 5.90
CA PRO L 363 -11.48 -65.59 5.73
C PRO L 363 -11.98 -64.80 6.94
N LYS L 364 -13.03 -64.01 6.71
CA LYS L 364 -13.62 -63.24 7.79
C LYS L 364 -14.23 -64.20 8.82
N MET L 365 -14.07 -63.86 10.10
CA MET L 365 -14.49 -64.74 11.17
C MET L 365 -16.00 -64.92 11.15
N ARG L 366 -16.44 -66.17 10.97
CA ARG L 366 -17.84 -66.53 10.91
C ARG L 366 -18.08 -67.75 11.79
N PRO L 367 -19.32 -67.97 12.23
CA PRO L 367 -19.59 -69.10 13.15
C PRO L 367 -19.18 -70.46 12.61
N GLU L 368 -19.29 -70.69 11.30
CA GLU L 368 -18.92 -71.98 10.76
C GLU L 368 -17.42 -72.23 10.85
N PHE L 369 -16.64 -71.18 11.07
CA PHE L 369 -15.19 -71.31 11.20
C PHE L 369 -14.75 -71.65 12.62
N PHE L 370 -15.68 -71.74 13.57
CA PHE L 370 -15.36 -72.02 14.96
C PHE L 370 -15.55 -73.52 15.20
N THR L 371 -14.53 -74.18 15.72
CA THR L 371 -14.63 -75.60 16.02
C THR L 371 -15.57 -75.84 17.18
N ASN L 372 -16.22 -77.00 17.16
CA ASN L 372 -17.12 -77.40 18.23
C ASN L 372 -16.82 -78.79 18.77
N ARG L 373 -15.80 -79.48 18.24
CA ARG L 373 -15.46 -80.80 18.74
C ARG L 373 -15.04 -80.74 20.19
N TYR L 374 -13.86 -80.15 20.46
CA TYR L 374 -13.34 -79.93 21.80
C TYR L 374 -12.06 -79.10 21.76
N GLY L 375 -10.91 -79.75 21.64
CA GLY L 375 -9.65 -79.04 21.60
C GLY L 375 -8.95 -78.94 22.96
N LEU L 376 -7.65 -78.69 22.93
CA LEU L 376 -6.87 -78.58 24.16
C LEU L 376 -7.21 -77.28 24.89
N ILE L 377 -6.62 -77.12 26.08
CA ILE L 377 -6.75 -75.89 26.84
C ILE L 377 -5.65 -74.93 26.40
N VAL L 378 -6.02 -73.66 26.22
CA VAL L 378 -5.05 -72.66 25.78
C VAL L 378 -3.95 -72.50 26.81
N ASP L 379 -4.23 -72.82 28.07
CA ASP L 379 -3.20 -72.83 29.10
C ASP L 379 -2.07 -73.76 28.71
N TYR L 380 -2.43 -75.01 28.37
CA TYR L 380 -1.46 -76.00 27.94
C TYR L 380 -0.66 -75.49 26.75
N LEU L 381 -1.35 -74.89 25.79
CA LEU L 381 -0.73 -74.30 24.61
C LEU L 381 0.39 -73.36 24.99
N ALA L 382 0.06 -72.27 25.69
CA ALA L 382 1.07 -71.25 26.00
C ALA L 382 2.16 -71.81 26.90
N GLU L 383 1.78 -72.65 27.87
CA GLU L 383 2.73 -73.09 28.87
C GLU L 383 3.75 -74.09 28.31
N PHE L 384 3.38 -74.81 27.25
CA PHE L 384 4.42 -75.54 26.53
C PHE L 384 5.04 -74.73 25.40
N PHE L 385 4.37 -73.69 24.92
CA PHE L 385 5.00 -72.78 23.97
C PHE L 385 6.20 -72.16 24.66
N ARG L 386 6.09 -72.07 25.98
CA ARG L 386 7.22 -71.68 26.82
C ARG L 386 8.36 -72.68 26.69
N GLU L 387 8.05 -73.97 26.58
CA GLU L 387 9.10 -74.96 26.33
C GLU L 387 9.69 -74.75 24.94
N MET L 388 8.83 -74.62 23.93
CA MET L 388 9.31 -74.30 22.59
C MET L 388 10.03 -72.96 22.54
N ARG L 389 9.77 -72.10 23.53
CA ARG L 389 10.37 -70.77 23.55
C ARG L 389 11.89 -70.82 23.68
N LYS L 390 12.43 -71.97 24.08
CA LYS L 390 13.88 -72.10 24.28
C LYS L 390 14.52 -73.04 23.26
N ARG L 391 13.94 -74.20 22.98
CA ARG L 391 14.59 -75.15 22.08
C ARG L 391 14.66 -74.63 20.65
N SER L 392 15.70 -75.01 19.93
CA SER L 392 15.92 -74.59 18.56
C SER L 392 16.03 -75.80 17.64
N PHE L 393 15.69 -75.61 16.37
CA PHE L 393 15.84 -76.64 15.35
C PHE L 393 16.48 -76.10 14.08
N ALA L 394 17.42 -75.17 14.21
CA ALA L 394 18.01 -74.52 13.05
C ALA L 394 18.87 -75.45 12.21
N ASP L 395 19.39 -76.53 12.79
CA ASP L 395 20.31 -77.41 12.08
C ASP L 395 19.61 -78.52 11.31
N SER L 396 18.29 -78.64 11.40
CA SER L 396 17.59 -79.72 10.73
C SER L 396 17.70 -79.63 9.21
N ILE L 397 17.60 -78.42 8.66
CA ILE L 397 17.56 -78.26 7.21
C ILE L 397 18.88 -78.68 6.57
N GLU L 398 19.99 -78.50 7.29
CA GLU L 398 21.30 -78.73 6.68
C GLU L 398 21.49 -80.19 6.25
N LYS L 399 20.76 -81.11 6.87
CA LYS L 399 20.86 -82.51 6.46
C LYS L 399 20.16 -82.76 5.14
N TYR L 400 19.11 -82.00 4.84
CA TYR L 400 18.28 -82.26 3.67
C TYR L 400 18.40 -81.22 2.56
N PHE L 401 18.51 -79.95 2.90
CA PHE L 401 18.46 -78.89 1.89
C PHE L 401 19.53 -77.85 2.16
N LYS L 402 19.83 -77.05 1.14
CA LYS L 402 20.71 -75.90 1.25
C LYS L 402 20.03 -74.67 0.66
N LEU L 403 20.18 -73.53 1.33
CA LEU L 403 19.54 -72.31 0.86
C LEU L 403 20.23 -71.80 -0.40
N GLY L 404 19.46 -71.09 -1.23
CA GLY L 404 19.99 -70.54 -2.46
C GLY L 404 20.93 -69.37 -2.21
N ASN L 405 21.49 -68.87 -3.32
CA ASN L 405 22.45 -67.77 -3.23
C ASN L 405 21.80 -66.41 -3.26
N ASN L 406 20.49 -66.33 -3.50
CA ASN L 406 19.79 -65.06 -3.59
C ASN L 406 19.29 -64.55 -2.25
N LEU L 407 19.55 -65.27 -1.16
CA LEU L 407 19.14 -64.87 0.18
C LEU L 407 20.36 -64.38 0.96
N ASN L 408 20.24 -63.20 1.57
CA ASN L 408 21.31 -62.71 2.41
C ASN L 408 21.33 -63.44 3.75
N GLN L 409 22.26 -63.03 4.62
CA GLN L 409 22.35 -63.67 5.93
C GLN L 409 21.09 -63.44 6.76
N ARG L 410 20.52 -62.24 6.71
CA ARG L 410 19.31 -61.96 7.46
C ARG L 410 18.15 -62.83 6.98
N ASP L 411 18.01 -62.99 5.66
CA ASP L 411 16.96 -63.85 5.13
C ASP L 411 17.16 -65.28 5.58
N VAL L 412 18.40 -65.77 5.54
CA VAL L 412 18.69 -67.13 5.99
C VAL L 412 18.31 -67.31 7.45
N ILE L 413 18.67 -66.33 8.28
CA ILE L 413 18.35 -66.40 9.70
C ILE L 413 16.85 -66.42 9.92
N ALA L 414 16.13 -65.54 9.23
CA ALA L 414 14.69 -65.47 9.40
C ALA L 414 14.03 -66.77 8.98
N VAL L 415 14.46 -67.33 7.85
CA VAL L 415 13.88 -68.58 7.36
C VAL L 415 14.16 -69.71 8.34
N ARG L 416 15.40 -69.80 8.83
CA ARG L 416 15.73 -70.85 9.79
C ARG L 416 14.87 -70.75 11.04
N LYS L 417 14.73 -69.54 11.58
CA LYS L 417 13.93 -69.36 12.77
C LYS L 417 12.47 -69.71 12.53
N THR L 418 11.93 -69.31 11.37
CA THR L 418 10.55 -69.63 11.06
C THR L 418 10.35 -71.15 10.93
N VAL L 419 11.27 -71.82 10.26
CA VAL L 419 11.15 -73.26 10.04
C VAL L 419 11.21 -74.01 11.37
N SER L 420 12.19 -73.66 12.21
CA SER L 420 12.35 -74.34 13.48
C SER L 420 11.09 -74.19 14.31
N GLY L 421 10.60 -72.95 14.38
CA GLY L 421 9.36 -72.66 15.06
C GLY L 421 8.23 -73.54 14.57
N LEU L 422 7.82 -73.36 13.31
CA LEU L 422 6.75 -74.12 12.70
C LEU L 422 6.86 -75.60 12.99
N MET L 423 8.04 -76.19 12.75
CA MET L 423 8.15 -77.64 12.81
C MET L 423 8.02 -78.12 14.24
N LYS L 424 8.71 -77.48 15.20
CA LYS L 424 8.58 -77.94 16.57
C LYS L 424 7.15 -77.75 17.07
N LEU L 425 6.52 -76.64 16.70
CA LEU L 425 5.14 -76.37 17.06
C LEU L 425 4.26 -77.50 16.52
N LEU L 426 4.62 -78.01 15.35
CA LEU L 426 3.91 -79.11 14.73
C LEU L 426 4.51 -80.47 15.06
N TYR L 427 5.78 -80.54 15.47
CA TYR L 427 6.42 -81.80 15.84
C TYR L 427 7.14 -81.67 17.18
N PRO L 428 6.39 -81.65 18.29
CA PRO L 428 7.03 -81.79 19.61
C PRO L 428 7.85 -83.07 19.72
N HIS L 429 7.32 -84.16 19.15
CA HIS L 429 8.09 -85.39 19.07
C HIS L 429 9.30 -85.21 18.16
N GLY L 430 9.10 -84.53 17.03
CA GLY L 430 10.18 -84.16 16.15
C GLY L 430 9.96 -84.54 14.70
N GLN L 431 9.42 -85.74 14.47
CA GLN L 431 9.07 -86.25 13.15
C GLN L 431 10.09 -85.82 12.08
N PHE L 432 11.34 -86.22 12.26
CA PHE L 432 12.44 -85.68 11.47
C PHE L 432 12.56 -86.40 10.14
N ASN L 433 11.55 -86.25 9.28
CA ASN L 433 11.64 -86.73 7.91
C ASN L 433 12.14 -85.59 7.03
N LYS L 434 12.08 -85.79 5.71
CA LYS L 434 12.53 -84.75 4.80
C LYS L 434 11.37 -83.92 4.27
N GLU L 435 10.19 -84.54 4.12
CA GLU L 435 9.06 -83.84 3.53
C GLU L 435 8.55 -82.73 4.46
N ASP L 436 8.53 -82.97 5.76
CA ASP L 436 8.12 -81.94 6.70
C ASP L 436 9.08 -80.75 6.67
N VAL L 437 10.39 -81.03 6.60
CA VAL L 437 11.38 -79.97 6.47
C VAL L 437 11.15 -79.19 5.18
N ARG L 438 10.87 -79.91 4.09
CA ARG L 438 10.61 -79.24 2.82
C ARG L 438 9.40 -78.32 2.90
N GLN L 439 8.32 -78.80 3.53
CA GLN L 439 7.12 -77.99 3.67
C GLN L 439 7.36 -76.74 4.49
N CYS L 440 8.01 -76.90 5.65
CA CYS L 440 8.30 -75.74 6.49
C CYS L 440 9.23 -74.77 5.77
N LEU L 441 10.24 -75.30 5.07
CA LEU L 441 11.19 -74.45 4.38
C LEU L 441 10.51 -73.66 3.26
N GLU L 442 9.65 -74.30 2.48
CA GLU L 442 8.98 -73.58 1.40
C GLU L 442 8.04 -72.52 1.95
N TYR L 443 7.32 -72.84 3.04
CA TYR L 443 6.41 -71.84 3.60
C TYR L 443 7.17 -70.64 4.14
N ALA L 444 8.28 -70.90 4.84
CA ALA L 444 9.11 -69.80 5.33
C ALA L 444 9.70 -68.99 4.19
N LEU L 445 10.14 -69.67 3.13
CA LEU L 445 10.68 -68.97 1.98
C LEU L 445 9.63 -68.08 1.33
N GLN L 446 8.40 -68.56 1.25
CA GLN L 446 7.31 -67.76 0.69
C GLN L 446 7.05 -66.51 1.53
N VAL L 447 6.89 -66.70 2.85
CA VAL L 447 6.56 -65.55 3.69
C VAL L 447 7.70 -64.56 3.74
N ARG L 448 8.95 -65.04 3.71
CA ARG L 448 10.11 -64.14 3.70
C ARG L 448 10.27 -63.47 2.34
N ARG L 449 9.90 -64.16 1.25
CA ARG L 449 10.04 -63.59 -0.08
C ARG L 449 9.02 -62.48 -0.30
N ARG L 450 7.85 -62.58 0.32
CA ARG L 450 6.91 -61.46 0.24
C ARG L 450 7.51 -60.21 0.87
N VAL L 451 8.13 -60.36 2.04
CA VAL L 451 8.78 -59.23 2.70
C VAL L 451 9.94 -58.72 1.85
N LYS L 452 10.68 -59.64 1.23
CA LYS L 452 11.79 -59.23 0.37
C LYS L 452 11.30 -58.44 -0.83
N GLU L 453 10.16 -58.86 -1.40
CA GLU L 453 9.55 -58.11 -2.51
C GLU L 453 9.13 -56.72 -2.07
N GLN L 454 8.54 -56.61 -0.87
CA GLN L 454 8.20 -55.28 -0.35
C GLN L 454 9.45 -54.44 -0.14
N LEU L 455 10.52 -55.06 0.37
CA LEU L 455 11.79 -54.35 0.57
C LEU L 455 12.34 -53.84 -0.74
N LYS L 456 12.30 -54.67 -1.79
CA LYS L 456 12.72 -54.22 -3.11
C LYS L 456 11.87 -53.07 -3.60
N LYS L 457 10.55 -53.19 -3.45
CA LYS L 457 9.63 -52.14 -3.89
C LYS L 457 9.93 -50.81 -3.20
N ILE L 458 10.26 -50.83 -1.92
CA ILE L 458 10.49 -49.59 -1.19
C ILE L 458 11.90 -49.04 -1.43
N GLY L 459 12.90 -49.93 -1.55
CA GLY L 459 14.28 -49.48 -1.59
C GLY L 459 14.95 -49.46 -2.94
N GLY L 460 14.24 -49.82 -4.01
CA GLY L 460 14.86 -49.76 -5.31
C GLY L 460 15.71 -50.98 -5.59
N MET L 461 16.98 -50.75 -5.92
CA MET L 461 17.83 -51.84 -6.39
C MET L 461 18.52 -52.58 -5.24
N GLU L 462 18.41 -52.07 -4.01
CA GLU L 462 19.15 -52.70 -2.91
C GLU L 462 18.62 -54.08 -2.54
N PHE L 463 17.45 -54.48 -3.05
CA PHE L 463 16.90 -55.79 -2.75
C PHE L 463 16.43 -56.49 -4.02
N TYR L 464 17.25 -56.46 -5.07
CA TYR L 464 16.90 -57.06 -6.35
C TYR L 464 16.85 -58.58 -6.29
N ASP L 465 17.62 -59.20 -5.37
CA ASP L 465 17.62 -60.65 -5.21
C ASP L 465 16.38 -61.08 -4.43
N VAL L 466 15.31 -61.32 -5.18
CA VAL L 466 14.05 -61.81 -4.62
C VAL L 466 13.77 -63.25 -4.98
N HIS L 467 14.68 -63.92 -5.68
CA HIS L 467 14.44 -65.25 -6.24
C HIS L 467 14.80 -66.32 -5.20
N PHE L 468 13.85 -66.56 -4.30
CA PHE L 468 14.08 -67.51 -3.21
C PHE L 468 14.04 -68.93 -3.73
N SER L 469 15.04 -69.73 -3.35
CA SER L 469 15.16 -71.10 -3.81
C SER L 469 15.87 -71.95 -2.77
N TYR L 470 15.68 -73.26 -2.88
CA TYR L 470 16.38 -74.22 -2.03
C TYR L 470 16.78 -75.43 -2.85
N ILE L 471 18.00 -75.91 -2.62
CA ILE L 471 18.60 -77.02 -3.36
C ILE L 471 18.51 -78.26 -2.49
N ASP L 472 17.92 -79.32 -3.04
CA ASP L 472 17.88 -80.60 -2.34
C ASP L 472 19.28 -81.21 -2.33
N ASN L 473 19.73 -81.63 -1.14
CA ASN L 473 21.08 -82.17 -1.01
C ASN L 473 21.26 -83.48 -1.77
N ASP L 474 20.19 -84.26 -1.95
CA ASP L 474 20.30 -85.56 -2.62
C ASP L 474 20.06 -85.46 -4.12
N THR L 475 18.95 -84.82 -4.52
CA THR L 475 18.59 -84.75 -5.94
C THR L 475 19.22 -83.57 -6.66
N LEU L 476 19.85 -82.65 -5.95
CA LEU L 476 20.50 -81.46 -6.49
C LEU L 476 19.52 -80.54 -7.24
N GLU L 477 18.23 -80.81 -7.18
CA GLU L 477 17.26 -79.94 -7.83
C GLU L 477 17.00 -78.70 -6.98
N GLU L 478 17.04 -77.54 -7.62
CA GLU L 478 16.81 -76.27 -6.96
C GLU L 478 15.38 -75.84 -7.19
N HIS L 479 14.54 -75.96 -6.16
CA HIS L 479 13.15 -75.54 -6.24
C HIS L 479 13.08 -74.05 -5.94
N PHE L 480 12.48 -73.29 -6.86
CA PHE L 480 12.37 -71.84 -6.75
C PHE L 480 10.95 -71.49 -6.33
N VAL L 481 10.78 -71.14 -5.06
CA VAL L 481 9.46 -70.71 -4.59
C VAL L 481 9.13 -69.35 -5.17
N SER L 482 7.83 -69.08 -5.33
CA SER L 482 7.36 -67.85 -5.93
C SER L 482 6.40 -67.15 -4.98
N VAL L 483 6.27 -65.83 -5.14
CA VAL L 483 5.37 -65.06 -4.28
C VAL L 483 3.93 -65.50 -4.52
N LYS L 484 3.17 -65.60 -3.44
CA LYS L 484 1.76 -65.91 -3.54
C LYS L 484 0.98 -64.71 -4.09
N GLU L 485 -0.10 -65.00 -4.81
CA GLU L 485 -0.98 -63.98 -5.38
C GLU L 485 -0.23 -63.04 -6.31
N ILE L 492 1.81 -59.39 -19.11
CA ILE L 492 2.39 -58.12 -19.53
C ILE L 492 1.37 -56.99 -19.39
N PRO L 493 1.58 -56.11 -18.41
CA PRO L 493 0.64 -55.01 -18.19
C PRO L 493 0.61 -54.03 -19.36
N GLU L 494 -0.55 -53.42 -19.54
CA GLU L 494 -0.73 -52.43 -20.59
C GLU L 494 0.03 -51.15 -20.27
N GLY L 495 0.37 -50.40 -21.32
CA GLY L 495 1.04 -49.13 -21.14
C GLY L 495 2.53 -49.23 -21.33
N PRO L 496 3.17 -48.13 -21.71
CA PRO L 496 4.62 -48.16 -21.95
C PRO L 496 5.38 -48.22 -20.64
N ALA L 497 6.14 -49.29 -20.45
CA ALA L 497 6.96 -49.42 -19.26
C ALA L 497 8.16 -48.48 -19.35
N LYS L 498 8.82 -48.30 -18.21
CA LYS L 498 9.98 -47.42 -18.17
C LYS L 498 11.12 -48.02 -18.98
N PRO L 499 12.00 -47.18 -19.53
CA PRO L 499 13.08 -47.68 -20.39
C PRO L 499 13.99 -48.65 -19.64
N GLY L 500 14.50 -49.64 -20.37
CA GLY L 500 15.33 -50.67 -19.79
C GLY L 500 14.59 -51.92 -19.35
N PHE L 501 13.26 -51.95 -19.48
CA PHE L 501 12.47 -53.11 -19.10
C PHE L 501 11.83 -53.70 -20.35
N LEU L 502 11.87 -55.02 -20.48
CA LEU L 502 11.25 -55.67 -21.63
C LEU L 502 10.84 -57.09 -21.25
N TYR L 503 10.12 -57.73 -22.18
CA TYR L 503 9.65 -59.09 -22.04
C TYR L 503 10.14 -59.91 -23.24
N THR L 504 10.54 -61.16 -22.97
CA THR L 504 10.98 -62.07 -24.01
C THR L 504 10.37 -63.44 -23.75
N ILE L 505 10.35 -64.28 -24.79
CA ILE L 505 9.83 -65.63 -24.70
C ILE L 505 10.89 -66.59 -25.22
N GLY L 506 11.16 -67.64 -24.46
CA GLY L 506 12.20 -68.57 -24.85
C GLY L 506 11.94 -69.97 -24.35
N LEU L 507 12.65 -70.93 -24.95
CA LEU L 507 12.55 -72.32 -24.53
C LEU L 507 13.57 -72.60 -23.43
N SER L 508 13.08 -72.91 -22.23
CA SER L 508 13.96 -73.16 -21.11
C SER L 508 14.75 -74.46 -21.32
N ASN L 509 15.58 -74.78 -20.33
CA ASN L 509 16.42 -75.97 -20.41
C ASN L 509 15.61 -77.25 -20.57
N LYS L 510 14.36 -77.26 -20.12
CA LYS L 510 13.48 -78.41 -20.32
C LYS L 510 12.71 -78.33 -21.64
N GLY L 511 12.77 -77.22 -22.35
CA GLY L 511 12.20 -77.11 -23.67
C GLY L 511 10.78 -76.62 -23.77
N MET L 512 10.15 -76.20 -22.65
CA MET L 512 8.83 -75.61 -22.88
C MET L 512 8.94 -74.10 -22.99
N PRO L 513 8.08 -73.46 -23.78
CA PRO L 513 8.14 -72.00 -23.91
C PRO L 513 7.81 -71.32 -22.58
N GLY L 514 8.47 -70.20 -22.33
CA GLY L 514 8.25 -69.46 -21.10
C GLY L 514 8.53 -67.99 -21.30
N LEU L 515 7.84 -67.18 -20.52
CA LEU L 515 7.98 -65.72 -20.55
C LEU L 515 8.94 -65.27 -19.46
N TYR L 516 9.86 -64.38 -19.83
CA TYR L 516 10.82 -63.82 -18.90
C TYR L 516 10.84 -62.31 -19.07
N ARG L 517 11.14 -61.61 -17.99
CA ARG L 517 11.17 -60.16 -17.97
C ARG L 517 12.57 -59.69 -17.58
N LEU L 518 13.12 -58.80 -18.38
CA LEU L 518 14.47 -58.29 -18.16
C LEU L 518 14.41 -56.81 -17.80
N GLU L 519 15.08 -56.45 -16.71
CA GLU L 519 15.08 -55.08 -16.19
C GLU L 519 16.52 -54.58 -16.18
N LEU L 520 16.79 -53.50 -16.91
CA LEU L 520 18.11 -52.91 -16.97
C LEU L 520 18.15 -51.64 -16.15
N GLN L 521 19.14 -51.53 -15.27
CA GLN L 521 19.38 -50.33 -14.49
C GLN L 521 20.66 -49.67 -15.00
N VAL L 522 20.57 -48.40 -15.33
CA VAL L 522 21.68 -47.62 -15.88
C VAL L 522 22.15 -46.65 -14.80
N THR L 523 23.46 -46.59 -14.62
CA THR L 523 24.08 -45.69 -13.65
C THR L 523 25.28 -45.00 -14.29
N LYS L 524 25.75 -43.94 -13.64
CA LYS L 524 27.00 -43.33 -14.07
C LYS L 524 28.18 -44.20 -13.64
N GLY L 525 29.08 -44.48 -14.57
CA GLY L 525 30.21 -45.32 -14.24
C GLY L 525 31.24 -45.48 -15.35
N SER L 526 31.85 -46.67 -15.42
CA SER L 526 32.94 -46.95 -16.36
C SER L 526 32.62 -48.10 -17.30
N GLY L 527 31.34 -48.40 -17.52
CA GLY L 527 30.95 -49.41 -18.48
C GLY L 527 30.92 -50.82 -17.96
N LYS L 528 30.85 -51.02 -16.65
CA LYS L 528 30.79 -52.37 -16.10
C LYS L 528 29.44 -53.00 -16.39
N LEU L 529 29.41 -54.34 -16.41
CA LEU L 529 28.19 -55.11 -16.61
C LEU L 529 27.96 -55.99 -15.40
N ALA L 530 26.77 -55.89 -14.80
CA ALA L 530 26.39 -56.70 -13.66
C ALA L 530 25.13 -57.48 -14.00
N THR L 531 25.09 -58.75 -13.59
CA THR L 531 24.00 -59.65 -13.94
C THR L 531 23.33 -60.15 -12.67
N SER L 532 22.01 -60.34 -12.75
CA SER L 532 21.25 -60.84 -11.61
C SER L 532 20.03 -61.59 -12.13
N GLY L 533 19.56 -62.55 -11.32
CA GLY L 533 18.39 -63.32 -11.68
C GLY L 533 18.64 -64.31 -12.80
N LEU L 534 19.90 -64.66 -13.03
CA LEU L 534 20.24 -65.63 -14.07
C LEU L 534 20.22 -67.06 -13.56
N TRP L 535 19.90 -67.26 -12.29
CA TRP L 535 19.66 -68.58 -11.72
C TRP L 535 20.88 -69.48 -11.88
N ASN L 536 22.08 -68.90 -11.75
CA ASN L 536 23.33 -69.62 -11.92
C ASN L 536 23.39 -70.34 -13.26
N SER L 537 23.10 -69.62 -14.34
CA SER L 537 23.11 -70.19 -15.68
C SER L 537 24.30 -69.59 -16.43
N SER L 538 25.31 -70.41 -16.72
CA SER L 538 26.49 -69.98 -17.44
C SER L 538 26.15 -69.65 -18.89
N SER L 539 25.20 -70.38 -19.46
CA SER L 539 24.77 -70.13 -20.83
C SER L 539 24.17 -68.74 -20.96
N ALA L 540 23.30 -68.38 -20.01
CA ALA L 540 22.75 -67.03 -20.01
C ALA L 540 23.84 -65.99 -19.82
N LYS L 541 24.80 -66.27 -18.95
CA LYS L 541 25.87 -65.32 -18.69
C LYS L 541 26.72 -65.07 -19.93
N GLU L 542 27.07 -66.13 -20.65
CA GLU L 542 27.88 -65.97 -21.85
C GLU L 542 27.08 -65.31 -22.98
N GLN L 543 25.78 -65.62 -23.08
CA GLN L 543 24.95 -64.94 -24.07
C GLN L 543 24.88 -63.44 -23.78
N VAL L 544 24.70 -63.07 -22.52
CA VAL L 544 24.67 -61.66 -22.14
C VAL L 544 26.03 -61.01 -22.38
N LYS L 545 27.11 -61.75 -22.13
CA LYS L 545 28.45 -61.21 -22.39
C LYS L 545 28.66 -60.95 -23.88
N ILE L 546 28.23 -61.87 -24.73
CA ILE L 546 28.34 -61.68 -26.17
C ILE L 546 27.50 -60.47 -26.61
N ALA L 547 26.29 -60.35 -26.06
CA ALA L 547 25.45 -59.20 -26.39
C ALA L 547 26.09 -57.89 -25.94
N PHE L 548 26.69 -57.88 -24.75
CA PHE L 548 27.35 -56.68 -24.25
C PHE L 548 28.54 -56.32 -25.11
N ASP L 549 29.31 -57.32 -25.56
CA ASP L 549 30.42 -57.06 -26.47
C ASP L 549 29.93 -56.48 -27.79
N TYR L 550 28.84 -57.02 -28.33
CA TYR L 550 28.26 -56.47 -29.56
C TYR L 550 27.80 -55.03 -29.35
N PHE L 551 27.14 -54.76 -28.22
CA PHE L 551 26.65 -53.42 -27.95
C PHE L 551 27.80 -52.43 -27.83
N LYS L 552 28.88 -52.83 -27.15
CA LYS L 552 30.04 -51.96 -27.03
C LYS L 552 30.69 -51.73 -28.39
N ALA L 553 30.77 -52.78 -29.20
CA ALA L 553 31.38 -52.65 -30.53
C ALA L 553 30.57 -51.73 -31.44
N ASN L 554 29.25 -51.84 -31.41
CA ASN L 554 28.37 -51.04 -32.26
C ASN L 554 27.74 -49.87 -31.52
N ALA L 555 28.42 -49.32 -30.52
CA ALA L 555 27.84 -48.25 -29.72
C ALA L 555 27.59 -47.00 -30.54
N SER L 556 28.55 -46.63 -31.41
CA SER L 556 28.47 -45.36 -32.12
C SER L 556 27.26 -45.29 -33.03
N ARG L 557 26.97 -46.34 -33.78
CA ARG L 557 25.86 -46.30 -34.72
C ARG L 557 24.51 -46.44 -34.02
N ILE L 558 24.45 -47.22 -32.95
CA ILE L 558 23.19 -47.49 -32.27
C ILE L 558 22.78 -46.36 -31.35
N SER L 559 23.70 -45.87 -30.52
CA SER L 559 23.41 -44.79 -29.59
C SER L 559 23.60 -43.41 -30.20
N GLY L 560 24.17 -43.32 -31.40
CA GLY L 560 24.34 -42.05 -32.07
C GLY L 560 25.34 -41.13 -31.39
N GLY L 561 26.10 -41.66 -30.45
CA GLY L 561 27.10 -40.86 -29.76
C GLY L 561 27.17 -41.13 -28.27
N SER L 562 26.11 -41.71 -27.70
CA SER L 562 26.11 -42.02 -26.28
C SER L 562 27.11 -43.15 -26.00
N LYS L 563 27.98 -42.93 -25.03
CA LYS L 563 29.09 -43.85 -24.77
C LYS L 563 28.63 -44.93 -23.81
N VAL L 564 28.82 -46.20 -24.21
CA VAL L 564 28.61 -47.31 -23.30
C VAL L 564 29.64 -47.27 -22.18
N MET L 565 30.87 -46.83 -22.51
CA MET L 565 31.95 -46.79 -21.55
C MET L 565 31.71 -45.83 -20.40
N GLU L 566 30.77 -44.89 -20.53
CA GLU L 566 30.48 -43.92 -19.49
C GLU L 566 29.29 -44.35 -18.63
N HIS L 567 28.53 -45.36 -19.05
CA HIS L 567 27.35 -45.82 -18.32
C HIS L 567 27.54 -47.26 -17.88
N ASP L 568 27.14 -47.54 -16.65
CA ASP L 568 27.21 -48.88 -16.07
C ASP L 568 25.83 -49.52 -16.12
N PHE L 569 25.80 -50.80 -16.48
CA PHE L 569 24.57 -51.54 -16.69
C PHE L 569 24.45 -52.66 -15.67
N HIS L 570 23.26 -52.82 -15.09
CA HIS L 570 22.95 -53.94 -14.21
C HIS L 570 21.62 -54.52 -14.65
N LEU L 571 21.65 -55.72 -15.24
CA LEU L 571 20.45 -56.33 -15.77
C LEU L 571 20.00 -57.49 -14.89
N HIS L 572 18.68 -57.59 -14.69
CA HIS L 572 18.06 -58.63 -13.90
C HIS L 572 17.06 -59.39 -14.76
N VAL L 573 17.01 -60.71 -14.57
CA VAL L 573 16.11 -61.58 -15.31
C VAL L 573 15.17 -62.24 -14.31
N VAL L 574 13.87 -62.15 -14.56
CA VAL L 574 12.85 -62.73 -13.68
C VAL L 574 11.92 -63.59 -14.52
N GLU L 575 11.62 -64.79 -14.02
CA GLU L 575 10.76 -65.72 -14.74
C GLU L 575 9.36 -65.71 -14.13
N LEU L 576 8.34 -65.57 -14.98
CA LEU L 576 6.96 -65.47 -14.53
C LEU L 576 6.19 -66.78 -14.62
N GLN L 577 6.63 -67.73 -15.45
CA GLN L 577 5.93 -68.99 -15.60
C GLN L 577 6.65 -70.17 -14.97
N ASN L 578 7.83 -69.95 -14.38
CA ASN L 578 8.60 -71.01 -13.71
C ASN L 578 8.87 -72.17 -14.68
N THR L 579 9.17 -71.83 -15.94
CA THR L 579 9.41 -72.86 -16.95
C THR L 579 10.83 -73.42 -16.86
N GLY L 580 11.77 -72.68 -16.28
CA GLY L 580 13.13 -73.15 -16.16
C GLY L 580 14.14 -72.16 -16.70
N PRO L 581 15.42 -72.42 -16.47
CA PRO L 581 16.46 -71.51 -16.95
C PRO L 581 16.51 -71.45 -18.47
N LEU L 582 16.72 -70.25 -18.99
CA LEU L 582 16.77 -70.01 -20.43
C LEU L 582 18.20 -69.73 -20.86
N SER L 583 18.57 -70.23 -22.05
CA SER L 583 19.89 -69.98 -22.60
C SER L 583 19.89 -68.79 -23.56
N HIS L 584 18.89 -68.70 -24.42
CA HIS L 584 18.86 -67.69 -25.48
C HIS L 584 18.43 -66.35 -24.88
N LEU L 585 19.42 -65.47 -24.65
CA LEU L 585 19.14 -64.17 -24.07
C LEU L 585 19.94 -63.03 -24.68
N ALA L 586 20.76 -63.26 -25.70
CA ALA L 586 21.63 -62.21 -26.21
C ALA L 586 20.82 -61.06 -26.82
N LEU L 587 19.89 -61.39 -27.72
CA LEU L 587 19.13 -60.35 -28.40
C LEU L 587 18.27 -59.51 -27.46
N PRO L 588 17.44 -60.07 -26.58
CA PRO L 588 16.67 -59.22 -25.66
C PRO L 588 17.55 -58.40 -24.73
N SER L 589 18.68 -58.95 -24.29
CA SER L 589 19.58 -58.17 -23.44
C SER L 589 20.19 -57.02 -24.20
N LEU L 590 20.54 -57.22 -25.48
CA LEU L 590 21.03 -56.12 -26.30
C LEU L 590 19.96 -55.06 -26.48
N VAL L 591 18.71 -55.48 -26.69
CA VAL L 591 17.61 -54.52 -26.83
C VAL L 591 17.44 -53.71 -25.55
N ALA L 592 17.49 -54.38 -24.40
CA ALA L 592 17.41 -53.67 -23.13
C ALA L 592 18.57 -52.71 -22.96
N PHE L 593 19.77 -53.13 -23.36
CA PHE L 593 20.93 -52.25 -23.30
C PHE L 593 20.68 -50.98 -24.11
N ALA L 594 20.22 -51.14 -25.35
CA ALA L 594 19.99 -49.99 -26.21
C ALA L 594 18.92 -49.08 -25.65
N SER L 595 17.83 -49.67 -25.13
CA SER L 595 16.74 -48.87 -24.61
C SER L 595 17.18 -48.08 -23.37
N GLY L 596 17.89 -48.75 -22.46
CA GLY L 596 18.34 -48.07 -21.25
C GLY L 596 19.38 -47.00 -21.53
N LEU L 597 20.30 -47.28 -22.45
CA LEU L 597 21.32 -46.28 -22.80
C LEU L 597 20.70 -45.05 -23.42
N LEU L 598 19.71 -45.24 -24.30
CA LEU L 598 19.01 -44.14 -24.93
C LEU L 598 17.94 -43.53 -24.04
N GLY L 599 17.55 -44.20 -22.96
CA GLY L 599 16.52 -43.68 -22.09
C GLY L 599 15.15 -43.61 -22.73
N ARG L 600 14.90 -44.43 -23.75
CA ARG L 600 13.65 -44.43 -24.48
C ARG L 600 12.88 -45.70 -24.15
N SER L 601 11.60 -45.54 -23.82
CA SER L 601 10.76 -46.69 -23.48
C SER L 601 10.55 -47.56 -24.71
N VAL L 602 10.63 -48.88 -24.51
CA VAL L 602 10.31 -49.81 -25.58
C VAL L 602 8.80 -49.79 -25.83
N GLN L 603 8.40 -50.39 -26.94
CA GLN L 603 6.98 -50.44 -27.29
C GLN L 603 6.18 -51.18 -26.22
N SER L 604 4.97 -50.69 -25.97
CA SER L 604 4.09 -51.34 -25.01
C SER L 604 3.66 -52.71 -25.53
N GLN L 605 3.67 -53.70 -24.65
CA GLN L 605 3.31 -55.08 -25.00
C GLN L 605 4.18 -55.61 -26.14
N MET L 606 5.45 -55.21 -26.16
CA MET L 606 6.36 -55.59 -27.22
C MET L 606 7.11 -56.86 -26.83
N VAL L 607 7.12 -57.84 -27.72
CA VAL L 607 7.75 -59.14 -27.49
C VAL L 607 8.96 -59.27 -28.40
N VAL L 608 10.12 -59.55 -27.80
CA VAL L 608 11.35 -59.77 -28.55
C VAL L 608 11.62 -61.27 -28.58
N LEU L 609 11.73 -61.83 -29.78
CA LEU L 609 11.97 -63.24 -29.96
C LEU L 609 13.27 -63.49 -30.73
N GLY L 610 13.83 -64.68 -30.54
CA GLY L 610 15.01 -65.11 -31.24
C GLY L 610 16.29 -64.81 -30.47
N ASP L 611 17.38 -65.30 -31.04
CA ASP L 611 18.72 -65.09 -30.49
C ASP L 611 19.63 -64.62 -31.62
N MET L 612 20.85 -64.22 -31.25
CA MET L 612 21.77 -63.66 -32.22
C MET L 612 23.18 -64.16 -31.94
N SER L 613 24.04 -64.03 -32.94
CA SER L 613 25.47 -64.26 -32.79
C SER L 613 26.20 -62.94 -32.55
N LEU L 614 27.46 -63.05 -32.18
CA LEU L 614 28.28 -61.85 -32.02
C LEU L 614 28.47 -61.13 -33.35
N GLY L 615 28.39 -61.86 -34.47
CA GLY L 615 28.52 -61.25 -35.78
C GLY L 615 27.27 -60.59 -36.31
N GLY L 616 26.17 -60.63 -35.55
CA GLY L 616 24.94 -60.01 -35.99
C GLY L 616 24.00 -60.92 -36.76
N SER L 617 24.30 -62.21 -36.85
CA SER L 617 23.43 -63.15 -37.53
C SER L 617 22.29 -63.58 -36.62
N VAL L 618 21.10 -63.70 -37.20
CA VAL L 618 19.90 -64.06 -36.45
C VAL L 618 19.68 -65.56 -36.54
N THR L 619 19.21 -66.14 -35.44
CA THR L 619 18.85 -67.55 -35.40
C THR L 619 17.33 -67.70 -35.49
N PRO L 620 16.83 -68.74 -36.15
CA PRO L 620 15.38 -68.92 -36.24
C PRO L 620 14.77 -69.14 -34.87
N VAL L 621 13.57 -68.61 -34.68
CA VAL L 621 12.89 -68.73 -33.39
C VAL L 621 12.32 -70.13 -33.25
N GLU L 622 12.90 -70.92 -32.34
CA GLU L 622 12.41 -72.26 -32.10
C GLU L 622 11.06 -72.21 -31.38
N SER L 623 10.17 -73.14 -31.76
CA SER L 623 8.81 -73.19 -31.23
C SER L 623 8.12 -71.84 -31.37
N ILE L 624 8.20 -71.29 -32.59
CA ILE L 624 7.65 -69.97 -32.85
C ILE L 624 6.13 -69.96 -32.64
N ALA L 625 5.46 -71.06 -32.99
CA ALA L 625 4.02 -71.14 -32.75
C ALA L 625 3.71 -71.13 -31.26
N GLU L 626 4.46 -71.92 -30.47
CA GLU L 626 4.24 -71.92 -29.03
C GLU L 626 4.67 -70.60 -28.41
N CYS L 627 5.71 -69.96 -28.97
CA CYS L 627 6.09 -68.64 -28.48
C CYS L 627 4.98 -67.62 -28.70
N LEU L 628 4.35 -67.65 -29.87
CA LEU L 628 3.22 -66.74 -30.11
C LEU L 628 2.04 -67.09 -29.23
N GLN L 629 1.84 -68.38 -28.95
CA GLN L 629 0.78 -68.78 -28.02
C GLN L 629 1.03 -68.21 -26.63
N VAL L 630 2.29 -68.26 -26.17
CA VAL L 630 2.64 -67.68 -24.89
C VAL L 630 2.43 -66.18 -24.90
N ALA L 631 2.83 -65.51 -25.98
CA ALA L 631 2.61 -64.07 -26.10
C ALA L 631 1.12 -63.75 -26.04
N PHE L 632 0.28 -64.62 -26.62
CA PHE L 632 -1.17 -64.47 -26.47
C PHE L 632 -1.57 -64.63 -25.01
N ASP L 633 -0.98 -65.61 -24.31
CA ASP L 633 -1.27 -65.79 -22.89
C ASP L 633 -0.61 -64.70 -22.05
N ALA L 634 0.41 -64.03 -22.58
CA ALA L 634 1.11 -62.98 -21.85
C ALA L 634 0.41 -61.62 -21.96
N GLY L 635 -0.68 -61.54 -22.70
CA GLY L 635 -1.40 -60.28 -22.84
C GLY L 635 -0.65 -59.21 -23.58
N ALA L 636 0.10 -59.59 -24.60
CA ALA L 636 0.84 -58.65 -25.44
C ALA L 636 0.21 -58.58 -26.82
N LYS L 637 0.42 -57.45 -27.50
CA LYS L 637 -0.14 -57.23 -28.83
C LYS L 637 0.90 -57.06 -29.92
N LYS L 638 2.19 -57.01 -29.59
CA LYS L 638 3.24 -56.80 -30.57
C LYS L 638 4.39 -57.77 -30.34
N VAL L 639 5.07 -58.14 -31.43
CA VAL L 639 6.18 -59.09 -31.39
C VAL L 639 7.14 -58.75 -32.52
N ALA L 640 8.43 -58.96 -32.29
CA ALA L 640 9.47 -58.75 -33.28
C ALA L 640 10.04 -60.10 -33.72
N LEU L 641 10.08 -60.33 -35.03
CA LEU L 641 10.60 -61.58 -35.54
C LEU L 641 11.69 -61.35 -36.57
N PRO L 642 12.76 -62.15 -36.53
CA PRO L 642 13.80 -62.01 -37.55
C PRO L 642 13.36 -62.59 -38.88
N MET L 643 14.09 -62.25 -39.94
CA MET L 643 13.74 -62.72 -41.27
C MET L 643 13.79 -64.24 -41.38
N SER L 644 14.67 -64.88 -40.61
CA SER L 644 14.81 -66.33 -40.67
C SER L 644 13.54 -67.06 -40.25
N SER L 645 12.66 -66.40 -39.50
CA SER L 645 11.40 -67.00 -39.09
C SER L 645 10.29 -66.82 -40.12
N ALA L 646 10.56 -66.13 -41.23
CA ALA L 646 9.52 -65.90 -42.23
C ALA L 646 8.98 -67.20 -42.81
N ALA L 647 9.86 -68.17 -43.09
CA ALA L 647 9.41 -69.45 -43.61
C ALA L 647 8.50 -70.16 -42.61
N ASP L 648 8.55 -69.77 -41.34
CA ASP L 648 7.69 -70.36 -40.32
C ASP L 648 6.34 -69.66 -40.21
N ILE L 649 6.10 -68.60 -40.98
CA ILE L 649 4.80 -67.92 -40.92
C ILE L 649 3.67 -68.83 -41.34
N PRO L 650 3.75 -69.58 -42.45
CA PRO L 650 2.64 -70.51 -42.78
C PRO L 650 2.41 -71.56 -41.72
N THR L 651 3.43 -71.93 -40.94
CA THR L 651 3.27 -72.91 -39.88
C THR L 651 2.39 -72.42 -38.75
N ILE L 652 2.08 -71.12 -38.71
CA ILE L 652 1.31 -70.52 -37.63
C ILE L 652 -0.15 -70.39 -38.08
N PRO L 653 -1.11 -70.74 -37.22
CA PRO L 653 -2.53 -70.53 -37.56
C PRO L 653 -2.82 -69.06 -37.82
N VAL L 654 -3.74 -68.81 -38.75
CA VAL L 654 -4.02 -67.43 -39.18
C VAL L 654 -4.65 -66.63 -38.06
N GLU L 655 -5.60 -67.23 -37.33
CA GLU L 655 -6.33 -66.48 -36.31
C GLU L 655 -5.42 -65.95 -35.22
N LEU L 656 -4.48 -66.76 -34.74
CA LEU L 656 -3.55 -66.28 -33.72
C LEU L 656 -2.59 -65.25 -34.29
N PHE L 657 -2.15 -65.44 -35.53
CA PHE L 657 -1.20 -64.52 -36.14
C PHE L 657 -1.80 -63.15 -36.35
N THR L 658 -3.10 -63.10 -36.64
CA THR L 658 -3.78 -61.82 -36.87
C THR L 658 -3.96 -61.01 -35.60
N LYS L 659 -3.73 -61.59 -34.42
CA LYS L 659 -3.90 -60.88 -33.16
C LYS L 659 -2.73 -59.96 -32.83
N PHE L 660 -1.64 -60.01 -33.58
CA PHE L 660 -0.42 -59.31 -33.25
C PHE L 660 0.01 -58.39 -34.39
N GLN L 661 0.64 -57.27 -34.04
CA GLN L 661 1.32 -56.43 -35.01
C GLN L 661 2.76 -56.92 -35.10
N THR L 662 3.08 -57.65 -36.17
CA THR L 662 4.37 -58.33 -36.29
C THR L 662 5.40 -57.31 -36.76
N SER L 663 6.24 -56.85 -35.82
CA SER L 663 7.35 -55.95 -36.15
C SER L 663 8.53 -56.79 -36.66
N PHE L 664 8.37 -57.26 -37.89
CA PHE L 664 9.29 -58.21 -38.49
C PHE L 664 10.63 -57.55 -38.81
N TYR L 665 11.66 -57.85 -38.02
CA TYR L 665 12.95 -57.22 -38.24
C TYR L 665 13.86 -58.14 -39.05
N ALA L 666 15.08 -57.67 -39.30
CA ALA L 666 16.09 -58.44 -40.02
C ALA L 666 17.27 -58.77 -39.12
N ASP L 667 17.91 -57.78 -38.50
CA ASP L 667 19.08 -58.00 -37.67
C ASP L 667 18.93 -57.32 -36.32
N PRO L 668 19.83 -57.63 -35.37
CA PRO L 668 19.81 -56.97 -34.06
C PRO L 668 19.56 -55.47 -34.09
N VAL L 669 20.18 -54.76 -35.03
CA VAL L 669 19.99 -53.31 -35.12
C VAL L 669 18.54 -52.99 -35.49
N ASP L 670 18.01 -53.71 -36.48
CA ASP L 670 16.62 -53.49 -36.87
C ASP L 670 15.67 -53.91 -35.76
N ALA L 671 15.99 -54.99 -35.05
CA ALA L 671 15.18 -55.38 -33.90
C ALA L 671 15.16 -54.30 -32.84
N VAL L 672 16.32 -53.69 -32.57
CA VAL L 672 16.40 -52.59 -31.60
C VAL L 672 15.54 -51.43 -32.07
N PHE L 673 15.63 -51.08 -33.35
CA PHE L 673 14.84 -49.96 -33.87
C PHE L 673 13.34 -50.23 -33.77
N LYS L 674 12.91 -51.45 -34.11
CA LYS L 674 11.49 -51.77 -34.04
C LYS L 674 10.99 -51.79 -32.60
N GLY L 675 11.81 -52.30 -31.69
CA GLY L 675 11.43 -52.28 -30.28
C GLY L 675 11.36 -50.87 -29.72
N LEU L 676 12.26 -50.00 -30.17
CA LEU L 676 12.26 -48.60 -29.78
C LEU L 676 11.28 -47.76 -30.59
N GLY L 677 10.81 -48.26 -31.72
CA GLY L 677 9.89 -47.51 -32.57
C GLY L 677 10.61 -46.42 -33.36
N ASP M 10 -50.24 -55.54 50.36
CA ASP M 10 -49.54 -55.27 51.61
C ASP M 10 -49.33 -56.55 52.39
N GLN M 11 -50.33 -57.44 52.36
CA GLN M 11 -50.19 -58.73 53.03
C GLN M 11 -49.12 -59.58 52.36
N LEU M 12 -48.97 -59.45 51.03
CA LEU M 12 -47.93 -60.20 50.34
C LEU M 12 -46.54 -59.78 50.80
N LEU M 13 -46.32 -58.47 50.95
CA LEU M 13 -45.00 -57.99 51.37
C LEU M 13 -44.74 -58.30 52.83
N ASN M 14 -45.78 -58.24 53.67
CA ASN M 14 -45.62 -58.61 55.07
C ASN M 14 -45.44 -60.11 55.25
N GLU M 15 -45.86 -60.90 54.25
CA GLU M 15 -45.86 -62.35 54.40
C GLU M 15 -44.43 -62.90 54.50
N HIS M 16 -43.56 -62.51 53.57
CA HIS M 16 -42.24 -63.11 53.48
C HIS M 16 -41.14 -62.07 53.68
N PHE M 17 -41.34 -60.87 53.15
CA PHE M 17 -40.32 -59.84 53.22
C PHE M 17 -40.52 -58.95 54.43
N ALA M 18 -41.14 -59.50 55.48
CA ALA M 18 -41.41 -58.75 56.68
C ALA M 18 -40.11 -58.28 57.34
N GLY M 19 -40.13 -57.06 57.86
CA GLY M 19 -38.97 -56.49 58.50
C GLY M 19 -38.00 -55.90 57.50
N ARG M 20 -38.19 -56.22 56.23
CA ARG M 20 -37.32 -55.76 55.15
C ARG M 20 -38.10 -54.94 54.11
N VAL M 21 -39.29 -54.46 54.46
CA VAL M 21 -40.09 -53.61 53.61
C VAL M 21 -40.65 -52.47 54.47
N VAL M 22 -41.08 -51.41 53.79
CA VAL M 22 -41.61 -50.24 54.47
C VAL M 22 -42.52 -49.45 53.53
N ARG M 23 -43.53 -48.80 54.09
CA ARG M 23 -44.41 -47.91 53.33
C ARG M 23 -43.61 -46.73 52.79
N LYS M 24 -43.45 -46.64 51.47
CA LYS M 24 -42.59 -45.63 50.86
C LYS M 24 -43.39 -44.36 50.55
N ASP M 25 -44.10 -43.89 51.57
CA ASP M 25 -44.74 -42.59 51.53
C ASP M 25 -44.27 -41.79 52.74
N LEU M 26 -44.01 -42.50 53.83
CA LEU M 26 -43.48 -41.84 55.03
C LEU M 26 -42.09 -41.28 54.80
N THR M 27 -41.22 -42.04 54.10
CA THR M 27 -39.85 -41.63 53.93
C THR M 27 -39.75 -40.29 53.20
N LYS M 28 -40.51 -40.14 52.12
CA LYS M 28 -40.52 -38.86 51.40
C LYS M 28 -41.08 -37.75 52.26
N LEU M 29 -41.91 -38.09 53.24
CA LEU M 29 -42.44 -37.13 54.20
C LEU M 29 -41.49 -36.86 55.35
N ILE M 30 -40.44 -37.67 55.52
CA ILE M 30 -39.53 -37.51 56.64
C ILE M 30 -38.11 -37.34 56.10
N LYS M 31 -37.94 -37.50 54.79
CA LYS M 31 -36.66 -37.21 54.15
C LYS M 31 -36.25 -35.77 54.46
N GLU M 32 -37.10 -34.82 54.05
CA GLU M 32 -37.03 -33.41 54.45
C GLU M 32 -35.60 -32.89 54.60
N GLY M 33 -35.13 -32.72 55.82
CA GLY M 33 -33.75 -32.36 56.07
C GLY M 33 -33.30 -32.76 57.46
N ALA M 34 -32.23 -33.53 57.55
CA ALA M 34 -31.73 -34.03 58.82
C ALA M 34 -30.37 -34.64 58.62
N ASN M 35 -29.68 -34.90 59.74
CA ASN M 35 -28.37 -35.51 59.71
C ASN M 35 -28.40 -36.94 59.16
N VAL M 36 -29.36 -37.74 59.60
CA VAL M 36 -29.56 -39.08 59.05
C VAL M 36 -30.09 -38.93 57.63
N PRO M 37 -29.27 -39.21 56.61
CA PRO M 37 -29.65 -38.81 55.25
C PRO M 37 -30.89 -39.46 54.66
N VAL M 38 -30.83 -40.75 54.34
CA VAL M 38 -31.96 -41.42 53.70
C VAL M 38 -32.28 -42.79 54.29
N TYR M 39 -31.31 -43.71 54.26
CA TYR M 39 -31.58 -45.13 54.47
C TYR M 39 -31.87 -45.47 55.92
N VAL M 40 -31.12 -44.87 56.83
CA VAL M 40 -31.20 -45.18 58.25
C VAL M 40 -32.59 -44.81 58.75
N LEU M 41 -33.09 -43.66 58.32
CA LEU M 41 -34.43 -43.21 58.63
C LEU M 41 -35.46 -44.19 58.09
N GLU M 42 -35.21 -44.68 56.88
CA GLU M 42 -36.11 -45.65 56.25
C GLU M 42 -36.21 -46.92 57.08
N TYR M 43 -35.08 -47.41 57.59
CA TYR M 43 -35.13 -48.61 58.42
C TYR M 43 -35.78 -48.31 59.78
N LEU M 44 -35.56 -47.10 60.30
CA LEU M 44 -36.27 -46.69 61.50
C LEU M 44 -37.78 -46.79 61.31
N LEU M 45 -38.26 -46.33 60.15
CA LEU M 45 -39.69 -46.43 59.85
C LEU M 45 -40.11 -47.88 59.62
N GLY M 46 -39.22 -48.69 59.06
CA GLY M 46 -39.53 -50.09 58.80
C GLY M 46 -39.81 -50.89 60.04
N MET M 47 -39.28 -50.44 61.18
CA MET M 47 -39.37 -51.17 62.44
C MET M 47 -40.31 -50.50 63.46
N TYR M 48 -40.18 -49.19 63.71
CA TYR M 48 -41.15 -48.58 64.62
C TYR M 48 -42.48 -48.27 63.93
N CYS M 49 -42.55 -48.38 62.60
CA CYS M 49 -43.82 -48.22 61.91
C CYS M 49 -44.17 -49.45 61.10
N ALA M 50 -43.97 -50.63 61.67
CA ALA M 50 -44.31 -51.88 60.98
C ALA M 50 -45.80 -52.19 61.14
N SER M 51 -46.65 -51.34 60.56
CA SER M 51 -48.10 -51.51 60.64
C SER M 51 -48.79 -50.64 59.60
N ASP M 52 -50.12 -50.56 59.65
CA ASP M 52 -50.87 -49.73 58.72
C ASP M 52 -51.68 -48.67 59.45
N ASP M 53 -51.75 -48.77 60.78
CA ASP M 53 -52.51 -47.83 61.59
C ASP M 53 -51.85 -46.46 61.53
N PRO M 54 -52.59 -45.42 61.11
CA PRO M 54 -52.00 -44.08 61.04
C PRO M 54 -51.48 -43.56 62.37
N GLU M 55 -52.16 -43.92 63.47
CA GLU M 55 -51.79 -43.38 64.77
C GLU M 55 -50.45 -43.95 65.24
N ILE M 56 -50.26 -45.26 65.09
CA ILE M 56 -49.00 -45.88 65.49
C ILE M 56 -47.92 -45.36 64.55
N ILE M 57 -48.28 -45.03 63.32
CA ILE M 57 -47.35 -44.45 62.37
C ILE M 57 -46.86 -43.08 62.85
N GLU M 58 -47.78 -42.21 63.28
CA GLU M 58 -47.36 -40.90 63.78
C GLU M 58 -46.58 -41.02 65.08
N GLN M 59 -46.97 -41.98 65.93
CA GLN M 59 -46.23 -42.20 67.17
C GLN M 59 -44.81 -42.67 66.89
N GLY M 60 -44.64 -43.56 65.91
CA GLY M 60 -43.30 -43.96 65.51
C GLY M 60 -42.52 -42.80 64.92
N LEU M 61 -43.20 -41.93 64.16
CA LEU M 61 -42.56 -40.70 63.68
C LEU M 61 -42.03 -39.88 64.85
N ARG M 62 -42.86 -39.69 65.88
CA ARG M 62 -42.46 -38.91 67.04
C ARG M 62 -41.28 -39.54 67.76
N ASN M 63 -41.34 -40.87 67.96
CA ASN M 63 -40.24 -41.56 68.65
C ASN M 63 -38.95 -41.47 67.85
N VAL M 64 -39.04 -41.65 66.53
CA VAL M 64 -37.86 -41.55 65.68
C VAL M 64 -37.24 -40.17 65.80
N LYS M 65 -38.05 -39.12 65.66
CA LYS M 65 -37.51 -37.76 65.71
C LYS M 65 -36.94 -37.45 67.08
N THR M 66 -37.64 -37.86 68.14
CA THR M 66 -37.18 -37.62 69.50
C THR M 66 -35.83 -38.28 69.74
N VAL M 67 -35.72 -39.57 69.42
CA VAL M 67 -34.46 -40.28 69.62
C VAL M 67 -33.37 -39.64 68.79
N LEU M 68 -33.70 -39.24 67.56
CA LEU M 68 -32.74 -38.57 66.70
C LEU M 68 -32.31 -37.22 67.27
N ALA M 69 -33.12 -36.60 68.12
CA ALA M 69 -32.88 -35.24 68.59
C ALA M 69 -32.50 -35.16 70.06
N GLU M 70 -32.10 -36.27 70.67
CA GLU M 70 -31.61 -36.21 72.04
C GLU M 70 -30.13 -36.54 72.13
N ASN M 71 -29.76 -37.74 71.70
CA ASN M 71 -28.41 -38.23 71.97
C ASN M 71 -27.53 -38.28 70.74
N TYR M 72 -27.87 -37.61 69.64
CA TYR M 72 -26.95 -37.51 68.50
C TYR M 72 -25.76 -36.65 68.88
N VAL M 73 -24.56 -37.11 68.52
CA VAL M 73 -23.34 -36.36 68.80
C VAL M 73 -22.91 -35.59 67.56
N ARG M 74 -22.54 -34.33 67.75
CA ARG M 74 -22.03 -33.50 66.68
C ARG M 74 -20.50 -33.44 66.76
N PRO M 75 -19.77 -33.40 65.62
CA PRO M 75 -18.30 -33.44 65.68
C PRO M 75 -17.69 -32.38 66.57
N ASP M 76 -18.25 -31.17 66.57
CA ASP M 76 -17.64 -30.04 67.26
C ASP M 76 -17.44 -30.32 68.74
N GLU M 77 -18.45 -30.90 69.39
CA GLU M 77 -18.30 -31.24 70.80
C GLU M 77 -17.94 -32.70 71.02
N ALA M 78 -17.33 -33.38 70.05
CA ALA M 78 -16.97 -34.78 70.19
C ALA M 78 -16.15 -35.02 71.45
N GLU M 79 -15.10 -34.22 71.63
CA GLU M 79 -14.31 -34.26 72.86
C GLU M 79 -15.21 -34.16 74.09
N LYS M 80 -16.09 -33.15 74.09
CA LYS M 80 -17.11 -33.02 75.13
C LYS M 80 -17.76 -34.35 75.46
N VAL M 81 -18.25 -35.05 74.44
CA VAL M 81 -19.03 -36.27 74.67
C VAL M 81 -18.17 -37.32 75.37
N LYS M 82 -16.89 -37.39 75.04
CA LYS M 82 -16.02 -38.36 75.70
C LYS M 82 -16.05 -38.16 77.21
N SER M 83 -16.03 -36.90 77.65
CA SER M 83 -16.10 -36.64 79.08
C SER M 83 -17.39 -37.20 79.67
N LEU M 84 -18.50 -37.04 78.96
CA LEU M 84 -19.76 -37.59 79.42
C LEU M 84 -19.66 -39.11 79.58
N VAL M 85 -18.92 -39.76 78.69
CA VAL M 85 -18.70 -41.20 78.84
C VAL M 85 -17.86 -41.48 80.08
N ARG M 86 -16.85 -40.65 80.32
CA ARG M 86 -15.96 -40.86 81.46
C ARG M 86 -16.66 -40.51 82.77
N GLU M 87 -17.39 -39.39 82.77
CA GLU M 87 -18.01 -38.93 84.01
C GLU M 87 -19.21 -39.79 84.40
N ARG M 88 -20.09 -40.12 83.45
CA ARG M 88 -21.33 -40.80 83.75
C ARG M 88 -21.24 -42.32 83.70
N GLY M 89 -20.09 -42.87 83.32
CA GLY M 89 -19.92 -44.31 83.28
C GLY M 89 -20.42 -44.94 81.99
N SER M 90 -21.57 -44.47 81.50
CA SER M 90 -22.12 -44.94 80.25
C SER M 90 -22.94 -43.83 79.63
N TYR M 91 -22.91 -43.76 78.30
CA TYR M 91 -23.60 -42.69 77.60
C TYR M 91 -24.03 -43.17 76.22
N LYS M 92 -25.20 -42.71 75.77
CA LYS M 92 -25.78 -43.17 74.52
C LYS M 92 -25.42 -42.21 73.39
N VAL M 93 -24.94 -42.76 72.29
CA VAL M 93 -24.43 -41.96 71.17
C VAL M 93 -24.94 -42.51 69.85
N ILE M 94 -25.43 -41.63 69.00
CA ILE M 94 -25.78 -41.95 67.62
C ILE M 94 -24.54 -41.69 66.77
N ASP M 95 -24.07 -42.72 66.07
CA ASP M 95 -22.87 -42.56 65.25
C ASP M 95 -22.77 -43.65 64.21
N ARG M 96 -22.07 -43.34 63.12
CA ARG M 96 -21.68 -44.36 62.15
C ARG M 96 -20.41 -45.03 62.63
N VAL M 97 -20.52 -46.29 63.01
CA VAL M 97 -19.42 -47.03 63.62
C VAL M 97 -18.99 -48.13 62.66
N THR M 98 -17.67 -48.29 62.51
CA THR M 98 -17.08 -49.39 61.76
C THR M 98 -16.32 -50.27 62.73
N VAL M 99 -16.12 -51.54 62.37
CA VAL M 99 -15.39 -52.45 63.23
C VAL M 99 -14.28 -53.11 62.43
N LYS M 100 -13.19 -53.44 63.12
CA LYS M 100 -12.06 -54.15 62.53
C LYS M 100 -11.51 -55.13 63.55
N LEU M 101 -10.80 -56.13 63.05
CA LEU M 101 -10.21 -57.15 63.92
C LEU M 101 -8.72 -56.93 64.04
N ASN M 102 -8.24 -56.61 65.25
CA ASN M 102 -6.83 -56.44 65.51
C ASN M 102 -6.26 -57.81 65.85
N GLU M 103 -5.50 -58.36 64.89
CA GLU M 103 -4.91 -59.68 65.07
C GLU M 103 -3.88 -59.69 66.20
N ARG M 104 -3.00 -58.69 66.23
CA ARG M 104 -1.98 -58.64 67.26
C ARG M 104 -2.61 -58.51 68.65
N LYS M 105 -3.62 -57.67 68.79
CA LYS M 105 -4.44 -57.62 69.99
C LYS M 105 -5.49 -58.72 70.00
N ASP M 106 -5.76 -59.35 68.86
CA ASP M 106 -6.68 -60.48 68.77
C ASP M 106 -8.05 -60.13 69.33
N LYS M 107 -8.59 -58.99 68.91
CA LYS M 107 -9.85 -58.53 69.46
C LYS M 107 -10.48 -57.49 68.53
N TYR M 108 -11.78 -57.28 68.71
CA TYR M 108 -12.56 -56.44 67.81
C TYR M 108 -12.62 -55.02 68.32
N GLU M 109 -12.24 -54.07 67.47
CA GLU M 109 -12.10 -52.68 67.85
C GLU M 109 -12.87 -51.83 66.84
N ALA M 110 -13.58 -50.83 67.33
CA ALA M 110 -14.49 -50.04 66.52
C ALA M 110 -13.98 -48.61 66.38
N SER M 111 -14.20 -48.04 65.20
CA SER M 111 -13.87 -46.66 64.88
C SER M 111 -15.16 -45.88 64.71
N PHE M 112 -15.26 -44.75 65.40
CA PHE M 112 -16.42 -43.87 65.35
C PHE M 112 -16.14 -42.77 64.33
N SER M 113 -16.93 -42.73 63.26
CA SER M 113 -16.71 -41.74 62.20
C SER M 113 -16.89 -40.32 62.72
N ASN M 114 -17.88 -40.11 63.58
CA ASN M 114 -18.16 -38.78 64.08
C ASN M 114 -17.30 -38.43 65.30
N LEU M 115 -17.29 -39.29 66.32
CA LEU M 115 -16.48 -39.02 67.50
C LEU M 115 -14.99 -39.00 67.20
N GLY M 116 -14.53 -39.80 66.24
CA GLY M 116 -13.11 -39.88 65.97
C GLY M 116 -12.36 -40.93 66.75
N ILE M 117 -13.01 -41.58 67.72
CA ILE M 117 -12.38 -42.69 68.42
C ILE M 117 -12.25 -43.87 67.47
N LYS M 118 -11.03 -44.39 67.35
CA LYS M 118 -10.72 -45.39 66.33
C LYS M 118 -10.53 -46.80 66.89
N ASP M 119 -10.47 -46.95 68.21
CA ASP M 119 -10.18 -48.24 68.81
C ASP M 119 -11.01 -48.54 70.06
N ALA M 120 -12.33 -48.30 70.04
CA ALA M 120 -13.16 -48.69 71.18
C ALA M 120 -13.38 -50.20 71.17
N GLU M 121 -13.17 -50.84 72.33
CA GLU M 121 -13.27 -52.29 72.39
C GLU M 121 -14.73 -52.73 72.27
N ILE M 122 -15.00 -53.70 71.40
CA ILE M 122 -16.35 -54.20 71.19
C ILE M 122 -16.34 -55.73 71.30
N SER M 123 -17.36 -56.28 71.95
CA SER M 123 -17.42 -57.71 72.20
C SER M 123 -17.54 -58.49 70.89
N ALA M 124 -17.01 -59.71 70.90
CA ALA M 124 -17.06 -60.56 69.71
C ALA M 124 -18.48 -61.03 69.41
N GLY M 125 -19.31 -61.18 70.43
CA GLY M 125 -20.68 -61.63 70.20
C GLY M 125 -21.48 -60.62 69.38
N ILE M 126 -21.32 -59.33 69.70
CA ILE M 126 -22.02 -58.30 68.95
C ILE M 126 -21.53 -58.26 67.50
N VAL M 127 -20.23 -58.51 67.30
CA VAL M 127 -19.70 -58.62 65.95
C VAL M 127 -20.34 -59.79 65.22
N LYS M 128 -20.50 -60.93 65.92
CA LYS M 128 -21.18 -62.07 65.32
C LYS M 128 -22.61 -61.72 64.91
N GLU M 129 -23.33 -61.02 65.79
CA GLU M 129 -24.73 -60.73 65.53
C GLU M 129 -24.90 -59.81 64.33
N TYR M 130 -24.03 -58.80 64.19
CA TYR M 130 -24.25 -57.73 63.23
C TYR M 130 -22.97 -57.57 62.40
N GLU M 131 -22.84 -58.35 61.33
CA GLU M 131 -21.55 -58.40 60.64
C GLU M 131 -21.42 -57.29 59.59
N LYS M 132 -22.50 -56.57 59.28
CA LYS M 132 -22.33 -55.40 58.43
C LYS M 132 -21.61 -54.27 59.16
N LEU M 133 -21.42 -54.39 60.47
CA LEU M 133 -20.47 -53.53 61.15
C LEU M 133 -19.09 -53.62 60.49
N LEU M 134 -18.76 -54.78 59.92
CA LEU M 134 -17.50 -54.95 59.22
C LEU M 134 -17.51 -54.34 57.82
N VAL M 135 -18.68 -54.07 57.24
CA VAL M 135 -18.77 -53.77 55.83
C VAL M 135 -18.41 -52.32 55.50
N GLY M 136 -19.20 -51.34 55.93
CA GLY M 136 -18.95 -49.97 55.53
C GLY M 136 -19.21 -48.97 56.63
N GLY M 137 -19.42 -49.46 57.84
CA GLY M 137 -19.74 -48.58 58.95
C GLY M 137 -21.21 -48.24 58.94
N ILE M 138 -21.91 -48.61 60.00
CA ILE M 138 -23.37 -48.47 60.05
C ILE M 138 -23.74 -47.51 61.16
N TRP M 139 -24.78 -46.72 60.92
CA TRP M 139 -25.30 -45.83 61.95
C TRP M 139 -25.96 -46.66 63.04
N VAL M 140 -25.53 -46.45 64.28
CA VAL M 140 -25.97 -47.23 65.43
C VAL M 140 -26.04 -46.33 66.65
N ILE M 141 -26.81 -46.78 67.63
CA ILE M 141 -26.79 -46.21 68.97
C ILE M 141 -25.86 -47.06 69.81
N ALA M 142 -24.84 -46.45 70.40
CA ALA M 142 -23.87 -47.14 71.22
C ALA M 142 -23.99 -46.68 72.66
N THR M 143 -23.91 -47.64 73.59
CA THR M 143 -23.82 -47.34 75.01
C THR M 143 -22.36 -47.36 75.41
N LEU M 144 -21.66 -46.26 75.17
CA LEU M 144 -20.23 -46.18 75.41
C LEU M 144 -19.95 -46.17 76.91
N SER M 145 -18.98 -46.98 77.31
CA SER M 145 -18.55 -47.09 78.69
C SER M 145 -17.06 -46.79 78.80
N TYR M 146 -16.66 -46.21 79.92
CA TYR M 146 -15.29 -45.80 80.17
C TYR M 146 -14.70 -46.68 81.28
N TYR M 147 -13.53 -47.26 81.01
CA TYR M 147 -12.81 -48.03 82.01
C TYR M 147 -11.33 -47.90 81.73
N PHE M 148 -10.60 -47.28 82.66
CA PHE M 148 -9.18 -47.00 82.48
C PHE M 148 -8.39 -47.68 83.59
N GLU M 149 -7.31 -48.37 83.21
CA GLU M 149 -6.37 -48.94 84.15
C GLU M 149 -4.97 -48.47 83.82
N GLU M 150 -4.13 -48.32 84.85
CA GLU M 150 -2.78 -47.79 84.65
C GLU M 150 -1.95 -48.75 83.82
N GLY M 151 -1.22 -48.20 82.85
CA GLY M 151 -0.34 -48.98 82.00
C GLY M 151 -1.02 -49.67 80.83
N GLN M 152 -2.33 -49.50 80.68
CA GLN M 152 -3.03 -50.15 79.59
C GLN M 152 -2.64 -49.55 78.25
N THR M 153 -2.64 -50.37 77.21
CA THR M 153 -2.39 -49.90 75.86
C THR M 153 -3.67 -49.82 75.02
N SER M 154 -4.75 -50.46 75.47
CA SER M 154 -6.01 -50.39 74.77
C SER M 154 -6.76 -49.12 75.15
N SER M 155 -7.75 -48.78 74.33
CA SER M 155 -8.57 -47.61 74.62
C SER M 155 -9.40 -47.85 75.88
N PRO M 156 -9.61 -46.82 76.71
CA PRO M 156 -10.47 -46.98 77.88
C PRO M 156 -11.95 -47.08 77.55
N PHE M 157 -12.33 -46.87 76.29
CA PHE M 157 -13.74 -46.84 75.91
C PHE M 157 -14.23 -48.24 75.55
N GLY M 158 -15.33 -48.65 76.17
CA GLY M 158 -15.93 -49.92 75.87
C GLY M 158 -17.38 -49.76 75.47
N VAL M 159 -17.81 -50.57 74.52
CA VAL M 159 -19.16 -50.53 73.98
C VAL M 159 -19.94 -51.68 74.61
N SER M 160 -20.94 -51.34 75.42
CA SER M 160 -21.73 -52.35 76.13
C SER M 160 -22.95 -52.81 75.34
N LEU M 161 -23.73 -51.87 74.82
CA LEU M 161 -24.95 -52.20 74.08
C LEU M 161 -24.93 -51.48 72.74
N LEU M 162 -25.38 -52.18 71.70
CA LEU M 162 -25.42 -51.63 70.35
C LEU M 162 -26.81 -51.79 69.77
N LYS M 163 -27.29 -50.72 69.13
CA LYS M 163 -28.58 -50.69 68.46
C LYS M 163 -28.36 -50.40 66.98
N PRO M 164 -28.46 -51.40 66.11
CA PRO M 164 -28.13 -51.25 64.68
C PRO M 164 -29.22 -50.51 63.89
N ILE M 165 -29.13 -49.18 63.90
CA ILE M 165 -30.19 -48.35 63.34
C ILE M 165 -30.30 -48.53 61.83
N GLN M 166 -29.26 -49.07 61.20
CA GLN M 166 -29.29 -49.26 59.74
C GLN M 166 -29.91 -50.57 59.30
N MET M 167 -29.35 -51.71 59.66
CA MET M 167 -29.88 -53.01 59.31
C MET M 167 -29.08 -54.11 60.00
N PRO M 168 -29.72 -55.01 60.72
CA PRO M 168 -28.97 -56.06 61.39
C PRO M 168 -28.14 -56.93 60.47
N ASN M 169 -28.79 -57.64 59.54
CA ASN M 169 -28.14 -58.57 58.62
C ASN M 169 -29.05 -58.90 57.44
N MET M 170 -28.69 -59.91 56.66
CA MET M 170 -29.52 -60.32 55.53
C MET M 170 -29.27 -61.76 55.13
N ASN M 171 -30.28 -62.62 55.26
CA ASN M 171 -30.20 -63.98 54.76
C ASN M 171 -30.47 -64.02 53.25
N MET M 172 -29.61 -64.72 52.51
CA MET M 172 -29.80 -64.84 51.07
C MET M 172 -31.07 -65.62 50.74
N ASP M 173 -31.30 -66.72 51.47
CA ASP M 173 -32.44 -67.58 51.16
C ASP M 173 -33.75 -66.94 51.57
N GLU M 174 -33.69 -65.90 52.40
CA GLU M 174 -34.89 -65.22 52.88
C GLU M 174 -35.66 -64.61 51.72
N LEU M 175 -34.94 -64.00 50.78
CA LEU M 175 -35.57 -63.42 49.61
C LEU M 175 -36.00 -64.51 48.63
N PHE M 176 -35.23 -65.61 48.56
CA PHE M 176 -35.55 -66.71 47.67
C PHE M 176 -36.87 -67.35 48.04
N SER M 177 -37.14 -67.49 49.34
CA SER M 177 -38.41 -68.04 49.80
C SER M 177 -39.58 -67.22 49.26
N GLY M 178 -39.51 -65.90 49.40
CA GLY M 178 -40.55 -65.04 48.88
C GLY M 178 -40.65 -65.04 47.37
N ARG M 179 -39.52 -65.09 46.67
CA ARG M 179 -39.52 -65.12 45.22
C ARG M 179 -40.19 -66.39 44.69
N ALA M 180 -39.88 -67.53 45.31
CA ALA M 180 -40.58 -68.76 44.96
C ALA M 180 -42.06 -68.68 45.34
N ALA M 181 -42.36 -67.99 46.42
CA ALA M 181 -43.73 -67.87 46.92
C ALA M 181 -44.61 -67.02 46.01
N LEU M 182 -44.05 -65.98 45.40
CA LEU M 182 -44.85 -65.02 44.64
C LEU M 182 -44.68 -65.24 43.14
N SER M 183 -45.64 -64.74 42.38
CA SER M 183 -45.67 -64.93 40.93
C SER M 183 -44.76 -63.94 40.23
N THR M 184 -44.61 -64.14 38.92
CA THR M 184 -43.71 -63.31 38.12
C THR M 184 -44.20 -61.87 38.04
N ASP M 185 -45.46 -61.67 37.67
CA ASP M 185 -45.98 -60.32 37.54
C ASP M 185 -46.01 -59.62 38.89
N GLN M 186 -46.37 -60.37 39.95
CA GLN M 186 -46.28 -59.83 41.30
C GLN M 186 -44.86 -59.44 41.64
N TRP M 187 -43.89 -60.26 41.23
CA TRP M 187 -42.48 -59.95 41.49
C TRP M 187 -42.06 -58.67 40.80
N ARG M 188 -42.46 -58.49 39.53
CA ARG M 188 -42.12 -57.27 38.81
C ARG M 188 -42.77 -56.05 39.46
N GLU M 189 -44.03 -56.21 39.89
CA GLU M 189 -44.71 -55.11 40.57
C GLU M 189 -44.00 -54.76 41.88
N SER M 190 -43.55 -55.77 42.62
CA SER M 190 -42.83 -55.52 43.87
C SER M 190 -41.51 -54.80 43.60
N LEU M 191 -40.80 -55.21 42.55
CA LEU M 191 -39.56 -54.53 42.19
C LEU M 191 -39.82 -53.08 41.81
N ILE M 192 -40.92 -52.81 41.10
CA ILE M 192 -41.29 -51.44 40.79
C ILE M 192 -41.59 -50.67 42.06
N ARG M 193 -42.29 -51.30 43.01
CA ARG M 193 -42.51 -50.67 44.31
C ARG M 193 -41.19 -50.39 45.02
N SER M 194 -40.16 -51.20 44.74
CA SER M 194 -38.89 -51.06 45.43
C SER M 194 -38.20 -49.75 45.06
N ILE M 195 -38.44 -49.23 43.86
CA ILE M 195 -37.92 -47.93 43.48
C ILE M 195 -38.78 -46.85 44.09
N GLY M 196 -40.01 -47.22 44.45
CA GLY M 196 -41.01 -46.26 44.86
C GLY M 196 -41.96 -45.84 43.77
N MET M 197 -41.95 -46.53 42.64
CA MET M 197 -42.83 -46.24 41.51
C MET M 197 -44.12 -47.02 41.66
N GLU M 198 -45.19 -46.50 41.05
CA GLU M 198 -46.48 -47.19 41.09
C GLU M 198 -46.69 -47.98 39.80
N PRO M 199 -46.61 -49.31 39.87
CA PRO M 199 -46.79 -50.11 38.64
C PRO M 199 -48.15 -49.93 38.00
N ALA M 200 -49.20 -49.73 38.80
CA ALA M 200 -50.53 -49.55 38.24
C ALA M 200 -50.65 -48.26 37.44
N SER M 201 -49.91 -47.22 37.82
CA SER M 201 -49.95 -45.96 37.12
C SER M 201 -49.09 -45.94 35.86
N LEU M 202 -48.33 -47.01 35.61
CA LEU M 202 -47.40 -47.06 34.50
C LEU M 202 -47.73 -48.26 33.63
N LYS M 203 -47.25 -48.24 32.39
CA LYS M 203 -47.48 -49.34 31.48
C LYS M 203 -46.56 -50.51 31.79
N GLU M 204 -46.87 -51.67 31.23
CA GLU M 204 -46.03 -52.84 31.40
C GLU M 204 -44.67 -52.65 30.77
N ASP M 205 -44.64 -52.04 29.58
CA ASP M 205 -43.36 -51.76 28.93
C ASP M 205 -42.56 -50.73 29.72
N VAL M 206 -43.24 -49.80 30.38
CA VAL M 206 -42.54 -48.86 31.26
C VAL M 206 -41.91 -49.60 32.43
N GLN M 207 -42.62 -50.61 32.96
CA GLN M 207 -42.03 -51.45 34.00
C GLN M 207 -40.81 -52.18 33.48
N TRP M 208 -40.86 -52.65 32.23
CA TRP M 208 -39.69 -53.30 31.64
C TRP M 208 -38.53 -52.32 31.51
N HIS M 209 -38.82 -51.06 31.16
CA HIS M 209 -37.78 -50.05 31.11
C HIS M 209 -37.16 -49.80 32.48
N LEU M 210 -38.00 -49.75 33.52
CA LEU M 210 -37.48 -49.60 34.88
C LEU M 210 -36.63 -50.80 35.28
N LEU M 211 -37.05 -52.01 34.88
CA LEU M 211 -36.24 -53.20 35.16
C LEU M 211 -34.89 -53.13 34.46
N ALA M 212 -34.89 -52.66 33.21
CA ALA M 212 -33.62 -52.42 32.52
C ALA M 212 -32.79 -51.39 33.26
N ARG M 213 -33.44 -50.37 33.85
CA ARG M 213 -32.73 -49.42 34.69
C ARG M 213 -32.12 -50.10 35.91
N MET M 214 -32.78 -51.12 36.45
CA MET M 214 -32.24 -51.86 37.59
C MET M 214 -31.10 -52.80 37.20
N VAL M 215 -31.08 -53.28 35.96
CA VAL M 215 -30.11 -54.28 35.51
C VAL M 215 -28.66 -53.90 35.82
N PRO M 216 -28.21 -52.66 35.59
CA PRO M 216 -26.81 -52.33 35.89
C PRO M 216 -26.39 -52.63 37.31
N PHE M 217 -27.31 -52.54 38.26
CA PHE M 217 -26.99 -52.86 39.64
C PHE M 217 -26.84 -54.35 39.87
N VAL M 218 -27.22 -55.16 38.88
CA VAL M 218 -27.15 -56.61 39.04
C VAL M 218 -26.15 -57.26 38.09
N GLU M 219 -25.74 -56.57 37.03
CA GLU M 219 -24.78 -57.09 36.06
C GLU M 219 -23.44 -56.41 36.22
N ASN M 220 -22.37 -57.20 36.20
CA ASN M 220 -21.02 -56.68 36.29
C ASN M 220 -20.57 -56.12 34.95
N ASN M 221 -19.93 -54.94 35.00
CA ASN M 221 -19.44 -54.26 33.81
C ASN M 221 -20.57 -54.06 32.79
N TYR M 222 -21.73 -53.67 33.30
CA TYR M 222 -22.94 -53.55 32.48
C TYR M 222 -22.94 -52.16 31.84
N ASN M 223 -22.43 -52.09 30.61
CA ASN M 223 -22.41 -50.84 29.88
C ASN M 223 -23.78 -50.55 29.29
N VAL M 224 -24.35 -49.41 29.65
CA VAL M 224 -25.73 -49.07 29.30
C VAL M 224 -25.84 -47.55 29.15
N CYS M 225 -26.71 -47.12 28.23
CA CYS M 225 -26.94 -45.71 28.01
C CYS M 225 -28.44 -45.41 27.99
N GLU M 226 -28.83 -44.39 28.76
CA GLU M 226 -30.19 -43.88 28.77
C GLU M 226 -30.16 -42.42 28.36
N LEU M 227 -30.79 -42.11 27.23
CA LEU M 227 -30.83 -40.76 26.68
C LEU M 227 -32.28 -40.39 26.42
N GLY M 228 -32.71 -39.29 27.02
CA GLY M 228 -34.10 -38.90 26.90
C GLY M 228 -34.41 -37.51 27.44
N PRO M 229 -35.63 -37.04 27.18
CA PRO M 229 -36.04 -35.72 27.67
C PRO M 229 -36.10 -35.66 29.19
N ARG M 230 -35.99 -34.44 29.72
CA ARG M 230 -35.95 -34.24 31.16
C ARG M 230 -37.27 -34.64 31.81
N GLY M 231 -37.19 -35.00 33.09
CA GLY M 231 -38.37 -35.34 33.86
C GLY M 231 -38.64 -36.81 34.03
N THR M 232 -37.73 -37.68 33.57
CA THR M 232 -37.91 -39.11 33.70
C THR M 232 -37.12 -39.70 34.86
N GLY M 233 -36.51 -38.85 35.70
CA GLY M 233 -35.79 -39.33 36.86
C GLY M 233 -34.62 -40.25 36.56
N LYS M 234 -33.88 -39.97 35.48
CA LYS M 234 -32.78 -40.84 35.10
C LYS M 234 -31.69 -40.84 36.17
N SER M 235 -31.35 -39.67 36.70
CA SER M 235 -30.29 -39.55 37.68
C SER M 235 -30.73 -39.91 39.09
N HIS M 236 -32.04 -40.00 39.34
CA HIS M 236 -32.52 -40.35 40.68
C HIS M 236 -32.12 -41.77 41.06
N ILE M 237 -32.23 -42.71 40.11
CA ILE M 237 -32.03 -44.11 40.44
C ILE M 237 -30.57 -44.41 40.75
N TYR M 238 -29.65 -43.76 40.04
CA TYR M 238 -28.23 -43.97 40.29
C TYR M 238 -27.70 -43.11 41.44
N LYS M 239 -28.53 -42.27 42.02
CA LYS M 239 -28.11 -41.42 43.13
C LYS M 239 -28.69 -41.83 44.47
N GLU M 240 -29.94 -42.27 44.51
CA GLU M 240 -30.60 -42.56 45.77
C GLU M 240 -31.11 -43.98 45.91
N CYS M 241 -31.09 -44.79 44.85
CA CYS M 241 -31.55 -46.16 44.92
C CYS M 241 -30.45 -47.15 45.28
N SER M 242 -29.23 -46.68 45.54
CA SER M 242 -28.16 -47.57 45.94
C SER M 242 -27.01 -46.77 46.56
N PRO M 243 -26.53 -47.16 47.75
CA PRO M 243 -25.28 -46.60 48.25
C PRO M 243 -24.04 -47.19 47.58
N ASN M 244 -24.20 -48.24 46.78
CA ASN M 244 -23.10 -48.83 46.03
C ASN M 244 -23.04 -48.29 44.60
N SER M 245 -23.71 -47.17 44.34
CA SER M 245 -23.69 -46.53 43.04
C SER M 245 -23.28 -45.07 43.19
N ILE M 246 -22.49 -44.59 42.24
CA ILE M 246 -21.99 -43.22 42.22
C ILE M 246 -22.44 -42.54 40.93
N LEU M 247 -22.90 -41.31 41.06
CA LEU M 247 -23.34 -40.49 39.93
C LEU M 247 -22.29 -39.41 39.70
N VAL M 248 -21.32 -39.72 38.85
CA VAL M 248 -20.27 -38.78 38.55
C VAL M 248 -20.78 -37.71 37.59
N SER M 249 -20.44 -36.46 37.88
CA SER M 249 -20.79 -35.32 37.03
C SER M 249 -19.56 -34.43 36.94
N GLY M 250 -19.76 -33.21 36.44
CA GLY M 250 -18.66 -32.27 36.26
C GLY M 250 -17.97 -32.44 34.94
N GLY M 251 -17.61 -33.69 34.60
CA GLY M 251 -17.05 -33.99 33.30
C GLY M 251 -15.54 -33.97 33.25
N GLN M 252 -14.90 -33.43 34.30
CA GLN M 252 -13.44 -33.42 34.32
C GLN M 252 -12.87 -34.82 34.31
N THR M 253 -13.39 -35.69 35.19
CA THR M 253 -13.24 -37.15 35.12
C THR M 253 -11.88 -37.61 34.63
N THR M 254 -10.81 -37.15 35.27
CA THR M 254 -9.45 -37.50 34.83
C THR M 254 -9.23 -38.99 34.97
N VAL M 255 -8.47 -39.58 34.03
CA VAL M 255 -8.19 -41.00 34.09
C VAL M 255 -7.42 -41.36 35.35
N ALA M 256 -6.65 -40.40 35.88
CA ALA M 256 -6.00 -40.61 37.17
C ALA M 256 -7.03 -40.76 38.29
N ASN M 257 -8.05 -39.89 38.30
CA ASN M 257 -9.11 -40.01 39.28
C ASN M 257 -10.06 -41.16 38.94
N LEU M 258 -10.44 -41.27 37.67
CA LEU M 258 -11.44 -42.26 37.28
C LEU M 258 -10.93 -43.68 37.40
N PHE M 259 -9.72 -43.95 36.90
CA PHE M 259 -9.28 -45.31 36.63
C PHE M 259 -8.13 -45.72 37.53
N TYR M 260 -7.02 -45.00 37.53
CA TYR M 260 -5.86 -45.37 38.32
C TYR M 260 -4.96 -44.16 38.47
N ASN M 261 -4.65 -43.82 39.72
CA ASN M 261 -3.71 -42.74 40.02
C ASN M 261 -2.31 -43.33 40.07
N MET M 262 -1.57 -43.18 38.97
CA MET M 262 -0.23 -43.75 38.90
C MET M 262 0.70 -43.12 39.94
N SER M 263 0.42 -41.89 40.35
CA SER M 263 1.23 -41.25 41.37
C SER M 263 1.04 -41.92 42.74
N SER M 264 -0.21 -42.20 43.11
CA SER M 264 -0.51 -42.80 44.40
C SER M 264 -0.60 -44.32 44.36
N ARG M 265 -0.53 -44.92 43.16
CA ARG M 265 -0.64 -46.37 43.00
C ARG M 265 -1.94 -46.90 43.60
N ARG M 266 -3.03 -46.17 43.38
CA ARG M 266 -4.33 -46.51 43.94
C ARG M 266 -5.39 -46.49 42.86
N ILE M 267 -6.39 -47.36 43.01
CA ILE M 267 -7.45 -47.50 42.02
C ILE M 267 -8.38 -46.29 42.09
N GLY M 268 -9.10 -46.05 40.99
CA GLY M 268 -10.04 -44.95 40.91
C GLY M 268 -11.42 -45.32 41.40
N LEU M 269 -12.42 -44.56 40.91
CA LEU M 269 -13.80 -44.81 41.28
C LEU M 269 -14.28 -46.17 40.79
N VAL M 270 -13.83 -46.58 39.60
CA VAL M 270 -14.31 -47.81 39.00
C VAL M 270 -14.01 -49.02 39.87
N GLY M 271 -12.95 -48.96 40.67
CA GLY M 271 -12.61 -50.05 41.55
C GLY M 271 -13.30 -50.05 42.89
N LEU M 272 -13.99 -48.96 43.24
CA LEU M 272 -14.59 -48.83 44.57
C LEU M 272 -16.12 -48.87 44.55
N TRP M 273 -16.75 -48.47 43.45
CA TRP M 273 -18.20 -48.45 43.35
C TRP M 273 -18.69 -49.63 42.52
N ASP M 274 -20.00 -49.82 42.52
CA ASP M 274 -20.58 -50.92 41.74
C ASP M 274 -21.28 -50.41 40.49
N VAL M 275 -21.84 -49.20 40.52
CA VAL M 275 -22.52 -48.61 39.37
C VAL M 275 -22.09 -47.17 39.22
N VAL M 276 -21.22 -46.89 38.26
CA VAL M 276 -20.75 -45.54 38.01
C VAL M 276 -21.50 -44.99 36.80
N ALA M 277 -22.08 -43.80 36.96
CA ALA M 277 -22.91 -43.21 35.92
C ALA M 277 -22.48 -41.79 35.62
N PHE M 278 -22.12 -41.52 34.37
CA PHE M 278 -21.86 -40.17 33.89
C PHE M 278 -23.21 -39.47 33.69
N ASP M 279 -23.47 -38.48 34.53
CA ASP M 279 -24.60 -37.58 34.30
C ASP M 279 -24.17 -36.48 33.35
N GLU M 280 -25.12 -35.96 32.57
CA GLU M 280 -24.82 -34.93 31.58
C GLU M 280 -23.76 -35.40 30.60
N VAL M 281 -24.04 -36.46 29.84
CA VAL M 281 -23.06 -37.00 28.91
C VAL M 281 -22.67 -35.97 27.86
N ALA M 282 -23.50 -34.95 27.67
CA ALA M 282 -23.10 -33.84 26.80
C ALA M 282 -21.91 -33.10 27.39
N GLY M 283 -21.89 -32.92 28.71
CA GLY M 283 -20.85 -32.15 29.36
C GLY M 283 -19.60 -32.93 29.74
N ILE M 284 -19.55 -34.23 29.43
CA ILE M 284 -18.37 -35.01 29.83
C ILE M 284 -17.18 -34.57 28.99
N SER M 285 -15.99 -34.74 29.56
CA SER M 285 -14.75 -34.35 28.90
C SER M 285 -13.66 -35.35 29.29
N PHE M 286 -12.46 -35.14 28.74
CA PHE M 286 -11.33 -36.02 29.01
C PHE M 286 -10.01 -35.26 28.82
N LYS M 287 -9.33 -34.95 29.93
CA LYS M 287 -8.08 -34.23 29.83
C LYS M 287 -6.99 -35.07 29.18
N ASP M 288 -6.87 -36.34 29.57
CA ASP M 288 -5.90 -37.25 28.98
C ASP M 288 -6.40 -37.70 27.62
N LYS M 289 -5.57 -37.49 26.58
CA LYS M 289 -6.01 -37.78 25.22
C LYS M 289 -6.29 -39.26 25.02
N ASP M 290 -5.63 -40.13 25.79
CA ASP M 290 -5.83 -41.56 25.66
C ASP M 290 -7.01 -42.08 26.48
N GLY M 291 -7.70 -41.20 27.21
CA GLY M 291 -8.78 -41.66 28.07
C GLY M 291 -9.90 -42.33 27.30
N VAL M 292 -10.16 -41.87 26.08
CA VAL M 292 -11.21 -42.47 25.27
C VAL M 292 -10.89 -43.93 24.98
N GLN M 293 -9.68 -44.22 24.51
CA GLN M 293 -9.31 -45.59 24.22
C GLN M 293 -9.28 -46.45 25.49
N ILE M 294 -8.92 -45.84 26.62
CA ILE M 294 -8.96 -46.57 27.88
C ILE M 294 -10.39 -46.98 28.20
N MET M 295 -11.35 -46.07 27.98
CA MET M 295 -12.75 -46.42 28.18
C MET M 295 -13.20 -47.52 27.21
N LYS M 296 -12.76 -47.44 25.96
CA LYS M 296 -13.11 -48.48 24.99
C LYS M 296 -12.60 -49.83 25.45
N ASP M 297 -11.35 -49.88 25.92
CA ASP M 297 -10.81 -51.14 26.43
C ASP M 297 -11.56 -51.62 27.66
N TYR M 298 -11.92 -50.70 28.57
CA TYR M 298 -12.60 -51.12 29.78
C TYR M 298 -13.97 -51.71 29.49
N MET M 299 -14.73 -51.08 28.59
CA MET M 299 -16.03 -51.65 28.25
C MET M 299 -15.93 -52.86 27.33
N ALA M 300 -14.87 -52.97 26.53
CA ALA M 300 -14.67 -54.18 25.75
C ALA M 300 -14.49 -55.39 26.65
N SER M 301 -13.73 -55.24 27.74
CA SER M 301 -13.61 -56.28 28.76
C SER M 301 -13.17 -55.56 30.03
N GLY M 302 -13.77 -55.92 31.16
CA GLY M 302 -13.57 -55.17 32.37
C GLY M 302 -12.18 -55.32 32.97
N SER M 303 -11.17 -55.05 32.14
CA SER M 303 -9.77 -55.08 32.57
C SER M 303 -8.91 -54.32 31.58
N PHE M 304 -8.30 -53.22 32.01
CA PHE M 304 -7.51 -52.37 31.14
C PHE M 304 -6.08 -52.27 31.66
N ALA M 305 -5.14 -52.11 30.73
CA ALA M 305 -3.75 -51.90 31.09
C ALA M 305 -3.56 -50.51 31.64
N ARG M 306 -2.53 -50.31 32.45
CA ARG M 306 -2.22 -48.99 32.99
C ARG M 306 -0.72 -48.73 32.92
N GLY M 307 -0.25 -48.22 31.79
CA GLY M 307 1.15 -47.96 31.61
C GLY M 307 1.94 -49.25 31.46
N ARG M 308 2.06 -49.99 32.57
CA ARG M 308 2.80 -51.24 32.55
C ARG M 308 2.15 -52.32 33.40
N GLU M 309 0.84 -52.19 33.66
CA GLU M 309 0.15 -53.16 34.51
C GLU M 309 -1.32 -53.16 34.14
N GLN M 310 -1.92 -54.34 34.05
CA GLN M 310 -3.33 -54.48 33.67
C GLN M 310 -4.19 -54.53 34.92
N MET M 311 -4.98 -53.47 35.14
CA MET M 311 -5.93 -53.44 36.23
C MET M 311 -7.32 -53.76 35.69
N GLU M 312 -8.27 -53.99 36.60
CA GLU M 312 -9.61 -54.43 36.24
C GLU M 312 -10.61 -53.72 37.15
N ALA M 313 -11.89 -53.82 36.79
CA ALA M 313 -12.96 -53.21 37.58
C ALA M 313 -14.28 -53.91 37.32
N SER M 314 -15.19 -53.87 38.29
CA SER M 314 -16.48 -54.52 38.17
C SER M 314 -17.65 -53.53 38.21
N ALA M 315 -17.37 -52.23 38.27
CA ALA M 315 -18.44 -51.24 38.28
C ALA M 315 -19.11 -51.16 36.93
N SER M 316 -20.43 -50.99 36.92
CA SER M 316 -21.17 -50.94 35.67
C SER M 316 -21.16 -49.52 35.12
N MET M 317 -20.96 -49.41 33.82
CA MET M 317 -20.87 -48.14 33.12
C MET M 317 -22.26 -47.69 32.70
N VAL M 318 -22.66 -46.50 33.13
CA VAL M 318 -23.96 -45.92 32.79
C VAL M 318 -23.74 -44.53 32.21
N PHE M 319 -24.42 -44.24 31.11
CA PHE M 319 -24.38 -42.91 30.48
C PHE M 319 -25.78 -42.32 30.47
N VAL M 320 -26.02 -41.29 31.28
CA VAL M 320 -27.30 -40.61 31.38
C VAL M 320 -27.24 -39.31 30.60
N GLY M 321 -28.19 -39.11 29.70
CA GLY M 321 -28.19 -37.91 28.88
C GLY M 321 -29.58 -37.36 28.63
N ASN M 322 -29.63 -36.05 28.40
CA ASN M 322 -30.87 -35.32 28.16
C ASN M 322 -31.04 -35.05 26.68
N ILE M 323 -32.29 -35.08 26.21
CA ILE M 323 -32.62 -34.82 24.81
C ILE M 323 -33.37 -33.50 24.73
N ASN M 324 -32.92 -32.62 23.85
CA ASN M 324 -33.52 -31.30 23.66
C ASN M 324 -34.49 -31.23 22.48
N GLN M 325 -34.70 -32.34 21.77
CA GLN M 325 -35.49 -32.35 20.55
C GLN M 325 -36.57 -33.43 20.63
N SER M 326 -37.53 -33.37 19.71
CA SER M 326 -38.46 -34.46 19.55
C SER M 326 -37.74 -35.70 19.01
N VAL M 327 -38.31 -36.87 19.27
CA VAL M 327 -37.63 -38.12 18.95
C VAL M 327 -37.38 -38.24 17.46
N GLU M 328 -38.41 -38.02 16.65
CA GLU M 328 -38.32 -38.19 15.21
C GLU M 328 -37.30 -37.24 14.61
N SER M 329 -37.39 -35.96 14.96
CA SER M 329 -36.50 -34.95 14.39
C SER M 329 -35.05 -35.25 14.74
N LEU M 330 -34.80 -35.61 15.99
CA LEU M 330 -33.44 -35.90 16.44
C LEU M 330 -32.87 -37.13 15.76
N VAL M 331 -33.67 -38.20 15.66
CA VAL M 331 -33.15 -39.48 15.18
C VAL M 331 -33.14 -39.56 13.65
N LYS M 332 -33.84 -38.66 12.96
CA LYS M 332 -33.85 -38.73 11.50
C LYS M 332 -32.70 -37.94 10.89
N THR M 333 -32.45 -36.73 11.41
CA THR M 333 -31.40 -35.89 10.86
C THR M 333 -30.04 -36.24 11.45
N SER M 334 -30.02 -37.19 12.39
CA SER M 334 -28.79 -37.63 13.03
C SER M 334 -28.99 -39.01 13.62
N HIS M 335 -28.11 -39.42 14.53
CA HIS M 335 -28.29 -40.68 15.25
C HIS M 335 -28.87 -40.38 16.63
N LEU M 336 -29.29 -41.44 17.32
CA LEU M 336 -29.93 -41.29 18.62
C LEU M 336 -28.99 -40.59 19.61
N LEU M 337 -27.72 -41.00 19.63
CA LEU M 337 -26.73 -40.52 20.59
C LEU M 337 -26.09 -39.20 20.19
N ALA M 338 -26.79 -38.41 19.37
CA ALA M 338 -26.30 -37.08 18.99
C ALA M 338 -25.93 -36.21 20.19
N PRO M 339 -26.66 -36.22 21.32
CA PRO M 339 -26.19 -35.47 22.49
C PRO M 339 -24.78 -35.82 22.94
N PHE M 340 -24.33 -37.04 22.67
CA PHE M 340 -22.97 -37.40 23.01
C PHE M 340 -21.98 -36.54 22.21
N PRO M 341 -20.91 -36.07 22.85
CA PRO M 341 -19.98 -35.18 22.15
C PRO M 341 -19.17 -35.91 21.08
N GLU M 342 -18.63 -35.12 20.16
CA GLU M 342 -17.98 -35.66 18.96
C GLU M 342 -16.79 -36.54 19.31
N ALA M 343 -16.07 -36.20 20.37
CA ALA M 343 -14.81 -36.85 20.70
C ALA M 343 -14.99 -38.34 20.97
N MET M 344 -16.17 -38.74 21.44
CA MET M 344 -16.45 -40.13 21.78
C MET M 344 -17.52 -40.79 20.93
N ILE M 345 -18.19 -40.07 20.03
CA ILE M 345 -19.07 -40.73 19.07
C ILE M 345 -18.19 -41.46 18.04
N ASP M 346 -18.49 -42.74 17.81
CA ASP M 346 -17.64 -43.58 16.96
C ASP M 346 -18.32 -44.93 16.75
N SER M 347 -17.74 -45.72 15.86
CA SER M 347 -18.22 -47.06 15.57
C SER M 347 -18.13 -47.97 16.79
N ALA M 348 -16.95 -48.02 17.40
CA ALA M 348 -16.77 -48.77 18.64
C ALA M 348 -17.31 -47.94 19.79
N PHE M 349 -17.00 -48.32 21.03
CA PHE M 349 -17.48 -47.60 22.21
C PHE M 349 -18.99 -47.66 22.25
N PHE M 350 -19.65 -47.04 21.27
CA PHE M 350 -21.09 -47.18 21.12
C PHE M 350 -21.47 -48.64 20.89
N ASP M 351 -20.55 -49.42 20.33
CA ASP M 351 -20.79 -50.85 20.16
C ASP M 351 -20.89 -51.56 21.50
N ARG M 352 -20.13 -51.08 22.48
CA ARG M 352 -19.90 -51.82 23.71
C ARG M 352 -21.11 -51.79 24.65
N PHE M 353 -22.11 -50.95 24.37
CA PHE M 353 -23.29 -50.86 25.22
C PHE M 353 -24.03 -52.19 25.24
N HIS M 354 -24.48 -52.59 26.43
CA HIS M 354 -25.34 -53.76 26.52
C HIS M 354 -26.82 -53.40 26.39
N ALA M 355 -27.15 -52.11 26.52
CA ALA M 355 -28.54 -51.69 26.41
C ALA M 355 -28.62 -50.18 26.20
N TYR M 356 -29.62 -49.78 25.41
CA TYR M 356 -30.06 -48.39 25.32
C TYR M 356 -31.48 -48.33 25.87
N ILE M 357 -31.65 -47.61 26.97
CA ILE M 357 -32.98 -47.41 27.54
C ILE M 357 -33.61 -46.20 26.87
N PRO M 358 -34.72 -46.38 26.14
CA PRO M 358 -35.33 -45.24 25.43
C PRO M 358 -36.07 -44.31 26.39
N GLY M 359 -35.33 -43.38 26.98
CA GLY M 359 -35.87 -42.50 28.01
C GLY M 359 -37.07 -41.67 27.58
N TRP M 360 -37.25 -41.45 26.28
CA TRP M 360 -38.41 -40.71 25.81
C TRP M 360 -39.72 -41.46 26.06
N GLU M 361 -39.70 -42.79 26.02
CA GLU M 361 -40.90 -43.57 26.28
C GLU M 361 -41.37 -43.43 27.72
N ILE M 362 -40.47 -43.14 28.64
CA ILE M 362 -40.85 -42.93 30.04
C ILE M 362 -41.57 -41.59 30.16
N PRO M 363 -42.77 -41.54 30.74
CA PRO M 363 -43.45 -40.26 30.91
C PRO M 363 -42.71 -39.40 31.93
N LYS M 364 -42.99 -38.10 31.90
CA LYS M 364 -42.40 -37.20 32.88
C LYS M 364 -42.90 -37.56 34.27
N MET M 365 -42.00 -37.52 35.25
CA MET M 365 -42.34 -37.97 36.59
C MET M 365 -43.40 -37.09 37.22
N ARG M 366 -44.51 -37.71 37.62
CA ARG M 366 -45.65 -37.03 38.21
C ARG M 366 -46.02 -37.71 39.52
N PRO M 367 -46.68 -37.00 40.43
CA PRO M 367 -47.08 -37.63 41.70
C PRO M 367 -47.98 -38.83 41.51
N GLU M 368 -48.79 -38.86 40.44
CA GLU M 368 -49.63 -40.03 40.18
C GLU M 368 -48.79 -41.27 39.92
N PHE M 369 -47.56 -41.08 39.46
CA PHE M 369 -46.67 -42.21 39.19
C PHE M 369 -45.94 -42.70 40.44
N PHE M 370 -46.16 -42.05 41.58
CA PHE M 370 -45.44 -42.33 42.81
C PHE M 370 -46.29 -43.24 43.69
N THR M 371 -45.76 -44.41 44.02
CA THR M 371 -46.50 -45.35 44.86
C THR M 371 -46.47 -44.91 46.32
N ASN M 372 -47.42 -45.42 47.09
CA ASN M 372 -47.49 -45.20 48.53
C ASN M 372 -47.66 -46.50 49.31
N ARG M 373 -47.40 -47.65 48.67
CA ARG M 373 -47.56 -48.95 49.29
C ARG M 373 -46.26 -49.40 49.94
N TYR M 374 -46.25 -50.65 50.40
CA TYR M 374 -45.04 -51.25 50.93
C TYR M 374 -44.02 -51.43 49.81
N GLY M 375 -42.74 -51.22 50.15
CA GLY M 375 -41.67 -51.41 49.20
C GLY M 375 -40.44 -51.99 49.87
N LEU M 376 -39.68 -52.75 49.10
CA LEU M 376 -38.45 -53.36 49.60
C LEU M 376 -37.47 -52.27 50.02
N ILE M 377 -36.74 -52.52 51.10
CA ILE M 377 -35.72 -51.58 51.54
C ILE M 377 -34.70 -51.40 50.43
N VAL M 378 -34.39 -50.13 50.12
CA VAL M 378 -33.41 -49.84 49.09
C VAL M 378 -32.06 -50.43 49.45
N ASP M 379 -31.73 -50.42 50.74
CA ASP M 379 -30.56 -51.16 51.20
C ASP M 379 -30.71 -52.64 50.92
N TYR M 380 -31.90 -53.20 51.18
CA TYR M 380 -32.13 -54.62 50.99
C TYR M 380 -31.98 -55.01 49.52
N LEU M 381 -32.60 -54.24 48.62
CA LEU M 381 -32.49 -54.54 47.20
C LEU M 381 -31.06 -54.31 46.70
N ALA M 382 -30.40 -53.26 47.19
CA ALA M 382 -29.03 -52.99 46.76
C ALA M 382 -28.09 -54.12 47.17
N GLU M 383 -28.21 -54.59 48.40
CA GLU M 383 -27.34 -55.67 48.85
C GLU M 383 -27.72 -56.99 48.16
N PHE M 384 -29.00 -57.19 47.88
CA PHE M 384 -29.39 -58.36 47.09
C PHE M 384 -28.74 -58.33 45.72
N PHE M 385 -28.76 -57.17 45.08
CA PHE M 385 -28.07 -57.04 43.80
C PHE M 385 -26.57 -57.27 43.98
N ARG M 386 -26.03 -56.84 45.11
CA ARG M 386 -24.67 -57.19 45.49
C ARG M 386 -24.41 -58.68 45.34
N GLU M 387 -25.14 -59.54 46.05
CA GLU M 387 -24.79 -60.96 45.93
C GLU M 387 -25.28 -61.53 44.61
N MET M 388 -26.21 -60.85 43.94
CA MET M 388 -26.68 -61.32 42.65
C MET M 388 -25.64 -61.15 41.56
N ARG M 389 -24.82 -60.10 41.64
CA ARG M 389 -23.85 -59.81 40.59
C ARG M 389 -22.91 -60.97 40.35
N LYS M 390 -22.55 -61.72 41.39
CA LYS M 390 -21.68 -62.88 41.21
C LYS M 390 -22.39 -64.03 40.52
N ARG M 391 -23.71 -63.98 40.37
CA ARG M 391 -24.44 -65.00 39.63
C ARG M 391 -24.64 -64.58 38.19
N SER M 392 -25.10 -65.53 37.38
CA SER M 392 -25.35 -65.30 35.97
C SER M 392 -26.43 -66.26 35.49
N PHE M 393 -27.14 -65.87 34.44
CA PHE M 393 -28.19 -66.70 33.85
C PHE M 393 -28.10 -66.74 32.33
N ALA M 394 -26.88 -66.80 31.78
CA ALA M 394 -26.71 -66.78 30.33
C ALA M 394 -26.90 -68.15 29.68
N ASP M 395 -26.89 -69.23 30.45
CA ASP M 395 -26.83 -70.55 29.82
C ASP M 395 -28.19 -71.22 29.71
N SER M 396 -29.27 -70.59 30.19
CA SER M 396 -30.60 -71.16 30.00
C SER M 396 -31.06 -71.04 28.55
N ILE M 397 -30.41 -70.17 27.77
CA ILE M 397 -30.86 -69.91 26.40
C ILE M 397 -30.65 -71.13 25.51
N GLU M 398 -29.55 -71.87 25.72
CA GLU M 398 -29.21 -72.96 24.82
C GLU M 398 -30.22 -74.10 24.89
N LYS M 399 -30.80 -74.33 26.07
CA LYS M 399 -31.82 -75.37 26.21
C LYS M 399 -33.14 -74.91 25.59
N TYR M 400 -33.23 -73.63 25.23
CA TYR M 400 -34.47 -72.97 24.84
C TYR M 400 -34.26 -72.13 23.58
N PHE M 401 -35.17 -71.19 23.33
CA PHE M 401 -35.22 -70.37 22.12
C PHE M 401 -33.84 -69.99 21.61
N LYS M 402 -33.57 -70.23 20.32
CA LYS M 402 -32.27 -69.98 19.74
C LYS M 402 -32.05 -68.51 19.44
N LEU M 403 -30.93 -68.21 18.78
CA LEU M 403 -30.60 -66.83 18.38
C LEU M 403 -30.26 -66.87 16.90
N GLY M 404 -30.25 -65.72 16.23
CA GLY M 404 -30.14 -65.67 14.79
C GLY M 404 -28.70 -65.57 14.33
N ASN M 405 -28.56 -65.48 13.00
CA ASN M 405 -27.25 -65.46 12.38
C ASN M 405 -26.76 -64.05 12.06
N ASN M 406 -27.64 -63.05 12.10
CA ASN M 406 -27.28 -61.69 11.75
C ASN M 406 -26.63 -60.92 12.89
N LEU M 407 -26.48 -61.54 14.05
CA LEU M 407 -25.87 -60.91 15.21
C LEU M 407 -24.43 -61.42 15.36
N ASN M 408 -23.48 -60.50 15.43
CA ASN M 408 -22.08 -60.90 15.55
C ASN M 408 -21.78 -61.36 16.98
N GLN M 409 -20.51 -61.68 17.22
CA GLN M 409 -20.11 -62.15 18.55
C GLN M 409 -20.40 -61.12 19.63
N ARG M 410 -20.11 -59.84 19.36
CA ARG M 410 -20.40 -58.79 20.33
C ARG M 410 -21.89 -58.68 20.59
N ASP M 411 -22.71 -58.78 19.54
CA ASP M 411 -24.16 -58.74 19.74
C ASP M 411 -24.60 -59.92 20.59
N VAL M 412 -24.02 -61.09 20.33
CA VAL M 412 -24.35 -62.28 21.11
C VAL M 412 -24.04 -62.06 22.59
N ILE M 413 -22.84 -61.53 22.87
CA ILE M 413 -22.45 -61.31 24.26
C ILE M 413 -23.38 -60.29 24.92
N ALA M 414 -23.68 -59.20 24.21
CA ALA M 414 -24.51 -58.15 24.77
C ALA M 414 -25.90 -58.66 25.10
N VAL M 415 -26.51 -59.39 24.17
CA VAL M 415 -27.87 -59.88 24.40
C VAL M 415 -27.88 -60.92 25.50
N ARG M 416 -26.87 -61.80 25.53
CA ARG M 416 -26.81 -62.79 26.60
C ARG M 416 -26.69 -62.11 27.96
N LYS M 417 -25.85 -61.09 28.07
CA LYS M 417 -25.67 -60.41 29.35
C LYS M 417 -26.94 -59.67 29.77
N THR M 418 -27.61 -59.01 28.82
CA THR M 418 -28.85 -58.33 29.14
C THR M 418 -29.92 -59.31 29.60
N VAL M 419 -30.07 -60.41 28.86
CA VAL M 419 -31.05 -61.43 29.24
C VAL M 419 -30.73 -61.98 30.62
N SER M 420 -29.45 -62.22 30.89
CA SER M 420 -29.03 -62.72 32.20
C SER M 420 -29.45 -61.75 33.30
N GLY M 421 -29.20 -60.46 33.08
CA GLY M 421 -29.58 -59.47 34.07
C GLY M 421 -31.07 -59.45 34.32
N LEU M 422 -31.87 -59.52 33.25
CA LEU M 422 -33.31 -59.54 33.40
C LEU M 422 -33.77 -60.76 34.19
N MET M 423 -33.22 -61.95 33.90
CA MET M 423 -33.59 -63.12 34.70
C MET M 423 -33.15 -62.97 36.15
N LYS M 424 -31.95 -62.44 36.38
CA LYS M 424 -31.52 -62.23 37.77
C LYS M 424 -32.51 -61.35 38.52
N LEU M 425 -32.93 -60.26 37.89
CA LEU M 425 -33.85 -59.34 38.54
C LEU M 425 -35.23 -59.94 38.72
N LEU M 426 -35.71 -60.71 37.74
CA LEU M 426 -37.07 -61.23 37.77
C LEU M 426 -37.15 -62.65 38.32
N TYR M 427 -36.14 -63.48 38.09
CA TYR M 427 -36.12 -64.86 38.57
C TYR M 427 -34.81 -65.15 39.30
N PRO M 428 -34.56 -64.47 40.42
CA PRO M 428 -33.30 -64.72 41.14
C PRO M 428 -33.20 -66.13 41.69
N HIS M 429 -34.34 -66.75 42.01
CA HIS M 429 -34.31 -68.09 42.58
C HIS M 429 -34.03 -69.16 41.54
N GLY M 430 -34.12 -68.83 40.25
CA GLY M 430 -33.81 -69.79 39.22
C GLY M 430 -34.96 -70.66 38.76
N GLN M 431 -36.16 -70.43 39.28
CA GLN M 431 -37.35 -71.17 38.84
C GLN M 431 -38.00 -70.39 37.70
N PHE M 432 -37.97 -70.97 36.50
CA PHE M 432 -38.45 -70.27 35.31
C PHE M 432 -38.84 -71.28 34.25
N ASN M 433 -39.62 -70.82 33.28
CA ASN M 433 -40.03 -71.60 32.12
C ASN M 433 -39.41 -71.01 30.85
N LYS M 434 -39.80 -71.55 29.70
CA LYS M 434 -39.25 -71.07 28.43
C LYS M 434 -39.87 -69.73 28.03
N GLU M 435 -41.16 -69.54 28.29
CA GLU M 435 -41.79 -68.26 28.02
C GLU M 435 -41.18 -67.16 28.89
N ASP M 436 -40.71 -67.54 30.08
CA ASP M 436 -39.96 -66.59 30.91
C ASP M 436 -38.69 -66.13 30.17
N VAL M 437 -38.04 -67.05 29.45
CA VAL M 437 -36.89 -66.66 28.65
C VAL M 437 -37.33 -65.75 27.50
N ARG M 438 -38.47 -66.06 26.87
CA ARG M 438 -39.00 -65.22 25.80
C ARG M 438 -39.20 -63.78 26.28
N GLN M 439 -39.74 -63.62 27.49
CA GLN M 439 -40.08 -62.31 28.03
C GLN M 439 -38.90 -61.37 27.99
N CYS M 440 -37.72 -61.86 28.36
CA CYS M 440 -36.52 -61.02 28.35
C CYS M 440 -35.81 -61.04 27.00
N LEU M 441 -35.91 -62.13 26.23
CA LEU M 441 -35.28 -62.18 24.92
C LEU M 441 -35.82 -61.09 24.02
N GLU M 442 -37.15 -60.91 24.02
CA GLU M 442 -37.73 -59.91 23.13
C GLU M 442 -37.23 -58.51 23.48
N TYR M 443 -37.22 -58.17 24.78
CA TYR M 443 -36.83 -56.83 25.19
C TYR M 443 -35.35 -56.59 24.91
N ALA M 444 -34.51 -57.60 25.14
CA ALA M 444 -33.09 -57.46 24.84
C ALA M 444 -32.86 -57.31 23.35
N LEU M 445 -33.53 -58.09 22.52
CA LEU M 445 -33.34 -58.04 21.08
C LEU M 445 -33.88 -56.73 20.52
N GLN M 446 -34.76 -56.06 21.26
CA GLN M 446 -35.22 -54.74 20.87
C GLN M 446 -34.23 -53.65 21.26
N VAL M 447 -33.81 -53.64 22.54
CA VAL M 447 -32.92 -52.58 23.01
C VAL M 447 -31.57 -52.66 22.30
N ARG M 448 -31.08 -53.87 22.00
CA ARG M 448 -29.81 -53.98 21.30
C ARG M 448 -29.97 -53.67 19.82
N ARG M 449 -31.14 -53.96 19.24
CA ARG M 449 -31.36 -53.61 17.84
C ARG M 449 -31.39 -52.09 17.66
N ARG M 450 -31.86 -51.37 18.68
CA ARG M 450 -31.81 -49.92 18.61
C ARG M 450 -30.37 -49.43 18.45
N VAL M 451 -29.46 -49.97 19.27
CA VAL M 451 -28.05 -49.60 19.17
C VAL M 451 -27.47 -50.07 17.84
N LYS M 452 -27.93 -51.22 17.36
CA LYS M 452 -27.45 -51.75 16.09
C LYS M 452 -27.80 -50.81 14.94
N GLU M 453 -29.04 -50.31 14.91
CA GLU M 453 -29.40 -49.39 13.84
C GLU M 453 -28.76 -48.03 14.01
N GLN M 454 -28.51 -47.61 15.25
CA GLN M 454 -27.71 -46.40 15.45
C GLN M 454 -26.30 -46.56 14.88
N LEU M 455 -25.66 -47.69 15.16
CA LEU M 455 -24.33 -47.94 14.61
C LEU M 455 -24.37 -48.04 13.09
N LYS M 456 -25.47 -48.59 12.56
CA LYS M 456 -25.66 -48.57 11.10
C LYS M 456 -25.65 -47.15 10.57
N LYS M 457 -26.47 -46.28 11.16
CA LYS M 457 -26.53 -44.88 10.75
C LYS M 457 -25.16 -44.21 10.87
N ILE M 458 -24.41 -44.54 11.91
CA ILE M 458 -23.10 -43.93 12.12
C ILE M 458 -22.08 -44.39 11.09
N GLY M 459 -22.02 -45.69 10.82
CA GLY M 459 -20.88 -46.23 10.09
C GLY M 459 -21.11 -46.69 8.67
N GLY M 460 -22.34 -47.03 8.31
CA GLY M 460 -22.57 -47.50 6.94
C GLY M 460 -22.28 -48.98 6.82
N MET M 461 -21.21 -49.30 6.08
CA MET M 461 -21.06 -50.62 5.49
C MET M 461 -21.00 -51.73 6.53
N GLU M 462 -20.31 -51.49 7.63
CA GLU M 462 -20.01 -52.55 8.59
C GLU M 462 -21.24 -53.06 9.34
N PHE M 463 -22.33 -52.29 9.41
CA PHE M 463 -23.38 -52.58 10.38
C PHE M 463 -24.78 -52.52 9.80
N TYR M 464 -24.98 -52.94 8.55
CA TYR M 464 -26.35 -53.08 8.05
C TYR M 464 -27.04 -54.31 8.62
N ASP M 465 -26.30 -55.24 9.22
CA ASP M 465 -26.88 -56.49 9.71
C ASP M 465 -27.70 -56.19 10.97
N VAL M 466 -28.94 -55.76 10.73
CA VAL M 466 -29.84 -55.33 11.78
C VAL M 466 -31.03 -56.29 11.94
N HIS M 467 -31.18 -57.26 11.05
CA HIS M 467 -32.31 -58.18 11.10
C HIS M 467 -32.15 -59.17 12.25
N PHE M 468 -32.60 -58.77 13.45
CA PHE M 468 -32.48 -59.61 14.63
C PHE M 468 -33.37 -60.83 14.51
N SER M 469 -32.75 -61.99 14.31
CA SER M 469 -33.47 -63.24 14.02
C SER M 469 -33.74 -63.98 15.31
N TYR M 470 -35.00 -63.98 15.72
CA TYR M 470 -35.42 -64.74 16.90
C TYR M 470 -35.78 -66.16 16.48
N ILE M 471 -35.10 -67.15 17.05
CA ILE M 471 -35.25 -68.53 16.62
C ILE M 471 -35.57 -69.40 17.83
N ASP M 472 -36.22 -70.53 17.57
CA ASP M 472 -36.57 -71.52 18.59
C ASP M 472 -35.85 -72.83 18.32
N ASN M 473 -35.55 -73.56 19.39
CA ASN M 473 -34.93 -74.87 19.31
C ASN M 473 -35.92 -75.98 18.98
N ASP M 474 -37.22 -75.75 19.19
CA ASP M 474 -38.21 -76.81 19.05
C ASP M 474 -39.10 -76.60 17.83
N THR M 475 -39.73 -75.44 17.74
CA THR M 475 -40.65 -75.15 16.64
C THR M 475 -39.90 -74.82 15.36
N LEU M 476 -38.63 -74.43 15.49
CA LEU M 476 -37.80 -73.95 14.38
C LEU M 476 -38.37 -72.72 13.69
N GLU M 477 -39.37 -72.09 14.30
CA GLU M 477 -39.93 -70.88 13.72
C GLU M 477 -38.99 -69.70 13.93
N GLU M 478 -38.67 -68.99 12.86
CA GLU M 478 -37.72 -67.89 12.89
C GLU M 478 -38.51 -66.59 13.04
N HIS M 479 -38.71 -66.18 14.30
CA HIS M 479 -39.40 -64.94 14.59
C HIS M 479 -38.45 -63.76 14.35
N PHE M 480 -39.00 -62.55 14.26
CA PHE M 480 -38.18 -61.37 14.08
C PHE M 480 -38.74 -60.25 14.95
N VAL M 481 -37.84 -59.39 15.42
CA VAL M 481 -38.20 -58.29 16.29
C VAL M 481 -37.80 -56.99 15.59
N SER M 482 -38.70 -56.02 15.59
CA SER M 482 -38.47 -54.71 15.00
C SER M 482 -38.71 -53.67 16.08
N VAL M 483 -37.73 -52.76 16.25
CA VAL M 483 -37.87 -51.69 17.23
C VAL M 483 -39.02 -50.77 16.80
N LYS M 484 -39.69 -50.17 17.78
CA LYS M 484 -40.80 -49.26 17.52
C LYS M 484 -40.37 -48.10 16.63
N GLU M 485 -39.07 -47.78 16.67
CA GLU M 485 -38.50 -46.81 15.75
C GLU M 485 -38.69 -47.26 14.31
N GLN M 486 -38.48 -48.56 14.05
CA GLN M 486 -38.64 -49.11 12.72
C GLN M 486 -40.10 -49.45 12.44
N LEU M 491 -45.92 -45.64 4.27
CA LEU M 491 -44.74 -46.43 4.62
C LEU M 491 -43.51 -45.96 3.85
N ILE M 492 -43.63 -45.93 2.52
CA ILE M 492 -42.52 -45.56 1.65
C ILE M 492 -42.15 -44.11 1.87
N PRO M 493 -40.88 -43.80 2.16
CA PRO M 493 -40.46 -42.41 2.30
C PRO M 493 -40.68 -41.62 1.02
N GLU M 494 -41.09 -40.35 1.16
CA GLU M 494 -41.38 -39.52 0.01
C GLU M 494 -40.07 -38.95 -0.54
N GLY M 495 -40.18 -38.22 -1.65
CA GLY M 495 -39.04 -37.53 -2.23
C GLY M 495 -38.14 -38.42 -3.05
N PRO M 496 -37.19 -37.82 -3.77
CA PRO M 496 -36.28 -38.59 -4.63
C PRO M 496 -35.17 -39.21 -3.81
N ALA M 497 -35.13 -40.54 -3.80
CA ALA M 497 -34.10 -41.24 -3.03
C ALA M 497 -32.77 -41.21 -3.76
N LYS M 498 -31.71 -41.54 -3.03
CA LYS M 498 -30.39 -41.68 -3.63
C LYS M 498 -30.41 -42.86 -4.60
N PRO M 499 -29.68 -42.77 -5.70
CA PRO M 499 -29.70 -43.87 -6.69
C PRO M 499 -29.24 -45.19 -6.10
N GLY M 500 -29.88 -46.27 -6.56
CA GLY M 500 -29.63 -47.60 -6.04
C GLY M 500 -30.57 -48.07 -4.96
N PHE M 501 -31.54 -47.25 -4.56
CA PHE M 501 -32.55 -47.64 -3.58
C PHE M 501 -33.92 -47.65 -4.25
N LEU M 502 -34.71 -48.68 -3.95
CA LEU M 502 -36.06 -48.76 -4.51
C LEU M 502 -36.96 -49.54 -3.58
N TYR M 503 -38.24 -49.55 -3.93
CA TYR M 503 -39.29 -50.23 -3.17
C TYR M 503 -40.06 -51.15 -4.10
N THR M 504 -40.45 -52.32 -3.59
CA THR M 504 -41.22 -53.28 -4.35
C THR M 504 -42.30 -53.89 -3.47
N ILE M 505 -43.31 -54.45 -4.10
CA ILE M 505 -44.40 -55.13 -3.40
C ILE M 505 -44.53 -56.53 -3.99
N GLY M 506 -44.56 -57.53 -3.11
CA GLY M 506 -44.60 -58.90 -3.60
C GLY M 506 -45.32 -59.81 -2.64
N LEU M 507 -45.68 -61.00 -3.15
CA LEU M 507 -46.33 -62.01 -2.33
C LEU M 507 -45.27 -62.86 -1.64
N SER M 508 -45.18 -62.74 -0.33
CA SER M 508 -44.20 -63.50 0.42
C SER M 508 -44.54 -64.99 0.40
N ASN M 509 -43.70 -65.78 1.07
CA ASN M 509 -43.92 -67.21 1.13
C ASN M 509 -45.22 -67.59 1.82
N LYS M 510 -45.80 -66.69 2.61
CA LYS M 510 -47.09 -66.90 3.23
C LYS M 510 -48.25 -66.44 2.33
N GLY M 511 -47.96 -65.82 1.20
CA GLY M 511 -48.97 -65.51 0.21
C GLY M 511 -49.69 -64.19 0.36
N MET M 512 -49.38 -63.40 1.41
CA MET M 512 -50.02 -62.09 1.47
C MET M 512 -49.09 -61.03 0.94
N PRO M 513 -49.61 -59.98 0.30
CA PRO M 513 -48.73 -58.93 -0.25
C PRO M 513 -47.97 -58.22 0.85
N GLY M 514 -46.74 -57.83 0.54
CA GLY M 514 -45.89 -57.14 1.49
C GLY M 514 -44.92 -56.23 0.77
N LEU M 515 -44.53 -55.17 1.48
CA LEU M 515 -43.61 -54.17 0.94
C LEU M 515 -42.19 -54.45 1.38
N TYR M 516 -41.25 -54.35 0.44
CA TYR M 516 -39.85 -54.58 0.71
C TYR M 516 -39.04 -53.45 0.08
N ARG M 517 -37.87 -53.17 0.66
CA ARG M 517 -37.00 -52.11 0.19
C ARG M 517 -35.64 -52.69 -0.15
N LEU M 518 -35.14 -52.37 -1.35
CA LEU M 518 -33.86 -52.85 -1.81
C LEU M 518 -32.86 -51.70 -1.88
N GLU M 519 -31.70 -51.90 -1.27
CA GLU M 519 -30.65 -50.89 -1.22
C GLU M 519 -29.41 -51.47 -1.88
N LEU M 520 -28.97 -50.85 -2.97
CA LEU M 520 -27.80 -51.32 -3.71
C LEU M 520 -26.66 -50.33 -3.55
N GLN M 521 -25.49 -50.83 -3.19
CA GLN M 521 -24.27 -50.02 -3.07
C GLN M 521 -23.31 -50.42 -4.17
N VAL M 522 -22.82 -49.42 -4.91
CA VAL M 522 -21.90 -49.63 -6.01
C VAL M 522 -20.50 -49.25 -5.54
N THR M 523 -19.52 -50.09 -5.85
CA THR M 523 -18.13 -49.84 -5.52
C THR M 523 -17.27 -50.18 -6.72
N LYS M 524 -16.05 -49.64 -6.71
CA LYS M 524 -15.07 -50.05 -7.72
C LYS M 524 -14.64 -51.48 -7.46
N GLY M 525 -14.71 -52.33 -8.48
CA GLY M 525 -14.37 -53.72 -8.31
C GLY M 525 -14.24 -54.52 -9.59
N SER M 526 -14.56 -55.81 -9.52
CA SER M 526 -14.43 -56.72 -10.65
C SER M 526 -15.74 -57.39 -11.03
N GLY M 527 -16.86 -56.70 -10.83
CA GLY M 527 -18.16 -57.24 -11.20
C GLY M 527 -18.76 -58.21 -10.21
N LYS M 528 -18.26 -58.26 -8.99
CA LYS M 528 -18.79 -59.16 -7.97
C LYS M 528 -20.12 -58.65 -7.43
N LEU M 529 -21.03 -59.59 -7.17
CA LEU M 529 -22.33 -59.30 -6.59
C LEU M 529 -22.43 -59.95 -5.22
N ALA M 530 -22.79 -59.16 -4.21
CA ALA M 530 -23.01 -59.65 -2.86
C ALA M 530 -24.47 -59.37 -2.48
N THR M 531 -25.09 -60.32 -1.79
CA THR M 531 -26.50 -60.23 -1.45
C THR M 531 -26.69 -60.47 0.04
N SER M 532 -27.59 -59.71 0.64
CA SER M 532 -27.96 -59.98 2.04
C SER M 532 -29.36 -59.45 2.31
N GLY M 533 -29.92 -59.91 3.43
CA GLY M 533 -31.30 -59.60 3.76
C GLY M 533 -32.32 -60.50 3.12
N LEU M 534 -31.89 -61.61 2.51
CA LEU M 534 -32.78 -62.52 1.81
C LEU M 534 -33.36 -63.60 2.71
N TRP M 535 -32.99 -63.61 3.99
CA TRP M 535 -33.49 -64.57 4.97
C TRP M 535 -33.24 -66.01 4.50
N ASN M 536 -32.07 -66.23 3.90
CA ASN M 536 -31.64 -67.54 3.42
C ASN M 536 -32.60 -68.13 2.38
N SER M 537 -33.25 -67.28 1.59
CA SER M 537 -34.15 -67.77 0.55
C SER M 537 -33.35 -68.15 -0.69
N SER M 538 -33.32 -69.45 -1.00
CA SER M 538 -32.55 -69.92 -2.15
C SER M 538 -33.18 -69.47 -3.46
N SER M 539 -34.50 -69.51 -3.55
CA SER M 539 -35.18 -69.06 -4.78
C SER M 539 -34.92 -67.59 -5.04
N ALA M 540 -34.97 -66.76 -3.99
CA ALA M 540 -34.66 -65.35 -4.15
C ALA M 540 -33.22 -65.15 -4.60
N LYS M 541 -32.28 -65.92 -4.05
CA LYS M 541 -30.89 -65.82 -4.46
C LYS M 541 -30.72 -66.21 -5.93
N GLU M 542 -31.41 -67.27 -6.36
CA GLU M 542 -31.35 -67.67 -7.77
C GLU M 542 -31.94 -66.61 -8.68
N GLN M 543 -33.06 -66.00 -8.28
CA GLN M 543 -33.65 -64.95 -9.11
C GLN M 543 -32.75 -63.72 -9.18
N VAL M 544 -32.10 -63.38 -8.07
CA VAL M 544 -31.15 -62.27 -8.07
C VAL M 544 -29.98 -62.57 -8.99
N LYS M 545 -29.48 -63.81 -8.95
CA LYS M 545 -28.40 -64.20 -9.84
C LYS M 545 -28.83 -64.14 -11.30
N ILE M 546 -30.07 -64.56 -11.59
CA ILE M 546 -30.59 -64.48 -12.95
C ILE M 546 -30.65 -63.03 -13.41
N ALA M 547 -31.14 -62.15 -12.54
CA ALA M 547 -31.22 -60.73 -12.89
C ALA M 547 -29.83 -60.15 -13.11
N PHE M 548 -28.85 -60.54 -12.28
CA PHE M 548 -27.49 -60.06 -12.46
C PHE M 548 -26.90 -60.55 -13.77
N ASP M 549 -27.16 -61.80 -14.14
CA ASP M 549 -26.70 -62.33 -15.41
C ASP M 549 -27.34 -61.58 -16.58
N TYR M 550 -28.63 -61.31 -16.49
CA TYR M 550 -29.31 -60.53 -17.53
C TYR M 550 -28.72 -59.12 -17.62
N PHE M 551 -28.46 -58.49 -16.48
CA PHE M 551 -27.88 -57.15 -16.49
C PHE M 551 -26.50 -57.14 -17.13
N LYS M 552 -25.69 -58.15 -16.82
CA LYS M 552 -24.37 -58.26 -17.44
C LYS M 552 -24.48 -58.49 -18.94
N ALA M 553 -25.43 -59.33 -19.36
CA ALA M 553 -25.59 -59.64 -20.78
C ALA M 553 -26.05 -58.42 -21.57
N ASN M 554 -26.99 -57.64 -21.04
CA ASN M 554 -27.54 -56.49 -21.73
C ASN M 554 -26.94 -55.18 -21.23
N ALA M 555 -25.73 -55.20 -20.66
CA ALA M 555 -25.13 -54.01 -20.08
C ALA M 555 -24.89 -52.94 -21.14
N SER M 556 -24.49 -53.35 -22.34
CA SER M 556 -24.09 -52.38 -23.36
C SER M 556 -25.24 -51.46 -23.77
N ARG M 557 -26.45 -51.99 -23.93
CA ARG M 557 -27.56 -51.16 -24.38
C ARG M 557 -28.30 -50.52 -23.22
N ILE M 558 -28.08 -50.97 -21.99
CA ILE M 558 -28.73 -50.40 -20.82
C ILE M 558 -27.91 -49.27 -20.21
N SER M 559 -26.63 -49.50 -19.96
CA SER M 559 -25.74 -48.50 -19.40
C SER M 559 -25.06 -47.65 -20.46
N GLY M 560 -25.21 -47.99 -21.74
CA GLY M 560 -24.65 -47.21 -22.81
C GLY M 560 -23.13 -47.24 -22.87
N GLY M 561 -22.51 -48.16 -22.13
CA GLY M 561 -21.07 -48.28 -22.15
C GLY M 561 -20.45 -48.56 -20.80
N SER M 562 -21.20 -48.34 -19.73
CA SER M 562 -20.69 -48.60 -18.39
C SER M 562 -20.65 -50.10 -18.13
N LYS M 563 -19.47 -50.60 -17.77
CA LYS M 563 -19.26 -52.04 -17.60
C LYS M 563 -19.74 -52.48 -16.23
N VAL M 564 -20.58 -53.52 -16.20
CA VAL M 564 -20.92 -54.16 -14.94
C VAL M 564 -19.69 -54.84 -14.36
N MET M 565 -18.83 -55.36 -15.22
CA MET M 565 -17.63 -56.08 -14.80
C MET M 565 -16.61 -55.18 -14.11
N GLU M 566 -16.76 -53.86 -14.19
CA GLU M 566 -15.85 -52.94 -13.55
C GLU M 566 -16.37 -52.43 -12.21
N HIS M 567 -17.65 -52.66 -11.91
CA HIS M 567 -18.26 -52.24 -10.67
C HIS M 567 -18.76 -53.44 -9.89
N ASP M 568 -18.47 -53.47 -8.60
CA ASP M 568 -18.98 -54.48 -7.69
C ASP M 568 -20.24 -53.96 -6.99
N PHE M 569 -21.19 -54.85 -6.77
CA PHE M 569 -22.51 -54.48 -6.27
C PHE M 569 -22.74 -55.20 -4.94
N HIS M 570 -23.35 -54.49 -3.99
CA HIS M 570 -23.73 -55.06 -2.71
C HIS M 570 -25.18 -54.69 -2.43
N LEU M 571 -26.08 -55.68 -2.49
CA LEU M 571 -27.50 -55.41 -2.37
C LEU M 571 -28.03 -55.94 -1.04
N HIS M 572 -28.92 -55.16 -0.42
CA HIS M 572 -29.53 -55.50 0.84
C HIS M 572 -31.05 -55.42 0.67
N VAL M 573 -31.76 -56.45 1.13
CA VAL M 573 -33.20 -56.50 1.04
C VAL M 573 -33.78 -56.47 2.44
N VAL M 574 -34.62 -55.47 2.71
CA VAL M 574 -35.21 -55.29 4.03
C VAL M 574 -36.73 -55.37 3.90
N GLU M 575 -37.36 -56.04 4.85
CA GLU M 575 -38.81 -56.16 4.86
C GLU M 575 -39.41 -55.14 5.81
N LEU M 576 -40.40 -54.41 5.33
CA LEU M 576 -40.97 -53.30 6.10
C LEU M 576 -42.32 -53.63 6.74
N GLN M 577 -43.07 -54.60 6.19
CA GLN M 577 -44.36 -54.97 6.75
C GLN M 577 -44.33 -56.29 7.50
N ASN M 578 -43.17 -56.94 7.60
CA ASN M 578 -43.03 -58.21 8.32
C ASN M 578 -43.94 -59.29 7.77
N THR M 579 -44.21 -59.23 6.46
CA THR M 579 -45.11 -60.18 5.84
C THR M 579 -44.47 -61.54 5.56
N GLY M 580 -43.14 -61.60 5.54
CA GLY M 580 -42.45 -62.84 5.27
C GLY M 580 -41.45 -62.71 4.15
N PRO M 581 -40.58 -63.71 4.00
CA PRO M 581 -39.58 -63.67 2.92
C PRO M 581 -40.25 -63.71 1.55
N LEU M 582 -39.69 -62.94 0.61
CA LEU M 582 -40.25 -62.79 -0.71
C LEU M 582 -39.47 -63.61 -1.73
N SER M 583 -40.17 -64.20 -2.69
CA SER M 583 -39.54 -64.95 -3.77
C SER M 583 -39.27 -64.09 -4.99
N HIS M 584 -40.28 -63.35 -5.46
CA HIS M 584 -40.20 -62.59 -6.70
C HIS M 584 -39.32 -61.37 -6.48
N LEU M 585 -38.07 -61.45 -6.94
CA LEU M 585 -37.12 -60.36 -6.75
C LEU M 585 -36.26 -60.05 -7.96
N ALA M 586 -36.43 -60.76 -9.09
CA ALA M 586 -35.55 -60.54 -10.24
C ALA M 586 -35.71 -59.14 -10.79
N LEU M 587 -36.94 -58.70 -11.03
CA LEU M 587 -37.18 -57.38 -11.61
C LEU M 587 -36.69 -56.24 -10.73
N PRO M 588 -37.04 -56.15 -9.44
CA PRO M 588 -36.50 -55.05 -8.62
C PRO M 588 -34.99 -55.08 -8.52
N SER M 589 -34.38 -56.27 -8.47
CA SER M 589 -32.93 -56.35 -8.42
C SER M 589 -32.31 -55.81 -9.70
N LEU M 590 -32.88 -56.16 -10.86
CA LEU M 590 -32.35 -55.64 -12.13
C LEU M 590 -32.52 -54.13 -12.20
N VAL M 591 -33.67 -53.62 -11.76
CA VAL M 591 -33.90 -52.17 -11.79
C VAL M 591 -32.90 -51.45 -10.89
N ALA M 592 -32.67 -51.99 -9.68
CA ALA M 592 -31.68 -51.40 -8.79
C ALA M 592 -30.30 -51.45 -9.40
N PHE M 593 -29.96 -52.56 -10.08
CA PHE M 593 -28.69 -52.67 -10.77
C PHE M 593 -28.53 -51.55 -11.77
N ALA M 594 -29.54 -51.35 -12.61
CA ALA M 594 -29.46 -50.33 -13.65
C ALA M 594 -29.35 -48.94 -13.04
N SER M 595 -30.13 -48.67 -11.99
CA SER M 595 -30.10 -47.35 -11.38
C SER M 595 -28.75 -47.07 -10.73
N GLY M 596 -28.22 -48.04 -9.98
CA GLY M 596 -26.95 -47.83 -9.30
C GLY M 596 -25.78 -47.73 -10.26
N LEU M 597 -25.79 -48.53 -11.33
CA LEU M 597 -24.68 -48.50 -12.28
C LEU M 597 -24.63 -47.15 -12.98
N LEU M 598 -25.78 -46.58 -13.34
CA LEU M 598 -25.84 -45.26 -13.94
C LEU M 598 -25.74 -44.13 -12.93
N GLY M 599 -25.91 -44.42 -11.64
CA GLY M 599 -25.79 -43.40 -10.62
C GLY M 599 -26.85 -42.33 -10.67
N ARG M 600 -28.00 -42.62 -11.29
CA ARG M 600 -29.08 -41.67 -11.41
C ARG M 600 -30.33 -42.25 -10.77
N SER M 601 -31.03 -41.43 -9.99
CA SER M 601 -32.10 -41.92 -9.12
C SER M 601 -33.28 -42.44 -9.94
N VAL M 602 -33.93 -43.47 -9.42
CA VAL M 602 -35.22 -43.87 -9.96
C VAL M 602 -36.25 -42.80 -9.61
N GLN M 603 -37.35 -42.78 -10.35
CA GLN M 603 -38.38 -41.78 -10.14
C GLN M 603 -38.98 -41.92 -8.74
N SER M 604 -39.26 -40.78 -8.11
CA SER M 604 -39.75 -40.77 -6.75
C SER M 604 -41.12 -41.43 -6.66
N GLN M 605 -41.36 -42.13 -5.55
CA GLN M 605 -42.60 -42.87 -5.33
C GLN M 605 -42.86 -43.88 -6.44
N MET M 606 -41.81 -44.55 -6.90
CA MET M 606 -41.96 -45.64 -7.87
C MET M 606 -42.05 -46.98 -7.18
N VAL M 607 -43.04 -47.78 -7.59
CA VAL M 607 -43.21 -49.14 -7.11
C VAL M 607 -43.00 -50.07 -8.31
N VAL M 608 -42.07 -51.01 -8.16
CA VAL M 608 -41.75 -51.97 -9.21
C VAL M 608 -42.48 -53.27 -8.93
N LEU M 609 -43.36 -53.66 -9.85
CA LEU M 609 -44.15 -54.88 -9.71
C LEU M 609 -43.85 -55.82 -10.87
N GLY M 610 -44.12 -57.10 -10.63
CA GLY M 610 -43.90 -58.14 -11.62
C GLY M 610 -42.56 -58.82 -11.47
N ASP M 611 -42.39 -59.90 -12.22
CA ASP M 611 -41.17 -60.69 -12.20
C ASP M 611 -40.77 -61.00 -13.64
N MET M 612 -39.49 -61.27 -13.83
CA MET M 612 -38.94 -61.44 -15.17
C MET M 612 -38.13 -62.73 -15.26
N SER M 613 -38.02 -63.23 -16.48
CA SER M 613 -37.19 -64.41 -16.76
C SER M 613 -35.86 -63.98 -17.35
N LEU M 614 -34.92 -64.93 -17.40
CA LEU M 614 -33.60 -64.65 -17.94
C LEU M 614 -33.65 -64.25 -19.41
N GLY M 615 -34.65 -64.77 -20.15
CA GLY M 615 -34.78 -64.44 -21.56
C GLY M 615 -35.44 -63.11 -21.85
N GLY M 616 -35.81 -62.36 -20.83
CA GLY M 616 -36.50 -61.10 -21.02
C GLY M 616 -38.01 -61.19 -21.05
N SER M 617 -38.57 -62.36 -20.76
CA SER M 617 -40.02 -62.51 -20.73
C SER M 617 -40.56 -62.22 -19.33
N VAL M 618 -41.59 -61.39 -19.27
CA VAL M 618 -42.15 -60.92 -18.01
C VAL M 618 -43.39 -61.73 -17.67
N THR M 619 -43.66 -61.86 -16.38
CA THR M 619 -44.81 -62.57 -15.83
C THR M 619 -45.85 -61.59 -15.32
N PRO M 620 -47.14 -61.94 -15.35
CA PRO M 620 -48.16 -61.04 -14.82
C PRO M 620 -48.02 -60.88 -13.31
N VAL M 621 -48.43 -59.71 -12.82
CA VAL M 621 -48.30 -59.42 -11.40
C VAL M 621 -49.37 -60.20 -10.64
N GLU M 622 -48.94 -60.99 -9.66
CA GLU M 622 -49.88 -61.73 -8.84
C GLU M 622 -50.47 -60.82 -7.75
N SER M 623 -51.78 -60.94 -7.54
CA SER M 623 -52.50 -60.11 -6.57
C SER M 623 -52.26 -58.62 -6.85
N ILE M 624 -52.55 -58.22 -8.08
CA ILE M 624 -52.27 -56.85 -8.52
C ILE M 624 -53.10 -55.85 -7.73
N ALA M 625 -54.38 -56.16 -7.48
CA ALA M 625 -55.23 -55.25 -6.71
C ALA M 625 -54.72 -55.11 -5.28
N GLU M 626 -54.34 -56.23 -4.66
CA GLU M 626 -53.79 -56.17 -3.31
C GLU M 626 -52.47 -55.43 -3.28
N CYS M 627 -51.62 -55.62 -4.29
CA CYS M 627 -50.36 -54.88 -4.36
C CYS M 627 -50.61 -53.38 -4.50
N LEU M 628 -51.59 -52.99 -5.31
CA LEU M 628 -51.91 -51.57 -5.45
C LEU M 628 -52.48 -51.01 -4.15
N GLN M 629 -53.28 -51.81 -3.43
CA GLN M 629 -53.77 -51.38 -2.13
C GLN M 629 -52.63 -51.17 -1.15
N VAL M 630 -51.63 -52.06 -1.17
CA VAL M 630 -50.46 -51.88 -0.32
C VAL M 630 -49.71 -50.62 -0.71
N ALA M 631 -49.58 -50.36 -2.01
CA ALA M 631 -48.93 -49.14 -2.47
C ALA M 631 -49.67 -47.91 -1.97
N PHE M 632 -51.01 -47.96 -1.98
CA PHE M 632 -51.81 -46.88 -1.43
C PHE M 632 -51.54 -46.70 0.05
N ASP M 633 -51.47 -47.81 0.79
CA ASP M 633 -51.16 -47.73 2.21
C ASP M 633 -49.72 -47.30 2.45
N ALA M 634 -48.82 -47.65 1.52
CA ALA M 634 -47.41 -47.32 1.66
C ALA M 634 -47.08 -45.86 1.37
N GLY M 635 -48.04 -45.09 0.84
CA GLY M 635 -47.82 -43.69 0.58
C GLY M 635 -47.23 -43.35 -0.77
N ALA M 636 -46.89 -44.36 -1.57
CA ALA M 636 -46.36 -44.09 -2.90
C ALA M 636 -47.48 -43.66 -3.84
N LYS M 637 -47.11 -42.95 -4.90
CA LYS M 637 -48.08 -42.42 -5.85
C LYS M 637 -47.93 -42.98 -7.26
N LYS M 638 -46.89 -43.75 -7.56
CA LYS M 638 -46.60 -44.14 -8.92
C LYS M 638 -46.07 -45.57 -8.97
N VAL M 639 -46.49 -46.30 -10.00
CA VAL M 639 -46.15 -47.73 -10.14
C VAL M 639 -45.91 -48.02 -11.61
N ALA M 640 -44.98 -48.94 -11.89
CA ALA M 640 -44.72 -49.43 -13.24
C ALA M 640 -45.24 -50.86 -13.35
N LEU M 641 -46.02 -51.14 -14.39
CA LEU M 641 -46.64 -52.44 -14.55
C LEU M 641 -46.28 -53.07 -15.89
N PRO M 642 -46.23 -54.39 -15.98
CA PRO M 642 -46.00 -55.03 -17.28
C PRO M 642 -47.24 -55.00 -18.14
N MET M 643 -47.06 -55.26 -19.43
CA MET M 643 -48.20 -55.34 -20.35
C MET M 643 -49.12 -56.49 -19.98
N SER M 644 -48.56 -57.62 -19.52
CA SER M 644 -49.36 -58.80 -19.23
C SER M 644 -50.39 -58.54 -18.14
N SER M 645 -50.13 -57.60 -17.24
CA SER M 645 -51.10 -57.28 -16.19
C SER M 645 -52.20 -56.36 -16.67
N ALA M 646 -52.04 -55.68 -17.81
CA ALA M 646 -53.05 -54.74 -18.28
C ALA M 646 -54.40 -55.42 -18.44
N ALA M 647 -54.41 -56.71 -18.78
CA ALA M 647 -55.66 -57.43 -18.98
C ALA M 647 -56.54 -57.39 -17.74
N ASP M 648 -55.96 -57.28 -16.55
CA ASP M 648 -56.77 -57.25 -15.34
C ASP M 648 -56.98 -55.84 -14.80
N ILE M 649 -56.72 -54.81 -15.61
CA ILE M 649 -57.02 -53.43 -15.17
C ILE M 649 -58.49 -53.26 -14.82
N PRO M 650 -59.46 -53.75 -15.61
CA PRO M 650 -60.86 -53.64 -15.19
C PRO M 650 -61.16 -54.35 -13.87
N THR M 651 -60.41 -55.39 -13.52
CA THR M 651 -60.60 -56.07 -12.25
C THR M 651 -60.22 -55.21 -11.06
N ILE M 652 -59.55 -54.08 -11.29
CA ILE M 652 -59.13 -53.17 -10.23
C ILE M 652 -60.16 -52.06 -10.09
N PRO M 653 -60.55 -51.69 -8.88
CA PRO M 653 -61.51 -50.59 -8.71
C PRO M 653 -60.99 -49.29 -9.30
N VAL M 654 -61.91 -48.49 -9.84
CA VAL M 654 -61.53 -47.27 -10.55
C VAL M 654 -60.94 -46.24 -9.60
N GLU M 655 -61.55 -46.08 -8.41
CA GLU M 655 -61.10 -45.05 -7.48
C GLU M 655 -59.66 -45.26 -7.05
N LEU M 656 -59.28 -46.50 -6.72
CA LEU M 656 -57.89 -46.77 -6.34
C LEU M 656 -56.95 -46.56 -7.52
N PHE M 657 -57.38 -46.97 -8.72
CA PHE M 657 -56.51 -46.87 -9.89
C PHE M 657 -56.25 -45.42 -10.26
N THR M 658 -57.22 -44.54 -10.01
CA THR M 658 -57.07 -43.13 -10.34
C THR M 658 -56.11 -42.40 -9.40
N LYS M 659 -55.77 -42.99 -8.25
CA LYS M 659 -54.82 -42.36 -7.33
C LYS M 659 -53.37 -42.53 -7.74
N PHE M 660 -53.10 -43.33 -8.77
CA PHE M 660 -51.74 -43.66 -9.17
C PHE M 660 -51.51 -43.31 -10.64
N GLN M 661 -50.28 -42.94 -10.96
CA GLN M 661 -49.86 -42.78 -12.34
C GLN M 661 -49.36 -44.13 -12.82
N THR M 662 -50.15 -44.80 -13.65
CA THR M 662 -49.86 -46.17 -14.07
C THR M 662 -49.01 -46.15 -15.34
N SER M 663 -47.84 -46.79 -15.26
CA SER M 663 -46.90 -46.86 -16.37
C SER M 663 -46.73 -48.31 -16.77
N PHE M 664 -46.82 -48.59 -18.07
CA PHE M 664 -46.73 -49.95 -18.58
C PHE M 664 -45.46 -50.15 -19.39
N TYR M 665 -44.96 -51.38 -19.40
CA TYR M 665 -43.75 -51.75 -20.11
C TYR M 665 -43.93 -53.10 -20.78
N ALA M 666 -43.06 -53.40 -21.76
CA ALA M 666 -43.12 -54.67 -22.45
C ALA M 666 -41.98 -55.63 -22.07
N ASP M 667 -40.78 -55.10 -21.85
CA ASP M 667 -39.64 -55.92 -21.45
C ASP M 667 -38.98 -55.27 -20.26
N PRO M 668 -38.14 -56.00 -19.52
CA PRO M 668 -37.51 -55.42 -18.33
C PRO M 668 -36.63 -54.21 -18.62
N VAL M 669 -36.11 -54.09 -19.85
CA VAL M 669 -35.39 -52.88 -20.21
C VAL M 669 -36.34 -51.68 -20.24
N ASP M 670 -37.54 -51.88 -20.80
CA ASP M 670 -38.54 -50.82 -20.75
C ASP M 670 -39.00 -50.55 -19.33
N ALA M 671 -39.08 -51.60 -18.50
CA ALA M 671 -39.39 -51.40 -17.10
C ALA M 671 -38.34 -50.52 -16.42
N VAL M 672 -37.06 -50.79 -16.71
CA VAL M 672 -35.98 -49.97 -16.17
C VAL M 672 -36.12 -48.53 -16.65
N PHE M 673 -36.40 -48.35 -17.95
CA PHE M 673 -36.53 -47.00 -18.50
C PHE M 673 -37.67 -46.24 -17.84
N LYS M 674 -38.81 -46.90 -17.64
CA LYS M 674 -39.93 -46.24 -16.97
C LYS M 674 -39.61 -45.94 -15.52
N GLY M 675 -38.82 -46.81 -14.88
CA GLY M 675 -38.40 -46.53 -13.51
C GLY M 675 -37.50 -45.32 -13.41
N LEU M 676 -36.57 -45.17 -14.36
CA LEU M 676 -35.69 -44.01 -14.39
C LEU M 676 -36.29 -42.81 -15.12
N GLY M 677 -37.16 -43.04 -16.10
CA GLY M 677 -37.73 -41.96 -16.87
C GLY M 677 -36.75 -41.35 -17.85
N LEU N 9 -43.46 -8.21 80.55
CA LEU N 9 -42.53 -8.96 79.72
C LEU N 9 -41.15 -9.03 80.35
N ASP N 10 -40.59 -7.87 80.69
CA ASP N 10 -39.23 -7.80 81.22
C ASP N 10 -39.09 -8.63 82.49
N GLN N 11 -40.11 -8.62 83.34
CA GLN N 11 -40.10 -9.46 84.54
C GLN N 11 -40.03 -10.94 84.17
N LEU N 12 -40.78 -11.34 83.15
CA LEU N 12 -40.71 -12.73 82.69
C LEU N 12 -39.31 -13.07 82.20
N LEU N 13 -38.70 -12.18 81.42
CA LEU N 13 -37.38 -12.45 80.87
C LEU N 13 -36.32 -12.55 81.96
N ASN N 14 -36.33 -11.63 82.93
CA ASN N 14 -35.28 -11.68 83.94
C ASN N 14 -35.63 -12.61 85.10
N GLU N 15 -36.82 -13.22 85.07
CA GLU N 15 -37.13 -14.26 86.03
C GLU N 15 -36.86 -15.65 85.46
N HIS N 16 -37.51 -15.97 84.33
CA HIS N 16 -37.29 -17.25 83.67
C HIS N 16 -35.87 -17.44 83.15
N PHE N 17 -35.27 -16.39 82.57
CA PHE N 17 -34.01 -16.48 81.87
C PHE N 17 -32.93 -15.71 82.61
N ALA N 18 -32.90 -15.83 83.94
CA ALA N 18 -31.95 -15.08 84.75
C ALA N 18 -30.52 -15.42 84.39
N GLY N 19 -29.69 -14.40 84.21
CA GLY N 19 -28.33 -14.58 83.78
C GLY N 19 -28.14 -14.88 82.32
N ARG N 20 -29.21 -14.88 81.53
CA ARG N 20 -29.15 -15.20 80.11
C ARG N 20 -29.76 -14.12 79.23
N VAL N 21 -30.26 -13.03 79.81
CA VAL N 21 -30.81 -11.90 79.07
C VAL N 21 -30.18 -10.63 79.60
N VAL N 22 -29.99 -9.67 78.70
CA VAL N 22 -29.27 -8.44 79.01
C VAL N 22 -29.98 -7.29 78.31
N ARG N 23 -30.00 -6.13 78.96
CA ARG N 23 -30.48 -4.91 78.31
C ARG N 23 -29.51 -4.53 77.19
N LYS N 24 -30.00 -4.56 75.96
CA LYS N 24 -29.11 -4.45 74.80
C LYS N 24 -28.83 -3.01 74.38
N ASP N 25 -28.40 -2.19 75.33
CA ASP N 25 -27.91 -0.85 75.00
C ASP N 25 -26.60 -0.60 75.74
N LEU N 26 -26.39 -1.34 76.82
CA LEU N 26 -25.17 -1.16 77.61
C LEU N 26 -23.95 -1.68 76.86
N THR N 27 -24.10 -2.78 76.12
CA THR N 27 -22.95 -3.35 75.39
C THR N 27 -22.40 -2.36 74.38
N LYS N 28 -23.28 -1.66 73.66
CA LYS N 28 -22.84 -0.70 72.66
C LYS N 28 -22.11 0.48 73.30
N LEU N 29 -22.34 0.69 74.60
CA LEU N 29 -21.64 1.75 75.32
C LEU N 29 -20.18 1.37 75.56
N ILE N 30 -19.89 0.08 75.56
CA ILE N 30 -18.53 -0.41 75.72
C ILE N 30 -18.00 -1.10 74.47
N LYS N 31 -18.83 -1.36 73.45
CA LYS N 31 -18.36 -2.04 72.25
C LYS N 31 -17.44 -1.12 71.45
N GLU N 32 -16.27 -0.85 72.00
CA GLU N 32 -15.28 0.01 71.39
C GLU N 32 -13.93 -0.31 72.01
N GLY N 33 -12.92 -0.49 71.15
CA GLY N 33 -11.61 -0.88 71.62
C GLY N 33 -11.65 -2.14 72.45
N ALA N 34 -11.39 -2.00 73.75
CA ALA N 34 -11.37 -3.10 74.70
C ALA N 34 -10.51 -4.27 74.20
N ASN N 35 -10.75 -5.46 74.72
CA ASN N 35 -10.00 -6.62 74.28
C ASN N 35 -10.91 -7.80 73.97
N VAL N 36 -11.96 -7.98 74.78
CA VAL N 36 -12.79 -9.17 74.74
C VAL N 36 -13.94 -8.98 73.76
N PRO N 37 -14.53 -10.06 73.25
CA PRO N 37 -15.68 -9.90 72.35
C PRO N 37 -16.94 -9.52 73.12
N VAL N 38 -18.00 -9.26 72.35
CA VAL N 38 -19.26 -8.76 72.88
C VAL N 38 -19.88 -9.76 73.85
N TYR N 39 -19.66 -11.05 73.61
CA TYR N 39 -20.28 -12.09 74.42
C TYR N 39 -19.77 -12.01 75.85
N VAL N 40 -18.50 -11.68 76.01
CA VAL N 40 -17.92 -11.49 77.34
C VAL N 40 -18.68 -10.41 78.11
N LEU N 41 -18.88 -9.26 77.47
CA LEU N 41 -19.58 -8.15 78.10
C LEU N 41 -21.01 -8.54 78.42
N GLU N 42 -21.67 -9.24 77.49
CA GLU N 42 -23.04 -9.65 77.70
C GLU N 42 -23.17 -10.52 78.94
N TYR N 43 -22.34 -11.56 79.06
CA TYR N 43 -22.48 -12.43 80.21
C TYR N 43 -22.07 -11.71 81.49
N LEU N 44 -21.02 -10.89 81.45
CA LEU N 44 -20.62 -10.20 82.67
C LEU N 44 -21.73 -9.29 83.19
N LEU N 45 -22.37 -8.55 82.28
CA LEU N 45 -23.43 -7.64 82.68
C LEU N 45 -24.68 -8.40 83.11
N GLY N 46 -25.03 -9.48 82.41
CA GLY N 46 -26.15 -10.30 82.84
C GLY N 46 -25.91 -10.96 84.19
N MET N 47 -24.65 -11.25 84.51
CA MET N 47 -24.32 -11.80 85.82
C MET N 47 -24.42 -10.75 86.92
N TYR N 48 -23.90 -9.54 86.69
CA TYR N 48 -23.87 -8.55 87.75
C TYR N 48 -24.92 -7.46 87.64
N CYS N 49 -25.38 -7.14 86.42
CA CYS N 49 -26.35 -6.07 86.25
C CYS N 49 -27.65 -6.60 85.63
N ALA N 50 -28.16 -7.72 86.14
CA ALA N 50 -29.42 -8.26 85.63
C ALA N 50 -30.59 -7.34 85.95
N SER N 51 -30.44 -6.47 86.96
CA SER N 51 -31.48 -5.51 87.30
C SER N 51 -31.43 -4.32 86.36
N ASP N 52 -32.21 -3.27 86.65
CA ASP N 52 -32.25 -2.13 85.74
C ASP N 52 -32.04 -0.79 86.43
N ASP N 53 -31.53 -0.76 87.66
CA ASP N 53 -31.26 0.51 88.33
C ASP N 53 -30.09 1.20 87.64
N PRO N 54 -30.26 2.45 87.20
CA PRO N 54 -29.18 3.13 86.47
C PRO N 54 -27.86 3.22 87.23
N GLU N 55 -27.94 3.47 88.54
CA GLU N 55 -26.74 3.65 89.34
C GLU N 55 -25.97 2.34 89.48
N ILE N 56 -26.68 1.25 89.74
CA ILE N 56 -26.03 -0.05 89.86
C ILE N 56 -25.49 -0.43 88.49
N ILE N 57 -26.15 0.04 87.43
CA ILE N 57 -25.65 -0.21 86.08
C ILE N 57 -24.31 0.49 85.84
N GLU N 58 -24.21 1.77 86.22
CA GLU N 58 -22.96 2.48 86.04
C GLU N 58 -21.85 1.88 86.90
N GLN N 59 -22.19 1.51 88.15
CA GLN N 59 -21.19 0.89 89.01
C GLN N 59 -20.76 -0.46 88.45
N GLY N 60 -21.69 -1.20 87.85
CA GLY N 60 -21.32 -2.46 87.22
C GLY N 60 -20.42 -2.26 86.02
N LEU N 61 -20.68 -1.23 85.23
CA LEU N 61 -19.77 -0.93 84.12
C LEU N 61 -18.38 -0.58 84.63
N ARG N 62 -18.32 0.19 85.72
CA ARG N 62 -17.02 0.51 86.32
C ARG N 62 -16.30 -0.75 86.78
N ASN N 63 -17.03 -1.65 87.45
CA ASN N 63 -16.42 -2.89 87.92
C ASN N 63 -15.96 -3.76 86.75
N VAL N 64 -16.77 -3.82 85.69
CA VAL N 64 -16.42 -4.60 84.52
C VAL N 64 -15.13 -4.08 83.91
N LYS N 65 -15.03 -2.76 83.72
CA LYS N 65 -13.81 -2.19 83.15
C LYS N 65 -12.61 -2.41 84.07
N THR N 66 -12.82 -2.28 85.38
CA THR N 66 -11.73 -2.49 86.32
C THR N 66 -11.19 -3.92 86.24
N VAL N 67 -12.07 -4.91 86.29
CA VAL N 67 -11.64 -6.30 86.21
C VAL N 67 -11.00 -6.59 84.86
N LEU N 68 -11.56 -5.99 83.80
CA LEU N 68 -11.06 -6.21 82.45
C LEU N 68 -9.62 -5.72 82.32
N ALA N 69 -9.34 -4.55 82.89
CA ALA N 69 -8.00 -3.95 82.76
C ALA N 69 -7.09 -4.40 83.91
N GLU N 70 -7.63 -5.24 84.77
CA GLU N 70 -6.83 -5.79 85.86
C GLU N 70 -6.39 -7.21 85.58
N ASN N 71 -7.15 -7.96 84.78
CA ASN N 71 -6.91 -9.39 84.63
C ASN N 71 -6.41 -9.80 83.25
N TYR N 72 -6.86 -9.16 82.17
CA TYR N 72 -6.35 -9.48 80.85
C TYR N 72 -4.96 -8.89 80.66
N VAL N 73 -3.96 -9.73 80.37
CA VAL N 73 -2.57 -9.29 80.40
C VAL N 73 -1.89 -9.48 79.04
N ARG N 74 -2.65 -9.35 77.95
CA ARG N 74 -2.07 -9.10 76.62
C ARG N 74 -1.01 -10.12 76.20
N PRO N 75 -1.43 -11.25 75.61
CA PRO N 75 -0.50 -12.39 75.39
C PRO N 75 0.85 -12.04 74.80
N ASP N 76 1.05 -10.83 74.29
CA ASP N 76 2.35 -10.39 73.81
C ASP N 76 3.43 -10.63 74.86
N GLU N 77 3.10 -10.40 76.14
CA GLU N 77 3.99 -10.68 77.26
C GLU N 77 3.60 -11.94 78.00
N ALA N 78 3.10 -12.96 77.29
CA ALA N 78 2.47 -14.11 77.92
C ALA N 78 3.44 -14.83 78.85
N GLU N 79 4.68 -15.01 78.41
CA GLU N 79 5.69 -15.66 79.25
C GLU N 79 5.84 -14.95 80.59
N LYS N 80 5.81 -13.61 80.57
CA LYS N 80 5.84 -12.85 81.81
C LYS N 80 4.73 -13.33 82.75
N VAL N 81 3.52 -13.48 82.23
CA VAL N 81 2.42 -13.97 83.05
C VAL N 81 2.79 -15.31 83.66
N LYS N 82 3.34 -16.22 82.84
CA LYS N 82 3.80 -17.50 83.35
C LYS N 82 4.71 -17.31 84.56
N SER N 83 5.70 -16.42 84.41
CA SER N 83 6.62 -16.16 85.51
C SER N 83 5.86 -15.72 86.75
N LEU N 84 4.86 -14.86 86.59
CA LEU N 84 4.16 -14.32 87.75
C LEU N 84 3.52 -15.42 88.57
N VAL N 85 3.18 -16.56 87.94
CA VAL N 85 2.55 -17.64 88.68
C VAL N 85 3.50 -18.20 89.73
N ARG N 86 4.79 -18.23 89.40
CA ARG N 86 5.76 -18.95 90.23
C ARG N 86 6.05 -18.21 91.53
N GLU N 87 6.27 -16.89 91.45
CA GLU N 87 6.67 -16.18 92.66
C GLU N 87 5.50 -16.04 93.63
N ARG N 88 4.33 -15.64 93.14
CA ARG N 88 3.21 -15.28 94.01
C ARG N 88 2.33 -16.48 94.36
N GLY N 89 2.65 -17.66 93.85
CA GLY N 89 1.89 -18.86 94.19
C GLY N 89 0.64 -19.02 93.36
N SER N 90 -0.12 -17.94 93.22
CA SER N 90 -1.34 -17.97 92.43
C SER N 90 -1.55 -16.60 91.81
N TYR N 91 -2.03 -16.59 90.58
CA TYR N 91 -2.20 -15.33 89.87
C TYR N 91 -3.46 -15.42 89.01
N LYS N 92 -4.09 -14.26 88.76
CA LYS N 92 -5.43 -14.21 88.22
C LYS N 92 -5.40 -13.69 86.79
N VAL N 93 -5.97 -14.46 85.86
CA VAL N 93 -5.79 -14.21 84.42
C VAL N 93 -7.09 -14.43 83.67
N ILE N 94 -7.37 -13.53 82.73
CA ILE N 94 -8.47 -13.69 81.76
C ILE N 94 -7.89 -14.35 80.52
N ASP N 95 -8.54 -15.42 80.05
CA ASP N 95 -8.14 -16.07 78.81
C ASP N 95 -9.26 -16.96 78.29
N ARG N 96 -9.26 -17.17 76.97
CA ARG N 96 -10.09 -18.21 76.37
C ARG N 96 -9.40 -19.56 76.58
N VAL N 97 -9.95 -20.37 77.46
CA VAL N 97 -9.37 -21.65 77.86
C VAL N 97 -10.16 -22.77 77.20
N THR N 98 -9.46 -23.83 76.80
CA THR N 98 -10.09 -25.06 76.34
C THR N 98 -9.58 -26.21 77.21
N VAL N 99 -10.37 -27.27 77.32
CA VAL N 99 -9.95 -28.41 78.14
C VAL N 99 -10.16 -29.70 77.34
N LYS N 100 -9.21 -30.62 77.48
CA LYS N 100 -9.27 -31.94 76.87
C LYS N 100 -8.93 -32.98 77.94
N LEU N 101 -9.18 -34.24 77.63
CA LEU N 101 -8.80 -35.31 78.55
C LEU N 101 -7.64 -36.09 77.94
N ASN N 102 -6.58 -36.27 78.71
CA ASN N 102 -5.44 -37.10 78.33
C ASN N 102 -5.72 -38.49 78.89
N GLU N 103 -5.97 -39.43 77.99
CA GLU N 103 -6.27 -40.80 78.40
C GLU N 103 -5.04 -41.50 78.96
N ARG N 104 -3.90 -41.42 78.26
CA ARG N 104 -2.68 -42.03 78.75
C ARG N 104 -2.29 -41.52 80.13
N LYS N 105 -2.57 -40.23 80.39
CA LYS N 105 -2.45 -39.67 81.72
C LYS N 105 -3.77 -39.74 82.49
N ASP N 106 -4.89 -39.81 81.79
CA ASP N 106 -6.22 -39.85 82.38
C ASP N 106 -6.48 -38.64 83.28
N LYS N 107 -6.06 -37.48 82.79
CA LYS N 107 -6.27 -36.24 83.53
C LYS N 107 -6.77 -35.15 82.58
N TYR N 108 -7.41 -34.14 83.15
CA TYR N 108 -7.93 -33.04 82.35
C TYR N 108 -6.89 -31.94 82.21
N GLU N 109 -6.57 -31.63 80.96
CA GLU N 109 -5.51 -30.68 80.60
C GLU N 109 -6.14 -29.48 79.93
N ALA N 110 -5.73 -28.29 80.35
CA ALA N 110 -6.27 -27.05 79.82
C ALA N 110 -5.23 -26.34 78.95
N SER N 111 -5.68 -25.88 77.79
CA SER N 111 -4.87 -25.11 76.86
C SER N 111 -5.33 -23.66 76.89
N PHE N 112 -4.39 -22.75 77.06
CA PHE N 112 -4.66 -21.31 77.11
C PHE N 112 -4.39 -20.71 75.74
N SER N 113 -5.41 -20.09 75.15
CA SER N 113 -5.29 -19.57 73.80
C SER N 113 -4.25 -18.45 73.74
N ASN N 114 -4.21 -17.58 74.75
CA ASN N 114 -3.28 -16.46 74.71
C ASN N 114 -1.96 -16.80 75.38
N LEU N 115 -2.02 -17.50 76.51
CA LEU N 115 -0.81 -17.74 77.31
C LEU N 115 0.12 -18.76 76.66
N GLY N 116 -0.41 -19.69 75.88
CA GLY N 116 0.41 -20.71 75.27
C GLY N 116 0.56 -21.99 76.07
N ILE N 117 0.11 -22.02 77.31
CA ILE N 117 0.09 -23.27 78.07
C ILE N 117 -0.92 -24.21 77.45
N LYS N 118 -0.50 -25.45 77.19
CA LYS N 118 -1.33 -26.40 76.46
C LYS N 118 -1.84 -27.55 77.31
N ASP N 119 -1.24 -27.81 78.47
CA ASP N 119 -1.65 -28.95 79.28
C ASP N 119 -1.67 -28.66 80.79
N ALA N 120 -2.23 -27.54 81.22
CA ALA N 120 -2.32 -27.26 82.65
C ALA N 120 -3.30 -28.20 83.32
N GLU N 121 -2.88 -28.81 84.43
CA GLU N 121 -3.74 -29.76 85.11
C GLU N 121 -4.93 -29.06 85.75
N ILE N 122 -6.14 -29.56 85.49
CA ILE N 122 -7.35 -28.99 86.05
C ILE N 122 -8.22 -30.11 86.61
N SER N 123 -8.88 -29.84 87.72
CA SER N 123 -9.68 -30.85 88.40
C SER N 123 -10.88 -31.25 87.56
N ALA N 124 -11.29 -32.52 87.72
CA ALA N 124 -12.44 -33.03 86.98
C ALA N 124 -13.74 -32.37 87.41
N GLY N 125 -13.85 -31.99 88.69
CA GLY N 125 -15.07 -31.36 89.16
C GLY N 125 -15.34 -30.05 88.47
N ILE N 126 -14.31 -29.23 88.29
CA ILE N 126 -14.48 -27.95 87.61
C ILE N 126 -14.91 -28.16 86.17
N VAL N 127 -14.39 -29.21 85.53
CA VAL N 127 -14.87 -29.59 84.20
C VAL N 127 -16.35 -29.95 84.26
N LYS N 128 -16.75 -30.67 85.30
CA LYS N 128 -18.16 -31.03 85.45
C LYS N 128 -19.05 -29.80 85.56
N GLU N 129 -18.60 -28.80 86.33
CA GLU N 129 -19.45 -27.64 86.62
C GLU N 129 -19.74 -26.82 85.36
N TYR N 130 -18.75 -26.64 84.50
CA TYR N 130 -18.88 -25.77 83.32
C TYR N 130 -18.53 -26.59 82.07
N GLU N 131 -19.56 -27.13 81.41
CA GLU N 131 -19.32 -28.08 80.34
C GLU N 131 -18.89 -27.41 79.04
N LYS N 132 -19.13 -26.10 78.90
CA LYS N 132 -18.81 -25.44 77.64
C LYS N 132 -17.31 -25.39 77.39
N LEU N 133 -16.50 -25.55 78.44
CA LEU N 133 -15.05 -25.65 78.24
C LEU N 133 -14.69 -26.86 77.39
N LEU N 134 -15.54 -27.88 77.36
CA LEU N 134 -15.28 -29.09 76.59
C LEU N 134 -15.71 -28.98 75.13
N VAL N 135 -16.24 -27.84 74.71
CA VAL N 135 -16.76 -27.70 73.36
C VAL N 135 -15.84 -26.90 72.45
N GLY N 136 -15.60 -25.62 72.73
CA GLY N 136 -14.81 -24.79 71.84
C GLY N 136 -13.95 -23.77 72.54
N GLY N 137 -13.86 -23.86 73.86
CA GLY N 137 -13.05 -22.92 74.62
C GLY N 137 -13.79 -21.64 74.93
N ILE N 138 -13.82 -21.25 76.20
CA ILE N 138 -14.60 -20.10 76.62
C ILE N 138 -13.71 -19.14 77.40
N TRP N 139 -14.10 -17.87 77.39
CA TRP N 139 -13.37 -16.86 78.15
C TRP N 139 -13.62 -17.08 79.64
N VAL N 140 -12.55 -17.05 80.43
CA VAL N 140 -12.58 -17.46 81.83
C VAL N 140 -11.52 -16.69 82.60
N ILE N 141 -11.87 -16.34 83.84
CA ILE N 141 -10.88 -15.88 84.81
C ILE N 141 -10.41 -17.10 85.60
N ALA N 142 -9.09 -17.28 85.64
CA ALA N 142 -8.48 -18.44 86.27
C ALA N 142 -7.45 -18.00 87.30
N THR N 143 -7.35 -18.76 88.38
CA THR N 143 -6.32 -18.57 89.39
C THR N 143 -5.27 -19.66 89.18
N LEU N 144 -4.21 -19.35 88.44
CA LEU N 144 -3.17 -20.30 88.13
C LEU N 144 -2.20 -20.44 89.30
N SER N 145 -1.84 -21.69 89.59
CA SER N 145 -0.90 -22.03 90.64
C SER N 145 0.23 -22.87 90.07
N TYR N 146 1.40 -22.78 90.72
CA TYR N 146 2.60 -23.45 90.25
C TYR N 146 3.02 -24.50 91.26
N TYR N 147 3.37 -25.69 90.77
CA TYR N 147 3.80 -26.78 91.63
C TYR N 147 4.75 -27.68 90.85
N PHE N 148 5.97 -27.81 91.34
CA PHE N 148 7.01 -28.62 90.70
C PHE N 148 7.38 -29.79 91.60
N GLU N 149 7.52 -30.97 90.99
CA GLU N 149 7.72 -32.17 91.81
C GLU N 149 8.83 -33.07 91.28
N GLU N 150 9.90 -32.45 90.74
CA GLU N 150 11.13 -33.16 90.42
C GLU N 150 10.91 -34.30 89.44
N GLY N 151 10.54 -33.99 88.21
CA GLY N 151 10.28 -35.02 87.21
C GLY N 151 8.82 -35.12 86.84
N GLN N 152 8.15 -33.97 86.80
CA GLN N 152 6.74 -33.92 86.49
C GLN N 152 6.50 -34.01 84.99
N THR N 153 5.96 -35.13 84.53
CA THR N 153 5.64 -35.28 83.12
C THR N 153 4.56 -34.27 82.71
N SER N 154 3.63 -34.00 83.62
CA SER N 154 2.59 -33.01 83.38
C SER N 154 3.13 -31.59 83.57
N SER N 155 2.36 -30.60 83.15
CA SER N 155 2.74 -29.21 83.38
C SER N 155 2.73 -28.90 84.86
N PRO N 156 3.69 -28.09 85.34
CA PRO N 156 3.66 -27.71 86.77
C PRO N 156 2.50 -26.80 87.13
N PHE N 157 1.85 -26.17 86.15
CA PHE N 157 0.80 -25.21 86.43
C PHE N 157 -0.50 -25.93 86.76
N GLY N 158 -1.16 -25.48 87.83
CA GLY N 158 -2.43 -26.02 88.22
C GLY N 158 -3.47 -24.93 88.38
N VAL N 159 -4.71 -25.27 88.01
CA VAL N 159 -5.82 -24.34 88.03
C VAL N 159 -6.58 -24.56 89.33
N SER N 160 -6.52 -23.58 90.23
CA SER N 160 -7.20 -23.70 91.52
C SER N 160 -8.65 -23.24 91.46
N LEU N 161 -8.91 -22.07 90.86
CA LEU N 161 -10.26 -21.55 90.73
C LEU N 161 -10.49 -21.12 89.29
N LEU N 162 -11.69 -21.41 88.78
CA LEU N 162 -12.05 -21.08 87.41
C LEU N 162 -13.46 -20.52 87.40
N LYS N 163 -13.63 -19.31 86.89
CA LYS N 163 -14.93 -18.67 86.81
C LYS N 163 -15.21 -18.27 85.37
N PRO N 164 -16.29 -18.75 84.76
CA PRO N 164 -16.57 -18.42 83.37
C PRO N 164 -16.92 -16.96 83.20
N ILE N 165 -16.68 -16.46 81.99
CA ILE N 165 -17.07 -15.10 81.65
C ILE N 165 -18.05 -15.21 80.49
N GLN N 166 -18.22 -16.42 79.96
CA GLN N 166 -19.19 -16.71 78.93
C GLN N 166 -20.21 -17.71 79.48
N MET N 167 -21.21 -18.03 78.67
CA MET N 167 -22.24 -18.95 79.13
C MET N 167 -21.66 -20.36 79.16
N PRO N 168 -21.62 -20.99 80.33
CA PRO N 168 -21.04 -22.34 80.42
C PRO N 168 -21.99 -23.52 80.25
N ASN N 169 -23.29 -23.36 80.53
CA ASN N 169 -24.18 -24.52 80.53
C ASN N 169 -25.58 -24.09 80.10
N MET N 170 -26.26 -24.96 79.37
CA MET N 170 -27.61 -24.71 78.89
C MET N 170 -28.49 -25.93 79.14
N ASN N 171 -29.78 -25.69 79.34
CA ASN N 171 -30.77 -26.76 79.42
C ASN N 171 -31.94 -26.44 78.48
N MET N 172 -32.22 -27.37 77.57
CA MET N 172 -33.31 -27.20 76.62
C MET N 172 -34.67 -27.11 77.29
N ASP N 173 -34.91 -27.95 78.31
CA ASP N 173 -36.21 -28.03 78.94
C ASP N 173 -36.59 -26.70 79.58
N GLU N 174 -35.61 -26.00 80.14
CA GLU N 174 -35.84 -24.71 80.76
C GLU N 174 -36.38 -23.70 79.75
N LEU N 175 -35.74 -23.62 78.59
CA LEU N 175 -36.17 -22.64 77.60
C LEU N 175 -37.50 -23.07 77.00
N PHE N 176 -37.72 -24.38 76.87
CA PHE N 176 -39.02 -24.85 76.38
C PHE N 176 -40.14 -24.45 77.33
N SER N 177 -39.91 -24.58 78.63
CA SER N 177 -40.88 -24.17 79.63
C SER N 177 -41.11 -22.66 79.55
N GLY N 178 -40.04 -21.89 79.39
CA GLY N 178 -40.18 -20.45 79.23
C GLY N 178 -40.98 -20.07 78.01
N ARG N 179 -40.74 -20.76 76.88
CA ARG N 179 -41.46 -20.48 75.64
C ARG N 179 -42.94 -20.82 75.79
N ALA N 180 -43.24 -21.98 76.38
CA ALA N 180 -44.63 -22.34 76.64
C ALA N 180 -45.28 -21.36 77.61
N ALA N 181 -44.48 -20.72 78.48
CA ALA N 181 -45.01 -19.76 79.43
C ALA N 181 -45.33 -18.40 78.81
N LEU N 182 -44.87 -18.14 77.58
CA LEU N 182 -45.09 -16.86 76.93
C LEU N 182 -45.85 -17.03 75.63
N SER N 183 -46.48 -15.95 75.18
CA SER N 183 -47.35 -15.99 74.02
C SER N 183 -46.55 -16.00 72.73
N THR N 184 -47.27 -16.25 71.62
CA THR N 184 -46.63 -16.27 70.30
C THR N 184 -46.06 -14.91 69.94
N ASP N 185 -46.87 -13.85 70.06
CA ASP N 185 -46.41 -12.51 69.70
C ASP N 185 -45.27 -12.09 70.62
N GLN N 186 -45.38 -12.39 71.91
CA GLN N 186 -44.32 -12.05 72.85
C GLN N 186 -43.02 -12.75 72.49
N TRP N 187 -43.11 -14.04 72.14
CA TRP N 187 -41.90 -14.78 71.80
C TRP N 187 -41.27 -14.25 70.51
N ARG N 188 -42.09 -13.93 69.51
CA ARG N 188 -41.55 -13.35 68.28
C ARG N 188 -40.90 -12.00 68.55
N GLU N 189 -41.51 -11.18 69.40
CA GLU N 189 -40.92 -9.90 69.76
C GLU N 189 -39.59 -10.10 70.49
N SER N 190 -39.52 -11.11 71.37
CA SER N 190 -38.27 -11.39 72.07
C SER N 190 -37.18 -11.84 71.09
N LEU N 191 -37.54 -12.68 70.12
CA LEU N 191 -36.58 -13.10 69.12
C LEU N 191 -36.07 -11.91 68.30
N ILE N 192 -36.98 -11.01 67.94
CA ILE N 192 -36.58 -9.83 67.17
C ILE N 192 -35.67 -8.94 68.00
N ARG N 193 -36.01 -8.73 69.27
CA ARG N 193 -35.19 -7.86 70.11
C ARG N 193 -33.90 -8.55 70.53
N SER N 194 -33.80 -9.86 70.27
CA SER N 194 -32.62 -10.61 70.67
C SER N 194 -31.39 -10.18 69.87
N ILE N 195 -31.58 -9.44 68.79
CA ILE N 195 -30.46 -8.91 68.02
C ILE N 195 -30.39 -7.40 68.18
N GLY N 196 -31.22 -6.86 69.07
CA GLY N 196 -31.22 -5.45 69.35
C GLY N 196 -32.19 -4.61 68.55
N MET N 197 -33.16 -5.24 67.89
CA MET N 197 -34.18 -4.52 67.12
C MET N 197 -35.39 -4.20 68.00
N GLU N 198 -36.00 -3.05 67.72
CA GLU N 198 -37.22 -2.65 68.44
C GLU N 198 -38.44 -3.13 67.67
N PRO N 199 -39.09 -4.21 68.13
CA PRO N 199 -40.22 -4.75 67.37
C PRO N 199 -41.38 -3.76 67.22
N ALA N 200 -41.63 -2.93 68.23
CA ALA N 200 -42.70 -1.96 68.15
C ALA N 200 -42.45 -0.92 67.06
N SER N 201 -41.19 -0.67 66.72
CA SER N 201 -40.83 0.29 65.67
C SER N 201 -40.97 -0.30 64.28
N LEU N 202 -41.25 -1.59 64.15
CA LEU N 202 -41.27 -2.27 62.87
C LEU N 202 -42.63 -2.92 62.66
N LYS N 203 -42.93 -3.27 61.41
CA LYS N 203 -44.18 -3.94 61.10
C LYS N 203 -44.08 -5.43 61.39
N GLU N 204 -45.23 -6.12 61.29
CA GLU N 204 -45.24 -7.57 61.45
C GLU N 204 -44.46 -8.25 60.33
N ASP N 205 -44.63 -7.78 59.10
CA ASP N 205 -43.92 -8.36 57.97
C ASP N 205 -42.42 -8.22 58.11
N VAL N 206 -41.97 -7.09 58.67
CA VAL N 206 -40.54 -6.91 58.90
C VAL N 206 -40.04 -7.91 59.91
N GLN N 207 -40.81 -8.16 60.97
CA GLN N 207 -40.42 -9.18 61.95
C GLN N 207 -40.37 -10.56 61.31
N TRP N 208 -41.32 -10.86 60.41
CA TRP N 208 -41.27 -12.13 59.69
C TRP N 208 -40.03 -12.23 58.82
N HIS N 209 -39.64 -11.12 58.18
CA HIS N 209 -38.42 -11.12 57.38
C HIS N 209 -37.18 -11.35 58.23
N LEU N 210 -37.15 -10.73 59.41
CA LEU N 210 -36.02 -10.96 60.32
C LEU N 210 -36.00 -12.40 60.81
N LEU N 211 -37.17 -12.99 61.04
CA LEU N 211 -37.22 -14.40 61.41
C LEU N 211 -36.70 -15.28 60.28
N ALA N 212 -37.07 -14.95 59.03
CA ALA N 212 -36.49 -15.65 57.89
C ALA N 212 -34.98 -15.49 57.85
N ARG N 213 -34.48 -14.33 58.25
CA ARG N 213 -33.03 -14.14 58.35
C ARG N 213 -32.42 -15.07 59.39
N MET N 214 -33.13 -15.34 60.48
CA MET N 214 -32.60 -16.21 61.52
C MET N 214 -32.76 -17.70 61.18
N VAL N 215 -33.66 -18.03 60.27
CA VAL N 215 -33.92 -19.43 59.89
C VAL N 215 -32.65 -20.20 59.52
N PRO N 216 -31.72 -19.64 58.74
CA PRO N 216 -30.51 -20.41 58.39
C PRO N 216 -29.77 -20.96 59.59
N PHE N 217 -29.94 -20.36 60.77
CA PHE N 217 -29.21 -20.82 61.95
C PHE N 217 -29.85 -22.04 62.60
N VAL N 218 -31.10 -22.36 62.26
CA VAL N 218 -31.76 -23.54 62.82
C VAL N 218 -31.99 -24.63 61.79
N GLU N 219 -31.89 -24.34 60.50
CA GLU N 219 -32.10 -25.34 59.47
C GLU N 219 -30.76 -25.75 58.88
N ASN N 220 -30.51 -27.06 58.86
CA ASN N 220 -29.29 -27.60 58.28
C ASN N 220 -29.37 -27.50 56.76
N ASN N 221 -28.30 -26.96 56.17
CA ASN N 221 -28.22 -26.76 54.72
C ASN N 221 -29.38 -25.90 54.22
N TYR N 222 -29.51 -24.72 54.82
CA TYR N 222 -30.56 -23.77 54.46
C TYR N 222 -29.94 -22.68 53.57
N ASN N 223 -29.91 -22.95 52.28
CA ASN N 223 -29.37 -22.01 51.31
C ASN N 223 -30.40 -20.93 51.01
N VAL N 224 -30.01 -19.67 51.21
CA VAL N 224 -30.95 -18.56 51.11
C VAL N 224 -30.26 -17.37 50.46
N CYS N 225 -31.04 -16.54 49.75
CA CYS N 225 -30.52 -15.34 49.12
C CYS N 225 -31.28 -14.12 49.63
N GLU N 226 -30.55 -13.03 49.81
CA GLU N 226 -31.11 -11.75 50.25
C GLU N 226 -30.36 -10.64 49.54
N LEU N 227 -31.07 -9.87 48.72
CA LEU N 227 -30.49 -8.78 47.95
C LEU N 227 -31.23 -7.51 48.28
N GLY N 228 -30.50 -6.41 48.45
CA GLY N 228 -31.13 -5.15 48.80
C GLY N 228 -30.20 -3.96 48.83
N PRO N 229 -30.78 -2.78 49.01
CA PRO N 229 -29.97 -1.56 49.07
C PRO N 229 -29.24 -1.40 50.39
N ARG N 230 -28.59 -0.26 50.53
CA ARG N 230 -27.81 0.04 51.73
C ARG N 230 -28.71 0.18 52.96
N GLY N 231 -28.08 0.09 54.13
CA GLY N 231 -28.78 0.35 55.37
C GLY N 231 -29.70 -0.75 55.85
N THR N 232 -29.67 -1.93 55.23
CA THR N 232 -30.55 -3.02 55.59
C THR N 232 -29.94 -3.97 56.61
N GLY N 233 -28.69 -3.73 57.02
CA GLY N 233 -28.07 -4.53 58.06
C GLY N 233 -27.96 -6.00 57.77
N LYS N 234 -27.85 -6.38 56.49
CA LYS N 234 -27.81 -7.79 56.11
C LYS N 234 -26.57 -8.48 56.68
N SER N 235 -25.42 -7.81 56.65
CA SER N 235 -24.18 -8.40 57.11
C SER N 235 -24.00 -8.34 58.62
N HIS N 236 -24.77 -7.51 59.32
CA HIS N 236 -24.63 -7.42 60.78
C HIS N 236 -25.04 -8.72 61.45
N ILE N 237 -26.15 -9.31 61.01
CA ILE N 237 -26.70 -10.47 61.71
C ILE N 237 -25.78 -11.69 61.54
N TYR N 238 -25.11 -11.78 60.39
CA TYR N 238 -24.18 -12.87 60.14
C TYR N 238 -22.79 -12.62 60.70
N LYS N 239 -22.49 -11.42 61.17
CA LYS N 239 -21.16 -11.11 61.66
C LYS N 239 -21.09 -10.92 63.17
N GLU N 240 -22.10 -10.31 63.78
CA GLU N 240 -22.06 -10.03 65.21
C GLU N 240 -23.15 -10.73 66.01
N CYS N 241 -24.19 -11.24 65.36
CA CYS N 241 -25.29 -11.90 66.05
C CYS N 241 -25.06 -13.39 66.24
N SER N 242 -23.90 -13.90 65.84
CA SER N 242 -23.61 -15.32 66.00
C SER N 242 -22.12 -15.55 65.88
N PRO N 243 -21.48 -16.22 66.84
CA PRO N 243 -20.12 -16.68 66.64
C PRO N 243 -20.03 -17.94 65.80
N ASN N 244 -21.18 -18.55 65.50
CA ASN N 244 -21.22 -19.81 64.77
C ASN N 244 -21.47 -19.60 63.29
N SER N 245 -21.44 -18.36 62.83
CA SER N 245 -21.58 -18.00 61.42
C SER N 245 -20.37 -17.17 61.00
N ILE N 246 -19.94 -17.35 59.74
CA ILE N 246 -18.79 -16.66 59.19
C ILE N 246 -19.22 -15.84 57.98
N LEU N 247 -18.63 -14.66 57.83
CA LEU N 247 -18.85 -13.81 56.67
C LEU N 247 -17.61 -13.93 55.78
N VAL N 248 -17.81 -14.39 54.55
CA VAL N 248 -16.73 -14.44 53.57
C VAL N 248 -16.96 -13.30 52.57
N SER N 249 -15.99 -12.40 52.49
CA SER N 249 -16.11 -11.20 51.68
C SER N 249 -14.87 -11.01 50.81
N GLY N 250 -14.90 -9.97 49.99
CA GLY N 250 -13.80 -9.63 49.13
C GLY N 250 -13.87 -10.20 47.73
N GLY N 251 -14.70 -11.20 47.49
CA GLY N 251 -14.86 -11.77 46.17
C GLY N 251 -13.86 -12.86 45.83
N GLN N 252 -12.75 -12.93 46.56
CA GLN N 252 -11.72 -13.93 46.30
C GLN N 252 -11.79 -15.03 47.34
N THR N 253 -12.35 -16.16 46.96
CA THR N 253 -12.27 -17.39 47.72
C THR N 253 -12.24 -18.57 46.75
N THR N 254 -11.65 -19.67 47.19
CA THR N 254 -11.36 -20.79 46.30
C THR N 254 -12.11 -22.04 46.74
N VAL N 255 -12.30 -22.94 45.77
CA VAL N 255 -12.92 -24.24 46.05
C VAL N 255 -12.10 -25.02 47.07
N ALA N 256 -10.77 -24.95 46.96
CA ALA N 256 -9.92 -25.62 47.93
C ALA N 256 -10.11 -25.03 49.32
N ASN N 257 -10.22 -23.70 49.41
CA ASN N 257 -10.44 -23.06 50.70
C ASN N 257 -11.85 -23.32 51.21
N LEU N 258 -12.86 -23.12 50.37
CA LEU N 258 -14.25 -23.22 50.81
C LEU N 258 -14.63 -24.64 51.21
N PHE N 259 -14.22 -25.63 50.41
CA PHE N 259 -14.82 -26.96 50.49
C PHE N 259 -13.86 -27.98 51.06
N TYR N 260 -12.69 -28.16 50.46
CA TYR N 260 -11.79 -29.24 50.87
C TYR N 260 -10.46 -29.05 50.16
N ASN N 261 -9.37 -29.12 50.92
CA ASN N 261 -8.03 -28.94 50.36
C ASN N 261 -7.45 -30.33 50.08
N MET N 262 -7.32 -30.65 48.78
CA MET N 262 -6.77 -31.94 48.40
C MET N 262 -5.31 -32.08 48.83
N SER N 263 -4.59 -30.96 48.97
CA SER N 263 -3.21 -31.04 49.41
C SER N 263 -3.11 -31.41 50.89
N SER N 264 -3.90 -30.75 51.74
CA SER N 264 -3.83 -30.98 53.17
C SER N 264 -4.81 -32.03 53.67
N ARG N 265 -5.68 -32.54 52.79
CA ARG N 265 -6.68 -33.54 53.17
C ARG N 265 -7.58 -33.04 54.29
N ARG N 266 -7.94 -31.76 54.22
CA ARG N 266 -8.76 -31.11 55.23
C ARG N 266 -10.03 -30.53 54.60
N ILE N 267 -11.12 -30.56 55.36
CA ILE N 267 -12.38 -30.01 54.91
C ILE N 267 -12.34 -28.48 54.99
N GLY N 268 -13.12 -27.82 54.15
CA GLY N 268 -13.11 -26.37 54.06
C GLY N 268 -13.96 -25.70 55.12
N LEU N 269 -14.34 -24.45 54.84
CA LEU N 269 -15.17 -23.70 55.78
C LEU N 269 -16.53 -24.35 55.99
N VAL N 270 -17.05 -25.02 54.95
CA VAL N 270 -18.37 -25.62 55.05
C VAL N 270 -18.42 -26.69 56.13
N GLY N 271 -17.28 -27.28 56.48
CA GLY N 271 -17.24 -28.30 57.51
C GLY N 271 -17.05 -27.78 58.91
N LEU N 272 -16.70 -26.51 59.07
CA LEU N 272 -16.39 -25.96 60.38
C LEU N 272 -17.37 -24.89 60.83
N TRP N 273 -18.08 -24.23 59.92
CA TRP N 273 -19.02 -23.17 60.26
C TRP N 273 -20.45 -23.63 60.02
N ASP N 274 -21.38 -23.00 60.74
CA ASP N 274 -22.79 -23.34 60.59
C ASP N 274 -23.45 -22.55 59.48
N VAL N 275 -23.09 -21.28 59.34
CA VAL N 275 -23.59 -20.43 58.29
C VAL N 275 -22.40 -19.75 57.63
N VAL N 276 -22.37 -19.76 56.29
CA VAL N 276 -21.40 -18.99 55.52
C VAL N 276 -22.18 -17.95 54.73
N ALA N 277 -21.83 -16.69 54.91
CA ALA N 277 -22.53 -15.60 54.24
C ALA N 277 -21.59 -14.86 53.32
N PHE N 278 -21.91 -14.85 52.04
CA PHE N 278 -21.10 -14.16 51.05
C PHE N 278 -21.69 -12.77 50.85
N ASP N 279 -20.99 -11.76 51.36
CA ASP N 279 -21.39 -10.38 51.16
C ASP N 279 -20.89 -9.90 49.80
N GLU N 280 -21.69 -9.04 49.15
CA GLU N 280 -21.37 -8.51 47.84
C GLU N 280 -21.17 -9.66 46.84
N VAL N 281 -22.28 -10.36 46.59
CA VAL N 281 -22.25 -11.49 45.68
C VAL N 281 -21.98 -11.03 44.25
N ALA N 282 -22.05 -9.73 44.00
CA ALA N 282 -21.70 -9.23 42.67
C ALA N 282 -20.24 -9.50 42.34
N GLY N 283 -19.39 -9.65 43.36
CA GLY N 283 -17.97 -9.88 43.15
C GLY N 283 -17.52 -11.32 43.28
N ILE N 284 -18.44 -12.29 43.23
CA ILE N 284 -18.06 -13.69 43.36
C ILE N 284 -17.08 -14.06 42.27
N SER N 285 -15.98 -14.71 42.64
CA SER N 285 -14.99 -15.18 41.68
C SER N 285 -14.34 -16.44 42.21
N PHE N 286 -14.19 -17.43 41.33
CA PHE N 286 -13.50 -18.67 41.65
C PHE N 286 -12.44 -18.95 40.61
N LYS N 287 -11.23 -19.26 41.07
CA LYS N 287 -10.16 -19.62 40.14
C LYS N 287 -10.43 -20.98 39.50
N ASP N 288 -11.20 -21.84 40.18
CA ASP N 288 -11.53 -23.15 39.67
C ASP N 288 -12.81 -23.08 38.85
N LYS N 289 -12.79 -23.68 37.66
CA LYS N 289 -13.94 -23.57 36.76
C LYS N 289 -15.10 -24.46 37.22
N ASP N 290 -14.79 -25.59 37.85
CA ASP N 290 -15.83 -26.56 38.22
C ASP N 290 -16.49 -26.25 39.55
N GLY N 291 -16.12 -25.14 40.20
CA GLY N 291 -16.70 -24.83 41.50
C GLY N 291 -18.20 -24.65 41.45
N VAL N 292 -18.70 -24.16 40.32
CA VAL N 292 -20.14 -23.93 40.18
C VAL N 292 -20.91 -25.24 40.27
N GLN N 293 -20.45 -26.27 39.57
CA GLN N 293 -21.11 -27.57 39.65
C GLN N 293 -20.96 -28.18 41.03
N ILE N 294 -19.82 -27.95 41.68
CA ILE N 294 -19.63 -28.42 43.05
C ILE N 294 -20.67 -27.80 43.97
N MET N 295 -20.90 -26.49 43.82
CA MET N 295 -21.93 -25.85 44.61
C MET N 295 -23.30 -26.39 44.28
N LYS N 296 -23.59 -26.60 42.99
CA LYS N 296 -24.87 -27.17 42.60
C LYS N 296 -25.12 -28.49 43.31
N ASP N 297 -24.11 -29.36 43.29
CA ASP N 297 -24.24 -30.65 43.96
C ASP N 297 -24.42 -30.48 45.46
N TYR N 298 -23.68 -29.54 46.06
CA TYR N 298 -23.77 -29.36 47.51
C TYR N 298 -25.16 -28.89 47.92
N MET N 299 -25.74 -27.95 47.18
CA MET N 299 -27.13 -27.59 47.46
C MET N 299 -28.09 -28.72 47.16
N ALA N 300 -27.83 -29.52 46.13
CA ALA N 300 -28.75 -30.59 45.78
C ALA N 300 -28.81 -31.68 46.83
N SER N 301 -27.66 -32.07 47.39
CA SER N 301 -27.59 -33.20 48.29
C SER N 301 -27.00 -32.91 49.66
N GLY N 302 -26.46 -31.72 49.89
CA GLY N 302 -25.78 -31.46 51.15
C GLY N 302 -24.38 -32.02 51.22
N SER N 303 -23.88 -32.60 50.14
CA SER N 303 -22.55 -33.19 50.10
C SER N 303 -21.93 -32.97 48.74
N PHE N 304 -20.60 -32.95 48.71
CA PHE N 304 -19.85 -32.75 47.48
C PHE N 304 -18.76 -33.80 47.35
N ALA N 305 -18.55 -34.27 46.13
CA ALA N 305 -17.58 -35.30 45.85
C ALA N 305 -16.30 -34.67 45.35
N ARG N 306 -15.20 -34.91 46.07
CA ARG N 306 -13.91 -34.34 45.72
C ARG N 306 -12.92 -35.47 45.48
N GLY N 307 -12.45 -35.60 44.25
CA GLY N 307 -11.57 -36.69 43.90
C GLY N 307 -12.28 -38.02 43.93
N ARG N 308 -12.00 -38.82 44.97
CA ARG N 308 -12.61 -40.13 45.11
C ARG N 308 -13.52 -40.25 46.33
N GLU N 309 -13.68 -39.18 47.12
CA GLU N 309 -14.39 -39.26 48.39
C GLU N 309 -15.55 -38.28 48.43
N GLN N 310 -16.62 -38.70 49.09
CA GLN N 310 -17.83 -37.91 49.26
C GLN N 310 -17.82 -37.25 50.64
N MET N 311 -17.74 -35.92 50.65
CA MET N 311 -17.68 -35.16 51.90
C MET N 311 -19.02 -34.48 52.17
N GLU N 312 -19.52 -34.67 53.38
CA GLU N 312 -20.79 -34.12 53.83
C GLU N 312 -20.54 -32.78 54.51
N ALA N 313 -21.53 -31.89 54.43
CA ALA N 313 -21.46 -30.62 55.14
C ALA N 313 -22.86 -30.17 55.53
N SER N 314 -22.96 -29.54 56.71
CA SER N 314 -24.21 -29.04 57.22
C SER N 314 -24.29 -27.52 57.24
N ALA N 315 -23.30 -26.83 56.66
CA ALA N 315 -23.30 -25.37 56.64
C ALA N 315 -24.35 -24.83 55.69
N SER N 316 -25.07 -23.82 56.15
CA SER N 316 -26.06 -23.14 55.33
C SER N 316 -25.45 -21.86 54.76
N MET N 317 -25.63 -21.64 53.46
CA MET N 317 -25.05 -20.49 52.80
C MET N 317 -26.10 -19.43 52.53
N VAL N 318 -25.75 -18.19 52.84
CA VAL N 318 -26.55 -17.02 52.55
C VAL N 318 -25.80 -16.18 51.52
N PHE N 319 -26.54 -15.67 50.54
CA PHE N 319 -25.97 -14.82 49.49
C PHE N 319 -26.52 -13.42 49.65
N VAL N 320 -25.69 -12.48 50.12
CA VAL N 320 -26.10 -11.11 50.36
C VAL N 320 -25.70 -10.28 49.14
N GLY N 321 -26.67 -9.60 48.56
CA GLY N 321 -26.47 -8.95 47.28
C GLY N 321 -26.80 -7.47 47.30
N ASN N 322 -26.09 -6.73 46.45
CA ASN N 322 -26.21 -5.29 46.36
C ASN N 322 -27.17 -4.93 45.24
N ILE N 323 -28.20 -4.15 45.57
CA ILE N 323 -29.18 -3.68 44.60
C ILE N 323 -28.98 -2.18 44.42
N ASN N 324 -28.78 -1.75 43.18
CA ASN N 324 -28.54 -0.36 42.85
C ASN N 324 -29.73 0.33 42.20
N GLN N 325 -30.74 -0.41 41.79
CA GLN N 325 -31.88 0.11 41.05
C GLN N 325 -33.16 -0.06 41.85
N SER N 326 -34.17 0.75 41.52
CA SER N 326 -35.48 0.61 42.14
C SER N 326 -36.08 -0.76 41.80
N VAL N 327 -36.87 -1.29 42.74
CA VAL N 327 -37.29 -2.69 42.67
C VAL N 327 -38.15 -2.93 41.43
N GLU N 328 -39.13 -2.06 41.18
CA GLU N 328 -40.04 -2.29 40.07
C GLU N 328 -39.31 -2.22 38.73
N SER N 329 -38.31 -1.33 38.63
CA SER N 329 -37.53 -1.25 37.40
C SER N 329 -36.77 -2.54 37.13
N LEU N 330 -36.14 -3.09 38.17
CA LEU N 330 -35.40 -4.34 38.02
C LEU N 330 -36.34 -5.49 37.68
N VAL N 331 -37.53 -5.52 38.29
CA VAL N 331 -38.51 -6.54 37.97
C VAL N 331 -38.94 -6.43 36.51
N LYS N 332 -39.22 -5.22 36.04
CA LYS N 332 -39.74 -5.02 34.70
C LYS N 332 -38.69 -5.32 33.63
N THR N 333 -37.43 -4.97 33.89
CA THR N 333 -36.38 -5.14 32.89
C THR N 333 -35.63 -6.46 32.99
N SER N 334 -35.50 -7.02 34.19
CA SER N 334 -34.72 -8.24 34.37
C SER N 334 -35.23 -9.06 35.54
N HIS N 335 -34.40 -9.97 36.05
CA HIS N 335 -34.72 -10.75 37.23
C HIS N 335 -34.07 -10.11 38.45
N LEU N 336 -34.66 -10.38 39.62
CA LEU N 336 -34.14 -9.82 40.86
C LEU N 336 -32.74 -10.29 41.21
N LEU N 337 -32.32 -11.44 40.70
CA LEU N 337 -30.98 -11.96 40.95
C LEU N 337 -29.96 -11.44 39.94
N ALA N 338 -30.26 -10.33 39.28
CA ALA N 338 -29.37 -9.67 38.33
C ALA N 338 -28.01 -9.32 38.93
N PRO N 339 -27.93 -8.84 40.18
CA PRO N 339 -26.60 -8.58 40.76
C PRO N 339 -25.68 -9.80 40.82
N PHE N 340 -26.21 -11.02 40.74
CA PHE N 340 -25.36 -12.18 40.66
C PHE N 340 -24.56 -12.16 39.36
N PRO N 341 -23.30 -12.58 39.40
CA PRO N 341 -22.47 -12.51 38.19
C PRO N 341 -22.96 -13.47 37.11
N GLU N 342 -22.56 -13.18 35.87
CA GLU N 342 -23.08 -13.90 34.71
C GLU N 342 -22.77 -15.38 34.79
N ALA N 343 -21.54 -15.73 35.21
CA ALA N 343 -21.16 -17.13 35.29
C ALA N 343 -22.01 -17.93 36.29
N MET N 344 -22.68 -17.25 37.22
CA MET N 344 -23.54 -17.89 38.19
C MET N 344 -25.02 -17.60 37.99
N ILE N 345 -25.41 -17.04 36.85
CA ILE N 345 -26.82 -16.91 36.49
C ILE N 345 -27.23 -18.17 35.75
N ASP N 346 -27.72 -19.17 36.49
CA ASP N 346 -28.10 -20.45 35.91
C ASP N 346 -29.37 -20.95 36.58
N SER N 347 -30.17 -21.72 35.82
CA SER N 347 -31.45 -22.19 36.34
C SER N 347 -31.27 -23.14 37.52
N ALA N 348 -30.39 -24.13 37.37
CA ALA N 348 -30.20 -25.11 38.44
C ALA N 348 -29.60 -24.47 39.69
N PHE N 349 -28.70 -23.50 39.51
CA PHE N 349 -28.09 -22.83 40.65
C PHE N 349 -29.12 -22.05 41.45
N PHE N 350 -30.01 -21.33 40.77
CA PHE N 350 -31.01 -20.53 41.47
C PHE N 350 -32.15 -21.39 42.01
N ASP N 351 -32.40 -22.55 41.40
CA ASP N 351 -33.49 -23.42 41.82
C ASP N 351 -33.33 -23.92 43.25
N ARG N 352 -32.12 -23.93 43.79
CA ARG N 352 -31.88 -24.56 45.08
C ARG N 352 -31.98 -23.60 46.25
N PHE N 353 -32.18 -22.30 46.01
CA PHE N 353 -32.30 -21.35 47.11
C PHE N 353 -33.58 -21.62 47.87
N HIS N 354 -33.47 -21.81 49.19
CA HIS N 354 -34.66 -22.12 49.98
C HIS N 354 -35.54 -20.90 50.17
N ALA N 355 -34.99 -19.69 50.13
CA ALA N 355 -35.80 -18.49 50.28
C ALA N 355 -35.09 -17.29 49.68
N TYR N 356 -35.89 -16.26 49.41
CA TYR N 356 -35.40 -14.93 49.05
C TYR N 356 -35.97 -13.95 50.07
N ILE N 357 -35.09 -13.37 50.87
CA ILE N 357 -35.49 -12.37 51.85
C ILE N 357 -35.53 -11.02 51.15
N PRO N 358 -36.68 -10.34 51.11
CA PRO N 358 -36.78 -9.08 50.37
C PRO N 358 -36.11 -7.93 51.12
N GLY N 359 -34.80 -7.80 50.95
CA GLY N 359 -34.03 -6.79 51.67
C GLY N 359 -34.48 -5.37 51.40
N TRP N 360 -35.09 -5.09 50.24
CA TRP N 360 -35.61 -3.76 49.97
C TRP N 360 -36.80 -3.41 50.85
N GLU N 361 -37.59 -4.40 51.25
CA GLU N 361 -38.72 -4.15 52.15
C GLU N 361 -38.26 -3.71 53.54
N ILE N 362 -37.08 -4.15 53.97
CA ILE N 362 -36.54 -3.77 55.27
C ILE N 362 -36.11 -2.30 55.19
N PRO N 363 -36.63 -1.43 56.06
CA PRO N 363 -36.23 -0.02 55.99
C PRO N 363 -34.77 0.14 56.37
N LYS N 364 -34.19 1.27 55.95
CA LYS N 364 -32.81 1.57 56.31
C LYS N 364 -32.68 1.67 57.82
N MET N 365 -31.63 1.03 58.35
CA MET N 365 -31.49 0.93 59.80
C MET N 365 -31.29 2.31 60.43
N ARG N 366 -32.10 2.61 61.43
CA ARG N 366 -32.07 3.89 62.13
C ARG N 366 -32.03 3.62 63.63
N PRO N 367 -31.54 4.57 64.42
CA PRO N 367 -31.53 4.36 65.88
C PRO N 367 -32.91 4.11 66.46
N GLU N 368 -33.95 4.69 65.88
CA GLU N 368 -35.30 4.44 66.37
C GLU N 368 -35.78 3.02 66.05
N PHE N 369 -35.06 2.32 65.17
CA PHE N 369 -35.27 0.89 64.99
C PHE N 369 -34.50 0.05 66.00
N PHE N 370 -33.73 0.68 66.89
CA PHE N 370 -32.87 -0.03 67.83
C PHE N 370 -33.53 -0.05 69.21
N THR N 371 -33.68 -1.24 69.77
CA THR N 371 -34.32 -1.37 71.07
C THR N 371 -33.34 -1.11 72.21
N ASN N 372 -33.90 -0.83 73.39
CA ASN N 372 -33.12 -0.63 74.61
C ASN N 372 -33.66 -1.46 75.78
N ARG N 373 -34.43 -2.52 75.49
CA ARG N 373 -34.99 -3.38 76.51
C ARG N 373 -34.12 -4.61 76.71
N TYR N 374 -34.59 -5.54 77.53
CA TYR N 374 -33.91 -6.80 77.70
C TYR N 374 -34.01 -7.64 76.43
N GLY N 375 -33.02 -8.50 76.22
CA GLY N 375 -33.02 -9.42 75.10
C GLY N 375 -32.13 -10.60 75.38
N LEU N 376 -32.39 -11.69 74.64
CA LEU N 376 -31.63 -12.91 74.82
C LEU N 376 -30.17 -12.70 74.45
N ILE N 377 -29.27 -13.31 75.23
CA ILE N 377 -27.85 -13.22 74.94
C ILE N 377 -27.55 -13.91 73.63
N VAL N 378 -26.80 -13.23 72.75
CA VAL N 378 -26.54 -13.73 71.41
C VAL N 378 -25.71 -15.02 71.48
N ASP N 379 -24.88 -15.15 72.51
CA ASP N 379 -24.22 -16.43 72.75
C ASP N 379 -25.24 -17.52 73.07
N TYR N 380 -26.13 -17.24 74.01
CA TYR N 380 -27.15 -18.21 74.40
C TYR N 380 -28.10 -18.49 73.23
N LEU N 381 -28.45 -17.45 72.47
CA LEU N 381 -29.32 -17.64 71.32
C LEU N 381 -28.63 -18.44 70.22
N ALA N 382 -27.34 -18.20 70.01
CA ALA N 382 -26.60 -18.94 68.98
C ALA N 382 -26.47 -20.41 69.36
N GLU N 383 -26.15 -20.71 70.62
CA GLU N 383 -26.09 -22.11 71.01
C GLU N 383 -27.48 -22.74 70.98
N PHE N 384 -28.52 -21.92 71.15
CA PHE N 384 -29.87 -22.44 70.93
C PHE N 384 -30.09 -22.84 69.48
N PHE N 385 -29.63 -22.01 68.55
CA PHE N 385 -29.67 -22.45 67.16
C PHE N 385 -28.90 -23.76 66.97
N ARG N 386 -27.72 -23.87 67.58
CA ARG N 386 -27.05 -25.17 67.60
C ARG N 386 -27.99 -26.28 68.00
N GLU N 387 -28.53 -26.22 69.21
CA GLU N 387 -29.27 -27.36 69.75
C GLU N 387 -30.55 -27.60 68.98
N MET N 388 -31.12 -26.56 68.38
CA MET N 388 -32.33 -26.71 67.60
C MET N 388 -32.07 -27.33 66.24
N ARG N 389 -30.89 -27.09 65.65
CA ARG N 389 -30.60 -27.62 64.31
C ARG N 389 -30.79 -29.13 64.21
N LYS N 390 -30.56 -29.86 65.30
CA LYS N 390 -30.74 -31.30 65.29
C LYS N 390 -32.18 -31.71 65.06
N ARG N 391 -33.14 -30.81 65.31
CA ARG N 391 -34.55 -31.11 65.24
C ARG N 391 -35.12 -30.63 63.91
N SER N 392 -36.39 -30.96 63.67
CA SER N 392 -37.07 -30.60 62.44
C SER N 392 -38.57 -30.62 62.67
N PHE N 393 -39.29 -29.74 61.98
CA PHE N 393 -40.74 -29.64 62.09
C PHE N 393 -41.42 -29.51 60.74
N ALA N 394 -40.89 -30.15 59.69
CA ALA N 394 -41.47 -30.00 58.37
C ALA N 394 -42.66 -30.92 58.14
N ASP N 395 -42.94 -31.83 59.07
CA ASP N 395 -44.04 -32.77 58.89
C ASP N 395 -45.37 -32.29 59.46
N SER N 396 -45.38 -31.14 60.15
CA SER N 396 -46.64 -30.63 60.67
C SER N 396 -47.58 -30.18 59.56
N ILE N 397 -47.05 -29.99 58.35
CA ILE N 397 -47.88 -29.58 57.21
C ILE N 397 -48.93 -30.64 56.89
N GLU N 398 -48.52 -31.91 56.89
CA GLU N 398 -49.45 -32.98 56.52
C GLU N 398 -50.63 -33.06 57.49
N LYS N 399 -50.43 -32.62 58.73
CA LYS N 399 -51.49 -32.69 59.74
C LYS N 399 -52.69 -31.84 59.35
N TYR N 400 -52.46 -30.63 58.84
CA TYR N 400 -53.54 -29.68 58.61
C TYR N 400 -53.84 -29.41 57.14
N PHE N 401 -52.87 -29.55 56.25
CA PHE N 401 -53.06 -29.14 54.86
C PHE N 401 -52.37 -30.13 53.92
N LYS N 402 -52.66 -29.97 52.63
CA LYS N 402 -51.96 -30.65 51.56
C LYS N 402 -51.38 -29.60 50.62
N LEU N 403 -50.15 -29.83 50.17
CA LEU N 403 -49.52 -28.91 49.24
C LEU N 403 -50.21 -28.95 47.89
N GLY N 404 -50.12 -27.85 47.15
CA GLY N 404 -50.79 -27.75 45.88
C GLY N 404 -50.14 -28.59 44.80
N ASN N 405 -50.77 -28.56 43.63
CA ASN N 405 -50.29 -29.34 42.49
C ASN N 405 -49.28 -28.58 41.65
N ASN N 406 -49.07 -27.29 41.92
CA ASN N 406 -48.18 -26.45 41.11
C ASN N 406 -46.78 -26.34 41.68
N LEU N 407 -46.46 -27.06 42.75
CA LEU N 407 -45.12 -27.03 43.35
C LEU N 407 -44.41 -28.33 43.01
N ASN N 408 -43.19 -28.23 42.49
CA ASN N 408 -42.42 -29.42 42.18
C ASN N 408 -41.77 -29.98 43.44
N GLN N 409 -41.03 -31.08 43.27
CA GLN N 409 -40.40 -31.73 44.42
C GLN N 409 -39.42 -30.80 45.12
N ARG N 410 -38.60 -30.07 44.35
CA ARG N 410 -37.66 -29.15 44.96
C ARG N 410 -38.38 -28.04 45.73
N ASP N 411 -39.43 -27.48 45.14
CA ASP N 411 -40.19 -26.44 45.84
C ASP N 411 -40.87 -27.02 47.07
N VAL N 412 -41.35 -28.25 46.98
CA VAL N 412 -41.95 -28.91 48.14
C VAL N 412 -40.93 -29.03 49.27
N ILE N 413 -39.73 -29.48 48.95
CA ILE N 413 -38.68 -29.61 49.97
C ILE N 413 -38.35 -28.25 50.56
N ALA N 414 -38.23 -27.23 49.71
CA ALA N 414 -37.87 -25.90 50.18
C ALA N 414 -38.93 -25.34 51.13
N VAL N 415 -40.21 -25.49 50.77
CA VAL N 415 -41.27 -24.92 51.60
C VAL N 415 -41.39 -25.68 52.91
N ARG N 416 -41.22 -27.02 52.86
CA ARG N 416 -41.24 -27.79 54.10
C ARG N 416 -40.10 -27.36 55.01
N LYS N 417 -38.91 -27.17 54.45
CA LYS N 417 -37.77 -26.75 55.26
C LYS N 417 -37.98 -25.37 55.85
N THR N 418 -38.57 -24.46 55.08
CA THR N 418 -38.79 -23.10 55.57
C THR N 418 -39.83 -23.08 56.70
N VAL N 419 -40.93 -23.81 56.52
CA VAL N 419 -41.95 -23.85 57.57
C VAL N 419 -41.39 -24.52 58.82
N SER N 420 -40.55 -25.55 58.62
CA SER N 420 -39.89 -26.18 59.77
C SER N 420 -39.00 -25.18 60.49
N GLY N 421 -38.27 -24.36 59.73
CA GLY N 421 -37.40 -23.38 60.36
C GLY N 421 -38.17 -22.35 61.18
N LEU N 422 -39.24 -21.82 60.60
CA LEU N 422 -40.05 -20.86 61.36
C LEU N 422 -40.65 -21.52 62.60
N MET N 423 -41.10 -22.75 62.47
CA MET N 423 -41.63 -23.49 63.62
C MET N 423 -40.55 -23.65 64.68
N LYS N 424 -39.30 -23.88 64.25
CA LYS N 424 -38.19 -23.95 65.18
C LYS N 424 -37.97 -22.63 65.92
N LEU N 425 -37.94 -21.52 65.19
CA LEU N 425 -37.70 -20.24 65.85
C LEU N 425 -38.80 -19.91 66.85
N LEU N 426 -40.07 -19.94 66.43
CA LEU N 426 -41.06 -19.32 67.30
C LEU N 426 -41.76 -20.33 68.20
N TYR N 427 -41.77 -21.61 67.82
CA TYR N 427 -42.36 -22.66 68.65
C TYR N 427 -41.34 -23.77 68.91
N PRO N 428 -40.26 -23.47 69.65
CA PRO N 428 -39.28 -24.53 69.93
C PRO N 428 -39.82 -25.65 70.79
N HIS N 429 -40.75 -25.35 71.70
CA HIS N 429 -41.27 -26.35 72.62
C HIS N 429 -42.35 -27.22 71.99
N GLY N 430 -42.72 -26.96 70.73
CA GLY N 430 -43.46 -27.93 69.96
C GLY N 430 -44.97 -27.93 70.12
N GLN N 431 -45.54 -26.99 70.86
CA GLN N 431 -46.98 -26.88 70.98
C GLN N 431 -47.46 -25.78 70.04
N PHE N 432 -48.31 -26.15 69.09
CA PHE N 432 -48.71 -25.21 68.04
C PHE N 432 -50.13 -25.54 67.59
N ASN N 433 -50.77 -24.56 66.95
CA ASN N 433 -52.12 -24.70 66.43
C ASN N 433 -52.09 -24.71 64.90
N LYS N 434 -53.29 -24.74 64.31
CA LYS N 434 -53.38 -24.79 62.85
C LYS N 434 -53.07 -23.43 62.22
N GLU N 435 -53.48 -22.34 62.89
CA GLU N 435 -53.20 -21.00 62.37
C GLU N 435 -51.70 -20.74 62.32
N ASP N 436 -50.95 -21.33 63.24
CA ASP N 436 -49.50 -21.23 63.22
C ASP N 436 -48.95 -21.79 61.91
N VAL N 437 -49.39 -22.99 61.54
CA VAL N 437 -49.01 -23.60 60.28
C VAL N 437 -49.48 -22.75 59.12
N ARG N 438 -50.67 -22.16 59.23
CA ARG N 438 -51.16 -21.29 58.17
C ARG N 438 -50.20 -20.14 57.90
N GLN N 439 -49.82 -19.42 58.96
CA GLN N 439 -48.93 -18.27 58.79
C GLN N 439 -47.57 -18.70 58.25
N CYS N 440 -46.98 -19.73 58.84
CA CYS N 440 -45.66 -20.16 58.38
C CYS N 440 -45.72 -20.65 56.94
N LEU N 441 -46.75 -21.41 56.58
CA LEU N 441 -46.87 -21.95 55.24
C LEU N 441 -47.07 -20.83 54.21
N GLU N 442 -47.92 -19.84 54.53
CA GLU N 442 -48.13 -18.77 53.57
C GLU N 442 -46.86 -17.95 53.37
N TYR N 443 -46.14 -17.66 54.45
CA TYR N 443 -44.90 -16.89 54.30
C TYR N 443 -43.87 -17.67 53.50
N ALA N 444 -43.75 -18.98 53.76
CA ALA N 444 -42.82 -19.80 53.00
C ALA N 444 -43.22 -19.88 51.54
N LEU N 445 -44.52 -20.02 51.26
CA LEU N 445 -44.99 -20.05 49.88
C LEU N 445 -44.66 -18.74 49.17
N GLN N 446 -44.82 -17.62 49.86
CA GLN N 446 -44.49 -16.32 49.28
C GLN N 446 -43.02 -16.23 48.93
N VAL N 447 -42.14 -16.54 49.90
CA VAL N 447 -40.71 -16.39 49.64
C VAL N 447 -40.24 -17.38 48.59
N ARG N 448 -40.82 -18.58 48.54
CA ARG N 448 -40.46 -19.56 47.52
C ARG N 448 -40.96 -19.13 46.14
N ARG N 449 -42.17 -18.57 46.07
CA ARG N 449 -42.73 -18.20 44.78
C ARG N 449 -42.04 -16.98 44.20
N ARG N 450 -41.45 -16.14 45.05
CA ARG N 450 -40.66 -15.04 44.54
C ARG N 450 -39.52 -15.54 43.65
N VAL N 451 -38.72 -16.48 44.15
CA VAL N 451 -37.65 -17.06 43.35
C VAL N 451 -38.24 -17.91 42.23
N LYS N 452 -39.41 -18.51 42.46
CA LYS N 452 -40.06 -19.28 41.40
C LYS N 452 -40.34 -18.42 40.18
N GLU N 453 -40.92 -17.24 40.39
CA GLU N 453 -41.22 -16.36 39.26
C GLU N 453 -39.97 -15.74 38.68
N GLN N 454 -38.96 -15.45 39.52
CA GLN N 454 -37.69 -14.99 38.98
C GLN N 454 -37.07 -16.05 38.08
N LEU N 455 -37.10 -17.32 38.51
CA LEU N 455 -36.53 -18.39 37.71
C LEU N 455 -37.36 -18.63 36.46
N LYS N 456 -38.68 -18.41 36.54
CA LYS N 456 -39.49 -18.45 35.34
C LYS N 456 -39.03 -17.39 34.33
N LYS N 457 -38.86 -16.15 34.80
CA LYS N 457 -38.32 -15.10 33.94
C LYS N 457 -36.97 -15.49 33.34
N ILE N 458 -36.13 -16.17 34.13
CA ILE N 458 -34.81 -16.56 33.66
C ILE N 458 -34.88 -17.66 32.61
N GLY N 459 -35.76 -18.64 32.79
CA GLY N 459 -35.70 -19.85 31.99
C GLY N 459 -36.75 -20.08 30.93
N GLY N 460 -37.92 -19.45 31.04
CA GLY N 460 -38.93 -19.62 30.02
C GLY N 460 -39.79 -20.84 30.25
N MET N 461 -39.61 -21.86 29.39
CA MET N 461 -40.61 -22.90 29.21
C MET N 461 -40.84 -23.74 30.47
N GLU N 462 -39.76 -24.10 31.17
CA GLU N 462 -39.84 -25.16 32.17
C GLU N 462 -40.64 -24.77 33.41
N PHE N 463 -40.81 -23.48 33.70
CA PHE N 463 -41.28 -23.04 35.00
C PHE N 463 -42.43 -22.03 34.94
N TYR N 464 -43.47 -22.29 34.14
CA TYR N 464 -44.66 -21.44 34.22
C TYR N 464 -45.53 -21.77 35.42
N ASP N 465 -45.33 -22.92 36.06
CA ASP N 465 -46.19 -23.34 37.18
C ASP N 465 -45.86 -22.49 38.40
N VAL N 466 -46.57 -21.36 38.51
CA VAL N 466 -46.25 -20.31 39.47
C VAL N 466 -47.33 -20.14 40.53
N HIS N 467 -48.56 -20.61 40.29
CA HIS N 467 -49.64 -20.43 41.25
C HIS N 467 -49.47 -21.38 42.43
N PHE N 468 -48.78 -20.88 43.45
CA PHE N 468 -48.58 -21.63 44.67
C PHE N 468 -49.90 -21.78 45.42
N SER N 469 -50.22 -23.00 45.80
CA SER N 469 -51.51 -23.31 46.40
C SER N 469 -51.32 -24.30 47.55
N TYR N 470 -52.24 -24.22 48.51
CA TYR N 470 -52.34 -25.20 49.58
C TYR N 470 -53.82 -25.42 49.88
N ILE N 471 -54.19 -26.68 50.07
CA ILE N 471 -55.59 -27.09 50.22
C ILE N 471 -55.78 -27.58 51.64
N ASP N 472 -56.75 -27.00 52.34
CA ASP N 472 -57.04 -27.43 53.70
C ASP N 472 -57.59 -28.85 53.70
N ASN N 473 -57.25 -29.62 54.72
CA ASN N 473 -57.68 -31.01 54.83
C ASN N 473 -59.19 -31.11 54.88
N ASP N 474 -59.85 -30.12 55.47
CA ASP N 474 -61.29 -30.17 55.73
C ASP N 474 -62.07 -29.18 54.88
N THR N 475 -61.73 -27.89 54.92
CA THR N 475 -62.52 -26.90 54.20
C THR N 475 -62.27 -26.93 52.70
N LEU N 476 -61.14 -27.48 52.25
CA LEU N 476 -60.79 -27.55 50.84
C LEU N 476 -60.81 -26.16 50.19
N GLU N 477 -60.31 -25.17 50.92
CA GLU N 477 -60.31 -23.80 50.44
C GLU N 477 -59.39 -23.59 49.24
N GLU N 478 -58.21 -24.21 49.23
CA GLU N 478 -57.22 -24.05 48.17
C GLU N 478 -56.87 -22.56 48.00
N HIS N 479 -56.32 -21.99 49.06
CA HIS N 479 -55.91 -20.59 49.05
C HIS N 479 -54.67 -20.43 48.17
N PHE N 480 -54.67 -19.41 47.34
CA PHE N 480 -53.49 -19.05 46.57
C PHE N 480 -52.63 -18.04 47.34
N VAL N 481 -51.34 -18.02 46.99
CA VAL N 481 -50.39 -17.10 47.59
C VAL N 481 -49.69 -16.35 46.46
N SER N 482 -49.88 -15.04 46.43
CA SER N 482 -49.22 -14.18 45.45
C SER N 482 -48.15 -13.36 46.16
N VAL N 483 -46.97 -13.29 45.56
CA VAL N 483 -45.84 -12.62 46.20
C VAL N 483 -46.10 -11.11 46.23
N LYS N 484 -45.52 -10.46 47.24
CA LYS N 484 -45.79 -9.05 47.53
C LYS N 484 -45.55 -8.13 46.33
N GLU N 485 -44.38 -8.22 45.71
CA GLU N 485 -44.08 -7.35 44.57
C GLU N 485 -44.65 -7.92 43.28
N ILE N 492 -52.05 -2.71 33.83
CA ILE N 492 -51.99 -2.85 32.38
C ILE N 492 -51.03 -1.81 31.80
N PRO N 493 -49.76 -2.20 31.65
CA PRO N 493 -48.74 -1.25 31.17
C PRO N 493 -48.98 -0.83 29.73
N GLU N 494 -48.51 0.38 29.43
CA GLU N 494 -48.64 0.94 28.09
C GLU N 494 -47.63 0.30 27.14
N GLY N 495 -48.09 -0.01 25.93
CA GLY N 495 -47.26 -0.66 24.94
C GLY N 495 -47.79 -2.02 24.56
N PRO N 496 -47.56 -2.42 23.30
CA PRO N 496 -48.07 -3.72 22.84
C PRO N 496 -47.24 -4.87 23.37
N ALA N 497 -47.91 -5.84 23.97
CA ALA N 497 -47.22 -7.00 24.52
C ALA N 497 -46.98 -8.05 23.42
N LYS N 498 -46.28 -9.11 23.81
CA LYS N 498 -45.99 -10.20 22.89
C LYS N 498 -47.29 -10.92 22.52
N PRO N 499 -47.41 -11.38 21.27
CA PRO N 499 -48.66 -11.99 20.82
C PRO N 499 -49.06 -13.18 21.68
N GLY N 500 -50.37 -13.32 21.90
CA GLY N 500 -50.89 -14.28 22.84
C GLY N 500 -51.11 -13.73 24.25
N PHE N 501 -50.74 -12.48 24.50
CA PHE N 501 -50.92 -11.84 25.78
C PHE N 501 -52.13 -10.92 25.71
N LEU N 502 -52.96 -10.92 26.74
CA LEU N 502 -54.16 -10.10 26.71
C LEU N 502 -54.63 -9.83 28.14
N TYR N 503 -55.54 -8.88 28.26
CA TYR N 503 -56.18 -8.53 29.52
C TYR N 503 -57.70 -8.68 29.37
N THR N 504 -58.35 -9.19 30.40
CA THR N 504 -59.79 -9.37 30.38
C THR N 504 -60.36 -9.26 31.80
N ILE N 505 -61.65 -8.91 31.87
CA ILE N 505 -62.37 -8.86 33.13
C ILE N 505 -63.68 -9.61 32.97
N GLY N 506 -63.70 -10.89 33.38
CA GLY N 506 -64.86 -11.72 33.16
C GLY N 506 -65.65 -11.99 34.43
N LEU N 507 -66.82 -12.58 34.24
CA LEU N 507 -67.66 -12.99 35.37
C LEU N 507 -67.05 -14.19 36.08
N SER N 508 -66.47 -13.94 37.26
CA SER N 508 -65.77 -14.99 38.00
C SER N 508 -66.73 -16.04 38.53
N ASN N 509 -66.19 -17.15 39.04
CA ASN N 509 -67.01 -18.18 39.67
C ASN N 509 -67.76 -17.59 40.86
N LYS N 510 -67.07 -16.79 41.67
CA LYS N 510 -67.71 -16.05 42.74
C LYS N 510 -68.64 -14.98 42.16
N GLY N 511 -68.13 -14.21 41.21
CA GLY N 511 -68.91 -13.16 40.59
C GLY N 511 -68.21 -11.81 40.56
N MET N 512 -67.18 -11.66 41.39
CA MET N 512 -66.45 -10.40 41.49
C MET N 512 -65.61 -10.17 40.24
N PRO N 513 -65.83 -9.07 39.50
CA PRO N 513 -64.99 -8.78 38.34
C PRO N 513 -63.64 -8.19 38.72
N GLY N 514 -62.56 -8.93 38.45
CA GLY N 514 -61.22 -8.45 38.71
C GLY N 514 -60.34 -8.56 37.48
N LEU N 515 -59.03 -8.72 37.68
CA LEU N 515 -58.09 -8.90 36.58
C LEU N 515 -57.67 -10.35 36.49
N TYR N 516 -57.72 -10.91 35.28
CA TYR N 516 -57.49 -12.34 35.05
C TYR N 516 -56.52 -12.53 33.90
N ARG N 517 -55.37 -11.86 33.97
CA ARG N 517 -54.32 -11.86 32.94
C ARG N 517 -54.09 -13.20 32.27
N LEU N 518 -54.08 -13.21 30.93
CA LEU N 518 -53.81 -14.41 30.14
C LEU N 518 -52.41 -14.33 29.54
N GLU N 519 -51.74 -15.48 29.48
CA GLU N 519 -50.46 -15.61 28.79
C GLU N 519 -50.48 -16.91 28.00
N LEU N 520 -50.52 -16.81 26.68
CA LEU N 520 -50.56 -17.99 25.83
C LEU N 520 -49.28 -18.08 25.03
N GLN N 521 -48.61 -19.24 25.10
CA GLN N 521 -47.38 -19.49 24.38
C GLN N 521 -47.60 -20.57 23.34
N VAL N 522 -46.91 -20.45 22.21
CA VAL N 522 -47.08 -21.31 21.05
C VAL N 522 -45.75 -21.95 20.72
N THR N 523 -45.75 -23.26 20.50
CA THR N 523 -44.57 -23.98 20.07
C THR N 523 -44.92 -24.78 18.83
N LYS N 524 -43.89 -25.16 18.07
CA LYS N 524 -44.12 -26.07 16.94
C LYS N 524 -44.42 -27.47 17.46
N GLY N 525 -45.66 -27.90 17.28
CA GLY N 525 -46.07 -29.16 17.88
C GLY N 525 -47.14 -29.92 17.12
N SER N 526 -48.08 -30.52 17.87
CA SER N 526 -49.09 -31.41 17.28
C SER N 526 -50.50 -31.00 17.66
N GLY N 527 -50.76 -29.71 17.88
CA GLY N 527 -52.09 -29.25 18.19
C GLY N 527 -52.58 -29.58 19.59
N LYS N 528 -51.66 -29.83 20.52
CA LYS N 528 -52.05 -30.16 21.89
C LYS N 528 -52.26 -28.91 22.73
N LEU N 529 -53.14 -29.02 23.71
CA LEU N 529 -53.50 -27.92 24.60
C LEU N 529 -53.00 -28.21 26.01
N ALA N 530 -52.36 -27.23 26.61
CA ALA N 530 -51.94 -27.28 28.00
C ALA N 530 -52.50 -26.08 28.75
N THR N 531 -52.88 -26.29 30.00
CA THR N 531 -53.46 -25.24 30.82
C THR N 531 -52.70 -25.12 32.13
N SER N 532 -52.68 -23.90 32.67
CA SER N 532 -52.11 -23.66 33.98
C SER N 532 -52.78 -22.44 34.62
N GLY N 533 -53.00 -22.53 35.92
CA GLY N 533 -53.59 -21.43 36.66
C GLY N 533 -55.09 -21.30 36.56
N LEU N 534 -55.81 -22.39 36.25
CA LEU N 534 -57.26 -22.34 36.10
C LEU N 534 -58.00 -22.58 37.41
N TRP N 535 -57.33 -22.39 38.54
CA TRP N 535 -57.92 -22.63 39.86
C TRP N 535 -58.42 -24.07 40.00
N ASN N 536 -57.94 -24.96 39.13
CA ASN N 536 -58.37 -26.36 39.05
C ASN N 536 -59.88 -26.47 38.83
N SER N 537 -60.51 -25.41 38.35
CA SER N 537 -61.96 -25.39 38.17
C SER N 537 -62.33 -26.15 36.89
N SER N 538 -63.34 -27.01 36.99
CA SER N 538 -63.81 -27.75 35.82
C SER N 538 -64.43 -26.82 34.79
N SER N 539 -65.10 -25.76 35.24
CA SER N 539 -65.76 -24.84 34.32
C SER N 539 -64.75 -24.14 33.41
N ALA N 540 -63.63 -23.70 33.98
CA ALA N 540 -62.61 -23.03 33.18
C ALA N 540 -62.01 -23.98 32.14
N LYS N 541 -61.75 -25.23 32.53
CA LYS N 541 -61.21 -26.19 31.58
C LYS N 541 -62.21 -26.50 30.48
N GLU N 542 -63.49 -26.63 30.83
CA GLU N 542 -64.50 -26.87 29.80
C GLU N 542 -64.60 -25.69 28.84
N GLN N 543 -64.55 -24.46 29.38
CA GLN N 543 -64.62 -23.28 28.52
C GLN N 543 -63.42 -23.19 27.59
N VAL N 544 -62.21 -23.48 28.11
CA VAL N 544 -61.03 -23.38 27.26
C VAL N 544 -61.03 -24.50 26.22
N LYS N 545 -61.57 -25.66 26.56
CA LYS N 545 -61.71 -26.73 25.57
C LYS N 545 -62.72 -26.34 24.49
N ILE N 546 -63.80 -25.67 24.88
CA ILE N 546 -64.76 -25.16 23.91
C ILE N 546 -64.09 -24.14 22.98
N ALA N 547 -63.28 -23.26 23.56
CA ALA N 547 -62.56 -22.27 22.76
C ALA N 547 -61.61 -22.95 21.78
N PHE N 548 -60.89 -23.98 22.23
CA PHE N 548 -59.99 -24.70 21.35
C PHE N 548 -60.74 -25.38 20.22
N ASP N 549 -61.90 -25.99 20.54
CA ASP N 549 -62.70 -26.64 19.51
C ASP N 549 -63.18 -25.63 18.47
N TYR N 550 -63.63 -24.45 18.92
CA TYR N 550 -64.10 -23.45 17.98
C TYR N 550 -62.95 -22.91 17.13
N PHE N 551 -61.77 -22.75 17.74
CA PHE N 551 -60.60 -22.32 16.98
C PHE N 551 -60.22 -23.33 15.91
N LYS N 552 -60.25 -24.62 16.25
CA LYS N 552 -59.97 -25.65 15.26
C LYS N 552 -61.01 -25.65 14.16
N ALA N 553 -62.28 -25.42 14.52
CA ALA N 553 -63.36 -25.44 13.53
C ALA N 553 -63.24 -24.30 12.53
N ASN N 554 -62.88 -23.11 12.99
CA ASN N 554 -62.85 -21.92 12.14
C ASN N 554 -61.44 -21.35 11.96
N ALA N 555 -60.43 -22.21 11.82
CA ALA N 555 -59.07 -21.73 11.64
C ALA N 555 -58.92 -21.00 10.31
N SER N 556 -59.60 -21.47 9.27
CA SER N 556 -59.43 -20.90 7.94
C SER N 556 -59.85 -19.44 7.88
N ARG N 557 -60.96 -19.08 8.53
CA ARG N 557 -61.45 -17.71 8.48
C ARG N 557 -60.51 -16.72 9.13
N ILE N 558 -59.91 -17.08 10.27
CA ILE N 558 -59.15 -16.14 11.08
C ILE N 558 -57.66 -16.19 10.75
N SER N 559 -57.07 -17.38 10.73
CA SER N 559 -55.63 -17.52 10.53
C SER N 559 -55.20 -17.33 9.08
N GLY N 560 -56.12 -17.48 8.12
CA GLY N 560 -55.80 -17.26 6.72
C GLY N 560 -54.97 -18.35 6.08
N GLY N 561 -54.81 -19.48 6.77
CA GLY N 561 -54.08 -20.59 6.20
C GLY N 561 -53.20 -21.34 7.18
N SER N 562 -53.00 -20.78 8.36
CA SER N 562 -52.17 -21.41 9.38
C SER N 562 -52.83 -22.68 9.90
N LYS N 563 -52.04 -23.72 10.10
CA LYS N 563 -52.54 -25.01 10.58
C LYS N 563 -52.46 -25.05 12.10
N VAL N 564 -53.62 -25.26 12.75
CA VAL N 564 -53.63 -25.39 14.21
C VAL N 564 -52.99 -26.69 14.63
N MET N 565 -53.11 -27.73 13.80
CA MET N 565 -52.62 -29.07 14.12
C MET N 565 -51.10 -29.14 14.25
N GLU N 566 -50.36 -28.13 13.79
CA GLU N 566 -48.92 -28.15 13.84
C GLU N 566 -48.33 -27.30 14.95
N HIS N 567 -49.14 -26.82 15.89
CA HIS N 567 -48.65 -25.97 16.96
C HIS N 567 -49.27 -26.38 18.29
N ASP N 568 -48.42 -26.47 19.31
CA ASP N 568 -48.83 -26.76 20.68
C ASP N 568 -49.06 -25.44 21.42
N PHE N 569 -50.20 -25.35 22.10
CA PHE N 569 -50.67 -24.13 22.74
C PHE N 569 -50.71 -24.34 24.24
N HIS N 570 -50.03 -23.47 24.99
CA HIS N 570 -50.06 -23.52 26.46
C HIS N 570 -50.62 -22.20 26.97
N LEU N 571 -51.73 -22.28 27.70
CA LEU N 571 -52.39 -21.10 28.23
C LEU N 571 -52.23 -21.05 29.74
N HIS N 572 -51.79 -19.91 30.25
CA HIS N 572 -51.58 -19.70 31.68
C HIS N 572 -52.41 -18.50 32.12
N VAL N 573 -53.05 -18.62 33.28
CA VAL N 573 -53.92 -17.58 33.80
C VAL N 573 -53.37 -17.10 35.13
N VAL N 574 -53.05 -15.81 35.22
CA VAL N 574 -52.74 -15.21 36.52
C VAL N 574 -53.80 -14.18 36.86
N GLU N 575 -54.54 -14.41 37.94
CA GLU N 575 -55.49 -13.41 38.42
C GLU N 575 -54.75 -12.41 39.29
N LEU N 576 -54.42 -11.25 38.71
CA LEU N 576 -53.60 -10.28 39.42
C LEU N 576 -54.33 -9.72 40.64
N GLN N 577 -55.64 -9.52 40.53
CA GLN N 577 -56.42 -9.02 41.66
C GLN N 577 -56.70 -10.09 42.71
N ASN N 578 -56.61 -11.36 42.35
CA ASN N 578 -56.88 -12.48 43.26
C ASN N 578 -58.25 -12.35 43.90
N THR N 579 -59.25 -11.98 43.11
CA THR N 579 -60.62 -11.80 43.59
C THR N 579 -61.50 -13.04 43.42
N GLY N 580 -61.01 -14.15 42.89
CA GLY N 580 -61.81 -15.35 42.77
C GLY N 580 -61.64 -16.05 41.44
N PRO N 581 -61.87 -17.37 41.42
CA PRO N 581 -61.72 -18.12 40.17
C PRO N 581 -62.69 -17.64 39.10
N LEU N 582 -62.22 -17.66 37.86
CA LEU N 582 -62.99 -17.17 36.72
C LEU N 582 -63.65 -18.34 36.00
N SER N 583 -64.91 -18.16 35.60
CA SER N 583 -65.67 -19.22 34.97
C SER N 583 -65.73 -19.07 33.45
N HIS N 584 -65.91 -17.85 32.96
CA HIS N 584 -66.04 -17.60 31.52
C HIS N 584 -64.66 -17.27 30.96
N LEU N 585 -64.13 -18.14 30.11
CA LEU N 585 -62.81 -17.92 29.53
C LEU N 585 -62.73 -18.19 28.04
N ALA N 586 -63.84 -18.51 27.38
CA ALA N 586 -63.76 -19.04 26.02
C ALA N 586 -63.31 -17.97 25.03
N LEU N 587 -63.93 -16.78 25.06
CA LEU N 587 -63.59 -15.76 24.07
C LEU N 587 -62.17 -15.21 24.22
N PRO N 588 -61.70 -14.82 25.41
CA PRO N 588 -60.28 -14.44 25.52
C PRO N 588 -59.33 -15.55 25.16
N SER N 589 -59.67 -16.81 25.47
CA SER N 589 -58.82 -17.92 25.05
C SER N 589 -58.76 -18.03 23.54
N LEU N 590 -59.90 -17.83 22.87
CA LEU N 590 -59.93 -17.92 21.41
C LEU N 590 -59.11 -16.79 20.77
N VAL N 591 -59.24 -15.57 21.29
CA VAL N 591 -58.49 -14.47 20.70
C VAL N 591 -57.00 -14.65 20.98
N ALA N 592 -56.65 -15.24 22.13
CA ALA N 592 -55.25 -15.58 22.38
C ALA N 592 -54.76 -16.65 21.40
N PHE N 593 -55.59 -17.65 21.11
CA PHE N 593 -55.24 -18.64 20.11
C PHE N 593 -54.93 -17.98 18.78
N ALA N 594 -55.81 -17.08 18.33
CA ALA N 594 -55.61 -16.41 17.06
C ALA N 594 -54.34 -15.56 17.07
N SER N 595 -54.10 -14.84 18.17
CA SER N 595 -52.92 -13.97 18.24
C SER N 595 -51.65 -14.80 18.20
N GLY N 596 -51.60 -15.89 18.96
CA GLY N 596 -50.40 -16.72 18.99
C GLY N 596 -50.14 -17.40 17.66
N LEU N 597 -51.20 -17.94 17.04
CA LEU N 597 -51.03 -18.65 15.77
C LEU N 597 -50.62 -17.69 14.66
N LEU N 598 -51.21 -16.50 14.63
CA LEU N 598 -50.85 -15.49 13.64
C LEU N 598 -49.55 -14.77 13.97
N GLY N 599 -49.17 -14.72 15.24
CA GLY N 599 -47.98 -13.97 15.62
C GLY N 599 -48.17 -12.48 15.61
N ARG N 600 -49.41 -12.00 15.66
CA ARG N 600 -49.73 -10.58 15.66
C ARG N 600 -50.10 -10.15 17.07
N SER N 601 -49.49 -9.07 17.54
CA SER N 601 -49.67 -8.65 18.92
C SER N 601 -51.08 -8.14 19.16
N VAL N 602 -51.62 -8.48 20.33
CA VAL N 602 -52.90 -7.93 20.74
C VAL N 602 -52.73 -6.42 20.99
N GLN N 603 -53.76 -5.65 20.66
CA GLN N 603 -53.69 -4.20 20.75
C GLN N 603 -53.39 -3.76 22.17
N SER N 604 -52.59 -2.70 22.29
CA SER N 604 -52.15 -2.22 23.59
C SER N 604 -53.32 -1.72 24.42
N GLN N 605 -53.33 -2.10 25.70
CA GLN N 605 -54.35 -1.68 26.66
C GLN N 605 -55.75 -2.04 26.18
N MET N 606 -55.89 -3.22 25.58
CA MET N 606 -57.18 -3.72 25.11
C MET N 606 -57.71 -4.78 26.07
N VAL N 607 -58.97 -4.64 26.46
CA VAL N 607 -59.65 -5.59 27.32
C VAL N 607 -60.82 -6.18 26.56
N VAL N 608 -60.83 -7.51 26.43
CA VAL N 608 -61.85 -8.23 25.68
C VAL N 608 -62.85 -8.80 26.68
N LEU N 609 -64.10 -8.35 26.60
CA LEU N 609 -65.15 -8.74 27.53
C LEU N 609 -66.14 -9.67 26.85
N GLY N 610 -66.97 -10.31 27.67
CA GLY N 610 -68.01 -11.19 27.20
C GLY N 610 -67.54 -12.62 27.05
N ASP N 611 -68.52 -13.52 26.88
CA ASP N 611 -68.26 -14.93 26.69
C ASP N 611 -68.88 -15.36 25.36
N MET N 612 -68.47 -16.55 24.91
CA MET N 612 -68.93 -17.10 23.65
C MET N 612 -69.38 -18.54 23.85
N SER N 613 -70.27 -18.99 22.97
CA SER N 613 -70.69 -20.38 22.98
C SER N 613 -69.87 -21.18 21.97
N LEU N 614 -69.98 -22.51 22.08
CA LEU N 614 -69.27 -23.38 21.13
C LEU N 614 -69.78 -23.18 19.71
N GLY N 615 -71.06 -22.85 19.55
CA GLY N 615 -71.61 -22.58 18.24
C GLY N 615 -71.40 -21.17 17.73
N GLY N 616 -70.72 -20.33 18.50
CA GLY N 616 -70.44 -18.97 18.08
C GLY N 616 -71.41 -17.92 18.59
N SER N 617 -72.30 -18.27 19.52
CA SER N 617 -73.24 -17.31 20.07
C SER N 617 -72.56 -16.47 21.15
N VAL N 618 -72.75 -15.16 21.08
CA VAL N 618 -72.14 -14.22 22.01
C VAL N 618 -73.11 -13.94 23.15
N THR N 619 -72.56 -13.76 24.35
CA THR N 619 -73.32 -13.48 25.55
C THR N 619 -73.04 -12.07 26.06
N PRO N 620 -74.04 -11.41 26.65
CA PRO N 620 -73.81 -10.05 27.16
C PRO N 620 -72.92 -10.07 28.39
N VAL N 621 -72.26 -8.93 28.62
CA VAL N 621 -71.38 -8.79 29.79
C VAL N 621 -72.23 -8.41 30.99
N GLU N 622 -72.29 -9.31 31.97
CA GLU N 622 -72.99 -9.00 33.21
C GLU N 622 -72.18 -8.02 34.05
N SER N 623 -72.88 -7.05 34.64
CA SER N 623 -72.24 -5.99 35.41
C SER N 623 -71.20 -5.27 34.56
N ILE N 624 -71.67 -4.72 33.44
CA ILE N 624 -70.76 -4.04 32.51
C ILE N 624 -70.17 -2.79 33.16
N ALA N 625 -70.96 -2.09 33.98
CA ALA N 625 -70.45 -0.90 34.66
C ALA N 625 -69.30 -1.26 35.58
N GLU N 626 -69.43 -2.35 36.34
CA GLU N 626 -68.37 -2.78 37.24
C GLU N 626 -67.12 -3.19 36.46
N CYS N 627 -67.31 -3.92 35.36
CA CYS N 627 -66.15 -4.34 34.55
C CYS N 627 -65.41 -3.14 33.98
N LEU N 628 -66.17 -2.15 33.46
CA LEU N 628 -65.53 -0.96 32.91
C LEU N 628 -64.85 -0.14 34.01
N GLN N 629 -65.47 -0.07 35.20
CA GLN N 629 -64.84 0.64 36.31
C GLN N 629 -63.53 -0.02 36.72
N VAL N 630 -63.51 -1.35 36.77
CA VAL N 630 -62.28 -2.07 37.10
C VAL N 630 -61.22 -1.84 36.01
N ALA N 631 -61.65 -1.86 34.75
CA ALA N 631 -60.75 -1.63 33.63
C ALA N 631 -60.11 -0.25 33.73
N PHE N 632 -60.92 0.76 34.06
CA PHE N 632 -60.39 2.10 34.29
C PHE N 632 -59.41 2.10 35.45
N ASP N 633 -59.76 1.41 36.54
CA ASP N 633 -58.89 1.36 37.71
C ASP N 633 -57.61 0.61 37.42
N ALA N 634 -57.68 -0.40 36.54
CA ALA N 634 -56.50 -1.21 36.21
C ALA N 634 -55.59 -0.55 35.20
N GLY N 635 -55.99 0.59 34.62
CA GLY N 635 -55.16 1.27 33.64
C GLY N 635 -55.52 1.01 32.20
N ALA N 636 -56.59 0.27 31.94
CA ALA N 636 -57.03 0.06 30.56
C ALA N 636 -57.57 1.35 29.98
N LYS N 637 -57.30 1.58 28.69
CA LYS N 637 -57.74 2.78 28.01
C LYS N 637 -58.84 2.54 26.98
N LYS N 638 -58.84 1.39 26.31
CA LYS N 638 -59.86 1.06 25.33
C LYS N 638 -60.26 -0.40 25.48
N VAL N 639 -61.55 -0.67 25.32
CA VAL N 639 -62.11 -1.99 25.56
C VAL N 639 -62.94 -2.40 24.34
N ALA N 640 -63.14 -3.71 24.18
CA ALA N 640 -63.98 -4.26 23.13
C ALA N 640 -65.21 -4.87 23.77
N LEU N 641 -66.39 -4.56 23.22
CA LEU N 641 -67.65 -5.04 23.77
C LEU N 641 -68.45 -5.79 22.72
N PRO N 642 -69.24 -6.79 23.13
CA PRO N 642 -70.11 -7.47 22.16
C PRO N 642 -71.32 -6.62 21.81
N MET N 643 -71.95 -6.97 20.69
CA MET N 643 -73.19 -6.30 20.30
C MET N 643 -74.28 -6.53 21.33
N SER N 644 -74.32 -7.71 21.93
CA SER N 644 -75.36 -8.04 22.91
C SER N 644 -75.34 -7.11 24.12
N SER N 645 -74.21 -6.47 24.40
CA SER N 645 -74.11 -5.55 25.53
C SER N 645 -74.63 -4.16 25.19
N ALA N 646 -75.13 -3.94 23.98
CA ALA N 646 -75.65 -2.63 23.62
C ALA N 646 -76.81 -2.22 24.52
N ALA N 647 -77.66 -3.17 24.90
CA ALA N 647 -78.75 -2.86 25.81
C ALA N 647 -78.25 -2.39 27.18
N ASP N 648 -77.02 -2.75 27.53
CA ASP N 648 -76.40 -2.28 28.76
C ASP N 648 -75.62 -0.99 28.59
N ILE N 649 -75.57 -0.44 27.36
CA ILE N 649 -74.91 0.85 27.15
C ILE N 649 -75.56 1.97 27.95
N PRO N 650 -76.90 2.12 27.97
CA PRO N 650 -77.48 3.23 28.75
C PRO N 650 -77.19 3.17 30.24
N THR N 651 -76.92 1.98 30.79
CA THR N 651 -76.81 1.83 32.24
C THR N 651 -75.45 2.26 32.79
N ILE N 652 -74.43 2.42 31.96
CA ILE N 652 -73.10 2.80 32.43
C ILE N 652 -72.99 4.31 32.49
N PRO N 653 -72.15 4.86 33.36
CA PRO N 653 -71.93 6.31 33.38
C PRO N 653 -71.39 6.81 32.05
N VAL N 654 -71.87 7.99 31.64
CA VAL N 654 -71.38 8.59 30.40
C VAL N 654 -69.91 8.96 30.53
N GLU N 655 -69.52 9.53 31.66
CA GLU N 655 -68.14 9.96 31.86
C GLU N 655 -67.17 8.78 31.81
N LEU N 656 -67.52 7.67 32.45
CA LEU N 656 -66.68 6.47 32.39
C LEU N 656 -66.73 5.85 31.01
N PHE N 657 -67.87 5.97 30.31
CA PHE N 657 -67.98 5.43 28.96
C PHE N 657 -67.05 6.16 28.01
N THR N 658 -66.95 7.48 28.13
CA THR N 658 -66.08 8.27 27.26
C THR N 658 -64.60 7.95 27.43
N LYS N 659 -64.22 7.34 28.55
CA LYS N 659 -62.82 7.01 28.80
C LYS N 659 -62.34 5.84 27.94
N PHE N 660 -63.25 5.08 27.34
CA PHE N 660 -62.90 3.86 26.62
C PHE N 660 -63.32 3.97 25.16
N GLN N 661 -62.46 3.47 24.27
CA GLN N 661 -62.79 3.38 22.85
C GLN N 661 -63.41 2.00 22.61
N THR N 662 -64.73 1.96 22.55
CA THR N 662 -65.46 0.69 22.45
C THR N 662 -65.64 0.29 21.00
N SER N 663 -65.21 -0.93 20.68
CA SER N 663 -65.38 -1.52 19.35
C SER N 663 -66.28 -2.74 19.47
N PHE N 664 -67.39 -2.73 18.74
CA PHE N 664 -68.38 -3.79 18.84
C PHE N 664 -68.15 -4.85 17.77
N TYR N 665 -68.53 -6.08 18.10
CA TYR N 665 -68.41 -7.22 17.20
C TYR N 665 -69.70 -8.04 17.22
N ALA N 666 -69.99 -8.71 16.11
CA ALA N 666 -71.17 -9.54 16.00
C ALA N 666 -70.92 -10.99 16.37
N ASP N 667 -69.75 -11.52 16.00
CA ASP N 667 -69.41 -12.92 16.29
C ASP N 667 -68.00 -12.94 16.85
N PRO N 668 -67.59 -14.07 17.44
CA PRO N 668 -66.21 -14.15 17.97
C PRO N 668 -65.14 -13.90 16.92
N VAL N 669 -65.41 -14.18 15.65
CA VAL N 669 -64.41 -13.89 14.62
C VAL N 669 -64.20 -12.40 14.47
N ASP N 670 -65.29 -11.63 14.44
CA ASP N 670 -65.15 -10.17 14.41
C ASP N 670 -64.52 -9.66 15.69
N ALA N 671 -64.76 -10.35 16.81
CA ALA N 671 -64.09 -10.01 18.06
C ALA N 671 -62.58 -10.20 17.92
N VAL N 672 -62.16 -11.29 17.29
CA VAL N 672 -60.73 -11.51 17.04
C VAL N 672 -60.17 -10.41 16.16
N PHE N 673 -60.89 -10.06 15.09
CA PHE N 673 -60.41 -9.03 14.18
C PHE N 673 -60.27 -7.69 14.87
N LYS N 674 -61.24 -7.35 15.72
CA LYS N 674 -61.17 -6.09 16.48
C LYS N 674 -60.02 -6.12 17.49
N GLY N 675 -59.86 -7.24 18.20
CA GLY N 675 -58.84 -7.31 19.23
C GLY N 675 -57.43 -7.28 18.67
N LEU N 676 -57.22 -7.93 17.53
CA LEU N 676 -55.90 -7.98 16.91
C LEU N 676 -55.63 -6.83 15.94
N GLY N 677 -56.63 -5.99 15.68
CA GLY N 677 -56.46 -4.88 14.77
C GLY N 677 -56.85 -5.21 13.34
#